data_5NYW
#
_entry.id   5NYW
#
_cell.length_a   95.535
_cell.length_b   285.371
_cell.length_c   179.213
_cell.angle_alpha   90.00
_cell.angle_beta   91.78
_cell.angle_gamma   90.00
#
_symmetry.space_group_name_H-M   'P 1 21 1'
#
loop_
_entity.id
_entity.type
_entity.pdbx_description
1 polymer Peptidase
2 non-polymer 'SULFATE ION'
3 non-polymer 1,2-ETHANEDIOL
4 non-polymer 'CHLORIDE ION'
5 non-polymer 'UNKNOWN ATOM OR ION'
6 non-polymer 'AZIDE ION'
7 non-polymer DI(HYDROXYETHYL)ETHER
8 water water
#
_entity_poly.entity_id   1
_entity_poly.type   'polypeptide(L)'
_entity_poly.pdbx_seq_one_letter_code
;TYCVAMRLSSGLAFASDSRTNAGVDHISTFRKLHLFQQPGERTLVVQSAGNLATTQSIVSLLQRRCLDPEQTNLMNVASM
YEAATLLGETVREVINRDSGAQQNSHGTDFNCNLLLGGQIKGEGLRLFHIYPQGNFIEATQDTPYFQIGESKYGKPIIDR
VLSYDTPLDQAMQCALISMDSTLRSNLSVGLPLDVMIYPLDSFSTEQQYRITEDHPYFMMIRKGWGEGLVSIFAQLPGLK
LGRLEHHHHHH
;
_entity_poly.pdbx_strand_id   A,B,C,D,E,F,G,H,I,J,K,L,M,N,O,P,Q,R,S,T,U,V,W,X,Y,Z,1,2
#
loop_
_chem_comp.id
_chem_comp.type
_chem_comp.name
_chem_comp.formula
AZI non-polymer 'AZIDE ION' 'N3 -1'
CL non-polymer 'CHLORIDE ION' 'Cl -1'
EDO non-polymer 1,2-ETHANEDIOL 'C2 H6 O2'
PEG non-polymer DI(HYDROXYETHYL)ETHER 'C4 H10 O3'
SO4 non-polymer 'SULFATE ION' 'O4 S -2'
UNX non-polymer 'UNKNOWN ATOM OR ION' ?
#
# COMPACT_ATOMS: atom_id res chain seq x y z
N THR A 1 17.00 -26.45 14.30
CA THR A 1 15.58 -26.22 14.57
C THR A 1 15.19 -24.74 14.64
N TYR A 2 14.36 -24.31 13.70
CA TYR A 2 13.81 -22.97 13.66
C TYR A 2 12.37 -23.04 13.17
N CYS A 3 11.45 -22.47 13.95
CA CYS A 3 10.03 -22.37 13.61
C CYS A 3 9.50 -20.96 13.74
N VAL A 4 8.61 -20.57 12.83
CA VAL A 4 7.99 -19.26 12.92
C VAL A 4 6.48 -19.37 12.65
N ALA A 5 5.71 -18.56 13.36
CA ALA A 5 4.27 -18.52 13.17
C ALA A 5 3.79 -17.07 13.16
N MET A 6 2.86 -16.75 12.25
CA MET A 6 2.35 -15.39 12.10
C MET A 6 0.83 -15.31 12.20
N ARG A 7 0.33 -14.42 13.06
CA ARG A 7 -1.10 -14.21 13.15
C ARG A 7 -1.50 -12.86 12.55
N LEU A 8 -2.22 -12.90 11.44
CA LEU A 8 -2.60 -11.68 10.73
C LEU A 8 -4.12 -11.56 10.73
N SER A 9 -4.64 -10.43 10.30
CA SER A 9 -6.08 -10.23 10.28
C SER A 9 -6.79 -11.27 9.40
N SER A 10 -6.13 -11.65 8.31
CA SER A 10 -6.72 -12.53 7.28
C SER A 10 -6.41 -14.01 7.42
N GLY A 11 -5.53 -14.38 8.34
CA GLY A 11 -5.15 -15.78 8.50
C GLY A 11 -3.84 -16.01 9.22
N LEU A 12 -3.35 -17.24 9.18
CA LEU A 12 -2.09 -17.59 9.86
C LEU A 12 -1.07 -18.20 8.87
N ALA A 13 0.22 -17.90 9.05
CA ALA A 13 1.27 -18.57 8.27
C ALA A 13 2.28 -19.24 9.22
N PHE A 14 2.65 -20.48 8.91
CA PHE A 14 3.59 -21.24 9.74
C PHE A 14 4.71 -21.76 8.87
N ALA A 15 5.92 -21.77 9.40
CA ALA A 15 7.03 -22.42 8.71
C ALA A 15 8.00 -23.03 9.74
N SER A 16 8.38 -24.28 9.55
CA SER A 16 9.32 -24.96 10.43
C SER A 16 10.35 -25.66 9.57
N ASP A 17 11.62 -25.67 9.99
CA ASP A 17 12.58 -26.54 9.30
C ASP A 17 12.47 -27.94 9.89
N SER A 18 13.38 -28.84 9.53
CA SER A 18 13.31 -30.23 10.02
C SER A 18 14.65 -30.87 10.46
N ARG A 19 15.77 -30.18 10.29
CA ARG A 19 17.08 -30.72 10.67
C ARG A 19 17.25 -30.76 12.18
N THR A 20 17.74 -31.87 12.71
CA THR A 20 17.85 -32.00 14.16
C THR A 20 19.24 -32.46 14.61
N ASN A 21 19.74 -31.86 15.70
CA ASN A 21 20.98 -32.28 16.36
C ASN A 21 21.21 -31.52 17.67
N THR A 29 15.75 -36.40 10.09
CA THR A 29 14.49 -35.70 9.85
C THR A 29 13.39 -36.06 10.84
N PHE A 30 12.87 -35.03 11.50
CA PHE A 30 11.71 -35.15 12.38
C PHE A 30 10.78 -33.98 12.13
N ARG A 31 9.49 -34.26 12.21
CA ARG A 31 8.45 -33.28 11.96
C ARG A 31 8.44 -32.24 13.10
N LYS A 32 8.41 -30.95 12.77
CA LYS A 32 8.42 -29.89 13.80
C LYS A 32 7.16 -29.04 13.66
N LEU A 33 6.19 -29.57 12.93
CA LEU A 33 4.90 -28.94 12.70
C LEU A 33 3.82 -30.02 12.69
N HIS A 34 2.91 -30.00 13.66
CA HIS A 34 1.88 -31.04 13.73
C HIS A 34 0.47 -30.50 13.64
N LEU A 35 -0.43 -31.30 13.09
CA LEU A 35 -1.77 -30.84 12.83
C LEU A 35 -2.78 -31.62 13.66
N PHE A 36 -3.75 -30.88 14.21
CA PHE A 36 -4.89 -31.46 14.87
C PHE A 36 -6.07 -30.88 14.15
N GLN A 37 -6.72 -31.71 13.36
CA GLN A 37 -7.64 -31.25 12.34
C GLN A 37 -8.99 -31.89 12.52
N GLN A 38 -10.02 -31.05 12.59
CA GLN A 38 -11.38 -31.53 12.51
C GLN A 38 -12.07 -30.68 11.46
N PRO A 39 -12.27 -31.24 10.26
CA PRO A 39 -12.80 -30.50 9.10
C PRO A 39 -14.10 -29.77 9.43
N GLY A 40 -14.12 -28.46 9.17
CA GLY A 40 -15.25 -27.61 9.42
C GLY A 40 -15.41 -27.13 10.85
N GLU A 41 -14.53 -27.58 11.74
CA GLU A 41 -14.70 -27.27 13.15
C GLU A 41 -13.46 -26.66 13.82
N ARG A 42 -12.27 -27.18 13.53
CA ARG A 42 -11.04 -26.64 14.14
C ARG A 42 -9.80 -27.03 13.37
N THR A 43 -8.81 -26.14 13.39
CA THR A 43 -7.52 -26.44 12.80
C THR A 43 -6.44 -25.93 13.75
N LEU A 44 -5.69 -26.85 14.36
CA LEU A 44 -4.64 -26.49 15.32
C LEU A 44 -3.27 -26.95 14.87
N VAL A 45 -2.29 -26.05 14.90
CA VAL A 45 -0.92 -26.35 14.49
C VAL A 45 -0.01 -26.27 15.70
N VAL A 46 0.84 -27.27 15.93
CA VAL A 46 1.80 -27.23 17.02
C VAL A 46 3.22 -27.29 16.46
N GLN A 47 4.05 -26.33 16.84
CA GLN A 47 5.45 -26.32 16.39
C GLN A 47 6.45 -26.50 17.54
N SER A 48 7.55 -27.21 17.26
CA SER A 48 8.48 -27.66 18.28
C SER A 48 9.88 -27.10 18.10
N ALA A 49 10.51 -26.77 19.20
CA ALA A 49 11.93 -26.45 19.18
C ALA A 49 12.56 -26.86 20.52
N GLY A 50 13.85 -27.08 20.54
CA GLY A 50 14.47 -27.45 21.79
C GLY A 50 14.60 -28.94 21.99
N ASN A 51 14.61 -29.36 23.24
CA ASN A 51 14.88 -30.77 23.52
C ASN A 51 13.94 -31.75 22.82
N LEU A 52 14.53 -32.56 21.96
CA LEU A 52 13.77 -33.44 21.11
C LEU A 52 13.01 -34.50 21.92
N ALA A 53 13.65 -35.03 22.96
CA ALA A 53 13.00 -36.04 23.81
C ALA A 53 11.78 -35.47 24.49
N THR A 54 11.91 -34.25 25.01
CA THR A 54 10.81 -33.60 25.69
C THR A 54 9.67 -33.32 24.71
N THR A 55 10.03 -32.69 23.58
CA THR A 55 9.01 -32.27 22.60
C THR A 55 8.28 -33.44 21.98
N GLN A 56 9.00 -34.51 21.68
CA GLN A 56 8.36 -35.66 21.09
C GLN A 56 7.46 -36.33 22.11
N SER A 57 7.87 -36.30 23.38
CA SER A 57 7.04 -36.87 24.45
C SER A 57 5.75 -36.09 24.62
N ILE A 58 5.85 -34.76 24.63
CA ILE A 58 4.68 -33.90 24.77
C ILE A 58 3.69 -34.10 23.61
N VAL A 59 4.20 -34.06 22.40
CA VAL A 59 3.38 -34.22 21.20
C VAL A 59 2.69 -35.59 21.13
N SER A 60 3.42 -36.64 21.48
CA SER A 60 2.87 -37.99 21.51
C SER A 60 1.74 -38.16 22.53
N LEU A 61 1.88 -37.56 23.71
CA LEU A 61 0.82 -37.64 24.72
C LEU A 61 -0.45 -36.97 24.22
N LEU A 62 -0.27 -35.84 23.57
CA LEU A 62 -1.40 -35.06 23.05
C LEU A 62 -2.16 -35.81 21.98
N GLN A 63 -1.41 -36.44 21.07
CA GLN A 63 -2.04 -37.21 20.01
C GLN A 63 -2.75 -38.43 20.53
N ARG A 64 -2.12 -39.08 21.49
CA ARG A 64 -2.64 -40.30 22.07
C ARG A 64 -3.95 -40.00 22.82
N ARG A 65 -3.96 -38.85 23.50
CA ARG A 65 -5.13 -38.42 24.25
C ARG A 65 -6.26 -37.91 23.37
N CYS A 66 -5.94 -37.58 22.13
CA CYS A 66 -7.00 -37.21 21.20
C CYS A 66 -7.90 -38.42 20.95
N LEU A 67 -7.39 -39.63 21.23
CA LEU A 67 -8.14 -40.88 21.02
C LEU A 67 -9.07 -41.19 22.19
N ASP A 68 -8.95 -40.41 23.26
CA ASP A 68 -9.77 -40.56 24.45
C ASP A 68 -10.71 -39.36 24.66
N PRO A 69 -12.01 -39.55 24.37
CA PRO A 69 -12.99 -38.46 24.46
C PRO A 69 -13.44 -38.10 25.89
N GLU A 70 -13.07 -38.94 26.85
CA GLU A 70 -13.44 -38.78 28.26
C GLU A 70 -12.37 -37.97 28.99
N GLN A 71 -11.40 -37.50 28.21
CA GLN A 71 -10.30 -36.73 28.74
C GLN A 71 -10.20 -35.43 27.97
N THR A 72 -9.66 -34.39 28.59
CA THR A 72 -9.43 -33.13 27.89
C THR A 72 -8.39 -33.33 26.79
N ASN A 73 -8.71 -32.97 25.56
CA ASN A 73 -7.70 -33.12 24.50
C ASN A 73 -7.84 -32.02 23.45
N LEU A 74 -6.94 -32.02 22.48
CA LEU A 74 -6.92 -30.94 21.52
C LEU A 74 -8.14 -31.01 20.57
N MET A 75 -8.89 -32.11 20.61
CA MET A 75 -10.09 -32.18 19.76
C MET A 75 -11.36 -31.70 20.46
N ASN A 76 -11.37 -31.67 21.80
CA ASN A 76 -12.57 -31.24 22.53
C ASN A 76 -12.42 -29.99 23.41
N VAL A 77 -11.27 -29.31 23.38
CA VAL A 77 -11.15 -28.02 24.07
C VAL A 77 -12.00 -26.97 23.36
N ALA A 78 -12.65 -26.12 24.16
CA ALA A 78 -13.64 -25.16 23.68
C ALA A 78 -13.03 -23.96 22.98
N SER A 79 -11.86 -23.54 23.46
CA SER A 79 -11.20 -22.39 22.87
C SER A 79 -9.71 -22.64 22.77
N MET A 80 -9.06 -21.82 21.96
CA MET A 80 -7.61 -21.88 21.81
C MET A 80 -6.93 -21.58 23.12
N TYR A 81 -7.60 -20.80 23.99
CA TYR A 81 -7.06 -20.51 25.31
C TYR A 81 -6.95 -21.77 26.13
N GLU A 82 -7.97 -22.63 26.02
CA GLU A 82 -7.96 -23.88 26.73
C GLU A 82 -6.94 -24.81 26.12
N ALA A 83 -6.74 -24.68 24.82
CA ALA A 83 -5.73 -25.46 24.13
C ALA A 83 -4.36 -25.09 24.68
N ALA A 84 -4.11 -23.79 24.84
CA ALA A 84 -2.85 -23.35 25.41
C ALA A 84 -2.69 -23.85 26.86
N THR A 85 -3.77 -23.80 27.65
CA THR A 85 -3.75 -24.29 29.03
C THR A 85 -3.39 -25.78 29.10
N LEU A 86 -3.98 -26.55 28.18
CA LEU A 86 -3.73 -27.98 28.10
C LEU A 86 -2.27 -28.30 27.80
N LEU A 87 -1.71 -27.55 26.88
CA LEU A 87 -0.32 -27.72 26.49
C LEU A 87 0.57 -27.48 27.72
N GLY A 88 0.25 -26.44 28.47
CA GLY A 88 1.00 -26.14 29.68
C GLY A 88 0.96 -27.26 30.71
N GLU A 89 -0.22 -27.85 30.89
CA GLU A 89 -0.39 -28.96 31.81
C GLU A 89 0.49 -30.11 31.36
N THR A 90 0.56 -30.34 30.05
CA THR A 90 1.33 -31.45 29.53
C THR A 90 2.81 -31.17 29.67
N VAL A 91 3.20 -29.92 29.47
CA VAL A 91 4.58 -29.48 29.69
C VAL A 91 4.96 -29.74 31.14
N ARG A 92 4.14 -29.24 32.07
CA ARG A 92 4.40 -29.43 33.49
C ARG A 92 4.34 -30.92 33.89
N GLU A 93 3.38 -31.66 33.31
CA GLU A 93 3.24 -33.10 33.59
C GLU A 93 4.52 -33.86 33.26
N VAL A 94 5.11 -33.54 32.11
CA VAL A 94 6.33 -34.20 31.66
C VAL A 94 7.50 -33.77 32.58
N ILE A 95 7.50 -32.50 32.98
CA ILE A 95 8.56 -31.98 33.86
C ILE A 95 8.58 -32.69 35.20
N ASN A 96 7.39 -32.83 35.78
CA ASN A 96 7.20 -33.44 37.09
C ASN A 96 7.58 -34.90 37.06
N ARG A 97 7.34 -35.52 35.92
CA ARG A 97 7.65 -36.92 35.71
C ARG A 97 9.18 -37.12 35.76
N ASP A 98 9.91 -36.29 35.02
CA ASP A 98 11.36 -36.44 34.90
C ASP A 98 12.15 -35.47 35.80
N ASP A 109 20.25 -29.70 29.89
CA ASP A 109 18.87 -29.62 30.35
C ASP A 109 17.88 -29.77 29.19
N PHE A 110 16.66 -30.15 29.51
CA PHE A 110 15.64 -30.42 28.50
C PHE A 110 14.65 -29.26 28.26
N ASN A 111 15.14 -28.14 27.75
N ASN A 111 15.13 -28.08 27.86
CA ASN A 111 14.27 -27.00 27.48
CA ASN A 111 14.27 -26.89 27.76
C ASN A 111 13.47 -27.32 26.24
C ASN A 111 13.73 -26.62 26.36
N CYS A 112 12.22 -26.89 26.20
N CYS A 112 12.43 -26.85 26.20
CA CYS A 112 11.46 -26.98 24.97
CA CYS A 112 11.81 -26.76 24.88
C CYS A 112 10.59 -25.75 24.82
C CYS A 112 10.69 -25.71 24.81
N ASN A 113 10.31 -25.37 23.57
CA ASN A 113 9.35 -24.31 23.30
C ASN A 113 8.31 -24.75 22.29
N LEU A 114 7.07 -24.28 22.45
CA LEU A 114 6.02 -24.64 21.50
C LEU A 114 5.30 -23.40 20.99
N LEU A 115 4.85 -23.46 19.75
CA LEU A 115 3.96 -22.45 19.20
C LEU A 115 2.63 -23.14 18.97
N LEU A 116 1.54 -22.47 19.34
CA LEU A 116 0.22 -23.05 19.14
C LEU A 116 -0.64 -22.02 18.42
N GLY A 117 -1.05 -22.37 17.22
CA GLY A 117 -1.83 -21.45 16.41
C GLY A 117 -2.92 -22.17 15.66
N GLY A 118 -3.98 -21.45 15.32
CA GLY A 118 -5.05 -22.02 14.54
C GLY A 118 -6.37 -21.36 14.90
N GLN A 119 -7.44 -22.09 14.69
CA GLN A 119 -8.78 -21.59 14.93
C GLN A 119 -9.74 -22.70 15.32
N ILE A 120 -10.53 -22.41 16.37
CA ILE A 120 -11.69 -23.23 16.73
C ILE A 120 -12.95 -22.43 16.44
N LYS A 121 -13.91 -23.05 15.75
CA LYS A 121 -15.13 -22.38 15.29
C LYS A 121 -15.89 -21.67 16.41
N GLY A 122 -16.28 -20.41 16.18
CA GLY A 122 -16.93 -19.64 17.23
C GLY A 122 -15.96 -18.66 17.85
N GLU A 123 -14.71 -18.72 17.40
CA GLU A 123 -13.63 -17.88 17.86
C GLU A 123 -12.77 -17.47 16.66
N GLY A 124 -11.97 -16.42 16.82
CA GLY A 124 -11.09 -15.96 15.76
C GLY A 124 -9.73 -16.65 15.74
N LEU A 125 -8.82 -16.12 14.94
CA LEU A 125 -7.47 -16.66 14.90
C LEU A 125 -6.75 -16.39 16.21
N ARG A 126 -6.10 -17.42 16.77
CA ARG A 126 -5.30 -17.22 17.97
C ARG A 126 -3.94 -17.93 17.90
N LEU A 127 -2.92 -17.32 18.50
CA LEU A 127 -1.55 -17.85 18.47
C LEU A 127 -0.85 -17.72 19.82
N PHE A 128 -0.28 -18.81 20.34
CA PHE A 128 0.40 -18.80 21.62
C PHE A 128 1.86 -19.29 21.52
N HIS A 129 2.69 -18.78 22.41
CA HIS A 129 4.03 -19.29 22.62
C HIS A 129 4.03 -19.95 23.98
N ILE A 130 4.25 -21.25 24.02
CA ILE A 130 4.33 -21.98 25.27
C ILE A 130 5.80 -22.10 25.71
N TYR A 131 6.09 -21.75 26.96
CA TYR A 131 7.45 -21.74 27.49
C TYR A 131 7.81 -23.07 28.17
N PRO A 132 9.11 -23.30 28.42
CA PRO A 132 9.52 -24.55 29.09
C PRO A 132 8.86 -24.76 30.45
N GLN A 133 8.50 -23.67 31.12
CA GLN A 133 7.89 -23.76 32.46
C GLN A 133 6.43 -24.14 32.35
N GLY A 134 5.89 -24.07 31.14
CA GLY A 134 4.51 -24.44 30.93
C GLY A 134 3.53 -23.28 30.92
N ASN A 135 4.01 -22.09 31.27
CA ASN A 135 3.16 -20.93 31.12
C ASN A 135 3.28 -20.40 29.68
N PHE A 136 2.51 -19.38 29.33
CA PHE A 136 2.47 -18.99 27.93
C PHE A 136 2.02 -17.54 27.71
N ILE A 137 2.31 -17.06 26.51
CA ILE A 137 1.85 -15.76 26.07
C ILE A 137 1.09 -15.88 24.75
N GLU A 138 0.29 -14.86 24.45
CA GLU A 138 -0.56 -14.85 23.27
C GLU A 138 -0.13 -13.70 22.31
N ALA A 139 -0.18 -13.96 21.01
CA ALA A 139 0.17 -12.95 20.01
C ALA A 139 -0.93 -11.92 19.95
N THR A 140 -0.54 -10.67 19.75
CA THR A 140 -1.45 -9.54 19.64
C THR A 140 -1.25 -8.83 18.33
N GLN A 141 -1.95 -7.70 18.15
CA GLN A 141 -1.77 -6.89 16.95
C GLN A 141 -0.42 -6.18 17.03
N ASP A 142 0.04 -5.95 18.26
CA ASP A 142 1.33 -5.30 18.49
C ASP A 142 2.53 -6.24 18.33
N THR A 143 2.36 -7.50 18.72
CA THR A 143 3.38 -8.52 18.50
C THR A 143 2.70 -9.70 17.79
N PRO A 144 2.64 -9.66 16.43
CA PRO A 144 1.84 -10.58 15.61
C PRO A 144 2.57 -11.83 15.11
N TYR A 145 3.76 -12.12 15.61
CA TYR A 145 4.45 -13.36 15.23
C TYR A 145 5.28 -13.82 16.40
N PHE A 146 5.59 -15.11 16.41
CA PHE A 146 6.49 -15.73 17.39
C PHE A 146 7.52 -16.57 16.64
N GLN A 147 8.73 -16.60 17.19
CA GLN A 147 9.80 -17.48 16.71
C GLN A 147 10.30 -18.36 17.85
N ILE A 148 10.66 -19.59 17.54
CA ILE A 148 11.38 -20.43 18.50
C ILE A 148 12.59 -21.09 17.83
N GLY A 149 13.54 -21.54 18.62
CA GLY A 149 14.75 -22.11 18.05
C GLY A 149 15.78 -21.08 17.61
N GLU A 150 16.54 -21.41 16.59
CA GLU A 150 17.61 -20.51 16.15
C GLU A 150 16.99 -19.38 15.36
N SER A 151 16.60 -18.32 16.08
CA SER A 151 15.62 -17.36 15.56
C SER A 151 16.21 -16.02 15.21
N LYS A 152 17.40 -15.72 15.70
CA LYS A 152 17.92 -14.38 15.50
C LYS A 152 18.32 -14.07 14.04
N TYR A 153 18.81 -15.05 13.29
CA TYR A 153 19.20 -14.81 11.91
C TYR A 153 18.02 -14.34 11.06
N GLY A 154 16.83 -14.87 11.35
CA GLY A 154 15.67 -14.61 10.53
C GLY A 154 14.74 -13.53 11.05
N LYS A 155 15.08 -12.91 12.18
CA LYS A 155 14.22 -11.87 12.77
C LYS A 155 14.21 -10.51 12.01
N PRO A 156 15.39 -10.00 11.54
CA PRO A 156 15.37 -8.68 10.88
C PRO A 156 14.42 -8.51 9.68
N ILE A 157 14.25 -9.50 8.83
CA ILE A 157 13.34 -9.34 7.69
C ILE A 157 11.87 -9.27 8.14
N ILE A 158 11.53 -9.99 9.21
CA ILE A 158 10.18 -10.01 9.75
C ILE A 158 9.79 -8.63 10.29
N ASP A 159 10.72 -8.03 11.05
CA ASP A 159 10.56 -6.68 11.56
C ASP A 159 10.46 -5.66 10.45
N ARG A 160 11.09 -5.94 9.30
CA ARG A 160 11.14 -4.97 8.23
C ARG A 160 9.87 -4.95 7.42
N VAL A 161 9.25 -6.09 7.23
CA VAL A 161 8.14 -6.13 6.28
C VAL A 161 6.82 -6.64 6.87
N LEU A 162 6.84 -7.34 8.00
CA LEU A 162 5.60 -7.93 8.54
C LEU A 162 4.87 -6.98 9.52
N SER A 163 3.56 -6.85 9.34
CA SER A 163 2.72 -6.17 10.33
C SER A 163 1.42 -6.96 10.38
N TYR A 164 0.59 -6.67 11.36
CA TYR A 164 -0.64 -7.43 11.52
C TYR A 164 -1.52 -7.51 10.28
N ASP A 165 -1.48 -6.50 9.42
CA ASP A 165 -2.38 -6.46 8.27
C ASP A 165 -1.77 -6.93 6.96
N THR A 166 -0.54 -7.43 7.02
CA THR A 166 0.11 -8.02 5.86
C THR A 166 -0.68 -9.22 5.37
N PRO A 167 -0.93 -9.30 4.05
CA PRO A 167 -1.57 -10.47 3.43
C PRO A 167 -0.82 -11.77 3.63
N LEU A 168 -1.59 -12.84 3.66
CA LEU A 168 -1.08 -14.18 3.94
C LEU A 168 0.10 -14.53 3.07
N ASP A 169 -0.04 -14.25 1.80
CA ASP A 169 0.98 -14.64 0.84
C ASP A 169 2.29 -13.90 1.06
N GLN A 170 2.19 -12.62 1.40
CA GLN A 170 3.41 -11.86 1.62
C GLN A 170 4.03 -12.24 2.96
N ALA A 171 3.17 -12.63 3.91
CA ALA A 171 3.65 -13.14 5.19
C ALA A 171 4.41 -14.46 4.97
N MET A 172 3.88 -15.32 4.09
CA MET A 172 4.58 -16.55 3.79
C MET A 172 5.90 -16.26 3.03
N GLN A 173 5.89 -15.27 2.15
CA GLN A 173 7.12 -14.84 1.49
C GLN A 173 8.16 -14.37 2.51
N CYS A 174 7.69 -13.62 3.49
CA CYS A 174 8.52 -13.13 4.59
C CYS A 174 9.12 -14.27 5.40
N ALA A 175 8.29 -15.25 5.73
CA ALA A 175 8.73 -16.43 6.47
C ALA A 175 9.83 -17.19 5.70
N LEU A 176 9.64 -17.35 4.39
CA LEU A 176 10.59 -18.09 3.55
C LEU A 176 11.94 -17.41 3.42
N ILE A 177 11.93 -16.09 3.29
CA ILE A 177 13.16 -15.32 3.22
C ILE A 177 13.91 -15.43 4.55
N SER A 178 13.15 -15.39 5.64
CA SER A 178 13.62 -15.61 7.01
C SER A 178 14.30 -16.98 7.15
N MET A 179 13.70 -18.01 6.56
CA MET A 179 14.30 -19.34 6.56
C MET A 179 15.59 -19.34 5.80
N ASP A 180 15.56 -18.67 4.67
CA ASP A 180 16.70 -18.57 3.77
C ASP A 180 17.91 -17.98 4.49
N SER A 181 17.73 -16.85 5.16
CA SER A 181 18.83 -16.26 5.91
C SER A 181 19.32 -17.21 7.00
N THR A 182 18.40 -18.00 7.55
CA THR A 182 18.74 -18.93 8.61
C THR A 182 19.50 -20.13 8.06
N LEU A 183 18.99 -20.73 6.99
CA LEU A 183 19.61 -21.88 6.33
C LEU A 183 21.05 -21.57 5.91
N ARG A 184 21.27 -20.35 5.45
CA ARG A 184 22.56 -19.90 4.98
C ARG A 184 23.58 -19.66 6.10
N SER A 185 23.09 -19.40 7.30
CA SER A 185 23.92 -18.89 8.40
C SER A 185 24.11 -19.91 9.50
N ASN A 186 23.28 -20.94 9.51
CA ASN A 186 23.36 -21.88 10.61
C ASN A 186 23.06 -23.28 10.16
N LEU A 187 24.05 -24.15 10.34
CA LEU A 187 23.98 -25.49 9.78
C LEU A 187 23.18 -26.48 10.62
N SER A 188 22.68 -26.03 11.76
CA SER A 188 21.81 -26.88 12.53
C SER A 188 20.36 -26.76 12.01
N VAL A 189 20.13 -25.79 11.12
CA VAL A 189 18.83 -25.62 10.48
C VAL A 189 18.97 -26.11 9.02
N GLY A 190 18.01 -26.91 8.57
CA GLY A 190 18.11 -27.55 7.27
C GLY A 190 16.82 -28.01 6.64
N LEU A 191 16.84 -28.16 5.31
CA LEU A 191 15.70 -28.67 4.55
C LEU A 191 15.42 -30.14 4.85
N PRO A 192 14.19 -30.61 4.60
CA PRO A 192 13.01 -29.91 4.06
C PRO A 192 12.31 -28.94 5.03
N LEU A 193 11.43 -28.12 4.49
CA LEU A 193 10.60 -27.26 5.32
C LEU A 193 9.19 -27.85 5.36
N ASP A 194 8.48 -27.55 6.43
CA ASP A 194 7.06 -27.81 6.50
C ASP A 194 6.44 -26.42 6.68
N VAL A 195 5.60 -26.02 5.72
CA VAL A 195 4.98 -24.70 5.81
C VAL A 195 3.46 -24.81 5.67
N MET A 196 2.74 -23.81 6.15
CA MET A 196 1.30 -23.83 5.99
C MET A 196 0.71 -22.45 6.02
N ILE A 197 -0.24 -22.23 5.10
CA ILE A 197 -1.05 -21.02 5.08
C ILE A 197 -2.45 -21.41 5.52
N TYR A 198 -2.93 -20.79 6.59
CA TYR A 198 -4.30 -21.00 7.09
C TYR A 198 -5.14 -19.72 6.93
N PRO A 199 -6.02 -19.71 5.93
CA PRO A 199 -6.92 -18.58 5.72
C PRO A 199 -8.04 -18.52 6.76
N LEU A 200 -8.38 -17.31 7.20
CA LEU A 200 -9.42 -17.10 8.21
C LEU A 200 -10.72 -17.87 7.90
N ASP A 201 -11.24 -18.57 8.92
CA ASP A 201 -12.50 -19.31 8.85
C ASP A 201 -12.50 -20.51 7.88
N SER A 202 -11.33 -20.88 7.35
CA SER A 202 -11.31 -21.95 6.36
C SER A 202 -11.34 -23.35 6.96
N PHE A 203 -10.72 -23.51 8.12
CA PHE A 203 -10.56 -24.84 8.75
C PHE A 203 -10.00 -25.86 7.75
N SER A 204 -9.03 -25.43 6.95
CA SER A 204 -8.47 -26.29 5.92
C SER A 204 -6.97 -26.55 6.06
N THR A 205 -6.55 -27.76 5.70
CA THR A 205 -5.13 -28.10 5.70
C THR A 205 -4.63 -28.26 4.27
N GLU A 206 -5.35 -27.68 3.31
CA GLU A 206 -4.96 -27.82 1.92
C GLU A 206 -3.69 -27.09 1.58
N GLN A 207 -3.51 -25.91 2.15
CA GLN A 207 -2.32 -25.14 1.85
C GLN A 207 -1.23 -25.45 2.86
N GLN A 208 -1.01 -26.74 3.03
CA GLN A 208 0.10 -27.25 3.79
C GLN A 208 1.02 -27.89 2.75
N TYR A 209 2.30 -27.57 2.82
CA TYR A 209 3.26 -27.96 1.80
C TYR A 209 4.60 -28.37 2.42
N ARG A 210 5.25 -29.37 1.82
CA ARG A 210 6.62 -29.70 2.18
C ARG A 210 7.62 -29.12 1.16
N ILE A 211 8.56 -28.32 1.63
CA ILE A 211 9.53 -27.68 0.75
C ILE A 211 10.91 -28.33 0.82
N THR A 212 11.27 -29.03 -0.26
CA THR A 212 12.59 -29.66 -0.39
C THR A 212 13.59 -28.81 -1.17
N GLU A 213 14.81 -29.33 -1.30
CA GLU A 213 15.87 -28.70 -2.07
C GLU A 213 15.49 -28.46 -3.54
N ASP A 214 14.55 -29.26 -4.06
CA ASP A 214 14.18 -29.20 -5.46
C ASP A 214 13.00 -28.28 -5.76
N HIS A 215 12.41 -27.71 -4.70
CA HIS A 215 11.24 -26.85 -4.85
C HIS A 215 11.54 -25.63 -5.71
N PRO A 216 10.87 -25.54 -6.87
CA PRO A 216 11.13 -24.49 -7.86
C PRO A 216 10.89 -23.07 -7.33
N TYR A 217 9.75 -22.81 -6.70
CA TYR A 217 9.46 -21.45 -6.23
C TYR A 217 10.40 -21.00 -5.11
N PHE A 218 10.74 -21.91 -4.20
CA PHE A 218 11.66 -21.58 -3.14
C PHE A 218 13.02 -21.22 -3.70
N MET A 219 13.47 -21.99 -4.70
CA MET A 219 14.71 -21.69 -5.38
C MET A 219 14.63 -20.28 -5.96
N MET A 220 13.48 -19.97 -6.54
CA MET A 220 13.28 -18.70 -7.24
C MET A 220 13.33 -17.46 -6.34
N ILE A 221 12.62 -17.51 -5.22
CA ILE A 221 12.57 -16.35 -4.35
C ILE A 221 13.94 -16.10 -3.71
N ARG A 222 14.68 -17.17 -3.42
CA ARG A 222 15.98 -17.04 -2.80
C ARG A 222 16.98 -16.35 -3.74
N LYS A 223 17.01 -16.77 -5.00
CA LYS A 223 17.91 -16.14 -5.94
C LYS A 223 17.39 -14.74 -6.24
N GLY A 224 16.07 -14.60 -6.34
CA GLY A 224 15.46 -13.31 -6.60
C GLY A 224 15.77 -12.34 -5.48
N TRP A 225 15.65 -12.81 -4.24
CA TRP A 225 15.96 -11.97 -3.08
C TRP A 225 17.44 -11.61 -2.98
N GLY A 226 18.29 -12.62 -3.13
CA GLY A 226 19.72 -12.46 -3.03
C GLY A 226 20.25 -11.47 -4.06
N GLU A 227 19.77 -11.59 -5.30
CA GLU A 227 20.20 -10.68 -6.34
C GLU A 227 19.77 -9.24 -6.09
N GLY A 228 18.56 -9.05 -5.61
CA GLY A 228 18.08 -7.71 -5.32
C GLY A 228 18.91 -7.01 -4.27
N LEU A 229 19.26 -7.73 -3.20
CA LEU A 229 20.04 -7.14 -2.10
C LEU A 229 21.44 -6.75 -2.58
N VAL A 230 22.04 -7.60 -3.39
CA VAL A 230 23.34 -7.27 -3.95
C VAL A 230 23.22 -6.02 -4.84
N SER A 231 22.08 -5.90 -5.53
CA SER A 231 21.84 -4.74 -6.40
C SER A 231 21.64 -3.45 -5.60
N ILE A 232 20.86 -3.49 -4.53
CA ILE A 232 20.69 -2.31 -3.70
C ILE A 232 22.02 -1.90 -3.11
N PHE A 233 22.77 -2.89 -2.66
CA PHE A 233 24.06 -2.65 -2.01
C PHE A 233 25.04 -1.90 -2.91
N ALA A 234 25.14 -2.31 -4.16
CA ALA A 234 26.05 -1.69 -5.12
C ALA A 234 25.61 -0.28 -5.50
N GLN A 235 24.31 -0.02 -5.37
CA GLN A 235 23.73 1.25 -5.78
C GLN A 235 23.76 2.26 -4.64
N LEU A 236 24.29 1.83 -3.50
CA LEU A 236 24.32 2.71 -2.33
C LEU A 236 25.18 3.93 -2.60
N PRO A 237 24.80 5.07 -2.04
CA PRO A 237 25.67 6.25 -2.16
C PRO A 237 27.02 5.96 -1.50
N GLY A 238 28.09 6.53 -2.05
CA GLY A 238 29.44 6.26 -1.57
C GLY A 238 29.69 6.63 -0.12
N LEU A 239 30.62 5.91 0.50
CA LEU A 239 30.90 6.10 1.92
C LEU A 239 31.40 7.50 2.25
N LYS A 240 30.70 8.20 3.15
CA LYS A 240 31.12 9.54 3.58
C LYS A 240 31.03 9.66 5.12
N LEU A 241 32.06 9.21 5.81
CA LEU A 241 32.03 9.18 7.27
C LEU A 241 32.55 10.45 7.98
N GLY A 242 33.09 11.38 7.21
CA GLY A 242 33.65 12.61 7.76
C GLY A 242 32.62 13.73 7.82
N THR B 1 25.96 -4.41 23.14
CA THR B 1 27.23 -4.95 22.73
C THR B 1 27.18 -5.74 21.41
N TYR B 2 27.77 -5.17 20.38
CA TYR B 2 27.98 -5.86 19.11
C TYR B 2 29.23 -5.29 18.42
N CYS B 3 30.21 -6.16 18.18
CA CYS B 3 31.42 -5.73 17.52
C CYS B 3 31.70 -6.63 16.36
N VAL B 4 32.16 -6.03 15.26
CA VAL B 4 32.53 -6.80 14.10
C VAL B 4 33.85 -6.22 13.58
N ALA B 5 34.69 -7.12 13.06
CA ALA B 5 35.95 -6.74 12.44
C ALA B 5 36.11 -7.55 11.16
N MET B 6 36.59 -6.89 10.10
CA MET B 6 36.73 -7.52 8.80
C MET B 6 38.16 -7.41 8.29
N ARG B 7 38.73 -8.54 7.86
CA ARG B 7 40.07 -8.52 7.28
C ARG B 7 40.00 -8.78 5.77
N LEU B 8 40.41 -7.79 5.00
CA LEU B 8 40.33 -7.81 3.55
C LEU B 8 41.72 -7.73 2.95
N SER B 9 41.79 -7.88 1.64
CA SER B 9 43.07 -7.80 0.95
C SER B 9 43.69 -6.40 1.09
N SER B 10 42.84 -5.37 1.08
CA SER B 10 43.27 -3.97 1.08
C SER B 10 43.36 -3.30 2.46
N GLY B 11 42.87 -4.00 3.50
CA GLY B 11 42.87 -3.45 4.84
C GLY B 11 41.85 -4.10 5.74
N LEU B 12 41.60 -3.44 6.87
CA LEU B 12 40.64 -3.93 7.86
C LEU B 12 39.55 -2.88 8.10
N ALA B 13 38.35 -3.33 8.40
CA ALA B 13 37.27 -2.43 8.82
C ALA B 13 36.74 -2.90 10.16
N PHE B 14 36.52 -1.96 11.07
CA PHE B 14 36.01 -2.28 12.40
C PHE B 14 34.74 -1.48 12.72
N ALA B 15 33.78 -2.14 13.35
CA ALA B 15 32.59 -1.44 13.82
C ALA B 15 32.16 -2.02 15.17
N SER B 16 31.94 -1.13 16.13
CA SER B 16 31.47 -1.53 17.46
C SER B 16 30.33 -0.63 17.88
N ASP B 17 29.32 -1.19 18.57
CA ASP B 17 28.29 -0.36 19.19
C ASP B 17 28.84 0.03 20.57
N SER B 18 28.02 0.64 21.41
CA SER B 18 28.51 1.04 22.73
C SER B 18 27.54 0.75 23.87
N ARG B 19 26.35 0.23 23.57
CA ARG B 19 25.38 0.01 24.65
C ARG B 19 25.89 -1.11 25.54
N THR B 20 26.00 -0.81 26.83
CA THR B 20 26.69 -1.71 27.73
C THR B 20 25.85 -2.06 28.94
N ASN B 21 25.87 -3.34 29.31
CA ASN B 21 25.18 -3.81 30.50
C ASN B 21 26.19 -3.91 31.63
N ALA B 22 26.16 -2.92 32.53
CA ALA B 22 27.14 -2.84 33.62
C ALA B 22 26.68 -3.48 34.92
N GLY B 23 25.37 -3.50 35.11
CA GLY B 23 24.79 -4.07 36.31
C GLY B 23 23.29 -4.09 36.17
N VAL B 24 22.62 -4.57 37.20
CA VAL B 24 21.17 -4.52 37.26
C VAL B 24 20.74 -3.04 37.15
N ASP B 25 19.86 -2.76 36.21
CA ASP B 25 19.35 -1.41 35.98
C ASP B 25 20.43 -0.35 35.60
N HIS B 26 21.60 -0.81 35.15
CA HIS B 26 22.69 0.07 34.72
C HIS B 26 23.12 -0.19 33.28
N ILE B 27 22.37 0.31 32.31
CA ILE B 27 22.78 0.23 30.92
C ILE B 27 23.36 1.57 30.46
N SER B 28 24.64 1.59 30.14
CA SER B 28 25.35 2.86 29.89
C SER B 28 26.15 2.82 28.59
N THR B 29 26.80 3.93 28.29
CA THR B 29 27.60 4.06 27.06
C THR B 29 29.08 3.85 27.38
N PHE B 30 29.71 2.87 26.74
CA PHE B 30 31.15 2.63 26.87
C PHE B 30 31.77 2.29 25.54
N ARG B 31 32.97 2.81 25.29
CA ARG B 31 33.69 2.55 24.05
C ARG B 31 34.18 1.11 24.04
N LYS B 32 33.97 0.42 22.93
CA LYS B 32 34.35 -0.98 22.85
C LYS B 32 35.39 -1.19 21.76
N LEU B 33 36.10 -0.12 21.39
CA LEU B 33 37.13 -0.23 20.36
C LEU B 33 38.33 0.56 20.85
N HIS B 34 39.43 -0.11 21.15
CA HIS B 34 40.59 0.56 21.72
C HIS B 34 41.81 0.35 20.85
N LEU B 35 42.72 1.31 20.86
CA LEU B 35 43.81 1.29 19.91
C LEU B 35 45.16 1.22 20.58
N PHE B 36 46.05 0.43 19.98
CA PHE B 36 47.45 0.40 20.37
C PHE B 36 48.29 0.72 19.16
N GLN B 37 48.90 1.89 19.18
CA GLN B 37 49.47 2.52 18.02
C GLN B 37 50.96 2.80 18.16
N GLN B 38 51.72 2.42 17.15
CA GLN B 38 53.11 2.84 17.02
C GLN B 38 53.29 3.43 15.62
N PRO B 39 53.32 4.77 15.52
CA PRO B 39 53.33 5.43 14.19
C PRO B 39 54.45 4.90 13.30
N GLY B 40 54.07 4.41 12.12
CA GLY B 40 55.02 3.87 11.17
C GLY B 40 55.46 2.44 11.42
N GLU B 41 55.02 1.86 12.52
CA GLU B 41 55.47 0.54 12.91
C GLU B 41 54.35 -0.46 13.30
N ARG B 42 53.31 0.04 13.96
CA ARG B 42 52.31 -0.89 14.42
C ARG B 42 50.95 -0.24 14.68
N THR B 43 49.88 -0.95 14.33
CA THR B 43 48.51 -0.52 14.62
C THR B 43 47.68 -1.72 15.07
N LEU B 44 47.24 -1.72 16.33
CA LEU B 44 46.43 -2.80 16.87
C LEU B 44 45.07 -2.29 17.37
N VAL B 45 44.01 -3.03 17.00
CA VAL B 45 42.64 -2.73 17.43
C VAL B 45 42.09 -3.84 18.29
N VAL B 46 41.64 -3.50 19.50
CA VAL B 46 41.01 -4.47 20.36
C VAL B 46 39.56 -4.05 20.58
N GLN B 47 38.66 -5.02 20.32
CA GLN B 47 37.24 -4.86 20.51
C GLN B 47 36.75 -5.76 21.66
N SER B 48 35.82 -5.24 22.46
CA SER B 48 35.40 -5.87 23.71
C SER B 48 33.94 -6.29 23.71
N ALA B 49 33.69 -7.46 24.29
CA ALA B 49 32.33 -7.91 24.56
C ALA B 49 32.26 -8.77 25.83
N GLY B 50 31.09 -8.79 26.45
CA GLY B 50 30.92 -9.53 27.69
C GLY B 50 31.10 -8.63 28.88
N ASN B 51 31.48 -9.23 30.00
CA ASN B 51 31.59 -8.51 31.28
C ASN B 51 32.50 -7.27 31.19
N LEU B 52 31.91 -6.12 31.47
CA LEU B 52 32.58 -4.83 31.33
C LEU B 52 33.77 -4.66 32.25
N ALA B 53 33.64 -5.11 33.49
CA ALA B 53 34.73 -5.03 34.46
C ALA B 53 35.93 -5.86 33.99
N THR B 54 35.66 -7.03 33.43
CA THR B 54 36.70 -7.92 32.95
C THR B 54 37.46 -7.28 31.79
N THR B 55 36.71 -6.85 30.77
CA THR B 55 37.33 -6.24 29.58
C THR B 55 38.04 -4.93 29.91
N GLN B 56 37.45 -4.14 30.81
CA GLN B 56 38.10 -2.89 31.20
C GLN B 56 39.45 -3.12 31.89
N SER B 57 39.51 -4.13 32.74
CA SER B 57 40.74 -4.48 33.43
C SER B 57 41.80 -4.97 32.44
N ILE B 58 41.36 -5.76 31.46
CA ILE B 58 42.29 -6.25 30.44
C ILE B 58 42.92 -5.11 29.67
N VAL B 59 42.09 -4.19 29.20
CA VAL B 59 42.56 -3.04 28.44
C VAL B 59 43.47 -2.14 29.25
N SER B 60 43.09 -1.91 30.51
CA SER B 60 43.87 -1.06 31.41
C SER B 60 45.23 -1.65 31.67
N LEU B 61 45.27 -2.96 31.89
CA LEU B 61 46.51 -3.67 32.15
C LEU B 61 47.44 -3.60 30.94
N LEU B 62 46.85 -3.77 29.76
CA LEU B 62 47.62 -3.78 28.52
C LEU B 62 48.22 -2.41 28.29
N GLN B 63 47.42 -1.38 28.56
CA GLN B 63 47.86 0.00 28.34
C GLN B 63 48.97 0.34 29.32
N ARG B 64 48.78 -0.09 30.57
CA ARG B 64 49.78 0.15 31.60
C ARG B 64 51.06 -0.62 31.30
N ARG B 65 50.95 -1.87 30.83
CA ARG B 65 52.14 -2.66 30.56
C ARG B 65 52.87 -2.23 29.29
N CYS B 66 52.19 -1.46 28.44
CA CYS B 66 52.86 -0.88 27.27
C CYS B 66 53.93 0.13 27.66
N LEU B 67 53.82 0.68 28.86
CA LEU B 67 54.77 1.67 29.33
C LEU B 67 56.02 1.04 29.94
N ASP B 68 56.01 -0.28 30.09
CA ASP B 68 57.14 -1.04 30.64
C ASP B 68 57.82 -1.96 29.62
N PRO B 69 59.04 -1.61 29.19
CA PRO B 69 59.83 -2.37 28.19
C PRO B 69 60.48 -3.63 28.76
N GLU B 70 60.43 -3.79 30.07
CA GLU B 70 61.05 -4.91 30.77
C GLU B 70 60.08 -6.06 30.82
N GLN B 71 58.90 -5.82 30.24
CA GLN B 71 57.82 -6.79 30.28
C GLN B 71 57.26 -7.00 28.88
N THR B 72 56.70 -8.19 28.62
CA THR B 72 56.06 -8.42 27.33
C THR B 72 54.80 -7.55 27.21
N ASN B 73 54.68 -6.80 26.12
CA ASN B 73 53.50 -5.98 25.91
C ASN B 73 53.14 -5.83 24.45
N LEU B 74 52.03 -5.16 24.19
CA LEU B 74 51.54 -5.04 22.84
C LEU B 74 52.42 -4.11 22.01
N MET B 75 53.35 -3.41 22.64
CA MET B 75 54.31 -2.62 21.85
C MET B 75 55.57 -3.42 21.49
N ASN B 76 55.91 -4.46 22.26
CA ASN B 76 57.11 -5.22 21.92
C ASN B 76 56.94 -6.71 21.51
N VAL B 77 55.70 -7.17 21.36
CA VAL B 77 55.46 -8.50 20.79
C VAL B 77 55.80 -8.41 19.30
N ALA B 78 56.42 -9.45 18.78
CA ALA B 78 56.97 -9.49 17.41
C ALA B 78 56.00 -9.72 16.23
N SER B 79 54.90 -10.42 16.48
CA SER B 79 53.93 -10.71 15.42
C SER B 79 52.53 -10.59 16.00
N MET B 80 51.53 -10.55 15.14
CA MET B 80 50.17 -10.52 15.66
C MET B 80 49.84 -11.78 16.43
N TYR B 81 50.44 -12.90 16.04
CA TYR B 81 50.20 -14.19 16.72
C TYR B 81 50.68 -14.08 18.17
N GLU B 82 51.83 -13.43 18.39
CA GLU B 82 52.32 -13.27 19.76
C GLU B 82 51.41 -12.31 20.53
N ALA B 83 50.82 -11.35 19.81
CA ALA B 83 49.87 -10.43 20.42
C ALA B 83 48.63 -11.22 20.90
N ALA B 84 48.15 -12.12 20.07
CA ALA B 84 47.00 -12.93 20.45
C ALA B 84 47.26 -13.79 21.71
N THR B 85 48.44 -14.41 21.80
CA THR B 85 48.83 -15.18 22.96
C THR B 85 48.87 -14.29 24.20
N LEU B 86 49.38 -13.06 24.03
CA LEU B 86 49.47 -12.08 25.11
C LEU B 86 48.08 -11.68 25.64
N LEU B 87 47.13 -11.45 24.72
CA LEU B 87 45.76 -11.13 25.10
C LEU B 87 45.15 -12.26 25.89
N GLY B 88 45.33 -13.47 25.38
CA GLY B 88 44.79 -14.67 26.01
C GLY B 88 45.26 -14.88 27.45
N GLU B 89 46.54 -14.62 27.70
CA GLU B 89 47.08 -14.72 29.05
C GLU B 89 46.43 -13.66 29.95
N THR B 90 46.23 -12.48 29.38
CA THR B 90 45.68 -11.37 30.14
C THR B 90 44.22 -11.64 30.46
N VAL B 91 43.52 -12.27 29.53
CA VAL B 91 42.13 -12.67 29.77
C VAL B 91 42.05 -13.61 30.97
N ARG B 92 42.90 -14.63 30.97
CA ARG B 92 42.88 -15.60 32.06
C ARG B 92 43.29 -14.96 33.39
N GLU B 93 44.28 -14.09 33.36
CA GLU B 93 44.73 -13.40 34.56
C GLU B 93 43.64 -12.57 35.22
N VAL B 94 42.93 -11.78 34.43
CA VAL B 94 41.90 -10.92 34.96
C VAL B 94 40.73 -11.76 35.44
N ILE B 95 40.32 -12.75 34.64
CA ILE B 95 39.17 -13.59 35.02
C ILE B 95 39.44 -14.39 36.29
N ASN B 96 40.63 -14.96 36.40
CA ASN B 96 40.99 -15.72 37.58
C ASN B 96 41.05 -14.80 38.77
N ARG B 97 41.52 -13.58 38.57
CA ARG B 97 41.59 -12.61 39.68
C ARG B 97 40.19 -12.20 40.16
N ASP B 98 39.33 -11.78 39.21
CA ASP B 98 38.00 -11.29 39.55
C ASP B 98 37.11 -12.42 40.12
N SER B 99 37.47 -13.67 39.84
CA SER B 99 36.76 -14.81 40.41
C SER B 99 37.32 -15.12 41.79
N ASP B 109 30.45 -15.81 33.61
CA ASP B 109 29.89 -14.77 34.46
C ASP B 109 30.85 -13.58 34.44
N PHE B 110 32.13 -13.89 34.61
CA PHE B 110 33.18 -12.90 34.49
C PHE B 110 33.81 -12.99 33.09
N ASN B 111 33.15 -13.73 32.19
CA ASN B 111 33.66 -14.00 30.84
C ASN B 111 33.59 -12.87 29.87
N CYS B 112 34.54 -12.88 28.95
CA CYS B 112 34.55 -11.93 27.85
C CYS B 112 35.00 -12.55 26.52
N ASN B 113 34.63 -11.92 25.41
CA ASN B 113 35.20 -12.28 24.13
C ASN B 113 35.88 -11.06 23.53
N LEU B 114 37.00 -11.27 22.86
CA LEU B 114 37.71 -10.13 22.29
C LEU B 114 38.00 -10.34 20.83
N LEU B 115 38.07 -9.22 20.10
CA LEU B 115 38.58 -9.25 18.74
C LEU B 115 39.90 -8.48 18.71
N LEU B 116 40.90 -9.03 18.02
CA LEU B 116 42.19 -8.40 17.88
C LEU B 116 42.59 -8.32 16.41
N GLY B 117 42.77 -7.11 15.90
CA GLY B 117 43.10 -6.93 14.50
C GLY B 117 44.07 -5.78 14.29
N GLY B 118 44.83 -5.87 13.20
CA GLY B 118 45.75 -4.81 12.84
C GLY B 118 46.95 -5.28 12.04
N GLN B 119 48.05 -4.51 12.11
CA GLN B 119 49.26 -4.83 11.36
C GLN B 119 50.49 -4.42 12.16
N ILE B 120 51.46 -5.32 12.22
CA ILE B 120 52.75 -5.01 12.78
C ILE B 120 53.71 -5.02 11.62
N LYS B 121 54.54 -3.99 11.54
CA LYS B 121 55.41 -3.84 10.38
C LYS B 121 56.27 -5.09 10.16
N GLY B 122 56.29 -5.57 8.90
CA GLY B 122 57.02 -6.78 8.58
C GLY B 122 56.11 -7.96 8.39
N GLU B 123 54.83 -7.75 8.63
CA GLU B 123 53.84 -8.82 8.57
C GLU B 123 52.63 -8.32 7.79
N GLY B 124 51.76 -9.23 7.35
CA GLY B 124 50.55 -8.81 6.70
C GLY B 124 49.47 -8.49 7.73
N LEU B 125 48.25 -8.27 7.28
CA LEU B 125 47.13 -8.05 8.20
C LEU B 125 46.76 -9.33 8.91
N ARG B 126 46.50 -9.25 10.21
CA ARG B 126 46.02 -10.44 10.91
C ARG B 126 44.83 -10.10 11.83
N LEU B 127 43.89 -11.02 11.93
CA LEU B 127 42.70 -10.81 12.76
C LEU B 127 42.35 -12.05 13.62
N PHE B 128 42.20 -11.80 14.91
CA PHE B 128 41.90 -12.90 15.83
C PHE B 128 40.66 -12.64 16.67
N HIS B 129 40.02 -13.75 17.01
CA HIS B 129 38.98 -13.81 18.01
C HIS B 129 39.53 -14.59 19.21
N ILE B 130 39.64 -13.92 20.33
CA ILE B 130 40.09 -14.52 21.58
C ILE B 130 38.87 -14.89 22.44
N TYR B 131 38.87 -16.11 22.94
CA TYR B 131 37.78 -16.64 23.77
C TYR B 131 38.06 -16.47 25.25
N PRO B 132 37.01 -16.61 26.09
CA PRO B 132 37.16 -16.48 27.55
C PRO B 132 38.17 -17.44 28.19
N GLN B 133 38.40 -18.59 27.59
CA GLN B 133 39.41 -19.55 28.06
C GLN B 133 40.83 -19.13 27.67
N GLY B 134 40.92 -18.06 26.86
CA GLY B 134 42.21 -17.50 26.49
C GLY B 134 42.77 -18.01 25.17
N ASN B 135 42.13 -19.01 24.59
CA ASN B 135 42.52 -19.48 23.27
C ASN B 135 41.92 -18.60 22.20
N PHE B 136 42.26 -18.89 20.95
CA PHE B 136 41.87 -18.01 19.86
C PHE B 136 41.91 -18.70 18.53
N ILE B 137 41.22 -18.10 17.58
CA ILE B 137 41.24 -18.55 16.20
C ILE B 137 41.61 -17.37 15.33
N GLU B 138 42.02 -17.63 14.10
CA GLU B 138 42.48 -16.59 13.20
C GLU B 138 41.62 -16.51 11.95
N ALA B 139 41.38 -15.28 11.48
CA ALA B 139 40.58 -15.06 10.28
C ALA B 139 41.34 -15.51 9.05
N THR B 140 40.61 -16.02 8.07
CA THR B 140 41.22 -16.46 6.81
C THR B 140 40.61 -15.70 5.64
N GLN B 141 41.02 -15.98 4.41
CA GLN B 141 40.44 -15.28 3.27
C GLN B 141 39.00 -15.71 3.03
N ASP B 142 38.74 -16.97 3.35
CA ASP B 142 37.43 -17.56 3.13
C ASP B 142 36.43 -17.18 4.20
N THR B 143 36.92 -16.98 5.43
CA THR B 143 36.06 -16.48 6.50
C THR B 143 36.72 -15.20 7.02
N PRO B 144 36.47 -14.09 6.33
CA PRO B 144 37.22 -12.83 6.43
C PRO B 144 36.74 -11.80 7.45
N TYR B 145 35.90 -12.23 8.39
CA TYR B 145 35.39 -11.39 9.46
C TYR B 145 35.15 -12.21 10.72
N PHE B 146 35.12 -11.53 11.87
CA PHE B 146 34.69 -12.09 13.16
C PHE B 146 33.68 -11.13 13.83
N GLN B 147 32.73 -11.70 14.57
CA GLN B 147 31.78 -10.95 15.40
C GLN B 147 31.76 -11.41 16.85
N ILE B 148 31.55 -10.47 17.77
CA ILE B 148 31.27 -10.82 19.15
C ILE B 148 30.04 -10.07 19.67
N GLY B 149 29.48 -10.55 20.78
CA GLY B 149 28.26 -9.98 21.34
C GLY B 149 27.02 -10.51 20.62
N GLU B 150 26.01 -9.67 20.50
CA GLU B 150 24.80 -10.05 19.79
C GLU B 150 25.03 -9.97 18.27
N SER B 151 25.38 -11.09 17.66
CA SER B 151 25.94 -11.11 16.31
C SER B 151 25.08 -11.76 15.22
N LYS B 152 24.06 -12.53 15.63
CA LYS B 152 23.35 -13.31 14.64
C LYS B 152 22.48 -12.49 13.71
N TYR B 153 21.87 -11.42 14.23
CA TYR B 153 20.98 -10.59 13.44
C TYR B 153 21.70 -10.01 12.26
N GLY B 154 22.99 -9.74 12.47
CA GLY B 154 23.77 -9.00 11.50
C GLY B 154 24.66 -9.86 10.64
N LYS B 155 24.60 -11.17 10.87
CA LYS B 155 25.45 -12.09 10.12
C LYS B 155 25.01 -12.32 8.68
N PRO B 156 23.70 -12.51 8.42
CA PRO B 156 23.32 -12.83 7.04
C PRO B 156 23.76 -11.81 5.98
N ILE B 157 23.66 -10.51 6.27
CA ILE B 157 24.02 -9.51 5.27
C ILE B 157 25.50 -9.57 4.99
N ILE B 158 26.30 -9.86 6.02
CA ILE B 158 27.75 -9.96 5.82
C ILE B 158 28.09 -11.13 4.91
N ASP B 159 27.45 -12.28 5.11
CA ASP B 159 27.66 -13.47 4.26
C ASP B 159 27.22 -13.26 2.82
N ARG B 160 26.23 -12.37 2.61
CA ARG B 160 25.69 -12.14 1.27
C ARG B 160 26.58 -11.22 0.42
N VAL B 161 27.23 -10.24 1.05
CA VAL B 161 27.91 -9.19 0.28
C VAL B 161 29.42 -9.04 0.52
N LEU B 162 29.94 -9.58 1.63
CA LEU B 162 31.38 -9.45 1.93
C LEU B 162 32.22 -10.65 1.43
N SER B 163 33.38 -10.34 0.84
CA SER B 163 34.39 -11.32 0.42
C SER B 163 35.76 -10.77 0.74
N TYR B 164 36.79 -11.61 0.67
CA TYR B 164 38.14 -11.16 0.99
C TYR B 164 38.59 -9.97 0.13
N ASP B 165 38.05 -9.88 -1.09
CA ASP B 165 38.45 -8.85 -2.06
C ASP B 165 37.55 -7.62 -2.10
N THR B 166 36.54 -7.57 -1.23
CA THR B 166 35.67 -6.40 -1.15
C THR B 166 36.47 -5.16 -0.73
N PRO B 167 36.38 -4.08 -1.52
CA PRO B 167 37.07 -2.86 -1.09
C PRO B 167 36.59 -2.32 0.25
N LEU B 168 37.49 -1.60 0.92
CA LEU B 168 37.31 -1.09 2.28
C LEU B 168 36.02 -0.28 2.49
N ASP B 169 35.68 0.62 1.57
CA ASP B 169 34.51 1.46 1.76
C ASP B 169 33.25 0.63 1.79
N GLN B 170 33.20 -0.38 0.93
CA GLN B 170 32.03 -1.26 0.87
C GLN B 170 31.99 -2.20 2.05
N ALA B 171 33.16 -2.61 2.51
CA ALA B 171 33.21 -3.45 3.69
C ALA B 171 32.65 -2.70 4.89
N MET B 172 32.99 -1.41 5.01
CA MET B 172 32.50 -0.57 6.10
C MET B 172 31.00 -0.34 5.96
N GLN B 173 30.52 -0.20 4.72
CA GLN B 173 29.09 -0.08 4.46
C GLN B 173 28.32 -1.32 4.92
N CYS B 174 28.91 -2.48 4.64
CA CYS B 174 28.35 -3.77 5.06
C CYS B 174 28.23 -3.86 6.59
N ALA B 175 29.27 -3.40 7.28
CA ALA B 175 29.26 -3.33 8.74
C ALA B 175 28.13 -2.45 9.24
N LEU B 176 27.93 -1.32 8.56
CA LEU B 176 26.92 -0.36 8.98
C LEU B 176 25.51 -0.92 8.83
N ILE B 177 25.24 -1.63 7.73
CA ILE B 177 23.94 -2.28 7.54
C ILE B 177 23.69 -3.38 8.59
N SER B 178 24.73 -4.17 8.85
CA SER B 178 24.74 -5.20 9.85
C SER B 178 24.39 -4.63 11.22
N MET B 179 24.98 -3.47 11.50
CA MET B 179 24.71 -2.75 12.72
C MET B 179 23.24 -2.30 12.75
N ASP B 180 22.75 -1.82 11.62
CA ASP B 180 21.37 -1.37 11.50
C ASP B 180 20.34 -2.46 11.79
N SER B 181 20.48 -3.63 11.16
CA SER B 181 19.53 -4.74 11.42
C SER B 181 19.62 -5.15 12.86
N THR B 182 20.82 -5.08 13.42
CA THR B 182 21.02 -5.48 14.80
C THR B 182 20.37 -4.46 15.73
N LEU B 183 20.64 -3.18 15.50
CA LEU B 183 20.03 -2.10 16.31
C LEU B 183 18.52 -2.20 16.32
N ARG B 184 17.95 -2.46 15.16
CA ARG B 184 16.50 -2.54 14.97
C ARG B 184 15.85 -3.77 15.62
N SER B 185 16.64 -4.83 15.86
CA SER B 185 16.10 -6.14 16.27
C SER B 185 16.38 -6.56 17.72
N ASN B 186 17.35 -5.92 18.36
CA ASN B 186 17.66 -6.30 19.73
C ASN B 186 18.08 -5.05 20.50
N LEU B 187 17.38 -4.76 21.57
CA LEU B 187 17.59 -3.49 22.22
C LEU B 187 18.81 -3.46 23.13
N SER B 188 19.53 -4.57 23.21
CA SER B 188 20.76 -4.59 24.00
C SER B 188 21.92 -3.97 23.19
N VAL B 189 21.70 -3.74 21.91
CA VAL B 189 22.70 -3.11 21.04
C VAL B 189 22.28 -1.64 20.74
N GLY B 190 23.21 -0.70 20.82
CA GLY B 190 22.81 0.70 20.67
C GLY B 190 23.85 1.72 20.29
N LEU B 191 23.38 2.83 19.71
CA LEU B 191 24.23 3.98 19.40
C LEU B 191 24.73 4.68 20.65
N PRO B 192 25.86 5.43 20.55
CA PRO B 192 26.72 5.70 19.40
C PRO B 192 27.58 4.50 18.98
N LEU B 193 28.15 4.59 17.78
CA LEU B 193 29.06 3.59 17.26
C LEU B 193 30.47 4.12 17.28
N ASP B 194 31.43 3.21 17.33
CA ASP B 194 32.82 3.55 17.05
C ASP B 194 33.31 2.68 15.92
N VAL B 195 33.78 3.30 14.85
CA VAL B 195 34.24 2.58 13.68
C VAL B 195 35.64 3.05 13.27
N MET B 196 36.32 2.23 12.47
CA MET B 196 37.65 2.57 11.97
C MET B 196 37.99 1.82 10.68
N ILE B 197 38.62 2.53 9.74
CA ILE B 197 39.16 1.91 8.55
C ILE B 197 40.70 1.88 8.60
N TYR B 198 41.30 0.70 8.45
CA TYR B 198 42.75 0.63 8.42
C TYR B 198 43.26 0.20 7.06
N PRO B 199 43.79 1.16 6.31
CA PRO B 199 44.39 0.79 5.02
C PRO B 199 45.68 -0.02 5.21
N LEU B 200 45.86 -1.05 4.39
CA LEU B 200 47.07 -1.87 4.44
C LEU B 200 48.34 -1.03 4.40
N ASP B 201 49.30 -1.36 5.26
CA ASP B 201 50.63 -0.72 5.26
C ASP B 201 50.62 0.75 5.66
N SER B 202 49.47 1.25 6.11
CA SER B 202 49.36 2.66 6.46
C SER B 202 49.84 2.99 7.87
N PHE B 203 49.61 2.08 8.82
CA PHE B 203 49.90 2.36 10.23
C PHE B 203 49.30 3.70 10.65
N SER B 204 48.07 3.94 10.20
CA SER B 204 47.37 5.18 10.50
C SER B 204 46.10 4.91 11.30
N THR B 205 45.82 5.80 12.25
CA THR B 205 44.59 5.71 13.01
C THR B 205 43.68 6.88 12.69
N GLU B 206 43.92 7.57 11.58
CA GLU B 206 43.14 8.76 11.23
C GLU B 206 41.71 8.45 10.81
N GLN B 207 41.47 7.28 10.20
CA GLN B 207 40.11 6.97 9.77
C GLN B 207 39.31 6.25 10.84
N GLN B 208 39.25 6.87 12.01
CA GLN B 208 38.45 6.42 13.15
C GLN B 208 37.32 7.43 13.38
N TYR B 209 36.12 6.93 13.64
CA TYR B 209 34.93 7.78 13.69
C TYR B 209 33.96 7.41 14.81
N ARG B 210 33.36 8.44 15.38
CA ARG B 210 32.21 8.22 16.24
C ARG B 210 30.94 8.51 15.48
N ILE B 211 30.05 7.53 15.39
CA ILE B 211 28.78 7.76 14.73
C ILE B 211 27.66 7.90 15.77
N THR B 212 27.11 9.11 15.89
CA THR B 212 25.98 9.33 16.78
C THR B 212 24.67 9.22 16.00
N GLU B 213 23.54 9.30 16.71
CA GLU B 213 22.21 9.24 16.10
C GLU B 213 22.01 10.34 15.05
N ASP B 214 22.76 11.43 15.17
CA ASP B 214 22.63 12.61 14.32
C ASP B 214 23.53 12.55 13.07
N HIS B 215 24.33 11.49 12.95
CA HIS B 215 25.22 11.30 11.81
C HIS B 215 24.46 11.22 10.49
N PRO B 216 24.71 12.16 9.57
CA PRO B 216 23.92 12.23 8.34
C PRO B 216 24.01 10.99 7.44
N TYR B 217 25.22 10.55 7.14
CA TYR B 217 25.36 9.43 6.21
C TYR B 217 24.75 8.18 6.79
N PHE B 218 24.93 7.97 8.08
CA PHE B 218 24.34 6.78 8.69
C PHE B 218 22.82 6.85 8.65
N MET B 219 22.27 8.04 8.91
CA MET B 219 20.82 8.22 8.77
C MET B 219 20.43 7.90 7.34
N MET B 220 21.25 8.35 6.41
CA MET B 220 21.00 8.15 4.99
C MET B 220 21.07 6.67 4.54
N ILE B 221 22.13 5.96 4.93
CA ILE B 221 22.31 4.58 4.48
C ILE B 221 21.26 3.66 5.10
N ARG B 222 20.82 3.95 6.32
CA ARG B 222 19.77 3.18 6.96
C ARG B 222 18.49 3.37 6.20
N LYS B 223 18.21 4.62 5.85
CA LYS B 223 16.99 4.97 5.15
C LYS B 223 17.03 4.37 3.76
N GLY B 224 18.18 4.48 3.10
CA GLY B 224 18.37 3.93 1.78
C GLY B 224 18.25 2.41 1.73
N TRP B 225 18.86 1.70 2.69
CA TRP B 225 18.82 0.24 2.71
C TRP B 225 17.39 -0.25 2.98
N GLY B 226 16.75 0.35 3.97
CA GLY B 226 15.40 -0.01 4.35
C GLY B 226 14.40 0.15 3.22
N GLU B 227 14.48 1.29 2.52
CA GLU B 227 13.59 1.54 1.40
C GLU B 227 13.84 0.54 0.27
N GLY B 228 15.12 0.24 0.04
CA GLY B 228 15.49 -0.71 -0.98
C GLY B 228 14.95 -2.11 -0.69
N LEU B 229 14.99 -2.51 0.57
CA LEU B 229 14.54 -3.84 0.94
C LEU B 229 13.04 -3.95 0.71
N VAL B 230 12.30 -2.92 1.11
CA VAL B 230 10.87 -2.88 0.93
C VAL B 230 10.49 -2.90 -0.56
N SER B 231 11.32 -2.30 -1.42
CA SER B 231 11.09 -2.32 -2.87
C SER B 231 11.33 -3.69 -3.49
N ILE B 232 12.41 -4.36 -3.10
CA ILE B 232 12.68 -5.71 -3.59
C ILE B 232 11.55 -6.63 -3.14
N PHE B 233 11.11 -6.48 -1.90
CA PHE B 233 10.05 -7.35 -1.38
C PHE B 233 8.76 -7.19 -2.19
N ALA B 234 8.39 -5.94 -2.47
CA ALA B 234 7.16 -5.65 -3.21
C ALA B 234 7.24 -6.07 -4.66
N GLN B 235 8.45 -6.09 -5.22
CA GLN B 235 8.61 -6.41 -6.64
C GLN B 235 8.84 -7.89 -6.84
N LEU B 236 8.80 -8.66 -5.76
CA LEU B 236 8.98 -10.11 -5.83
C LEU B 236 7.86 -10.76 -6.61
N PRO B 237 8.17 -11.86 -7.30
CA PRO B 237 7.15 -12.65 -7.99
C PRO B 237 6.13 -13.19 -7.00
N GLY B 238 4.88 -13.34 -7.44
CA GLY B 238 3.83 -13.83 -6.56
C GLY B 238 4.06 -15.24 -6.04
N LEU B 239 3.56 -15.51 -4.84
CA LEU B 239 3.73 -16.80 -4.16
C LEU B 239 3.17 -17.98 -4.97
N LYS B 240 3.99 -19.00 -5.17
CA LYS B 240 3.55 -20.20 -5.88
C LYS B 240 3.96 -21.47 -5.15
N LEU B 241 3.20 -21.90 -4.14
CA LEU B 241 3.60 -23.07 -3.36
C LEU B 241 3.09 -24.43 -3.86
N GLY B 242 2.30 -24.45 -4.93
CA GLY B 242 1.72 -25.70 -5.39
C GLY B 242 2.57 -26.51 -6.33
N THR C 1 8.32 -1.64 30.99
CA THR C 1 7.06 -1.71 31.72
C THR C 1 6.97 -0.65 32.83
N TYR C 2 6.13 0.36 32.60
CA TYR C 2 5.83 1.35 33.60
C TYR C 2 4.39 1.82 33.38
N CYS C 3 3.57 1.69 34.42
CA CYS C 3 2.19 2.14 34.36
C CYS C 3 1.98 3.04 35.53
N VAL C 4 1.18 4.09 35.31
CA VAL C 4 0.85 4.98 36.40
C VAL C 4 -0.65 5.28 36.35
N ALA C 5 -1.29 5.43 37.51
CA ALA C 5 -2.69 5.82 37.60
C ALA C 5 -2.93 6.88 38.69
N MET C 6 -3.80 7.84 38.37
CA MET C 6 -4.08 8.95 39.26
C MET C 6 -5.57 9.08 39.52
N ARG C 7 -5.95 9.14 40.80
CA ARG C 7 -7.34 9.37 41.19
C ARG C 7 -7.50 10.76 41.75
N LEU C 8 -8.24 11.62 41.04
CA LEU C 8 -8.41 13.02 41.42
C LEU C 8 -9.88 13.31 41.71
N SER C 9 -10.18 14.50 42.21
CA SER C 9 -11.57 14.88 42.48
C SER C 9 -12.43 14.90 41.20
N SER C 10 -11.83 15.30 40.08
CA SER C 10 -12.56 15.45 38.83
C SER C 10 -12.54 14.22 37.93
N GLY C 11 -11.72 13.23 38.28
CA GLY C 11 -11.60 12.04 37.45
C GLY C 11 -10.32 11.27 37.66
N LEU C 12 -10.05 10.37 36.72
CA LEU C 12 -8.85 9.54 36.77
C LEU C 12 -8.04 9.70 35.51
N ALA C 13 -6.72 9.64 35.65
CA ALA C 13 -5.82 9.62 34.51
C ALA C 13 -4.95 8.36 34.53
N PHE C 14 -4.81 7.72 33.38
CA PHE C 14 -4.00 6.50 33.24
C PHE C 14 -2.97 6.69 32.13
N ALA C 15 -1.77 6.16 32.35
CA ALA C 15 -0.72 6.10 31.33
C ALA C 15 0.07 4.83 31.50
N SER C 16 0.30 4.15 30.39
CA SER C 16 1.11 2.94 30.36
C SER C 16 2.09 2.88 29.17
N ASP C 17 3.28 2.35 29.36
CA ASP C 17 4.13 2.08 28.20
C ASP C 17 3.75 0.72 27.60
N SER C 18 4.58 0.21 26.70
CA SER C 18 4.27 -1.07 26.07
C SER C 18 5.48 -1.97 25.93
N ARG C 19 6.65 -1.48 26.33
CA ARG C 19 7.84 -2.30 26.15
C ARG C 19 7.81 -3.41 27.14
N THR C 20 7.90 -4.63 26.63
CA THR C 20 7.70 -5.85 27.40
C THR C 20 8.85 -6.83 27.25
N ASN C 21 9.23 -7.45 28.36
CA ASN C 21 10.26 -8.47 28.33
C ASN C 21 9.63 -9.87 28.30
N ALA C 22 9.63 -10.47 27.11
CA ALA C 22 9.00 -11.76 26.88
C ALA C 22 9.96 -12.95 27.03
N GLY C 23 11.25 -12.69 26.91
CA GLY C 23 12.24 -13.76 26.98
C GLY C 23 13.63 -13.20 27.14
N VAL C 24 14.62 -14.09 27.12
CA VAL C 24 16.02 -13.68 27.21
C VAL C 24 16.41 -12.67 26.10
N ASP C 25 15.88 -12.91 24.89
CA ASP C 25 16.17 -12.09 23.72
C ASP C 25 14.89 -11.62 23.01
N HIS C 26 13.79 -11.57 23.77
CA HIS C 26 12.48 -11.26 23.21
C HIS C 26 11.89 -9.98 23.82
N ILE C 27 12.35 -8.81 23.38
CA ILE C 27 11.78 -7.54 23.88
C ILE C 27 10.84 -6.90 22.84
N SER C 28 9.55 -6.90 23.16
CA SER C 28 8.47 -6.58 22.21
C SER C 28 7.40 -5.64 22.78
N THR C 29 6.39 -5.35 21.95
CA THR C 29 5.32 -4.43 22.30
C THR C 29 4.02 -5.16 22.70
N PHE C 30 3.54 -4.89 23.91
CA PHE C 30 2.28 -5.46 24.37
C PHE C 30 1.48 -4.38 25.07
N ARG C 31 0.17 -4.39 24.84
CA ARG C 31 -0.75 -3.41 25.40
C ARG C 31 -0.78 -3.65 26.91
N LYS C 32 -0.67 -2.59 27.71
CA LYS C 32 -0.63 -2.73 29.16
C LYS C 32 -1.78 -1.96 29.81
N LEU C 33 -2.80 -1.67 29.02
CA LEU C 33 -3.97 -0.95 29.50
C LEU C 33 -5.20 -1.55 28.85
N HIS C 34 -6.04 -2.20 29.64
CA HIS C 34 -7.22 -2.86 29.09
C HIS C 34 -8.48 -2.34 29.74
N LEU C 35 -9.58 -2.40 28.99
CA LEU C 35 -10.82 -1.75 29.38
C LEU C 35 -11.96 -2.74 29.57
N PHE C 36 -12.76 -2.50 30.60
CA PHE C 36 -14.01 -3.22 30.80
C PHE C 36 -15.12 -2.21 30.91
N GLN C 37 -15.95 -2.15 29.88
CA GLN C 37 -16.83 -1.02 29.69
C GLN C 37 -18.30 -1.42 29.55
N GLN C 38 -19.15 -0.74 30.32
CA GLN C 38 -20.59 -0.77 30.11
C GLN C 38 -21.06 0.68 30.07
N PRO C 39 -21.24 1.24 28.85
CA PRO C 39 -21.55 2.66 28.64
C PRO C 39 -22.76 3.09 29.45
N GLY C 40 -22.61 4.15 30.23
CA GLY C 40 -23.67 4.62 31.08
C GLY C 40 -23.78 3.87 32.39
N GLU C 41 -22.94 2.86 32.60
CA GLU C 41 -23.03 2.10 33.84
C GLU C 41 -21.68 1.87 34.53
N ARG C 42 -20.63 1.54 33.78
CA ARG C 42 -19.32 1.33 34.39
C ARG C 42 -18.15 1.48 33.43
N THR C 43 -17.03 1.97 33.95
CA THR C 43 -15.79 2.08 33.19
C THR C 43 -14.64 1.60 34.08
N LEU C 44 -14.03 0.48 33.71
CA LEU C 44 -12.93 -0.11 34.48
C LEU C 44 -11.64 -0.24 33.67
N VAL C 45 -10.53 0.23 34.24
CA VAL C 45 -9.24 0.14 33.59
C VAL C 45 -8.30 -0.77 34.36
N VAL C 46 -7.69 -1.71 33.65
CA VAL C 46 -6.72 -2.60 34.24
C VAL C 46 -5.36 -2.34 33.60
N GLN C 47 -4.35 -2.11 34.43
CA GLN C 47 -2.99 -1.90 33.95
C GLN C 47 -2.04 -3.02 34.41
N SER C 48 -1.10 -3.43 33.57
CA SER C 48 -0.29 -4.61 33.84
C SER C 48 1.20 -4.36 34.06
N ALA C 49 1.76 -5.05 35.04
CA ALA C 49 3.22 -5.09 35.17
C ALA C 49 3.63 -6.45 35.68
N GLY C 50 4.88 -6.81 35.42
CA GLY C 50 5.41 -8.09 35.84
C GLY C 50 5.33 -9.09 34.72
N ASN C 51 5.30 -10.36 35.12
CA ASN C 51 5.30 -11.46 34.17
C ASN C 51 4.16 -11.40 33.16
N LEU C 52 4.52 -11.30 31.89
CA LEU C 52 3.56 -11.16 30.82
C LEU C 52 2.61 -12.37 30.71
N ALA C 53 3.14 -13.58 30.88
CA ALA C 53 2.29 -14.77 30.81
C ALA C 53 1.19 -14.70 31.88
N THR C 54 1.55 -14.23 33.05
CA THR C 54 0.59 -14.14 34.14
C THR C 54 -0.54 -13.12 33.90
N THR C 55 -0.17 -11.87 33.57
CA THR C 55 -1.13 -10.78 33.34
C THR C 55 -1.99 -11.00 32.10
N GLN C 56 -1.42 -11.57 31.04
CA GLN C 56 -2.24 -11.88 29.86
C GLN C 56 -3.31 -12.91 30.19
N SER C 57 -2.96 -13.88 31.04
CA SER C 57 -3.91 -14.88 31.48
C SER C 57 -4.97 -14.26 32.38
N ILE C 58 -4.57 -13.38 33.29
CA ILE C 58 -5.55 -12.74 34.16
C ILE C 58 -6.56 -11.93 33.34
N VAL C 59 -6.08 -11.11 32.40
CA VAL C 59 -6.99 -10.32 31.55
C VAL C 59 -7.89 -11.21 30.69
N SER C 60 -7.32 -12.27 30.10
CA SER C 60 -8.10 -13.18 29.24
C SER C 60 -9.22 -13.90 29.99
N LEU C 61 -8.90 -14.37 31.20
CA LEU C 61 -9.89 -15.06 32.00
C LEU C 61 -11.00 -14.10 32.40
N LEU C 62 -10.61 -12.87 32.75
CA LEU C 62 -11.60 -11.88 33.16
C LEU C 62 -12.49 -11.54 31.99
N GLN C 63 -11.88 -11.38 30.82
CA GLN C 63 -12.63 -11.04 29.62
C GLN C 63 -13.58 -12.16 29.29
N ARG C 64 -13.11 -13.40 29.40
CA ARG C 64 -13.96 -14.55 29.09
C ARG C 64 -15.09 -14.71 30.09
N ARG C 65 -14.83 -14.46 31.37
CA ARG C 65 -15.86 -14.65 32.36
C ARG C 65 -16.92 -13.55 32.32
N CYS C 66 -16.58 -12.45 31.66
CA CYS C 66 -17.54 -11.36 31.42
C CYS C 66 -18.68 -11.81 30.51
N LEU C 67 -18.45 -12.89 29.78
CA LEU C 67 -19.46 -13.46 28.89
C LEU C 67 -20.37 -14.49 29.58
N ASP C 68 -20.07 -14.80 30.83
CA ASP C 68 -20.88 -15.77 31.58
C ASP C 68 -21.63 -15.06 32.73
N PRO C 69 -22.96 -14.89 32.59
CA PRO C 69 -23.75 -14.14 33.56
C PRO C 69 -24.02 -14.90 34.86
N GLU C 70 -23.71 -16.18 34.86
CA GLU C 70 -23.93 -17.04 36.03
C GLU C 70 -22.69 -17.07 36.91
N GLN C 71 -21.69 -16.26 36.55
CA GLN C 71 -20.45 -16.21 37.31
C GLN C 71 -20.13 -14.78 37.75
N THR C 72 -19.49 -14.63 38.90
CA THR C 72 -19.09 -13.29 39.33
C THR C 72 -18.03 -12.78 38.36
N ASN C 73 -18.28 -11.59 37.81
CA ASN C 73 -17.35 -11.02 36.84
C ASN C 73 -17.36 -9.49 36.88
N LEU C 74 -16.50 -8.87 36.08
CA LEU C 74 -16.33 -7.41 36.15
C LEU C 74 -17.56 -6.67 35.63
N MET C 75 -18.51 -7.38 35.02
CA MET C 75 -19.75 -6.74 34.57
C MET C 75 -20.87 -6.79 35.60
N ASN C 76 -20.81 -7.74 36.53
CA ASN C 76 -21.87 -7.83 37.52
C ASN C 76 -21.40 -7.62 38.96
N VAL C 77 -20.14 -7.24 39.16
CA VAL C 77 -19.73 -6.88 40.51
C VAL C 77 -20.44 -5.57 40.85
N ALA C 78 -20.88 -5.45 42.08
CA ALA C 78 -21.66 -4.30 42.51
C ALA C 78 -20.82 -3.03 42.70
N SER C 79 -19.58 -3.21 43.12
CA SER C 79 -18.68 -2.09 43.34
C SER C 79 -17.21 -2.31 42.93
N MET C 80 -16.46 -1.22 42.92
CA MET C 80 -15.03 -1.30 42.63
C MET C 80 -14.31 -2.13 43.70
N TYR C 81 -14.83 -2.14 44.92
CA TYR C 81 -14.18 -3.00 45.91
C TYR C 81 -14.31 -4.48 45.53
N GLU C 82 -15.47 -4.86 45.02
CA GLU C 82 -15.68 -6.24 44.61
C GLU C 82 -14.87 -6.58 43.37
N ALA C 83 -14.67 -5.60 42.50
CA ALA C 83 -13.79 -5.82 41.35
C ALA C 83 -12.38 -6.16 41.85
N ALA C 84 -11.92 -5.42 42.85
CA ALA C 84 -10.59 -5.63 43.43
C ALA C 84 -10.48 -7.02 44.09
N THR C 85 -11.52 -7.43 44.80
CA THR C 85 -11.55 -8.76 45.40
C THR C 85 -11.44 -9.82 44.31
N LEU C 86 -12.19 -9.60 43.24
CA LEU C 86 -12.21 -10.51 42.10
C LEU C 86 -10.87 -10.55 41.37
N LEU C 87 -10.26 -9.38 41.17
CA LEU C 87 -8.95 -9.30 40.52
C LEU C 87 -7.92 -10.11 41.31
N GLY C 88 -7.93 -9.91 42.63
CA GLY C 88 -7.04 -10.60 43.55
C GLY C 88 -7.19 -12.11 43.54
N GLU C 89 -8.43 -12.58 43.48
CA GLU C 89 -8.69 -14.03 43.41
C GLU C 89 -8.12 -14.59 42.11
N THR C 90 -8.28 -13.84 41.03
CA THR C 90 -7.81 -14.29 39.70
C THR C 90 -6.29 -14.31 39.66
N VAL C 91 -5.68 -13.33 40.32
CA VAL C 91 -4.22 -13.31 40.45
C VAL C 91 -3.73 -14.60 41.13
N ARG C 92 -4.35 -14.98 42.25
CA ARG C 92 -3.97 -16.21 42.93
C ARG C 92 -4.26 -17.42 42.03
N GLU C 93 -5.38 -17.40 41.32
CA GLU C 93 -5.75 -18.50 40.43
C GLU C 93 -4.68 -18.72 39.35
N VAL C 94 -4.28 -17.65 38.66
CA VAL C 94 -3.29 -17.80 37.60
C VAL C 94 -1.89 -18.14 38.10
N ILE C 95 -1.44 -17.46 39.16
CA ILE C 95 -0.12 -17.75 39.69
C ILE C 95 0.00 -19.20 40.23
N ASN C 96 -1.01 -19.64 40.96
CA ASN C 96 -0.98 -21.00 41.49
C ASN C 96 -1.04 -22.04 40.38
N ARG C 97 -1.75 -21.76 39.29
CA ARG C 97 -1.80 -22.71 38.16
C ARG C 97 -0.41 -22.82 37.53
N ASP C 98 0.19 -21.67 37.21
CA ASP C 98 1.51 -21.62 36.56
C ASP C 98 2.69 -22.10 37.43
N SER C 99 2.52 -22.08 38.75
CA SER C 99 3.60 -22.50 39.68
C SER C 99 3.73 -24.00 39.96
N GLY C 100 4.92 -24.39 40.42
CA GLY C 100 5.20 -25.77 40.80
C GLY C 100 5.99 -25.88 42.09
N GLY C 107 8.90 -18.79 45.28
CA GLY C 107 9.27 -18.32 43.96
C GLY C 107 8.53 -17.05 43.55
N THR C 108 9.22 -16.18 42.83
CA THR C 108 8.67 -14.89 42.39
C THR C 108 8.57 -14.75 40.87
N ASP C 109 8.91 -15.83 40.17
CA ASP C 109 9.00 -15.82 38.69
C ASP C 109 7.68 -15.49 38.00
N PHE C 110 6.56 -15.92 38.57
CA PHE C 110 5.27 -15.73 37.92
C PHE C 110 4.49 -14.54 38.48
N ASN C 111 5.15 -13.68 39.27
CA ASN C 111 4.49 -12.56 39.94
C ASN C 111 4.13 -11.38 39.05
N CYS C 112 3.03 -10.72 39.43
CA CYS C 112 2.57 -9.52 38.75
C CYS C 112 2.01 -8.46 39.69
N ASN C 113 1.94 -7.23 39.23
CA ASN C 113 1.21 -6.18 39.94
C ASN C 113 0.21 -5.60 38.96
N LEU C 114 -0.97 -5.24 39.46
CA LEU C 114 -1.98 -4.67 38.59
C LEU C 114 -2.48 -3.38 39.22
N LEU C 115 -2.91 -2.46 38.37
CA LEU C 115 -3.65 -1.31 38.86
C LEU C 115 -5.04 -1.44 38.30
N LEU C 116 -6.00 -1.14 39.16
CA LEU C 116 -7.39 -1.22 38.79
C LEU C 116 -8.04 0.08 39.18
N GLY C 117 -8.62 0.77 38.19
CA GLY C 117 -9.23 2.07 38.42
C GLY C 117 -10.49 2.26 37.61
N GLY C 118 -11.35 3.15 38.08
CA GLY C 118 -12.56 3.45 37.35
C GLY C 118 -13.75 3.87 38.19
N GLN C 119 -14.94 3.62 37.66
CA GLN C 119 -16.18 4.02 38.32
C GLN C 119 -17.29 3.06 37.91
N ILE C 120 -18.07 2.65 38.90
CA ILE C 120 -19.31 1.93 38.65
C ILE C 120 -20.48 2.80 39.07
N LYS C 121 -21.47 2.96 38.19
CA LYS C 121 -22.56 3.87 38.49
C LYS C 121 -23.13 3.49 39.84
N GLY C 122 -23.31 4.51 40.67
CA GLY C 122 -23.72 4.30 42.04
C GLY C 122 -22.54 4.52 42.96
N GLU C 123 -21.37 4.81 42.38
CA GLU C 123 -20.14 5.03 43.14
C GLU C 123 -19.31 6.22 42.68
N GLY C 124 -18.38 6.62 43.54
CA GLY C 124 -17.41 7.63 43.18
C GLY C 124 -16.25 6.93 42.49
N LEU C 125 -15.18 7.68 42.23
CA LEU C 125 -13.97 7.15 41.61
C LEU C 125 -13.20 6.24 42.55
N ARG C 126 -12.76 5.09 42.05
CA ARG C 126 -11.91 4.23 42.88
C ARG C 126 -10.75 3.60 42.11
N LEU C 127 -9.61 3.55 42.78
CA LEU C 127 -8.36 3.08 42.20
C LEU C 127 -7.65 2.16 43.17
N PHE C 128 -7.27 0.96 42.70
CA PHE C 128 -6.62 -0.03 43.57
C PHE C 128 -5.28 -0.51 43.01
N HIS C 129 -4.40 -0.90 43.91
CA HIS C 129 -3.17 -1.56 43.54
C HIS C 129 -3.21 -3.00 43.99
N ILE C 130 -3.23 -3.92 43.04
CA ILE C 130 -3.27 -5.36 43.39
C ILE C 130 -1.87 -5.98 43.40
N TYR C 131 -1.55 -6.68 44.49
CA TYR C 131 -0.25 -7.33 44.69
C TYR C 131 -0.26 -8.80 44.23
N PRO C 132 0.93 -9.41 44.06
CA PRO C 132 1.02 -10.84 43.71
C PRO C 132 0.29 -11.77 44.69
N GLN C 133 0.21 -11.36 45.95
CA GLN C 133 -0.44 -12.19 46.98
C GLN C 133 -1.97 -12.16 46.84
N GLY C 134 -2.48 -11.22 46.02
CA GLY C 134 -3.90 -11.11 45.78
C GLY C 134 -4.61 -10.07 46.65
N ASN C 135 -3.93 -9.55 47.67
CA ASN C 135 -4.52 -8.48 48.44
C ASN C 135 -4.22 -7.15 47.72
N PHE C 136 -4.74 -6.05 48.23
CA PHE C 136 -4.71 -4.78 47.50
C PHE C 136 -4.84 -3.60 48.41
N ILE C 137 -4.41 -2.43 47.92
CA ILE C 137 -4.63 -1.20 48.64
C ILE C 137 -5.36 -0.18 47.77
N GLU C 138 -5.99 0.80 48.39
CA GLU C 138 -6.82 1.74 47.66
C GLU C 138 -6.29 3.17 47.74
N ALA C 139 -6.33 3.87 46.61
CA ALA C 139 -5.84 5.24 46.60
C ALA C 139 -6.82 6.09 47.38
N THR C 140 -6.24 7.03 48.14
CA THR C 140 -6.98 7.98 48.95
C THR C 140 -6.57 9.37 48.51
N GLN C 141 -7.05 10.39 49.21
CA GLN C 141 -6.67 11.74 48.90
C GLN C 141 -5.23 12.02 49.28
N ASP C 142 -4.72 11.33 50.29
CA ASP C 142 -3.33 11.53 50.72
C ASP C 142 -2.35 10.82 49.79
N THR C 143 -2.74 9.65 49.30
CA THR C 143 -1.93 8.96 48.28
C THR C 143 -2.84 8.70 47.08
N PRO C 144 -2.93 9.71 46.19
CA PRO C 144 -3.89 9.79 45.09
C PRO C 144 -3.39 9.21 43.77
N TYR C 145 -2.24 8.53 43.81
CA TYR C 145 -1.73 7.87 42.60
C TYR C 145 -1.03 6.60 43.01
N PHE C 146 -0.91 5.70 42.04
CA PHE C 146 -0.15 4.45 42.15
C PHE C 146 0.77 4.27 40.95
N GLN C 147 1.93 3.64 41.17
CA GLN C 147 2.82 3.22 40.08
C GLN C 147 3.14 1.75 40.15
N ILE C 148 3.25 1.08 39.01
CA ILE C 148 3.76 -0.30 38.94
C ILE C 148 4.84 -0.37 37.86
N GLY C 149 5.72 -1.39 37.91
CA GLY C 149 6.84 -1.50 36.97
C GLY C 149 8.05 -0.63 37.37
N GLU C 150 8.84 -0.15 36.40
CA GLU C 150 10.02 0.69 36.69
C GLU C 150 9.59 2.14 37.01
N SER C 151 9.40 2.45 38.29
CA SER C 151 8.61 3.63 38.66
C SER C 151 9.38 4.80 39.31
N LYS C 152 10.59 4.54 39.77
CA LYS C 152 11.29 5.53 40.56
C LYS C 152 11.76 6.78 39.79
N TYR C 153 12.13 6.62 38.52
CA TYR C 153 12.63 7.72 37.70
C TYR C 153 11.55 8.76 37.51
N GLY C 154 10.32 8.28 37.46
CA GLY C 154 9.20 9.14 37.13
C GLY C 154 8.41 9.58 38.35
N LYS C 155 8.85 9.17 39.53
CA LYS C 155 8.17 9.50 40.80
C LYS C 155 8.39 10.94 41.26
N PRO C 156 9.62 11.48 41.14
CA PRO C 156 9.83 12.84 41.67
C PRO C 156 8.92 13.94 41.08
N ILE C 157 8.67 13.91 39.78
CA ILE C 157 7.81 14.94 39.19
C ILE C 157 6.34 14.82 39.67
N ILE C 158 5.84 13.61 39.89
CA ILE C 158 4.46 13.46 40.38
C ILE C 158 4.32 14.06 41.78
N ASP C 159 5.28 13.73 42.64
CA ASP C 159 5.31 14.26 43.99
C ASP C 159 5.46 15.79 43.98
N ARG C 160 6.05 16.35 42.93
CA ARG C 160 6.25 17.80 42.88
C ARG C 160 4.99 18.53 42.48
N VAL C 161 4.21 17.96 41.57
CA VAL C 161 3.10 18.72 40.99
C VAL C 161 1.70 18.09 41.14
N LEU C 162 1.58 16.79 41.41
CA LEU C 162 0.24 16.19 41.50
C LEU C 162 -0.32 16.15 42.94
N SER C 163 -1.58 16.57 43.07
CA SER C 163 -2.31 16.46 44.32
C SER C 163 -3.75 16.06 43.98
N TYR C 164 -4.56 15.70 44.98
CA TYR C 164 -5.92 15.24 44.72
C TYR C 164 -6.77 16.23 43.90
N ASP C 165 -6.47 17.51 44.02
CA ASP C 165 -7.27 18.55 43.36
C ASP C 165 -6.71 19.05 42.03
N THR C 166 -5.61 18.45 41.58
CA THR C 166 -5.03 18.81 40.28
C THR C 166 -6.03 18.48 39.17
N PRO C 167 -6.31 19.46 38.30
CA PRO C 167 -7.22 19.16 37.19
C PRO C 167 -6.71 18.06 36.25
N LEU C 168 -7.65 17.37 35.61
CA LEU C 168 -7.35 16.21 34.79
C LEU C 168 -6.26 16.42 33.73
N ASP C 169 -6.32 17.50 32.98
CA ASP C 169 -5.38 17.70 31.89
C ASP C 169 -3.96 17.81 32.41
N GLN C 170 -3.81 18.48 33.55
CA GLN C 170 -2.50 18.65 34.16
C GLN C 170 -1.99 17.35 34.80
N ALA C 171 -2.91 16.52 35.29
CA ALA C 171 -2.52 15.22 35.80
C ALA C 171 -1.92 14.39 34.67
N MET C 172 -2.53 14.44 33.49
CA MET C 172 -2.06 13.73 32.29
C MET C 172 -0.73 14.29 31.73
N GLN C 173 -0.56 15.62 31.76
CA GLN C 173 0.71 16.24 31.39
C GLN C 173 1.80 15.72 32.33
N CYS C 174 1.44 15.64 33.61
CA CYS C 174 2.35 15.13 34.65
C CYS C 174 2.72 13.68 34.36
N ALA C 175 1.74 12.88 33.99
CA ALA C 175 1.98 11.48 33.62
C ALA C 175 2.93 11.37 32.42
N LEU C 176 2.71 12.20 31.41
CA LEU C 176 3.54 12.18 30.21
C LEU C 176 4.97 12.62 30.53
N ILE C 177 5.12 13.63 31.39
CA ILE C 177 6.46 14.06 31.82
C ILE C 177 7.13 12.97 32.65
N SER C 178 6.34 12.32 33.49
CA SER C 178 6.85 11.20 34.25
C SER C 178 7.39 10.13 33.27
N MET C 179 6.64 9.87 32.21
CA MET C 179 7.07 8.93 31.18
C MET C 179 8.35 9.35 30.48
N ASP C 180 8.40 10.62 30.12
CA ASP C 180 9.54 11.18 29.43
C ASP C 180 10.82 10.94 30.21
N SER C 181 10.81 11.28 31.51
CA SER C 181 11.96 11.04 32.37
C SER C 181 12.35 9.56 32.49
N THR C 182 11.35 8.68 32.48
CA THR C 182 11.58 7.24 32.61
C THR C 182 12.19 6.64 31.34
N LEU C 183 11.57 6.98 30.22
CA LEU C 183 12.03 6.59 28.88
C LEU C 183 13.49 6.99 28.66
N ARG C 184 13.84 8.18 29.14
CA ARG C 184 15.19 8.73 28.98
C ARG C 184 16.22 8.02 29.88
N SER C 185 15.75 7.39 30.97
CA SER C 185 16.67 6.88 31.97
C SER C 185 16.74 5.37 32.07
N ASN C 186 15.75 4.67 31.51
CA ASN C 186 15.73 3.23 31.60
C ASN C 186 15.16 2.61 30.33
N LEU C 187 15.96 1.77 29.71
CA LEU C 187 15.63 1.25 28.39
C LEU C 187 14.64 0.09 28.43
N SER C 188 14.23 -0.34 29.63
CA SER C 188 13.22 -1.40 29.72
C SER C 188 11.80 -0.83 29.55
N VAL C 189 11.70 0.50 29.58
CA VAL C 189 10.45 1.23 29.36
C VAL C 189 10.52 1.85 27.97
N GLY C 190 9.43 1.73 27.21
CA GLY C 190 9.45 2.19 25.83
C GLY C 190 8.13 2.48 25.13
N LEU C 191 8.21 3.36 24.14
CA LEU C 191 7.06 3.70 23.32
C LEU C 191 6.67 2.51 22.42
N PRO C 192 5.40 2.46 21.95
CA PRO C 192 4.29 3.42 22.16
C PRO C 192 3.70 3.42 23.56
N LEU C 193 2.92 4.46 23.85
CA LEU C 193 2.18 4.60 25.09
C LEU C 193 0.70 4.36 24.85
N ASP C 194 0.00 3.92 25.89
CA ASP C 194 -1.44 3.89 25.87
C ASP C 194 -1.93 4.69 27.06
N VAL C 195 -2.71 5.74 26.80
CA VAL C 195 -3.20 6.59 27.88
C VAL C 195 -4.70 6.79 27.80
N MET C 196 -5.26 7.23 28.91
CA MET C 196 -6.68 7.52 28.98
C MET C 196 -6.99 8.56 30.06
N ILE C 197 -7.94 9.45 29.75
CA ILE C 197 -8.52 10.37 30.71
C ILE C 197 -9.97 9.97 31.02
N TYR C 198 -10.30 9.75 32.30
CA TYR C 198 -11.70 9.44 32.66
C TYR C 198 -12.32 10.54 33.51
N PRO C 199 -13.20 11.36 32.92
CA PRO C 199 -13.92 12.37 33.69
C PRO C 199 -15.02 11.75 34.57
N LEU C 200 -15.17 12.27 35.78
CA LEU C 200 -16.17 11.79 36.74
C LEU C 200 -17.56 11.70 36.13
N ASP C 201 -18.21 10.56 36.35
CA ASP C 201 -19.60 10.29 35.94
C ASP C 201 -19.84 10.27 34.43
N SER C 202 -18.76 10.24 33.65
CA SER C 202 -18.92 10.22 32.20
C SER C 202 -19.18 8.81 31.70
N PHE C 203 -18.58 7.81 32.35
CA PHE C 203 -18.65 6.41 31.93
C PHE C 203 -18.29 6.33 30.45
N SER C 204 -17.29 7.12 30.06
CA SER C 204 -16.87 7.25 28.68
C SER C 204 -15.44 6.77 28.44
N THR C 205 -15.22 6.16 27.28
CA THR C 205 -13.89 5.73 26.86
C THR C 205 -13.37 6.55 25.67
N GLU C 206 -13.93 7.72 25.42
CA GLU C 206 -13.57 8.51 24.24
C GLU C 206 -12.15 9.06 24.30
N GLN C 207 -11.67 9.37 25.49
CA GLN C 207 -10.33 9.91 25.65
C GLN C 207 -9.30 8.78 25.87
N GLN C 208 -9.27 7.85 24.91
CA GLN C 208 -8.29 6.76 24.83
C GLN C 208 -7.32 7.03 23.72
N TYR C 209 -6.03 6.93 23.99
CA TYR C 209 -5.07 7.32 22.97
C TYR C 209 -3.83 6.44 22.94
N ARG C 210 -3.36 6.11 21.74
CA ARG C 210 -2.06 5.49 21.62
C ARG C 210 -1.06 6.56 21.20
N ILE C 211 -0.02 6.73 22.03
CA ILE C 211 0.98 7.73 21.79
C ILE C 211 2.25 7.09 21.23
N THR C 212 2.52 7.33 19.94
CA THR C 212 3.75 6.84 19.29
C THR C 212 4.82 7.94 19.22
N GLU C 213 5.99 7.58 18.73
CA GLU C 213 7.08 8.53 18.56
C GLU C 213 6.75 9.67 17.61
N ASP C 214 5.79 9.44 16.73
CA ASP C 214 5.42 10.41 15.72
C ASP C 214 4.34 11.36 16.24
N HIS C 215 3.84 11.09 17.44
CA HIS C 215 2.81 11.90 18.03
C HIS C 215 3.24 13.35 18.26
N PRO C 216 2.59 14.30 17.57
CA PRO C 216 3.01 15.71 17.62
C PRO C 216 3.01 16.31 19.02
N TYR C 217 1.97 16.11 19.83
CA TYR C 217 1.97 16.74 21.17
C TYR C 217 2.98 16.17 22.16
N PHE C 218 3.16 14.85 22.16
CA PHE C 218 4.11 14.25 23.08
C PHE C 218 5.50 14.77 22.71
N MET C 219 5.77 14.89 21.41
CA MET C 219 7.04 15.46 20.97
C MET C 219 7.26 16.85 21.55
N MET C 220 6.23 17.68 21.48
CA MET C 220 6.31 19.08 21.93
C MET C 220 6.47 19.23 23.45
N ILE C 221 5.73 18.43 24.22
CA ILE C 221 5.82 18.56 25.67
C ILE C 221 7.20 18.07 26.14
N ARG C 222 7.76 17.09 25.45
CA ARG C 222 9.09 16.58 25.80
C ARG C 222 10.15 17.63 25.51
N LYS C 223 10.04 18.24 24.34
CA LYS C 223 10.99 19.25 23.93
C LYS C 223 10.88 20.51 24.79
N GLY C 224 9.64 20.92 25.06
CA GLY C 224 9.39 22.09 25.88
C GLY C 224 9.83 21.92 27.33
N TRP C 225 9.52 20.77 27.90
CA TRP C 225 9.89 20.49 29.26
C TRP C 225 11.40 20.44 29.41
N GLY C 226 12.04 19.75 28.47
CA GLY C 226 13.48 19.59 28.49
C GLY C 226 14.19 20.92 28.38
N GLU C 227 13.74 21.72 27.44
CA GLU C 227 14.29 23.06 27.26
C GLU C 227 14.00 23.96 28.46
N GLY C 228 12.83 23.82 29.07
CA GLY C 228 12.51 24.63 30.24
C GLY C 228 13.49 24.34 31.37
N LEU C 229 13.74 23.05 31.61
CA LEU C 229 14.63 22.63 32.70
C LEU C 229 16.06 23.07 32.49
N VAL C 230 16.55 22.94 31.26
CA VAL C 230 17.90 23.37 30.94
C VAL C 230 18.02 24.88 31.13
N SER C 231 16.94 25.61 30.85
CA SER C 231 16.94 27.05 31.04
C SER C 231 16.94 27.43 32.54
N ILE C 232 16.13 26.73 33.34
CA ILE C 232 16.08 26.98 34.78
C ILE C 232 17.46 26.73 35.40
N PHE C 233 18.07 25.65 34.96
CA PHE C 233 19.35 25.23 35.48
C PHE C 233 20.45 26.28 35.24
N ALA C 234 20.49 26.83 34.03
CA ALA C 234 21.53 27.78 33.62
C ALA C 234 21.46 29.09 34.38
N GLN C 235 20.25 29.47 34.78
CA GLN C 235 20.03 30.72 35.48
C GLN C 235 20.03 30.58 37.00
N LEU C 236 20.35 29.39 37.49
CA LEU C 236 20.43 29.21 38.92
C LEU C 236 21.55 30.09 39.42
N PRO C 237 21.38 30.66 40.61
CA PRO C 237 22.42 31.47 41.24
C PRO C 237 23.73 30.70 41.45
N GLY C 238 24.87 31.37 41.35
CA GLY C 238 26.15 30.69 41.43
C GLY C 238 26.31 29.94 42.73
N LEU C 239 27.04 28.83 42.68
CA LEU C 239 27.23 27.92 43.81
C LEU C 239 27.94 28.61 44.98
N LYS C 240 27.37 28.58 46.18
CA LYS C 240 28.03 29.19 47.32
C LYS C 240 28.07 28.19 48.46
N LEU C 241 29.05 27.28 48.45
CA LEU C 241 29.07 26.25 49.49
C LEU C 241 29.84 26.62 50.77
N GLY C 242 30.52 27.78 50.77
CA GLY C 242 31.32 28.20 51.90
C GLY C 242 30.54 29.05 52.88
N THR D 1 20.57 6.34 52.18
CA THR D 1 21.79 6.02 51.45
C THR D 1 21.69 6.31 49.94
N TYR D 2 22.36 7.37 49.52
CA TYR D 2 22.49 7.70 48.11
C TYR D 2 23.80 8.43 47.92
N CYS D 3 24.67 7.89 47.06
CA CYS D 3 25.91 8.57 46.74
C CYS D 3 26.08 8.70 45.25
N VAL D 4 26.64 9.82 44.84
CA VAL D 4 26.93 10.05 43.44
C VAL D 4 28.35 10.61 43.35
N ALA D 5 29.06 10.26 42.28
CA ALA D 5 30.37 10.84 42.02
C ALA D 5 30.46 11.16 40.53
N MET D 6 31.09 12.28 40.18
CA MET D 6 31.19 12.71 38.78
C MET D 6 32.65 12.97 38.42
N ARG D 7 33.10 12.40 37.31
CA ARG D 7 34.43 12.68 36.78
C ARG D 7 34.33 13.58 35.54
N LEU D 8 34.83 14.80 35.65
CA LEU D 8 34.70 15.78 34.60
C LEU D 8 36.09 16.17 34.08
N SER D 9 36.10 16.97 33.02
CA SER D 9 37.35 17.45 32.47
C SER D 9 38.15 18.29 33.44
N SER D 10 37.46 19.10 34.24
CA SER D 10 38.11 20.04 35.15
C SER D 10 38.23 19.53 36.59
N GLY D 11 37.67 18.35 36.87
CA GLY D 11 37.69 17.81 38.22
C GLY D 11 36.64 16.77 38.56
N LEU D 12 36.49 16.50 39.85
CA LEU D 12 35.51 15.54 40.36
C LEU D 12 34.53 16.22 41.32
N ALA D 13 33.28 15.75 41.33
CA ALA D 13 32.30 16.20 42.32
C ALA D 13 31.73 14.98 43.04
N PHE D 14 31.59 15.08 44.36
CA PHE D 14 31.03 14.00 45.17
C PHE D 14 29.89 14.52 46.01
N ALA D 15 28.84 13.70 46.17
CA ALA D 15 27.76 13.99 47.10
C ALA D 15 27.23 12.70 47.72
N SER D 16 27.13 12.68 49.05
CA SER D 16 26.59 11.55 49.79
C SER D 16 25.59 12.04 50.83
N ASP D 17 24.50 11.29 51.00
CA ASP D 17 23.58 11.58 52.10
C ASP D 17 24.18 10.89 53.33
N SER D 18 23.44 10.80 54.42
CA SER D 18 23.97 10.17 55.64
C SER D 18 22.93 9.27 56.33
N ARG D 19 21.72 9.19 55.78
CA ARG D 19 20.71 8.42 56.46
C ARG D 19 20.99 6.91 56.25
N THR D 20 21.06 6.18 57.36
CA THR D 20 21.50 4.80 57.33
C THR D 20 20.61 3.80 58.04
N ASN D 21 20.43 2.64 57.43
CA ASN D 21 19.67 1.59 58.05
C ASN D 21 20.64 0.58 58.71
N ALA D 22 20.77 0.65 60.04
CA ALA D 22 21.69 -0.21 60.82
C ALA D 22 21.00 -1.47 61.36
N GLY D 23 19.70 -1.34 61.57
CA GLY D 23 18.78 -2.38 62.00
C GLY D 23 17.46 -1.68 61.71
N VAL D 24 16.33 -2.39 61.70
CA VAL D 24 15.06 -1.74 61.34
C VAL D 24 14.63 -0.59 62.25
N ASP D 25 14.68 -0.79 63.57
CA ASP D 25 14.33 0.28 64.49
C ASP D 25 15.60 1.09 64.78
N HIS D 26 16.60 0.93 63.92
CA HIS D 26 17.86 1.64 64.10
C HIS D 26 18.29 2.37 62.84
N ILE D 27 17.54 3.40 62.46
CA ILE D 27 17.88 4.26 61.32
C ILE D 27 18.47 5.54 61.83
N SER D 28 19.74 5.81 61.54
CA SER D 28 20.44 6.99 62.06
C SER D 28 21.37 7.59 61.00
N THR D 29 22.15 8.58 61.40
CA THR D 29 23.06 9.32 60.51
C THR D 29 24.49 8.78 60.58
N PHE D 30 25.02 8.41 59.42
CA PHE D 30 26.40 7.97 59.29
C PHE D 30 27.02 8.57 58.04
N ARG D 31 28.27 9.01 58.18
CA ARG D 31 28.98 9.62 57.08
C ARG D 31 29.35 8.55 56.06
N LYS D 32 29.12 8.90 54.79
CA LYS D 32 29.29 8.03 53.63
C LYS D 32 30.31 8.62 52.61
N LEU D 33 31.17 9.49 53.12
CA LEU D 33 32.25 10.05 52.32
C LEU D 33 33.49 10.12 53.21
N HIS D 34 34.50 9.33 52.89
CA HIS D 34 35.71 9.31 53.70
C HIS D 34 36.92 9.67 52.84
N LEU D 35 37.92 10.28 53.47
CA LEU D 35 39.05 10.87 52.73
C LEU D 35 40.37 10.25 53.09
N PHE D 36 41.18 10.02 52.05
CA PHE D 36 42.56 9.59 52.21
C PHE D 36 43.42 10.60 51.47
N GLN D 37 44.13 11.41 52.24
CA GLN D 37 44.76 12.63 51.74
C GLN D 37 46.26 12.68 52.00
N GLN D 38 47.01 12.97 50.94
CA GLN D 38 48.42 13.30 51.07
C GLN D 38 48.61 14.63 50.36
N PRO D 39 48.72 15.71 51.15
CA PRO D 39 48.80 17.08 50.58
C PRO D 39 49.90 17.17 49.53
N GLY D 40 49.55 17.62 48.32
CA GLY D 40 50.50 17.73 47.23
C GLY D 40 50.81 16.45 46.44
N GLU D 41 50.26 15.31 46.86
CA GLU D 41 50.60 14.04 46.23
C GLU D 41 49.39 13.18 45.82
N ARG D 42 48.37 13.11 46.66
CA ARG D 42 47.16 12.34 46.30
C ARG D 42 45.93 12.77 47.07
N THR D 43 44.78 12.66 46.41
CA THR D 43 43.49 12.90 47.06
C THR D 43 42.53 11.80 46.63
N LEU D 44 42.16 10.90 47.55
CA LEU D 44 41.29 9.77 47.23
C LEU D 44 39.99 9.80 48.07
N VAL D 45 38.84 9.60 47.42
CA VAL D 45 37.52 9.63 48.10
C VAL D 45 36.76 8.32 48.07
N VAL D 46 36.31 7.86 49.23
CA VAL D 46 35.53 6.63 49.27
C VAL D 46 34.09 6.90 49.74
N GLN D 47 33.13 6.47 48.94
CA GLN D 47 31.71 6.59 49.30
C GLN D 47 31.18 5.17 49.54
N SER D 48 30.27 5.06 50.49
CA SER D 48 29.77 3.79 51.01
C SER D 48 28.27 3.64 50.73
N ALA D 49 27.85 2.41 50.43
CA ALA D 49 26.43 2.05 50.41
C ALA D 49 26.28 0.57 50.79
N GLY D 50 25.10 0.19 51.29
CA GLY D 50 24.88 -1.19 51.67
C GLY D 50 25.14 -1.42 53.13
N ASN D 51 25.47 -2.66 53.48
CA ASN D 51 25.62 -3.05 54.88
C ASN D 51 26.62 -2.17 55.62
N LEU D 52 26.14 -1.49 56.64
CA LEU D 52 26.98 -0.56 57.41
C LEU D 52 28.15 -1.26 58.12
N ALA D 53 27.89 -2.44 58.67
CA ALA D 53 28.96 -3.19 59.33
C ALA D 53 30.11 -3.49 58.35
N THR D 54 29.75 -3.89 57.12
CA THR D 54 30.70 -4.22 56.09
C THR D 54 31.50 -2.97 55.64
N THR D 55 30.81 -1.88 55.29
CA THR D 55 31.55 -0.69 54.80
C THR D 55 32.44 -0.04 55.85
N GLN D 56 31.97 -0.04 57.11
CA GLN D 56 32.76 0.55 58.19
C GLN D 56 34.04 -0.24 58.41
N SER D 57 33.93 -1.56 58.34
CA SER D 57 35.10 -2.40 58.50
C SER D 57 36.08 -2.27 57.36
N ILE D 58 35.57 -2.20 56.13
CA ILE D 58 36.45 -2.00 54.99
C ILE D 58 37.27 -0.72 55.15
N VAL D 59 36.57 0.39 55.44
CA VAL D 59 37.18 1.70 55.61
C VAL D 59 38.16 1.75 56.76
N SER D 60 37.82 1.09 57.86
CA SER D 60 38.70 1.04 59.02
C SER D 60 39.99 0.28 58.68
N LEU D 61 39.85 -0.82 57.94
CA LEU D 61 40.97 -1.64 57.57
C LEU D 61 41.89 -0.83 56.68
N LEU D 62 41.28 -0.09 55.77
CA LEU D 62 42.05 0.74 54.86
C LEU D 62 42.76 1.82 55.65
N GLN D 63 42.06 2.39 56.61
CA GLN D 63 42.60 3.43 57.48
C GLN D 63 43.68 2.90 58.42
N ARG D 64 43.47 1.73 59.00
CA ARG D 64 44.49 1.18 59.90
C ARG D 64 45.78 0.85 59.11
N ARG D 65 45.61 0.32 57.90
CA ARG D 65 46.73 -0.09 57.06
C ARG D 65 47.48 1.06 56.39
N CYS D 66 46.86 2.22 56.30
CA CYS D 66 47.57 3.40 55.80
C CYS D 66 48.71 3.78 56.74
N LEU D 67 48.63 3.32 57.98
CA LEU D 67 49.63 3.61 59.00
C LEU D 67 50.81 2.63 58.98
N ASP D 68 50.73 1.59 58.15
CA ASP D 68 51.77 0.56 58.01
C ASP D 68 52.45 0.60 56.64
N PRO D 69 53.71 1.06 56.61
CA PRO D 69 54.40 1.23 55.33
C PRO D 69 54.86 -0.09 54.69
N GLU D 70 54.78 -1.20 55.43
CA GLU D 70 55.27 -2.44 54.88
C GLU D 70 54.23 -3.28 54.13
N GLN D 71 53.00 -2.79 54.07
CA GLN D 71 51.96 -3.47 53.29
C GLN D 71 51.28 -2.49 52.34
N THR D 72 50.68 -3.04 51.30
CA THR D 72 49.94 -2.24 50.33
C THR D 72 48.82 -1.50 51.00
N ASN D 73 48.78 -0.17 50.81
CA ASN D 73 47.72 0.67 51.38
C ASN D 73 47.45 1.84 50.44
N LEU D 74 46.42 2.61 50.76
CA LEU D 74 45.98 3.67 49.87
C LEU D 74 46.95 4.83 49.80
N MET D 75 47.93 4.84 50.69
CA MET D 75 48.96 5.88 50.68
C MET D 75 50.15 5.48 49.83
N ASN D 76 50.34 4.18 49.57
CA ASN D 76 51.48 3.79 48.76
C ASN D 76 51.12 3.13 47.43
N VAL D 77 49.84 3.01 47.07
CA VAL D 77 49.53 2.54 45.72
C VAL D 77 49.86 3.59 44.68
N ALA D 78 50.43 3.12 43.56
CA ALA D 78 50.96 3.96 42.48
C ALA D 78 49.93 4.60 41.54
N SER D 79 48.77 3.98 41.35
CA SER D 79 47.74 4.55 40.48
C SER D 79 46.40 4.33 41.11
N MET D 80 45.39 5.03 40.61
CA MET D 80 44.04 4.83 41.11
C MET D 80 43.56 3.42 40.79
N TYR D 81 44.09 2.85 39.71
CA TYR D 81 43.74 1.50 39.36
C TYR D 81 44.20 0.50 40.42
N GLU D 82 45.41 0.70 40.96
CA GLU D 82 45.88 -0.18 42.02
C GLU D 82 45.05 0.09 43.27
N ALA D 83 44.61 1.34 43.42
CA ALA D 83 43.73 1.71 44.50
C ALA D 83 42.42 0.92 44.36
N ALA D 84 41.89 0.84 43.15
CA ALA D 84 40.68 0.05 42.94
C ALA D 84 40.91 -1.44 43.22
N THR D 85 42.06 -1.95 42.79
CA THR D 85 42.39 -3.35 43.02
C THR D 85 42.42 -3.63 44.52
N LEU D 86 43.01 -2.71 45.27
CA LEU D 86 43.12 -2.84 46.72
C LEU D 86 41.76 -2.80 47.40
N LEU D 87 40.88 -1.88 46.98
CA LEU D 87 39.52 -1.81 47.53
C LEU D 87 38.79 -3.10 47.29
N GLY D 88 38.92 -3.61 46.07
CA GLY D 88 38.30 -4.86 45.68
C GLY D 88 38.73 -6.01 46.55
N GLU D 89 40.03 -6.08 46.87
CA GLU D 89 40.55 -7.12 47.74
C GLU D 89 39.95 -7.05 49.13
N THR D 90 39.85 -5.83 49.63
CA THR D 90 39.40 -5.62 50.99
C THR D 90 37.92 -5.93 51.14
N VAL D 91 37.14 -5.66 50.10
CA VAL D 91 35.73 -6.02 50.13
C VAL D 91 35.56 -7.51 50.34
N ARG D 92 36.28 -8.28 49.53
CA ARG D 92 36.19 -9.74 49.60
C ARG D 92 36.68 -10.21 50.98
N GLU D 93 37.74 -9.58 51.48
CA GLU D 93 38.23 -9.93 52.80
C GLU D 93 37.18 -9.71 53.89
N VAL D 94 36.52 -8.55 53.90
CA VAL D 94 35.54 -8.22 54.95
C VAL D 94 34.27 -9.06 54.87
N ILE D 95 33.75 -9.26 53.66
CA ILE D 95 32.54 -10.06 53.48
C ILE D 95 32.73 -11.55 53.82
N ASN D 96 33.87 -12.11 53.41
CA ASN D 96 34.24 -13.49 53.71
C ASN D 96 34.41 -13.73 55.22
N ARG D 97 34.95 -12.75 55.93
CA ARG D 97 35.10 -12.85 57.39
C ARG D 97 33.76 -12.82 58.15
N ASP D 98 32.92 -11.82 57.84
CA ASP D 98 31.66 -11.60 58.53
C ASP D 98 30.61 -12.69 58.35
N SER D 99 30.67 -13.44 57.24
CA SER D 99 29.73 -14.53 57.02
C SER D 99 30.21 -15.87 57.61
N THR D 108 23.51 -12.27 50.48
CA THR D 108 23.63 -10.86 50.10
C THR D 108 23.44 -9.88 51.28
N ASP D 109 23.30 -10.43 52.48
CA ASP D 109 23.02 -9.68 53.73
C ASP D 109 24.21 -8.74 54.09
N PHE D 110 25.44 -9.19 53.84
CA PHE D 110 26.62 -8.45 54.23
C PHE D 110 27.23 -7.64 53.06
N ASN D 111 26.48 -7.50 51.96
CA ASN D 111 26.98 -6.82 50.75
C ASN D 111 27.08 -5.27 50.82
N CYS D 112 28.05 -4.74 50.09
CA CYS D 112 28.20 -3.31 49.96
C CYS D 112 28.60 -2.88 48.55
N ASN D 113 28.38 -1.60 48.25
CA ASN D 113 28.89 -0.98 47.04
C ASN D 113 29.67 0.28 47.42
N LEU D 114 30.78 0.53 46.71
CA LEU D 114 31.67 1.65 47.00
C LEU D 114 31.94 2.46 45.73
N LEU D 115 32.19 3.75 45.89
CA LEU D 115 32.69 4.61 44.84
C LEU D 115 34.10 5.05 45.24
N LEU D 116 35.04 5.03 44.30
CA LEU D 116 36.41 5.43 44.60
C LEU D 116 36.89 6.44 43.55
N GLY D 117 37.23 7.65 43.98
CA GLY D 117 37.61 8.70 43.06
C GLY D 117 38.69 9.61 43.59
N GLY D 118 39.38 10.30 42.69
CA GLY D 118 40.38 11.26 43.08
C GLY D 118 41.53 11.38 42.09
N GLN D 119 42.70 11.72 42.60
CA GLN D 119 43.88 11.84 41.77
C GLN D 119 45.13 11.49 42.56
N ILE D 120 45.98 10.70 41.93
CA ILE D 120 47.31 10.43 42.44
C ILE D 120 48.26 11.12 41.47
N LYS D 121 49.19 11.92 42.00
CA LYS D 121 50.07 12.73 41.15
C LYS D 121 50.83 11.86 40.17
N GLY D 122 50.85 12.32 38.91
CA GLY D 122 51.45 11.60 37.80
C GLY D 122 50.38 11.04 36.87
N GLU D 123 49.12 11.07 37.28
CA GLU D 123 48.08 10.60 36.40
C GLU D 123 46.87 11.53 36.54
N GLY D 124 45.92 11.42 35.64
CA GLY D 124 44.74 12.27 35.66
C GLY D 124 43.68 11.81 36.65
N LEU D 125 42.48 12.38 36.53
CA LEU D 125 41.37 12.01 37.37
C LEU D 125 40.90 10.62 37.04
N ARG D 126 40.63 9.82 38.07
CA ARG D 126 40.07 8.49 37.91
C ARG D 126 38.95 8.28 38.91
N LEU D 127 37.90 7.60 38.48
CA LEU D 127 36.74 7.31 39.32
C LEU D 127 36.29 5.88 39.05
N PHE D 128 36.12 5.11 40.13
CA PHE D 128 35.73 3.71 40.04
C PHE D 128 34.49 3.35 40.85
N HIS D 129 33.77 2.36 40.36
CA HIS D 129 32.68 1.71 41.08
C HIS D 129 33.07 0.26 41.43
N ILE D 130 33.16 -0.03 42.73
CA ILE D 130 33.47 -1.37 43.25
C ILE D 130 32.21 -2.16 43.61
N TYR D 131 32.15 -3.39 43.14
CA TYR D 131 30.98 -4.24 43.35
C TYR D 131 31.17 -5.13 44.56
N PRO D 132 30.08 -5.77 45.04
CA PRO D 132 30.32 -6.67 46.16
C PRO D 132 31.32 -7.77 45.84
N GLN D 133 31.37 -8.20 44.58
CA GLN D 133 32.24 -9.32 44.19
C GLN D 133 33.71 -8.91 44.15
N GLY D 134 33.96 -7.62 44.23
CA GLY D 134 35.32 -7.16 44.35
C GLY D 134 35.90 -6.73 43.05
N ASN D 135 35.18 -6.98 41.97
CA ASN D 135 35.57 -6.43 40.71
C ASN D 135 34.96 -5.01 40.59
N PHE D 136 35.33 -4.26 39.54
CA PHE D 136 34.99 -2.85 39.46
C PHE D 136 34.98 -2.32 38.01
N ILE D 137 34.31 -1.19 37.79
CA ILE D 137 34.38 -0.55 36.49
C ILE D 137 34.87 0.89 36.64
N GLU D 138 35.35 1.50 35.55
CA GLU D 138 35.92 2.84 35.62
C GLU D 138 35.10 3.82 34.80
N ALA D 139 34.94 5.03 35.32
CA ALA D 139 34.21 6.08 34.59
C ALA D 139 35.01 6.63 33.42
N THR D 140 34.30 6.86 32.31
CA THR D 140 34.84 7.39 31.07
C THR D 140 34.09 8.67 30.65
N GLN D 141 34.42 9.20 29.48
CA GLN D 141 33.75 10.41 28.98
C GLN D 141 32.31 10.14 28.58
N ASP D 142 32.04 8.91 28.19
CA ASP D 142 30.72 8.50 27.76
C ASP D 142 29.78 8.21 28.96
N THR D 143 30.33 7.62 30.01
CA THR D 143 29.62 7.39 31.27
C THR D 143 30.45 8.01 32.39
N PRO D 144 30.25 9.32 32.61
CA PRO D 144 31.13 10.14 33.45
C PRO D 144 30.73 10.29 34.90
N TYR D 145 29.74 9.53 35.38
CA TYR D 145 29.32 9.55 36.79
C TYR D 145 28.87 8.13 37.20
N PHE D 146 28.88 7.87 38.50
CA PHE D 146 28.36 6.64 39.10
C PHE D 146 27.43 6.99 40.26
N GLN D 147 26.41 6.17 40.49
CA GLN D 147 25.53 6.31 41.67
C GLN D 147 25.49 5.01 42.48
N ILE D 148 25.42 5.10 43.79
CA ILE D 148 25.16 3.88 44.54
C ILE D 148 24.05 4.14 45.54
N GLY D 149 23.41 3.06 45.98
CA GLY D 149 22.27 3.17 46.86
C GLY D 149 20.99 3.46 46.11
N GLU D 150 20.11 4.22 46.73
CA GLU D 150 18.83 4.56 46.13
C GLU D 150 19.02 5.67 45.10
N SER D 151 19.21 5.28 43.86
CA SER D 151 19.77 6.19 42.85
C SER D 151 18.86 6.64 41.72
N LYS D 152 17.76 5.92 41.51
CA LYS D 152 16.94 6.14 40.34
C LYS D 152 16.17 7.46 40.38
N TYR D 153 15.77 7.88 41.57
CA TYR D 153 15.03 9.12 41.72
C TYR D 153 15.86 10.28 41.22
N GLY D 154 17.15 10.17 41.46
CA GLY D 154 18.04 11.26 41.23
C GLY D 154 18.75 11.15 39.92
N LYS D 155 18.46 10.11 39.14
CA LYS D 155 19.18 9.92 37.87
C LYS D 155 18.74 10.84 36.71
N PRO D 156 17.43 11.05 36.51
CA PRO D 156 16.97 11.90 35.39
C PRO D 156 17.61 13.29 35.28
N ILE D 157 17.80 13.99 36.39
CA ILE D 157 18.40 15.29 36.25
C ILE D 157 19.85 15.17 35.80
N ILE D 158 20.54 14.12 36.22
CA ILE D 158 21.93 13.96 35.84
C ILE D 158 22.02 13.70 34.33
N ASP D 159 21.20 12.78 33.86
CA ASP D 159 21.17 12.48 32.43
C ASP D 159 20.73 13.68 31.60
N ARG D 160 19.94 14.56 32.20
CA ARG D 160 19.42 15.67 31.45
C ARG D 160 20.48 16.79 31.29
N VAL D 161 21.29 17.05 32.30
CA VAL D 161 22.23 18.17 32.24
C VAL D 161 23.70 17.83 32.40
N LEU D 162 24.07 16.63 32.86
CA LEU D 162 25.51 16.38 33.06
C LEU D 162 26.23 15.74 31.86
N SER D 163 27.40 16.28 31.55
CA SER D 163 28.30 15.67 30.57
C SER D 163 29.74 15.84 31.08
N TYR D 164 30.68 15.20 30.39
CA TYR D 164 32.10 15.26 30.74
C TYR D 164 32.63 16.73 30.83
N ASP D 165 32.04 17.66 30.06
CA ASP D 165 32.54 19.04 30.00
C ASP D 165 31.80 20.03 30.90
N THR D 166 30.87 19.53 31.72
CA THR D 166 30.22 20.39 32.69
C THR D 166 31.26 20.92 33.68
N PRO D 167 31.31 22.25 33.90
CA PRO D 167 32.23 22.81 34.90
C PRO D 167 31.88 22.32 36.31
N LEU D 168 32.88 22.26 37.19
CA LEU D 168 32.70 21.67 38.51
C LEU D 168 31.51 22.22 39.28
N ASP D 169 31.34 23.53 39.28
CA ASP D 169 30.27 24.12 40.05
C ASP D 169 28.90 23.70 39.57
N GLN D 170 28.71 23.55 38.25
CA GLN D 170 27.41 23.12 37.74
C GLN D 170 27.18 21.62 38.02
N ALA D 171 28.25 20.85 37.98
CA ALA D 171 28.14 19.44 38.31
C ALA D 171 27.69 19.30 39.77
N MET D 172 28.24 20.14 40.65
CA MET D 172 27.79 20.12 42.05
C MET D 172 26.34 20.60 42.20
N GLN D 173 25.94 21.58 41.40
CA GLN D 173 24.54 22.05 41.41
C GLN D 173 23.61 20.92 40.99
N CYS D 174 24.03 20.18 39.97
CA CYS D 174 23.31 19.02 39.50
C CYS D 174 23.20 17.93 40.58
N ALA D 175 24.29 17.65 41.29
CA ALA D 175 24.28 16.65 42.37
C ALA D 175 23.27 17.01 43.47
N LEU D 176 23.24 18.28 43.86
CA LEU D 176 22.37 18.79 44.93
C LEU D 176 20.88 18.70 44.57
N ILE D 177 20.60 19.00 43.30
CA ILE D 177 19.28 18.86 42.72
C ILE D 177 18.89 17.38 42.66
N SER D 178 19.87 16.53 42.33
CA SER D 178 19.68 15.09 42.36
C SER D 178 19.30 14.62 43.77
N MET D 179 20.02 15.10 44.78
CA MET D 179 19.71 14.80 46.17
C MET D 179 18.32 15.30 46.57
N ASP D 180 18.00 16.51 46.16
CA ASP D 180 16.73 17.15 46.48
C ASP D 180 15.55 16.28 46.04
N SER D 181 15.56 15.84 44.77
CA SER D 181 14.51 14.97 44.24
C SER D 181 14.45 13.62 44.96
N THR D 182 15.61 13.13 45.39
CA THR D 182 15.70 11.85 46.10
C THR D 182 15.13 12.01 47.51
N LEU D 183 15.55 13.08 48.18
CA LEU D 183 15.05 13.41 49.52
C LEU D 183 13.53 13.54 49.54
N ARG D 184 12.96 14.17 48.52
CA ARG D 184 11.52 14.39 48.44
C ARG D 184 10.71 13.12 48.18
N SER D 185 11.34 12.14 47.57
CA SER D 185 10.60 11.01 47.01
C SER D 185 10.82 9.66 47.70
N ASN D 186 11.86 9.56 48.51
CA ASN D 186 12.20 8.33 49.21
C ASN D 186 12.76 8.63 50.58
N LEU D 187 12.10 8.09 51.61
CA LEU D 187 12.46 8.41 52.97
C LEU D 187 13.66 7.64 53.54
N SER D 188 14.27 6.73 52.77
CA SER D 188 15.49 6.06 53.24
C SER D 188 16.73 6.93 53.00
N VAL D 189 16.54 8.03 52.28
CA VAL D 189 17.60 9.01 52.01
C VAL D 189 17.35 10.25 52.86
N GLY D 190 18.39 10.76 53.51
CA GLY D 190 18.21 11.85 54.45
C GLY D 190 19.43 12.69 54.73
N LEU D 191 19.15 13.95 55.08
CA LEU D 191 20.14 14.92 55.49
C LEU D 191 20.71 14.54 56.85
N PRO D 192 21.92 14.99 57.19
CA PRO D 192 22.84 15.86 56.45
C PRO D 192 23.53 15.22 55.23
N LEU D 193 24.11 16.06 54.38
CA LEU D 193 24.87 15.58 53.24
C LEU D 193 26.36 15.79 53.51
N ASP D 194 27.21 15.00 52.87
CA ASP D 194 28.62 15.34 52.89
C ASP D 194 28.98 15.44 51.43
N VAL D 195 29.49 16.61 51.02
CA VAL D 195 29.82 16.83 49.61
C VAL D 195 31.27 17.31 49.45
N MET D 196 31.81 17.14 48.26
CA MET D 196 33.16 17.61 47.99
C MET D 196 33.43 17.95 46.53
N ILE D 197 34.16 19.05 46.33
CA ILE D 197 34.69 19.43 45.02
C ILE D 197 36.21 19.22 44.94
N TYR D 198 36.65 18.45 43.95
CA TYR D 198 38.08 18.28 43.73
C TYR D 198 38.44 18.87 42.40
N PRO D 199 39.05 20.07 42.43
CA PRO D 199 39.54 20.64 41.18
C PRO D 199 40.79 19.92 40.71
N LEU D 200 40.91 19.72 39.40
CA LEU D 200 42.04 19.03 38.79
C LEU D 200 43.39 19.56 39.26
N ASP D 201 44.28 18.64 39.61
CA ASP D 201 45.66 18.92 40.03
C ASP D 201 45.78 19.70 41.32
N SER D 202 44.69 19.87 42.06
CA SER D 202 44.79 20.66 43.29
C SER D 202 45.32 19.86 44.49
N PHE D 203 45.01 18.56 44.56
CA PHE D 203 45.38 17.73 45.71
C PHE D 203 44.98 18.45 46.99
N SER D 204 43.77 18.96 46.95
CA SER D 204 43.18 19.71 48.04
C SER D 204 41.88 19.06 48.55
N THR D 205 41.66 19.09 49.85
CA THR D 205 40.39 18.64 50.41
C THR D 205 39.67 19.84 50.98
N GLU D 206 40.05 21.02 50.52
CA GLU D 206 39.56 22.27 51.12
C GLU D 206 38.06 22.48 50.88
N GLN D 207 37.59 22.09 49.70
CA GLN D 207 36.18 22.26 49.35
C GLN D 207 35.35 21.02 49.70
N GLN D 208 35.44 20.63 50.95
CA GLN D 208 34.65 19.57 51.51
C GLN D 208 33.64 20.20 52.46
N TYR D 209 32.37 19.82 52.35
CA TYR D 209 31.34 20.52 53.13
C TYR D 209 30.28 19.56 53.66
N ARG D 210 29.81 19.86 54.86
CA ARG D 210 28.63 19.20 55.40
C ARG D 210 27.40 20.08 55.19
N ILE D 211 26.41 19.55 54.50
CA ILE D 211 25.20 20.29 54.21
C ILE D 211 24.08 19.83 55.16
N THR D 212 23.68 20.68 56.11
CA THR D 212 22.57 20.38 57.02
C THR D 212 21.26 20.95 56.52
N GLU D 213 20.18 20.65 57.23
CA GLU D 213 18.87 21.24 56.91
C GLU D 213 18.86 22.80 56.95
N ASP D 214 19.79 23.42 57.68
CA ASP D 214 19.83 24.88 57.83
C ASP D 214 20.70 25.61 56.80
N HIS D 215 21.43 24.85 55.98
CA HIS D 215 22.38 25.40 55.03
C HIS D 215 21.72 26.40 54.09
N PRO D 216 22.15 27.68 54.14
CA PRO D 216 21.41 28.68 53.37
C PRO D 216 21.39 28.39 51.87
N TYR D 217 22.52 28.07 51.27
CA TYR D 217 22.53 27.87 49.83
C TYR D 217 21.75 26.62 49.38
N PHE D 218 21.83 25.53 50.13
CA PHE D 218 21.07 24.33 49.79
C PHE D 218 19.58 24.62 49.84
N MET D 219 19.16 25.36 50.85
CA MET D 219 17.76 25.80 50.91
C MET D 219 17.38 26.61 49.68
N MET D 220 18.27 27.52 49.28
CA MET D 220 17.96 28.42 48.17
C MET D 220 17.86 27.70 46.83
N ILE D 221 18.81 26.82 46.56
CA ILE D 221 18.81 26.12 45.27
C ILE D 221 17.62 25.15 45.16
N ARG D 222 17.20 24.55 46.28
CA ARG D 222 16.06 23.64 46.31
C ARG D 222 14.80 24.42 45.99
N LYS D 223 14.67 25.57 46.63
CA LYS D 223 13.51 26.43 46.47
C LYS D 223 13.46 27.04 45.07
N GLY D 224 14.63 27.46 44.61
CA GLY D 224 14.77 28.01 43.27
C GLY D 224 14.46 26.98 42.21
N TRP D 225 14.92 25.74 42.43
CA TRP D 225 14.66 24.66 41.47
C TRP D 225 13.18 24.28 41.47
N GLY D 226 12.59 24.14 42.65
CA GLY D 226 11.19 23.77 42.79
C GLY D 226 10.23 24.78 42.17
N GLU D 227 10.45 26.05 42.48
CA GLU D 227 9.65 27.12 41.90
C GLU D 227 9.85 27.19 40.39
N GLY D 228 11.09 26.97 39.94
CA GLY D 228 11.38 26.97 38.51
C GLY D 228 10.59 25.90 37.79
N LEU D 229 10.52 24.71 38.37
CA LEU D 229 9.79 23.58 37.78
C LEU D 229 8.30 23.87 37.74
N VAL D 230 7.77 24.37 38.85
CA VAL D 230 6.34 24.64 38.92
C VAL D 230 5.91 25.66 37.86
N SER D 231 6.75 26.66 37.60
CA SER D 231 6.45 27.67 36.59
C SER D 231 6.52 27.12 35.16
N ILE D 232 7.54 26.31 34.88
CA ILE D 232 7.68 25.68 33.57
C ILE D 232 6.46 24.80 33.32
N PHE D 233 6.01 24.08 34.35
CA PHE D 233 4.84 23.23 34.25
C PHE D 233 3.58 24.01 33.92
N ALA D 234 3.38 25.11 34.62
CA ALA D 234 2.19 25.94 34.47
C ALA D 234 2.13 26.61 33.09
N GLN D 235 3.28 26.87 32.49
CA GLN D 235 3.30 27.58 31.22
C GLN D 235 3.28 26.68 30.00
N LEU D 236 3.17 25.38 30.25
CA LEU D 236 3.15 24.39 29.18
C LEU D 236 1.92 24.55 28.30
N PRO D 237 2.08 24.30 26.99
CA PRO D 237 0.95 24.37 26.06
C PRO D 237 -0.15 23.42 26.49
N GLY D 238 -1.39 23.79 26.21
CA GLY D 238 -2.54 23.00 26.62
C GLY D 238 -2.54 21.62 25.98
N LEU D 239 -3.08 20.67 26.74
CA LEU D 239 -3.11 19.26 26.36
C LEU D 239 -3.88 19.07 25.07
N LYS D 240 -3.25 18.42 24.11
CA LYS D 240 -3.85 18.10 22.83
C LYS D 240 -3.59 16.65 22.45
N LEU D 241 -4.40 15.75 22.99
CA LEU D 241 -4.22 14.35 22.67
C LEU D 241 -5.08 13.97 21.46
N GLY D 242 -5.89 14.91 20.96
CA GLY D 242 -6.82 14.60 19.88
C GLY D 242 -6.33 14.80 18.46
N THR E 1 3.62 4.59 61.67
CA THR E 1 2.36 4.19 62.28
C THR E 1 2.39 4.22 63.80
N TYR E 2 1.68 5.19 64.38
CA TYR E 2 1.48 5.27 65.82
C TYR E 2 0.11 5.92 66.06
N CYS E 3 -0.76 5.21 66.78
CA CYS E 3 -2.08 5.72 67.17
C CYS E 3 -2.28 5.53 68.66
N VAL E 4 -2.94 6.50 69.28
CA VAL E 4 -3.20 6.44 70.70
C VAL E 4 -4.63 6.90 70.97
N ALA E 5 -5.26 6.30 71.96
CA ALA E 5 -6.60 6.70 72.35
C ALA E 5 -6.70 6.76 73.86
N MET E 6 -7.37 7.79 74.36
CA MET E 6 -7.49 7.99 75.80
C MET E 6 -8.97 8.10 76.14
N ARG E 7 -9.40 7.30 77.11
CA ARG E 7 -10.78 7.34 77.59
C ARG E 7 -10.81 7.98 78.97
N LEU E 8 -11.38 9.17 79.06
CA LEU E 8 -11.37 9.95 80.28
C LEU E 8 -12.79 10.16 80.76
N SER E 9 -12.95 10.71 81.97
CA SER E 9 -14.27 10.98 82.53
C SER E 9 -15.07 12.01 81.71
N SER E 10 -14.43 13.03 81.14
CA SER E 10 -15.18 14.07 80.42
C SER E 10 -15.21 13.79 78.90
N GLY E 11 -14.52 12.75 78.44
CA GLY E 11 -14.52 12.45 77.02
C GLY E 11 -13.40 11.51 76.56
N LEU E 12 -13.22 11.44 75.24
CA LEU E 12 -12.18 10.63 74.62
C LEU E 12 -11.26 11.53 73.83
N ALA E 13 -9.98 11.16 73.80
CA ALA E 13 -8.97 11.84 73.01
C ALA E 13 -8.30 10.84 72.08
N PHE E 14 -8.18 11.19 70.79
CA PHE E 14 -7.56 10.31 69.77
C PHE E 14 -6.46 11.05 69.01
N ALA E 15 -5.38 10.35 68.71
CA ALA E 15 -4.34 10.92 67.83
C ALA E 15 -3.70 9.87 66.95
N SER E 16 -3.62 10.15 65.65
CA SER E 16 -2.96 9.22 64.75
C SER E 16 -1.99 9.92 63.80
N ASP E 17 -0.86 9.27 63.51
CA ASP E 17 0.07 9.74 62.47
C ASP E 17 -0.40 9.26 61.09
N SER E 18 0.41 9.42 60.06
CA SER E 18 -0.04 8.94 58.75
C SER E 18 1.06 8.23 57.93
N ARG E 19 2.28 8.16 58.45
CA ARG E 19 3.34 7.47 57.73
C ARG E 19 3.10 5.98 57.77
N THR E 20 3.04 5.39 56.58
CA THR E 20 2.64 4.00 56.38
C THR E 20 3.59 3.25 55.47
N ASN E 21 3.88 2.00 55.83
CA ASN E 21 4.69 1.18 54.97
C ASN E 21 3.77 0.26 54.15
N ALA E 22 3.61 0.60 52.87
CA ALA E 22 2.75 -0.12 51.94
C ALA E 22 3.53 -1.15 51.11
N GLY E 23 4.83 -0.90 50.98
CA GLY E 23 5.75 -1.75 50.26
C GLY E 23 7.14 -1.27 50.63
N VAL E 24 8.17 -1.96 50.17
CA VAL E 24 9.54 -1.56 50.50
C VAL E 24 9.87 -0.14 50.06
N ASP E 25 9.63 0.16 48.78
CA ASP E 25 9.92 1.47 48.23
C ASP E 25 8.66 2.33 48.25
N HIS E 26 7.66 1.91 49.03
CA HIS E 26 6.41 2.64 49.08
C HIS E 26 5.98 3.04 50.49
N ILE E 27 6.61 4.09 50.99
CA ILE E 27 6.24 4.70 52.24
C ILE E 27 5.46 5.95 51.88
N SER E 28 4.19 6.00 52.29
CA SER E 28 3.25 7.07 51.89
C SER E 28 2.40 7.51 53.06
N THR E 29 1.55 8.48 52.81
CA THR E 29 0.67 9.05 53.80
C THR E 29 -0.68 8.44 53.61
N PHE E 30 -1.18 7.82 54.67
CA PHE E 30 -2.52 7.25 54.69
C PHE E 30 -3.13 7.68 56.03
N ARG E 31 -4.40 8.07 55.98
CA ARG E 31 -5.12 8.47 57.18
C ARG E 31 -5.39 7.21 58.04
N LYS E 32 -5.15 7.29 59.34
CA LYS E 32 -5.28 6.15 60.25
C LYS E 32 -6.30 6.39 61.34
N LEU E 33 -7.24 7.29 61.06
CA LEU E 33 -8.34 7.57 61.95
C LEU E 33 -9.61 7.72 61.10
N HIS E 34 -10.55 6.78 61.30
CA HIS E 34 -11.82 6.75 60.54
C HIS E 34 -13.05 6.81 61.45
N LEU E 35 -14.13 7.38 60.91
CA LEU E 35 -15.33 7.71 61.69
C LEU E 35 -16.60 7.01 61.23
N PHE E 36 -17.42 6.58 62.19
CA PHE E 36 -18.76 6.04 61.88
C PHE E 36 -19.72 6.88 62.70
N GLN E 37 -20.48 7.73 62.02
CA GLN E 37 -21.20 8.83 62.70
C GLN E 37 -22.71 8.82 62.45
N GLN E 38 -23.47 8.89 63.53
CA GLN E 38 -24.91 9.15 63.45
C GLN E 38 -25.25 10.30 64.40
N PRO E 39 -25.47 11.50 63.85
CA PRO E 39 -25.65 12.71 64.66
C PRO E 39 -26.71 12.51 65.72
N GLY E 40 -26.36 12.86 66.94
CA GLY E 40 -27.28 12.75 68.06
C GLY E 40 -27.44 11.35 68.61
N GLU E 41 -26.79 10.37 67.98
CA GLU E 41 -27.03 8.99 68.37
C GLU E 41 -25.78 8.16 68.64
N ARG E 42 -24.76 8.27 67.80
CA ARG E 42 -23.53 7.49 68.00
C ARG E 42 -22.35 8.10 67.26
N THR E 43 -21.18 7.94 67.84
CA THR E 43 -19.93 8.36 67.22
C THR E 43 -18.90 7.29 67.47
N LEU E 44 -18.41 6.65 66.40
CA LEU E 44 -17.42 5.59 66.55
C LEU E 44 -16.11 5.93 65.85
N VAL E 45 -15.00 5.77 66.55
CA VAL E 45 -13.68 6.04 65.99
C VAL E 45 -12.89 4.75 65.91
N VAL E 46 -12.33 4.50 64.73
CA VAL E 46 -11.48 3.34 64.50
C VAL E 46 -10.08 3.77 64.06
N GLN E 47 -9.07 3.27 64.75
CA GLN E 47 -7.69 3.57 64.38
C GLN E 47 -6.98 2.31 63.88
N SER E 48 -6.09 2.50 62.90
CA SER E 48 -5.45 1.40 62.18
C SER E 48 -3.94 1.27 62.39
N ALA E 49 -3.47 0.05 62.59
CA ALA E 49 -2.03 -0.25 62.59
C ALA E 49 -1.83 -1.64 62.01
N GLY E 50 -0.63 -1.90 61.51
CA GLY E 50 -0.30 -3.16 60.88
C GLY E 50 -0.47 -3.06 59.38
N ASN E 51 -0.73 -4.20 58.75
CA ASN E 51 -0.85 -4.32 57.31
C ASN E 51 -1.95 -3.42 56.71
N LEU E 52 -1.56 -2.53 55.78
CA LEU E 52 -2.51 -1.59 55.17
C LEU E 52 -3.63 -2.22 54.32
N ALA E 53 -3.30 -3.23 53.54
CA ALA E 53 -4.27 -3.87 52.70
C ALA E 53 -5.32 -4.45 53.62
N THR E 54 -4.84 -5.02 54.71
CA THR E 54 -5.71 -5.63 55.70
C THR E 54 -6.58 -4.58 56.39
N THR E 55 -5.99 -3.51 56.93
CA THR E 55 -6.79 -2.53 57.67
C THR E 55 -7.79 -1.81 56.75
N GLN E 56 -7.38 -1.50 55.52
CA GLN E 56 -8.29 -0.83 54.59
C GLN E 56 -9.50 -1.69 54.23
N SER E 57 -9.29 -2.99 54.05
CA SER E 57 -10.40 -3.90 53.75
C SER E 57 -11.36 -3.99 54.93
N ILE E 58 -10.82 -4.02 56.14
CA ILE E 58 -11.69 -4.03 57.32
C ILE E 58 -12.57 -2.79 57.36
N VAL E 59 -11.96 -1.60 57.24
CA VAL E 59 -12.72 -0.36 57.27
C VAL E 59 -13.68 -0.28 56.09
N SER E 60 -13.22 -0.66 54.90
CA SER E 60 -14.11 -0.59 53.76
C SER E 60 -15.31 -1.53 53.87
N LEU E 61 -15.11 -2.77 54.35
CA LEU E 61 -16.24 -3.70 54.48
C LEU E 61 -17.29 -3.17 55.44
N LEU E 62 -16.83 -2.58 56.54
CA LEU E 62 -17.71 -2.00 57.55
C LEU E 62 -18.49 -0.83 57.01
N GLN E 63 -17.80 -0.02 56.21
CA GLN E 63 -18.43 1.16 55.62
C GLN E 63 -19.51 0.71 54.66
N ARG E 64 -19.21 -0.29 53.85
CA ARG E 64 -20.16 -0.75 52.88
C ARG E 64 -21.35 -1.43 53.50
N ARG E 65 -21.10 -2.19 54.56
CA ARG E 65 -22.18 -2.90 55.23
C ARG E 65 -23.07 -1.95 56.04
N CYS E 66 -22.59 -0.74 56.34
CA CYS E 66 -23.42 0.27 57.02
C CYS E 66 -24.59 0.73 56.15
N LEU E 67 -24.46 0.53 54.85
CA LEU E 67 -25.48 0.89 53.88
C LEU E 67 -26.52 -0.20 53.75
N ASP E 68 -26.28 -1.32 54.43
CA ASP E 68 -27.23 -2.43 54.39
C ASP E 68 -27.89 -2.59 55.75
N PRO E 69 -29.15 -2.18 55.84
CA PRO E 69 -29.92 -2.21 57.09
C PRO E 69 -30.39 -3.62 57.48
N GLU E 70 -30.25 -4.57 56.56
CA GLU E 70 -30.74 -5.91 56.81
C GLU E 70 -29.66 -6.80 57.41
N GLN E 71 -28.50 -6.22 57.62
CA GLN E 71 -27.32 -6.92 58.11
C GLN E 71 -26.77 -6.24 59.36
N THR E 72 -26.09 -6.99 60.23
CA THR E 72 -25.48 -6.38 61.41
C THR E 72 -24.37 -5.43 60.95
N ASN E 73 -24.42 -4.17 61.41
CA ASN E 73 -23.41 -3.19 61.02
C ASN E 73 -23.14 -2.18 62.14
N LEU E 74 -22.19 -1.28 61.92
CA LEU E 74 -21.78 -0.35 62.97
C LEU E 74 -22.86 0.68 63.25
N MET E 75 -23.88 0.76 62.39
CA MET E 75 -24.98 1.69 62.64
C MET E 75 -26.11 1.07 63.45
N ASN E 76 -26.21 -0.26 63.44
CA ASN E 76 -27.30 -0.87 64.19
C ASN E 76 -26.92 -1.77 65.36
N VAL E 77 -25.63 -1.90 65.69
CA VAL E 77 -25.24 -2.63 66.92
C VAL E 77 -25.74 -1.82 68.13
N ALA E 78 -26.23 -2.52 69.14
CA ALA E 78 -26.83 -1.89 70.30
C ALA E 78 -25.84 -1.32 71.30
N SER E 79 -24.66 -1.91 71.41
CA SER E 79 -23.67 -1.42 72.37
C SER E 79 -22.29 -1.38 71.74
N MET E 80 -21.38 -0.64 72.38
CA MET E 80 -20.00 -0.55 71.92
C MET E 80 -19.34 -1.92 72.00
N TYR E 81 -19.81 -2.75 72.92
CA TYR E 81 -19.33 -4.11 73.03
C TYR E 81 -19.67 -4.94 71.78
N GLU E 82 -20.89 -4.79 71.27
CA GLU E 82 -21.28 -5.53 70.07
C GLU E 82 -20.50 -4.99 68.88
N ALA E 83 -20.17 -3.70 68.93
CA ALA E 83 -19.35 -3.10 67.89
C ALA E 83 -17.99 -3.78 67.91
N ALA E 84 -17.41 -3.92 69.08
CA ALA E 84 -16.12 -4.57 69.17
C ALA E 84 -16.16 -6.00 68.63
N THR E 85 -17.18 -6.78 69.01
CA THR E 85 -17.31 -8.16 68.52
C THR E 85 -17.42 -8.14 67.00
N LEU E 86 -18.13 -7.16 66.49
CA LEU E 86 -18.29 -7.03 65.05
C LEU E 86 -16.95 -6.76 64.38
N LEU E 87 -16.14 -5.92 65.00
CA LEU E 87 -14.82 -5.65 64.44
C LEU E 87 -13.97 -6.89 64.37
N GLY E 88 -13.98 -7.65 65.47
CA GLY E 88 -13.18 -8.86 65.53
C GLY E 88 -13.58 -9.80 64.42
N GLU E 89 -14.89 -9.94 64.17
CA GLU E 89 -15.37 -10.80 63.10
C GLU E 89 -14.89 -10.34 61.74
N THR E 90 -14.86 -9.02 61.54
CA THR E 90 -14.42 -8.51 60.26
C THR E 90 -12.91 -8.73 60.15
N VAL E 91 -12.18 -8.57 61.26
CA VAL E 91 -10.74 -8.83 61.24
C VAL E 91 -10.42 -10.27 60.84
N ARG E 92 -11.06 -11.25 61.45
CA ARG E 92 -10.80 -12.65 61.10
C ARG E 92 -11.19 -12.92 59.65
N GLU E 93 -12.30 -12.32 59.22
CA GLU E 93 -12.75 -12.51 57.84
C GLU E 93 -11.70 -12.03 56.84
N VAL E 94 -11.12 -10.85 57.08
CA VAL E 94 -10.15 -10.31 56.14
C VAL E 94 -8.86 -11.11 56.13
N ILE E 95 -8.40 -11.52 57.31
CA ILE E 95 -7.16 -12.25 57.43
C ILE E 95 -7.31 -13.59 56.72
N ASN E 96 -8.45 -14.24 56.90
CA ASN E 96 -8.68 -15.55 56.28
C ASN E 96 -8.71 -15.50 54.76
N ARG E 97 -9.33 -14.45 54.24
CA ARG E 97 -9.47 -14.29 52.81
C ARG E 97 -8.14 -14.02 52.11
N ASP E 98 -7.43 -12.99 52.58
CA ASP E 98 -6.17 -12.54 51.95
C ASP E 98 -4.99 -13.50 52.07
N SER E 99 -4.99 -14.40 53.05
CA SER E 99 -3.89 -15.37 53.19
C SER E 99 -4.10 -16.69 52.41
N THR E 108 1.59 -13.85 60.13
CA THR E 108 1.46 -12.56 60.80
C THR E 108 1.72 -11.41 59.83
N ASP E 109 1.98 -11.78 58.59
CA ASP E 109 2.32 -10.86 57.55
C ASP E 109 1.10 -9.96 57.27
N PHE E 110 -0.09 -10.51 57.46
CA PHE E 110 -1.32 -9.79 57.18
C PHE E 110 -1.95 -9.22 58.44
N ASN E 111 -1.22 -9.26 59.54
CA ASN E 111 -1.77 -8.87 60.84
C ASN E 111 -1.98 -7.37 61.02
N CYS E 112 -3.01 -7.03 61.78
CA CYS E 112 -3.28 -5.65 62.13
C CYS E 112 -3.76 -5.51 63.57
N ASN E 113 -3.66 -4.30 64.10
CA ASN E 113 -4.25 -3.98 65.38
C ASN E 113 -5.16 -2.79 65.22
N LEU E 114 -6.27 -2.77 65.96
CA LEU E 114 -7.22 -1.66 65.85
C LEU E 114 -7.58 -1.10 67.20
N LEU E 115 -7.89 0.20 67.21
CA LEU E 115 -8.48 0.83 68.37
C LEU E 115 -9.90 1.24 68.01
N LEU E 116 -10.83 0.98 68.93
CA LEU E 116 -12.23 1.33 68.71
C LEU E 116 -12.68 2.07 69.93
N GLY E 117 -13.03 3.34 69.76
CA GLY E 117 -13.43 4.15 70.89
C GLY E 117 -14.60 5.02 70.49
N GLY E 118 -15.43 5.43 71.45
CA GLY E 118 -16.53 6.30 71.11
C GLY E 118 -17.73 6.15 72.01
N GLN E 119 -18.89 6.47 71.45
CA GLN E 119 -20.09 6.46 72.25
C GLN E 119 -21.36 6.11 71.47
N ILE E 120 -22.17 5.21 72.04
CA ILE E 120 -23.51 4.95 71.52
C ILE E 120 -24.53 5.45 72.57
N LYS E 121 -25.52 6.24 72.14
CA LYS E 121 -26.49 6.84 73.06
C LYS E 121 -27.18 5.79 73.91
N GLY E 122 -27.24 6.06 75.22
CA GLY E 122 -27.76 5.11 76.18
C GLY E 122 -26.62 4.47 76.96
N GLU E 123 -25.39 4.79 76.57
CA GLU E 123 -24.22 4.18 77.17
C GLU E 123 -23.13 5.24 77.43
N GLY E 124 -22.13 4.90 78.24
CA GLY E 124 -21.03 5.83 78.48
C GLY E 124 -19.97 5.66 77.39
N LEU E 125 -18.82 6.29 77.59
CA LEU E 125 -17.68 6.14 76.69
C LEU E 125 -17.10 4.76 76.83
N ARG E 126 -16.77 4.18 75.68
CA ARG E 126 -16.13 2.88 75.69
C ARG E 126 -14.97 2.86 74.71
N LEU E 127 -13.91 2.16 75.10
CA LEU E 127 -12.70 2.09 74.27
C LEU E 127 -12.13 0.69 74.26
N PHE E 128 -11.89 0.16 73.07
CA PHE E 128 -11.39 -1.22 72.90
C PHE E 128 -10.10 -1.28 72.09
N HIS E 129 -9.30 -2.29 72.40
CA HIS E 129 -8.16 -2.65 71.61
C HIS E 129 -8.45 -4.00 70.94
N ILE E 130 -8.55 -4.00 69.60
CA ILE E 130 -8.78 -5.23 68.84
C ILE E 130 -7.45 -5.81 68.35
N TYR E 131 -7.27 -7.10 68.58
CA TYR E 131 -6.05 -7.84 68.21
C TYR E 131 -6.20 -8.54 66.85
N PRO E 132 -5.07 -8.98 66.24
CA PRO E 132 -5.09 -9.69 64.95
C PRO E 132 -5.97 -10.96 64.95
N GLN E 133 -6.15 -11.58 66.11
CA GLN E 133 -7.01 -12.77 66.27
C GLN E 133 -8.49 -12.44 66.31
N GLY E 134 -8.84 -11.16 66.45
CA GLY E 134 -10.24 -10.79 66.50
C GLY E 134 -10.83 -10.67 67.90
N ASN E 135 -10.06 -11.04 68.91
CA ASN E 135 -10.49 -10.80 70.28
C ASN E 135 -10.01 -9.39 70.70
N PHE E 136 -10.38 -8.95 71.89
CA PHE E 136 -10.18 -7.56 72.25
C PHE E 136 -10.17 -7.33 73.77
N ILE E 137 -9.64 -6.19 74.19
CA ILE E 137 -9.73 -5.81 75.59
C ILE E 137 -10.36 -4.44 75.67
N GLU E 138 -10.85 -4.10 76.85
CA GLU E 138 -11.54 -2.85 77.07
C GLU E 138 -10.80 -1.98 78.10
N ALA E 139 -10.75 -0.67 77.82
CA ALA E 139 -10.15 0.30 78.73
C ALA E 139 -11.07 0.48 79.94
N THR E 140 -10.43 0.63 81.10
CA THR E 140 -11.08 0.83 82.39
C THR E 140 -10.50 2.08 83.03
N GLN E 141 -10.86 2.38 84.28
CA GLN E 141 -10.25 3.54 84.94
C GLN E 141 -8.79 3.28 85.31
N ASP E 142 -8.44 2.00 85.51
CA ASP E 142 -7.08 1.61 85.88
C ASP E 142 -6.11 1.58 84.68
N THR E 143 -6.63 1.21 83.52
CA THR E 143 -5.91 1.26 82.27
C THR E 143 -6.75 2.06 81.26
N PRO E 144 -6.61 3.40 81.29
CA PRO E 144 -7.50 4.31 80.55
C PRO E 144 -7.05 4.73 79.14
N TYR E 145 -6.01 4.13 78.59
CA TYR E 145 -5.59 4.48 77.25
C TYR E 145 -5.04 3.23 76.56
N PHE E 146 -4.99 3.24 75.23
CA PHE E 146 -4.37 2.20 74.41
C PHE E 146 -3.44 2.82 73.35
N GLN E 147 -2.38 2.11 73.00
CA GLN E 147 -1.53 2.52 71.88
C GLN E 147 -1.41 1.37 70.89
N ILE E 148 -1.34 1.70 69.60
CA ILE E 148 -0.95 0.71 68.59
C ILE E 148 0.12 1.29 67.67
N GLY E 149 0.82 0.42 66.96
CA GLY E 149 1.92 0.83 66.11
C GLY E 149 3.16 0.96 66.98
N GLU E 150 4.03 1.90 66.62
CA GLU E 150 5.27 2.17 67.36
C GLU E 150 5.03 3.02 68.61
N SER E 151 4.85 2.33 69.74
CA SER E 151 4.21 2.91 70.91
C SER E 151 5.10 3.20 72.11
N LYS E 152 6.28 2.60 72.15
CA LYS E 152 7.13 2.65 73.35
C LYS E 152 7.77 4.00 73.59
N TYR E 153 8.10 4.70 72.51
CA TYR E 153 8.73 6.01 72.60
C TYR E 153 7.84 7.01 73.31
N GLY E 154 6.53 6.87 73.11
CA GLY E 154 5.58 7.85 73.59
C GLY E 154 4.89 7.46 74.87
N LYS E 155 5.24 6.30 75.40
CA LYS E 155 4.58 5.81 76.61
C LYS E 155 4.98 6.52 77.91
N PRO E 156 6.29 6.82 78.10
CA PRO E 156 6.64 7.43 79.40
C PRO E 156 5.88 8.73 79.77
N ILE E 157 5.63 9.63 78.83
CA ILE E 157 4.95 10.89 79.15
C ILE E 157 3.49 10.62 79.50
N ILE E 158 2.86 9.67 78.82
CA ILE E 158 1.46 9.34 79.13
C ILE E 158 1.31 8.75 80.52
N ASP E 159 2.18 7.80 80.88
CA ASP E 159 2.11 7.22 82.21
C ASP E 159 2.38 8.29 83.26
N ARG E 160 3.17 9.27 82.87
CA ARG E 160 3.61 10.29 83.78
C ARG E 160 2.53 11.34 84.02
N VAL E 161 1.72 11.65 83.02
CA VAL E 161 0.84 12.81 83.14
C VAL E 161 -0.67 12.54 83.04
N LEU E 162 -1.05 11.42 82.44
CA LEU E 162 -2.45 11.10 82.21
C LEU E 162 -3.07 10.21 83.30
N SER E 163 -4.29 10.54 83.72
CA SER E 163 -5.07 9.67 84.59
C SER E 163 -6.52 9.74 84.16
N TYR E 164 -7.35 8.86 84.69
CA TYR E 164 -8.76 8.79 84.30
C TYR E 164 -9.45 10.14 84.44
N ASP E 165 -8.96 10.96 85.36
CA ASP E 165 -9.56 12.25 85.65
C ASP E 165 -8.93 13.46 84.94
N THR E 166 -7.94 13.26 84.07
CA THR E 166 -7.34 14.38 83.33
C THR E 166 -8.36 15.11 82.44
N PRO E 167 -8.41 16.46 82.53
CA PRO E 167 -9.32 17.23 81.67
C PRO E 167 -9.01 16.98 80.19
N LEU E 168 -10.00 17.07 79.31
CA LEU E 168 -9.81 16.72 77.90
C LEU E 168 -8.67 17.46 77.19
N ASP E 169 -8.53 18.78 77.43
CA ASP E 169 -7.52 19.52 76.70
C ASP E 169 -6.13 19.05 77.11
N GLN E 170 -5.94 18.68 78.38
CA GLN E 170 -4.62 18.22 78.82
C GLN E 170 -4.33 16.83 78.24
N ALA E 171 -5.36 16.02 78.07
CA ALA E 171 -5.20 14.72 77.44
C ALA E 171 -4.76 14.86 75.97
N MET E 172 -5.34 15.80 75.25
CA MET E 172 -4.93 16.01 73.87
C MET E 172 -3.49 16.50 73.86
N GLN E 173 -3.15 17.35 74.82
CA GLN E 173 -1.78 17.82 74.94
C GLN E 173 -0.79 16.68 75.14
N CYS E 174 -1.14 15.76 76.02
CA CYS E 174 -0.30 14.63 76.32
C CYS E 174 -0.08 13.85 75.03
N ALA E 175 -1.16 13.68 74.29
CA ALA E 175 -1.08 12.99 73.01
C ALA E 175 -0.09 13.65 72.05
N LEU E 176 -0.12 14.98 71.95
CA LEU E 176 0.72 15.72 71.01
C LEU E 176 2.21 15.65 71.38
N ILE E 177 2.49 15.71 72.68
CA ILE E 177 3.86 15.53 73.18
C ILE E 177 4.33 14.10 73.01
N SER E 178 3.40 13.16 73.24
CA SER E 178 3.67 11.75 72.99
C SER E 178 4.08 11.58 71.54
N MET E 179 3.31 12.21 70.66
CA MET E 179 3.59 12.12 69.23
C MET E 179 4.94 12.73 68.82
N ASP E 180 5.24 13.90 69.38
CA ASP E 180 6.47 14.62 69.14
C ASP E 180 7.71 13.77 69.47
N SER E 181 7.69 13.17 70.66
CA SER E 181 8.80 12.32 71.10
C SER E 181 8.96 11.12 70.14
N THR E 182 7.83 10.62 69.65
CA THR E 182 7.87 9.49 68.73
C THR E 182 8.48 9.87 67.39
N LEU E 183 8.00 11.00 66.86
CA LEU E 183 8.53 11.58 65.63
C LEU E 183 10.02 11.81 65.73
N ARG E 184 10.48 12.27 66.90
CA ARG E 184 11.89 12.61 67.07
C ARG E 184 12.81 11.41 67.11
N SER E 185 12.27 10.24 67.45
CA SER E 185 13.07 9.07 67.75
C SER E 185 12.91 7.91 66.78
N ASN E 186 11.83 7.93 66.00
CA ASN E 186 11.58 6.84 65.06
C ASN E 186 10.96 7.36 63.75
N LEU E 187 11.65 7.09 62.64
CA LEU E 187 11.29 7.61 61.33
C LEU E 187 10.18 6.84 60.60
N SER E 188 9.69 5.75 61.20
CA SER E 188 8.57 5.05 60.59
C SER E 188 7.26 5.76 60.99
N VAL E 189 7.36 6.70 61.92
CA VAL E 189 6.23 7.50 62.37
C VAL E 189 6.39 8.90 61.77
N GLY E 190 5.32 9.45 61.19
CA GLY E 190 5.44 10.72 60.49
C GLY E 190 4.19 11.57 60.29
N LEU E 191 4.44 12.87 60.17
CA LEU E 191 3.40 13.84 59.88
C LEU E 191 2.87 13.63 58.45
N PRO E 192 1.62 14.06 58.18
CA PRO E 192 0.66 14.72 59.09
C PRO E 192 0.05 13.84 60.16
N LEU E 193 -0.58 14.49 61.14
CA LEU E 193 -1.33 13.78 62.17
C LEU E 193 -2.82 13.99 61.93
N ASP E 194 -3.62 13.05 62.43
CA ASP E 194 -5.05 13.25 62.54
C ASP E 194 -5.44 13.05 63.99
N VAL E 195 -6.03 14.07 64.59
CA VAL E 195 -6.40 14.00 65.98
C VAL E 195 -7.87 14.32 66.16
N MET E 196 -8.43 13.90 67.28
CA MET E 196 -9.81 14.21 67.57
C MET E 196 -10.14 14.26 69.06
N ILE E 197 -10.95 15.25 69.44
CA ILE E 197 -11.50 15.35 70.78
C ILE E 197 -12.98 14.99 70.76
N TYR E 198 -13.35 13.98 71.53
CA TYR E 198 -14.77 13.64 71.65
C TYR E 198 -15.24 13.92 73.08
N PRO E 199 -15.99 15.03 73.29
CA PRO E 199 -16.55 15.31 74.63
C PRO E 199 -17.71 14.37 74.96
N LEU E 200 -17.78 13.93 76.20
CA LEU E 200 -18.83 13.03 76.65
C LEU E 200 -20.22 13.52 76.22
N ASP E 201 -21.03 12.58 75.74
CA ASP E 201 -22.43 12.84 75.36
C ASP E 201 -22.63 13.81 74.18
N SER E 202 -21.57 14.19 73.45
CA SER E 202 -21.74 15.16 72.34
C SER E 202 -22.19 14.57 71.01
N PHE E 203 -21.77 13.34 70.73
CA PHE E 203 -22.02 12.68 69.45
C PHE E 203 -21.62 13.58 68.31
N SER E 204 -20.50 14.27 68.49
CA SER E 204 -20.01 15.27 67.55
C SER E 204 -18.63 14.92 66.96
N THR E 205 -18.44 15.19 65.67
CA THR E 205 -17.14 14.99 65.08
C THR E 205 -16.53 16.30 64.63
N GLU E 206 -17.00 17.42 65.18
CA GLU E 206 -16.50 18.71 64.74
C GLU E 206 -15.04 18.93 65.15
N GLN E 207 -14.66 18.42 66.31
CA GLN E 207 -13.33 18.65 66.84
C GLN E 207 -12.35 17.59 66.33
N GLN E 208 -12.30 17.47 65.01
CA GLN E 208 -11.32 16.62 64.35
C GLN E 208 -10.34 17.49 63.54
N TYR E 209 -9.03 17.21 63.61
CA TYR E 209 -8.06 18.12 63.04
C TYR E 209 -6.94 17.39 62.30
N ARG E 210 -6.51 17.99 61.20
CA ARG E 210 -5.30 17.58 60.52
C ARG E 210 -4.14 18.47 60.91
N ILE E 211 -3.13 17.85 61.46
CA ILE E 211 -1.94 18.57 61.87
C ILE E 211 -0.80 18.34 60.88
N THR E 212 -0.46 19.36 60.11
CA THR E 212 0.63 19.28 59.16
C THR E 212 1.91 19.80 59.80
N GLU E 213 3.04 19.67 59.12
CA GLU E 213 4.31 20.21 59.64
C GLU E 213 4.23 21.73 59.83
N ASP E 214 3.28 22.38 59.16
CA ASP E 214 3.07 23.84 59.23
C ASP E 214 2.11 24.27 60.32
N HIS E 215 1.47 23.32 60.98
CA HIS E 215 0.45 23.63 61.98
C HIS E 215 0.98 24.51 63.09
N PRO E 216 0.40 25.71 63.21
CA PRO E 216 0.93 26.72 64.12
C PRO E 216 0.99 26.25 65.58
N TYR E 217 -0.10 25.70 66.12
CA TYR E 217 -0.10 25.30 67.52
C TYR E 217 0.83 24.11 67.84
N PHE E 218 0.87 23.14 66.94
CA PHE E 218 1.74 21.99 67.15
C PHE E 218 3.22 22.43 67.19
N MET E 219 3.59 23.39 66.33
CA MET E 219 4.94 23.96 66.37
C MET E 219 5.21 24.57 67.73
N MET E 220 4.20 25.25 68.26
CA MET E 220 4.32 25.95 69.52
C MET E 220 4.48 25.01 70.70
N ILE E 221 3.64 23.97 70.73
CA ILE E 221 3.69 23.08 71.88
C ILE E 221 4.97 22.24 71.86
N ARG E 222 5.45 21.87 70.67
CA ARG E 222 6.67 21.08 70.56
C ARG E 222 7.82 21.90 71.07
N LYS E 223 7.81 23.17 70.66
CA LYS E 223 8.88 24.09 71.02
C LYS E 223 8.91 24.31 72.51
N GLY E 224 7.75 24.51 73.10
CA GLY E 224 7.63 24.71 74.52
C GLY E 224 8.08 23.50 75.30
N TRP E 225 7.70 22.33 74.82
CA TRP E 225 8.09 21.12 75.49
C TRP E 225 9.60 20.97 75.40
N GLY E 226 10.17 21.15 74.21
CA GLY E 226 11.58 20.99 74.00
C GLY E 226 12.45 21.92 74.81
N GLU E 227 12.14 23.22 74.80
CA GLU E 227 12.88 24.18 75.60
C GLU E 227 12.66 23.97 77.10
N GLY E 228 11.45 23.58 77.48
CA GLY E 228 11.15 23.31 78.86
C GLY E 228 12.02 22.19 79.39
N LEU E 229 12.19 21.15 78.58
CA LEU E 229 13.00 20.00 78.97
C LEU E 229 14.49 20.33 79.04
N VAL E 230 14.98 21.06 78.05
CA VAL E 230 16.37 21.46 78.00
C VAL E 230 16.68 22.33 79.22
N SER E 231 15.73 23.17 79.64
CA SER E 231 15.95 24.00 80.82
C SER E 231 15.91 23.13 82.11
N ILE E 232 14.99 22.16 82.18
CA ILE E 232 14.94 21.26 83.34
C ILE E 232 16.25 20.50 83.50
N PHE E 233 16.80 20.07 82.36
CA PHE E 233 18.04 19.32 82.36
C PHE E 233 19.22 20.14 82.90
N ALA E 234 19.29 21.39 82.48
CA ALA E 234 20.38 22.29 82.87
C ALA E 234 20.37 22.63 84.36
N GLN E 235 19.16 22.65 84.93
CA GLN E 235 18.95 23.06 86.32
C GLN E 235 19.05 21.87 87.27
N LEU E 236 19.37 20.70 86.72
CA LEU E 236 19.57 19.54 87.55
C LEU E 236 20.78 19.75 88.44
N PRO E 237 20.72 19.20 89.67
CA PRO E 237 21.86 19.24 90.57
C PRO E 237 23.06 18.56 89.94
N GLY E 238 24.26 19.00 90.29
CA GLY E 238 25.47 18.40 89.75
C GLY E 238 25.54 16.95 90.18
N LEU E 239 26.14 16.13 89.33
CA LEU E 239 26.25 14.68 89.54
C LEU E 239 27.02 14.30 90.81
N LYS E 240 26.43 13.46 91.66
CA LYS E 240 27.13 12.99 92.86
C LYS E 240 27.01 11.46 93.01
N LEU E 241 27.88 10.73 92.31
CA LEU E 241 27.85 9.27 92.34
C LEU E 241 28.71 8.70 93.46
N THR F 1 16.38 -5.76 81.21
CA THR F 1 17.62 -5.61 80.48
C THR F 1 17.62 -4.37 79.61
N TYR F 2 18.43 -3.40 80.01
CA TYR F 2 18.66 -2.20 79.21
C TYR F 2 20.09 -1.70 79.43
N CYS F 3 20.84 -1.55 78.35
CA CYS F 3 22.19 -0.99 78.42
C CYS F 3 22.38 0.12 77.36
N VAL F 4 23.08 1.16 77.77
CA VAL F 4 23.42 2.28 76.90
C VAL F 4 24.86 2.69 77.13
N ALA F 5 25.53 3.06 76.04
CA ALA F 5 26.89 3.55 76.12
C ALA F 5 27.02 4.78 75.26
N MET F 6 27.78 5.75 75.73
CA MET F 6 27.94 6.98 75.00
C MET F 6 29.42 7.29 74.83
N ARG F 7 29.83 7.57 73.58
CA ARG F 7 31.19 7.99 73.30
C ARG F 7 31.21 9.47 72.96
N LEU F 8 31.83 10.23 73.84
CA LEU F 8 31.86 11.66 73.69
C LEU F 8 33.31 12.10 73.51
N SER F 9 33.50 13.36 73.18
CA SER F 9 34.84 13.91 73.01
C SER F 9 35.68 13.82 74.29
N SER F 10 35.04 13.96 75.44
CA SER F 10 35.75 14.01 76.73
C SER F 10 35.86 12.65 77.44
N GLY F 11 35.23 11.62 76.90
CA GLY F 11 35.24 10.33 77.55
C GLY F 11 34.05 9.49 77.11
N LEU F 12 33.78 8.44 77.88
CA LEU F 12 32.68 7.53 77.64
C LEU F 12 31.76 7.46 78.86
N ALA F 13 30.46 7.28 78.63
CA ALA F 13 29.56 7.03 79.74
C ALA F 13 28.80 5.72 79.53
N PHE F 14 28.73 4.89 80.57
CA PHE F 14 28.03 3.61 80.50
C PHE F 14 26.97 3.42 81.61
N ALA F 15 25.84 2.80 81.26
CA ALA F 15 24.85 2.44 82.27
C ALA F 15 24.15 1.14 81.91
N SER F 16 24.04 0.24 82.87
CA SER F 16 23.31 -1.00 82.67
C SER F 16 22.39 -1.25 83.86
N ASP F 17 21.20 -1.78 83.59
CA ASP F 17 20.35 -2.26 84.67
C ASP F 17 20.82 -3.67 85.03
N SER F 18 20.01 -4.39 85.82
CA SER F 18 20.41 -5.74 86.22
C SER F 18 19.30 -6.79 86.18
N ARG F 19 18.06 -6.38 85.88
CA ARG F 19 16.97 -7.34 85.90
C ARG F 19 17.09 -8.28 84.72
N THR F 20 17.17 -9.57 85.03
CA THR F 20 17.50 -10.56 84.02
C THR F 20 16.44 -11.64 84.02
N ASN F 21 16.03 -12.06 82.82
CA ASN F 21 15.09 -13.15 82.71
C ASN F 21 15.89 -14.40 82.37
N ALA F 22 16.15 -15.22 83.39
CA ALA F 22 17.00 -16.41 83.28
C ALA F 22 16.25 -17.70 82.99
N GLY F 23 14.96 -17.71 83.29
CA GLY F 23 14.14 -18.90 83.14
C GLY F 23 12.69 -18.50 83.14
N VAL F 24 11.81 -19.50 82.99
CA VAL F 24 10.37 -19.28 82.91
C VAL F 24 9.75 -18.52 84.10
N ASP F 25 10.14 -18.89 85.32
CA ASP F 25 9.64 -18.25 86.54
C ASP F 25 10.82 -17.77 87.37
N HIS F 26 11.92 -17.51 86.68
CA HIS F 26 13.18 -17.10 87.30
C HIS F 26 13.73 -15.75 86.80
N ILE F 27 13.16 -14.65 87.28
CA ILE F 27 13.70 -13.33 86.96
C ILE F 27 14.49 -12.77 88.16
N SER F 28 15.81 -12.62 88.00
CA SER F 28 16.69 -12.26 89.12
C SER F 28 17.73 -11.23 88.70
N THR F 29 18.61 -10.86 89.63
CA THR F 29 19.58 -9.79 89.40
C THR F 29 20.94 -10.36 88.95
N PHE F 30 21.41 -9.91 87.79
CA PHE F 30 22.69 -10.33 87.25
C PHE F 30 23.46 -9.12 86.70
N ARG F 31 24.77 -9.03 86.95
CA ARG F 31 25.54 -7.90 86.45
C ARG F 31 25.67 -7.98 84.92
N LYS F 32 25.45 -6.83 84.28
CA LYS F 32 25.57 -6.68 82.84
C LYS F 32 26.64 -5.68 82.41
N LEU F 33 27.62 -5.42 83.28
CA LEU F 33 28.70 -4.48 82.92
C LEU F 33 30.00 -5.03 83.48
N HIS F 34 30.91 -5.47 82.61
CA HIS F 34 32.17 -6.10 83.02
C HIS F 34 33.40 -5.38 82.45
N LEU F 35 34.47 -5.41 83.22
CA LEU F 35 35.61 -4.56 82.94
C LEU F 35 36.84 -5.37 82.61
N PHE F 36 37.61 -4.93 81.63
CA PHE F 36 38.91 -5.53 81.38
C PHE F 36 39.92 -4.39 81.43
N GLN F 37 40.69 -4.32 82.51
CA GLN F 37 41.50 -3.13 82.71
C GLN F 37 42.96 -3.48 82.94
N GLN F 38 43.82 -2.78 82.23
CA GLN F 38 45.24 -2.85 82.48
C GLN F 38 45.69 -1.41 82.72
N PRO F 39 45.92 -1.07 84.00
CA PRO F 39 46.16 0.29 84.49
C PRO F 39 47.25 1.03 83.73
N GLY F 40 46.92 2.22 83.22
CA GLY F 40 47.87 3.02 82.46
C GLY F 40 48.03 2.63 81.00
N GLU F 41 47.34 1.57 80.58
CA GLU F 41 47.47 1.04 79.23
C GLU F 41 46.13 0.79 78.53
N ARG F 42 45.12 0.25 79.23
CA ARG F 42 43.80 0.03 78.62
C ARG F 42 42.68 -0.12 79.63
N THR F 43 41.49 0.33 79.21
CA THR F 43 40.24 0.19 79.94
C THR F 43 39.17 -0.20 78.92
N LEU F 44 38.69 -1.43 79.02
CA LEU F 44 37.67 -1.93 78.10
C LEU F 44 36.43 -2.34 78.89
N VAL F 45 35.27 -1.87 78.44
CA VAL F 45 33.98 -2.13 79.08
C VAL F 45 33.10 -2.96 78.14
N VAL F 46 32.53 -4.05 78.66
CA VAL F 46 31.60 -4.89 77.90
C VAL F 46 30.20 -4.93 78.53
N GLN F 47 29.18 -4.60 77.73
CA GLN F 47 27.81 -4.68 78.24
C GLN F 47 27.04 -5.75 77.50
N SER F 48 26.22 -6.50 78.23
CA SER F 48 25.53 -7.65 77.68
C SER F 48 23.99 -7.59 77.80
N ALA F 49 23.33 -8.08 76.76
CA ALA F 49 21.88 -8.23 76.69
C ALA F 49 21.64 -9.50 75.92
N GLY F 50 20.44 -10.06 76.03
CA GLY F 50 20.11 -11.35 75.40
C GLY F 50 20.29 -12.52 76.37
N ASN F 51 20.48 -13.71 75.82
CA ASN F 51 20.54 -14.96 76.60
C ASN F 51 21.65 -14.92 77.67
N LEU F 52 21.27 -15.07 78.94
CA LEU F 52 22.22 -14.98 80.07
C LEU F 52 23.31 -16.07 80.01
N ALA F 53 22.93 -17.26 79.59
CA ALA F 53 23.89 -18.35 79.46
C ALA F 53 24.97 -17.97 78.45
N THR F 54 24.53 -17.37 77.34
CA THR F 54 25.44 -16.99 76.27
C THR F 54 26.37 -15.86 76.71
N THR F 55 25.83 -14.78 77.26
CA THR F 55 26.70 -13.66 77.64
C THR F 55 27.63 -14.01 78.81
N GLN F 56 27.16 -14.77 79.80
CA GLN F 56 28.02 -15.18 80.91
C GLN F 56 29.20 -16.04 80.42
N SER F 57 28.93 -16.93 79.45
CA SER F 57 29.97 -17.77 78.86
C SER F 57 31.00 -16.93 78.07
N ILE F 58 30.51 -15.96 77.30
CA ILE F 58 31.39 -15.08 76.55
C ILE F 58 32.32 -14.33 77.51
N VAL F 59 31.75 -13.75 78.58
CA VAL F 59 32.54 -13.04 79.58
C VAL F 59 33.55 -13.96 80.29
N SER F 60 33.14 -15.18 80.68
CA SER F 60 34.08 -16.10 81.34
C SER F 60 35.22 -16.53 80.39
N LEU F 61 34.91 -16.80 79.12
CA LEU F 61 35.93 -17.20 78.16
C LEU F 61 36.95 -16.08 77.90
N LEU F 62 36.46 -14.85 77.80
CA LEU F 62 37.31 -13.69 77.58
C LEU F 62 38.21 -13.49 78.79
N GLN F 63 37.65 -13.71 79.98
CA GLN F 63 38.39 -13.63 81.25
C GLN F 63 39.40 -14.78 81.35
N ARG F 64 38.99 -15.98 80.90
CA ARG F 64 39.86 -17.16 80.95
C ARG F 64 41.10 -16.97 80.09
N ARG F 65 40.87 -16.44 78.90
CA ARG F 65 41.89 -16.24 77.88
C ARG F 65 42.80 -15.04 78.18
N CYS F 66 42.32 -14.13 79.01
CA CYS F 66 43.15 -13.00 79.44
C CYS F 66 44.33 -13.49 80.27
N LEU F 67 44.19 -14.67 80.84
CA LEU F 67 45.23 -15.27 81.66
C LEU F 67 46.22 -16.10 80.82
N ASP F 68 45.94 -16.25 79.53
CA ASP F 68 46.84 -16.98 78.63
C ASP F 68 47.46 -16.02 77.62
N PRO F 69 48.77 -15.74 77.77
CA PRO F 69 49.48 -14.82 76.88
C PRO F 69 49.80 -15.45 75.52
N GLU F 70 49.58 -16.75 75.35
CA GLU F 70 49.94 -17.42 74.11
C GLU F 70 48.83 -17.42 73.05
N GLN F 71 47.69 -16.88 73.42
CA GLN F 71 46.54 -16.78 72.52
C GLN F 71 46.02 -15.35 72.55
N THR F 72 45.32 -14.93 71.51
CA THR F 72 44.74 -13.58 71.46
C THR F 72 43.70 -13.31 72.54
N ASN F 73 43.88 -12.19 73.26
CA ASN F 73 42.94 -11.80 74.30
C ASN F 73 42.77 -10.29 74.42
N LEU F 74 41.87 -9.86 75.29
CA LEU F 74 41.55 -8.44 75.42
C LEU F 74 42.70 -7.64 76.04
N MET F 75 43.70 -8.34 76.57
CA MET F 75 44.86 -7.71 77.18
C MET F 75 46.00 -7.47 76.19
N ASN F 76 46.02 -8.23 75.09
CA ASN F 76 47.08 -8.08 74.10
C ASN F 76 46.61 -7.65 72.72
N VAL F 77 45.33 -7.35 72.56
CA VAL F 77 44.87 -6.78 71.29
C VAL F 77 45.44 -5.36 71.13
N ALA F 78 45.82 -5.03 69.90
CA ALA F 78 46.49 -3.74 69.59
C ALA F 78 45.54 -2.53 69.50
N SER F 79 44.31 -2.76 69.04
CA SER F 79 43.32 -1.68 68.90
C SER F 79 41.97 -2.18 69.38
N MET F 80 41.07 -1.26 69.65
CA MET F 80 39.72 -1.59 70.05
C MET F 80 39.03 -2.38 68.93
N TYR F 81 39.45 -2.14 67.69
CA TYR F 81 38.90 -2.85 66.55
C TYR F 81 39.20 -4.35 66.56
N GLU F 82 40.43 -4.72 66.91
CA GLU F 82 40.81 -6.13 66.98
C GLU F 82 40.06 -6.78 68.14
N ALA F 83 39.83 -5.98 69.19
CA ALA F 83 39.04 -6.39 70.34
C ALA F 83 37.58 -6.67 69.93
N ALA F 84 37.01 -5.80 69.09
CA ALA F 84 35.64 -6.00 68.62
C ALA F 84 35.55 -7.28 67.83
N THR F 85 36.54 -7.47 66.96
CA THR F 85 36.65 -8.69 66.17
C THR F 85 36.77 -9.91 67.08
N LEU F 86 37.54 -9.78 68.14
CA LEU F 86 37.67 -10.86 69.10
C LEU F 86 36.33 -11.13 69.82
N LEU F 87 35.61 -10.08 70.17
CA LEU F 87 34.28 -10.27 70.76
C LEU F 87 33.32 -10.94 69.80
N GLY F 88 33.32 -10.46 68.57
CA GLY F 88 32.47 -11.03 67.54
C GLY F 88 32.80 -12.50 67.33
N GLU F 89 34.09 -12.82 67.33
CA GLU F 89 34.53 -14.21 67.24
C GLU F 89 34.07 -15.06 68.44
N THR F 90 34.15 -14.48 69.65
CA THR F 90 33.74 -15.22 70.84
C THR F 90 32.21 -15.40 70.85
N VAL F 91 31.47 -14.41 70.37
CA VAL F 91 30.01 -14.55 70.23
C VAL F 91 29.67 -15.75 69.34
N ARG F 92 30.31 -15.85 68.18
CA ARG F 92 30.01 -16.97 67.28
C ARG F 92 30.40 -18.30 67.94
N GLU F 93 31.51 -18.32 68.67
CA GLU F 93 31.97 -19.54 69.35
C GLU F 93 30.95 -20.11 70.36
N VAL F 94 30.42 -19.23 71.21
CA VAL F 94 29.48 -19.66 72.24
C VAL F 94 28.12 -20.04 71.64
N ILE F 95 27.66 -19.30 70.63
CA ILE F 95 26.35 -19.57 70.04
C ILE F 95 26.32 -20.94 69.35
N ASN F 96 27.39 -21.23 68.60
CA ASN F 96 27.52 -22.50 67.87
C ASN F 96 27.67 -23.72 68.77
N ARG F 97 28.39 -23.55 69.87
CA ARG F 97 28.61 -24.61 70.84
C ARG F 97 27.30 -24.98 71.53
N ASP F 98 26.63 -23.97 72.06
CA ASP F 98 25.40 -24.17 72.80
C ASP F 98 24.22 -24.58 71.93
N SER F 99 24.25 -24.23 70.64
CA SER F 99 23.16 -24.61 69.73
C SER F 99 23.37 -25.99 69.09
N THR F 108 17.53 -18.69 67.26
CA THR F 108 17.62 -17.33 67.80
C THR F 108 17.56 -17.35 69.34
N ASP F 109 17.37 -18.54 69.92
CA ASP F 109 17.23 -18.74 71.37
C ASP F 109 18.51 -18.38 72.15
N PHE F 110 19.68 -18.62 71.55
CA PHE F 110 20.91 -18.40 72.25
C PHE F 110 21.53 -17.03 71.93
N ASN F 111 20.78 -16.17 71.25
CA ASN F 111 21.33 -14.91 70.74
C ASN F 111 21.57 -13.87 71.81
N CYS F 112 22.62 -13.06 71.61
CA CYS F 112 22.92 -11.95 72.51
C CYS F 112 23.37 -10.72 71.71
N ASN F 113 23.33 -9.57 72.36
CA ASN F 113 23.92 -8.36 71.82
C ASN F 113 24.92 -7.81 72.81
N LEU F 114 26.00 -7.23 72.33
CA LEU F 114 26.98 -6.72 73.28
C LEU F 114 27.34 -5.30 72.93
N LEU F 115 27.72 -4.54 73.95
CA LEU F 115 28.37 -3.25 73.75
C LEU F 115 29.78 -3.33 74.28
N LEU F 116 30.71 -2.80 73.49
CA LEU F 116 32.12 -2.77 73.83
C LEU F 116 32.69 -1.36 73.65
N GLY F 117 33.21 -0.78 74.72
CA GLY F 117 33.72 0.57 74.67
C GLY F 117 34.90 0.77 75.59
N GLY F 118 35.72 1.77 75.29
CA GLY F 118 36.84 2.09 76.15
C GLY F 118 37.97 2.71 75.37
N GLN F 119 39.18 2.51 75.88
CA GLN F 119 40.37 3.08 75.26
C GLN F 119 41.61 2.21 75.45
N ILE F 120 42.38 2.04 74.37
CA ILE F 120 43.71 1.42 74.43
C ILE F 120 44.79 2.48 74.11
N LYS F 121 45.85 2.55 74.93
CA LYS F 121 46.86 3.59 74.75
C LYS F 121 47.43 3.61 73.35
N GLY F 122 47.48 4.83 72.79
CA GLY F 122 47.90 5.05 71.43
C GLY F 122 46.78 5.37 70.45
N GLU F 123 45.53 5.25 70.90
CA GLU F 123 44.39 5.59 70.02
C GLU F 123 43.33 6.26 70.88
N GLY F 124 42.31 6.84 70.26
CA GLY F 124 41.26 7.51 71.00
C GLY F 124 40.16 6.59 71.53
N LEU F 125 39.07 7.18 72.01
CA LEU F 125 37.93 6.42 72.51
C LEU F 125 37.24 5.69 71.38
N ARG F 126 36.91 4.42 71.61
CA ARG F 126 36.15 3.69 70.60
C ARG F 126 35.04 2.90 71.27
N LEU F 127 33.92 2.80 70.57
CA LEU F 127 32.71 2.11 71.04
C LEU F 127 32.04 1.27 69.93
N PHE F 128 31.75 0.01 70.25
CA PHE F 128 31.16 -0.87 69.25
C PHE F 128 29.87 -1.53 69.74
N HIS F 129 29.02 -1.89 68.77
CA HIS F 129 27.86 -2.74 68.98
C HIS F 129 28.08 -4.07 68.26
N ILE F 130 28.23 -5.16 69.02
CA ILE F 130 28.44 -6.48 68.39
C ILE F 130 27.11 -7.22 68.24
N TYR F 131 26.85 -7.74 67.05
CA TYR F 131 25.58 -8.42 66.76
C TYR F 131 25.76 -9.92 67.03
N PRO F 132 24.64 -10.66 67.14
CA PRO F 132 24.75 -12.11 67.33
C PRO F 132 25.50 -12.85 66.20
N GLN F 133 25.48 -12.31 64.98
CA GLN F 133 26.17 -12.94 63.83
C GLN F 133 27.68 -12.77 63.93
N GLY F 134 28.11 -11.95 64.89
CA GLY F 134 29.51 -11.75 65.16
C GLY F 134 30.11 -10.52 64.49
N ASN F 135 29.35 -9.89 63.58
CA ASN F 135 29.81 -8.63 63.00
C ASN F 135 29.39 -7.45 63.91
N PHE F 136 29.77 -6.23 63.53
CA PHE F 136 29.63 -5.10 64.43
C PHE F 136 29.61 -3.76 63.71
N ILE F 137 29.16 -2.71 64.42
CA ILE F 137 29.27 -1.34 63.91
C ILE F 137 29.95 -0.44 64.93
N GLU F 138 30.43 0.71 64.49
CA GLU F 138 31.18 1.61 65.36
C GLU F 138 30.48 2.97 65.57
N ALA F 139 30.58 3.49 66.78
CA ALA F 139 30.03 4.78 67.09
C ALA F 139 30.89 5.84 66.42
N THR F 140 30.23 6.87 65.91
CA THR F 140 30.87 8.01 65.29
C THR F 140 30.37 9.31 65.93
N GLN F 141 30.77 10.46 65.41
CA GLN F 141 30.26 11.69 66.02
C GLN F 141 28.77 11.89 65.74
N ASP F 142 28.31 11.40 64.59
CA ASP F 142 26.90 11.53 64.21
C ASP F 142 25.97 10.57 64.97
N THR F 143 26.46 9.37 65.28
CA THR F 143 25.69 8.46 66.12
C THR F 143 26.58 8.09 67.30
N PRO F 144 26.55 8.92 68.37
CA PRO F 144 27.53 8.89 69.45
C PRO F 144 27.16 7.98 70.61
N TYR F 145 26.12 7.19 70.45
CA TYR F 145 25.69 6.28 71.50
C TYR F 145 25.08 4.99 70.92
N PHE F 146 25.05 3.93 71.72
CA PHE F 146 24.36 2.67 71.37
C PHE F 146 23.47 2.22 72.52
N GLN F 147 22.35 1.57 72.20
CA GLN F 147 21.49 0.92 73.21
C GLN F 147 21.24 -0.53 72.86
N ILE F 148 21.20 -1.41 73.86
CA ILE F 148 20.78 -2.81 73.67
C ILE F 148 19.75 -3.13 74.72
N GLY F 149 18.98 -4.18 74.46
CA GLY F 149 17.89 -4.55 75.35
C GLY F 149 16.65 -3.71 75.11
N GLU F 150 15.89 -3.45 76.18
CA GLU F 150 14.64 -2.68 76.11
C GLU F 150 14.95 -1.20 76.08
N SER F 151 15.05 -0.65 74.88
CA SER F 151 15.72 0.63 74.66
C SER F 151 14.84 1.78 74.19
N LYS F 152 13.65 1.48 73.68
CA LYS F 152 12.83 2.52 73.05
C LYS F 152 12.26 3.52 74.03
N TYR F 153 11.96 3.08 75.25
CA TYR F 153 11.41 4.00 76.24
C TYR F 153 12.43 5.09 76.57
N GLY F 154 13.71 4.73 76.56
CA GLY F 154 14.76 5.61 77.04
C GLY F 154 15.52 6.38 75.99
N LYS F 155 15.17 6.17 74.72
CA LYS F 155 15.85 6.83 73.60
C LYS F 155 15.51 8.32 73.38
N PRO F 156 14.21 8.71 73.47
CA PRO F 156 13.89 10.11 73.20
C PRO F 156 14.66 11.15 74.03
N ILE F 157 14.87 10.93 75.33
CA ILE F 157 15.59 11.91 76.14
C ILE F 157 17.03 12.02 75.65
N ILE F 158 17.60 10.91 75.18
CA ILE F 158 18.96 10.90 74.66
C ILE F 158 19.04 11.67 73.32
N ASP F 159 18.07 11.44 72.47
CA ASP F 159 18.03 12.15 71.21
C ASP F 159 17.88 13.65 71.47
N ARG F 160 17.25 14.01 72.58
CA ARG F 160 16.97 15.41 72.86
C ARG F 160 18.16 16.21 73.36
N VAL F 161 19.01 15.59 74.19
CA VAL F 161 20.06 16.35 74.90
C VAL F 161 21.47 15.82 74.61
N LEU F 162 21.59 14.63 74.05
CA LEU F 162 22.93 14.06 73.88
C LEU F 162 23.50 14.50 72.57
N SER F 163 24.75 14.90 72.63
CA SER F 163 25.52 15.21 71.46
C SER F 163 26.94 14.73 71.73
N TYR F 164 27.76 14.65 70.68
CA TYR F 164 29.14 14.21 70.81
C TYR F 164 29.89 15.08 71.80
N ASP F 165 29.45 16.33 71.92
CA ASP F 165 30.11 17.35 72.76
C ASP F 165 29.48 17.58 74.13
N THR F 166 28.48 16.79 74.47
CA THR F 166 27.90 16.88 75.81
C THR F 166 28.98 16.52 76.82
N PRO F 167 29.17 17.37 77.83
CA PRO F 167 30.15 17.09 78.88
C PRO F 167 29.81 15.77 79.57
N LEU F 168 30.83 15.12 80.10
CA LEU F 168 30.69 13.77 80.65
C LEU F 168 29.58 13.63 81.66
N ASP F 169 29.53 14.56 82.61
CA ASP F 169 28.57 14.48 83.71
C ASP F 169 27.13 14.58 83.20
N GLN F 170 26.92 15.41 82.19
CA GLN F 170 25.57 15.54 81.64
C GLN F 170 25.22 14.29 80.85
N ALA F 171 26.21 13.67 80.22
CA ALA F 171 25.98 12.43 79.49
C ALA F 171 25.52 11.34 80.47
N MET F 172 26.15 11.29 81.64
CA MET F 172 25.72 10.36 82.66
C MET F 172 24.32 10.71 83.20
N GLN F 173 24.03 11.98 83.39
CA GLN F 173 22.70 12.41 83.85
C GLN F 173 21.61 12.00 82.87
N CYS F 174 21.90 12.18 81.58
CA CYS F 174 20.99 11.78 80.52
C CYS F 174 20.74 10.28 80.59
N ALA F 175 21.81 9.52 80.81
CA ALA F 175 21.72 8.07 80.94
C ALA F 175 20.81 7.66 82.09
N LEU F 176 20.97 8.32 83.24
CA LEU F 176 20.20 7.97 84.42
C LEU F 176 18.72 8.31 84.19
N ILE F 177 18.47 9.42 83.52
CA ILE F 177 17.10 9.79 83.21
C ILE F 177 16.49 8.77 82.29
N SER F 178 17.25 8.36 81.26
CA SER F 178 16.81 7.34 80.31
C SER F 178 16.43 6.06 81.03
N MET F 179 17.26 5.70 81.98
CA MET F 179 17.06 4.53 82.81
C MET F 179 15.78 4.70 83.62
N ASP F 180 15.57 5.90 84.18
CA ASP F 180 14.37 6.15 84.98
C ASP F 180 13.05 5.93 84.21
N SER F 181 12.96 6.49 83.01
CA SER F 181 11.75 6.35 82.18
C SER F 181 11.48 4.90 81.79
N THR F 182 12.56 4.14 81.62
CA THR F 182 12.46 2.73 81.27
C THR F 182 11.95 1.92 82.44
N LEU F 183 12.55 2.16 83.61
CA LEU F 183 12.14 1.50 84.86
C LEU F 183 10.65 1.67 85.07
N ARG F 184 10.18 2.88 84.78
CA ARG F 184 8.78 3.26 84.97
C ARG F 184 7.83 2.63 83.95
N SER F 185 8.32 2.21 82.79
CA SER F 185 7.39 1.83 81.71
C SER F 185 7.38 0.32 81.37
N ASN F 186 8.40 -0.37 81.83
CA ASN F 186 8.58 -1.78 81.51
C ASN F 186 9.22 -2.57 82.65
N LEU F 187 8.56 -3.65 83.08
CA LEU F 187 9.03 -4.36 84.25
C LEU F 187 10.18 -5.34 84.00
N SER F 188 10.64 -5.47 82.76
CA SER F 188 11.79 -6.32 82.49
C SER F 188 13.11 -5.58 82.79
N VAL F 189 13.00 -4.28 83.06
CA VAL F 189 14.16 -3.48 83.47
C VAL F 189 14.08 -3.14 84.96
N GLY F 190 15.20 -3.29 85.67
CA GLY F 190 15.19 -3.10 87.10
C GLY F 190 16.50 -2.75 87.81
N LEU F 191 16.35 -2.09 88.94
CA LEU F 191 17.45 -1.77 89.83
C LEU F 191 17.92 -3.11 90.41
N PRO F 192 19.19 -3.18 90.86
CA PRO F 192 20.21 -2.14 90.88
C PRO F 192 20.77 -1.84 89.49
N LEU F 193 21.45 -0.70 89.36
CA LEU F 193 22.14 -0.33 88.12
C LEU F 193 23.64 -0.50 88.32
N ASP F 194 24.36 -0.71 87.23
CA ASP F 194 25.82 -0.62 87.29
C ASP F 194 26.21 0.40 86.24
N VAL F 195 26.90 1.45 86.67
CA VAL F 195 27.28 2.54 85.77
C VAL F 195 28.78 2.79 85.83
N MET F 196 29.30 3.51 84.84
CA MET F 196 30.70 3.90 84.85
C MET F 196 30.97 5.14 83.97
N ILE F 197 31.79 6.06 84.47
CA ILE F 197 32.28 7.17 83.65
C ILE F 197 33.76 6.97 83.36
N TYR F 198 34.13 6.96 82.09
CA TYR F 198 35.53 6.86 81.71
C TYR F 198 36.01 8.14 81.05
N PRO F 199 36.77 8.97 81.79
CA PRO F 199 37.33 10.17 81.16
C PRO F 199 38.50 9.82 80.23
N LEU F 200 38.54 10.50 79.11
CA LEU F 200 39.55 10.31 78.08
C LEU F 200 40.97 10.26 78.63
N ASP F 201 41.75 9.29 78.18
CA ASP F 201 43.18 9.16 78.53
C ASP F 201 43.44 8.88 80.00
N SER F 202 42.40 8.56 80.76
CA SER F 202 42.55 8.30 82.20
C SER F 202 43.01 6.89 82.49
N PHE F 203 42.53 5.94 81.68
CA PHE F 203 42.77 4.52 81.91
C PHE F 203 42.44 4.10 83.33
N SER F 204 41.39 4.71 83.89
CA SER F 204 40.99 4.38 85.25
C SER F 204 39.55 3.90 85.29
N THR F 205 39.31 2.92 86.15
CA THR F 205 38.00 2.41 86.39
C THR F 205 37.53 2.87 87.76
N GLU F 206 38.08 3.99 88.22
CA GLU F 206 37.75 4.47 89.56
C GLU F 206 36.29 4.89 89.65
N GLN F 207 35.76 5.46 88.58
CA GLN F 207 34.36 5.92 88.57
C GLN F 207 33.35 4.89 88.04
N GLN F 208 33.34 3.72 88.68
CA GLN F 208 32.30 2.71 88.48
C GLN F 208 31.46 2.66 89.74
N TYR F 209 30.14 2.58 89.56
CA TYR F 209 29.20 2.68 90.67
C TYR F 209 28.00 1.72 90.54
N ARG F 210 27.56 1.18 91.67
CA ARG F 210 26.30 0.46 91.71
C ARG F 210 25.21 1.32 92.31
N ILE F 211 24.16 1.53 91.54
CA ILE F 211 23.04 2.35 91.98
C ILE F 211 21.88 1.48 92.42
N THR F 212 21.63 1.44 93.73
CA THR F 212 20.54 0.65 94.28
C THR F 212 19.28 1.48 94.49
N GLU F 213 18.20 0.83 94.92
CA GLU F 213 16.94 1.50 95.20
C GLU F 213 17.18 2.61 96.22
N ASP F 214 18.24 2.44 97.01
CA ASP F 214 18.58 3.35 98.09
C ASP F 214 19.56 4.46 97.72
N HIS F 215 20.12 4.44 96.51
CA HIS F 215 21.09 5.47 96.12
C HIS F 215 20.50 6.87 96.15
N PRO F 216 21.07 7.75 96.99
CA PRO F 216 20.55 9.11 97.25
C PRO F 216 20.50 10.02 96.03
N TYR F 217 21.56 10.11 95.24
CA TYR F 217 21.57 11.02 94.09
C TYR F 217 20.57 10.57 93.02
N PHE F 218 20.47 9.27 92.80
CA PHE F 218 19.52 8.72 91.84
C PHE F 218 18.09 9.01 92.31
N MET F 219 17.85 8.91 93.61
CA MET F 219 16.56 9.28 94.15
C MET F 219 16.23 10.77 93.83
N MET F 220 17.21 11.63 94.04
CA MET F 220 17.05 13.08 93.88
C MET F 220 16.78 13.44 92.44
N ILE F 221 17.58 12.86 91.53
CA ILE F 221 17.44 13.18 90.12
C ILE F 221 16.12 12.62 89.55
N ARG F 222 15.66 11.48 90.05
CA ARG F 222 14.40 10.94 89.56
C ARG F 222 13.23 11.81 89.96
N LYS F 223 13.16 12.14 91.25
CA LYS F 223 12.04 12.91 91.71
C LYS F 223 12.14 14.32 91.13
N GLY F 224 13.36 14.84 91.07
CA GLY F 224 13.62 16.15 90.51
C GLY F 224 13.21 16.24 89.05
N TRP F 225 13.52 15.20 88.27
CA TRP F 225 13.13 15.16 86.86
C TRP F 225 11.62 15.06 86.71
N GLY F 226 11.02 14.17 87.50
CA GLY F 226 9.60 13.94 87.47
C GLY F 226 8.81 15.19 87.80
N GLU F 227 9.24 15.91 88.85
CA GLU F 227 8.57 17.14 89.23
C GLU F 227 8.68 18.17 88.12
N GLY F 228 9.87 18.22 87.53
CA GLY F 228 10.17 19.14 86.45
C GLY F 228 9.32 18.95 85.22
N LEU F 229 9.05 17.69 84.89
CA LEU F 229 8.26 17.35 83.71
C LEU F 229 6.82 17.86 83.91
N VAL F 230 6.28 17.63 85.10
CA VAL F 230 4.93 18.08 85.45
C VAL F 230 4.77 19.60 85.43
N SER F 231 5.81 20.32 85.81
CA SER F 231 5.75 21.78 85.81
C SER F 231 5.75 22.33 84.40
N ILE F 232 6.61 21.78 83.55
CA ILE F 232 6.70 22.17 82.14
C ILE F 232 5.41 21.93 81.38
N PHE F 233 4.79 20.79 81.67
CA PHE F 233 3.55 20.40 81.04
C PHE F 233 2.48 21.45 81.36
N ALA F 234 2.46 21.83 82.63
CA ALA F 234 1.47 22.78 83.14
C ALA F 234 1.65 24.18 82.57
N GLN F 235 2.90 24.56 82.27
CA GLN F 235 3.19 25.89 81.75
C GLN F 235 3.19 25.94 80.23
N LEU F 236 2.80 24.82 79.60
CA LEU F 236 2.70 24.74 78.15
C LEU F 236 1.62 25.70 77.66
N PRO F 237 1.77 26.21 76.42
CA PRO F 237 0.69 27.07 75.93
C PRO F 237 -0.62 26.30 75.92
N GLY F 238 -1.71 26.98 76.23
CA GLY F 238 -3.00 26.32 76.30
C GLY F 238 -3.39 25.82 74.94
N LEU F 239 -4.13 24.71 74.92
CA LEU F 239 -4.57 24.06 73.68
C LEU F 239 -5.51 24.95 72.87
N LYS F 240 -5.10 25.24 71.64
CA LYS F 240 -5.85 26.01 70.64
C LYS F 240 -5.78 25.40 69.24
N LEU F 241 -6.66 24.46 68.97
CA LEU F 241 -6.69 23.81 67.66
C LEU F 241 -7.67 24.44 66.64
N GLY F 242 -8.52 25.35 67.11
CA GLY F 242 -9.55 25.94 66.26
C GLY F 242 -9.15 27.22 65.54
N THR G 1 -0.78 -11.97 88.13
CA THR G 1 -2.15 -12.43 88.36
C THR G 1 -2.19 -13.50 89.46
N TYR G 2 -2.79 -13.15 90.59
CA TYR G 2 -3.02 -14.10 91.67
C TYR G 2 -4.33 -13.77 92.39
N CYS G 3 -5.22 -14.76 92.44
CA CYS G 3 -6.50 -14.63 93.15
C CYS G 3 -6.69 -15.80 94.09
N VAL G 4 -7.30 -15.51 95.25
CA VAL G 4 -7.61 -16.52 96.24
C VAL G 4 -9.04 -16.35 96.78
N ALA G 5 -9.71 -17.46 97.10
CA ALA G 5 -11.02 -17.40 97.75
C ALA G 5 -11.08 -18.43 98.87
N MET G 6 -11.68 -18.03 99.99
CA MET G 6 -11.78 -18.89 101.17
C MET G 6 -13.24 -18.99 101.63
N ARG G 7 -13.71 -20.21 101.79
CA ARG G 7 -15.05 -20.44 102.30
C ARG G 7 -14.98 -20.96 103.73
N LEU G 8 -15.41 -20.13 104.68
CA LEU G 8 -15.28 -20.45 106.09
C LEU G 8 -16.64 -20.56 106.73
N SER G 9 -16.68 -20.98 107.99
CA SER G 9 -17.95 -21.15 108.69
C SER G 9 -18.74 -19.87 108.78
N SER G 10 -18.05 -18.75 109.00
CA SER G 10 -18.73 -17.48 109.27
C SER G 10 -18.91 -16.62 108.03
N GLY G 11 -18.33 -17.06 106.91
CA GLY G 11 -18.37 -16.27 105.71
C GLY G 11 -17.32 -16.65 104.69
N LEU G 12 -17.13 -15.76 103.74
CA LEU G 12 -16.16 -15.90 102.67
C LEU G 12 -15.16 -14.73 102.68
N ALA G 13 -13.90 -15.03 102.33
CA ALA G 13 -12.88 -14.01 102.17
C ALA G 13 -12.30 -14.09 100.74
N PHE G 14 -12.17 -12.94 100.05
CA PHE G 14 -11.63 -12.88 98.68
C PHE G 14 -10.47 -11.89 98.53
N ALA G 15 -9.45 -12.26 97.77
CA ALA G 15 -8.35 -11.35 97.44
C ALA G 15 -7.72 -11.62 96.07
N SER G 16 -7.57 -10.57 95.28
CA SER G 16 -6.90 -10.62 93.97
C SER G 16 -5.95 -9.45 93.80
N ASP G 17 -4.86 -9.68 93.07
CA ASP G 17 -3.99 -8.59 92.64
C ASP G 17 -4.59 -7.93 91.37
N SER G 18 -3.78 -7.14 90.68
CA SER G 18 -4.29 -6.49 89.49
C SER G 18 -3.31 -6.50 88.33
N ARG G 19 -2.08 -6.99 88.54
CA ARG G 19 -1.09 -6.93 87.47
C ARG G 19 -1.48 -7.87 86.34
N THR G 20 -1.58 -7.31 85.15
CA THR G 20 -2.09 -8.05 84.02
C THR G 20 -1.19 -7.87 82.83
N ASN G 21 -0.86 -8.95 82.13
CA ASN G 21 -0.14 -8.76 80.86
C ASN G 21 -1.14 -8.95 79.73
N ALA G 22 -1.48 -7.85 79.04
CA ALA G 22 -2.52 -7.89 78.01
C ALA G 22 -1.92 -8.28 76.67
N GLY G 23 -0.62 -8.07 76.53
CA GLY G 23 0.10 -8.45 75.35
C GLY G 23 1.56 -8.30 75.72
N VAL G 24 2.45 -8.70 74.82
CA VAL G 24 3.89 -8.53 75.04
C VAL G 24 4.19 -7.04 75.16
N ASP G 25 4.88 -6.67 76.25
CA ASP G 25 5.29 -5.31 76.57
C ASP G 25 4.12 -4.42 77.04
N HIS G 26 2.99 -5.04 77.35
CA HIS G 26 1.81 -4.35 77.86
C HIS G 26 1.39 -4.96 79.18
N ILE G 27 2.10 -4.58 80.23
CA ILE G 27 1.76 -4.97 81.59
C ILE G 27 1.15 -3.75 82.32
N SER G 28 -0.14 -3.85 82.62
CA SER G 28 -0.90 -2.75 83.22
C SER G 28 -1.87 -3.27 84.28
N THR G 29 -2.64 -2.35 84.86
CA THR G 29 -3.52 -2.66 85.98
C THR G 29 -4.98 -2.92 85.54
N PHE G 30 -5.51 -4.07 85.92
CA PHE G 30 -6.89 -4.43 85.65
C PHE G 30 -7.57 -5.08 86.87
N ARG G 31 -8.82 -4.73 87.08
CA ARG G 31 -9.58 -5.28 88.19
C ARG G 31 -9.84 -6.75 87.91
N LYS G 32 -9.63 -7.58 88.92
CA LYS G 32 -9.79 -9.03 88.79
C LYS G 32 -10.79 -9.52 89.84
N LEU G 33 -11.61 -8.61 90.36
CA LEU G 33 -12.65 -8.95 91.32
C LEU G 33 -13.89 -8.14 90.95
N HIS G 34 -14.93 -8.83 90.51
CA HIS G 34 -16.12 -8.14 90.06
C HIS G 34 -17.33 -8.61 90.86
N LEU G 35 -18.29 -7.71 91.03
CA LEU G 35 -19.41 -7.96 91.93
C LEU G 35 -20.75 -8.04 91.22
N PHE G 36 -21.56 -9.02 91.63
CA PHE G 36 -22.93 -9.10 91.18
C PHE G 36 -23.79 -9.16 92.42
N GLN G 37 -24.43 -8.05 92.75
CA GLN G 37 -25.04 -7.90 94.06
C GLN G 37 -26.52 -7.59 93.96
N GLN G 38 -27.31 -8.31 94.74
CA GLN G 38 -28.72 -7.97 94.88
C GLN G 38 -28.98 -7.75 96.36
N PRO G 39 -29.03 -6.47 96.78
CA PRO G 39 -29.10 -6.14 98.21
C PRO G 39 -30.23 -6.88 98.91
N GLY G 40 -29.87 -7.64 99.94
CA GLY G 40 -30.82 -8.43 100.67
C GLY G 40 -31.19 -9.80 100.09
N GLU G 41 -30.67 -10.13 98.91
CA GLU G 41 -31.03 -11.38 98.22
C GLU G 41 -29.82 -12.17 97.67
N ARG G 42 -28.78 -11.48 97.18
CA ARG G 42 -27.57 -12.14 96.61
C ARG G 42 -26.30 -11.33 96.69
N THR G 43 -25.20 -12.05 96.89
CA THR G 43 -23.88 -11.48 96.77
C THR G 43 -23.00 -12.52 96.08
N LEU G 44 -22.60 -12.23 94.84
CA LEU G 44 -21.77 -13.15 94.05
C LEU G 44 -20.43 -12.48 93.65
N VAL G 45 -19.31 -13.15 93.92
CA VAL G 45 -18.04 -12.58 93.52
C VAL G 45 -17.37 -13.46 92.48
N VAL G 46 -16.94 -12.83 91.39
CA VAL G 46 -16.23 -13.54 90.35
C VAL G 46 -14.80 -12.98 90.26
N GLN G 47 -13.83 -13.86 90.38
CA GLN G 47 -12.41 -13.49 90.30
C GLN G 47 -11.80 -14.10 89.03
N SER G 48 -10.89 -13.36 88.38
CA SER G 48 -10.39 -13.70 87.04
C SER G 48 -8.89 -14.04 86.95
N ALA G 49 -8.54 -15.04 86.15
CA ALA G 49 -7.15 -15.32 85.81
C ALA G 49 -7.04 -15.88 84.41
N GLY G 50 -5.88 -15.67 83.79
CA GLY G 50 -5.65 -16.11 82.41
C GLY G 50 -5.91 -15.01 81.42
N ASN G 51 -6.25 -15.38 80.19
CA ASN G 51 -6.39 -14.42 79.08
C ASN G 51 -7.41 -13.32 79.41
N LEU G 52 -6.94 -12.08 79.39
CA LEU G 52 -7.73 -10.90 79.75
C LEU G 52 -8.91 -10.64 78.81
N ALA G 53 -8.69 -10.81 77.51
CA ALA G 53 -9.76 -10.64 76.53
C ALA G 53 -10.88 -11.63 76.82
N THR G 54 -10.50 -12.86 77.17
CA THR G 54 -11.44 -13.92 77.51
C THR G 54 -12.21 -13.58 78.79
N THR G 55 -11.51 -13.25 79.88
CA THR G 55 -12.20 -12.94 81.14
C THR G 55 -13.04 -11.67 81.06
N GLN G 56 -12.55 -10.65 80.37
CA GLN G 56 -13.31 -9.41 80.21
C GLN G 56 -14.59 -9.65 79.42
N SER G 57 -14.54 -10.51 78.41
CA SER G 57 -15.75 -10.83 77.66
C SER G 57 -16.74 -11.61 78.52
N ILE G 58 -16.23 -12.56 79.30
CA ILE G 58 -17.11 -13.33 80.18
C ILE G 58 -17.86 -12.44 81.16
N VAL G 59 -17.13 -11.59 81.86
CA VAL G 59 -17.75 -10.66 82.81
C VAL G 59 -18.71 -9.68 82.14
N SER G 60 -18.34 -9.12 80.99
CA SER G 60 -19.21 -8.15 80.30
C SER G 60 -20.50 -8.78 79.83
N LEU G 61 -20.40 -9.99 79.29
CA LEU G 61 -21.59 -10.71 78.85
C LEU G 61 -22.53 -11.00 80.03
N LEU G 62 -21.95 -11.38 81.16
CA LEU G 62 -22.72 -11.66 82.37
C LEU G 62 -23.44 -10.41 82.89
N GLN G 63 -22.74 -9.28 82.85
CA GLN G 63 -23.29 -8.01 83.31
C GLN G 63 -24.45 -7.55 82.42
N ARG G 64 -24.27 -7.72 81.11
CA ARG G 64 -25.27 -7.32 80.16
C ARG G 64 -26.53 -8.13 80.31
N ARG G 65 -26.33 -9.42 80.51
CA ARG G 65 -27.45 -10.33 80.58
C ARG G 65 -28.23 -10.23 81.88
N CYS G 66 -27.61 -9.67 82.92
CA CYS G 66 -28.33 -9.41 84.19
C CYS G 66 -29.43 -8.39 83.98
N LEU G 67 -29.30 -7.61 82.91
CA LEU G 67 -30.25 -6.57 82.53
C LEU G 67 -31.38 -7.16 81.67
N ASP G 68 -31.25 -8.45 81.34
CA ASP G 68 -32.28 -9.17 80.59
C ASP G 68 -32.95 -10.27 81.44
N PRO G 69 -34.18 -10.01 81.91
CA PRO G 69 -34.92 -10.94 82.76
C PRO G 69 -35.51 -12.10 81.96
N GLU G 70 -35.42 -12.01 80.64
CA GLU G 70 -35.96 -13.01 79.72
C GLU G 70 -34.91 -14.06 79.42
N GLN G 71 -33.76 -13.90 80.05
CA GLN G 71 -32.66 -14.78 79.78
C GLN G 71 -32.13 -15.26 81.11
N THR G 72 -31.54 -16.46 81.13
CA THR G 72 -30.90 -16.92 82.35
C THR G 72 -29.74 -15.98 82.67
N ASN G 73 -29.69 -15.47 83.89
CA ASN G 73 -28.59 -14.59 84.24
C ASN G 73 -28.28 -14.78 85.72
N LEU G 74 -27.23 -14.12 86.18
CA LEU G 74 -26.77 -14.34 87.53
C LEU G 74 -27.73 -13.80 88.59
N MET G 75 -28.73 -13.04 88.16
CA MET G 75 -29.74 -12.50 89.09
C MET G 75 -30.99 -13.39 89.26
N ASN G 76 -31.28 -14.26 88.29
CA ASN G 76 -32.45 -15.10 88.41
C ASN G 76 -32.15 -16.60 88.54
N VAL G 77 -30.87 -16.98 88.61
CA VAL G 77 -30.52 -18.37 88.91
C VAL G 77 -30.88 -18.67 90.36
N ALA G 78 -31.42 -19.86 90.61
CA ALA G 78 -31.94 -20.19 91.94
C ALA G 78 -30.84 -20.49 92.96
N SER G 79 -29.73 -21.08 92.51
CA SER G 79 -28.64 -21.42 93.43
C SER G 79 -27.30 -21.14 92.78
N MET G 80 -26.27 -21.12 93.63
CA MET G 80 -24.90 -20.88 93.24
C MET G 80 -24.42 -21.96 92.27
N TYR G 81 -24.99 -23.16 92.42
CA TYR G 81 -24.70 -24.25 91.48
C TYR G 81 -25.21 -23.87 90.09
N GLU G 82 -26.38 -23.25 90.00
CA GLU G 82 -26.90 -22.83 88.70
C GLU G 82 -26.05 -21.70 88.17
N ALA G 83 -25.55 -20.87 89.09
CA ALA G 83 -24.64 -19.78 88.76
C ALA G 83 -23.32 -20.33 88.22
N ALA G 84 -22.78 -21.37 88.85
CA ALA G 84 -21.55 -21.98 88.36
C ALA G 84 -21.77 -22.56 86.96
N THR G 85 -22.93 -23.20 86.77
CA THR G 85 -23.28 -23.78 85.48
C THR G 85 -23.35 -22.70 84.39
N LEU G 86 -23.99 -21.59 84.71
CA LEU G 86 -24.11 -20.49 83.77
C LEU G 86 -22.71 -19.93 83.45
N LEU G 87 -21.89 -19.80 84.48
CA LEU G 87 -20.53 -19.30 84.32
C LEU G 87 -19.71 -20.23 83.38
N GLY G 88 -19.82 -21.54 83.60
CA GLY G 88 -19.14 -22.50 82.73
C GLY G 88 -19.58 -22.42 81.27
N GLU G 89 -20.89 -22.26 81.05
CA GLU G 89 -21.46 -22.11 79.73
C GLU G 89 -20.91 -20.87 79.00
N THR G 90 -20.73 -19.78 79.76
CA THR G 90 -20.22 -18.52 79.22
C THR G 90 -18.74 -18.63 78.89
N VAL G 91 -18.02 -19.38 79.71
CA VAL G 91 -16.63 -19.68 79.45
C VAL G 91 -16.51 -20.36 78.07
N ARG G 92 -17.29 -21.40 77.83
CA ARG G 92 -17.25 -22.08 76.54
C ARG G 92 -17.67 -21.14 75.42
N GLU G 93 -18.66 -20.28 75.69
CA GLU G 93 -19.16 -19.36 74.68
C GLU G 93 -18.09 -18.38 74.17
N VAL G 94 -17.36 -17.73 75.08
CA VAL G 94 -16.35 -16.76 74.69
C VAL G 94 -15.14 -17.45 74.03
N ILE G 95 -14.69 -18.58 74.60
CA ILE G 95 -13.55 -19.32 74.06
C ILE G 95 -13.83 -19.88 72.66
N ASN G 96 -15.02 -20.43 72.43
CA ASN G 96 -15.38 -20.92 71.11
C ASN G 96 -15.52 -19.79 70.09
N ARG G 97 -16.00 -18.64 70.55
CA ARG G 97 -16.17 -17.49 69.67
C ARG G 97 -14.83 -16.92 69.20
N ASP G 98 -13.94 -16.65 70.16
CA ASP G 98 -12.67 -16.00 69.89
C ASP G 98 -11.74 -16.89 69.04
N SER G 99 -11.95 -18.19 69.09
CA SER G 99 -11.19 -19.19 68.30
C SER G 99 -11.81 -19.53 66.93
N THR G 108 -5.15 -23.20 73.11
CA THR G 108 -4.95 -23.17 74.56
C THR G 108 -4.61 -21.79 75.14
N ASP G 109 -4.49 -20.77 74.29
CA ASP G 109 -4.06 -19.46 74.77
C ASP G 109 -5.23 -18.49 75.02
N PHE G 110 -6.45 -18.94 74.76
CA PHE G 110 -7.63 -18.14 75.06
C PHE G 110 -8.26 -18.64 76.36
N ASN G 111 -7.52 -19.48 77.08
CA ASN G 111 -7.98 -20.12 78.31
C ASN G 111 -8.00 -19.16 79.51
N CYS G 112 -8.94 -19.39 80.43
CA CYS G 112 -9.03 -18.66 81.69
C CYS G 112 -9.43 -19.58 82.82
N ASN G 113 -9.18 -19.14 84.06
CA ASN G 113 -9.67 -19.80 85.27
C ASN G 113 -10.48 -18.79 86.07
N LEU G 114 -11.57 -19.24 86.71
CA LEU G 114 -12.38 -18.31 87.49
C LEU G 114 -12.75 -18.83 88.89
N LEU G 115 -12.91 -17.91 89.83
CA LEU G 115 -13.47 -18.25 91.13
C LEU G 115 -14.82 -17.57 91.26
N LEU G 116 -15.80 -18.32 91.75
CA LEU G 116 -17.14 -17.82 91.95
C LEU G 116 -17.54 -18.15 93.36
N GLY G 117 -17.83 -17.12 94.15
CA GLY G 117 -18.15 -17.31 95.55
C GLY G 117 -19.22 -16.36 96.03
N GLY G 118 -19.93 -16.77 97.08
CA GLY G 118 -20.96 -15.95 97.67
C GLY G 118 -22.11 -16.74 98.28
N GLN G 119 -23.27 -16.09 98.30
CA GLN G 119 -24.45 -16.70 98.87
C GLN G 119 -25.69 -16.20 98.15
N ILE G 120 -26.59 -17.12 97.79
CA ILE G 120 -27.89 -16.73 97.30
C ILE G 120 -28.90 -17.14 98.38
N LYS G 121 -29.81 -16.23 98.72
CA LYS G 121 -30.74 -16.46 99.83
C LYS G 121 -31.51 -17.76 99.65
N GLY G 122 -31.55 -18.54 100.72
CA GLY G 122 -32.15 -19.87 100.76
C GLY G 122 -31.16 -21.00 100.79
N GLU G 123 -29.87 -20.69 100.65
CA GLU G 123 -28.79 -21.67 100.74
C GLU G 123 -27.60 -21.00 101.42
N GLY G 124 -26.63 -21.78 101.86
CA GLY G 124 -25.47 -21.21 102.53
C GLY G 124 -24.43 -20.70 101.55
N LEU G 125 -23.25 -20.39 102.08
CA LEU G 125 -22.14 -19.90 101.28
C LEU G 125 -21.65 -20.97 100.33
N ARG G 126 -21.39 -20.58 99.07
CA ARG G 126 -20.85 -21.53 98.10
C ARG G 126 -19.72 -20.91 97.28
N LEU G 127 -18.72 -21.73 96.98
CA LEU G 127 -17.54 -21.31 96.27
C LEU G 127 -17.19 -22.34 95.20
N PHE G 128 -16.95 -21.87 93.98
CA PHE G 128 -16.62 -22.73 92.85
C PHE G 128 -15.34 -22.35 92.16
N HIS G 129 -14.66 -23.33 91.59
CA HIS G 129 -13.55 -23.09 90.68
C HIS G 129 -14.00 -23.55 89.29
N ILE G 130 -14.09 -22.62 88.36
CA ILE G 130 -14.51 -22.91 87.00
C ILE G 130 -13.26 -23.11 86.12
N TYR G 131 -13.21 -24.21 85.37
CA TYR G 131 -12.06 -24.50 84.50
C TYR G 131 -12.30 -24.00 83.07
N PRO G 132 -11.24 -23.91 82.24
CA PRO G 132 -11.39 -23.48 80.84
C PRO G 132 -12.35 -24.32 79.97
N GLN G 133 -12.53 -25.59 80.30
CA GLN G 133 -13.42 -26.49 79.57
C GLN G 133 -14.90 -26.25 79.93
N GLY G 134 -15.12 -25.46 80.99
CA GLY G 134 -16.46 -25.07 81.42
C GLY G 134 -17.06 -25.90 82.56
N ASN G 135 -16.39 -26.97 82.93
CA ASN G 135 -16.80 -27.74 84.09
C ASN G 135 -16.19 -27.07 85.30
N PHE G 136 -16.50 -27.57 86.50
CA PHE G 136 -16.14 -26.86 87.70
C PHE G 136 -16.12 -27.76 88.93
N ILE G 137 -15.45 -27.31 89.99
CA ILE G 137 -15.51 -28.02 91.26
C ILE G 137 -15.91 -27.05 92.35
N GLU G 138 -16.35 -27.61 93.46
CA GLU G 138 -16.86 -26.83 94.57
C GLU G 138 -16.03 -27.05 95.83
N ALA G 139 -15.80 -25.99 96.59
CA ALA G 139 -15.06 -26.10 97.85
C ALA G 139 -15.89 -26.78 98.95
N THR G 140 -15.23 -27.60 99.78
CA THR G 140 -15.86 -28.26 100.92
C THR G 140 -15.10 -27.91 102.19
N GLN G 141 -15.45 -28.56 103.29
CA GLN G 141 -14.76 -28.30 104.55
C GLN G 141 -13.32 -28.81 104.53
N ASP G 142 -13.08 -29.86 103.75
CA ASP G 142 -11.76 -30.50 103.63
C ASP G 142 -10.81 -29.74 102.72
N THR G 143 -11.36 -29.12 101.68
CA THR G 143 -10.63 -28.21 100.82
C THR G 143 -11.43 -26.90 100.77
N PRO G 144 -11.16 -26.02 101.74
CA PRO G 144 -11.98 -24.83 101.98
C PRO G 144 -11.53 -23.61 101.24
N TYR G 145 -10.59 -23.75 100.32
CA TYR G 145 -10.15 -22.60 99.55
C TYR G 145 -9.71 -23.00 98.15
N PHE G 146 -9.72 -22.00 97.25
CA PHE G 146 -9.22 -22.14 95.89
C PHE G 146 -8.27 -20.99 95.55
N GLN G 147 -7.25 -21.28 94.74
CA GLN G 147 -6.35 -20.24 94.22
C GLN G 147 -6.34 -20.33 92.72
N ILE G 148 -6.20 -19.20 92.02
CA ILE G 148 -5.95 -19.19 90.58
C ILE G 148 -4.76 -18.28 90.26
N GLY G 149 -4.11 -18.46 89.10
CA GLY G 149 -2.95 -17.66 88.76
C GLY G 149 -1.66 -18.14 89.42
N GLU G 150 -0.75 -17.20 89.73
CA GLU G 150 0.53 -17.54 90.41
C GLU G 150 0.32 -17.80 91.90
N SER G 151 0.13 -19.07 92.23
CA SER G 151 -0.43 -19.47 93.53
C SER G 151 0.51 -20.26 94.46
N LYS G 152 1.58 -20.80 93.92
CA LYS G 152 2.40 -21.69 94.72
C LYS G 152 3.16 -21.00 95.85
N TYR G 153 3.59 -19.76 95.60
CA TYR G 153 4.33 -18.99 96.60
C TYR G 153 3.49 -18.72 97.85
N GLY G 154 2.19 -18.51 97.64
CA GLY G 154 1.30 -18.06 98.71
C GLY G 154 0.55 -19.21 99.33
N LYS G 155 0.79 -20.41 98.82
CA LYS G 155 0.09 -21.60 99.33
C LYS G 155 0.58 -22.06 100.71
N PRO G 156 1.93 -22.09 100.95
CA PRO G 156 2.35 -22.62 102.25
C PRO G 156 1.69 -21.96 103.47
N ILE G 157 1.55 -20.63 103.43
CA ILE G 157 0.99 -19.93 104.58
C ILE G 157 -0.48 -20.31 104.78
N ILE G 158 -1.21 -20.54 103.71
CA ILE G 158 -2.61 -20.91 103.81
C ILE G 158 -2.75 -22.31 104.43
N ASP G 159 -1.91 -23.25 103.98
CA ASP G 159 -1.89 -24.60 104.53
C ASP G 159 -1.48 -24.63 106.00
N ARG G 160 -0.67 -23.66 106.42
CA ARG G 160 -0.16 -23.65 107.77
C ARG G 160 -1.17 -23.05 108.74
N VAL G 161 -1.96 -22.08 108.29
CA VAL G 161 -2.82 -21.35 109.21
C VAL G 161 -4.33 -21.42 108.89
N LEU G 162 -4.70 -21.73 107.65
CA LEU G 162 -6.12 -21.68 107.30
C LEU G 162 -6.85 -23.02 107.50
N SER G 163 -8.03 -22.93 108.10
CA SER G 163 -8.94 -24.05 108.26
C SER G 163 -10.38 -23.60 108.04
N TYR G 164 -11.28 -24.56 107.87
CA TYR G 164 -12.68 -24.23 107.60
C TYR G 164 -13.26 -23.30 108.66
N ASP G 165 -12.74 -23.41 109.88
CA ASP G 165 -13.25 -22.67 111.04
C ASP G 165 -12.46 -21.40 111.39
N THR G 166 -11.47 -21.04 110.58
CA THR G 166 -10.74 -19.78 110.81
C THR G 166 -11.72 -18.63 110.68
N PRO G 167 -11.73 -17.74 111.68
CA PRO G 167 -12.59 -16.55 111.66
C PRO G 167 -12.26 -15.63 110.48
N LEU G 168 -13.25 -14.85 110.03
CA LEU G 168 -13.12 -13.99 108.87
C LEU G 168 -11.91 -13.06 108.94
N ASP G 169 -11.71 -12.42 110.08
CA ASP G 169 -10.64 -11.45 110.21
C ASP G 169 -9.29 -12.12 110.06
N GLN G 170 -9.15 -13.31 110.63
CA GLN G 170 -7.88 -14.02 110.57
C GLN G 170 -7.64 -14.58 109.17
N ALA G 171 -8.71 -14.99 108.51
CA ALA G 171 -8.64 -15.49 107.15
C ALA G 171 -8.11 -14.43 106.17
N MET G 172 -8.60 -13.20 106.32
CA MET G 172 -8.16 -12.12 105.46
C MET G 172 -6.68 -11.82 105.72
N GLN G 173 -6.26 -11.93 106.98
CA GLN G 173 -4.86 -11.76 107.33
C GLN G 173 -3.99 -12.77 106.58
N CYS G 174 -4.46 -14.02 106.54
CA CYS G 174 -3.77 -15.08 105.84
C CYS G 174 -3.65 -14.79 104.35
N ALA G 175 -4.75 -14.32 103.76
CA ALA G 175 -4.77 -13.95 102.34
C ALA G 175 -3.75 -12.83 102.05
N LEU G 176 -3.66 -11.84 102.95
CA LEU G 176 -2.73 -10.70 102.81
C LEU G 176 -1.27 -11.12 102.92
N ILE G 177 -0.98 -12.08 103.82
CA ILE G 177 0.35 -12.65 103.96
C ILE G 177 0.69 -13.50 102.73
N SER G 178 -0.30 -14.21 102.23
CA SER G 178 -0.17 -14.97 101.00
C SER G 178 0.26 -14.05 99.82
N MET G 179 -0.38 -12.88 99.72
CA MET G 179 -0.04 -11.90 98.69
C MET G 179 1.36 -11.33 98.82
N ASP G 180 1.74 -11.00 100.05
CA ASP G 180 3.03 -10.41 100.35
C ASP G 180 4.15 -11.29 99.86
N SER G 181 4.07 -12.57 100.22
CA SER G 181 5.07 -13.51 99.80
C SER G 181 5.10 -13.64 98.29
N THR G 182 3.92 -13.61 97.66
CA THR G 182 3.83 -13.75 96.22
C THR G 182 4.40 -12.50 95.55
N LEU G 183 3.97 -11.33 96.04
CA LEU G 183 4.48 -10.04 95.54
C LEU G 183 5.99 -9.98 95.60
N ARG G 184 6.55 -10.47 96.69
CA ARG G 184 8.00 -10.45 96.88
C ARG G 184 8.73 -11.44 95.99
N SER G 185 8.01 -12.45 95.50
CA SER G 185 8.68 -13.60 94.87
C SER G 185 8.50 -13.71 93.37
N ASN G 186 7.51 -13.03 92.82
CA ASN G 186 7.21 -13.11 91.39
C ASN G 186 6.67 -11.80 90.84
N LEU G 187 7.32 -11.26 89.82
CA LEU G 187 6.99 -9.93 89.31
C LEU G 187 5.76 -9.87 88.40
N SER G 188 5.12 -11.01 88.14
CA SER G 188 3.87 -11.00 87.37
C SER G 188 2.70 -10.65 88.29
N VAL G 189 2.97 -10.67 89.59
CA VAL G 189 1.97 -10.29 90.57
C VAL G 189 2.32 -8.93 91.14
N GLY G 190 1.33 -8.04 91.20
CA GLY G 190 1.55 -6.65 91.59
C GLY G 190 0.33 -5.91 92.11
N LEU G 191 0.61 -4.92 92.93
CA LEU G 191 -0.38 -4.03 93.51
C LEU G 191 -0.98 -3.15 92.39
N PRO G 192 -2.18 -2.55 92.62
CA PRO G 192 -3.06 -2.65 93.78
C PRO G 192 -3.78 -3.97 93.88
N LEU G 193 -4.32 -4.23 95.06
CA LEU G 193 -5.11 -5.40 95.36
C LEU G 193 -6.56 -4.99 95.44
N ASP G 194 -7.46 -5.93 95.21
CA ASP G 194 -8.87 -5.73 95.52
C ASP G 194 -9.33 -6.86 96.43
N VAL G 195 -9.80 -6.52 97.63
CA VAL G 195 -10.20 -7.57 98.59
C VAL G 195 -11.62 -7.38 99.10
N MET G 196 -12.18 -8.46 99.62
CA MET G 196 -13.53 -8.42 100.20
C MET G 196 -13.75 -9.50 101.25
N ILE G 197 -14.44 -9.11 102.31
CA ILE G 197 -14.94 -10.00 103.33
C ILE G 197 -16.45 -10.12 103.17
N TYR G 198 -16.96 -11.33 102.99
CA TYR G 198 -18.40 -11.50 102.95
C TYR G 198 -18.87 -12.29 104.16
N PRO G 199 -19.50 -11.60 105.12
CA PRO G 199 -20.08 -12.27 106.29
C PRO G 199 -21.33 -13.08 105.94
N LEU G 200 -21.47 -14.24 106.59
CA LEU G 200 -22.63 -15.12 106.39
C LEU G 200 -23.98 -14.39 106.54
N ASP G 201 -24.89 -14.63 105.60
CA ASP G 201 -26.27 -14.14 105.63
C ASP G 201 -26.39 -12.61 105.57
N SER G 202 -25.29 -11.94 105.29
CA SER G 202 -25.27 -10.48 105.23
C SER G 202 -25.75 -9.90 103.90
N PHE G 203 -25.44 -10.57 102.80
CA PHE G 203 -25.72 -10.06 101.46
C PHE G 203 -25.24 -8.63 101.21
N SER G 204 -24.07 -8.29 101.77
CA SER G 204 -23.52 -6.94 101.63
C SER G 204 -22.10 -6.90 101.05
N THR G 205 -21.82 -5.85 100.30
CA THR G 205 -20.51 -5.59 99.74
C THR G 205 -19.85 -4.42 100.45
N GLU G 206 -20.27 -4.19 101.69
CA GLU G 206 -19.81 -3.05 102.48
C GLU G 206 -18.32 -3.18 102.71
N GLN G 207 -17.87 -4.43 102.85
CA GLN G 207 -16.47 -4.72 103.06
C GLN G 207 -15.73 -5.03 101.76
N GLN G 208 -15.83 -4.11 100.79
CA GLN G 208 -15.03 -4.19 99.57
C GLN G 208 -13.95 -3.10 99.60
N TYR G 209 -12.69 -3.48 99.29
CA TYR G 209 -11.56 -2.57 99.49
C TYR G 209 -10.50 -2.62 98.41
N ARG G 210 -9.95 -1.46 98.08
CA ARG G 210 -8.74 -1.39 97.27
C ARG G 210 -7.49 -1.09 98.11
N ILE G 211 -6.51 -1.98 98.03
CA ILE G 211 -5.27 -1.84 98.79
C ILE G 211 -4.13 -1.32 97.89
N THR G 212 -3.70 -0.07 98.12
CA THR G 212 -2.59 0.52 97.39
C THR G 212 -1.27 0.36 98.15
N GLU G 213 -0.16 0.72 97.51
CA GLU G 213 1.15 0.69 98.17
C GLU G 213 1.22 1.59 99.40
N ASP G 214 0.34 2.59 99.42
CA ASP G 214 0.30 3.58 100.48
C ASP G 214 -0.69 3.19 101.59
N HIS G 215 -1.38 2.08 101.39
CA HIS G 215 -2.38 1.58 102.33
C HIS G 215 -1.74 1.32 103.69
N PRO G 216 -2.22 2.04 104.72
CA PRO G 216 -1.61 1.99 106.04
C PRO G 216 -1.55 0.61 106.68
N TYR G 217 -2.66 -0.13 106.73
CA TYR G 217 -2.67 -1.45 107.38
C TYR G 217 -1.82 -2.48 106.67
N PHE G 218 -1.87 -2.47 105.34
CA PHE G 218 -1.10 -3.44 104.56
C PHE G 218 0.40 -3.29 104.75
N MET G 219 0.88 -2.05 104.81
CA MET G 219 2.29 -1.78 105.10
C MET G 219 2.65 -2.38 106.47
N MET G 220 1.73 -2.26 107.41
CA MET G 220 1.85 -2.71 108.81
C MET G 220 1.88 -4.23 108.91
N ILE G 221 0.99 -4.90 108.18
CA ILE G 221 0.92 -6.34 108.24
C ILE G 221 2.16 -6.94 107.55
N ARG G 222 2.61 -6.30 106.49
CA ARG G 222 3.78 -6.79 105.77
C ARG G 222 5.05 -6.65 106.57
N LYS G 223 5.27 -5.48 107.16
CA LYS G 223 6.46 -5.23 107.92
C LYS G 223 6.44 -6.07 109.16
N GLY G 224 5.26 -6.15 109.78
CA GLY G 224 5.13 -6.92 110.98
C GLY G 224 5.40 -8.40 110.76
N TRP G 225 4.88 -9.00 109.71
CA TRP G 225 5.11 -10.42 109.44
C TRP G 225 6.57 -10.68 109.13
N GLY G 226 7.12 -9.85 108.27
CA GLY G 226 8.49 -9.95 107.85
C GLY G 226 9.47 -9.84 108.99
N GLU G 227 9.23 -8.88 109.87
CA GLU G 227 10.11 -8.67 111.00
C GLU G 227 10.05 -9.81 111.99
N GLY G 228 8.84 -10.27 112.26
CA GLY G 228 8.61 -11.36 113.21
C GLY G 228 9.28 -12.64 112.74
N LEU G 229 9.17 -12.90 111.45
CA LEU G 229 9.71 -14.11 110.85
C LEU G 229 11.21 -14.14 110.98
N VAL G 230 11.85 -13.02 110.69
CA VAL G 230 13.31 -12.93 110.80
C VAL G 230 13.72 -13.17 112.24
N SER G 231 12.85 -12.75 113.16
CA SER G 231 13.10 -12.94 114.58
C SER G 231 13.02 -14.43 114.94
N ILE G 232 12.04 -15.14 114.38
CA ILE G 232 11.92 -16.56 114.66
C ILE G 232 13.15 -17.30 114.20
N PHE G 233 13.65 -16.95 113.02
CA PHE G 233 14.80 -17.62 112.41
C PHE G 233 16.00 -17.46 113.36
N ALA G 234 16.16 -16.27 113.92
CA ALA G 234 17.26 -15.96 114.81
C ALA G 234 17.17 -16.75 116.14
N GLN G 235 15.96 -17.12 116.53
CA GLN G 235 15.78 -17.85 117.78
C GLN G 235 15.77 -19.37 117.61
N LEU G 236 15.96 -19.85 116.40
CA LEU G 236 16.06 -21.29 116.18
C LEU G 236 17.33 -21.84 116.84
N PRO G 237 17.24 -23.08 117.36
CA PRO G 237 18.39 -23.79 117.93
C PRO G 237 19.49 -23.96 116.88
N GLY G 238 20.75 -23.99 117.32
CA GLY G 238 21.87 -24.11 116.39
C GLY G 238 21.86 -25.40 115.60
N LEU G 239 22.39 -25.34 114.38
CA LEU G 239 22.41 -26.49 113.49
C LEU G 239 23.28 -27.64 114.01
N LYS G 240 22.67 -28.79 114.26
CA LYS G 240 23.46 -29.96 114.63
C LYS G 240 22.92 -31.16 113.90
N LEU G 241 23.44 -31.40 112.71
CA LEU G 241 23.01 -32.53 111.88
C LEU G 241 23.79 -33.81 112.15
N GLY G 242 24.85 -33.71 112.97
CA GLY G 242 25.72 -34.83 113.24
C GLY G 242 25.30 -35.67 114.44
N THR H 1 10.48 -33.85 93.80
CA THR H 1 11.82 -33.43 93.42
C THR H 1 12.02 -31.94 93.65
N TYR H 2 12.86 -31.62 94.62
CA TYR H 2 13.26 -30.25 94.86
C TYR H 2 14.68 -30.27 95.36
N CYS H 3 15.56 -29.56 94.65
CA CYS H 3 16.95 -29.42 95.07
C CYS H 3 17.26 -27.94 95.08
N VAL H 4 18.05 -27.52 96.06
CA VAL H 4 18.47 -26.14 96.15
C VAL H 4 19.96 -26.12 96.47
N ALA H 5 20.66 -25.14 95.94
CA ALA H 5 22.07 -24.98 96.25
C ALA H 5 22.33 -23.51 96.50
N MET H 6 23.18 -23.22 97.47
CA MET H 6 23.49 -21.85 97.81
C MET H 6 24.99 -21.64 97.77
N ARG H 7 25.41 -20.61 97.04
CA ARG H 7 26.80 -20.26 96.99
C ARG H 7 27.04 -19.00 97.82
N LEU H 8 27.77 -19.15 98.93
CA LEU H 8 27.99 -18.03 99.83
C LEU H 8 29.47 -17.66 99.98
N SER H 9 29.72 -16.59 100.73
CA SER H 9 31.08 -16.17 100.98
C SER H 9 31.90 -17.23 101.72
N SER H 10 31.27 -17.93 102.66
CA SER H 10 31.97 -18.87 103.54
C SER H 10 31.91 -20.34 103.07
N GLY H 11 31.13 -20.61 102.04
CA GLY H 11 30.99 -21.97 101.56
C GLY H 11 29.71 -22.15 100.78
N LEU H 12 29.33 -23.42 100.59
CA LEU H 12 28.12 -23.81 99.89
C LEU H 12 27.18 -24.66 100.75
N ALA H 13 25.89 -24.54 100.51
CA ALA H 13 24.91 -25.40 101.15
C ALA H 13 24.07 -26.15 100.10
N PHE H 14 23.85 -27.44 100.32
CA PHE H 14 23.05 -28.24 99.40
C PHE H 14 21.90 -28.97 100.11
N ALA H 15 20.74 -29.03 99.45
CA ALA H 15 19.63 -29.81 99.98
C ALA H 15 18.78 -30.38 98.86
N SER H 16 18.52 -31.68 98.93
CA SER H 16 17.67 -32.33 97.97
C SER H 16 16.71 -33.31 98.64
N ASP H 17 15.52 -33.42 98.10
CA ASP H 17 14.59 -34.48 98.49
C ASP H 17 14.95 -35.76 97.73
N SER H 18 14.07 -36.76 97.75
CA SER H 18 14.37 -38.00 97.07
C SER H 18 13.18 -38.58 96.30
N ARG H 19 12.00 -37.98 96.46
CA ARG H 19 10.82 -38.55 95.82
C ARG H 19 10.85 -38.35 94.32
N THR H 20 10.71 -39.46 93.61
CA THR H 20 10.88 -39.48 92.17
C THR H 20 9.74 -40.17 91.45
N ASN H 21 9.34 -39.60 90.33
CA ASN H 21 8.34 -40.21 89.49
C ASN H 21 9.05 -40.92 88.33
N ALA H 22 9.15 -42.25 88.45
CA ALA H 22 9.84 -43.12 87.48
C ALA H 22 8.89 -43.64 86.40
N GLY H 23 7.60 -43.63 86.73
CA GLY H 23 6.53 -44.03 85.84
C GLY H 23 5.29 -43.48 86.52
N VAL H 24 4.14 -43.56 85.86
CA VAL H 24 2.92 -43.02 86.45
C VAL H 24 2.59 -43.68 87.80
N ASP H 25 2.75 -45.01 87.85
CA ASP H 25 2.47 -45.76 89.05
C ASP H 25 3.76 -46.16 89.75
N HIS H 26 4.85 -45.50 89.39
CA HIS H 26 6.14 -45.80 89.96
C HIS H 26 6.78 -44.55 90.58
N ILE H 27 6.30 -44.15 91.75
CA ILE H 27 6.90 -43.03 92.48
C ILE H 27 7.78 -43.59 93.59
N SER H 28 9.08 -43.37 93.52
CA SER H 28 10.02 -44.03 94.45
C SER H 28 11.08 -43.09 94.99
N THR H 29 11.95 -43.64 95.82
CA THR H 29 13.01 -42.89 96.46
C THR H 29 14.32 -43.11 95.68
N PHE H 30 14.91 -42.02 95.22
CA PHE H 30 16.20 -42.03 94.52
C PHE H 30 17.04 -40.85 94.99
N ARG H 31 18.35 -41.05 95.13
CA ARG H 31 19.24 -39.97 95.59
C ARG H 31 19.40 -38.90 94.48
N LYS H 32 19.32 -37.61 94.86
CA LYS H 32 19.43 -36.50 93.90
C LYS H 32 20.58 -35.57 94.23
N LEU H 33 21.54 -36.09 94.98
CA LEU H 33 22.76 -35.38 95.35
C LEU H 33 23.95 -36.36 95.20
N HIS H 34 24.81 -36.11 94.22
CA HIS H 34 25.94 -36.99 93.94
C HIS H 34 27.27 -36.26 94.04
N LEU H 35 28.30 -37.04 94.38
CA LEU H 35 29.58 -36.49 94.72
C LEU H 35 30.67 -36.91 93.75
N PHE H 36 31.52 -35.95 93.37
CA PHE H 36 32.75 -36.25 92.64
C PHE H 36 33.87 -35.65 93.46
N GLN H 37 34.62 -36.51 94.11
CA GLN H 37 35.50 -36.13 95.20
C GLN H 37 36.95 -36.54 95.02
N GLN H 38 37.85 -35.58 95.26
CA GLN H 38 39.26 -35.85 95.40
C GLN H 38 39.80 -35.13 96.64
N PRO H 39 40.04 -35.88 97.73
CA PRO H 39 40.43 -35.30 99.02
C PRO H 39 41.64 -34.36 98.93
N GLY H 40 41.49 -33.12 99.40
CA GLY H 40 42.57 -32.16 99.36
C GLY H 40 42.74 -31.43 98.03
N GLU H 41 41.92 -31.76 97.04
CA GLU H 41 42.10 -31.17 95.72
C GLU H 41 40.78 -30.63 95.09
N ARG H 42 39.68 -31.38 95.21
CA ARG H 42 38.40 -30.91 94.65
C ARG H 42 37.17 -31.59 95.24
N THR H 43 36.07 -30.84 95.29
CA THR H 43 34.79 -31.43 95.68
C THR H 43 33.71 -30.88 94.77
N LEU H 44 33.07 -31.77 94.01
CA LEU H 44 32.00 -31.37 93.10
C LEU H 44 30.71 -32.06 93.51
N VAL H 45 29.62 -31.30 93.61
CA VAL H 45 28.31 -31.88 93.91
C VAL H 45 27.38 -31.68 92.71
N VAL H 46 26.74 -32.76 92.27
CA VAL H 46 25.78 -32.68 91.16
C VAL H 46 24.39 -33.03 91.69
N GLN H 47 23.43 -32.11 91.47
CA GLN H 47 22.04 -32.31 91.89
C GLN H 47 21.13 -32.50 90.69
N SER H 48 20.15 -33.39 90.85
CA SER H 48 19.36 -33.88 89.73
C SER H 48 17.87 -33.52 89.82
N ALA H 49 17.29 -33.14 88.68
CA ALA H 49 15.84 -32.95 88.53
C ALA H 49 15.36 -33.30 87.11
N GLY H 50 14.10 -33.69 86.97
CA GLY H 50 13.55 -34.08 85.68
C GLY H 50 13.64 -35.58 85.46
N ASN H 51 13.70 -35.99 84.20
CA ASN H 51 13.69 -37.42 83.84
C ASN H 51 14.82 -38.21 84.51
N LEU H 52 14.43 -39.19 85.32
CA LEU H 52 15.36 -39.98 86.13
C LEU H 52 16.34 -40.78 85.27
N ALA H 53 15.83 -41.34 84.18
CA ALA H 53 16.63 -42.13 83.26
C ALA H 53 17.74 -41.30 82.65
N THR H 54 17.42 -40.05 82.30
CA THR H 54 18.37 -39.11 81.74
C THR H 54 19.42 -38.74 82.79
N THR H 55 18.93 -38.38 83.97
CA THR H 55 19.77 -37.99 85.08
C THR H 55 20.71 -39.11 85.53
N GLN H 56 20.21 -40.34 85.57
CA GLN H 56 21.03 -41.49 85.96
C GLN H 56 22.14 -41.81 84.95
N SER H 57 21.81 -41.69 83.67
CA SER H 57 22.80 -41.93 82.61
C SER H 57 23.92 -40.88 82.62
N ILE H 58 23.55 -39.61 82.88
CA ILE H 58 24.54 -38.53 82.97
C ILE H 58 25.54 -38.75 84.10
N VAL H 59 25.02 -38.98 85.31
CA VAL H 59 25.84 -39.20 86.49
C VAL H 59 26.73 -40.46 86.33
N SER H 60 26.16 -41.53 85.77
CA SER H 60 26.93 -42.77 85.54
C SER H 60 28.05 -42.59 84.51
N LEU H 61 27.76 -41.88 83.42
CA LEU H 61 28.77 -41.62 82.40
C LEU H 61 29.90 -40.79 82.96
N LEU H 62 29.56 -39.80 83.80
CA LEU H 62 30.58 -38.97 84.42
C LEU H 62 31.41 -39.81 85.38
N GLN H 63 30.76 -40.72 86.11
CA GLN H 63 31.48 -41.56 87.07
C GLN H 63 32.40 -42.53 86.34
N ARG H 64 31.92 -43.12 85.26
CA ARG H 64 32.69 -44.07 84.47
C ARG H 64 33.90 -43.42 83.83
N ARG H 65 33.71 -42.22 83.31
CA ARG H 65 34.78 -41.49 82.63
C ARG H 65 35.80 -40.93 83.62
N CYS H 66 35.41 -40.83 84.88
CA CYS H 66 36.32 -40.47 85.94
C CYS H 66 37.40 -41.55 86.13
N LEU H 67 37.13 -42.75 85.61
CA LEU H 67 38.09 -43.86 85.70
C LEU H 67 39.06 -43.93 84.51
N ASP H 68 38.83 -43.11 83.49
CA ASP H 68 39.68 -43.09 82.31
C ASP H 68 40.48 -41.77 82.24
N PRO H 69 41.80 -41.85 82.47
CA PRO H 69 42.61 -40.62 82.52
C PRO H 69 42.90 -40.03 81.13
N GLU H 70 42.59 -40.79 80.09
CA GLU H 70 42.86 -40.41 78.70
C GLU H 70 41.69 -39.62 78.09
N GLN H 71 40.65 -39.39 78.90
CA GLN H 71 39.44 -38.66 78.50
C GLN H 71 39.23 -37.47 79.40
N THR H 72 38.55 -36.46 78.89
CA THR H 72 38.15 -35.34 79.72
C THR H 72 37.13 -35.89 80.73
N ASN H 73 37.35 -35.61 82.01
CA ASN H 73 36.41 -36.05 83.05
C ASN H 73 36.39 -35.08 84.22
N LEU H 74 35.50 -35.30 85.18
CA LEU H 74 35.35 -34.35 86.28
C LEU H 74 36.55 -34.37 87.23
N MET H 75 37.44 -35.34 87.08
CA MET H 75 38.64 -35.40 87.94
C MET H 75 39.81 -34.64 87.35
N ASN H 76 39.81 -34.38 86.05
CA ASN H 76 40.92 -33.66 85.41
C ASN H 76 40.56 -32.31 84.76
N VAL H 77 39.33 -31.83 84.93
CA VAL H 77 39.01 -30.48 84.48
C VAL H 77 39.73 -29.49 85.41
N ALA H 78 40.27 -28.41 84.84
CA ALA H 78 41.08 -27.42 85.58
C ALA H 78 40.23 -26.45 86.41
N SER H 79 39.00 -26.21 85.94
CA SER H 79 38.08 -25.28 86.59
C SER H 79 36.66 -25.80 86.62
N MET H 80 35.83 -25.20 87.47
CA MET H 80 34.42 -25.56 87.54
C MET H 80 33.72 -25.18 86.24
N TYR H 81 34.20 -24.12 85.59
CA TYR H 81 33.65 -23.71 84.30
C TYR H 81 33.83 -24.84 83.28
N GLU H 82 34.99 -25.51 83.31
CA GLU H 82 35.20 -26.63 82.39
C GLU H 82 34.33 -27.80 82.78
N ALA H 83 34.06 -27.95 84.08
CA ALA H 83 33.13 -28.98 84.52
C ALA H 83 31.71 -28.74 83.97
N ALA H 84 31.24 -27.50 84.02
CA ALA H 84 29.90 -27.15 83.50
C ALA H 84 29.80 -27.43 82.02
N THR H 85 30.88 -27.12 81.32
CA THR H 85 30.95 -27.37 79.89
C THR H 85 30.80 -28.86 79.62
N LEU H 86 31.48 -29.65 80.46
CA LEU H 86 31.49 -31.09 80.35
C LEU H 86 30.11 -31.68 80.63
N LEU H 87 29.46 -31.19 81.69
CA LEU H 87 28.10 -31.63 82.01
C LEU H 87 27.13 -31.33 80.87
N GLY H 88 27.22 -30.13 80.31
CA GLY H 88 26.36 -29.73 79.20
C GLY H 88 26.52 -30.64 78.00
N GLU H 89 27.75 -31.02 77.71
CA GLU H 89 28.03 -31.93 76.62
C GLU H 89 27.38 -33.26 76.90
N THR H 90 27.44 -33.70 78.16
CA THR H 90 26.89 -35.01 78.56
C THR H 90 25.36 -34.99 78.58
N VAL H 91 24.79 -33.86 79.04
CA VAL H 91 23.33 -33.67 79.02
C VAL H 91 22.81 -33.81 77.59
N ARG H 92 23.43 -33.11 76.65
CA ARG H 92 23.03 -33.22 75.25
C ARG H 92 23.29 -34.65 74.77
N GLU H 93 24.40 -35.21 75.20
CA GLU H 93 24.73 -36.58 74.80
C GLU H 93 23.65 -37.57 75.18
N VAL H 94 23.23 -37.54 76.43
CA VAL H 94 22.25 -38.51 76.89
C VAL H 94 20.88 -38.30 76.25
N ILE H 95 20.48 -37.04 76.10
CA ILE H 95 19.19 -36.70 75.51
C ILE H 95 19.09 -37.09 74.03
N ASN H 96 20.16 -36.86 73.25
CA ASN H 96 20.17 -37.24 71.82
C ASN H 96 20.14 -38.76 71.58
N ARG H 97 20.78 -39.51 72.47
CA ARG H 97 20.77 -40.96 72.37
C ARG H 97 19.37 -41.49 72.65
N ASP H 98 18.84 -41.08 73.78
CA ASP H 98 17.53 -41.55 74.26
C ASP H 98 16.35 -41.09 73.38
N SER H 99 16.52 -39.99 72.65
CA SER H 99 15.45 -39.49 71.78
C SER H 99 15.47 -40.16 70.41
N GLY H 100 16.60 -40.78 70.08
CA GLY H 100 16.74 -41.48 68.82
C GLY H 100 17.20 -40.54 67.73
N THR H 108 10.25 -33.07 74.76
CA THR H 108 10.85 -32.64 76.02
C THR H 108 10.79 -33.71 77.13
N ASP H 109 10.31 -34.90 76.79
CA ASP H 109 10.11 -35.99 77.77
C ASP H 109 11.41 -36.40 78.46
N PHE H 110 12.53 -36.27 77.77
CA PHE H 110 13.80 -36.74 78.27
C PHE H 110 14.62 -35.64 78.92
N ASN H 111 13.99 -34.49 79.16
CA ASN H 111 14.70 -33.30 79.66
C ASN H 111 15.09 -33.35 81.13
N CYS H 112 16.23 -32.74 81.45
CA CYS H 112 16.62 -32.63 82.85
C CYS H 112 17.23 -31.28 83.16
N ASN H 113 17.26 -30.95 84.45
CA ASN H 113 17.96 -29.79 84.96
C ASN H 113 18.95 -30.26 85.98
N LEU H 114 20.10 -29.60 86.03
CA LEU H 114 21.14 -29.99 86.99
C LEU H 114 21.68 -28.78 87.73
N LEU H 115 22.11 -29.02 88.96
CA LEU H 115 22.89 -28.07 89.70
C LEU H 115 24.27 -28.70 89.88
N LEU H 116 25.31 -27.90 89.64
CA LEU H 116 26.70 -28.33 89.81
C LEU H 116 27.44 -27.30 90.65
N GLY H 117 27.93 -27.70 91.81
CA GLY H 117 28.57 -26.76 92.70
C GLY H 117 29.76 -27.36 93.42
N GLY H 118 30.66 -26.50 93.87
CA GLY H 118 31.81 -26.96 94.62
C GLY H 118 33.04 -26.11 94.45
N GLN H 119 34.19 -26.75 94.62
CA GLN H 119 35.45 -26.06 94.53
C GLN H 119 36.53 -26.96 93.98
N ILE H 120 37.30 -26.42 93.05
CA ILE H 120 38.51 -27.03 92.56
C ILE H 120 39.69 -26.20 93.01
N LYS H 121 40.74 -26.87 93.50
CA LYS H 121 41.93 -26.20 94.04
C LYS H 121 42.48 -25.16 93.08
N GLY H 122 42.70 -23.95 93.57
CA GLY H 122 43.17 -22.88 92.71
C GLY H 122 42.07 -21.90 92.31
N GLU H 123 40.84 -22.20 92.72
CA GLU H 123 39.71 -21.38 92.32
C GLU H 123 38.77 -21.17 93.51
N GLY H 124 37.87 -20.21 93.40
CA GLY H 124 36.93 -19.98 94.49
C GLY H 124 35.72 -20.88 94.36
N LEU H 125 34.71 -20.63 95.18
CA LEU H 125 33.48 -21.40 95.12
C LEU H 125 32.76 -21.10 93.82
N ARG H 126 32.26 -22.12 93.15
CA ARG H 126 31.46 -21.90 91.95
C ARG H 126 30.22 -22.77 91.92
N LEU H 127 29.14 -22.20 91.40
CA LEU H 127 27.88 -22.89 91.33
C LEU H 127 27.18 -22.65 90.00
N PHE H 128 26.76 -23.74 89.35
CA PHE H 128 26.07 -23.65 88.06
C PHE H 128 24.71 -24.33 88.06
N HIS H 129 23.82 -23.79 87.23
CA HIS H 129 22.57 -24.43 86.89
C HIS H 129 22.67 -24.86 85.45
N ILE H 130 22.63 -26.16 85.20
CA ILE H 130 22.71 -26.71 83.85
C ILE H 130 21.31 -26.96 83.28
N TYR H 131 21.11 -26.50 82.05
CA TYR H 131 19.84 -26.63 81.33
C TYR H 131 19.78 -27.85 80.43
N PRO H 132 18.55 -28.27 80.06
CA PRO H 132 18.36 -29.38 79.11
C PRO H 132 19.04 -29.19 77.77
N GLN H 133 19.24 -27.94 77.35
CA GLN H 133 19.93 -27.65 76.10
C GLN H 133 21.45 -27.82 76.25
N GLY H 134 21.92 -27.93 77.49
CA GLY H 134 23.32 -28.14 77.76
C GLY H 134 24.05 -26.83 78.04
N ASN H 135 23.36 -25.71 77.84
CA ASN H 135 23.94 -24.42 78.22
C ASN H 135 23.67 -24.22 79.71
N PHE H 136 24.24 -23.16 80.30
CA PHE H 136 24.22 -23.04 81.75
C PHE H 136 24.43 -21.62 82.21
N ILE H 137 24.06 -21.35 83.45
CA ILE H 137 24.39 -20.07 84.08
C ILE H 137 25.07 -20.29 85.41
N GLU H 138 25.77 -19.26 85.88
CA GLU H 138 26.58 -19.35 87.08
C GLU H 138 26.05 -18.44 88.18
N ALA H 139 26.05 -18.95 89.41
CA ALA H 139 25.57 -18.16 90.54
C ALA H 139 26.57 -17.05 90.86
N THR H 140 26.07 -15.85 91.18
CA THR H 140 26.89 -14.69 91.54
C THR H 140 26.51 -14.16 92.91
N GLN H 141 27.09 -13.02 93.28
CA GLN H 141 26.75 -12.40 94.57
C GLN H 141 25.34 -11.87 94.53
N ASP H 142 24.89 -11.52 93.33
CA ASP H 142 23.55 -10.98 93.11
C ASP H 142 22.45 -12.06 93.12
N THR H 143 22.78 -13.24 92.61
CA THR H 143 21.90 -14.40 92.67
C THR H 143 22.70 -15.59 93.26
N PRO H 144 22.73 -15.71 94.60
CA PRO H 144 23.67 -16.63 95.25
C PRO H 144 23.14 -18.05 95.44
N TYR H 145 21.99 -18.37 94.85
CA TYR H 145 21.45 -19.71 94.94
C TYR H 145 20.67 -20.07 93.69
N PHE H 146 20.50 -21.36 93.45
CA PHE H 146 19.66 -21.88 92.36
C PHE H 146 18.66 -22.92 92.89
N GLN H 147 17.51 -22.99 92.27
CA GLN H 147 16.56 -24.05 92.59
C GLN H 147 16.21 -24.83 91.35
N ILE H 148 16.03 -26.13 91.49
CA ILE H 148 15.44 -26.94 90.43
C ILE H 148 14.32 -27.82 90.98
N GLY H 149 13.43 -28.26 90.09
CA GLY H 149 12.25 -29.04 90.46
C GLY H 149 11.10 -28.16 90.92
N GLU H 150 10.29 -28.68 91.85
CA GLU H 150 9.18 -27.96 92.45
C GLU H 150 9.72 -27.00 93.49
N SER H 151 10.00 -25.77 93.06
CA SER H 151 10.83 -24.87 93.84
C SER H 151 10.07 -23.67 94.41
N LYS H 152 8.90 -23.40 93.85
CA LYS H 152 8.21 -22.16 94.21
C LYS H 152 7.66 -22.12 95.63
N TYR H 153 7.23 -23.25 96.18
CA TYR H 153 6.70 -23.23 97.53
C TYR H 153 7.79 -22.79 98.47
N GLY H 154 9.03 -23.16 98.15
CA GLY H 154 10.13 -22.91 99.06
C GLY H 154 10.96 -21.68 98.74
N LYS H 155 10.56 -20.93 97.72
CA LYS H 155 11.32 -19.74 97.32
C LYS H 155 11.13 -18.55 98.28
N PRO H 156 9.89 -18.29 98.74
CA PRO H 156 9.75 -17.10 99.59
C PRO H 156 10.66 -17.05 100.83
N ILE H 157 10.87 -18.16 101.54
CA ILE H 157 11.70 -18.09 102.75
C ILE H 157 13.17 -17.79 102.41
N ILE H 158 13.63 -18.31 101.29
CA ILE H 158 14.99 -18.08 100.86
C ILE H 158 15.19 -16.61 100.49
N ASP H 159 14.21 -16.03 99.77
CA ASP H 159 14.34 -14.65 99.39
C ASP H 159 14.38 -13.70 100.58
N ARG H 160 13.60 -14.01 101.61
CA ARG H 160 13.53 -13.12 102.75
C ARG H 160 14.66 -13.36 103.77
N VAL H 161 15.35 -14.49 103.67
CA VAL H 161 16.33 -14.87 104.71
C VAL H 161 17.79 -15.08 104.23
N LEU H 162 17.99 -15.47 102.96
CA LEU H 162 19.34 -15.76 102.47
C LEU H 162 19.97 -14.57 101.77
N SER H 163 21.25 -14.37 102.04
CA SER H 163 22.06 -13.41 101.29
C SER H 163 23.46 -14.00 101.09
N TYR H 164 24.27 -13.39 100.23
CA TYR H 164 25.60 -13.90 99.94
C TYR H 164 26.50 -14.03 101.19
N ASP H 165 26.28 -13.16 102.19
CA ASP H 165 27.12 -13.10 103.39
C ASP H 165 26.53 -13.92 104.55
N THR H 166 25.43 -14.60 104.28
CA THR H 166 24.81 -15.49 105.25
C THR H 166 25.76 -16.62 105.61
N PRO H 167 25.97 -16.84 106.92
CA PRO H 167 26.79 -17.96 107.40
C PRO H 167 26.18 -19.32 107.01
N LEU H 168 27.06 -20.31 106.89
CA LEU H 168 26.72 -21.66 106.44
C LEU H 168 25.56 -22.32 107.22
N ASP H 169 25.60 -22.22 108.55
CA ASP H 169 24.58 -22.88 109.37
C ASP H 169 23.18 -22.32 109.21
N GLN H 170 23.09 -21.00 109.07
CA GLN H 170 21.81 -20.33 108.88
C GLN H 170 21.30 -20.62 107.48
N ALA H 171 22.24 -20.75 106.55
CA ALA H 171 21.91 -21.11 105.18
C ALA H 171 21.31 -22.51 105.10
N MET H 172 21.88 -23.46 105.84
CA MET H 172 21.33 -24.81 105.83
C MET H 172 19.96 -24.82 106.50
N GLN H 173 19.83 -24.05 107.57
CA GLN H 173 18.56 -23.88 108.25
C GLN H 173 17.51 -23.28 107.32
N CYS H 174 17.93 -22.30 106.53
CA CYS H 174 17.05 -21.70 105.55
C CYS H 174 16.61 -22.75 104.52
N ALA H 175 17.54 -23.59 104.08
CA ALA H 175 17.24 -24.70 103.16
C ALA H 175 16.21 -25.71 103.74
N LEU H 176 16.36 -26.06 105.02
CA LEU H 176 15.47 -27.05 105.66
C LEU H 176 14.04 -26.55 105.80
N ILE H 177 13.91 -25.27 106.14
CA ILE H 177 12.60 -24.64 106.25
C ILE H 177 11.96 -24.59 104.88
N SER H 178 12.77 -24.29 103.88
CA SER H 178 12.33 -24.29 102.49
C SER H 178 11.79 -25.67 102.12
N MET H 179 12.50 -26.71 102.54
CA MET H 179 12.10 -28.07 102.30
C MET H 179 10.79 -28.42 103.03
N ASP H 180 10.71 -28.00 104.29
CA ASP H 180 9.54 -28.23 105.13
C ASP H 180 8.25 -27.66 104.50
N SER H 181 8.29 -26.40 104.05
CA SER H 181 7.14 -25.77 103.42
C SER H 181 6.74 -26.47 102.12
N THR H 182 7.73 -26.97 101.40
CA THR H 182 7.48 -27.67 100.14
C THR H 182 6.81 -29.00 100.45
N LEU H 183 7.36 -29.70 101.43
CA LEU H 183 6.79 -30.95 101.89
C LEU H 183 5.33 -30.80 102.26
N ARG H 184 5.00 -29.71 102.96
CA ARG H 184 3.63 -29.53 103.41
C ARG H 184 2.66 -29.17 102.29
N SER H 185 3.19 -28.63 101.19
CA SER H 185 2.31 -28.03 100.18
C SER H 185 2.22 -28.82 98.88
N ASN H 186 3.16 -29.73 98.65
CA ASN H 186 3.20 -30.51 97.41
C ASN H 186 3.69 -31.95 97.58
N LEU H 187 2.86 -32.91 97.19
CA LEU H 187 3.12 -34.34 97.45
C LEU H 187 4.14 -34.98 96.50
N SER H 188 4.70 -34.20 95.57
CA SER H 188 5.74 -34.71 94.69
C SER H 188 7.13 -34.64 95.32
N VAL H 189 7.21 -33.92 96.43
CA VAL H 189 8.45 -33.76 97.17
C VAL H 189 8.36 -34.59 98.46
N GLY H 190 9.43 -35.32 98.79
CA GLY H 190 9.36 -36.20 99.93
C GLY H 190 10.68 -36.61 100.57
N LEU H 191 10.58 -36.92 101.86
CA LEU H 191 11.71 -37.45 102.63
C LEU H 191 12.01 -38.87 102.12
N PRO H 192 13.23 -39.38 102.36
CA PRO H 192 14.36 -38.75 103.08
C PRO H 192 15.01 -37.62 102.31
N LEU H 193 15.80 -36.81 103.01
CA LEU H 193 16.56 -35.74 102.39
C LEU H 193 18.04 -36.08 102.32
N ASP H 194 18.74 -35.51 101.34
CA ASP H 194 20.18 -35.54 101.34
C ASP H 194 20.72 -34.12 101.29
N VAL H 195 21.49 -33.75 102.30
CA VAL H 195 21.99 -32.40 102.41
C VAL H 195 23.51 -32.42 102.55
N MET H 196 24.11 -31.27 102.29
CA MET H 196 25.55 -31.11 102.47
C MET H 196 25.98 -29.67 102.68
N ILE H 197 26.88 -29.49 103.64
CA ILE H 197 27.56 -28.22 103.85
C ILE H 197 29.02 -28.36 103.44
N TYR H 198 29.43 -27.52 102.51
CA TYR H 198 30.82 -27.48 102.09
C TYR H 198 31.44 -26.17 102.53
N PRO H 199 32.30 -26.22 103.56
CA PRO H 199 33.04 -25.03 104.04
C PRO H 199 34.11 -24.61 103.04
N LEU H 200 34.29 -23.31 102.82
CA LEU H 200 35.31 -22.79 101.90
C LEU H 200 36.70 -23.35 102.17
N ASP H 201 37.36 -23.83 101.10
CA ASP H 201 38.72 -24.37 101.11
C ASP H 201 38.91 -25.68 101.88
N SER H 202 37.81 -26.34 102.23
CA SER H 202 37.86 -27.59 103.01
C SER H 202 38.09 -28.87 102.16
N PHE H 203 37.54 -28.92 100.95
CA PHE H 203 37.62 -30.10 100.07
C PHE H 203 37.22 -31.42 100.77
N SER H 204 36.21 -31.36 101.64
CA SER H 204 35.74 -32.52 102.42
C SER H 204 34.26 -32.83 102.23
N THR H 205 33.92 -34.10 102.37
CA THR H 205 32.54 -34.54 102.32
C THR H 205 31.99 -34.97 103.69
N GLU H 206 32.61 -34.59 104.79
CA GLU H 206 32.09 -35.04 106.08
C GLU H 206 30.73 -34.44 106.50
N GLN H 207 30.45 -33.19 106.17
CA GLN H 207 29.18 -32.62 106.58
C GLN H 207 28.12 -32.93 105.53
N GLN H 208 27.99 -34.22 105.20
CA GLN H 208 26.94 -34.74 104.33
C GLN H 208 25.99 -35.62 105.16
N TYR H 209 24.68 -35.44 105.00
CA TYR H 209 23.76 -36.13 105.90
C TYR H 209 22.52 -36.67 105.19
N ARG H 210 22.06 -37.82 105.65
CA ARG H 210 20.78 -38.37 105.26
C ARG H 210 19.81 -37.99 106.35
N ILE H 211 18.78 -37.24 105.98
CA ILE H 211 17.77 -36.79 106.92
C ILE H 211 16.54 -37.67 106.68
N THR H 212 16.22 -38.54 107.64
CA THR H 212 15.03 -39.41 107.52
C THR H 212 13.81 -38.79 108.18
N GLU H 213 12.68 -39.46 108.07
CA GLU H 213 11.45 -39.02 108.74
C GLU H 213 11.67 -38.96 110.27
N ASP H 214 12.61 -39.77 110.76
CA ASP H 214 12.90 -39.91 112.19
C ASP H 214 14.02 -38.99 112.68
N HIS H 215 14.64 -38.23 111.78
CA HIS H 215 15.76 -37.36 112.14
C HIS H 215 15.32 -36.34 113.19
N PRO H 216 15.93 -36.41 114.38
CA PRO H 216 15.53 -35.59 115.54
C PRO H 216 15.62 -34.08 115.30
N TYR H 217 16.73 -33.61 114.75
CA TYR H 217 16.92 -32.18 114.57
C TYR H 217 15.96 -31.58 113.53
N PHE H 218 15.75 -32.27 112.41
CA PHE H 218 14.81 -31.78 111.40
C PHE H 218 13.40 -31.76 111.97
N MET H 219 13.04 -32.81 112.70
CA MET H 219 11.77 -32.88 113.38
C MET H 219 11.64 -31.69 114.32
N MET H 220 12.76 -31.34 114.95
CA MET H 220 12.83 -30.22 115.88
C MET H 220 12.65 -28.88 115.19
N ILE H 221 13.39 -28.68 114.10
CA ILE H 221 13.35 -27.41 113.41
C ILE H 221 11.98 -27.21 112.73
N ARG H 222 11.34 -28.27 112.27
CA ARG H 222 10.01 -28.13 111.65
C ARG H 222 8.95 -27.66 112.64
N LYS H 223 8.95 -28.28 113.81
CA LYS H 223 7.96 -28.01 114.86
C LYS H 223 8.15 -26.60 115.40
N GLY H 224 9.42 -26.20 115.58
CA GLY H 224 9.74 -24.87 116.08
C GLY H 224 9.32 -23.75 115.15
N TRP H 225 9.55 -23.96 113.86
CA TRP H 225 9.18 -22.99 112.84
C TRP H 225 7.66 -22.91 112.72
N GLY H 226 7.01 -24.06 112.70
CA GLY H 226 5.56 -24.12 112.57
C GLY H 226 4.90 -23.39 113.71
N GLU H 227 5.36 -23.66 114.92
CA GLU H 227 4.86 -23.01 116.13
C GLU H 227 5.22 -21.53 116.10
N GLY H 228 6.42 -21.22 115.64
CA GLY H 228 6.88 -19.85 115.59
C GLY H 228 6.01 -18.99 114.70
N LEU H 229 5.64 -19.51 113.54
CA LEU H 229 4.84 -18.78 112.59
C LEU H 229 3.47 -18.52 113.14
N VAL H 230 2.86 -19.57 113.68
CA VAL H 230 1.51 -19.52 114.19
C VAL H 230 1.37 -18.52 115.34
N SER H 231 2.42 -18.41 116.16
CA SER H 231 2.39 -17.45 117.26
C SER H 231 2.47 -16.03 116.72
N ILE H 232 3.35 -15.80 115.75
CA ILE H 232 3.49 -14.47 115.14
C ILE H 232 2.17 -14.04 114.52
N PHE H 233 1.50 -15.00 113.89
CA PHE H 233 0.22 -14.74 113.28
C PHE H 233 -0.79 -14.28 114.32
N ALA H 234 -0.75 -14.97 115.46
CA ALA H 234 -1.72 -14.71 116.52
C ALA H 234 -1.63 -13.32 117.15
N GLN H 235 -0.44 -12.74 117.18
CA GLN H 235 -0.28 -11.44 117.84
C GLN H 235 -0.31 -10.25 116.83
N LEU H 236 -0.60 -10.52 115.56
CA LEU H 236 -0.68 -9.44 114.57
C LEU H 236 -1.83 -8.51 114.92
N PRO H 237 -1.67 -7.21 114.63
CA PRO H 237 -2.77 -6.27 114.86
C PRO H 237 -4.01 -6.63 114.03
N GLY H 238 -5.19 -6.37 114.58
CA GLY H 238 -6.48 -6.66 113.96
C GLY H 238 -6.75 -5.92 112.65
N LEU H 239 -7.59 -6.50 111.80
CA LEU H 239 -7.87 -5.88 110.50
C LEU H 239 -8.41 -4.49 110.58
N LYS H 240 -7.73 -3.59 109.89
CA LYS H 240 -8.17 -2.22 109.75
C LYS H 240 -8.05 -1.94 108.26
N LEU H 241 -9.05 -2.43 107.51
CA LEU H 241 -9.08 -2.29 106.07
C LEU H 241 -9.78 -1.00 105.62
N THR I 1 -7.18 -41.81 95.52
CA THR I 1 -8.55 -42.27 95.35
C THR I 1 -8.67 -43.80 95.28
N TYR I 2 -9.26 -44.38 96.32
CA TYR I 2 -9.58 -45.81 96.39
C TYR I 2 -10.86 -46.04 97.22
N CYS I 3 -11.85 -46.72 96.63
CA CYS I 3 -13.10 -47.09 97.33
C CYS I 3 -13.47 -48.56 97.22
N VAL I 4 -14.08 -49.05 98.29
CA VAL I 4 -14.56 -50.43 98.37
C VAL I 4 -15.98 -50.45 98.92
N ALA I 5 -16.78 -51.36 98.40
CA ALA I 5 -18.09 -51.59 98.98
C ALA I 5 -18.30 -53.11 99.01
N MET I 6 -18.86 -53.62 100.10
CA MET I 6 -19.08 -55.05 100.26
C MET I 6 -20.55 -55.34 100.60
N ARG I 7 -21.18 -56.23 99.84
CA ARG I 7 -22.53 -56.67 100.15
C ARG I 7 -22.52 -58.08 100.72
N LEU I 8 -22.88 -58.18 101.98
CA LEU I 8 -22.83 -59.45 102.68
C LEU I 8 -24.22 -59.87 103.19
N SER I 9 -24.32 -61.06 103.77
CA SER I 9 -25.62 -61.52 104.29
C SER I 9 -26.17 -60.65 105.42
N SER I 10 -25.31 -60.13 106.30
CA SER I 10 -25.76 -59.38 107.48
C SER I 10 -25.77 -57.85 107.29
N GLY I 11 -25.27 -57.38 106.15
CA GLY I 11 -25.21 -55.95 105.86
C GLY I 11 -24.23 -55.51 104.78
N LEU I 12 -23.96 -54.21 104.75
CA LEU I 12 -23.00 -53.63 103.80
C LEU I 12 -21.87 -52.93 104.53
N ALA I 13 -20.68 -53.03 103.97
CA ALA I 13 -19.56 -52.28 104.53
C ALA I 13 -18.98 -51.38 103.44
N PHE I 14 -18.68 -50.13 103.78
CA PHE I 14 -18.12 -49.16 102.83
C PHE I 14 -16.81 -48.55 103.35
N ALA I 15 -15.86 -48.34 102.44
CA ALA I 15 -14.63 -47.62 102.77
C ALA I 15 -14.16 -46.80 101.58
N SER I 16 -13.87 -45.53 101.82
CA SER I 16 -13.37 -44.60 100.83
C SER I 16 -12.19 -43.82 101.41
N ASP I 17 -11.17 -43.53 100.61
CA ASP I 17 -10.13 -42.57 101.03
C ASP I 17 -10.61 -41.15 100.65
N SER I 18 -9.74 -40.16 100.69
CA SER I 18 -10.17 -38.80 100.34
C SER I 18 -9.20 -38.11 99.45
N ARG I 19 -8.09 -38.74 99.13
CA ARG I 19 -7.11 -37.99 98.36
C ARG I 19 -7.59 -37.77 96.93
N THR I 20 -7.70 -36.50 96.54
CA THR I 20 -8.22 -36.17 95.22
C THR I 20 -7.27 -35.21 94.51
N ASN I 21 -7.02 -35.47 93.24
CA ASN I 21 -6.25 -34.52 92.43
C ASN I 21 -7.25 -33.75 91.55
N ALA I 22 -7.45 -32.48 91.88
CA ALA I 22 -8.50 -31.69 91.23
C ALA I 22 -8.01 -31.05 89.94
N GLY I 23 -6.71 -30.91 89.83
CA GLY I 23 -6.08 -30.37 88.65
C GLY I 23 -4.61 -30.60 88.82
N VAL I 24 -3.81 -30.25 87.82
CA VAL I 24 -2.36 -30.35 87.92
C VAL I 24 -1.88 -29.48 89.08
N ASP I 25 -1.00 -30.04 89.91
CA ASP I 25 -0.43 -29.40 91.10
C ASP I 25 -1.46 -29.15 92.20
N HIS I 26 -2.64 -29.76 92.08
CA HIS I 26 -3.67 -29.58 93.09
C HIS I 26 -4.23 -30.93 93.55
N ILE I 27 -3.48 -31.60 94.42
CA ILE I 27 -3.92 -32.86 95.02
C ILE I 27 -4.40 -32.50 96.41
N SER I 28 -5.68 -32.63 96.67
CA SER I 28 -6.26 -32.13 97.91
C SER I 28 -7.26 -33.13 98.50
N THR I 29 -7.88 -32.76 99.61
CA THR I 29 -8.80 -33.68 100.29
C THR I 29 -10.27 -33.41 99.96
N PHE I 30 -10.94 -34.42 99.43
CA PHE I 30 -12.37 -34.34 99.09
C PHE I 30 -13.09 -35.63 99.51
N ARG I 31 -14.29 -35.46 100.05
CA ARG I 31 -15.08 -36.59 100.56
C ARG I 31 -15.62 -37.46 99.43
N LYS I 32 -15.49 -38.78 99.59
CA LYS I 32 -15.86 -39.74 98.54
C LYS I 32 -16.91 -40.75 99.00
N LEU I 33 -17.63 -40.40 100.04
CA LEU I 33 -18.69 -41.25 100.54
C LEU I 33 -19.86 -40.37 100.91
N HIS I 34 -20.95 -40.49 100.16
CA HIS I 34 -22.10 -39.62 100.39
C HIS I 34 -23.35 -40.42 100.67
N LEU I 35 -24.20 -39.84 101.50
CA LEU I 35 -25.35 -40.53 102.08
C LEU I 35 -26.65 -39.91 101.63
N PHE I 36 -27.60 -40.77 101.29
CA PHE I 36 -28.96 -40.36 101.01
C PHE I 36 -29.84 -41.14 101.93
N GLN I 37 -30.41 -40.40 102.89
CA GLN I 37 -31.04 -40.97 104.08
C GLN I 37 -32.49 -40.56 104.30
N GLN I 38 -33.33 -41.55 104.55
CA GLN I 38 -34.68 -41.35 105.05
C GLN I 38 -34.87 -42.22 106.28
N PRO I 39 -34.86 -41.59 107.48
CA PRO I 39 -34.90 -42.34 108.74
C PRO I 39 -36.05 -43.33 108.79
N GLY I 40 -35.74 -44.61 109.01
CA GLY I 40 -36.76 -45.63 109.07
C GLY I 40 -37.26 -46.18 107.74
N GLU I 41 -36.76 -45.68 106.62
CA GLU I 41 -37.28 -46.08 105.30
C GLU I 41 -36.22 -46.49 104.26
N ARG I 42 -35.13 -45.72 104.17
CA ARG I 42 -34.08 -46.07 103.22
C ARG I 42 -32.72 -45.46 103.58
N THR I 43 -31.67 -46.20 103.27
CA THR I 43 -30.32 -45.72 103.45
C THR I 43 -29.52 -46.06 102.21
N LEU I 44 -29.12 -45.03 101.47
CA LEU I 44 -28.37 -45.20 100.24
C LEU I 44 -27.00 -44.51 100.36
N VAL I 45 -25.96 -45.23 99.93
CA VAL I 45 -24.58 -44.76 99.95
C VAL I 45 -24.01 -44.61 98.54
N VAL I 46 -23.40 -43.46 98.25
CA VAL I 46 -22.73 -43.24 96.97
C VAL I 46 -21.23 -42.94 97.10
N GLN I 47 -20.41 -43.73 96.42
CA GLN I 47 -18.96 -43.52 96.39
C GLN I 47 -18.47 -43.13 95.02
N SER I 48 -17.55 -42.18 94.95
CA SER I 48 -17.14 -41.62 93.66
C SER I 48 -15.64 -41.76 93.40
N ALA I 49 -15.31 -41.98 92.13
CA ALA I 49 -13.94 -41.98 91.62
C ALA I 49 -13.93 -41.43 90.21
N GLY I 50 -12.77 -40.98 89.74
CA GLY I 50 -12.61 -40.39 88.42
C GLY I 50 -12.64 -38.88 88.49
N ASN I 51 -13.02 -38.23 87.39
CA ASN I 51 -13.02 -36.78 87.33
C ASN I 51 -13.90 -36.19 88.45
N LEU I 52 -13.28 -35.43 89.35
CA LEU I 52 -13.95 -34.84 90.50
C LEU I 52 -15.08 -33.86 90.12
N ALA I 53 -14.83 -33.07 89.08
CA ALA I 53 -15.82 -32.11 88.59
C ALA I 53 -17.09 -32.86 88.20
N THR I 54 -16.91 -34.02 87.55
CA THR I 54 -18.02 -34.86 87.11
C THR I 54 -18.82 -35.42 88.29
N THR I 55 -18.11 -36.07 89.21
CA THR I 55 -18.74 -36.70 90.36
C THR I 55 -19.37 -35.69 91.33
N GLN I 56 -18.75 -34.52 91.47
CA GLN I 56 -19.34 -33.51 92.33
C GLN I 56 -20.67 -33.03 91.77
N SER I 57 -20.74 -32.88 90.44
CA SER I 57 -21.98 -32.46 89.80
C SER I 57 -23.07 -33.53 89.92
N ILE I 58 -22.70 -34.79 89.70
CA ILE I 58 -23.64 -35.91 89.82
C ILE I 58 -24.24 -36.02 91.23
N VAL I 59 -23.39 -36.03 92.25
CA VAL I 59 -23.89 -36.06 93.62
C VAL I 59 -24.72 -34.79 93.90
N SER I 60 -24.26 -33.64 93.44
CA SER I 60 -25.00 -32.38 93.65
C SER I 60 -26.34 -32.35 92.96
N LEU I 61 -26.42 -32.83 91.72
CA LEU I 61 -27.68 -32.88 91.02
C LEU I 61 -28.67 -33.81 91.72
N LEU I 62 -28.17 -34.95 92.19
CA LEU I 62 -29.00 -35.92 92.88
C LEU I 62 -29.51 -35.33 94.21
N GLN I 63 -28.66 -34.59 94.90
CA GLN I 63 -29.06 -33.97 96.17
C GLN I 63 -30.13 -32.89 95.97
N ARG I 64 -29.97 -32.09 94.92
CA ARG I 64 -30.92 -31.01 94.64
C ARG I 64 -32.28 -31.57 94.26
N ARG I 65 -32.26 -32.62 93.45
CA ARG I 65 -33.49 -33.23 92.97
C ARG I 65 -34.26 -34.02 94.02
N CYS I 66 -33.60 -34.39 95.13
CA CYS I 66 -34.26 -35.02 96.27
C CYS I 66 -35.22 -34.02 96.96
N LEU I 67 -35.00 -32.73 96.71
CA LEU I 67 -35.83 -31.69 97.28
C LEU I 67 -37.04 -31.47 96.40
N ASP I 68 -37.04 -32.11 95.24
CA ASP I 68 -38.17 -31.96 94.32
C ASP I 68 -38.93 -33.27 94.18
N PRO I 69 -40.13 -33.33 94.79
CA PRO I 69 -40.98 -34.53 94.82
C PRO I 69 -41.71 -34.77 93.51
N GLU I 70 -41.66 -33.79 92.61
CA GLU I 70 -42.40 -33.88 91.36
C GLU I 70 -41.53 -34.50 90.29
N GLN I 71 -40.30 -34.82 90.68
CA GLN I 71 -39.29 -35.38 89.79
C GLN I 71 -38.75 -36.68 90.37
N THR I 72 -38.28 -37.56 89.50
CA THR I 72 -37.66 -38.78 89.93
C THR I 72 -36.36 -38.43 90.66
N ASN I 73 -36.20 -38.99 91.86
CA ASN I 73 -35.02 -38.78 92.68
C ASN I 73 -34.73 -40.01 93.55
N LEU I 74 -33.62 -39.95 94.27
CA LEU I 74 -33.18 -41.08 95.08
C LEU I 74 -34.11 -41.32 96.28
N MET I 75 -35.01 -40.38 96.55
CA MET I 75 -35.97 -40.53 97.65
C MET I 75 -37.28 -41.20 97.24
N ASN I 76 -37.64 -41.14 95.97
CA ASN I 76 -38.90 -41.73 95.50
C ASN I 76 -38.76 -42.90 94.52
N VAL I 77 -37.54 -43.34 94.23
CA VAL I 77 -37.40 -44.54 93.41
C VAL I 77 -37.87 -45.77 94.20
N ALA I 78 -38.54 -46.67 93.50
CA ALA I 78 -39.16 -47.81 94.15
C ALA I 78 -38.16 -48.86 94.58
N SER I 79 -37.08 -49.00 93.83
CA SER I 79 -36.09 -50.02 94.14
C SER I 79 -34.70 -49.49 93.94
N MET I 80 -33.71 -50.20 94.45
CA MET I 80 -32.30 -49.86 94.21
C MET I 80 -31.92 -49.96 92.74
N TYR I 81 -32.60 -50.86 92.03
CA TYR I 81 -32.35 -51.03 90.61
C TYR I 81 -32.69 -49.74 89.87
N GLU I 82 -33.79 -49.11 90.27
CA GLU I 82 -34.18 -47.83 89.66
C GLU I 82 -33.24 -46.68 90.07
N ALA I 83 -32.71 -46.75 91.29
CA ALA I 83 -31.72 -45.76 91.71
C ALA I 83 -30.51 -45.86 90.80
N ALA I 84 -30.08 -47.10 90.55
CA ALA I 84 -28.95 -47.35 89.67
C ALA I 84 -29.27 -46.84 88.26
N THR I 85 -30.49 -47.06 87.81
CA THR I 85 -30.93 -46.52 86.53
C THR I 85 -30.86 -45.01 86.54
N LEU I 86 -31.28 -44.41 87.66
CA LEU I 86 -31.27 -42.96 87.85
C LEU I 86 -29.85 -42.41 87.90
N LEU I 87 -28.98 -43.10 88.62
CA LEU I 87 -27.57 -42.70 88.69
C LEU I 87 -26.91 -42.74 87.32
N GLY I 88 -27.18 -43.81 86.56
CA GLY I 88 -26.63 -43.97 85.23
C GLY I 88 -27.00 -42.87 84.27
N GLU I 89 -28.27 -42.45 84.33
CA GLU I 89 -28.79 -41.36 83.52
C GLU I 89 -28.12 -40.04 83.91
N THR I 90 -27.85 -39.87 85.20
CA THR I 90 -27.22 -38.64 85.71
C THR I 90 -25.74 -38.58 85.27
N VAL I 91 -25.09 -39.74 85.25
CA VAL I 91 -23.73 -39.85 84.75
C VAL I 91 -23.65 -39.40 83.30
N ARG I 92 -24.53 -39.94 82.47
CA ARG I 92 -24.55 -39.57 81.06
C ARG I 92 -24.87 -38.09 80.92
N GLU I 93 -25.78 -37.61 81.75
CA GLU I 93 -26.21 -36.22 81.70
C GLU I 93 -25.08 -35.24 81.96
N VAL I 94 -24.32 -35.48 83.04
CA VAL I 94 -23.27 -34.56 83.42
C VAL I 94 -22.09 -34.64 82.45
N ILE I 95 -21.74 -35.85 82.02
CA ILE I 95 -20.62 -36.02 81.12
C ILE I 95 -20.84 -35.37 79.73
N ASN I 96 -22.03 -35.49 79.17
CA ASN I 96 -22.37 -34.86 77.88
C ASN I 96 -22.39 -33.34 77.89
N ARG I 97 -22.84 -32.77 79.01
CA ARG I 97 -22.87 -31.32 79.20
C ARG I 97 -21.45 -30.76 79.29
N ASP I 98 -20.68 -31.36 80.18
CA ASP I 98 -19.32 -30.92 80.45
C ASP I 98 -18.32 -31.17 79.30
N SER I 99 -18.56 -32.18 78.47
CA SER I 99 -17.66 -32.45 77.35
C SER I 99 -18.05 -31.62 76.12
N GLY I 100 -18.68 -30.48 76.37
CA GLY I 100 -19.04 -29.55 75.31
C GLY I 100 -20.51 -29.58 74.96
N ASP I 109 -10.08 -37.36 80.46
CA ASP I 109 -11.46 -37.00 80.14
C ASP I 109 -12.32 -36.77 81.39
N PHE I 110 -13.63 -36.73 81.18
CA PHE I 110 -14.59 -36.38 82.20
C PHE I 110 -15.22 -37.60 82.86
N ASN I 111 -14.62 -38.75 82.66
CA ASN I 111 -15.18 -40.00 83.13
C ASN I 111 -15.12 -40.23 84.64
N CYS I 112 -16.10 -41.01 85.13
CA CYS I 112 -16.16 -41.41 86.53
C CYS I 112 -16.66 -42.83 86.75
N ASN I 113 -16.37 -43.36 87.93
CA ASN I 113 -16.98 -44.61 88.39
C ASN I 113 -17.69 -44.35 89.70
N LEU I 114 -18.82 -45.00 89.91
CA LEU I 114 -19.56 -44.81 91.16
C LEU I 114 -19.86 -46.15 91.76
N LEU I 115 -19.97 -46.18 93.08
CA LEU I 115 -20.55 -47.31 93.78
C LEU I 115 -21.84 -46.88 94.43
N LEU I 116 -22.86 -47.71 94.30
CA LEU I 116 -24.15 -47.41 94.90
C LEU I 116 -24.56 -48.61 95.72
N GLY I 117 -24.71 -48.42 97.02
CA GLY I 117 -25.02 -49.54 97.87
C GLY I 117 -26.00 -49.12 98.94
N GLY I 118 -26.78 -50.09 99.40
CA GLY I 118 -27.72 -49.82 100.46
C GLY I 118 -28.97 -50.67 100.40
N GLN I 119 -30.04 -50.10 100.97
CA GLN I 119 -31.31 -50.78 101.07
C GLN I 119 -32.46 -49.80 101.01
N ILE I 120 -33.48 -50.14 100.23
CA ILE I 120 -34.75 -49.43 100.29
C ILE I 120 -35.76 -50.40 100.93
N LYS I 121 -36.52 -49.92 101.91
CA LYS I 121 -37.45 -50.79 102.64
C LYS I 121 -38.37 -51.50 101.66
N GLY I 122 -38.53 -52.82 101.87
CA GLY I 122 -39.30 -53.67 100.99
C GLY I 122 -38.42 -54.53 100.10
N GLU I 123 -37.10 -54.32 100.20
CA GLU I 123 -36.12 -54.98 99.34
C GLU I 123 -34.97 -55.46 100.22
N GLY I 124 -34.11 -56.34 99.70
CA GLY I 124 -32.96 -56.79 100.46
C GLY I 124 -31.81 -55.84 100.26
N LEU I 125 -30.62 -56.23 100.71
CA LEU I 125 -29.41 -55.44 100.47
C LEU I 125 -29.05 -55.48 98.99
N ARG I 126 -28.72 -54.33 98.41
CA ARG I 126 -28.27 -54.29 97.03
C ARG I 126 -27.06 -53.35 96.86
N LEU I 127 -26.18 -53.73 95.93
CA LEU I 127 -24.94 -53.00 95.67
C LEU I 127 -24.68 -52.95 94.18
N PHE I 128 -24.43 -51.75 93.65
CA PHE I 128 -24.18 -51.57 92.20
C PHE I 128 -22.86 -50.85 91.94
N HIS I 129 -22.28 -51.14 90.78
CA HIS I 129 -21.11 -50.44 90.29
C HIS I 129 -21.57 -49.67 89.06
N ILE I 130 -21.50 -48.34 89.10
CA ILE I 130 -21.96 -47.56 87.94
C ILE I 130 -20.80 -47.19 87.02
N TYR I 131 -20.99 -47.41 85.73
CA TYR I 131 -19.98 -47.13 84.72
C TYR I 131 -20.12 -45.77 84.09
N PRO I 132 -19.06 -45.29 83.44
CA PRO I 132 -19.12 -44.05 82.67
C PRO I 132 -20.15 -44.05 81.56
N GLN I 133 -20.47 -45.21 80.96
CA GLN I 133 -21.43 -45.24 79.84
C GLN I 133 -22.84 -45.12 80.40
N GLY I 134 -22.93 -45.22 81.72
CA GLY I 134 -24.18 -45.08 82.42
C GLY I 134 -24.83 -46.42 82.69
N ASN I 135 -24.28 -47.48 82.13
CA ASN I 135 -24.80 -48.80 82.48
C ASN I 135 -24.11 -49.31 83.75
N PHE I 136 -24.54 -50.48 84.22
CA PHE I 136 -24.13 -50.96 85.54
C PHE I 136 -24.22 -52.48 85.72
N ILE I 137 -23.50 -52.98 86.73
CA ILE I 137 -23.56 -54.38 87.14
C ILE I 137 -23.87 -54.45 88.61
N GLU I 138 -24.36 -55.60 89.05
CA GLU I 138 -24.78 -55.79 90.44
C GLU I 138 -23.99 -56.87 91.17
N ALA I 139 -23.68 -56.63 92.44
CA ALA I 139 -22.98 -57.61 93.26
C ALA I 139 -23.92 -58.79 93.55
N THR I 140 -23.37 -60.00 93.54
CA THR I 140 -24.14 -61.21 93.81
C THR I 140 -23.45 -61.92 94.97
N GLN I 141 -23.88 -63.13 95.30
CA GLN I 141 -23.20 -63.86 96.34
C GLN I 141 -21.83 -64.35 95.89
N ASP I 142 -21.69 -64.58 94.58
CA ASP I 142 -20.44 -65.07 93.99
C ASP I 142 -19.39 -63.97 93.84
N THR I 143 -19.85 -62.74 93.56
CA THR I 143 -18.97 -61.56 93.54
C THR I 143 -19.58 -60.50 94.48
N PRO I 144 -19.22 -60.57 95.78
CA PRO I 144 -19.84 -59.81 96.87
C PRO I 144 -19.23 -58.45 97.22
N TYR I 145 -18.32 -57.94 96.40
CA TYR I 145 -17.75 -56.62 96.66
C TYR I 145 -17.37 -55.94 95.34
N PHE I 146 -17.24 -54.62 95.36
CA PHE I 146 -16.75 -53.83 94.22
C PHE I 146 -15.66 -52.86 94.68
N GLN I 147 -14.70 -52.62 93.82
CA GLN I 147 -13.70 -51.60 94.09
C GLN I 147 -13.71 -50.61 92.93
N ILE I 148 -13.46 -49.33 93.23
CA ILE I 148 -13.23 -48.32 92.20
C ILE I 148 -11.96 -47.55 92.58
N GLY I 149 -11.35 -46.90 91.61
CA GLY I 149 -10.11 -46.19 91.84
C GLY I 149 -8.89 -47.10 91.86
N GLU I 150 -7.87 -46.69 92.60
CA GLU I 150 -6.61 -47.42 92.68
C GLU I 150 -6.75 -48.61 93.63
N SER I 151 -7.16 -49.74 93.07
CA SER I 151 -7.73 -50.84 93.82
C SER I 151 -6.92 -52.13 93.87
N LYS I 152 -5.95 -52.27 92.97
CA LYS I 152 -5.24 -53.53 92.81
C LYS I 152 -4.34 -53.87 93.99
N TYR I 153 -3.74 -52.85 94.62
CA TYR I 153 -2.86 -53.11 95.76
C TYR I 153 -3.66 -53.78 96.88
N GLY I 154 -4.94 -53.43 96.97
CA GLY I 154 -5.79 -53.86 98.07
C GLY I 154 -6.69 -55.04 97.79
N LYS I 155 -6.60 -55.61 96.59
CA LYS I 155 -7.47 -56.74 96.25
C LYS I 155 -7.08 -58.08 96.93
N PRO I 156 -5.77 -58.44 96.98
CA PRO I 156 -5.43 -59.78 97.51
C PRO I 156 -5.99 -60.11 98.91
N ILE I 157 -5.95 -59.15 99.82
CA ILE I 157 -6.42 -59.40 101.17
C ILE I 157 -7.94 -59.60 101.17
N ILE I 158 -8.63 -58.89 100.28
CA ILE I 158 -10.08 -59.06 100.17
C ILE I 158 -10.41 -60.45 99.64
N ASP I 159 -9.70 -60.88 98.61
CA ASP I 159 -9.90 -62.23 98.06
C ASP I 159 -9.56 -63.31 99.07
N ARG I 160 -8.64 -62.98 99.96
CA ARG I 160 -8.10 -63.97 100.88
C ARG I 160 -9.04 -64.22 102.07
N VAL I 161 -9.77 -63.19 102.51
CA VAL I 161 -10.59 -63.30 103.72
C VAL I 161 -12.08 -62.98 103.57
N LEU I 162 -12.48 -62.32 102.49
CA LEU I 162 -13.89 -61.91 102.37
C LEU I 162 -14.74 -62.97 101.66
N SER I 163 -15.92 -63.22 102.23
CA SER I 163 -16.94 -64.11 101.68
C SER I 163 -18.30 -63.46 101.88
N TYR I 164 -19.33 -63.98 101.22
CA TYR I 164 -20.67 -63.43 101.42
C TYR I 164 -21.11 -63.57 102.89
N ASP I 165 -20.58 -64.59 103.58
CA ASP I 165 -20.99 -64.87 104.95
C ASP I 165 -20.06 -64.26 105.99
N THR I 166 -19.06 -63.53 105.55
CA THR I 166 -18.18 -62.82 106.47
C THR I 166 -19.00 -61.79 107.24
N PRO I 167 -18.94 -61.81 108.59
CA PRO I 167 -19.66 -60.80 109.39
C PRO I 167 -19.20 -59.34 109.18
N LEU I 168 -20.12 -58.40 109.37
CA LEU I 168 -19.90 -56.97 109.12
C LEU I 168 -18.65 -56.39 109.75
N ASP I 169 -18.42 -56.71 111.01
CA ASP I 169 -17.25 -56.18 111.68
C ASP I 169 -15.96 -56.70 111.05
N GLN I 170 -15.97 -57.97 110.64
CA GLN I 170 -14.78 -58.58 110.07
C GLN I 170 -14.52 -58.01 108.66
N ALA I 171 -15.59 -57.74 107.93
CA ALA I 171 -15.52 -57.15 106.60
C ALA I 171 -14.93 -55.75 106.65
N MET I 172 -15.37 -54.96 107.62
CA MET I 172 -14.86 -53.62 107.79
C MET I 172 -13.39 -53.70 108.17
N GLN I 173 -13.04 -54.69 108.98
CA GLN I 173 -11.64 -54.95 109.27
C GLN I 173 -10.88 -55.29 108.00
N CYS I 174 -11.49 -56.10 107.15
CA CYS I 174 -10.87 -56.43 105.89
C CYS I 174 -10.62 -55.21 105.03
N ALA I 175 -11.65 -54.37 104.92
CA ALA I 175 -11.56 -53.14 104.17
C ALA I 175 -10.48 -52.21 104.73
N LEU I 176 -10.37 -52.09 106.05
CA LEU I 176 -9.36 -51.18 106.61
C LEU I 176 -7.96 -51.66 106.28
N ILE I 177 -7.77 -52.96 106.32
CA ILE I 177 -6.48 -53.54 105.96
C ILE I 177 -6.21 -53.32 104.47
N SER I 178 -7.24 -53.47 103.64
CA SER I 178 -7.15 -53.22 102.21
C SER I 178 -6.64 -51.79 101.93
N MET I 179 -7.16 -50.82 102.69
CA MET I 179 -6.72 -49.43 102.64
C MET I 179 -5.26 -49.26 103.01
N ASP I 180 -4.88 -49.95 104.09
CA ASP I 180 -3.52 -49.89 104.64
C ASP I 180 -2.49 -50.31 103.59
N SER I 181 -2.72 -51.44 102.94
CA SER I 181 -1.81 -51.91 101.91
C SER I 181 -1.72 -50.94 100.73
N THR I 182 -2.84 -50.29 100.43
CA THR I 182 -2.88 -49.35 99.33
C THR I 182 -2.12 -48.08 99.70
N LEU I 183 -2.37 -47.56 100.90
CA LEU I 183 -1.66 -46.37 101.39
C LEU I 183 -0.14 -46.53 101.34
N ARG I 184 0.33 -47.71 101.72
CA ARG I 184 1.77 -47.98 101.77
C ARG I 184 2.41 -48.09 100.38
N SER I 185 1.62 -48.41 99.36
CA SER I 185 2.18 -48.78 98.07
C SER I 185 1.93 -47.76 96.96
N ASN I 186 0.98 -46.84 97.19
CA ASN I 186 0.63 -45.83 96.18
C ASN I 186 0.22 -44.50 96.82
N LEU I 187 0.90 -43.43 96.41
CA LEU I 187 0.70 -42.12 97.02
C LEU I 187 -0.52 -41.32 96.50
N SER I 188 -1.26 -41.85 95.53
CA SER I 188 -2.47 -41.18 95.04
C SER I 188 -3.67 -41.49 95.94
N VAL I 189 -3.48 -42.44 96.85
CA VAL I 189 -4.51 -42.81 97.82
C VAL I 189 -4.08 -42.25 99.18
N GLY I 190 -5.00 -41.61 99.90
CA GLY I 190 -4.61 -40.96 101.14
C GLY I 190 -5.69 -40.73 102.16
N LEU I 191 -5.28 -40.62 103.43
CA LEU I 191 -6.18 -40.27 104.52
C LEU I 191 -6.67 -38.81 104.46
N PRO I 192 -7.78 -38.49 105.15
CA PRO I 192 -8.60 -39.34 106.03
C PRO I 192 -9.42 -40.37 105.27
N LEU I 193 -10.00 -41.32 106.00
CA LEU I 193 -10.89 -42.28 105.39
C LEU I 193 -12.31 -41.90 105.75
N ASP I 194 -13.26 -42.27 104.89
CA ASP I 194 -14.67 -42.22 105.25
C ASP I 194 -15.25 -43.62 105.07
N VAL I 195 -15.74 -44.20 106.16
CA VAL I 195 -16.26 -45.57 106.15
C VAL I 195 -17.67 -45.64 106.73
N MET I 196 -18.37 -46.72 106.43
CA MET I 196 -19.69 -46.94 107.02
C MET I 196 -20.06 -48.42 107.09
N ILE I 197 -20.65 -48.82 108.22
CA ILE I 197 -21.21 -50.16 108.37
C ILE I 197 -22.72 -50.04 108.33
N TYR I 198 -23.36 -50.76 107.41
CA TYR I 198 -24.81 -50.78 107.37
C TYR I 198 -25.33 -52.15 107.70
N PRO I 199 -25.84 -52.34 108.93
CA PRO I 199 -26.48 -53.62 109.26
C PRO I 199 -27.82 -53.73 108.57
N LEU I 200 -28.12 -54.93 108.09
CA LEU I 200 -29.38 -55.21 107.41
C LEU I 200 -30.62 -54.72 108.14
N ASP I 201 -31.51 -54.05 107.42
CA ASP I 201 -32.80 -53.57 107.94
C ASP I 201 -32.74 -52.46 109.01
N SER I 202 -31.58 -51.84 109.19
CA SER I 202 -31.44 -50.78 110.20
C SER I 202 -31.92 -49.43 109.66
N PHE I 203 -31.71 -49.20 108.36
CA PHE I 203 -31.99 -47.93 107.71
C PHE I 203 -31.39 -46.79 108.52
N SER I 204 -30.21 -47.06 109.06
CA SER I 204 -29.52 -46.13 109.94
C SER I 204 -28.17 -45.71 109.38
N THR I 205 -27.83 -44.45 109.61
CA THR I 205 -26.53 -43.92 109.21
C THR I 205 -25.71 -43.68 110.46
N GLU I 206 -26.05 -44.45 111.50
CA GLU I 206 -25.51 -44.28 112.84
C GLU I 206 -24.00 -44.58 112.88
N GLN I 207 -23.59 -45.63 112.17
CA GLN I 207 -22.19 -46.05 112.11
C GLN I 207 -21.43 -45.50 110.91
N GLN I 208 -21.41 -44.18 110.77
CA GLN I 208 -20.60 -43.52 109.76
C GLN I 208 -19.44 -42.84 110.47
N TYR I 209 -18.23 -43.03 109.95
CA TYR I 209 -17.03 -42.60 110.66
C TYR I 209 -15.94 -42.01 109.77
N ARG I 210 -15.25 -40.99 110.28
CA ARG I 210 -14.05 -40.48 109.64
C ARG I 210 -12.79 -41.00 110.35
N ILE I 211 -11.95 -41.66 109.58
CA ILE I 211 -10.71 -42.21 110.10
C ILE I 211 -9.54 -41.30 109.70
N THR I 212 -8.99 -40.58 110.69
CA THR I 212 -7.85 -39.70 110.50
C THR I 212 -6.53 -40.37 110.86
N GLU I 213 -5.44 -39.64 110.64
CA GLU I 213 -4.10 -40.11 110.99
C GLU I 213 -3.91 -40.46 112.46
N ASP I 214 -4.67 -39.79 113.32
CA ASP I 214 -4.50 -39.94 114.75
C ASP I 214 -5.46 -40.99 115.34
N HIS I 215 -6.37 -41.50 114.51
CA HIS I 215 -7.38 -42.45 114.94
C HIS I 215 -6.73 -43.71 115.52
N PRO I 216 -6.94 -43.95 116.83
CA PRO I 216 -6.31 -45.00 117.63
C PRO I 216 -6.59 -46.42 117.14
N TYR I 217 -7.83 -46.78 116.85
CA TYR I 217 -8.05 -48.16 116.40
C TYR I 217 -7.45 -48.45 115.01
N PHE I 218 -7.60 -47.52 114.08
CA PHE I 218 -7.00 -47.76 112.77
C PHE I 218 -5.49 -47.82 112.93
N MET I 219 -4.96 -46.94 113.76
CA MET I 219 -3.54 -46.97 114.09
C MET I 219 -3.17 -48.32 114.72
N MET I 220 -4.05 -48.83 115.59
CA MET I 220 -3.79 -50.10 116.25
C MET I 220 -3.79 -51.28 115.29
N ILE I 221 -4.78 -51.33 114.42
CA ILE I 221 -4.91 -52.44 113.50
C ILE I 221 -3.81 -52.41 112.44
N ARG I 222 -3.36 -51.22 112.04
CA ARG I 222 -2.29 -51.15 111.05
C ARG I 222 -1.00 -51.70 111.59
N LYS I 223 -0.67 -51.30 112.81
CA LYS I 223 0.57 -51.73 113.42
C LYS I 223 0.45 -53.21 113.79
N GLY I 224 -0.72 -53.60 114.31
CA GLY I 224 -0.94 -54.97 114.69
C GLY I 224 -0.83 -55.90 113.50
N TRP I 225 -1.45 -55.50 112.39
CA TRP I 225 -1.43 -56.30 111.17
C TRP I 225 -0.02 -56.39 110.61
N GLY I 226 0.67 -55.25 110.58
CA GLY I 226 2.03 -55.18 110.06
C GLY I 226 2.96 -56.07 110.85
N GLU I 227 2.85 -56.00 112.18
CA GLU I 227 3.67 -56.82 113.05
C GLU I 227 3.39 -58.30 112.88
N GLY I 228 2.12 -58.64 112.70
CA GLY I 228 1.74 -60.03 112.52
C GLY I 228 2.37 -60.63 111.29
N LEU I 229 2.39 -59.84 110.21
CA LEU I 229 2.88 -60.29 108.92
C LEU I 229 4.37 -60.61 108.89
N VAL I 230 5.20 -59.70 109.41
CA VAL I 230 6.65 -59.93 109.45
C VAL I 230 7.01 -61.10 110.38
N SER I 231 6.22 -61.29 111.44
CA SER I 231 6.45 -62.37 112.37
C SER I 231 6.11 -63.69 111.67
N ILE I 232 5.03 -63.71 110.90
CA ILE I 232 4.70 -64.89 110.11
C ILE I 232 5.81 -65.18 109.12
N PHE I 233 6.35 -64.13 108.48
CA PHE I 233 7.41 -64.24 107.49
C PHE I 233 8.68 -64.88 108.06
N ALA I 234 9.00 -64.52 109.31
CA ALA I 234 10.18 -65.02 109.98
C ALA I 234 10.08 -66.51 110.31
N GLN I 235 8.86 -67.00 110.57
CA GLN I 235 8.69 -68.40 110.97
C GLN I 235 8.46 -69.31 109.76
N LEU I 236 8.56 -68.75 108.56
CA LEU I 236 8.41 -69.55 107.35
C LEU I 236 9.50 -70.60 107.26
N PRO I 237 9.15 -71.77 106.72
CA PRO I 237 10.15 -72.83 106.52
C PRO I 237 11.26 -72.37 105.59
N GLY I 238 12.49 -72.82 105.84
CA GLY I 238 13.60 -72.40 105.03
C GLY I 238 13.43 -72.81 103.58
N LEU I 239 13.94 -71.99 102.69
CA LEU I 239 13.82 -72.15 101.25
C LEU I 239 14.52 -73.40 100.71
N LYS I 240 13.77 -74.30 100.06
CA LYS I 240 14.43 -75.34 99.27
C LYS I 240 13.68 -75.54 97.96
N LEU I 241 14.32 -75.15 96.87
CA LEU I 241 13.71 -75.17 95.54
C LEU I 241 13.88 -76.49 94.79
N THR J 1 1.53 -62.55 82.83
CA THR J 1 2.83 -61.88 82.77
C THR J 1 3.13 -61.00 83.98
N TYR J 2 4.01 -61.48 84.86
CA TYR J 2 4.52 -60.69 85.99
C TYR J 2 5.95 -61.08 86.30
N CYS J 3 6.85 -60.12 86.29
CA CYS J 3 8.25 -60.38 86.62
C CYS J 3 8.76 -59.38 87.66
N VAL J 4 9.57 -59.88 88.59
CA VAL J 4 10.16 -59.02 89.60
C VAL J 4 11.64 -59.36 89.76
N ALA J 5 12.46 -58.35 90.02
CA ALA J 5 13.89 -58.53 90.24
C ALA J 5 14.32 -57.69 91.42
N MET J 6 15.20 -58.25 92.25
CA MET J 6 15.67 -57.57 93.45
C MET J 6 17.21 -57.53 93.49
N ARG J 7 17.79 -56.36 93.73
CA ARG J 7 19.24 -56.25 93.90
C ARG J 7 19.52 -56.01 95.36
N LEU J 8 20.17 -56.98 96.01
CA LEU J 8 20.42 -56.91 97.44
C LEU J 8 21.91 -56.84 97.65
N SER J 9 22.36 -56.56 98.88
CA SER J 9 23.78 -56.49 99.15
C SER J 9 24.43 -57.83 98.90
N SER J 10 23.68 -58.90 99.16
CA SER J 10 24.23 -60.25 99.09
C SER J 10 24.01 -60.92 97.73
N GLY J 11 23.22 -60.30 96.86
CA GLY J 11 22.97 -60.90 95.56
C GLY J 11 21.71 -60.40 94.90
N LEU J 12 21.28 -61.11 93.86
CA LEU J 12 20.06 -60.77 93.12
C LEU J 12 19.08 -61.92 93.15
N ALA J 13 17.80 -61.60 93.16
CA ALA J 13 16.75 -62.61 93.04
C ALA J 13 15.88 -62.27 91.86
N PHE J 14 15.54 -63.26 91.05
CA PHE J 14 14.69 -63.06 89.89
C PHE J 14 13.49 -63.98 89.93
N ALA J 15 12.33 -63.47 89.55
CA ALA J 15 11.16 -64.30 89.43
C ALA J 15 10.22 -63.84 88.30
N SER J 16 9.81 -64.80 87.47
CA SER J 16 8.87 -64.55 86.38
C SER J 16 7.78 -65.63 86.33
N ASP J 17 6.55 -65.26 85.97
CA ASP J 17 5.52 -66.24 85.64
C ASP J 17 5.69 -66.58 84.15
N SER J 18 4.74 -67.28 83.55
CA SER J 18 4.88 -67.68 82.13
C SER J 18 3.62 -67.52 81.26
N ARG J 19 2.51 -67.12 81.85
CA ARG J 19 1.27 -66.98 81.10
C ARG J 19 1.36 -65.77 80.16
N THR J 20 1.10 -66.00 78.89
CA THR J 20 1.34 -65.00 77.85
C THR J 20 0.11 -64.76 77.00
N ASN J 21 -0.14 -63.49 76.68
CA ASN J 21 -1.22 -63.15 75.79
C ASN J 21 -0.68 -62.90 74.38
N ALA J 22 -0.82 -63.89 73.50
CA ALA J 22 -0.28 -63.84 72.14
C ALA J 22 -1.25 -63.30 71.12
N GLY J 23 -2.53 -63.41 71.45
CA GLY J 23 -3.61 -62.92 70.63
C GLY J 23 -4.80 -62.94 71.56
N VAL J 24 -5.93 -62.40 71.11
CA VAL J 24 -7.11 -62.36 71.97
C VAL J 24 -7.58 -63.75 72.45
N ASP J 25 -7.31 -64.80 71.68
CA ASP J 25 -7.75 -66.13 72.06
C ASP J 25 -6.57 -67.13 72.19
N HIS J 26 -5.34 -66.63 72.29
CA HIS J 26 -4.17 -67.49 72.37
C HIS J 26 -3.32 -67.24 73.60
N ILE J 27 -3.77 -67.76 74.73
CA ILE J 27 -2.99 -67.65 75.94
C ILE J 27 -2.27 -68.97 76.25
N SER J 28 -0.94 -68.94 76.18
CA SER J 28 -0.11 -70.13 76.37
C SER J 28 1.10 -69.75 77.19
N THR J 29 1.97 -70.73 77.43
CA THR J 29 3.11 -70.52 78.28
C THR J 29 4.36 -70.27 77.47
N PHE J 30 5.03 -69.17 77.83
CA PHE J 30 6.27 -68.72 77.23
C PHE J 30 7.26 -68.31 78.29
N ARG J 31 8.54 -68.61 78.06
CA ARG J 31 9.60 -68.30 79.00
C ARG J 31 9.85 -66.78 79.06
N LYS J 32 9.97 -66.23 80.26
CA LYS J 32 10.19 -64.79 80.44
C LYS J 32 11.44 -64.48 81.24
N LEU J 33 12.32 -65.47 81.29
CA LEU J 33 13.58 -65.31 81.97
C LEU J 33 14.62 -65.98 81.11
N HIS J 34 15.50 -65.17 80.52
CA HIS J 34 16.50 -65.71 79.62
C HIS J 34 17.88 -65.36 80.10
N LEU J 35 18.84 -66.23 79.77
CA LEU J 35 20.16 -66.13 80.38
C LEU J 35 21.27 -65.84 79.38
N PHE J 36 22.22 -65.02 79.81
CA PHE J 36 23.48 -64.81 79.09
C PHE J 36 24.61 -65.06 80.08
N GLN J 37 25.30 -66.19 79.87
CA GLN J 37 26.22 -66.77 80.84
C GLN J 37 27.62 -67.05 80.30
N GLN J 38 28.62 -66.58 81.04
CA GLN J 38 30.02 -66.97 80.84
C GLN J 38 30.63 -67.39 82.18
N PRO J 39 30.77 -68.70 82.41
CA PRO J 39 31.22 -69.21 83.71
C PRO J 39 32.53 -68.54 84.18
N GLY J 40 32.50 -68.01 85.40
CA GLY J 40 33.62 -67.31 86.00
C GLY J 40 33.83 -65.86 85.59
N GLU J 41 33.01 -65.36 84.67
CA GLU J 41 33.22 -64.02 84.10
C GLU J 41 31.96 -63.10 84.09
N ARG J 42 30.80 -63.62 83.72
CA ARG J 42 29.58 -62.80 83.73
C ARG J 42 28.29 -63.60 83.80
N THR J 43 27.28 -63.03 84.45
CA THR J 43 25.96 -63.63 84.49
C THR J 43 24.94 -62.53 84.31
N LEU J 44 24.19 -62.59 83.20
CA LEU J 44 23.15 -61.60 82.89
C LEU J 44 21.77 -62.24 82.77
N VAL J 45 20.78 -61.63 83.42
CA VAL J 45 19.41 -62.13 83.35
C VAL J 45 18.52 -61.13 82.66
N VAL J 46 17.74 -61.58 81.67
CA VAL J 46 16.76 -60.70 81.03
C VAL J 46 15.32 -61.19 81.23
N GLN J 47 14.46 -60.32 81.74
CA GLN J 47 13.03 -60.63 81.91
C GLN J 47 12.12 -59.77 81.03
N SER J 48 11.03 -60.36 80.52
CA SER J 48 10.17 -59.75 79.50
C SER J 48 8.71 -59.50 79.90
N ALA J 49 8.19 -58.35 79.48
CA ALA J 49 6.78 -58.04 79.62
C ALA J 49 6.34 -57.23 78.43
N GLY J 50 5.04 -57.21 78.15
CA GLY J 50 4.54 -56.49 76.99
C GLY J 50 4.39 -57.43 75.80
N ASN J 51 4.44 -56.84 74.61
CA ASN J 51 4.25 -57.55 73.35
C ASN J 51 5.28 -58.68 73.12
N LEU J 52 4.79 -59.91 73.01
CA LEU J 52 5.66 -61.09 72.86
C LEU J 52 6.50 -61.08 71.57
N ALA J 53 5.92 -60.62 70.46
CA ALA J 53 6.65 -60.57 69.21
C ALA J 53 7.87 -59.70 69.38
N THR J 54 7.68 -58.60 70.09
CA THR J 54 8.73 -57.64 70.38
C THR J 54 9.85 -58.14 71.28
N THR J 55 9.49 -58.70 72.44
CA THR J 55 10.53 -59.18 73.37
C THR J 55 11.28 -60.38 72.77
N GLN J 56 10.56 -61.27 72.11
CA GLN J 56 11.20 -62.43 71.50
C GLN J 56 12.20 -62.00 70.44
N SER J 57 11.90 -60.95 69.67
CA SER J 57 12.84 -60.41 68.68
C SER J 57 14.04 -59.81 69.38
N ILE J 58 13.80 -59.08 70.45
CA ILE J 58 14.89 -58.47 71.19
C ILE J 58 15.81 -59.55 71.73
N VAL J 59 15.25 -60.55 72.40
CA VAL J 59 16.09 -61.61 72.94
C VAL J 59 16.83 -62.39 71.84
N SER J 60 16.15 -62.71 70.73
CA SER J 60 16.78 -63.46 69.65
C SER J 60 17.91 -62.70 68.97
N LEU J 61 17.72 -61.40 68.77
CA LEU J 61 18.73 -60.55 68.18
C LEU J 61 19.98 -60.51 69.06
N LEU J 62 19.77 -60.40 70.37
CA LEU J 62 20.84 -60.36 71.35
C LEU J 62 21.60 -61.68 71.40
N GLN J 63 20.87 -62.80 71.36
CA GLN J 63 21.50 -64.12 71.40
C GLN J 63 22.28 -64.37 70.13
N ARG J 64 21.69 -64.02 68.99
CA ARG J 64 22.34 -64.23 67.70
C ARG J 64 23.60 -63.37 67.56
N ARG J 65 23.54 -62.14 68.05
CA ARG J 65 24.68 -61.25 67.94
C ARG J 65 25.85 -61.57 68.88
N CYS J 66 25.59 -62.36 69.92
CA CYS J 66 26.62 -62.83 70.84
C CYS J 66 27.63 -63.78 70.16
N LEU J 67 27.21 -64.37 69.04
CA LEU J 67 28.03 -65.29 68.25
C LEU J 67 28.89 -64.56 67.21
N ASP J 68 28.77 -63.24 67.16
CA ASP J 68 29.59 -62.43 66.26
C ASP J 68 30.56 -61.63 67.12
N PRO J 69 31.86 -61.95 67.05
CA PRO J 69 32.83 -61.25 67.89
C PRO J 69 33.14 -59.86 67.38
N GLU J 70 32.74 -59.55 66.15
CA GLU J 70 33.03 -58.22 65.59
C GLU J 70 31.91 -57.23 65.84
N GLN J 71 30.92 -57.65 66.61
CA GLN J 71 29.78 -56.81 66.87
C GLN J 71 29.61 -56.66 68.38
N THR J 72 29.13 -55.50 68.82
CA THR J 72 28.86 -55.28 70.24
C THR J 72 27.76 -56.22 70.70
N ASN J 73 28.02 -56.98 71.75
CA ASN J 73 27.04 -57.94 72.27
C ASN J 73 27.18 -58.13 73.77
N LEU J 74 26.29 -58.94 74.32
CA LEU J 74 26.22 -59.11 75.76
C LEU J 74 27.40 -59.89 76.33
N MET J 75 28.22 -60.48 75.46
CA MET J 75 29.43 -61.17 75.91
C MET J 75 30.68 -60.27 75.92
N ASN J 76 30.68 -59.17 75.15
CA ASN J 76 31.87 -58.31 75.11
C ASN J 76 31.65 -56.91 75.66
N VAL J 77 30.45 -56.61 76.17
CA VAL J 77 30.25 -55.32 76.84
C VAL J 77 31.04 -55.35 78.13
N ALA J 78 31.70 -54.24 78.43
CA ALA J 78 32.60 -54.16 79.56
C ALA J 78 31.87 -54.05 80.90
N SER J 79 30.70 -53.40 80.89
CA SER J 79 29.95 -53.25 82.14
C SER J 79 28.46 -53.46 81.91
N MET J 80 27.75 -53.64 83.02
CA MET J 80 26.31 -53.81 82.99
C MET J 80 25.63 -52.56 82.46
N TYR J 81 26.26 -51.39 82.67
CA TYR J 81 25.71 -50.15 82.11
C TYR J 81 25.72 -50.17 80.59
N GLU J 82 26.79 -50.70 79.98
CA GLU J 82 26.85 -50.80 78.53
C GLU J 82 25.83 -51.85 78.06
N ALA J 83 25.61 -52.86 78.89
CA ALA J 83 24.59 -53.85 78.58
C ALA J 83 23.20 -53.17 78.52
N ALA J 84 22.93 -52.27 79.45
CA ALA J 84 21.64 -51.55 79.45
C ALA J 84 21.50 -50.71 78.19
N THR J 85 22.60 -50.06 77.79
CA THR J 85 22.65 -49.27 76.55
C THR J 85 22.38 -50.11 75.30
N LEU J 86 23.01 -51.28 75.23
CA LEU J 86 22.83 -52.19 74.11
C LEU J 86 21.37 -52.68 74.06
N LEU J 87 20.77 -52.99 75.22
CA LEU J 87 19.36 -53.41 75.22
C LEU J 87 18.42 -52.33 74.70
N GLY J 88 18.62 -51.10 75.17
CA GLY J 88 17.82 -49.98 74.73
C GLY J 88 17.86 -49.76 73.24
N GLU J 89 19.04 -49.93 72.63
CA GLU J 89 19.16 -49.80 71.17
C GLU J 89 18.34 -50.86 70.43
N THR J 90 18.37 -52.09 70.95
CA THR J 90 17.69 -53.21 70.33
C THR J 90 16.19 -53.06 70.46
N VAL J 91 15.76 -52.57 71.62
CA VAL J 91 14.35 -52.26 71.84
C VAL J 91 13.84 -51.27 70.79
N ARG J 92 14.55 -50.16 70.59
CA ARG J 92 14.14 -49.14 69.62
C ARG J 92 14.21 -49.72 68.22
N GLU J 93 15.24 -50.51 67.99
CA GLU J 93 15.47 -51.16 66.70
C GLU J 93 14.30 -52.07 66.31
N VAL J 94 13.87 -52.95 67.21
CA VAL J 94 12.79 -53.89 66.89
C VAL J 94 11.45 -53.21 66.71
N ILE J 95 11.18 -52.28 67.60
CA ILE J 95 9.93 -51.53 67.60
C ILE J 95 9.79 -50.69 66.32
N ASN J 96 10.88 -50.05 65.89
CA ASN J 96 10.84 -49.25 64.67
C ASN J 96 10.59 -50.11 63.45
N ARG J 97 11.18 -51.30 63.44
CA ARG J 97 11.04 -52.20 62.32
C ARG J 97 9.60 -52.70 62.18
N ASP J 98 9.06 -53.25 63.27
CA ASP J 98 7.73 -53.87 63.27
C ASP J 98 6.57 -52.89 63.11
N SER J 99 6.75 -51.67 63.60
CA SER J 99 5.73 -50.63 63.51
C SER J 99 5.85 -49.77 62.26
N GLY J 107 0.34 -45.19 69.19
CA GLY J 107 0.82 -46.51 68.83
C GLY J 107 1.61 -47.16 69.94
N THR J 108 0.91 -47.91 70.79
CA THR J 108 1.53 -48.53 71.94
C THR J 108 1.44 -50.05 71.86
N ASP J 109 0.93 -50.54 70.74
CA ASP J 109 0.67 -51.96 70.54
C ASP J 109 1.95 -52.80 70.63
N PHE J 110 3.07 -52.24 70.16
CA PHE J 110 4.32 -53.00 70.09
C PHE J 110 5.25 -52.76 71.28
N ASN J 111 4.75 -52.09 72.32
CA ASN J 111 5.57 -51.74 73.46
C ASN J 111 5.93 -52.96 74.30
N CYS J 112 7.12 -52.92 74.91
CA CYS J 112 7.56 -53.96 75.85
C CYS J 112 8.34 -53.31 76.99
N ASN J 113 8.46 -54.05 78.08
CA ASN J 113 9.34 -53.64 79.17
C ASN J 113 10.31 -54.76 79.52
N LEU J 114 11.52 -54.39 79.93
CA LEU J 114 12.52 -55.39 80.27
C LEU J 114 13.16 -55.15 81.63
N LEU J 115 13.58 -56.24 82.27
CA LEU J 115 14.48 -56.13 83.42
C LEU J 115 15.80 -56.77 83.00
N LEU J 116 16.90 -56.10 83.35
CA LEU J 116 18.25 -56.57 83.06
C LEU J 116 19.05 -56.55 84.36
N GLY J 117 19.50 -57.71 84.79
CA GLY J 117 20.22 -57.78 86.04
C GLY J 117 21.35 -58.77 85.94
N GLY J 118 22.33 -58.58 86.80
CA GLY J 118 23.44 -59.51 86.88
C GLY J 118 24.73 -58.89 87.33
N GLN J 119 25.83 -59.51 86.91
CA GLN J 119 27.14 -59.05 87.28
C GLN J 119 28.11 -59.38 86.18
N ILE J 120 28.94 -58.39 85.85
CA ILE J 120 30.10 -58.60 84.98
C ILE J 120 31.36 -58.43 85.83
N LYS J 121 32.29 -59.39 85.73
CA LYS J 121 33.48 -59.40 86.58
C LYS J 121 34.24 -58.08 86.55
N GLY J 122 34.55 -57.57 87.73
CA GLY J 122 35.20 -56.27 87.85
C GLY J 122 34.24 -55.20 88.32
N GLU J 123 32.97 -55.56 88.44
CA GLU J 123 31.93 -54.66 88.89
C GLU J 123 30.98 -55.41 89.83
N GLY J 124 30.19 -54.69 90.61
CA GLY J 124 29.25 -55.32 91.51
C GLY J 124 27.94 -55.66 90.82
N LEU J 125 26.94 -55.99 91.62
CA LEU J 125 25.61 -56.30 91.12
C LEU J 125 24.94 -55.05 90.54
N ARG J 126 24.33 -55.18 89.36
CA ARG J 126 23.58 -54.07 88.79
C ARG J 126 22.25 -54.53 88.21
N LEU J 127 21.22 -53.69 88.35
CA LEU J 127 19.86 -54.02 87.91
C LEU J 127 19.20 -52.82 87.22
N PHE J 128 18.66 -53.04 86.02
CA PHE J 128 18.07 -51.96 85.23
C PHE J 128 16.65 -52.28 84.79
N HIS J 129 15.84 -51.24 84.64
CA HIS J 129 14.54 -51.35 83.99
C HIS J 129 14.58 -50.63 82.66
N ILE J 130 14.47 -51.35 81.55
CA ILE J 130 14.50 -50.72 80.22
C ILE J 130 13.08 -50.46 79.71
N TYR J 131 12.84 -49.23 79.23
CA TYR J 131 11.52 -48.78 78.77
C TYR J 131 11.33 -48.98 77.24
N PRO J 132 10.08 -48.91 76.77
CA PRO J 132 9.77 -49.04 75.33
C PRO J 132 10.52 -48.04 74.45
N GLN J 133 10.85 -46.90 75.04
CA GLN J 133 11.60 -45.86 74.33
C GLN J 133 13.06 -46.20 74.25
N GLY J 134 13.49 -47.22 75.00
CA GLY J 134 14.86 -47.68 74.97
C GLY J 134 15.74 -47.10 76.06
N ASN J 135 15.23 -46.13 76.80
CA ASN J 135 15.94 -45.60 77.96
C ASN J 135 15.64 -46.47 79.19
N PHE J 136 16.31 -46.17 80.31
CA PHE J 136 16.26 -47.08 81.44
C PHE J 136 16.64 -46.40 82.76
N ILE J 137 16.30 -47.04 83.87
CA ILE J 137 16.72 -46.57 85.17
C ILE J 137 17.44 -47.71 85.93
N GLU J 138 18.22 -47.35 86.94
CA GLU J 138 19.01 -48.34 87.67
C GLU J 138 18.55 -48.41 89.12
N ALA J 139 18.53 -49.62 89.65
CA ALA J 139 18.14 -49.84 91.03
C ALA J 139 19.23 -49.37 91.96
N THR J 140 18.81 -48.78 93.08
CA THR J 140 19.74 -48.31 94.09
C THR J 140 19.39 -48.99 95.41
N GLN J 141 20.07 -48.59 96.46
CA GLN J 141 19.78 -49.13 97.76
C GLN J 141 18.42 -48.58 98.21
N ASP J 142 18.05 -47.41 97.68
CA ASP J 142 16.79 -46.73 98.01
C ASP J 142 15.57 -47.34 97.32
N THR J 143 15.75 -47.75 96.06
CA THR J 143 14.73 -48.52 95.32
C THR J 143 15.42 -49.74 94.75
N PRO J 144 15.45 -50.85 95.52
CA PRO J 144 16.24 -52.08 95.29
C PRO J 144 15.57 -53.19 94.48
N TYR J 145 14.42 -52.91 93.89
CA TYR J 145 13.74 -53.91 93.08
C TYR J 145 12.95 -53.28 91.94
N PHE J 146 12.66 -54.07 90.90
CA PHE J 146 11.76 -53.62 89.83
C PHE J 146 10.71 -54.69 89.55
N GLN J 147 9.51 -54.23 89.19
CA GLN J 147 8.46 -55.13 88.75
C GLN J 147 8.03 -54.72 87.36
N ILE J 148 7.75 -55.70 86.51
CA ILE J 148 7.12 -55.39 85.23
C ILE J 148 5.91 -56.29 85.04
N GLY J 149 5.04 -55.91 84.13
CA GLY J 149 3.82 -56.65 83.88
C GLY J 149 2.80 -56.26 84.93
N GLU J 150 1.92 -57.20 85.25
CA GLU J 150 0.86 -57.00 86.23
C GLU J 150 1.38 -57.08 87.64
N SER J 151 1.77 -55.94 88.18
CA SER J 151 2.62 -55.92 89.37
C SER J 151 1.99 -55.35 90.65
N LYS J 152 0.88 -54.65 90.53
CA LYS J 152 0.34 -53.92 91.67
C LYS J 152 -0.18 -54.85 92.78
N TYR J 153 -0.71 -56.00 92.41
CA TYR J 153 -1.23 -56.94 93.39
C TYR J 153 -0.12 -57.41 94.31
N GLY J 154 1.09 -57.49 93.76
CA GLY J 154 2.23 -58.07 94.46
C GLY J 154 3.19 -57.08 95.08
N LYS J 155 2.90 -55.79 94.96
CA LYS J 155 3.79 -54.75 95.50
C LYS J 155 3.77 -54.64 97.03
N PRO J 156 2.57 -54.72 97.66
CA PRO J 156 2.56 -54.53 99.11
C PRO J 156 3.47 -55.45 99.93
N ILE J 157 3.58 -56.74 99.60
CA ILE J 157 4.43 -57.62 100.42
C ILE J 157 5.91 -57.25 100.27
N ILE J 158 6.31 -56.83 99.06
CA ILE J 158 7.68 -56.42 98.83
C ILE J 158 7.99 -55.15 99.63
N ASP J 159 7.06 -54.20 99.63
CA ASP J 159 7.25 -52.98 100.40
C ASP J 159 7.31 -53.26 101.88
N ARG J 160 6.60 -54.30 102.32
CA ARG J 160 6.51 -54.63 103.75
C ARG J 160 7.73 -55.34 104.26
N VAL J 161 8.34 -56.15 103.41
CA VAL J 161 9.35 -57.07 103.89
C VAL J 161 10.74 -56.95 103.24
N LEU J 162 10.82 -56.43 102.02
CA LEU J 162 12.12 -56.36 101.35
C LEU J 162 12.85 -55.03 101.50
N SER J 163 14.13 -55.10 101.86
CA SER J 163 15.04 -53.95 101.86
C SER J 163 16.39 -54.45 101.34
N TYR J 164 17.29 -53.53 101.01
CA TYR J 164 18.58 -53.88 100.41
C TYR J 164 19.39 -54.89 101.23
N ASP J 165 19.17 -54.92 102.53
CA ASP J 165 19.96 -55.76 103.41
C ASP J 165 19.31 -57.12 103.70
N THR J 166 18.16 -57.38 103.08
CA THR J 166 17.48 -58.67 103.21
C THR J 166 18.34 -59.80 102.63
N PRO J 167 18.52 -60.89 103.40
CA PRO J 167 19.28 -62.03 102.90
C PRO J 167 18.64 -62.61 101.65
N LEU J 168 19.45 -63.23 100.80
CA LEU J 168 19.02 -63.74 99.50
C LEU J 168 17.80 -64.67 99.55
N ASP J 169 17.80 -65.63 100.46
CA ASP J 169 16.71 -66.60 100.55
C ASP J 169 15.39 -65.95 100.95
N GLN J 170 15.46 -64.95 101.82
CA GLN J 170 14.27 -64.27 102.31
C GLN J 170 13.65 -63.44 101.20
N ALA J 171 14.51 -62.90 100.34
CA ALA J 171 14.05 -62.16 99.17
C ALA J 171 13.31 -63.08 98.19
N MET J 172 13.83 -64.28 97.98
CA MET J 172 13.17 -65.24 97.09
C MET J 172 11.85 -65.70 97.70
N GLN J 173 11.82 -65.86 99.01
CA GLN J 173 10.57 -66.17 99.68
C GLN J 173 9.57 -65.04 99.46
N CYS J 174 10.06 -63.79 99.58
CA CYS J 174 9.24 -62.60 99.38
C CYS J 174 8.69 -62.56 97.96
N ALA J 175 9.55 -62.89 96.99
CA ALA J 175 9.11 -63.00 95.59
C ALA J 175 8.03 -64.08 95.37
N LEU J 176 8.19 -65.24 96.00
CA LEU J 176 7.22 -66.34 95.81
C LEU J 176 5.86 -66.00 96.37
N ILE J 177 5.85 -65.31 97.51
CA ILE J 177 4.59 -64.83 98.10
C ILE J 177 3.93 -63.77 97.20
N SER J 178 4.75 -62.88 96.66
CA SER J 178 4.28 -61.84 95.73
C SER J 178 3.56 -62.44 94.49
N MET J 179 4.12 -63.53 93.97
CA MET J 179 3.50 -64.27 92.87
C MET J 179 2.18 -64.93 93.27
N ASP J 180 2.18 -65.54 94.45
CA ASP J 180 1.00 -66.22 94.95
C ASP J 180 -0.18 -65.27 95.02
N SER J 181 0.04 -64.08 95.57
CA SER J 181 -1.00 -63.06 95.65
C SER J 181 -1.49 -62.60 94.26
N THR J 182 -0.57 -62.51 93.30
CA THR J 182 -0.91 -62.07 91.96
C THR J 182 -1.72 -63.18 91.28
N LEU J 183 -1.27 -64.43 91.42
CA LEU J 183 -1.98 -65.60 90.90
C LEU J 183 -3.42 -65.65 91.36
N ARG J 184 -3.61 -65.32 92.62
CA ARG J 184 -4.92 -65.39 93.22
C ARG J 184 -5.82 -64.26 92.72
N SER J 185 -5.24 -63.16 92.27
CA SER J 185 -6.03 -61.96 92.01
C SER J 185 -6.16 -61.57 90.54
N ASN J 186 -5.30 -62.14 89.69
CA ASN J 186 -5.36 -61.82 88.29
C ASN J 186 -5.01 -63.01 87.43
N LEU J 187 -5.96 -63.38 86.57
CA LEU J 187 -5.85 -64.63 85.81
C LEU J 187 -4.96 -64.51 84.57
N SER J 188 -4.42 -63.32 84.34
CA SER J 188 -3.49 -63.14 83.23
C SER J 188 -2.08 -63.57 83.66
N VAL J 189 -1.90 -63.79 84.95
CA VAL J 189 -0.65 -64.28 85.49
C VAL J 189 -0.81 -65.74 85.84
N GLY J 190 0.17 -66.55 85.44
CA GLY J 190 0.03 -67.98 85.60
C GLY J 190 1.30 -68.78 85.63
N LEU J 191 1.21 -69.91 86.30
CA LEU J 191 2.24 -70.91 86.41
C LEU J 191 2.47 -71.61 85.05
N PRO J 192 3.65 -72.21 84.81
CA PRO J 192 4.82 -72.31 85.70
C PRO J 192 5.54 -70.99 85.89
N LEU J 193 6.38 -70.96 86.91
CA LEU J 193 7.24 -69.83 87.18
C LEU J 193 8.63 -70.20 86.74
N ASP J 194 9.42 -69.20 86.37
CA ASP J 194 10.84 -69.42 86.22
C ASP J 194 11.55 -68.45 87.15
N VAL J 195 12.32 -68.99 88.09
CA VAL J 195 12.99 -68.18 89.11
C VAL J 195 14.49 -68.46 89.18
N MET J 196 15.23 -67.52 89.76
CA MET J 196 16.66 -67.70 89.91
C MET J 196 17.21 -66.85 91.06
N ILE J 197 18.14 -67.44 91.80
CA ILE J 197 18.94 -66.77 92.81
C ILE J 197 20.40 -66.60 92.34
N TYR J 198 20.88 -65.37 92.30
CA TYR J 198 22.27 -65.10 91.93
C TYR J 198 23.06 -64.53 93.12
N PRO J 199 23.91 -65.36 93.74
CA PRO J 199 24.79 -64.85 94.80
C PRO J 199 25.93 -63.98 94.27
N LEU J 200 26.25 -62.95 95.02
CA LEU J 200 27.31 -62.01 94.69
C LEU J 200 28.62 -62.72 94.32
N ASP J 201 29.22 -62.30 93.20
CA ASP J 201 30.53 -62.81 92.72
C ASP J 201 30.55 -64.29 92.38
N SER J 202 29.38 -64.93 92.30
CA SER J 202 29.35 -66.35 92.03
C SER J 202 29.50 -66.66 90.55
N PHE J 203 28.95 -65.76 89.72
CA PHE J 203 28.90 -65.92 88.26
C PHE J 203 28.35 -67.28 87.82
N SER J 204 27.37 -67.79 88.57
CA SER J 204 26.74 -69.10 88.33
C SER J 204 25.23 -69.05 88.09
N THR J 205 24.75 -69.95 87.23
CA THR J 205 23.33 -70.07 86.96
C THR J 205 22.78 -71.34 87.61
N GLU J 206 23.46 -71.81 88.66
CA GLU J 206 23.08 -73.07 89.26
C GLU J 206 21.73 -72.99 89.98
N GLN J 207 21.43 -71.84 90.57
CA GLN J 207 20.16 -71.69 91.28
C GLN J 207 19.04 -71.12 90.39
N GLN J 208 18.79 -71.79 89.26
CA GLN J 208 17.65 -71.49 88.41
C GLN J 208 16.61 -72.62 88.45
N TYR J 209 15.35 -72.27 88.63
CA TYR J 209 14.36 -73.31 88.83
C TYR J 209 13.05 -73.02 88.12
N ARG J 210 12.46 -74.07 87.56
CA ARG J 210 11.10 -74.00 87.04
C ARG J 210 10.13 -74.51 88.10
N ILE J 211 9.21 -73.64 88.48
CA ILE J 211 8.25 -73.98 89.51
C ILE J 211 6.90 -74.31 88.88
N THR J 212 6.53 -75.58 88.88
CA THR J 212 5.23 -75.96 88.35
C THR J 212 4.23 -76.05 89.49
N GLU J 213 2.97 -76.29 89.13
CA GLU J 213 1.91 -76.42 90.12
C GLU J 213 2.19 -77.59 91.10
N ASP J 214 3.04 -78.54 90.69
CA ASP J 214 3.35 -79.70 91.52
C ASP J 214 4.56 -79.47 92.43
N HIS J 215 5.22 -78.32 92.30
CA HIS J 215 6.43 -78.05 93.06
C HIS J 215 6.19 -78.10 94.57
N PRO J 216 6.88 -79.01 95.24
CA PRO J 216 6.59 -79.22 96.66
C PRO J 216 6.76 -77.96 97.52
N TYR J 217 7.88 -77.25 97.40
CA TYR J 217 8.10 -76.10 98.29
C TYR J 217 7.12 -74.92 98.02
N PHE J 218 6.81 -74.66 96.77
CA PHE J 218 5.86 -73.59 96.47
C PHE J 218 4.47 -73.92 97.05
N MET J 219 4.04 -75.17 96.97
CA MET J 219 2.78 -75.58 97.59
C MET J 219 2.77 -75.27 99.09
N MET J 220 3.90 -75.58 99.73
CA MET J 220 4.02 -75.43 101.17
C MET J 220 3.98 -73.97 101.63
N ILE J 221 4.74 -73.13 100.94
CA ILE J 221 4.87 -71.73 101.34
C ILE J 221 3.56 -70.96 101.10
N ARG J 222 2.79 -71.34 100.09
CA ARG J 222 1.54 -70.68 99.84
C ARG J 222 0.47 -70.96 100.91
N LYS J 223 0.25 -72.24 101.23
CA LYS J 223 -0.78 -72.55 102.22
C LYS J 223 -0.29 -72.08 103.58
N GLY J 224 1.02 -72.21 103.81
CA GLY J 224 1.61 -71.78 105.06
C GLY J 224 1.39 -70.28 105.24
N TRP J 225 1.57 -69.54 104.17
CA TRP J 225 1.34 -68.10 104.20
C TRP J 225 -0.13 -67.73 104.41
N GLY J 226 -1.02 -68.38 103.66
CA GLY J 226 -2.44 -68.11 103.75
C GLY J 226 -3.01 -68.43 105.12
N GLU J 227 -2.66 -69.60 105.65
CA GLU J 227 -3.15 -70.02 106.95
C GLU J 227 -2.58 -69.10 108.03
N GLY J 228 -1.32 -68.70 107.84
CA GLY J 228 -0.66 -67.79 108.75
C GLY J 228 -1.40 -66.47 108.74
N LEU J 229 -1.79 -66.06 107.54
CA LEU J 229 -2.50 -64.81 107.34
C LEU J 229 -3.89 -64.83 107.96
N VAL J 230 -4.61 -65.92 107.68
CA VAL J 230 -5.97 -66.09 108.18
C VAL J 230 -6.00 -66.14 109.70
N SER J 231 -4.95 -66.72 110.28
CA SER J 231 -4.87 -66.81 111.72
C SER J 231 -4.70 -65.43 112.32
N ILE J 232 -3.82 -64.63 111.72
CA ILE J 232 -3.57 -63.29 112.20
C ILE J 232 -4.84 -62.43 112.12
N PHE J 233 -5.59 -62.60 111.03
CA PHE J 233 -6.82 -61.83 110.85
C PHE J 233 -7.82 -62.15 111.97
N ALA J 234 -7.96 -63.44 112.26
CA ALA J 234 -8.91 -63.91 113.26
C ALA J 234 -8.52 -63.43 114.65
N GLN J 235 -7.22 -63.25 114.85
CA GLN J 235 -6.67 -62.88 116.14
C GLN J 235 -6.60 -61.36 116.34
N LEU J 236 -7.11 -60.60 115.37
CA LEU J 236 -7.14 -59.15 115.49
C LEU J 236 -8.13 -58.71 116.58
N PRO J 237 -7.81 -57.61 117.28
CA PRO J 237 -8.78 -57.03 118.22
C PRO J 237 -10.07 -56.60 117.53
N GLY J 238 -11.20 -56.72 118.21
CA GLY J 238 -12.49 -56.38 117.63
C GLY J 238 -12.57 -54.92 117.22
N LEU J 239 -13.39 -54.64 116.21
CA LEU J 239 -13.57 -53.30 115.65
C LEU J 239 -14.10 -52.29 116.66
N LYS J 240 -13.37 -51.19 116.82
CA LYS J 240 -13.79 -50.11 117.70
C LYS J 240 -13.60 -48.78 116.95
N LEU J 241 -14.60 -48.40 116.15
CA LEU J 241 -14.50 -47.20 115.32
C LEU J 241 -14.88 -45.95 116.11
N GLY J 242 -15.32 -46.14 117.35
CA GLY J 242 -15.74 -45.06 118.23
C GLY J 242 -14.64 -44.53 119.12
N THR K 1 -17.19 -67.51 79.97
CA THR K 1 -18.56 -67.57 79.49
C THR K 1 -18.79 -68.65 78.43
N TYR K 2 -19.48 -69.71 78.81
CA TYR K 2 -19.90 -70.72 77.84
C TYR K 2 -21.18 -71.33 78.34
N CYS K 3 -22.23 -71.29 77.53
CA CYS K 3 -23.47 -71.95 77.92
C CYS K 3 -23.96 -72.84 76.81
N VAL K 4 -24.51 -74.00 77.19
CA VAL K 4 -25.08 -74.95 76.24
C VAL K 4 -26.40 -75.46 76.77
N ALA K 5 -27.35 -75.69 75.86
CA ALA K 5 -28.66 -76.24 76.19
C ALA K 5 -29.04 -77.31 75.18
N MET K 6 -29.68 -78.38 75.66
CA MET K 6 -30.06 -79.47 74.78
C MET K 6 -31.55 -79.79 74.94
N ARG K 7 -32.27 -79.87 73.81
CA ARG K 7 -33.67 -80.28 73.82
C ARG K 7 -33.76 -81.71 73.30
N LEU K 8 -34.10 -82.63 74.18
CA LEU K 8 -34.13 -84.05 73.85
C LEU K 8 -35.56 -84.55 74.02
N SER K 9 -35.82 -85.76 73.53
CA SER K 9 -37.15 -86.35 73.62
C SER K 9 -37.60 -86.54 75.06
N SER K 10 -36.66 -86.86 75.93
CA SER K 10 -36.96 -87.17 77.33
C SER K 10 -36.82 -85.97 78.29
N GLY K 11 -36.30 -84.86 77.80
CA GLY K 11 -36.10 -83.70 78.64
C GLY K 11 -35.08 -82.76 78.06
N LEU K 12 -34.65 -81.83 78.91
CA LEU K 12 -33.65 -80.83 78.58
C LEU K 12 -32.44 -80.94 79.53
N ALA K 13 -31.25 -80.66 79.00
CA ALA K 13 -30.07 -80.56 79.85
C ALA K 13 -29.45 -79.16 79.67
N PHE K 14 -29.07 -78.52 80.76
CA PHE K 14 -28.46 -77.19 80.69
C PHE K 14 -27.11 -77.13 81.42
N ALA K 15 -26.15 -76.41 80.84
CA ALA K 15 -24.86 -76.17 81.53
C ALA K 15 -24.26 -74.81 81.23
N SER K 16 -23.86 -74.11 82.31
CA SER K 16 -23.18 -72.81 82.19
C SER K 16 -21.94 -72.77 83.08
N ASP K 17 -20.88 -72.14 82.59
CA ASP K 17 -19.73 -71.86 83.44
C ASP K 17 -20.06 -70.57 84.19
N SER K 18 -19.08 -69.95 84.83
CA SER K 18 -19.36 -68.74 85.58
C SER K 18 -18.32 -67.63 85.39
N ARG K 19 -17.24 -67.94 84.71
CA ARG K 19 -16.21 -66.96 84.58
C ARG K 19 -16.73 -65.88 83.65
N THR K 20 -16.68 -64.65 84.14
CA THR K 20 -17.25 -63.49 83.47
C THR K 20 -16.23 -62.36 83.36
N ASN K 21 -16.18 -61.71 82.19
CA ASN K 21 -15.31 -60.56 82.02
C ASN K 21 -16.10 -59.27 82.22
N ALA K 22 -16.08 -58.75 83.45
CA ALA K 22 -16.81 -57.55 83.86
C ALA K 22 -15.97 -56.28 83.89
N GLY K 23 -15.09 -56.11 82.90
CA GLY K 23 -14.24 -54.94 82.83
C GLY K 23 -12.84 -55.41 82.52
N VAL K 24 -11.92 -54.47 82.28
CA VAL K 24 -10.56 -54.83 81.91
C VAL K 24 -9.83 -55.68 82.95
N ASP K 25 -9.74 -55.17 84.18
CA ASP K 25 -9.02 -55.84 85.26
C ASP K 25 -9.96 -56.57 86.26
N HIS K 26 -11.20 -56.82 85.83
CA HIS K 26 -12.22 -57.42 86.70
C HIS K 26 -12.85 -58.69 86.10
N ILE K 27 -12.16 -59.82 86.22
CA ILE K 27 -12.70 -61.10 85.79
C ILE K 27 -13.18 -61.88 87.01
N SER K 28 -14.49 -62.10 87.08
CA SER K 28 -15.11 -62.66 88.29
C SER K 28 -16.14 -63.73 88.00
N THR K 29 -16.70 -64.27 89.08
CA THR K 29 -17.70 -65.32 88.99
C THR K 29 -19.12 -64.75 89.18
N PHE K 30 -19.95 -64.99 88.17
CA PHE K 30 -21.37 -64.58 88.12
C PHE K 30 -22.22 -65.74 87.59
N ARG K 31 -23.43 -65.94 88.14
CA ARG K 31 -24.30 -67.01 87.65
C ARG K 31 -24.85 -66.72 86.26
N LYS K 32 -24.78 -67.72 85.37
CA LYS K 32 -25.21 -67.58 83.98
C LYS K 32 -26.34 -68.54 83.67
N LEU K 33 -27.02 -69.00 84.71
CA LEU K 33 -28.16 -69.88 84.56
C LEU K 33 -29.21 -69.42 85.54
N HIS K 34 -30.33 -68.92 85.03
CA HIS K 34 -31.36 -68.37 85.91
C HIS K 34 -32.73 -69.05 85.71
N LEU K 35 -33.52 -69.07 86.77
CA LEU K 35 -34.76 -69.84 86.77
C LEU K 35 -36.02 -69.01 86.91
N PHE K 36 -37.04 -69.39 86.14
CA PHE K 36 -38.37 -68.83 86.33
C PHE K 36 -39.34 -69.99 86.45
N GLN K 37 -39.84 -70.23 87.67
CA GLN K 37 -40.55 -71.47 88.00
C GLN K 37 -41.94 -71.28 88.63
N GLN K 38 -42.90 -72.05 88.12
CA GLN K 38 -44.19 -72.19 88.78
C GLN K 38 -44.48 -73.67 89.00
N PRO K 39 -44.35 -74.13 90.26
CA PRO K 39 -44.43 -75.56 90.59
C PRO K 39 -45.68 -76.17 89.98
N GLY K 40 -45.51 -77.27 89.24
CA GLY K 40 -46.63 -77.95 88.62
C GLY K 40 -47.16 -77.33 87.32
N GLU K 41 -46.63 -76.17 86.92
CA GLU K 41 -47.17 -75.46 85.74
C GLU K 41 -46.12 -75.03 84.67
N ARG K 42 -44.95 -74.54 85.05
CA ARG K 42 -43.93 -74.17 84.04
C ARG K 42 -42.51 -74.13 84.58
N THR K 43 -41.57 -74.47 83.70
CA THR K 43 -40.16 -74.37 84.05
C THR K 43 -39.42 -73.70 82.92
N LEU K 44 -38.91 -72.51 83.18
CA LEU K 44 -38.15 -71.73 82.19
C LEU K 44 -36.72 -71.48 82.69
N VAL K 45 -35.74 -71.81 81.87
CA VAL K 45 -34.35 -71.58 82.21
C VAL K 45 -33.74 -70.56 81.25
N VAL K 46 -33.10 -69.53 81.80
CA VAL K 46 -32.44 -68.54 80.96
C VAL K 46 -30.92 -68.53 81.19
N GLN K 47 -30.19 -68.66 80.08
CA GLN K 47 -28.73 -68.64 80.13
C GLN K 47 -28.15 -67.38 79.46
N SER K 48 -27.08 -66.86 80.04
CA SER K 48 -26.54 -65.55 79.66
C SER K 48 -25.12 -65.63 79.08
N ALA K 49 -24.91 -64.82 78.04
CA ALA K 49 -23.59 -64.59 77.45
C ALA K 49 -23.53 -63.17 76.91
N GLY K 50 -22.32 -62.66 76.75
CA GLY K 50 -22.15 -61.31 76.25
C GLY K 50 -22.00 -60.36 77.41
N ASN K 51 -22.33 -59.11 77.16
CA ASN K 51 -22.18 -58.05 78.16
C ASN K 51 -22.96 -58.31 79.44
N LEU K 52 -22.24 -58.37 80.55
CA LEU K 52 -22.80 -58.63 81.86
C LEU K 52 -23.82 -57.58 82.32
N ALA K 53 -23.53 -56.31 82.06
CA ALA K 53 -24.46 -55.24 82.41
C ALA K 53 -25.77 -55.43 81.67
N THR K 54 -25.65 -55.83 80.40
CA THR K 54 -26.83 -56.04 79.57
C THR K 54 -27.62 -57.23 80.09
N THR K 55 -26.96 -58.37 80.27
CA THR K 55 -27.68 -59.57 80.69
C THR K 55 -28.29 -59.45 82.07
N GLN K 56 -27.57 -58.84 83.02
CA GLN K 56 -28.11 -58.70 84.38
C GLN K 56 -29.37 -57.84 84.39
N SER K 57 -29.38 -56.80 83.58
CA SER K 57 -30.56 -55.96 83.53
C SER K 57 -31.75 -56.71 82.98
N ILE K 58 -31.52 -57.48 81.91
CA ILE K 58 -32.60 -58.26 81.32
C ILE K 58 -33.17 -59.25 82.33
N VAL K 59 -32.28 -59.96 82.99
CA VAL K 59 -32.66 -60.93 84.00
C VAL K 59 -33.39 -60.22 85.14
N SER K 60 -32.88 -59.05 85.53
CA SER K 60 -33.48 -58.28 86.62
C SER K 60 -34.87 -57.77 86.25
N LEU K 61 -34.97 -57.23 85.04
CA LEU K 61 -36.21 -56.67 84.54
C LEU K 61 -37.26 -57.76 84.37
N LEU K 62 -36.87 -58.93 83.87
CA LEU K 62 -37.81 -60.04 83.70
C LEU K 62 -38.34 -60.54 85.04
N GLN K 63 -37.48 -60.60 86.05
CA GLN K 63 -37.88 -61.04 87.41
C GLN K 63 -38.81 -60.05 88.09
N ARG K 64 -38.49 -58.75 87.97
CA ARG K 64 -39.33 -57.72 88.58
C ARG K 64 -40.71 -57.68 87.94
N ARG K 65 -40.75 -57.83 86.63
CA ARG K 65 -42.02 -57.78 85.90
C ARG K 65 -42.86 -59.02 86.12
N CYS K 66 -42.24 -60.07 86.64
CA CYS K 66 -42.96 -61.27 87.06
C CYS K 66 -43.88 -60.97 88.25
N LEU K 67 -43.56 -59.91 88.99
CA LEU K 67 -44.37 -59.54 90.14
C LEU K 67 -45.52 -58.60 89.76
N ASP K 68 -45.55 -58.17 88.50
CA ASP K 68 -46.62 -57.30 88.04
C ASP K 68 -47.53 -58.10 87.11
N PRO K 69 -48.71 -58.51 87.63
CA PRO K 69 -49.65 -59.36 86.90
C PRO K 69 -50.41 -58.58 85.85
N GLU K 70 -50.25 -57.27 85.87
CA GLU K 70 -50.94 -56.38 84.95
C GLU K 70 -50.12 -56.13 83.70
N GLN K 71 -48.97 -56.80 83.62
CA GLN K 71 -48.02 -56.70 82.53
C GLN K 71 -47.64 -58.07 81.96
N THR K 72 -47.27 -58.12 80.68
CA THR K 72 -46.79 -59.37 80.10
C THR K 72 -45.48 -59.81 80.76
N ASN K 73 -45.46 -61.06 81.25
CA ASN K 73 -44.26 -61.61 81.90
C ASN K 73 -44.14 -63.12 81.69
N LEU K 74 -43.05 -63.69 82.18
CA LEU K 74 -42.74 -65.10 81.93
C LEU K 74 -43.64 -66.10 82.65
N MET K 75 -44.44 -65.59 83.57
CA MET K 75 -45.39 -66.41 84.30
C MET K 75 -46.76 -66.46 83.64
N ASN K 76 -47.09 -65.46 82.83
CA ASN K 76 -48.41 -65.44 82.19
C ASN K 76 -48.39 -65.57 80.68
N VAL K 77 -47.22 -65.75 80.09
CA VAL K 77 -47.17 -66.04 78.67
C VAL K 77 -47.74 -67.43 78.48
N ALA K 78 -48.54 -67.59 77.43
CA ALA K 78 -49.21 -68.86 77.18
C ALA K 78 -48.27 -69.92 76.58
N SER K 79 -47.29 -69.50 75.80
CA SER K 79 -46.40 -70.48 75.17
C SER K 79 -44.96 -70.01 75.24
N MET K 80 -44.04 -70.94 74.97
CA MET K 80 -42.62 -70.62 74.95
C MET K 80 -42.30 -69.64 73.83
N TYR K 81 -43.09 -69.69 72.76
CA TYR K 81 -42.90 -68.76 71.67
C TYR K 81 -43.14 -67.34 72.17
N GLU K 82 -44.14 -67.17 73.03
CA GLU K 82 -44.43 -65.86 73.60
C GLU K 82 -43.33 -65.48 74.58
N ALA K 83 -42.76 -66.46 75.27
CA ALA K 83 -41.64 -66.20 76.17
C ALA K 83 -40.41 -65.70 75.40
N ALA K 84 -40.10 -66.35 74.29
CA ALA K 84 -38.98 -65.91 73.45
C ALA K 84 -39.20 -64.51 72.84
N THR K 85 -40.42 -64.25 72.38
CA THR K 85 -40.79 -62.96 71.84
C THR K 85 -40.59 -61.90 72.93
N LEU K 86 -40.98 -62.25 74.15
CA LEU K 86 -40.83 -61.36 75.29
C LEU K 86 -39.33 -61.07 75.60
N LEU K 87 -38.46 -62.08 75.54
CA LEU K 87 -37.03 -61.82 75.79
C LEU K 87 -36.44 -60.86 74.78
N GLY K 88 -36.70 -61.16 73.52
CA GLY K 88 -36.18 -60.37 72.41
C GLY K 88 -36.56 -58.92 72.55
N GLU K 89 -37.77 -58.68 73.03
CA GLU K 89 -38.22 -57.32 73.34
C GLU K 89 -37.42 -56.72 74.48
N THR K 90 -37.14 -57.53 75.51
CA THR K 90 -36.44 -57.03 76.68
C THR K 90 -34.98 -56.77 76.32
N VAL K 91 -34.44 -57.62 75.46
CA VAL K 91 -33.09 -57.45 74.94
C VAL K 91 -32.96 -56.13 74.20
N ARG K 92 -33.85 -55.87 73.24
CA ARG K 92 -33.78 -54.64 72.47
C ARG K 92 -34.01 -53.46 73.39
N GLU K 93 -34.91 -53.62 74.35
CA GLU K 93 -35.22 -52.53 75.29
C GLU K 93 -33.96 -52.08 76.05
N VAL K 94 -33.24 -53.04 76.62
CA VAL K 94 -32.03 -52.75 77.40
C VAL K 94 -30.83 -52.28 76.56
N ILE K 95 -30.63 -52.87 75.38
CA ILE K 95 -29.53 -52.46 74.51
C ILE K 95 -29.77 -51.00 74.12
N ASN K 96 -31.02 -50.66 73.82
CA ASN K 96 -31.37 -49.31 73.41
C ASN K 96 -31.15 -48.27 74.48
N ARG K 97 -31.40 -48.64 75.74
CA ARG K 97 -31.21 -47.73 76.86
C ARG K 97 -29.75 -47.44 77.17
N ASP K 98 -28.96 -48.51 77.31
CA ASP K 98 -27.56 -48.40 77.71
C ASP K 98 -26.70 -47.72 76.67
N SER K 99 -27.16 -47.69 75.43
CA SER K 99 -26.42 -47.06 74.35
C SER K 99 -26.64 -45.53 74.28
N THR K 108 -21.65 -52.38 69.34
CA THR K 108 -21.97 -53.77 69.67
C THR K 108 -21.45 -54.12 71.06
N ASP K 109 -20.92 -53.11 71.76
CA ASP K 109 -20.32 -53.30 73.08
C ASP K 109 -21.36 -53.82 74.06
N PHE K 110 -22.61 -53.49 73.81
CA PHE K 110 -23.66 -53.83 74.75
C PHE K 110 -24.41 -55.09 74.38
N ASN K 111 -23.91 -55.84 73.40
CA ASN K 111 -24.62 -57.02 72.88
C ASN K 111 -24.59 -58.24 73.81
N CYS K 112 -25.66 -59.01 73.79
CA CYS K 112 -25.72 -60.28 74.53
C CYS K 112 -26.39 -61.37 73.70
N ASN K 113 -26.14 -62.62 74.05
CA ASN K 113 -26.91 -63.73 73.50
C ASN K 113 -27.53 -64.51 74.63
N LEU K 114 -28.74 -65.01 74.40
CA LEU K 114 -29.44 -65.75 75.44
C LEU K 114 -29.89 -67.09 74.91
N LEU K 115 -30.01 -68.05 75.82
CA LEU K 115 -30.68 -69.30 75.54
C LEU K 115 -31.94 -69.31 76.40
N LEU K 116 -33.07 -69.75 75.83
CA LEU K 116 -34.33 -69.87 76.57
C LEU K 116 -34.88 -71.28 76.36
N GLY K 117 -35.02 -72.03 77.42
CA GLY K 117 -35.45 -73.39 77.27
C GLY K 117 -36.40 -73.78 78.37
N GLY K 118 -37.24 -74.78 78.09
CA GLY K 118 -38.12 -75.29 79.12
C GLY K 118 -39.47 -75.81 78.66
N GLN K 119 -40.44 -75.74 79.57
CA GLN K 119 -41.76 -76.24 79.30
C GLN K 119 -42.82 -75.43 80.04
N ILE K 120 -43.87 -75.04 79.33
CA ILE K 120 -45.03 -74.44 79.97
C ILE K 120 -46.20 -75.40 79.81
N LYS K 121 -46.94 -75.65 80.90
CA LYS K 121 -48.00 -76.64 80.91
C LYS K 121 -48.91 -76.41 79.71
N GLY K 122 -49.19 -77.51 79.01
CA GLY K 122 -49.99 -77.46 77.80
C GLY K 122 -49.18 -77.61 76.54
N GLU K 123 -47.86 -77.61 76.66
CA GLU K 123 -47.00 -77.76 75.49
C GLU K 123 -45.79 -78.64 75.81
N GLY K 124 -45.08 -79.10 74.79
CA GLY K 124 -43.89 -79.90 75.01
C GLY K 124 -42.65 -79.05 75.28
N LEU K 125 -41.49 -79.68 75.26
CA LEU K 125 -40.22 -79.01 75.48
C LEU K 125 -39.91 -78.07 74.34
N ARG K 126 -39.47 -76.86 74.68
CA ARG K 126 -39.05 -75.89 73.68
C ARG K 126 -37.80 -75.14 74.07
N LEU K 127 -36.97 -74.86 73.07
CA LEU K 127 -35.70 -74.22 73.28
C LEU K 127 -35.47 -73.16 72.20
N PHE K 128 -35.13 -71.95 72.63
CA PHE K 128 -34.84 -70.85 71.70
C PHE K 128 -33.44 -70.24 71.92
N HIS K 129 -32.85 -69.71 70.85
CA HIS K 129 -31.64 -68.87 70.96
C HIS K 129 -32.03 -67.43 70.63
N ILE K 130 -31.87 -66.54 71.60
CA ILE K 130 -32.21 -65.14 71.38
C ILE K 130 -30.97 -64.37 70.96
N TYR K 131 -31.06 -63.67 69.83
CA TYR K 131 -29.96 -62.88 69.27
C TYR K 131 -30.01 -61.45 69.76
N PRO K 132 -28.89 -60.72 69.66
CA PRO K 132 -28.83 -59.30 70.08
C PRO K 132 -29.86 -58.38 69.41
N GLN K 133 -30.26 -58.69 68.17
CA GLN K 133 -31.25 -57.92 67.43
C GLN K 133 -32.66 -58.18 67.96
N GLY K 134 -32.79 -59.18 68.83
CA GLY K 134 -34.07 -59.47 69.46
C GLY K 134 -34.89 -60.57 68.82
N ASN K 135 -34.49 -61.03 67.66
CA ASN K 135 -35.13 -62.18 67.05
C ASN K 135 -34.49 -63.49 67.56
N PHE K 136 -34.98 -64.62 67.10
CA PHE K 136 -34.57 -65.88 67.69
C PHE K 136 -34.83 -67.04 66.77
N ILE K 137 -34.19 -68.16 67.04
CA ILE K 137 -34.49 -69.38 66.31
C ILE K 137 -34.88 -70.49 67.32
N GLU K 138 -35.50 -71.56 66.84
CA GLU K 138 -35.97 -72.61 67.73
C GLU K 138 -35.30 -73.94 67.41
N ALA K 139 -34.93 -74.68 68.45
CA ALA K 139 -34.29 -75.96 68.27
C ALA K 139 -35.27 -76.99 67.73
N THR K 140 -34.79 -77.86 66.84
CA THR K 140 -35.61 -78.93 66.28
C THR K 140 -34.94 -80.27 66.54
N GLN K 141 -35.49 -81.36 66.01
CA GLN K 141 -34.85 -82.65 66.21
C GLN K 141 -33.53 -82.70 65.44
N ASP K 142 -33.44 -81.93 64.36
CA ASP K 142 -32.26 -81.91 63.50
C ASP K 142 -31.11 -81.08 64.07
N THR K 143 -31.45 -79.97 64.73
CA THR K 143 -30.48 -79.16 65.45
C THR K 143 -31.03 -79.04 66.87
N PRO K 144 -30.74 -80.06 67.70
CA PRO K 144 -31.36 -80.24 69.01
C PRO K 144 -30.63 -79.60 70.19
N TYR K 145 -29.63 -78.76 69.93
CA TYR K 145 -28.93 -78.04 71.00
C TYR K 145 -28.49 -76.68 70.50
N PHE K 146 -28.19 -75.78 71.44
CA PHE K 146 -27.60 -74.46 71.18
C PHE K 146 -26.41 -74.22 72.11
N GLN K 147 -25.41 -73.47 71.62
CA GLN K 147 -24.31 -72.99 72.46
C GLN K 147 -24.18 -71.50 72.35
N ILE K 148 -23.83 -70.84 73.45
CA ILE K 148 -23.48 -69.42 73.41
C ILE K 148 -22.15 -69.18 74.15
N GLY K 149 -21.51 -68.07 73.83
CA GLY K 149 -20.20 -67.78 74.38
C GLY K 149 -19.11 -68.51 73.61
N GLU K 150 -18.02 -68.83 74.31
CA GLU K 150 -16.87 -69.51 73.73
C GLU K 150 -17.18 -71.01 73.55
N SER K 151 -17.69 -71.34 72.37
CA SER K 151 -18.37 -72.61 72.17
C SER K 151 -17.66 -73.60 71.24
N LYS K 152 -16.70 -73.13 70.46
CA LYS K 152 -16.12 -73.98 69.42
C LYS K 152 -15.29 -75.14 69.96
N TYR K 153 -14.57 -74.92 71.06
CA TYR K 153 -13.72 -75.95 71.64
C TYR K 153 -14.59 -77.12 72.06
N GLY K 154 -15.82 -76.82 72.47
CA GLY K 154 -16.71 -77.82 73.04
C GLY K 154 -17.75 -78.39 72.10
N LYS K 155 -17.73 -77.94 70.85
CA LYS K 155 -18.71 -78.41 69.89
C LYS K 155 -18.47 -79.87 69.35
N PRO K 156 -17.21 -80.26 69.08
CA PRO K 156 -17.01 -81.60 68.49
C PRO K 156 -17.57 -82.79 69.28
N ILE K 157 -17.47 -82.80 70.61
CA ILE K 157 -17.97 -83.93 71.35
C ILE K 157 -19.50 -83.97 71.22
N ILE K 158 -20.15 -82.80 71.16
CA ILE K 158 -21.59 -82.77 71.06
C ILE K 158 -22.07 -83.30 69.70
N ASP K 159 -21.40 -82.87 68.62
CA ASP K 159 -21.74 -83.37 67.29
C ASP K 159 -21.53 -84.90 67.24
N ARG K 160 -20.58 -85.36 68.03
CA ARG K 160 -20.12 -86.74 67.99
C ARG K 160 -21.01 -87.71 68.76
N VAL K 161 -21.59 -87.27 69.87
CA VAL K 161 -22.34 -88.20 70.69
C VAL K 161 -23.80 -87.81 70.96
N LEU K 162 -24.15 -86.54 70.77
CA LEU K 162 -25.50 -86.12 71.10
C LEU K 162 -26.43 -86.24 69.90
N SER K 163 -27.63 -86.75 70.18
CA SER K 163 -28.72 -86.86 69.23
C SER K 163 -30.07 -86.53 69.94
N TYR K 164 -31.12 -86.30 69.19
CA TYR K 164 -32.42 -85.94 69.78
C TYR K 164 -32.92 -86.99 70.79
N ASP K 165 -32.54 -88.25 70.54
CA ASP K 165 -33.02 -89.39 71.32
C ASP K 165 -32.02 -89.80 72.40
N THR K 166 -30.94 -89.05 72.54
CA THR K 166 -29.99 -89.29 73.60
C THR K 166 -30.67 -89.07 74.98
N PRO K 167 -30.52 -90.05 75.90
CA PRO K 167 -31.05 -89.98 77.28
C PRO K 167 -30.48 -88.81 78.10
N LEU K 168 -31.25 -88.31 79.06
CA LEU K 168 -30.90 -87.13 79.86
C LEU K 168 -29.53 -87.23 80.53
N ASP K 169 -29.22 -88.39 81.08
CA ASP K 169 -27.96 -88.59 81.80
C ASP K 169 -26.76 -88.53 80.88
N GLN K 170 -26.90 -89.11 79.70
CA GLN K 170 -25.80 -89.11 78.75
C GLN K 170 -25.67 -87.71 78.15
N ALA K 171 -26.80 -87.02 78.00
CA ALA K 171 -26.77 -85.65 77.50
C ALA K 171 -26.01 -84.78 78.49
N MET K 172 -26.29 -84.95 79.78
CA MET K 172 -25.58 -84.19 80.80
C MET K 172 -24.12 -84.63 80.81
N GLN K 173 -23.86 -85.92 80.61
CA GLN K 173 -22.47 -86.37 80.49
C GLN K 173 -21.73 -85.71 79.31
N CYS K 174 -22.41 -85.60 78.17
CA CYS K 174 -21.87 -84.95 76.99
C CYS K 174 -21.59 -83.47 77.28
N ALA K 175 -22.54 -82.81 77.95
CA ALA K 175 -22.35 -81.41 78.32
C ALA K 175 -21.12 -81.24 79.22
N LEU K 176 -20.93 -82.15 80.16
CA LEU K 176 -19.80 -82.01 81.08
C LEU K 176 -18.46 -82.19 80.36
N ILE K 177 -18.39 -83.14 79.43
CA ILE K 177 -17.16 -83.33 78.67
C ILE K 177 -16.87 -82.12 77.78
N SER K 178 -17.93 -81.55 77.21
CA SER K 178 -17.81 -80.32 76.43
C SER K 178 -17.18 -79.18 77.27
N MET K 179 -17.60 -79.07 78.52
CA MET K 179 -17.02 -78.09 79.45
C MET K 179 -15.55 -78.35 79.74
N ASP K 180 -15.23 -79.62 79.99
CA ASP K 180 -13.87 -80.03 80.29
C ASP K 180 -12.93 -79.59 79.16
N SER K 181 -13.29 -79.92 77.92
CA SER K 181 -12.47 -79.54 76.80
C SER K 181 -12.33 -78.00 76.67
N THR K 182 -13.39 -77.28 77.01
CA THR K 182 -13.41 -75.82 76.91
C THR K 182 -12.51 -75.18 77.98
N LEU K 183 -12.70 -75.61 79.23
CA LEU K 183 -11.93 -75.18 80.39
C LEU K 183 -10.45 -75.36 80.20
N ARG K 184 -10.09 -76.49 79.60
CA ARG K 184 -8.70 -76.87 79.35
C ARG K 184 -8.05 -76.04 78.23
N SER K 185 -8.88 -75.48 77.34
CA SER K 185 -8.34 -74.86 76.13
C SER K 185 -8.41 -73.34 76.07
N ASN K 186 -9.25 -72.75 76.91
CA ASN K 186 -9.44 -71.31 76.88
C ASN K 186 -9.76 -70.74 78.27
N LEU K 187 -8.94 -69.78 78.70
CA LEU K 187 -8.99 -69.29 80.08
C LEU K 187 -10.11 -68.30 80.39
N SER K 188 -10.93 -67.97 79.39
CA SER K 188 -12.09 -67.12 79.63
C SER K 188 -13.28 -67.94 80.17
N VAL K 189 -13.14 -69.25 80.15
CA VAL K 189 -14.15 -70.15 80.71
C VAL K 189 -13.63 -70.79 82.01
N GLY K 190 -14.48 -70.83 83.04
CA GLY K 190 -14.04 -71.34 84.33
C GLY K 190 -15.12 -71.83 85.27
N LEU K 191 -14.75 -72.74 86.18
CA LEU K 191 -15.65 -73.17 87.26
C LEU K 191 -15.83 -72.04 88.26
N PRO K 192 -16.92 -72.08 89.05
CA PRO K 192 -17.94 -73.14 89.08
C PRO K 192 -18.83 -73.19 87.86
N LEU K 193 -19.51 -74.33 87.74
CA LEU K 193 -20.50 -74.56 86.71
C LEU K 193 -21.88 -74.51 87.31
N ASP K 194 -22.87 -74.18 86.50
CA ASP K 194 -24.25 -74.39 86.94
C ASP K 194 -24.92 -75.23 85.88
N VAL K 195 -25.46 -76.37 86.33
CA VAL K 195 -26.10 -77.30 85.41
C VAL K 195 -27.50 -77.63 85.90
N MET K 196 -28.31 -78.13 84.99
CA MET K 196 -29.64 -78.60 85.35
C MET K 196 -30.13 -79.67 84.38
N ILE K 197 -30.79 -80.67 84.95
CA ILE K 197 -31.54 -81.63 84.17
C ILE K 197 -33.03 -81.38 84.43
N TYR K 198 -33.79 -81.16 83.35
CA TYR K 198 -35.25 -81.01 83.42
C TYR K 198 -35.96 -82.16 82.68
N PRO K 199 -36.55 -83.12 83.43
CA PRO K 199 -37.28 -84.23 82.81
C PRO K 199 -38.58 -83.76 82.18
N LEU K 200 -38.94 -84.34 81.03
CA LEU K 200 -40.19 -83.99 80.36
C LEU K 200 -41.39 -84.08 81.30
N ASP K 201 -42.22 -83.04 81.30
CA ASP K 201 -43.45 -82.95 82.11
C ASP K 201 -43.22 -82.92 83.62
N SER K 202 -41.97 -82.78 84.05
CA SER K 202 -41.70 -82.82 85.48
C SER K 202 -42.02 -81.50 86.15
N PHE K 203 -41.77 -80.40 85.45
CA PHE K 203 -41.93 -79.07 86.00
C PHE K 203 -41.21 -78.94 87.34
N SER K 204 -40.04 -79.57 87.43
CA SER K 204 -39.27 -79.54 88.66
C SER K 204 -37.89 -78.93 88.40
N THR K 205 -37.39 -78.19 89.38
CA THR K 205 -36.06 -77.61 89.31
C THR K 205 -35.16 -78.29 90.32
N GLU K 206 -35.56 -79.49 90.71
CA GLU K 206 -34.89 -80.23 91.78
C GLU K 206 -33.47 -80.63 91.41
N GLN K 207 -33.27 -80.99 90.15
CA GLN K 207 -31.96 -81.43 89.67
C GLN K 207 -31.18 -80.23 89.15
N GLN K 208 -31.01 -79.24 90.02
CA GLN K 208 -30.17 -78.08 89.77
C GLN K 208 -28.92 -78.19 90.61
N TYR K 209 -27.75 -78.01 90.02
CA TYR K 209 -26.52 -78.30 90.74
C TYR K 209 -25.42 -77.25 90.49
N ARG K 210 -24.70 -76.92 91.56
CA ARG K 210 -23.49 -76.10 91.48
C ARG K 210 -22.31 -77.07 91.53
N ILE K 211 -21.50 -77.06 90.48
CA ILE K 211 -20.32 -77.93 90.37
C ILE K 211 -19.03 -77.15 90.56
N THR K 212 -18.38 -77.38 91.70
CA THR K 212 -17.12 -76.69 92.01
C THR K 212 -15.92 -77.56 91.65
N GLU K 213 -14.73 -77.02 91.89
CA GLU K 213 -13.49 -77.74 91.70
C GLU K 213 -13.45 -79.04 92.54
N ASP K 214 -14.23 -79.07 93.64
CA ASP K 214 -14.26 -80.19 94.58
C ASP K 214 -15.31 -81.27 94.28
N HIS K 215 -16.17 -81.04 93.30
CA HIS K 215 -17.26 -81.96 92.98
C HIS K 215 -16.68 -83.33 92.57
N PRO K 216 -16.99 -84.38 93.37
CA PRO K 216 -16.42 -85.72 93.17
C PRO K 216 -16.71 -86.34 91.79
N TYR K 217 -17.95 -86.29 91.31
CA TYR K 217 -18.25 -86.89 90.02
C TYR K 217 -17.61 -86.15 88.84
N PHE K 218 -17.59 -84.82 88.90
CA PHE K 218 -16.98 -84.05 87.82
C PHE K 218 -15.48 -84.35 87.73
N MET K 219 -14.82 -84.44 88.88
CA MET K 219 -13.42 -84.85 88.90
C MET K 219 -13.27 -86.21 88.27
N MET K 220 -14.21 -87.08 88.59
CA MET K 220 -14.19 -88.45 88.13
C MET K 220 -14.36 -88.53 86.61
N ILE K 221 -15.37 -87.84 86.09
CA ILE K 221 -15.63 -87.98 84.66
C ILE K 221 -14.52 -87.34 83.86
N ARG K 222 -13.92 -86.26 84.37
CA ARG K 222 -12.82 -85.60 83.65
C ARG K 222 -11.64 -86.51 83.53
N LYS K 223 -11.27 -87.12 84.64
CA LYS K 223 -10.09 -87.95 84.68
C LYS K 223 -10.36 -89.23 83.88
N GLY K 224 -11.59 -89.76 83.95
CA GLY K 224 -11.99 -90.92 83.16
C GLY K 224 -11.98 -90.67 81.66
N TRP K 225 -12.48 -89.50 81.24
CA TRP K 225 -12.50 -89.14 79.82
C TRP K 225 -11.07 -88.91 79.32
N GLY K 226 -10.28 -88.20 80.11
CA GLY K 226 -8.92 -87.89 79.73
C GLY K 226 -8.08 -89.13 79.54
N GLU K 227 -8.16 -90.04 80.51
CA GLU K 227 -7.37 -91.26 80.44
C GLU K 227 -7.81 -92.16 79.30
N GLY K 228 -9.12 -92.29 79.12
CA GLY K 228 -9.64 -93.13 78.05
C GLY K 228 -9.14 -92.61 76.71
N LEU K 229 -9.12 -91.29 76.57
CA LEU K 229 -8.71 -90.66 75.32
C LEU K 229 -7.24 -90.97 74.99
N VAL K 230 -6.40 -90.83 76.01
CA VAL K 230 -4.98 -91.13 75.91
C VAL K 230 -4.78 -92.61 75.59
N SER K 231 -5.67 -93.44 76.11
CA SER K 231 -5.61 -94.87 75.84
C SER K 231 -5.97 -95.17 74.38
N ILE K 232 -7.02 -94.52 73.88
CA ILE K 232 -7.44 -94.67 72.48
C ILE K 232 -6.29 -94.26 71.58
N PHE K 233 -5.63 -93.17 71.95
CA PHE K 233 -4.54 -92.63 71.17
C PHE K 233 -3.36 -93.59 71.07
N ALA K 234 -2.98 -94.17 72.20
CA ALA K 234 -1.84 -95.07 72.25
C ALA K 234 -2.11 -96.32 71.44
N GLN K 235 -3.39 -96.67 71.36
CA GLN K 235 -3.83 -97.92 70.75
C GLN K 235 -4.09 -97.80 69.25
N LEU K 236 -3.88 -96.61 68.71
CA LEU K 236 -4.09 -96.35 67.29
C LEU K 236 -3.06 -97.13 66.45
N PRO K 237 -3.48 -97.62 65.26
CA PRO K 237 -2.59 -98.31 64.31
C PRO K 237 -1.46 -97.39 63.86
N GLY K 238 -0.30 -97.93 63.50
CA GLY K 238 0.81 -97.09 63.09
C GLY K 238 0.51 -96.23 61.87
N LEU K 239 1.16 -95.07 61.81
CA LEU K 239 0.98 -94.09 60.73
C LEU K 239 1.36 -94.68 59.37
N LYS K 240 0.44 -94.60 58.39
CA LYS K 240 0.72 -95.08 57.03
C LYS K 240 0.29 -94.05 55.96
N LEU K 241 1.15 -93.05 55.74
CA LEU K 241 0.90 -92.01 54.76
C LEU K 241 1.44 -92.34 53.38
N THR L 1 -10.48 -73.19 55.85
CA THR L 1 -9.07 -72.87 56.04
C THR L 1 -8.63 -73.19 57.48
N TYR L 2 -7.80 -74.22 57.61
CA TYR L 2 -7.20 -74.61 58.88
C TYR L 2 -5.78 -75.17 58.65
N CYS L 3 -4.79 -74.58 59.30
CA CYS L 3 -3.42 -75.06 59.21
C CYS L 3 -2.82 -75.24 60.60
N VAL L 4 -2.02 -76.29 60.77
CA VAL L 4 -1.33 -76.49 62.05
C VAL L 4 0.12 -76.88 61.78
N ALA L 5 1.01 -76.42 62.63
CA ALA L 5 2.41 -76.80 62.55
C ALA L 5 2.91 -77.10 63.94
N MET L 6 3.71 -78.15 64.06
CA MET L 6 4.21 -78.59 65.35
C MET L 6 5.74 -78.69 65.33
N ARG L 7 6.38 -78.09 66.34
CA ARG L 7 7.83 -78.22 66.50
C ARG L 7 8.19 -79.11 67.68
N LEU L 8 8.76 -80.27 67.39
CA LEU L 8 9.10 -81.26 68.41
C LEU L 8 10.60 -81.44 68.45
N SER L 9 11.09 -82.21 69.41
CA SER L 9 12.53 -82.44 69.55
C SER L 9 13.13 -83.15 68.34
N SER L 10 12.37 -84.06 67.73
CA SER L 10 12.86 -84.87 66.63
C SER L 10 12.53 -84.35 65.22
N GLY L 11 11.72 -83.29 65.13
CA GLY L 11 11.32 -82.75 63.84
C GLY L 11 10.08 -81.87 63.84
N LEU L 12 9.57 -81.57 62.66
CA LEU L 12 8.37 -80.75 62.50
C LEU L 12 7.25 -81.51 61.80
N ALA L 13 6.01 -81.24 62.20
CA ALA L 13 4.84 -81.79 61.53
C ALA L 13 3.94 -80.65 61.04
N PHE L 14 3.46 -80.75 59.81
CA PHE L 14 2.58 -79.72 59.24
C PHE L 14 1.27 -80.31 58.73
N ALA L 15 0.16 -79.59 58.93
CA ALA L 15 -1.11 -80.00 58.29
C ALA L 15 -1.97 -78.81 57.86
N SER L 16 -2.42 -78.85 56.61
CA SER L 16 -3.30 -77.84 56.07
C SER L 16 -4.48 -78.44 55.30
N ASP L 17 -5.65 -77.82 55.46
CA ASP L 17 -6.77 -78.18 54.61
C ASP L 17 -6.64 -77.40 53.30
N SER L 18 -7.68 -77.41 52.48
CA SER L 18 -7.61 -76.71 51.22
C SER L 18 -8.87 -75.94 50.86
N ARG L 19 -9.94 -76.10 51.65
CA ARG L 19 -11.19 -75.44 51.29
C ARG L 19 -11.00 -73.96 51.50
N THR L 20 -11.23 -73.19 50.44
CA THR L 20 -10.87 -71.79 50.47
C THR L 20 -12.04 -70.93 50.07
N ASN L 21 -12.17 -69.79 50.76
CA ASN L 21 -13.21 -68.84 50.42
C ASN L 21 -12.66 -67.78 49.48
N ALA L 22 -12.93 -67.96 48.19
CA ALA L 22 -12.42 -67.09 47.13
C ALA L 22 -13.40 -66.00 46.69
N GLY L 23 -14.68 -66.27 46.91
CA GLY L 23 -15.77 -65.36 46.59
C GLY L 23 -16.97 -65.93 47.31
N VAL L 24 -18.09 -65.20 47.29
CA VAL L 24 -19.27 -65.64 48.03
C VAL L 24 -19.78 -67.03 47.59
N ASP L 25 -20.05 -67.18 46.30
CA ASP L 25 -20.56 -68.41 45.74
C ASP L 25 -19.42 -69.17 45.10
N HIS L 26 -18.21 -68.80 45.52
CA HIS L 26 -17.00 -69.35 44.95
C HIS L 26 -16.13 -69.97 46.04
N ILE L 27 -16.52 -71.14 46.52
CA ILE L 27 -15.72 -71.84 47.52
C ILE L 27 -14.99 -72.97 46.82
N SER L 28 -13.66 -72.88 46.81
CA SER L 28 -12.83 -73.73 45.95
C SER L 28 -11.66 -74.32 46.71
N THR L 29 -10.89 -75.13 46.00
CA THR L 29 -9.73 -75.80 46.56
C THR L 29 -8.46 -75.07 46.16
N PHE L 30 -7.67 -74.64 47.13
CA PHE L 30 -6.38 -73.99 46.90
C PHE L 30 -5.36 -74.57 47.88
N ARG L 31 -4.14 -74.78 47.43
CA ARG L 31 -3.11 -75.34 48.32
C ARG L 31 -2.63 -74.30 49.35
N LYS L 32 -2.53 -74.73 50.62
CA LYS L 32 -2.21 -73.88 51.76
C LYS L 32 -0.92 -74.34 52.46
N LEU L 33 -0.13 -75.08 51.72
CA LEU L 33 1.17 -75.53 52.19
C LEU L 33 2.16 -75.46 51.01
N HIS L 34 3.14 -74.57 51.11
CA HIS L 34 4.08 -74.37 50.02
C HIS L 34 5.50 -74.63 50.50
N LEU L 35 6.37 -75.08 49.59
CA LEU L 35 7.70 -75.56 50.00
C LEU L 35 8.85 -74.76 49.42
N PHE L 36 9.86 -74.49 50.24
CA PHE L 36 11.07 -73.88 49.71
C PHE L 36 12.28 -74.74 50.08
N GLN L 37 12.81 -75.44 49.08
CA GLN L 37 13.78 -76.48 49.32
C GLN L 37 15.08 -76.36 48.51
N GLN L 38 16.21 -76.48 49.19
CA GLN L 38 17.50 -76.69 48.53
C GLN L 38 18.13 -77.92 49.15
N PRO L 39 18.10 -79.04 48.42
CA PRO L 39 18.51 -80.37 48.92
C PRO L 39 19.88 -80.38 49.59
N GLY L 40 19.89 -80.91 50.82
CA GLY L 40 21.09 -81.02 51.63
C GLY L 40 21.41 -79.78 52.43
N GLU L 41 20.64 -78.73 52.25
CA GLU L 41 20.95 -77.45 52.88
C GLU L 41 19.82 -76.74 53.60
N ARG L 42 18.62 -76.77 53.03
CA ARG L 42 17.53 -76.00 53.59
C ARG L 42 16.14 -76.49 53.19
N THR L 43 15.21 -76.43 54.15
CA THR L 43 13.81 -76.75 53.92
C THR L 43 12.87 -75.82 54.70
N LEU L 44 12.14 -74.99 53.98
CA LEU L 44 11.23 -74.02 54.59
C LEU L 44 9.79 -74.26 54.13
N VAL L 45 8.87 -74.29 55.09
CA VAL L 45 7.44 -74.49 54.85
C VAL L 45 6.62 -73.26 55.22
N VAL L 46 5.77 -72.82 54.29
CA VAL L 46 4.89 -71.70 54.56
C VAL L 46 3.42 -72.11 54.46
N GLN L 47 2.64 -71.85 55.50
CA GLN L 47 1.21 -72.20 55.45
C GLN L 47 0.32 -70.96 55.45
N SER L 48 -0.76 -71.01 54.67
CA SER L 48 -1.57 -69.82 54.45
C SER L 48 -2.99 -69.94 54.99
N ALA L 49 -3.42 -68.82 55.56
CA ALA L 49 -4.77 -68.58 56.02
C ALA L 49 -5.12 -67.10 55.84
N GLY L 50 -6.40 -66.80 55.79
CA GLY L 50 -6.85 -65.45 55.63
C GLY L 50 -7.08 -65.18 54.16
N ASN L 51 -7.00 -63.91 53.77
CA ASN L 51 -7.29 -63.48 52.41
C ASN L 51 -6.45 -64.20 51.35
N LEU L 52 -7.13 -64.91 50.45
CA LEU L 52 -6.45 -65.69 49.42
C LEU L 52 -5.63 -64.80 48.50
N ALA L 53 -6.16 -63.63 48.13
CA ALA L 53 -5.44 -62.67 47.28
C ALA L 53 -4.11 -62.24 47.94
N THR L 54 -4.15 -62.02 49.26
CA THR L 54 -2.98 -61.61 50.01
C THR L 54 -1.91 -62.71 50.09
N THR L 55 -2.26 -63.90 50.56
CA THR L 55 -1.24 -64.94 50.73
C THR L 55 -0.67 -65.42 49.40
N GLN L 56 -1.50 -65.53 48.35
CA GLN L 56 -0.97 -65.95 47.06
C GLN L 56 0.07 -64.96 46.53
N SER L 57 -0.17 -63.65 46.71
CA SER L 57 0.80 -62.65 46.27
C SER L 57 2.07 -62.79 47.08
N ILE L 58 1.91 -62.99 48.38
CA ILE L 58 3.06 -63.15 49.26
C ILE L 58 3.91 -64.33 48.79
N VAL L 59 3.27 -65.48 48.63
CA VAL L 59 3.98 -66.66 48.14
C VAL L 59 4.54 -66.43 46.73
N SER L 60 3.78 -65.83 45.84
CA SER L 60 4.26 -65.60 44.48
C SER L 60 5.48 -64.67 44.49
N LEU L 61 5.44 -63.60 45.29
CA LEU L 61 6.56 -62.67 45.38
C LEU L 61 7.81 -63.34 45.97
N LEU L 62 7.63 -64.19 46.98
CA LEU L 62 8.76 -64.91 47.59
C LEU L 62 9.41 -65.89 46.62
N GLN L 63 8.59 -66.57 45.84
CA GLN L 63 9.01 -67.56 44.85
C GLN L 63 9.78 -66.90 43.72
N ARG L 64 9.29 -65.75 43.27
CA ARG L 64 9.92 -65.01 42.18
C ARG L 64 11.28 -64.45 42.59
N ARG L 65 11.35 -63.94 43.82
CA ARG L 65 12.58 -63.32 44.30
C ARG L 65 13.67 -64.33 44.65
N CYS L 66 13.30 -65.60 44.82
CA CYS L 66 14.27 -66.67 45.02
C CYS L 66 15.13 -66.94 43.78
N LEU L 67 14.65 -66.51 42.62
CA LEU L 67 15.38 -66.68 41.37
C LEU L 67 16.33 -65.52 41.10
N ASP L 68 16.28 -64.50 41.96
CA ASP L 68 17.11 -63.30 41.87
C ASP L 68 18.12 -63.29 43.02
N PRO L 69 19.38 -63.62 42.72
CA PRO L 69 20.44 -63.75 43.73
C PRO L 69 20.98 -62.41 44.21
N GLU L 70 20.60 -61.35 43.51
CA GLU L 70 21.13 -60.04 43.82
C GLU L 70 20.24 -59.35 44.82
N GLN L 71 19.24 -60.09 45.26
CA GLN L 71 18.26 -59.61 46.21
C GLN L 71 18.16 -60.54 47.40
N THR L 72 17.86 -60.01 48.57
CA THR L 72 17.68 -60.89 49.72
C THR L 72 16.40 -61.72 49.51
N ASN L 73 16.52 -63.05 49.64
CA ASN L 73 15.38 -63.93 49.43
C ASN L 73 15.45 -65.14 50.33
N LEU L 74 14.44 -66.00 50.29
CA LEU L 74 14.35 -67.13 51.20
C LEU L 74 15.45 -68.17 50.97
N MET L 75 16.19 -68.05 49.87
CA MET L 75 17.26 -69.00 49.59
C MET L 75 18.62 -68.54 50.12
N ASN L 76 18.76 -67.24 50.37
CA ASN L 76 20.01 -66.70 50.88
C ASN L 76 19.95 -66.07 52.29
N VAL L 77 18.81 -66.15 52.98
CA VAL L 77 18.77 -65.71 54.38
C VAL L 77 19.59 -66.74 55.18
N ALA L 78 20.36 -66.24 56.14
CA ALA L 78 21.27 -67.10 56.92
C ALA L 78 20.56 -67.95 57.97
N SER L 79 19.47 -67.44 58.52
CA SER L 79 18.71 -68.16 59.57
C SER L 79 17.19 -68.06 59.36
N MET L 80 16.47 -68.91 60.08
CA MET L 80 15.02 -68.91 60.04
C MET L 80 14.47 -67.60 60.56
N TYR L 81 15.20 -66.97 61.49
CA TYR L 81 14.80 -65.69 62.03
C TYR L 81 14.75 -64.63 60.94
N GLU L 82 15.76 -64.65 60.05
CA GLU L 82 15.83 -63.71 58.93
C GLU L 82 14.75 -64.04 57.91
N ALA L 83 14.46 -65.31 57.77
CA ALA L 83 13.38 -65.73 56.89
C ALA L 83 12.06 -65.14 57.40
N ALA L 84 11.87 -65.16 58.72
CA ALA L 84 10.67 -64.58 59.34
C ALA L 84 10.56 -63.07 59.15
N THR L 85 11.65 -62.33 59.33
CA THR L 85 11.60 -60.88 59.09
C THR L 85 11.25 -60.65 57.60
N LEU L 86 11.78 -61.51 56.74
CA LEU L 86 11.53 -61.39 55.30
C LEU L 86 10.05 -61.58 54.97
N LEU L 87 9.42 -62.58 55.57
CA LEU L 87 7.99 -62.79 55.38
C LEU L 87 7.19 -61.60 55.88
N GLY L 88 7.58 -61.09 57.05
CA GLY L 88 6.91 -59.94 57.63
C GLY L 88 6.93 -58.74 56.70
N GLU L 89 8.09 -58.52 56.07
CA GLU L 89 8.25 -57.42 55.11
C GLU L 89 7.38 -57.65 53.88
N THR L 90 7.31 -58.91 53.42
CA THR L 90 6.53 -59.24 52.24
C THR L 90 5.02 -59.13 52.57
N VAL L 91 4.65 -59.49 53.81
CA VAL L 91 3.28 -59.30 54.27
C VAL L 91 2.83 -57.83 54.26
N ARG L 92 3.62 -56.94 54.86
CA ARG L 92 3.31 -55.50 54.89
C ARG L 92 3.28 -54.89 53.48
N GLU L 93 4.21 -55.30 52.63
CA GLU L 93 4.30 -54.82 51.25
C GLU L 93 3.03 -55.09 50.46
N VAL L 94 2.55 -56.32 50.53
CA VAL L 94 1.35 -56.74 49.82
C VAL L 94 0.08 -56.09 50.37
N ILE L 95 -0.06 -56.05 51.69
CA ILE L 95 -1.26 -55.44 52.28
C ILE L 95 -1.38 -53.93 51.99
N ASN L 96 -0.27 -53.22 52.13
CA ASN L 96 -0.27 -51.79 51.88
C ASN L 96 -0.51 -51.49 50.40
N ARG L 97 -0.01 -52.37 49.53
CA ARG L 97 -0.24 -52.21 48.09
C ARG L 97 -1.73 -52.41 47.77
N ASP L 98 -2.30 -53.53 48.23
CA ASP L 98 -3.70 -53.86 47.90
C ASP L 98 -4.75 -52.95 48.55
N SER L 99 -4.45 -52.40 49.72
CA SER L 99 -5.36 -51.50 50.41
C SER L 99 -5.21 -50.01 50.01
N GLY L 100 -4.66 -49.77 48.82
CA GLY L 100 -4.51 -48.43 48.25
C GLY L 100 -4.10 -47.28 49.15
N GLY L 107 -8.18 -51.16 57.60
CA GLY L 107 -8.91 -52.27 56.99
C GLY L 107 -8.31 -53.62 57.32
N THR L 108 -9.17 -54.63 57.50
CA THR L 108 -8.73 -55.98 57.85
C THR L 108 -9.10 -56.94 56.74
N ASP L 109 -9.67 -56.37 55.67
CA ASP L 109 -10.22 -57.11 54.56
C ASP L 109 -9.11 -57.86 53.86
N PHE L 110 -7.91 -57.29 53.92
CA PHE L 110 -6.75 -57.88 53.23
C PHE L 110 -5.81 -58.62 54.16
N ASN L 111 -6.26 -58.92 55.37
CA ASN L 111 -5.39 -59.55 56.37
C ASN L 111 -5.13 -61.04 56.19
N CYS L 112 -3.94 -61.45 56.59
CA CYS L 112 -3.50 -62.84 56.56
C CYS L 112 -2.68 -63.25 57.79
N ASN L 113 -2.66 -64.55 58.05
CA ASN L 113 -1.74 -65.12 59.02
C ASN L 113 -0.97 -66.20 58.30
N LEU L 114 0.30 -66.33 58.65
CA LEU L 114 1.15 -67.35 58.06
C LEU L 114 1.87 -68.16 59.11
N LEU L 115 2.19 -69.41 58.77
CA LEU L 115 3.12 -70.21 59.56
C LEU L 115 4.38 -70.48 58.72
N LEU L 116 5.52 -70.39 59.37
CA LEU L 116 6.82 -70.61 58.76
C LEU L 116 7.62 -71.56 59.60
N GLY L 117 8.00 -72.69 59.06
CA GLY L 117 8.71 -73.67 59.85
C GLY L 117 9.75 -74.40 59.03
N GLY L 118 10.77 -74.91 59.69
CA GLY L 118 11.75 -75.69 58.97
C GLY L 118 13.15 -75.62 59.55
N GLN L 119 14.12 -75.85 58.69
CA GLN L 119 15.50 -75.88 59.12
C GLN L 119 16.40 -75.35 58.02
N ILE L 120 17.33 -74.48 58.41
CA ILE L 120 18.44 -74.05 57.55
C ILE L 120 19.71 -74.64 58.14
N LYS L 121 20.52 -75.30 57.30
CA LYS L 121 21.66 -76.05 57.83
C LYS L 121 22.57 -75.18 58.69
N GLY L 122 22.94 -75.71 59.85
CA GLY L 122 23.71 -74.97 60.82
C GLY L 122 22.89 -74.55 62.02
N GLU L 123 21.59 -74.81 61.97
CA GLU L 123 20.73 -74.48 63.09
C GLU L 123 19.69 -75.60 63.28
N GLY L 124 19.00 -75.60 64.42
CA GLY L 124 17.98 -76.59 64.69
C GLY L 124 16.65 -76.20 64.05
N LEU L 125 15.60 -76.90 64.42
CA LEU L 125 14.28 -76.60 63.91
C LEU L 125 13.77 -75.29 64.43
N ARG L 126 13.15 -74.50 63.57
CA ARG L 126 12.49 -73.28 64.03
C ARG L 126 11.11 -73.15 63.39
N LEU L 127 10.16 -72.61 64.16
CA LEU L 127 8.78 -72.45 63.72
C LEU L 127 8.24 -71.09 64.14
N PHE L 128 7.66 -70.34 63.21
CA PHE L 128 7.13 -69.00 63.49
C PHE L 128 5.66 -68.83 63.11
N HIS L 129 4.98 -67.92 63.81
CA HIS L 129 3.66 -67.46 63.42
C HIS L 129 3.78 -65.98 63.03
N ILE L 130 3.54 -65.66 61.75
CA ILE L 130 3.59 -64.28 61.26
C ILE L 130 2.18 -63.66 61.27
N TYR L 131 2.06 -62.48 61.88
CA TYR L 131 0.79 -61.77 62.04
C TYR L 131 0.55 -60.81 60.88
N PRO L 132 -0.70 -60.28 60.73
CA PRO L 132 -0.93 -59.29 59.65
C PRO L 132 -0.05 -58.02 59.69
N GLN L 133 0.36 -57.57 60.88
CA GLN L 133 1.18 -56.35 60.97
C GLN L 133 2.62 -56.62 60.55
N GLY L 134 2.95 -57.88 60.36
CA GLY L 134 4.27 -58.27 59.90
C GLY L 134 5.25 -58.68 60.99
N ASN L 135 4.89 -58.48 62.24
CA ASN L 135 5.72 -58.98 63.33
C ASN L 135 5.36 -60.44 63.54
N PHE L 136 6.03 -61.10 64.47
CA PHE L 136 5.90 -62.56 64.61
C PHE L 136 6.32 -63.12 65.98
N ILE L 137 5.89 -64.34 66.28
CA ILE L 137 6.34 -65.05 67.46
C ILE L 137 6.91 -66.41 67.09
N GLU L 138 7.71 -66.95 68.00
CA GLU L 138 8.40 -68.20 67.73
C GLU L 138 7.92 -69.29 68.72
N ALA L 139 7.75 -70.50 68.20
CA ALA L 139 7.36 -71.62 69.05
C ALA L 139 8.53 -72.00 69.94
N THR L 140 8.21 -72.40 71.17
CA THR L 140 9.20 -72.84 72.13
C THR L 140 8.82 -74.25 72.56
N GLN L 141 9.52 -74.78 73.56
CA GLN L 141 9.21 -76.08 74.11
C GLN L 141 7.93 -76.02 74.98
N ASP L 142 7.63 -74.84 75.51
CA ASP L 142 6.43 -74.59 76.32
C ASP L 142 5.17 -74.42 75.46
N THR L 143 5.34 -73.84 74.28
CA THR L 143 4.29 -73.74 73.26
C THR L 143 4.83 -74.30 71.93
N PRO L 144 4.73 -75.63 71.75
CA PRO L 144 5.41 -76.24 70.60
C PRO L 144 4.59 -76.32 69.31
N TYR L 145 3.45 -75.65 69.24
CA TYR L 145 2.62 -75.66 68.02
C TYR L 145 1.90 -74.31 67.79
N PHE L 146 1.49 -74.05 66.54
CA PHE L 146 0.69 -72.87 66.19
C PHE L 146 -0.50 -73.28 65.34
N GLN L 147 -1.63 -72.58 65.47
CA GLN L 147 -2.73 -72.81 64.55
C GLN L 147 -3.13 -71.49 63.89
N ILE L 148 -3.51 -71.54 62.61
CA ILE L 148 -4.14 -70.40 61.94
C ILE L 148 -5.43 -70.88 61.24
N GLY L 149 -6.36 -69.95 60.96
CA GLY L 149 -7.64 -70.29 60.39
C GLY L 149 -8.64 -70.77 61.44
N GLU L 150 -9.53 -71.68 61.05
CA GLU L 150 -10.54 -72.20 61.96
C GLU L 150 -9.93 -73.24 62.89
N SER L 151 -9.46 -72.79 64.05
CA SER L 151 -8.52 -73.58 64.84
C SER L 151 -9.04 -74.10 66.16
N LYS L 152 -10.13 -73.53 66.65
CA LYS L 152 -10.58 -73.83 68.01
C LYS L 152 -11.13 -75.25 68.15
N TYR L 153 -11.78 -75.76 67.11
CA TYR L 153 -12.36 -77.09 67.14
C TYR L 153 -11.27 -78.15 67.36
N GLY L 154 -10.10 -77.87 66.81
CA GLY L 154 -9.03 -78.84 66.80
C GLY L 154 -7.99 -78.63 67.87
N LYS L 155 -8.18 -77.64 68.71
CA LYS L 155 -7.21 -77.37 69.77
C LYS L 155 -7.27 -78.39 70.92
N PRO L 156 -8.49 -78.79 71.37
CA PRO L 156 -8.57 -79.65 72.57
C PRO L 156 -7.76 -80.94 72.48
N ILE L 157 -7.72 -81.57 71.31
CA ILE L 157 -6.96 -82.79 71.18
C ILE L 157 -5.45 -82.50 71.22
N ILE L 158 -5.04 -81.36 70.66
CA ILE L 158 -3.62 -81.01 70.65
C ILE L 158 -3.15 -80.75 72.07
N ASP L 159 -3.94 -80.02 72.85
CA ASP L 159 -3.60 -79.77 74.23
C ASP L 159 -3.55 -81.05 75.05
N ARG L 160 -4.31 -82.07 74.67
CA ARG L 160 -4.38 -83.29 75.48
C ARG L 160 -3.19 -84.23 75.28
N VAL L 161 -2.67 -84.32 74.05
CA VAL L 161 -1.71 -85.36 73.74
C VAL L 161 -0.35 -84.86 73.22
N LEU L 162 -0.27 -83.63 72.72
CA LEU L 162 0.99 -83.16 72.16
C LEU L 162 1.84 -82.46 73.21
N SER L 163 3.13 -82.81 73.22
CA SER L 163 4.15 -82.12 74.01
C SER L 163 5.41 -82.10 73.17
N TYR L 164 6.42 -81.33 73.57
CA TYR L 164 7.65 -81.18 72.80
C TYR L 164 8.33 -82.51 72.47
N ASP L 165 8.11 -83.51 73.33
CA ASP L 165 8.79 -84.80 73.20
C ASP L 165 7.98 -85.86 72.48
N THR L 166 6.79 -85.52 72.01
CA THR L 166 5.98 -86.45 71.22
C THR L 166 6.75 -86.81 69.96
N PRO L 167 6.89 -88.11 69.69
CA PRO L 167 7.53 -88.56 68.45
C PRO L 167 6.76 -88.10 67.21
N LEU L 168 7.45 -87.92 66.09
CA LEU L 168 6.84 -87.39 64.87
C LEU L 168 5.58 -88.10 64.39
N ASP L 169 5.57 -89.43 64.38
CA ASP L 169 4.39 -90.13 63.85
C ASP L 169 3.16 -89.85 64.70
N GLN L 170 3.35 -89.74 66.01
CA GLN L 170 2.23 -89.43 66.89
C GLN L 170 1.79 -87.98 66.71
N ALA L 171 2.73 -87.09 66.40
CA ALA L 171 2.38 -85.70 66.12
C ALA L 171 1.53 -85.56 64.87
N MET L 172 1.92 -86.29 63.82
CA MET L 172 1.13 -86.25 62.62
C MET L 172 -0.24 -86.86 62.88
N GLN L 173 -0.28 -87.95 63.66
CA GLN L 173 -1.57 -88.55 64.05
C GLN L 173 -2.47 -87.56 64.78
N CYS L 174 -1.87 -86.82 65.71
CA CYS L 174 -2.58 -85.80 66.44
C CYS L 174 -3.13 -84.73 65.49
N ALA L 175 -2.32 -84.27 64.55
CA ALA L 175 -2.77 -83.29 63.55
C ALA L 175 -3.97 -83.81 62.74
N LEU L 176 -3.93 -85.08 62.33
CA LEU L 176 -5.01 -85.68 61.53
C LEU L 176 -6.35 -85.76 62.29
N ILE L 177 -6.30 -86.09 63.57
CA ILE L 177 -7.50 -86.09 64.40
C ILE L 177 -8.02 -84.66 64.60
N SER L 178 -7.10 -83.73 64.80
CA SER L 178 -7.41 -82.30 64.92
C SER L 178 -8.19 -81.86 63.68
N MET L 179 -7.74 -82.31 62.51
CA MET L 179 -8.43 -82.09 61.25
C MET L 179 -9.80 -82.75 61.22
N ASP L 180 -9.85 -83.99 61.71
CA ASP L 180 -11.09 -84.77 61.74
C ASP L 180 -12.17 -84.03 62.51
N SER L 181 -11.84 -83.60 63.72
CA SER L 181 -12.79 -82.88 64.55
C SER L 181 -13.22 -81.54 63.92
N THR L 182 -12.30 -80.88 63.22
CA THR L 182 -12.54 -79.61 62.54
C THR L 182 -13.45 -79.78 61.29
N LEU L 183 -13.14 -80.76 60.45
CA LEU L 183 -13.99 -81.12 59.30
C LEU L 183 -15.43 -81.44 59.72
N ARG L 184 -15.57 -82.13 60.85
CA ARG L 184 -16.90 -82.52 61.37
C ARG L 184 -17.75 -81.39 61.94
N SER L 185 -17.11 -80.31 62.35
CA SER L 185 -17.80 -79.29 63.13
C SER L 185 -18.00 -77.97 62.41
N ASN L 186 -17.24 -77.77 61.34
CA ASN L 186 -17.24 -76.54 60.55
C ASN L 186 -17.00 -76.78 59.05
N LEU L 187 -17.96 -76.38 58.24
CA LEU L 187 -17.94 -76.72 56.84
C LEU L 187 -17.01 -75.82 56.01
N SER L 188 -16.38 -74.83 56.63
CA SER L 188 -15.44 -73.97 55.93
C SER L 188 -14.07 -74.63 55.81
N VAL L 189 -13.91 -75.74 56.51
CA VAL L 189 -12.70 -76.55 56.48
C VAL L 189 -13.07 -77.76 55.67
N GLY L 190 -12.20 -78.15 54.73
CA GLY L 190 -12.52 -79.22 53.81
C GLY L 190 -11.32 -79.93 53.22
N LEU L 191 -11.55 -81.17 52.81
CA LEU L 191 -10.58 -81.98 52.10
C LEU L 191 -10.44 -81.42 50.70
N PRO L 192 -9.34 -81.73 50.00
CA PRO L 192 -8.18 -82.54 50.39
C PRO L 192 -7.27 -81.83 51.39
N LEU L 193 -6.41 -82.61 52.02
CA LEU L 193 -5.44 -82.10 52.98
C LEU L 193 -4.06 -82.06 52.33
N ASP L 194 -3.20 -81.20 52.83
CA ASP L 194 -1.80 -81.26 52.46
C ASP L 194 -1.02 -81.35 53.75
N VAL L 195 -0.23 -82.41 53.87
CA VAL L 195 0.53 -82.69 55.08
C VAL L 195 2.01 -82.98 54.79
N MET L 196 2.84 -82.86 55.80
CA MET L 196 4.24 -83.19 55.67
C MET L 196 4.91 -83.49 57.01
N ILE L 197 5.79 -84.48 57.01
CA ILE L 197 6.67 -84.72 58.14
C ILE L 197 8.10 -84.34 57.75
N TYR L 198 8.72 -83.46 58.54
CA TYR L 198 10.12 -83.12 58.33
C TYR L 198 10.97 -83.58 59.50
N PRO L 199 11.75 -84.65 59.29
CA PRO L 199 12.68 -85.11 60.34
C PRO L 199 13.92 -84.22 60.50
N LEU L 200 14.35 -84.04 61.74
CA LEU L 200 15.52 -83.23 62.08
C LEU L 200 16.74 -83.61 61.24
N ASP L 201 17.39 -82.58 60.72
CA ASP L 201 18.65 -82.71 59.97
C ASP L 201 18.52 -83.49 58.66
N SER L 202 17.31 -83.79 58.23
CA SER L 202 17.13 -84.55 56.99
C SER L 202 17.20 -83.66 55.75
N PHE L 203 16.71 -82.43 55.87
CA PHE L 203 16.58 -81.50 54.75
C PHE L 203 15.87 -82.17 53.60
N SER L 204 14.82 -82.92 53.96
CA SER L 204 14.06 -83.67 53.00
C SER L 204 12.61 -83.22 52.93
N THR L 205 12.06 -83.21 51.72
CA THR L 205 10.64 -82.99 51.48
C THR L 205 10.03 -84.28 50.94
N GLU L 206 10.66 -85.40 51.26
CA GLU L 206 10.25 -86.69 50.76
C GLU L 206 8.91 -87.07 51.39
N GLN L 207 8.72 -86.70 52.65
CA GLN L 207 7.49 -87.01 53.34
C GLN L 207 6.45 -85.88 53.24
N GLN L 208 6.12 -85.50 52.00
CA GLN L 208 5.01 -84.59 51.75
C GLN L 208 3.86 -85.37 51.11
N TYR L 209 2.64 -85.17 51.59
CA TYR L 209 1.51 -86.01 51.16
C TYR L 209 0.23 -85.23 50.90
N ARG L 210 -0.49 -85.59 49.84
CA ARG L 210 -1.85 -85.08 49.64
C ARG L 210 -2.91 -86.11 50.08
N ILE L 211 -3.74 -85.70 51.02
CA ILE L 211 -4.77 -86.58 51.53
C ILE L 211 -6.15 -86.27 50.99
N THR L 212 -6.64 -87.13 50.10
CA THR L 212 -7.97 -86.96 49.52
C THR L 212 -8.95 -87.77 50.30
N GLU L 213 -10.22 -87.67 49.90
CA GLU L 213 -11.34 -88.40 50.51
C GLU L 213 -11.13 -89.94 50.39
N ASP L 214 -10.31 -90.35 49.43
CA ASP L 214 -10.09 -91.76 49.15
C ASP L 214 -8.91 -92.33 49.91
N HIS L 215 -8.18 -91.46 50.58
CA HIS L 215 -7.01 -91.87 51.35
C HIS L 215 -7.41 -92.87 52.45
N PRO L 216 -6.93 -94.12 52.34
CA PRO L 216 -7.25 -95.29 53.18
C PRO L 216 -6.87 -95.11 54.65
N TYR L 217 -5.69 -94.56 54.93
CA TYR L 217 -5.28 -94.38 56.31
C TYR L 217 -6.09 -93.29 57.01
N PHE L 218 -6.37 -92.18 56.33
CA PHE L 218 -7.14 -91.11 56.97
C PHE L 218 -8.55 -91.62 57.25
N MET L 219 -9.11 -92.37 56.31
CA MET L 219 -10.41 -92.98 56.51
C MET L 219 -10.39 -93.86 57.74
N MET L 220 -9.34 -94.66 57.85
CA MET L 220 -9.19 -95.62 58.94
C MET L 220 -9.02 -94.97 60.32
N ILE L 221 -8.18 -93.94 60.41
CA ILE L 221 -7.91 -93.31 61.69
C ILE L 221 -9.13 -92.52 62.17
N ARG L 222 -9.93 -91.99 61.23
CA ARG L 222 -11.16 -91.28 61.56
C ARG L 222 -12.19 -92.29 62.13
N LYS L 223 -12.25 -93.47 61.51
CA LYS L 223 -13.17 -94.53 61.95
C LYS L 223 -12.74 -95.13 63.29
N GLY L 224 -11.45 -95.35 63.45
CA GLY L 224 -10.90 -95.86 64.69
C GLY L 224 -11.08 -94.88 65.85
N TRP L 225 -10.80 -93.60 65.61
CA TRP L 225 -10.93 -92.57 66.62
C TRP L 225 -12.40 -92.36 67.01
N GLY L 226 -13.27 -92.29 66.01
CA GLY L 226 -14.69 -92.07 66.24
C GLY L 226 -15.31 -93.15 67.09
N GLU L 227 -15.02 -94.40 66.73
CA GLU L 227 -15.51 -95.56 67.46
C GLU L 227 -14.89 -95.63 68.84
N GLY L 228 -13.62 -95.24 68.93
CA GLY L 228 -12.91 -95.22 70.19
C GLY L 228 -13.53 -94.26 71.20
N LEU L 229 -13.90 -93.05 70.76
CA LEU L 229 -14.50 -92.08 71.67
C LEU L 229 -15.86 -92.50 72.20
N VAL L 230 -16.73 -92.96 71.30
CA VAL L 230 -18.08 -93.37 71.70
C VAL L 230 -18.03 -94.53 72.67
N SER L 231 -17.01 -95.38 72.52
CA SER L 231 -16.82 -96.52 73.40
C SER L 231 -16.39 -96.06 74.81
N ILE L 232 -15.51 -95.07 74.87
CA ILE L 232 -15.09 -94.51 76.17
C ILE L 232 -16.29 -93.84 76.85
N PHE L 233 -17.07 -93.15 76.03
CA PHE L 233 -18.24 -92.43 76.47
C PHE L 233 -19.28 -93.38 77.07
N ALA L 234 -19.51 -94.49 76.39
CA ALA L 234 -20.51 -95.43 76.85
C ALA L 234 -20.07 -96.06 78.16
N GLN L 235 -18.77 -96.22 78.36
CA GLN L 235 -18.31 -96.89 79.58
C GLN L 235 -17.94 -95.98 80.74
N LEU L 236 -18.26 -94.70 80.62
CA LEU L 236 -18.03 -93.77 81.72
C LEU L 236 -18.86 -94.17 82.94
N PRO L 237 -18.36 -93.87 84.15
CA PRO L 237 -19.17 -94.12 85.35
C PRO L 237 -20.48 -93.32 85.29
N GLY L 238 -21.54 -93.87 85.86
CA GLY L 238 -22.84 -93.24 85.78
C GLY L 238 -22.90 -91.86 86.41
N LEU L 239 -23.82 -91.02 85.91
CA LEU L 239 -23.98 -89.66 86.38
C LEU L 239 -24.35 -89.60 87.86
N LYS L 240 -23.54 -88.90 88.66
CA LYS L 240 -23.81 -88.78 90.08
C LYS L 240 -23.69 -87.36 90.64
N LEU L 241 -24.76 -86.59 90.50
CA LEU L 241 -24.84 -85.23 91.02
C LEU L 241 -25.43 -85.24 92.46
N GLY L 242 -25.00 -84.34 93.35
CA GLY L 242 -25.49 -84.43 94.74
C GLY L 242 -26.73 -83.65 95.13
N ARG L 243 -27.64 -84.34 95.80
CA ARG L 243 -28.94 -83.79 96.19
C ARG L 243 -29.29 -84.18 97.62
N THR M 1 -29.31 -73.90 51.31
CA THR M 1 -30.75 -73.76 51.14
C THR M 1 -31.18 -73.80 49.68
N TYR M 2 -31.89 -74.85 49.30
CA TYR M 2 -32.48 -74.92 47.96
C TYR M 2 -33.77 -75.71 47.99
N CYS M 3 -34.86 -75.07 47.55
CA CYS M 3 -36.18 -75.69 47.47
C CYS M 3 -36.75 -75.51 46.09
N VAL M 4 -37.44 -76.53 45.61
CA VAL M 4 -38.09 -76.46 44.32
C VAL M 4 -39.48 -77.04 44.48
N ALA M 5 -40.43 -76.45 43.75
CA ALA M 5 -41.80 -76.94 43.70
C ALA M 5 -42.25 -76.92 42.26
N MET M 6 -42.97 -77.96 41.85
CA MET M 6 -43.43 -78.10 40.48
C MET M 6 -44.93 -78.34 40.43
N ARG M 7 -45.63 -77.56 39.60
CA ARG M 7 -47.05 -77.84 39.44
C ARG M 7 -47.33 -78.47 38.07
N LEU M 8 -47.80 -79.72 38.11
CA LEU M 8 -48.06 -80.48 36.90
C LEU M 8 -49.53 -80.79 36.82
N SER M 9 -49.95 -81.35 35.70
CA SER M 9 -51.34 -81.68 35.48
C SER M 9 -51.85 -82.72 36.47
N SER M 10 -51.00 -83.68 36.83
CA SER M 10 -51.41 -84.81 37.66
C SER M 10 -51.11 -84.59 39.14
N GLY M 11 -50.44 -83.50 39.47
CA GLY M 11 -50.06 -83.27 40.85
C GLY M 11 -48.93 -82.28 41.08
N LEU M 12 -48.37 -82.34 42.28
CA LEU M 12 -47.23 -81.51 42.65
C LEU M 12 -46.09 -82.36 43.16
N ALA M 13 -44.87 -81.91 42.87
CA ALA M 13 -43.68 -82.52 43.41
C ALA M 13 -42.89 -81.47 44.17
N PHE M 14 -42.40 -81.82 45.36
CA PHE M 14 -41.63 -80.88 46.16
C PHE M 14 -40.28 -81.45 46.56
N ALA M 15 -39.25 -80.61 46.53
CA ALA M 15 -37.97 -81.01 47.06
C ALA M 15 -37.24 -79.83 47.70
N SER M 16 -36.76 -80.07 48.93
CA SER M 16 -35.99 -79.12 49.72
C SER M 16 -34.75 -79.75 50.33
N ASP M 17 -33.66 -79.00 50.41
CA ASP M 17 -32.51 -79.41 51.20
C ASP M 17 -32.71 -78.96 52.65
N SER M 18 -31.65 -79.05 53.46
CA SER M 18 -31.75 -78.70 54.87
C SER M 18 -30.56 -77.91 55.40
N ARG M 19 -29.52 -77.72 54.58
CA ARG M 19 -28.35 -77.03 55.11
C ARG M 19 -28.72 -75.58 55.32
N THR M 20 -28.49 -75.13 56.54
CA THR M 20 -28.95 -73.81 56.93
C THR M 20 -27.86 -72.98 57.58
N ASN M 21 -27.83 -71.69 57.22
CA ASN M 21 -26.96 -70.76 57.90
C ASN M 21 -27.85 -70.10 58.96
N ALA M 22 -27.70 -70.53 60.20
CA ALA M 22 -28.58 -70.03 61.26
C ALA M 22 -27.97 -68.83 61.96
N GLY M 23 -26.66 -68.77 61.92
CA GLY M 23 -25.94 -67.68 62.53
C GLY M 23 -24.49 -67.71 62.10
N VAL M 24 -23.72 -66.75 62.55
CA VAL M 24 -22.29 -66.75 62.27
C VAL M 24 -21.70 -68.05 62.88
N ASP M 25 -20.84 -68.73 62.14
CA ASP M 25 -20.19 -69.99 62.57
C ASP M 25 -21.17 -71.11 62.98
N HIS M 26 -22.45 -70.92 62.66
CA HIS M 26 -23.46 -71.89 63.00
C HIS M 26 -24.27 -72.33 61.78
N ILE M 27 -23.71 -73.26 61.02
CA ILE M 27 -24.39 -73.90 59.89
C ILE M 27 -24.89 -75.28 60.30
N SER M 28 -26.21 -75.45 60.34
CA SER M 28 -26.81 -76.67 60.86
C SER M 28 -27.99 -77.12 60.00
N THR M 29 -28.64 -78.17 60.43
CA THR M 29 -29.72 -78.79 59.68
C THR M 29 -31.09 -78.33 60.18
N PHE M 30 -31.92 -77.83 59.26
CA PHE M 30 -33.29 -77.43 59.57
C PHE M 30 -34.25 -77.85 58.44
N ARG M 31 -35.43 -78.35 58.82
CA ARG M 31 -36.42 -78.78 57.84
C ARG M 31 -36.98 -77.54 57.15
N LYS M 32 -37.07 -77.59 55.82
CA LYS M 32 -37.49 -76.45 55.02
C LYS M 32 -38.75 -76.78 54.23
N LEU M 33 -39.48 -77.77 54.71
CA LEU M 33 -40.74 -78.19 54.09
C LEU M 33 -41.72 -78.43 55.23
N HIS M 34 -42.77 -77.62 55.30
CA HIS M 34 -43.75 -77.74 56.36
C HIS M 34 -45.14 -77.97 55.77
N LEU M 35 -45.97 -78.68 56.54
CA LEU M 35 -47.27 -79.11 56.04
C LEU M 35 -48.40 -78.50 56.83
N PHE M 36 -49.45 -78.12 56.11
CA PHE M 36 -50.71 -77.74 56.74
C PHE M 36 -51.79 -78.62 56.13
N GLN M 37 -52.24 -79.57 56.94
CA GLN M 37 -53.02 -80.70 56.48
C GLN M 37 -54.35 -80.83 57.21
N GLN M 38 -55.41 -80.98 56.42
CA GLN M 38 -56.72 -81.35 56.92
C GLN M 38 -57.21 -82.56 56.15
N PRO M 39 -57.16 -83.73 56.77
CA PRO M 39 -57.43 -84.97 56.05
C PRO M 39 -58.74 -84.90 55.27
N GLY M 40 -58.61 -85.19 53.98
CA GLY M 40 -59.74 -85.21 53.06
C GLY M 40 -60.19 -83.86 52.53
N GLU M 41 -59.58 -82.78 52.98
CA GLU M 41 -60.10 -81.46 52.64
C GLU M 41 -59.08 -80.47 52.06
N ARG M 42 -57.86 -80.43 52.60
CA ARG M 42 -56.83 -79.57 52.03
C ARG M 42 -55.45 -80.03 52.44
N THR M 43 -54.50 -79.80 51.54
CA THR M 43 -53.08 -80.09 51.73
C THR M 43 -52.29 -78.90 51.21
N LEU M 44 -51.61 -78.20 52.11
CA LEU M 44 -50.79 -77.05 51.75
C LEU M 44 -49.34 -77.31 52.12
N VAL M 45 -48.42 -77.09 51.20
CA VAL M 45 -47.00 -77.28 51.52
C VAL M 45 -46.31 -75.94 51.51
N VAL M 46 -45.57 -75.65 52.58
CA VAL M 46 -44.80 -74.41 52.62
C VAL M 46 -43.31 -74.70 52.70
N GLN M 47 -42.57 -74.12 51.77
CA GLN M 47 -41.12 -74.25 51.73
C GLN M 47 -40.44 -72.93 52.04
N SER M 48 -39.33 -73.00 52.78
CA SER M 48 -38.65 -71.82 53.31
C SER M 48 -37.25 -71.61 52.73
N ALA M 49 -36.92 -70.35 52.50
CA ALA M 49 -35.56 -69.92 52.15
C ALA M 49 -35.33 -68.53 52.75
N GLY M 50 -34.08 -68.16 52.99
CA GLY M 50 -33.75 -66.89 53.60
C GLY M 50 -33.45 -66.93 55.09
N ASN M 51 -33.69 -65.81 55.77
CA ASN M 51 -33.39 -65.70 57.21
C ASN M 51 -34.16 -66.75 58.03
N LEU M 52 -33.43 -67.61 58.73
CA LEU M 52 -34.04 -68.72 59.46
C LEU M 52 -35.00 -68.24 60.54
N ALA M 53 -34.61 -67.17 61.23
CA ALA M 53 -35.46 -66.61 62.30
C ALA M 53 -36.81 -66.15 61.77
N THR M 54 -36.78 -65.51 60.61
CA THR M 54 -37.97 -64.99 59.98
C THR M 54 -38.89 -66.14 59.54
N THR M 55 -38.35 -67.11 58.80
CA THR M 55 -39.16 -68.21 58.31
C THR M 55 -39.72 -69.10 59.44
N GLN M 56 -38.92 -69.35 60.46
CA GLN M 56 -39.42 -70.13 61.59
C GLN M 56 -40.57 -69.39 62.28
N SER M 57 -40.47 -68.07 62.36
CA SER M 57 -41.56 -67.31 62.99
C SER M 57 -42.83 -67.35 62.16
N ILE M 58 -42.68 -67.23 60.84
CA ILE M 58 -43.87 -67.26 59.99
C ILE M 58 -44.62 -68.58 60.14
N VAL M 59 -43.88 -69.68 60.02
CA VAL M 59 -44.43 -71.02 60.13
C VAL M 59 -45.07 -71.27 61.50
N SER M 60 -44.38 -70.84 62.55
CA SER M 60 -44.87 -71.09 63.91
C SER M 60 -46.20 -70.37 64.17
N LEU M 61 -46.28 -69.12 63.72
CA LEU M 61 -47.46 -68.29 63.90
C LEU M 61 -48.67 -68.84 63.13
N LEU M 62 -48.41 -69.31 61.93
CA LEU M 62 -49.45 -69.89 61.08
C LEU M 62 -50.01 -71.17 61.69
N GLN M 63 -49.12 -71.96 62.31
CA GLN M 63 -49.54 -73.22 62.95
C GLN M 63 -50.42 -72.91 64.14
N ARG M 64 -50.03 -71.90 64.91
CA ARG M 64 -50.77 -71.53 66.10
C ARG M 64 -52.13 -70.94 65.74
N ARG M 65 -52.15 -70.15 64.67
CA ARG M 65 -53.39 -69.49 64.24
C ARG M 65 -54.36 -70.46 63.57
N CYS M 66 -53.86 -71.61 63.13
CA CYS M 66 -54.71 -72.66 62.59
C CYS M 66 -55.58 -73.26 63.70
N LEU M 67 -55.14 -73.05 64.93
CA LEU M 67 -55.86 -73.55 66.09
C LEU M 67 -56.93 -72.56 66.58
N ASP M 68 -56.96 -71.36 66.00
CA ASP M 68 -57.96 -70.35 66.37
C ASP M 68 -58.95 -70.13 65.23
N PRO M 69 -60.20 -70.60 65.41
CA PRO M 69 -61.26 -70.55 64.39
C PRO M 69 -61.84 -69.16 64.17
N GLU M 70 -61.52 -68.24 65.09
CA GLU M 70 -62.05 -66.88 65.06
C GLU M 70 -61.13 -65.94 64.32
N GLN M 71 -60.06 -66.50 63.77
CA GLN M 71 -59.05 -65.74 63.06
C GLN M 71 -58.83 -66.30 61.66
N THR M 72 -58.41 -65.45 60.72
CA THR M 72 -58.07 -65.93 59.38
C THR M 72 -56.84 -66.84 59.50
N ASN M 73 -56.94 -68.05 58.99
CA ASN M 73 -55.85 -69.01 59.06
C ASN M 73 -55.86 -69.94 57.85
N LEU M 74 -54.85 -70.80 57.76
CA LEU M 74 -54.71 -71.67 56.61
C LEU M 74 -55.75 -72.79 56.61
N MET M 75 -56.47 -72.95 57.70
CA MET M 75 -57.49 -74.00 57.70
C MET M 75 -58.83 -73.48 57.21
N ASN M 76 -59.07 -72.17 57.31
CA ASN M 76 -60.37 -71.61 56.93
C ASN M 76 -60.37 -70.65 55.75
N VAL M 77 -59.23 -70.43 55.11
CA VAL M 77 -59.24 -69.64 53.87
C VAL M 77 -59.91 -70.47 52.78
N ALA M 78 -60.73 -69.81 51.97
CA ALA M 78 -61.54 -70.47 50.95
C ALA M 78 -60.75 -70.93 49.73
N SER M 79 -59.67 -70.22 49.40
CA SER M 79 -58.90 -70.57 48.22
C SER M 79 -57.40 -70.52 48.47
N MET M 80 -56.62 -71.12 47.57
CA MET M 80 -55.18 -71.03 47.67
C MET M 80 -54.71 -69.58 47.48
N TYR M 81 -55.46 -68.78 46.71
CA TYR M 81 -55.09 -67.38 46.53
C TYR M 81 -55.22 -66.62 47.86
N GLU M 82 -56.26 -66.93 48.63
CA GLU M 82 -56.47 -66.28 49.92
C GLU M 82 -55.40 -66.73 50.90
N ALA M 83 -54.98 -67.99 50.75
CA ALA M 83 -53.91 -68.57 51.56
C ALA M 83 -52.59 -67.87 51.27
N ALA M 84 -52.29 -67.65 49.99
CA ALA M 84 -51.08 -66.90 49.60
C ALA M 84 -51.12 -65.47 50.13
N THR M 85 -52.29 -64.84 50.07
CA THR M 85 -52.42 -63.46 50.57
C THR M 85 -52.11 -63.42 52.06
N LEU M 86 -52.65 -64.40 52.78
CA LEU M 86 -52.43 -64.52 54.23
C LEU M 86 -50.95 -64.76 54.51
N LEU M 87 -50.34 -65.62 53.70
CA LEU M 87 -48.91 -65.92 53.79
C LEU M 87 -48.08 -64.66 53.59
N GLY M 88 -48.43 -63.88 52.56
CA GLY M 88 -47.74 -62.63 52.26
C GLY M 88 -47.86 -61.64 53.40
N GLU M 89 -49.05 -61.58 54.00
CA GLU M 89 -49.26 -60.73 55.15
C GLU M 89 -48.42 -61.11 56.35
N THR M 90 -48.22 -62.41 56.54
CA THR M 90 -47.49 -62.96 57.68
C THR M 90 -46.00 -62.66 57.54
N VAL M 91 -45.54 -62.70 56.29
CA VAL M 91 -44.18 -62.33 55.94
C VAL M 91 -43.89 -60.90 56.37
N ARG M 92 -44.81 -60.02 56.00
CA ARG M 92 -44.75 -58.60 56.33
C ARG M 92 -44.83 -58.41 57.84
N GLU M 93 -45.71 -59.18 58.49
CA GLU M 93 -45.87 -59.11 59.95
C GLU M 93 -44.56 -59.47 60.65
N VAL M 94 -43.94 -60.57 60.25
CA VAL M 94 -42.71 -61.02 60.90
C VAL M 94 -41.53 -60.10 60.63
N ILE M 95 -41.39 -59.66 59.38
CA ILE M 95 -40.27 -58.80 59.05
C ILE M 95 -40.36 -57.42 59.74
N ASN M 96 -41.56 -56.83 59.76
CA ASN M 96 -41.78 -55.52 60.41
C ASN M 96 -41.60 -55.57 61.93
N ARG M 97 -41.94 -56.68 62.55
CA ARG M 97 -41.78 -56.81 63.99
C ARG M 97 -40.32 -56.78 64.41
N ASP M 98 -39.55 -57.68 63.82
CA ASP M 98 -38.13 -57.88 64.14
C ASP M 98 -37.21 -56.76 63.65
N SER M 99 -37.64 -56.00 62.64
CA SER M 99 -36.87 -54.85 62.13
C SER M 99 -37.15 -53.55 62.89
N ASP M 109 -30.09 -58.74 57.52
CA ASP M 109 -31.07 -59.21 56.52
C ASP M 109 -32.14 -60.15 57.09
N PHE M 110 -33.36 -59.63 57.24
CA PHE M 110 -34.44 -60.42 57.80
C PHE M 110 -35.30 -61.02 56.70
N ASN M 111 -34.83 -60.94 55.47
CA ASN M 111 -35.65 -61.39 54.33
C ASN M 111 -35.75 -62.91 54.15
N CYS M 112 -36.89 -63.32 53.60
CA CYS M 112 -37.15 -64.70 53.23
C CYS M 112 -37.93 -64.78 51.92
N ASN M 113 -37.87 -65.94 51.29
CA ASN M 113 -38.74 -66.24 50.16
C ASN M 113 -39.47 -67.54 50.50
N LEU M 114 -40.74 -67.65 50.12
CA LEU M 114 -41.51 -68.85 50.45
C LEU M 114 -42.15 -69.44 49.21
N LEU M 115 -42.31 -70.75 49.22
CA LEU M 115 -43.11 -71.43 48.20
C LEU M 115 -44.35 -72.02 48.87
N LEU M 116 -45.49 -71.85 48.20
CA LEU M 116 -46.76 -72.37 48.69
C LEU M 116 -47.46 -73.12 47.57
N GLY M 117 -47.71 -74.40 47.80
CA GLY M 117 -48.32 -75.24 46.79
C GLY M 117 -49.26 -76.23 47.44
N GLY M 118 -50.23 -76.72 46.69
CA GLY M 118 -51.12 -77.71 47.24
C GLY M 118 -52.49 -77.65 46.63
N GLN M 119 -53.48 -78.09 47.40
CA GLN M 119 -54.84 -78.14 46.92
C GLN M 119 -55.81 -77.93 48.06
N ILE M 120 -56.81 -77.10 47.84
CA ILE M 120 -57.90 -77.01 48.78
C ILE M 120 -59.11 -77.55 48.06
N LYS M 121 -59.84 -78.43 48.73
CA LYS M 121 -60.97 -79.15 48.12
C LYS M 121 -61.95 -78.16 47.51
N GLY M 122 -62.32 -78.41 46.26
CA GLY M 122 -63.20 -77.50 45.53
C GLY M 122 -62.41 -76.68 44.53
N GLU M 123 -61.09 -76.85 44.55
CA GLU M 123 -60.21 -76.10 43.70
C GLU M 123 -59.17 -77.05 43.10
N GLY M 124 -58.48 -76.61 42.06
CA GLY M 124 -57.42 -77.44 41.49
C GLY M 124 -56.14 -77.20 42.25
N LEU M 125 -55.05 -77.72 41.72
CA LEU M 125 -53.72 -77.49 42.27
C LEU M 125 -53.34 -76.05 42.01
N ARG M 126 -52.79 -75.38 43.02
CA ARG M 126 -52.28 -74.03 42.84
C ARG M 126 -50.91 -73.87 43.50
N LEU M 127 -50.06 -73.05 42.90
CA LEU M 127 -48.69 -72.86 43.37
C LEU M 127 -48.22 -71.42 43.33
N PHE M 128 -47.70 -70.95 44.45
CA PHE M 128 -47.27 -69.56 44.54
C PHE M 128 -45.82 -69.42 44.98
N HIS M 129 -45.19 -68.35 44.51
CA HIS M 129 -43.89 -67.93 45.05
C HIS M 129 -44.12 -66.62 45.78
N ILE M 130 -43.89 -66.62 47.09
CA ILE M 130 -44.05 -65.42 47.91
C ILE M 130 -42.71 -64.73 48.12
N TYR M 131 -42.70 -63.41 47.84
CA TYR M 131 -41.51 -62.55 47.96
C TYR M 131 -41.46 -61.84 49.33
N PRO M 132 -40.27 -61.34 49.72
CA PRO M 132 -40.09 -60.60 50.97
C PRO M 132 -40.96 -59.33 51.12
N GLN M 133 -41.37 -58.71 50.03
CA GLN M 133 -42.23 -57.52 50.11
C GLN M 133 -43.66 -57.94 50.40
N GLY M 134 -43.93 -59.23 50.32
CA GLY M 134 -45.22 -59.78 50.67
C GLY M 134 -46.17 -60.02 49.52
N ASN M 135 -45.79 -59.58 48.32
CA ASN M 135 -46.55 -59.93 47.13
C ASN M 135 -46.06 -61.28 46.60
N PHE M 136 -46.70 -61.78 45.56
CA PHE M 136 -46.44 -63.13 45.10
C PHE M 136 -46.88 -63.33 43.64
N ILE M 137 -46.39 -64.40 43.02
CA ILE M 137 -46.81 -64.80 41.69
C ILE M 137 -47.32 -66.23 41.68
N GLU M 138 -48.07 -66.59 40.66
CA GLU M 138 -48.65 -67.92 40.59
C GLU M 138 -48.10 -68.67 39.40
N ALA M 139 -47.86 -69.96 39.61
CA ALA M 139 -47.36 -70.86 38.58
C ALA M 139 -48.40 -71.13 37.51
N THR M 140 -47.92 -71.23 36.27
CA THR M 140 -48.77 -71.53 35.13
C THR M 140 -48.23 -72.78 34.43
N GLN M 141 -48.87 -73.15 33.33
CA GLN M 141 -48.45 -74.32 32.56
C GLN M 141 -47.18 -74.16 31.74
N ASP M 142 -46.94 -72.93 31.29
CA ASP M 142 -45.76 -72.65 30.46
C ASP M 142 -44.50 -72.61 31.31
N THR M 143 -44.63 -72.11 32.53
CA THR M 143 -43.53 -72.20 33.49
C THR M 143 -44.09 -72.86 34.77
N PRO M 144 -44.07 -74.21 34.80
CA PRO M 144 -44.76 -75.05 35.77
C PRO M 144 -43.94 -75.34 37.04
N TYR M 145 -42.90 -74.55 37.32
CA TYR M 145 -42.13 -74.75 38.54
C TYR M 145 -41.63 -73.42 39.12
N PHE M 146 -41.31 -73.42 40.42
CA PHE M 146 -40.66 -72.30 41.11
C PHE M 146 -39.47 -72.79 41.94
N GLN M 147 -38.45 -71.94 42.07
CA GLN M 147 -37.31 -72.18 42.94
C GLN M 147 -37.08 -71.04 43.93
N ILE M 148 -36.60 -71.39 45.12
CA ILE M 148 -36.08 -70.40 46.06
C ILE M 148 -34.73 -70.85 46.56
N GLY M 149 -33.95 -69.92 47.11
CA GLY M 149 -32.61 -70.23 47.61
C GLY M 149 -31.58 -70.28 46.51
N GLU M 150 -30.57 -71.14 46.66
CA GLU M 150 -29.52 -71.25 45.65
C GLU M 150 -30.05 -72.10 44.51
N SER M 151 -30.61 -71.42 43.52
CA SER M 151 -31.47 -72.05 42.55
C SER M 151 -30.89 -72.15 41.12
N LYS M 152 -29.89 -71.32 40.83
CA LYS M 152 -29.39 -71.19 39.45
C LYS M 152 -28.64 -72.45 39.00
N TYR M 153 -27.99 -73.14 39.94
CA TYR M 153 -27.26 -74.38 39.63
C TYR M 153 -28.15 -75.47 39.09
N GLY M 154 -29.38 -75.54 39.58
CA GLY M 154 -30.31 -76.61 39.23
C GLY M 154 -31.36 -76.22 38.21
N LYS M 155 -31.30 -74.98 37.71
CA LYS M 155 -32.32 -74.53 36.74
C LYS M 155 -32.17 -75.13 35.34
N PRO M 156 -30.93 -75.20 34.80
CA PRO M 156 -30.87 -75.71 33.43
C PRO M 156 -31.51 -77.08 33.24
N ILE M 157 -31.31 -78.02 34.17
CA ILE M 157 -31.86 -79.35 33.98
C ILE M 157 -33.39 -79.32 34.05
N ILE M 158 -33.93 -78.46 34.90
CA ILE M 158 -35.38 -78.38 35.04
C ILE M 158 -35.99 -77.86 33.75
N ASP M 159 -35.41 -76.82 33.19
CA ASP M 159 -35.92 -76.31 31.93
C ASP M 159 -35.83 -77.34 30.81
N ARG M 160 -34.85 -78.23 30.89
CA ARG M 160 -34.60 -79.17 29.80
C ARG M 160 -35.55 -80.36 29.73
N VAL M 161 -36.04 -80.85 30.87
CA VAL M 161 -36.80 -82.11 30.91
C VAL M 161 -38.23 -82.00 31.45
N LEU M 162 -38.51 -80.91 32.16
CA LEU M 162 -39.82 -80.73 32.79
C LEU M 162 -40.81 -79.98 31.90
N SER M 163 -42.04 -80.48 31.85
CA SER M 163 -43.14 -79.75 31.22
C SER M 163 -44.38 -80.01 32.06
N TYR M 164 -45.45 -79.23 31.85
CA TYR M 164 -46.66 -79.32 32.67
C TYR M 164 -47.26 -80.73 32.74
N ASP M 165 -47.06 -81.49 31.67
CA ASP M 165 -47.65 -82.82 31.53
C ASP M 165 -46.72 -83.99 31.88
N THR M 166 -45.50 -83.68 32.36
CA THR M 166 -44.59 -84.72 32.85
C THR M 166 -45.15 -85.48 34.04
N PRO M 167 -45.09 -86.83 34.00
CA PRO M 167 -45.56 -87.61 35.16
C PRO M 167 -44.77 -87.30 36.44
N LEU M 168 -45.44 -87.40 37.59
CA LEU M 168 -44.86 -87.04 38.88
C LEU M 168 -43.53 -87.71 39.22
N ASP M 169 -43.43 -89.00 38.92
CA ASP M 169 -42.24 -89.76 39.24
C ASP M 169 -41.04 -89.22 38.46
N GLN M 170 -41.30 -88.80 37.22
CA GLN M 170 -40.26 -88.24 36.38
C GLN M 170 -39.89 -86.84 36.83
N ALA M 171 -40.88 -86.10 37.30
CA ALA M 171 -40.67 -84.78 37.86
C ALA M 171 -39.82 -84.89 39.12
N MET M 172 -40.11 -85.89 39.94
CA MET M 172 -39.33 -86.02 41.16
C MET M 172 -37.88 -86.35 40.81
N GLN M 173 -37.68 -87.19 39.80
CA GLN M 173 -36.34 -87.53 39.30
C GLN M 173 -35.64 -86.23 38.86
N CYS M 174 -36.37 -85.38 38.16
CA CYS M 174 -35.85 -84.08 37.69
C CYS M 174 -35.42 -83.20 38.87
N ALA M 175 -36.26 -83.14 39.89
CA ALA M 175 -35.93 -82.41 41.11
C ALA M 175 -34.65 -82.95 41.76
N LEU M 176 -34.50 -84.29 41.77
CA LEU M 176 -33.33 -84.93 42.38
C LEU M 176 -32.02 -84.68 41.61
N ILE M 177 -32.09 -84.66 40.28
CA ILE M 177 -30.93 -84.31 39.48
C ILE M 177 -30.56 -82.87 39.75
N SER M 178 -31.59 -82.04 39.82
CA SER M 178 -31.47 -80.63 40.15
C SER M 178 -30.76 -80.41 41.45
N MET M 179 -31.18 -81.18 42.45
CA MET M 179 -30.58 -81.12 43.76
C MET M 179 -29.13 -81.55 43.73
N ASP M 180 -28.86 -82.63 43.01
CA ASP M 180 -27.50 -83.15 42.87
C ASP M 180 -26.53 -82.10 42.27
N SER M 181 -26.90 -81.45 41.17
CA SER M 181 -26.01 -80.47 40.55
C SER M 181 -25.69 -79.37 41.54
N THR M 182 -26.68 -79.00 42.34
CA THR M 182 -26.53 -77.90 43.29
C THR M 182 -25.62 -78.27 44.45
N LEU M 183 -25.87 -79.45 45.03
CA LEU M 183 -25.07 -80.01 46.11
C LEU M 183 -23.59 -80.06 45.72
N ARG M 184 -23.33 -80.44 44.47
CA ARG M 184 -21.98 -80.56 43.94
C ARG M 184 -21.29 -79.23 43.67
N SER M 185 -22.08 -78.16 43.49
CA SER M 185 -21.53 -76.90 42.97
C SER M 185 -21.51 -75.80 44.02
N ASN M 186 -22.27 -75.97 45.08
CA ASN M 186 -22.39 -74.95 46.11
C ASN M 186 -22.55 -75.57 47.50
N LEU M 187 -21.65 -75.23 48.41
CA LEU M 187 -21.56 -75.86 49.73
C LEU M 187 -22.55 -75.31 50.75
N SER M 188 -23.33 -74.32 50.37
CA SER M 188 -24.38 -73.79 51.23
C SER M 188 -25.64 -74.67 51.15
N VAL M 189 -25.61 -75.59 50.20
CA VAL M 189 -26.70 -76.55 50.00
C VAL M 189 -26.26 -77.94 50.48
N GLY M 190 -27.12 -78.63 51.20
CA GLY M 190 -26.72 -79.91 51.76
C GLY M 190 -27.81 -80.89 52.14
N LEU M 191 -27.43 -82.17 52.11
CA LEU M 191 -28.27 -83.25 52.57
C LEU M 191 -28.38 -83.13 54.07
N PRO M 192 -29.44 -83.68 54.68
CA PRO M 192 -30.59 -84.41 54.08
C PRO M 192 -31.56 -83.56 53.27
N LEU M 193 -32.37 -84.26 52.47
CA LEU M 193 -33.44 -83.66 51.69
C LEU M 193 -34.79 -84.00 52.31
N ASP M 194 -35.78 -83.15 52.10
CA ASP M 194 -37.17 -83.51 52.39
C ASP M 194 -37.96 -83.34 51.12
N VAL M 195 -38.61 -84.42 50.70
CA VAL M 195 -39.35 -84.41 49.44
C VAL M 195 -40.81 -84.87 49.68
N MET M 196 -41.66 -84.55 48.71
CA MET M 196 -43.05 -84.98 48.77
C MET M 196 -43.60 -85.06 47.36
N ILE M 197 -44.39 -86.10 47.10
CA ILE M 197 -45.16 -86.20 45.89
C ILE M 197 -46.62 -86.04 46.31
N TYR M 198 -47.32 -85.08 45.71
CA TYR M 198 -48.74 -84.89 45.96
C TYR M 198 -49.58 -85.19 44.74
N PRO M 199 -50.26 -86.35 44.72
CA PRO M 199 -51.14 -86.66 43.59
C PRO M 199 -52.46 -85.84 43.64
N LEU M 200 -52.92 -85.38 42.48
CA LEU M 200 -54.13 -84.58 42.37
C LEU M 200 -55.32 -85.17 43.11
N ASP M 201 -56.00 -84.32 43.87
CA ASP M 201 -57.22 -84.69 44.58
C ASP M 201 -57.06 -85.80 45.62
N SER M 202 -55.83 -86.16 45.96
CA SER M 202 -55.61 -87.23 46.94
C SER M 202 -55.71 -86.69 48.36
N PHE M 203 -55.35 -85.41 48.56
CA PHE M 203 -55.29 -84.79 49.88
C PHE M 203 -54.52 -85.68 50.84
N SER M 204 -53.43 -86.24 50.31
CA SER M 204 -52.61 -87.16 51.05
C SER M 204 -51.21 -86.61 51.25
N THR M 205 -50.67 -86.78 52.45
CA THR M 205 -49.30 -86.38 52.73
C THR M 205 -48.44 -87.61 52.91
N GLU M 206 -48.92 -88.73 52.38
CA GLU M 206 -48.31 -90.05 52.56
C GLU M 206 -46.96 -90.17 51.89
N GLN M 207 -46.85 -89.59 50.70
CA GLN M 207 -45.62 -89.68 49.92
C GLN M 207 -44.65 -88.56 50.25
N GLN M 208 -44.30 -88.47 51.52
CA GLN M 208 -43.26 -87.60 52.03
C GLN M 208 -42.09 -88.47 52.52
N TYR M 209 -40.86 -88.06 52.18
CA TYR M 209 -39.64 -88.86 52.42
C TYR M 209 -38.45 -88.01 52.87
N ARG M 210 -37.65 -88.57 53.77
CA ARG M 210 -36.38 -87.93 54.05
C ARG M 210 -35.26 -88.62 53.31
N ILE M 211 -34.51 -87.85 52.53
CA ILE M 211 -33.42 -88.42 51.76
C ILE M 211 -32.09 -88.10 52.42
N THR M 212 -31.44 -89.11 53.00
CA THR M 212 -30.12 -88.89 53.60
C THR M 212 -29.00 -89.31 52.64
N GLU M 213 -27.77 -89.07 53.06
CA GLU M 213 -26.57 -89.47 52.31
C GLU M 213 -26.51 -90.99 52.10
N ASP M 214 -27.22 -91.72 52.94
CA ASP M 214 -27.19 -93.18 52.89
C ASP M 214 -28.30 -93.75 51.99
N HIS M 215 -29.16 -92.87 51.47
CA HIS M 215 -30.30 -93.27 50.63
C HIS M 215 -29.89 -93.99 49.35
N PRO M 216 -30.30 -95.26 49.20
CA PRO M 216 -29.88 -96.13 48.09
C PRO M 216 -30.27 -95.59 46.71
N TYR M 217 -31.52 -95.18 46.53
CA TYR M 217 -31.93 -94.69 45.21
C TYR M 217 -31.27 -93.36 44.85
N PHE M 218 -31.14 -92.45 45.81
CA PHE M 218 -30.50 -91.17 45.53
C PHE M 218 -29.03 -91.36 45.17
N MET M 219 -28.36 -92.29 45.84
CA MET M 219 -26.99 -92.62 45.48
C MET M 219 -26.94 -93.05 44.03
N MET M 220 -27.88 -93.91 43.69
CA MET M 220 -28.00 -94.55 42.39
C MET M 220 -28.33 -93.56 41.28
N ILE M 221 -29.27 -92.65 41.55
CA ILE M 221 -29.67 -91.69 40.53
C ILE M 221 -28.50 -90.74 40.22
N ARG M 222 -27.72 -90.39 41.24
CA ARG M 222 -26.56 -89.51 41.09
C ARG M 222 -25.48 -90.21 40.28
N LYS M 223 -25.23 -91.48 40.59
CA LYS M 223 -24.21 -92.21 39.87
C LYS M 223 -24.61 -92.39 38.43
N GLY M 224 -25.88 -92.76 38.23
CA GLY M 224 -26.40 -92.99 36.90
C GLY M 224 -26.38 -91.77 36.02
N TRP M 225 -26.81 -90.64 36.58
CA TRP M 225 -26.87 -89.38 35.85
C TRP M 225 -25.48 -88.84 35.49
N GLY M 226 -24.59 -88.79 36.48
CA GLY M 226 -23.25 -88.26 36.27
C GLY M 226 -22.47 -89.04 35.24
N GLU M 227 -22.53 -90.37 35.33
CA GLU M 227 -21.85 -91.24 34.37
C GLU M 227 -22.44 -91.05 32.98
N GLY M 228 -23.75 -90.83 32.90
CA GLY M 228 -24.41 -90.57 31.63
C GLY M 228 -23.88 -89.29 31.01
N LEU M 229 -23.72 -88.25 31.84
CA LEU M 229 -23.25 -86.98 31.34
C LEU M 229 -21.83 -87.12 30.82
N VAL M 230 -20.98 -87.83 31.57
CA VAL M 230 -19.59 -88.02 31.18
C VAL M 230 -19.47 -88.75 29.84
N SER M 231 -20.35 -89.72 29.61
CA SER M 231 -20.34 -90.50 28.38
C SER M 231 -20.81 -89.69 27.15
N ILE M 232 -21.86 -88.90 27.33
CA ILE M 232 -22.36 -88.06 26.24
C ILE M 232 -21.30 -87.08 25.79
N PHE M 233 -20.57 -86.55 26.78
CA PHE M 233 -19.51 -85.59 26.52
C PHE M 233 -18.44 -86.25 25.67
N ALA M 234 -18.09 -87.49 26.03
CA ALA M 234 -17.01 -88.19 25.35
C ALA M 234 -17.37 -88.52 23.89
N GLN M 235 -18.65 -88.70 23.60
CA GLN M 235 -19.06 -89.09 22.24
C GLN M 235 -19.46 -87.93 21.33
N LEU M 236 -19.23 -86.71 21.81
CA LEU M 236 -19.53 -85.49 21.05
C LEU M 236 -18.68 -85.38 19.78
N PRO M 237 -19.23 -84.76 18.72
CA PRO M 237 -18.43 -84.52 17.52
C PRO M 237 -17.22 -83.61 17.85
N GLY M 238 -16.12 -83.82 17.14
CA GLY M 238 -14.89 -83.10 17.40
C GLY M 238 -15.06 -81.61 17.18
N LEU M 239 -14.31 -80.82 17.95
CA LEU M 239 -14.44 -79.37 17.92
C LEU M 239 -14.07 -78.85 16.54
N LYS M 240 -14.98 -78.12 15.91
CA LYS M 240 -14.72 -77.51 14.61
C LYS M 240 -15.19 -76.05 14.67
N LEU M 241 -14.33 -75.17 15.19
CA LEU M 241 -14.72 -73.76 15.33
C LEU M 241 -14.42 -72.89 14.11
N GLY M 242 -13.73 -73.45 13.12
CA GLY M 242 -13.36 -72.68 11.94
C GLY M 242 -12.32 -73.39 11.09
N THR N 1 -24.24 -61.02 31.35
CA THR N 1 -22.79 -61.11 31.17
C THR N 1 -22.23 -62.38 31.80
N TYR N 2 -21.59 -63.22 31.00
CA TYR N 2 -20.92 -64.40 31.53
C TYR N 2 -19.62 -64.66 30.78
N CYS N 3 -18.52 -64.71 31.53
CA CYS N 3 -17.22 -65.06 30.98
C CYS N 3 -16.57 -66.15 31.81
N VAL N 4 -15.90 -67.06 31.12
CA VAL N 4 -15.17 -68.13 31.76
C VAL N 4 -13.81 -68.30 31.09
N ALA N 5 -12.79 -68.60 31.89
CA ALA N 5 -11.45 -68.86 31.37
C ALA N 5 -10.90 -70.09 32.06
N MET N 6 -10.21 -70.91 31.28
CA MET N 6 -9.68 -72.16 31.77
C MET N 6 -8.19 -72.27 31.51
N ARG N 7 -7.42 -72.59 32.56
CA ARG N 7 -5.98 -72.84 32.39
C ARG N 7 -5.64 -74.33 32.52
N LEU N 8 -5.21 -74.93 31.40
CA LEU N 8 -4.89 -76.35 31.34
C LEU N 8 -3.44 -76.54 31.00
N SER N 9 -2.96 -77.78 31.08
CA SER N 9 -1.57 -78.05 30.78
C SER N 9 -1.27 -77.71 29.32
N SER N 10 -2.24 -77.90 28.42
CA SER N 10 -1.96 -77.72 26.98
C SER N 10 -2.28 -76.33 26.42
N GLY N 11 -2.87 -75.47 27.23
CA GLY N 11 -3.26 -74.14 26.77
C GLY N 11 -4.33 -73.45 27.60
N LEU N 12 -4.91 -72.40 27.04
CA LEU N 12 -5.99 -71.64 27.66
C LEU N 12 -7.21 -71.61 26.78
N ALA N 13 -8.39 -71.67 27.41
CA ALA N 13 -9.62 -71.53 26.65
C ALA N 13 -10.47 -70.40 27.21
N PHE N 14 -11.04 -69.61 26.32
CA PHE N 14 -11.87 -68.49 26.71
C PHE N 14 -13.20 -68.48 25.99
N ALA N 15 -14.26 -68.08 26.71
CA ALA N 15 -15.56 -67.85 26.11
C ALA N 15 -16.26 -66.68 26.80
N SER N 16 -16.79 -65.75 26.00
CA SER N 16 -17.54 -64.60 26.52
C SER N 16 -18.83 -64.38 25.73
N ASP N 17 -19.91 -63.98 26.41
CA ASP N 17 -21.11 -63.56 25.70
C ASP N 17 -20.93 -62.09 25.32
N SER N 18 -21.99 -61.43 24.87
CA SER N 18 -21.88 -60.04 24.44
C SER N 18 -23.06 -59.13 24.85
N ARG N 19 -24.09 -59.71 25.45
CA ARG N 19 -25.26 -58.94 25.88
C ARG N 19 -25.04 -58.12 27.15
N THR N 20 -25.49 -56.86 27.16
CA THR N 20 -25.50 -56.10 28.43
C THR N 20 -26.87 -55.44 28.70
N ASN N 21 -27.29 -55.50 29.97
CA ASN N 21 -28.54 -54.93 30.52
C ASN N 21 -28.81 -53.43 30.28
N ALA N 22 -30.00 -53.14 29.75
CA ALA N 22 -30.42 -51.77 29.42
C ALA N 22 -31.19 -51.12 30.57
N SER N 28 -27.93 -54.70 23.62
CA SER N 28 -27.01 -54.43 22.51
C SER N 28 -25.78 -55.34 22.58
N THR N 29 -24.90 -55.22 21.59
CA THR N 29 -23.69 -56.04 21.47
C THR N 29 -22.42 -55.34 21.93
N PHE N 30 -21.71 -55.98 22.86
CA PHE N 30 -20.48 -55.42 23.38
C PHE N 30 -19.40 -56.49 23.48
N ARG N 31 -18.17 -56.16 23.12
CA ARG N 31 -17.10 -57.13 23.22
C ARG N 31 -16.71 -57.31 24.70
N LYS N 32 -16.60 -58.57 25.14
CA LYS N 32 -16.27 -58.90 26.53
C LYS N 32 -14.97 -59.73 26.63
N LEU N 33 -14.22 -59.75 25.53
CA LEU N 33 -12.95 -60.47 25.46
C LEU N 33 -11.97 -59.69 24.62
N HIS N 34 -10.92 -59.14 25.21
CA HIS N 34 -10.02 -58.31 24.39
C HIS N 34 -8.62 -58.90 24.41
N LEU N 35 -7.89 -58.76 23.30
CA LEU N 35 -6.59 -59.41 23.14
C LEU N 35 -5.47 -58.41 22.95
N PHE N 36 -4.31 -58.72 23.51
CA PHE N 36 -3.08 -57.95 23.35
C PHE N 36 -1.93 -58.84 22.88
N GLN N 37 -1.44 -58.60 21.66
CA GLN N 37 -0.51 -59.52 21.03
C GLN N 37 0.82 -58.87 20.58
N GLN N 38 1.91 -59.55 20.90
CA GLN N 38 3.22 -59.27 20.34
C GLN N 38 3.71 -60.60 19.74
N PRO N 39 3.61 -60.76 18.41
CA PRO N 39 3.88 -62.05 17.78
C PRO N 39 5.24 -62.66 18.19
N GLY N 40 5.19 -63.88 18.69
CA GLY N 40 6.35 -64.61 19.16
C GLY N 40 6.81 -64.32 20.58
N GLU N 41 6.19 -63.35 21.25
CA GLU N 41 6.69 -62.90 22.55
C GLU N 41 5.65 -62.85 23.66
N ARG N 42 4.43 -62.40 23.37
CA ARG N 42 3.36 -62.35 24.40
C ARG N 42 1.94 -62.36 23.82
N THR N 43 1.04 -62.97 24.57
CA THR N 43 -0.40 -63.00 24.28
C THR N 43 -1.17 -62.84 25.58
N LEU N 44 -1.92 -61.75 25.72
CA LEU N 44 -2.69 -61.49 26.93
C LEU N 44 -4.18 -61.38 26.59
N VAL N 45 -5.04 -62.07 27.32
CA VAL N 45 -6.48 -61.99 27.09
C VAL N 45 -7.15 -61.41 28.34
N VAL N 46 -8.00 -60.41 28.14
CA VAL N 46 -8.78 -59.81 29.22
C VAL N 46 -10.28 -59.90 29.00
N GLN N 47 -10.99 -60.42 30.02
CA GLN N 47 -12.46 -60.55 29.98
C GLN N 47 -13.10 -59.61 31.02
N SER N 48 -14.27 -59.08 30.68
CA SER N 48 -14.94 -58.03 31.45
C SER N 48 -16.30 -58.48 31.99
N ALA N 49 -16.62 -58.07 33.21
CA ALA N 49 -17.97 -58.19 33.75
C ALA N 49 -18.29 -57.03 34.72
N GLY N 50 -19.57 -56.78 34.99
CA GLY N 50 -19.96 -55.71 35.90
C GLY N 50 -20.34 -54.43 35.20
N ASN N 51 -20.18 -53.31 35.90
CA ASN N 51 -20.58 -52.01 35.37
C ASN N 51 -19.91 -51.79 34.02
N LEU N 52 -20.73 -51.60 32.99
CA LEU N 52 -20.24 -51.49 31.63
C LEU N 52 -19.36 -50.28 31.44
N ALA N 53 -19.75 -49.15 32.01
CA ALA N 53 -18.96 -47.93 31.90
C ALA N 53 -17.57 -48.10 32.52
N THR N 54 -17.51 -48.77 33.66
CA THR N 54 -16.26 -49.01 34.38
C THR N 54 -15.31 -49.93 33.62
N THR N 55 -15.76 -51.10 33.16
CA THR N 55 -14.86 -52.02 32.45
C THR N 55 -14.39 -51.40 31.14
N GLN N 56 -15.29 -50.71 30.46
CA GLN N 56 -14.97 -50.06 29.18
C GLN N 56 -13.90 -48.98 29.35
N SER N 57 -13.95 -48.28 30.49
CA SER N 57 -12.93 -47.29 30.82
C SER N 57 -11.58 -47.98 31.05
N ILE N 58 -11.62 -49.10 31.78
CA ILE N 58 -10.41 -49.90 32.06
C ILE N 58 -9.73 -50.45 30.81
N VAL N 59 -10.51 -51.13 29.98
CA VAL N 59 -9.99 -51.71 28.75
C VAL N 59 -9.42 -50.60 27.87
N SER N 60 -10.15 -49.50 27.78
CA SER N 60 -9.74 -48.38 26.96
C SER N 60 -8.42 -47.78 27.46
N LEU N 61 -8.30 -47.67 28.78
CA LEU N 61 -7.06 -47.14 29.35
C LEU N 61 -5.89 -48.07 29.10
N LEU N 62 -6.14 -49.36 29.24
CA LEU N 62 -5.05 -50.30 29.05
C LEU N 62 -4.58 -50.33 27.60
N GLN N 63 -5.48 -50.30 26.63
CA GLN N 63 -5.02 -50.36 25.24
C GLN N 63 -4.32 -49.08 24.80
N ARG N 64 -4.87 -47.93 25.18
CA ARG N 64 -4.27 -46.65 24.79
C ARG N 64 -2.92 -46.43 25.47
N ARG N 65 -2.78 -46.87 26.71
CA ARG N 65 -1.51 -46.69 27.38
C ARG N 65 -0.45 -47.62 26.80
N CYS N 66 -0.88 -48.62 26.04
CA CYS N 66 0.08 -49.46 25.34
C CYS N 66 0.87 -48.66 24.33
N LEU N 67 0.34 -47.50 23.94
CA LEU N 67 0.99 -46.61 22.98
C LEU N 67 1.97 -45.66 23.64
N ASP N 68 2.04 -45.72 24.97
CA ASP N 68 2.93 -44.87 25.75
C ASP N 68 4.08 -45.67 26.34
N PRO N 69 5.27 -45.49 25.77
CA PRO N 69 6.47 -46.26 26.12
C PRO N 69 7.13 -45.82 27.43
N GLU N 70 6.70 -44.67 27.95
CA GLU N 70 7.25 -44.09 29.18
C GLU N 70 6.44 -44.51 30.39
N GLN N 71 5.43 -45.35 30.17
CA GLN N 71 4.56 -45.79 31.24
C GLN N 71 4.49 -47.32 31.27
N THR N 72 4.22 -47.89 32.46
CA THR N 72 4.01 -49.31 32.58
C THR N 72 2.74 -49.66 31.82
N ASN N 73 2.85 -50.62 30.89
CA ASN N 73 1.69 -51.03 30.09
C ASN N 73 1.77 -52.52 29.76
N LEU N 74 0.73 -53.07 29.13
CA LEU N 74 0.62 -54.51 28.88
C LEU N 74 1.61 -55.06 27.87
N MET N 75 2.30 -54.16 27.18
CA MET N 75 3.33 -54.54 26.24
C MET N 75 4.69 -54.57 26.92
N ASN N 76 4.84 -53.87 28.05
CA ASN N 76 6.14 -53.87 28.71
C ASN N 76 6.19 -54.50 30.11
N VAL N 77 5.09 -55.05 30.60
CA VAL N 77 5.18 -55.77 31.87
C VAL N 77 5.99 -57.05 31.59
N ALA N 78 6.87 -57.37 32.53
CA ALA N 78 7.82 -58.48 32.38
C ALA N 78 7.19 -59.86 32.57
N SER N 79 6.17 -59.95 33.42
CA SER N 79 5.51 -61.23 33.72
C SER N 79 4.00 -61.09 33.78
N MET N 80 3.29 -62.22 33.77
CA MET N 80 1.83 -62.17 33.83
C MET N 80 1.40 -61.59 35.19
N TYR N 81 2.21 -61.85 36.21
CA TYR N 81 1.96 -61.28 37.53
C TYR N 81 2.05 -59.74 37.56
N GLU N 82 3.01 -59.13 36.88
CA GLU N 82 3.08 -57.68 36.88
C GLU N 82 1.89 -57.13 36.12
N ALA N 83 1.48 -57.88 35.10
CA ALA N 83 0.30 -57.54 34.34
C ALA N 83 -0.95 -57.54 35.24
N ALA N 84 -1.09 -58.55 36.12
CA ALA N 84 -2.25 -58.56 37.02
C ALA N 84 -2.23 -57.33 37.92
N THR N 85 -1.03 -57.03 38.38
CA THR N 85 -0.76 -55.85 39.18
C THR N 85 -1.13 -54.58 38.42
N LEU N 86 -0.82 -54.55 37.13
CA LEU N 86 -1.17 -53.41 36.32
C LEU N 86 -2.70 -53.26 36.25
N LEU N 87 -3.39 -54.37 36.04
CA LEU N 87 -4.87 -54.40 36.00
C LEU N 87 -5.43 -53.91 37.34
N GLY N 88 -4.83 -54.37 38.44
CA GLY N 88 -5.24 -53.95 39.76
C GLY N 88 -5.10 -52.46 40.01
N GLU N 89 -4.00 -51.87 39.54
CA GLU N 89 -3.73 -50.42 39.68
C GLU N 89 -4.75 -49.61 38.92
N THR N 90 -5.07 -50.10 37.72
CA THR N 90 -5.98 -49.41 36.82
C THR N 90 -7.42 -49.45 37.36
N VAL N 91 -7.79 -50.57 37.97
CA VAL N 91 -9.09 -50.70 38.63
C VAL N 91 -9.28 -49.68 39.76
N ARG N 92 -8.30 -49.60 40.66
CA ARG N 92 -8.40 -48.65 41.75
C ARG N 92 -8.43 -47.23 41.22
N GLU N 93 -7.64 -46.98 40.18
CA GLU N 93 -7.57 -45.65 39.56
C GLU N 93 -8.95 -45.22 39.07
N VAL N 94 -9.66 -46.11 38.38
CA VAL N 94 -10.98 -45.77 37.85
C VAL N 94 -12.01 -45.57 38.93
N ILE N 95 -12.03 -46.48 39.89
CA ILE N 95 -13.01 -46.37 40.96
C ILE N 95 -12.74 -45.17 41.87
N ASN N 96 -11.48 -44.92 42.24
CA ASN N 96 -11.14 -43.82 43.16
C ASN N 96 -11.47 -42.41 42.67
N ARG N 97 -11.37 -42.18 41.36
CA ARG N 97 -11.67 -40.87 40.79
C ARG N 97 -13.16 -40.48 40.94
N ASP N 98 -13.57 -40.28 42.19
CA ASP N 98 -14.94 -39.90 42.56
C ASP N 98 -15.99 -40.95 42.20
N ASP N 109 -24.04 -49.06 41.70
CA ASP N 109 -23.01 -50.06 41.90
C ASP N 109 -21.98 -50.07 40.78
N PHE N 110 -20.77 -49.64 41.10
CA PHE N 110 -19.70 -49.51 40.12
C PHE N 110 -18.75 -50.71 40.15
N ASN N 111 -19.17 -51.81 40.76
CA ASN N 111 -18.31 -52.99 40.85
C ASN N 111 -18.19 -53.72 39.52
N CYS N 112 -16.98 -54.20 39.26
CA CYS N 112 -16.69 -55.00 38.07
C CYS N 112 -15.71 -56.11 38.41
N ASN N 113 -15.67 -57.13 37.57
CA ASN N 113 -14.66 -58.18 37.68
C ASN N 113 -13.93 -58.36 36.36
N LEU N 114 -12.66 -58.74 36.41
CA LEU N 114 -11.93 -59.01 35.17
C LEU N 114 -11.27 -60.39 35.25
N LEU N 115 -11.10 -61.05 34.10
CA LEU N 115 -10.25 -62.24 34.03
C LEU N 115 -9.05 -61.84 33.18
N LEU N 116 -7.88 -62.26 33.61
CA LEU N 116 -6.64 -61.95 32.91
C LEU N 116 -5.86 -63.20 32.64
N GLY N 117 -5.66 -63.51 31.36
CA GLY N 117 -4.97 -64.73 31.00
C GLY N 117 -4.07 -64.67 29.78
N GLY N 118 -3.10 -65.58 29.73
CA GLY N 118 -2.22 -65.68 28.59
C GLY N 118 -0.83 -66.15 28.95
N GLN N 119 0.13 -65.76 28.13
CA GLN N 119 1.51 -66.17 28.30
C GLN N 119 2.46 -65.07 27.81
N ILE N 120 3.47 -64.76 28.62
CA ILE N 120 4.59 -63.91 28.24
C ILE N 120 5.86 -64.76 28.15
N LYS N 121 6.64 -64.61 27.09
CA LYS N 121 7.82 -65.45 26.87
C LYS N 121 8.68 -65.52 28.13
N GLY N 122 9.05 -66.75 28.52
CA GLY N 122 9.81 -66.95 29.74
C GLY N 122 9.04 -67.51 30.93
N GLU N 123 7.73 -67.68 30.75
CA GLU N 123 6.81 -68.19 31.78
C GLU N 123 5.84 -69.15 31.16
N GLY N 124 5.16 -69.91 32.00
CA GLY N 124 4.11 -70.77 31.51
C GLY N 124 2.82 -69.98 31.43
N LEU N 125 1.72 -70.69 31.22
CA LEU N 125 0.39 -70.10 31.17
C LEU N 125 0.02 -69.53 32.53
N ARG N 126 -0.55 -68.33 32.56
CA ARG N 126 -1.04 -67.80 33.82
C ARG N 126 -2.40 -67.15 33.62
N LEU N 127 -3.27 -67.31 34.62
CA LEU N 127 -4.66 -66.83 34.61
C LEU N 127 -5.03 -66.21 35.96
N PHE N 128 -5.58 -64.99 35.92
CA PHE N 128 -5.94 -64.27 37.13
C PHE N 128 -7.39 -63.84 37.18
N HIS N 129 -7.93 -63.74 38.39
CA HIS N 129 -9.23 -63.13 38.61
C HIS N 129 -8.99 -61.83 39.33
N ILE N 130 -9.32 -60.71 38.69
CA ILE N 130 -9.21 -59.40 39.33
C ILE N 130 -10.57 -58.96 39.90
N TYR N 131 -10.54 -58.59 41.18
CA TYR N 131 -11.74 -58.22 41.94
C TYR N 131 -11.97 -56.74 41.87
N PRO N 132 -13.19 -56.28 42.24
CA PRO N 132 -13.48 -54.85 42.22
C PRO N 132 -12.53 -53.97 43.03
N GLN N 133 -11.91 -54.51 44.08
CA GLN N 133 -10.99 -53.79 44.97
C GLN N 133 -9.59 -53.59 44.41
N GLY N 134 -9.28 -54.26 43.31
CA GLY N 134 -8.00 -54.15 42.64
C GLY N 134 -7.02 -55.25 43.00
N ASN N 135 -7.36 -56.06 44.01
CA ASN N 135 -6.54 -57.23 44.34
C ASN N 135 -6.97 -58.41 43.47
N PHE N 136 -6.29 -59.55 43.56
CA PHE N 136 -6.53 -60.62 42.60
C PHE N 136 -6.08 -61.99 43.06
N ILE N 137 -6.60 -63.02 42.42
CA ILE N 137 -6.14 -64.37 42.69
C ILE N 137 -5.71 -65.06 41.38
N GLU N 138 -4.90 -66.12 41.52
CA GLU N 138 -4.35 -66.83 40.37
C GLU N 138 -4.84 -68.27 40.33
N ALA N 139 -5.14 -68.74 39.13
CA ALA N 139 -5.62 -70.10 38.90
C ALA N 139 -4.53 -71.14 39.19
N THR N 140 -4.93 -72.25 39.77
CA THR N 140 -3.99 -73.33 40.07
C THR N 140 -4.46 -74.66 39.48
N GLN N 141 -3.73 -75.73 39.75
CA GLN N 141 -4.13 -77.07 39.30
C GLN N 141 -5.35 -77.50 40.07
N ASP N 142 -5.50 -76.97 41.29
CA ASP N 142 -6.63 -77.30 42.13
C ASP N 142 -7.90 -76.52 41.73
N THR N 143 -7.72 -75.28 41.32
CA THR N 143 -8.80 -74.45 40.77
C THR N 143 -8.33 -73.91 39.42
N PRO N 144 -8.53 -74.69 38.34
CA PRO N 144 -7.97 -74.38 37.03
C PRO N 144 -8.87 -73.51 36.14
N TYR N 145 -9.93 -72.91 36.67
CA TYR N 145 -10.80 -72.06 35.86
C TYR N 145 -11.39 -70.96 36.71
N PHE N 146 -11.85 -69.90 36.05
CA PHE N 146 -12.58 -68.81 36.72
C PHE N 146 -13.82 -68.45 35.93
N GLN N 147 -14.86 -68.04 36.63
CA GLN N 147 -16.06 -67.50 35.99
C GLN N 147 -16.34 -66.14 36.53
N ILE N 148 -16.80 -65.23 35.69
CA ILE N 148 -17.34 -63.95 36.18
C ILE N 148 -18.69 -63.71 35.53
N GLY N 149 -19.49 -62.83 36.12
CA GLY N 149 -20.84 -62.56 35.63
C GLY N 149 -21.86 -63.57 36.11
N GLU N 150 -22.88 -63.83 35.28
CA GLU N 150 -23.93 -64.79 35.60
C GLU N 150 -23.42 -66.21 35.38
N SER N 151 -22.84 -66.79 36.41
CA SER N 151 -21.97 -67.94 36.23
C SER N 151 -22.51 -69.25 36.76
N LYS N 152 -23.52 -69.20 37.62
CA LYS N 152 -23.98 -70.39 38.33
C LYS N 152 -24.65 -71.44 37.42
N TYR N 153 -25.37 -70.97 36.41
CA TYR N 153 -26.06 -71.87 35.51
C TYR N 153 -25.06 -72.78 34.82
N GLY N 154 -23.89 -72.23 34.55
CA GLY N 154 -22.92 -72.92 33.74
C GLY N 154 -21.83 -73.60 34.52
N LYS N 155 -21.91 -73.52 35.85
CA LYS N 155 -20.87 -74.13 36.68
C LYS N 155 -20.93 -75.67 36.79
N PRO N 156 -22.14 -76.25 36.98
CA PRO N 156 -22.13 -77.71 37.18
C PRO N 156 -21.45 -78.52 36.06
N ILE N 157 -21.65 -78.19 34.80
CA ILE N 157 -21.02 -78.98 33.75
C ILE N 157 -19.51 -78.83 33.81
N ILE N 158 -19.03 -77.65 34.20
CA ILE N 158 -17.58 -77.41 34.32
C ILE N 158 -16.98 -78.28 35.41
N ASP N 159 -17.64 -78.33 36.56
CA ASP N 159 -17.18 -79.17 37.66
C ASP N 159 -17.24 -80.65 37.29
N ARG N 160 -18.17 -81.02 36.42
CA ARG N 160 -18.35 -82.42 36.08
C ARG N 160 -17.28 -82.92 35.14
N VAL N 161 -16.78 -82.08 34.24
CA VAL N 161 -15.87 -82.60 33.21
C VAL N 161 -14.49 -81.95 33.11
N LEU N 162 -14.32 -80.74 33.64
CA LEU N 162 -13.03 -80.07 33.47
C LEU N 162 -12.05 -80.31 34.60
N SER N 163 -10.82 -80.64 34.22
CA SER N 163 -9.74 -80.77 35.18
C SER N 163 -8.51 -80.21 34.50
N TYR N 164 -7.45 -79.99 35.26
CA TYR N 164 -6.23 -79.35 34.75
C TYR N 164 -5.65 -80.01 33.50
N ASP N 165 -5.86 -81.32 33.36
CA ASP N 165 -5.30 -82.09 32.26
C ASP N 165 -6.28 -82.28 31.11
N THR N 166 -7.45 -81.66 31.21
CA THR N 166 -8.43 -81.74 30.13
C THR N 166 -7.83 -81.11 28.87
N PRO N 167 -7.90 -81.82 27.72
CA PRO N 167 -7.41 -81.31 26.45
C PRO N 167 -8.12 -80.03 25.98
N LEU N 168 -7.41 -79.21 25.22
CA LEU N 168 -7.93 -77.91 24.78
C LEU N 168 -9.27 -78.03 24.08
N ASP N 169 -9.41 -78.99 23.18
CA ASP N 169 -10.65 -79.11 22.43
C ASP N 169 -11.87 -79.46 23.29
N GLN N 170 -11.69 -80.35 24.27
CA GLN N 170 -12.79 -80.68 25.16
C GLN N 170 -13.06 -79.55 26.16
N ALA N 171 -12.04 -78.83 26.58
CA ALA N 171 -12.25 -77.72 27.48
C ALA N 171 -13.12 -76.65 26.82
N MET N 172 -12.84 -76.35 25.55
CA MET N 172 -13.67 -75.40 24.78
C MET N 172 -15.07 -76.00 24.56
N GLN N 173 -15.15 -77.31 24.31
CA GLN N 173 -16.45 -77.99 24.21
C GLN N 173 -17.25 -77.83 25.51
N CYS N 174 -16.57 -77.95 26.64
CA CYS N 174 -17.16 -77.73 27.95
C CYS N 174 -17.65 -76.29 28.14
N ALA N 175 -16.82 -75.32 27.75
CA ALA N 175 -17.15 -73.91 27.84
C ALA N 175 -18.41 -73.61 27.02
N LEU N 176 -18.49 -74.19 25.83
CA LEU N 176 -19.63 -73.97 24.96
C LEU N 176 -20.92 -74.57 25.55
N ILE N 177 -20.83 -75.75 26.16
CA ILE N 177 -22.00 -76.37 26.80
C ILE N 177 -22.42 -75.51 27.99
N SER N 178 -21.41 -75.05 28.72
CA SER N 178 -21.61 -74.15 29.82
C SER N 178 -22.36 -72.89 29.37
N MET N 179 -21.97 -72.37 28.21
CA MET N 179 -22.65 -71.21 27.64
C MET N 179 -24.07 -71.60 27.24
N ASP N 180 -24.21 -72.78 26.63
CA ASP N 180 -25.51 -73.25 26.22
C ASP N 180 -26.52 -73.34 27.35
N SER N 181 -26.14 -73.94 28.47
CA SER N 181 -27.06 -74.02 29.62
C SER N 181 -27.41 -72.63 30.15
N THR N 182 -26.44 -71.72 30.07
CA THR N 182 -26.59 -70.34 30.54
C THR N 182 -27.48 -69.46 29.66
N LEU N 183 -27.25 -69.50 28.35
CA LEU N 183 -28.05 -68.78 27.38
C LEU N 183 -29.53 -69.08 27.56
N ARG N 184 -29.79 -70.36 27.83
CA ARG N 184 -31.13 -70.93 28.00
C ARG N 184 -31.86 -70.58 29.31
N SER N 185 -31.11 -70.24 30.36
CA SER N 185 -31.70 -70.13 31.71
C SER N 185 -31.79 -68.70 32.20
N ASN N 186 -31.06 -67.84 31.52
CA ASN N 186 -31.02 -66.45 31.89
C ASN N 186 -30.86 -65.67 30.60
N LEU N 187 -31.83 -64.82 30.31
CA LEU N 187 -31.86 -64.14 29.02
C LEU N 187 -31.01 -62.85 29.00
N SER N 188 -30.33 -62.54 30.10
CA SER N 188 -29.40 -61.40 30.17
C SER N 188 -28.05 -61.75 29.53
N VAL N 189 -27.89 -63.03 29.23
CA VAL N 189 -26.71 -63.54 28.56
C VAL N 189 -27.16 -63.83 27.14
N GLY N 190 -26.38 -63.43 26.15
CA GLY N 190 -26.83 -63.59 24.78
C GLY N 190 -25.75 -63.66 23.72
N LEU N 191 -26.12 -64.29 22.62
CA LEU N 191 -25.26 -64.39 21.46
C LEU N 191 -25.13 -63.00 20.84
N PRO N 192 -24.08 -62.75 20.04
CA PRO N 192 -23.01 -63.66 19.63
C PRO N 192 -22.03 -63.91 20.76
N LEU N 193 -21.21 -64.95 20.61
CA LEU N 193 -20.13 -65.26 21.55
C LEU N 193 -18.78 -64.89 20.96
N ASP N 194 -17.83 -64.61 21.83
CA ASP N 194 -16.44 -64.46 21.41
C ASP N 194 -15.66 -65.49 22.19
N VAL N 195 -14.97 -66.38 21.49
CA VAL N 195 -14.24 -67.41 22.19
C VAL N 195 -12.79 -67.43 21.71
N MET N 196 -11.91 -67.99 22.52
CA MET N 196 -10.52 -68.11 22.11
C MET N 196 -9.78 -69.31 22.71
N ILE N 197 -9.03 -70.01 21.85
CA ILE N 197 -8.13 -71.07 22.29
C ILE N 197 -6.69 -70.63 22.15
N TYR N 198 -5.93 -70.66 23.23
CA TYR N 198 -4.50 -70.37 23.17
C TYR N 198 -3.67 -71.63 23.50
N PRO N 199 -3.05 -72.25 22.49
CA PRO N 199 -2.19 -73.41 22.75
C PRO N 199 -0.88 -72.95 23.39
N LEU N 200 -0.36 -73.73 24.32
CA LEU N 200 0.88 -73.40 25.02
C LEU N 200 2.04 -72.99 24.10
N ASP N 201 2.70 -71.89 24.47
CA ASP N 201 3.91 -71.40 23.79
C ASP N 201 3.66 -70.92 22.33
N SER N 202 2.41 -70.77 21.95
CA SER N 202 2.05 -70.40 20.59
C SER N 202 2.15 -68.90 20.30
N PHE N 203 1.85 -68.07 21.30
CA PHE N 203 1.84 -66.61 21.15
C PHE N 203 1.06 -66.16 19.90
N SER N 204 -0.01 -66.89 19.61
CA SER N 204 -0.83 -66.60 18.44
C SER N 204 -2.27 -66.37 18.91
N THR N 205 -2.98 -65.44 18.28
CA THR N 205 -4.38 -65.21 18.60
C THR N 205 -5.28 -65.68 17.47
N GLU N 206 -4.76 -66.61 16.68
CA GLU N 206 -5.44 -67.06 15.46
C GLU N 206 -6.74 -67.80 15.70
N GLN N 207 -6.80 -68.58 16.77
CA GLN N 207 -8.00 -69.36 17.07
C GLN N 207 -8.93 -68.47 17.91
N GLN N 208 -9.30 -67.34 17.32
CA GLN N 208 -10.27 -66.40 17.86
C GLN N 208 -11.55 -66.42 17.05
N TYR N 209 -12.71 -66.52 17.69
CA TYR N 209 -13.95 -66.70 16.93
C TYR N 209 -15.14 -65.94 17.49
N ARG N 210 -15.97 -65.41 16.59
CA ARG N 210 -17.28 -64.90 16.96
C ARG N 210 -18.33 -65.95 16.60
N ILE N 211 -19.08 -66.42 17.59
CA ILE N 211 -20.08 -67.46 17.40
C ILE N 211 -21.47 -66.85 17.37
N THR N 212 -22.10 -66.83 16.20
CA THR N 212 -23.46 -66.30 16.11
C THR N 212 -24.49 -67.41 16.23
N GLU N 213 -25.76 -67.04 16.28
CA GLU N 213 -26.85 -68.03 16.34
C GLU N 213 -26.83 -68.94 15.12
N ASP N 214 -26.23 -68.45 14.03
CA ASP N 214 -26.17 -69.18 12.77
C ASP N 214 -24.93 -70.07 12.68
N HIS N 215 -24.06 -69.99 13.68
CA HIS N 215 -22.85 -70.81 13.68
C HIS N 215 -23.16 -72.32 13.71
N PRO N 216 -22.72 -73.05 12.67
CA PRO N 216 -23.04 -74.46 12.43
C PRO N 216 -22.60 -75.44 13.52
N TYR N 217 -21.34 -75.40 13.94
CA TYR N 217 -20.89 -76.33 14.97
C TYR N 217 -21.59 -76.04 16.27
N PHE N 218 -21.78 -74.76 16.59
CA PHE N 218 -22.44 -74.43 17.85
C PHE N 218 -23.87 -74.94 17.85
N MET N 219 -24.57 -74.82 16.72
CA MET N 219 -25.90 -75.42 16.61
C MET N 219 -25.81 -76.93 16.86
N MET N 220 -24.77 -77.55 16.32
CA MET N 220 -24.59 -78.99 16.39
C MET N 220 -24.35 -79.47 17.80
N ILE N 221 -23.43 -78.78 18.48
CA ILE N 221 -23.05 -79.19 19.82
C ILE N 221 -24.20 -78.99 20.82
N ARG N 222 -25.02 -77.95 20.63
CA ARG N 222 -26.15 -77.69 21.53
C ARG N 222 -27.25 -78.76 21.43
N LYS N 223 -27.59 -79.12 20.20
CA LYS N 223 -28.63 -80.08 19.88
C LYS N 223 -28.24 -81.51 20.29
N GLY N 224 -26.98 -81.89 20.04
CA GLY N 224 -26.46 -83.19 20.42
C GLY N 224 -26.47 -83.37 21.92
N TRP N 225 -26.03 -82.34 22.63
CA TRP N 225 -26.01 -82.33 24.09
C TRP N 225 -27.41 -82.33 24.67
N GLY N 226 -28.29 -81.52 24.09
CA GLY N 226 -29.66 -81.38 24.53
C GLY N 226 -30.36 -82.71 24.35
N GLU N 227 -30.19 -83.31 23.17
CA GLU N 227 -30.75 -84.63 22.87
C GLU N 227 -30.10 -85.71 23.75
N GLY N 228 -28.81 -85.60 23.97
CA GLY N 228 -28.13 -86.59 24.78
C GLY N 228 -28.72 -86.65 26.18
N LEU N 229 -28.97 -85.49 26.79
CA LEU N 229 -29.47 -85.46 28.16
C LEU N 229 -30.87 -86.04 28.29
N VAL N 230 -31.77 -85.75 27.36
CA VAL N 230 -33.12 -86.29 27.44
C VAL N 230 -33.07 -87.82 27.38
N SER N 231 -32.09 -88.36 26.65
CA SER N 231 -31.95 -89.82 26.54
C SER N 231 -31.50 -90.46 27.84
N ILE N 232 -30.51 -89.89 28.51
CA ILE N 232 -30.05 -90.41 29.80
C ILE N 232 -31.18 -90.35 30.80
N PHE N 233 -31.92 -89.26 30.74
CA PHE N 233 -33.05 -89.04 31.61
C PHE N 233 -34.11 -90.14 31.41
N ALA N 234 -34.39 -90.46 30.14
CA ALA N 234 -35.38 -91.46 29.77
C ALA N 234 -34.95 -92.87 30.15
N GLN N 235 -33.64 -93.10 30.21
CA GLN N 235 -33.11 -94.42 30.51
C GLN N 235 -32.92 -94.59 32.01
N LEU N 236 -33.27 -93.56 32.78
CA LEU N 236 -33.07 -93.64 34.22
C LEU N 236 -33.93 -94.73 34.85
N PRO N 237 -33.40 -95.37 35.90
CA PRO N 237 -34.19 -96.37 36.64
C PRO N 237 -35.44 -95.74 37.21
N GLY N 238 -36.53 -96.51 37.31
CA GLY N 238 -37.78 -95.99 37.80
C GLY N 238 -37.61 -95.48 39.21
N LEU N 239 -38.42 -94.51 39.60
CA LEU N 239 -38.30 -93.90 40.93
C LEU N 239 -38.54 -94.90 42.07
N LYS N 240 -37.60 -94.98 43.01
CA LYS N 240 -37.78 -95.81 44.20
C LYS N 240 -37.51 -95.01 45.48
N LEU N 241 -38.55 -94.34 45.97
CA LEU N 241 -38.45 -93.58 47.22
C LEU N 241 -38.82 -94.47 48.40
N THR O 1 -31.22 58.05 -89.52
CA THR O 1 -31.33 58.23 -88.08
C THR O 1 -30.68 59.50 -87.64
N TYR O 2 -31.50 60.41 -87.08
CA TYR O 2 -31.02 61.66 -86.50
C TYR O 2 -31.85 61.97 -85.28
N CYS O 3 -31.15 62.19 -84.17
CA CYS O 3 -31.78 62.60 -82.92
C CYS O 3 -31.04 63.81 -82.32
N VAL O 4 -31.80 64.71 -81.70
CA VAL O 4 -31.23 65.85 -80.98
C VAL O 4 -31.96 66.08 -79.66
N ALA O 5 -31.23 66.51 -78.63
CA ALA O 5 -31.82 66.87 -77.33
C ALA O 5 -31.21 68.18 -76.81
N MET O 6 -32.05 69.03 -76.22
CA MET O 6 -31.60 70.33 -75.77
C MET O 6 -31.93 70.59 -74.33
N ARG O 7 -30.94 71.00 -73.55
CA ARG O 7 -31.18 71.36 -72.16
C ARG O 7 -31.09 72.87 -71.93
N LEU O 8 -32.23 73.48 -71.62
CA LEU O 8 -32.31 74.92 -71.42
C LEU O 8 -32.72 75.21 -69.99
N SER O 9 -32.73 76.49 -69.62
CA SER O 9 -33.12 76.87 -68.27
C SER O 9 -34.57 76.50 -67.92
N SER O 10 -35.46 76.59 -68.92
CA SER O 10 -36.90 76.38 -68.69
C SER O 10 -37.41 74.94 -68.99
N GLY O 11 -36.53 74.08 -69.52
CA GLY O 11 -36.95 72.73 -69.87
C GLY O 11 -36.03 72.03 -70.85
N LEU O 12 -36.51 70.92 -71.41
CA LEU O 12 -35.78 70.14 -72.40
C LEU O 12 -36.61 70.00 -73.68
N ALA O 13 -35.96 69.96 -74.82
CA ALA O 13 -36.67 69.68 -76.06
C ALA O 13 -36.04 68.47 -76.72
N PHE O 14 -36.86 67.57 -77.25
CA PHE O 14 -36.35 66.39 -77.93
C PHE O 14 -36.95 66.26 -79.32
N ALA O 15 -36.13 65.77 -80.25
CA ALA O 15 -36.59 65.44 -81.58
C ALA O 15 -35.86 64.21 -82.14
N SER O 16 -36.62 63.25 -82.67
CA SER O 16 -36.10 62.04 -83.30
C SER O 16 -36.81 61.75 -84.61
N ASP O 17 -36.08 61.26 -85.62
CA ASP O 17 -36.73 60.74 -86.82
C ASP O 17 -37.11 59.27 -86.57
N SER O 18 -37.50 58.54 -87.61
CA SER O 18 -37.92 57.17 -87.44
C SER O 18 -37.37 56.20 -88.49
N ARG O 19 -36.71 56.74 -89.51
CA ARG O 19 -36.20 55.91 -90.59
C ARG O 19 -35.01 55.05 -90.22
N THR O 20 -35.11 53.75 -90.48
CA THR O 20 -34.04 52.82 -90.13
C THR O 20 -33.69 51.96 -91.35
N SER O 28 -38.71 51.91 -93.55
CA SER O 28 -38.80 51.11 -92.33
C SER O 28 -38.85 52.02 -91.10
N THR O 29 -39.96 51.93 -90.35
CA THR O 29 -40.18 52.76 -89.16
C THR O 29 -39.97 52.08 -87.80
N PHE O 30 -39.09 52.64 -86.99
CA PHE O 30 -38.90 52.18 -85.60
C PHE O 30 -38.70 53.39 -84.70
N ARG O 31 -39.29 53.35 -83.50
CA ARG O 31 -39.23 54.49 -82.57
C ARG O 31 -37.83 54.67 -81.95
N LYS O 32 -37.34 55.92 -81.98
CA LYS O 32 -36.00 56.25 -81.50
C LYS O 32 -36.05 57.26 -80.36
N LEU O 33 -37.21 57.33 -79.73
CA LEU O 33 -37.43 58.17 -78.56
C LEU O 33 -38.29 57.39 -77.59
N HIS O 34 -37.75 57.01 -76.44
CA HIS O 34 -38.50 56.18 -75.51
C HIS O 34 -38.66 56.89 -74.18
N LEU O 35 -39.76 56.60 -73.50
CA LEU O 35 -40.11 57.31 -72.26
C LEU O 35 -40.16 56.41 -71.04
N PHE O 36 -39.65 56.95 -69.95
CA PHE O 36 -39.76 56.29 -68.68
C PHE O 36 -40.41 57.28 -67.75
N GLN O 37 -41.67 57.04 -67.43
CA GLN O 37 -42.56 58.04 -66.84
C GLN O 37 -43.20 57.55 -65.55
N GLN O 38 -43.04 58.35 -64.50
CA GLN O 38 -43.76 58.16 -63.25
C GLN O 38 -44.41 59.48 -62.87
N PRO O 39 -45.73 59.61 -63.07
CA PRO O 39 -46.41 60.91 -62.88
C PRO O 39 -46.09 61.52 -61.53
N GLY O 40 -45.64 62.78 -61.54
CA GLY O 40 -45.29 63.50 -60.33
C GLY O 40 -43.92 63.21 -59.74
N GLU O 41 -43.20 62.25 -60.28
CA GLU O 41 -41.96 61.88 -59.62
C GLU O 41 -40.72 61.84 -60.55
N ARG O 42 -40.86 61.34 -61.78
CA ARG O 42 -39.74 61.35 -62.75
C ARG O 42 -40.21 61.24 -64.21
N THR O 43 -39.49 61.87 -65.12
CA THR O 43 -39.76 61.78 -66.56
C THR O 43 -38.43 61.60 -67.29
N LEU O 44 -38.20 60.44 -67.91
CA LEU O 44 -36.93 60.18 -68.62
C LEU O 44 -37.08 59.86 -70.12
N VAL O 45 -36.30 60.53 -70.96
CA VAL O 45 -36.33 60.28 -72.41
C VAL O 45 -35.01 59.67 -72.88
N VAL O 46 -35.09 58.54 -73.56
CA VAL O 46 -33.91 57.92 -74.16
C VAL O 46 -34.06 57.89 -75.66
N GLN O 47 -33.06 58.45 -76.35
CA GLN O 47 -33.01 58.51 -77.80
C GLN O 47 -31.87 57.66 -78.32
N SER O 48 -32.06 57.01 -79.46
CA SER O 48 -31.08 56.03 -79.93
C SER O 48 -30.61 56.28 -81.35
N ALA O 49 -29.34 55.99 -81.61
CA ALA O 49 -28.79 55.97 -82.97
C ALA O 49 -27.76 54.82 -83.07
N GLY O 50 -27.45 54.37 -84.28
CA GLY O 50 -26.52 53.27 -84.42
C GLY O 50 -27.20 51.91 -84.61
N ASN O 51 -26.50 50.84 -84.22
CA ASN O 51 -26.96 49.48 -84.47
C ASN O 51 -28.33 49.24 -83.89
N LEU O 52 -29.29 48.92 -84.76
CA LEU O 52 -30.66 48.76 -84.33
C LEU O 52 -30.81 47.59 -83.36
N ALA O 53 -30.14 46.47 -83.67
CA ALA O 53 -30.22 45.30 -82.80
C ALA O 53 -29.69 45.62 -81.42
N THR O 54 -28.58 46.34 -81.38
CA THR O 54 -27.95 46.67 -80.11
C THR O 54 -28.87 47.61 -79.30
N THR O 55 -29.36 48.68 -79.95
CA THR O 55 -30.23 49.67 -79.29
C THR O 55 -31.56 49.03 -78.87
N GLN O 56 -32.11 48.16 -79.72
CA GLN O 56 -33.37 47.48 -79.40
C GLN O 56 -33.22 46.57 -78.18
N SER O 57 -32.07 45.93 -78.06
CA SER O 57 -31.77 45.06 -76.92
C SER O 57 -31.57 45.87 -75.62
N ILE O 58 -30.85 46.99 -75.72
CA ILE O 58 -30.65 47.88 -74.57
C ILE O 58 -31.97 48.45 -74.06
N VAL O 59 -32.77 48.98 -74.99
CA VAL O 59 -34.06 49.56 -74.63
C VAL O 59 -34.94 48.50 -73.98
N SER O 60 -34.95 47.29 -74.54
CA SER O 60 -35.77 46.23 -73.98
C SER O 60 -35.34 45.86 -72.57
N LEU O 61 -34.03 45.75 -72.33
CA LEU O 61 -33.54 45.39 -71.00
C LEU O 61 -33.92 46.45 -69.97
N LEU O 62 -33.78 47.71 -70.35
CA LEU O 62 -34.11 48.82 -69.45
C LEU O 62 -35.61 48.87 -69.15
N GLN O 63 -36.46 48.64 -70.16
CA GLN O 63 -37.92 48.69 -69.98
C GLN O 63 -38.42 47.56 -69.08
N ARG O 64 -37.94 46.36 -69.36
CA ARG O 64 -38.33 45.14 -68.65
C ARG O 64 -37.81 45.08 -67.19
N ARG O 65 -36.61 45.60 -66.95
CA ARG O 65 -36.04 45.65 -65.59
C ARG O 65 -36.74 46.69 -64.72
N CYS O 66 -37.51 47.59 -65.34
CA CYS O 66 -38.28 48.57 -64.58
C CYS O 66 -39.32 47.92 -63.67
N LEU O 67 -39.70 46.68 -63.98
CA LEU O 67 -40.67 45.90 -63.18
C LEU O 67 -40.07 45.07 -62.05
N ASP O 68 -38.75 45.07 -61.93
CA ASP O 68 -38.08 44.32 -60.89
C ASP O 68 -37.47 45.27 -59.85
N PRO O 69 -38.07 45.32 -58.64
CA PRO O 69 -37.63 46.22 -57.57
C PRO O 69 -36.36 45.73 -56.88
N GLU O 70 -35.95 44.50 -57.17
CA GLU O 70 -34.76 43.89 -56.57
C GLU O 70 -33.51 44.15 -57.42
N GLN O 71 -33.67 44.94 -58.49
CA GLN O 71 -32.57 45.35 -59.36
C GLN O 71 -32.51 46.86 -59.46
N THR O 72 -31.33 47.38 -59.76
CA THR O 72 -31.18 48.79 -60.09
C THR O 72 -31.89 49.00 -61.44
N ASN O 73 -32.79 49.97 -61.49
CA ASN O 73 -33.52 50.19 -62.73
C ASN O 73 -33.83 51.67 -62.88
N LEU O 74 -34.40 52.06 -64.02
CA LEU O 74 -34.63 53.48 -64.28
C LEU O 74 -35.74 54.09 -63.41
N MET O 75 -36.50 53.26 -62.71
CA MET O 75 -37.55 53.75 -61.82
C MET O 75 -37.03 53.96 -60.39
N ASN O 76 -35.92 53.30 -60.06
CA ASN O 76 -35.38 53.44 -58.71
C ASN O 76 -33.99 54.10 -58.61
N VAL O 77 -33.42 54.58 -59.73
CA VAL O 77 -32.20 55.39 -59.62
C VAL O 77 -32.58 56.74 -59.04
N ALA O 78 -31.73 57.25 -58.14
CA ALA O 78 -31.99 58.48 -57.40
C ALA O 78 -31.75 59.78 -58.21
N SER O 79 -30.80 59.74 -59.14
CA SER O 79 -30.43 60.91 -59.94
C SER O 79 -30.21 60.53 -61.39
N MET O 80 -30.14 61.55 -62.25
CA MET O 80 -29.84 61.32 -63.67
C MET O 80 -28.44 60.75 -63.87
N TYR O 81 -27.53 61.10 -62.98
CA TYR O 81 -26.19 60.60 -63.09
C TYR O 81 -26.20 59.08 -62.88
N GLU O 82 -26.96 58.62 -61.89
CA GLU O 82 -27.07 57.19 -61.62
C GLU O 82 -27.76 56.47 -62.77
N ALA O 83 -28.67 57.18 -63.44
CA ALA O 83 -29.30 56.71 -64.67
C ALA O 83 -28.28 56.54 -65.81
N ALA O 84 -27.39 57.53 -65.97
CA ALA O 84 -26.37 57.44 -67.00
C ALA O 84 -25.43 56.26 -66.73
N THR O 85 -25.08 56.08 -65.46
CA THR O 85 -24.25 54.95 -65.04
C THR O 85 -24.94 53.59 -65.33
N LEU O 86 -26.25 53.52 -65.05
CA LEU O 86 -27.04 52.32 -65.32
C LEU O 86 -27.10 52.06 -66.82
N LEU O 87 -27.33 53.12 -67.58
CA LEU O 87 -27.36 53.03 -69.04
C LEU O 87 -26.03 52.56 -69.60
N GLY O 88 -24.94 53.18 -69.15
CA GLY O 88 -23.60 52.82 -69.57
C GLY O 88 -23.28 51.37 -69.23
N GLU O 89 -23.69 50.97 -68.05
CA GLU O 89 -23.50 49.60 -67.61
C GLU O 89 -24.29 48.60 -68.48
N THR O 90 -25.50 48.97 -68.89
CA THR O 90 -26.34 48.10 -69.74
C THR O 90 -25.77 48.01 -71.15
N VAL O 91 -25.21 49.12 -71.60
CA VAL O 91 -24.49 49.20 -72.85
C VAL O 91 -23.33 48.20 -72.86
N ARG O 92 -22.53 48.21 -71.78
CA ARG O 92 -21.37 47.34 -71.67
C ARG O 92 -21.81 45.87 -71.66
N GLU O 93 -22.93 45.59 -70.99
CA GLU O 93 -23.45 44.22 -70.87
C GLU O 93 -23.73 43.59 -72.25
N VAL O 94 -24.37 44.34 -73.14
CA VAL O 94 -24.71 43.86 -74.49
C VAL O 94 -23.41 43.67 -75.29
N ILE O 95 -22.41 44.48 -75.01
CA ILE O 95 -21.13 44.39 -75.69
C ILE O 95 -20.44 43.05 -75.48
N ASN O 96 -20.41 42.59 -74.23
CA ASN O 96 -19.75 41.33 -73.91
C ASN O 96 -20.42 40.04 -74.41
N ARG O 97 -21.75 40.01 -74.40
CA ARG O 97 -22.45 38.82 -74.89
C ARG O 97 -22.29 38.68 -76.41
N THR O 108 -17.26 49.31 -83.92
CA THR O 108 -17.89 50.15 -84.92
C THR O 108 -19.11 49.52 -85.60
N ASP O 109 -19.09 48.20 -85.81
CA ASP O 109 -20.20 47.52 -86.48
C ASP O 109 -21.45 47.58 -85.61
N PHE O 110 -21.29 47.20 -84.34
CA PHE O 110 -22.41 47.15 -83.39
C PHE O 110 -22.46 48.36 -82.45
N ASN O 111 -21.71 49.41 -82.76
CA ASN O 111 -21.66 50.56 -81.86
C ASN O 111 -22.95 51.38 -81.99
N CYS O 112 -23.42 51.93 -80.87
CA CYS O 112 -24.59 52.81 -80.88
C CYS O 112 -24.40 53.98 -79.92
N ASN O 113 -25.19 55.01 -80.12
CA ASN O 113 -25.18 56.15 -79.24
C ASN O 113 -26.54 56.41 -78.64
N LEU O 114 -26.53 56.89 -77.41
CA LEU O 114 -27.77 57.20 -76.72
C LEU O 114 -27.74 58.61 -76.16
N LEU O 115 -28.91 59.21 -76.09
CA LEU O 115 -29.12 60.44 -75.35
C LEU O 115 -30.06 60.10 -74.21
N LEU O 116 -29.76 60.60 -73.03
CA LEU O 116 -30.55 60.33 -71.84
C LEU O 116 -30.89 61.66 -71.24
N GLY O 117 -32.19 61.96 -71.18
CA GLY O 117 -32.62 63.25 -70.68
C GLY O 117 -33.90 63.21 -69.92
N GLY O 118 -34.08 64.18 -69.04
CA GLY O 118 -35.29 64.34 -68.28
C GLY O 118 -35.05 64.94 -66.92
N GLN O 119 -35.92 64.59 -65.98
CA GLN O 119 -35.82 65.11 -64.62
C GLN O 119 -36.32 64.06 -63.64
N ILE O 120 -35.57 63.91 -62.54
CA ILE O 120 -36.01 63.14 -61.39
C ILE O 120 -36.27 64.10 -60.26
N LYS O 121 -37.42 63.95 -59.61
CA LYS O 121 -37.86 64.88 -58.56
C LYS O 121 -36.76 64.99 -57.50
N GLY O 122 -36.41 66.22 -57.15
CA GLY O 122 -35.31 66.47 -56.26
C GLY O 122 -34.08 67.00 -56.99
N GLU O 123 -34.15 67.03 -58.32
CA GLU O 123 -33.06 67.50 -59.18
C GLU O 123 -33.53 68.43 -60.29
N GLY O 124 -32.59 69.16 -60.88
CA GLY O 124 -32.93 70.04 -61.99
C GLY O 124 -32.91 69.21 -63.25
N LEU O 125 -33.02 69.88 -64.38
CA LEU O 125 -32.96 69.20 -65.66
C LEU O 125 -31.55 68.65 -65.88
N ARG O 126 -31.46 67.42 -66.38
CA ARG O 126 -30.16 66.87 -66.73
C ARG O 126 -30.18 66.09 -68.07
N LEU O 127 -29.10 66.20 -68.82
CA LEU O 127 -29.00 65.58 -70.13
C LEU O 127 -27.59 65.00 -70.37
N PHE O 128 -27.54 63.72 -70.74
CA PHE O 128 -26.28 63.03 -70.95
C PHE O 128 -26.19 62.46 -72.37
N HIS O 129 -24.97 62.36 -72.88
CA HIS O 129 -24.70 61.63 -74.12
C HIS O 129 -23.91 60.36 -73.79
N ILE O 130 -24.50 59.20 -74.00
CA ILE O 130 -23.82 57.93 -73.69
C ILE O 130 -23.14 57.39 -74.93
N TYR O 131 -21.86 57.03 -74.80
CA TYR O 131 -21.07 56.53 -75.93
C TYR O 131 -21.14 55.03 -76.02
N PRO O 132 -20.78 54.47 -77.18
CA PRO O 132 -20.74 53.02 -77.37
C PRO O 132 -19.86 52.27 -76.35
N GLN O 133 -18.84 52.92 -75.78
CA GLN O 133 -18.02 52.22 -74.78
C GLN O 133 -18.74 52.19 -73.41
N GLY O 134 -19.84 52.92 -73.28
CA GLY O 134 -20.60 52.91 -72.06
C GLY O 134 -20.29 54.06 -71.12
N ASN O 135 -19.29 54.87 -71.45
CA ASN O 135 -19.06 56.08 -70.68
C ASN O 135 -19.90 57.19 -71.29
N PHE O 136 -19.88 58.36 -70.66
CA PHE O 136 -20.84 59.40 -71.02
C PHE O 136 -20.39 60.82 -70.64
N ILE O 137 -21.00 61.82 -71.29
CA ILE O 137 -20.78 63.22 -70.95
C ILE O 137 -22.11 63.92 -70.67
N GLU O 138 -22.02 65.07 -69.99
CA GLU O 138 -23.22 65.79 -69.59
C GLU O 138 -23.31 67.18 -70.24
N ALA O 139 -24.53 67.57 -70.60
CA ALA O 139 -24.75 68.89 -71.19
C ALA O 139 -24.60 69.97 -70.13
N THR O 140 -24.00 71.08 -70.49
CA THR O 140 -23.82 72.20 -69.57
C THR O 140 -24.40 73.47 -70.18
N GLN O 141 -24.23 74.58 -69.50
CA GLN O 141 -24.72 75.85 -70.04
C GLN O 141 -23.87 76.22 -71.25
N ASP O 142 -22.63 75.75 -71.27
CA ASP O 142 -21.73 76.04 -72.38
C ASP O 142 -21.98 75.13 -73.60
N THR O 143 -22.35 73.87 -73.36
CA THR O 143 -22.75 73.01 -74.49
C THR O 143 -24.12 72.45 -74.16
N PRO O 144 -25.18 73.19 -74.53
CA PRO O 144 -26.52 72.89 -74.04
C PRO O 144 -27.30 71.92 -74.89
N TYR O 145 -26.67 71.25 -75.84
CA TYR O 145 -27.39 70.27 -76.65
C TYR O 145 -26.50 69.13 -77.10
N PHE O 146 -27.13 68.01 -77.47
CA PHE O 146 -26.43 66.87 -78.07
C PHE O 146 -27.12 66.37 -79.34
N GLN O 147 -26.33 65.94 -80.31
CA GLN O 147 -26.89 65.33 -81.51
C GLN O 147 -26.32 63.94 -81.70
N ILE O 148 -27.15 63.00 -82.19
CA ILE O 148 -26.63 61.70 -82.58
C ILE O 148 -27.18 61.30 -83.95
N GLY O 149 -26.50 60.37 -84.63
CA GLY O 149 -26.87 59.99 -85.99
C GLY O 149 -26.30 60.96 -87.02
N GLU O 150 -27.02 61.17 -88.12
CA GLU O 150 -26.62 62.10 -89.20
C GLU O 150 -26.94 63.54 -88.80
N SER O 151 -25.99 64.20 -88.16
CA SER O 151 -26.30 65.43 -87.43
C SER O 151 -25.71 66.72 -88.01
N LYS O 152 -24.78 66.59 -88.95
CA LYS O 152 -24.04 67.75 -89.45
C LYS O 152 -24.93 68.71 -90.25
N TYR O 153 -25.90 68.17 -91.00
CA TYR O 153 -26.79 69.03 -91.77
C TYR O 153 -27.60 69.92 -90.86
N GLY O 154 -27.95 69.39 -89.68
CA GLY O 154 -28.88 70.05 -88.78
C GLY O 154 -28.19 70.87 -87.71
N LYS O 155 -26.86 70.91 -87.73
CA LYS O 155 -26.10 71.63 -86.72
C LYS O 155 -26.03 73.17 -86.88
N PRO O 156 -25.81 73.70 -88.12
CA PRO O 156 -25.63 75.16 -88.28
C PRO O 156 -26.77 76.03 -87.74
N ILE O 157 -28.01 75.62 -87.91
CA ILE O 157 -29.13 76.40 -87.38
C ILE O 157 -29.17 76.37 -85.83
N ILE O 158 -28.74 75.25 -85.23
CA ILE O 158 -28.71 75.16 -83.77
C ILE O 158 -27.67 76.10 -83.20
N ASP O 159 -26.50 76.13 -83.81
CA ASP O 159 -25.46 77.06 -83.41
C ASP O 159 -25.86 78.54 -83.63
N ARG O 160 -26.71 78.81 -84.63
CA ARG O 160 -27.05 80.21 -84.92
C ARG O 160 -28.08 80.80 -83.95
N VAL O 161 -29.04 79.97 -83.52
CA VAL O 161 -30.19 80.49 -82.78
C VAL O 161 -30.43 79.89 -81.39
N LEU O 162 -29.80 78.74 -81.10
CA LEU O 162 -30.01 78.07 -79.82
C LEU O 162 -28.99 78.51 -78.76
N SER O 163 -29.48 78.82 -77.58
CA SER O 163 -28.65 79.13 -76.43
C SER O 163 -29.29 78.53 -75.20
N TYR O 164 -28.57 78.48 -74.09
CA TYR O 164 -29.10 77.92 -72.86
C TYR O 164 -30.41 78.59 -72.42
N ASP O 165 -30.53 79.87 -72.71
CA ASP O 165 -31.67 80.66 -72.25
C ASP O 165 -32.76 80.82 -73.30
N THR O 166 -32.59 80.13 -74.42
CA THR O 166 -33.62 80.13 -75.44
C THR O 166 -34.87 79.49 -74.84
N PRO O 167 -36.02 80.16 -75.00
CA PRO O 167 -37.30 79.62 -74.55
C PRO O 167 -37.67 78.29 -75.23
N LEU O 168 -38.42 77.45 -74.53
CA LEU O 168 -38.78 76.10 -74.99
C LEU O 168 -39.40 76.05 -76.39
N ASP O 169 -40.28 77.00 -76.68
CA ASP O 169 -40.98 77.04 -77.97
C ASP O 169 -40.03 77.26 -79.15
N GLN O 170 -39.05 78.13 -78.97
CA GLN O 170 -38.08 78.41 -80.03
C GLN O 170 -37.07 77.29 -80.17
N ALA O 171 -36.76 76.65 -79.05
CA ALA O 171 -35.88 75.49 -79.09
C ALA O 171 -36.49 74.39 -79.95
N MET O 172 -37.79 74.13 -79.78
CA MET O 172 -38.45 73.11 -80.58
C MET O 172 -38.53 73.52 -82.06
N GLN O 173 -38.79 74.80 -82.33
CA GLN O 173 -38.77 75.30 -83.70
C GLN O 173 -37.40 75.10 -84.35
N CYS O 174 -36.35 75.38 -83.59
CA CYS O 174 -34.98 75.16 -84.04
C CYS O 174 -34.76 73.69 -84.37
N ALA O 175 -35.25 72.84 -83.46
CA ALA O 175 -35.16 71.39 -83.64
C ALA O 175 -35.86 70.94 -84.93
N LEU O 176 -37.04 71.49 -85.19
CA LEU O 176 -37.83 71.15 -86.36
C LEU O 176 -37.16 71.64 -87.65
N ILE O 177 -36.60 72.84 -87.62
CA ILE O 177 -35.86 73.34 -88.78
C ILE O 177 -34.60 72.50 -88.99
N SER O 178 -33.94 72.15 -87.89
CA SER O 178 -32.78 71.28 -87.96
C SER O 178 -33.15 69.97 -88.63
N MET O 179 -34.28 69.44 -88.21
CA MET O 179 -34.82 68.21 -88.75
C MET O 179 -35.17 68.38 -90.23
N ASP O 180 -35.79 69.52 -90.55
CA ASP O 180 -36.17 69.85 -91.92
C ASP O 180 -35.00 69.83 -92.92
N SER O 181 -33.92 70.54 -92.59
CA SER O 181 -32.73 70.58 -93.43
C SER O 181 -32.12 69.18 -93.60
N THR O 182 -32.25 68.36 -92.57
CA THR O 182 -31.67 67.04 -92.61
C THR O 182 -32.44 66.14 -93.56
N LEU O 183 -33.77 66.14 -93.43
CA LEU O 183 -34.65 65.37 -94.31
C LEU O 183 -34.38 65.76 -95.76
N ARG O 184 -34.16 67.06 -95.97
CA ARG O 184 -33.91 67.62 -97.29
C ARG O 184 -32.55 67.18 -97.84
N SER O 185 -31.65 66.81 -96.95
CA SER O 185 -30.25 66.62 -97.32
C SER O 185 -29.78 65.17 -97.31
N ASN O 186 -30.52 64.29 -96.64
CA ASN O 186 -30.10 62.91 -96.48
C ASN O 186 -31.29 61.94 -96.44
N LEU O 187 -31.34 60.95 -97.33
CA LEU O 187 -32.51 60.07 -97.37
C LEU O 187 -32.47 58.93 -96.33
N SER O 188 -31.41 58.86 -95.52
CA SER O 188 -31.36 57.87 -94.43
C SER O 188 -32.13 58.41 -93.23
N VAL O 189 -32.55 59.67 -93.35
CA VAL O 189 -33.34 60.33 -92.33
C VAL O 189 -34.77 60.46 -92.86
N GLY O 190 -35.78 60.08 -92.07
CA GLY O 190 -37.14 60.09 -92.56
C GLY O 190 -38.28 60.23 -91.57
N LEU O 191 -39.39 60.79 -92.06
CA LEU O 191 -40.62 60.94 -91.29
C LEU O 191 -41.27 59.55 -91.07
N PRO O 192 -42.09 59.40 -90.02
CA PRO O 192 -42.48 60.41 -89.02
C PRO O 192 -41.41 60.85 -88.00
N LEU O 193 -41.71 61.95 -87.33
CA LEU O 193 -40.86 62.43 -86.25
C LEU O 193 -41.53 62.09 -84.94
N ASP O 194 -40.70 61.98 -83.91
CA ASP O 194 -41.20 61.92 -82.56
C ASP O 194 -40.51 63.05 -81.82
N VAL O 195 -41.29 63.97 -81.29
CA VAL O 195 -40.73 65.12 -80.59
C VAL O 195 -41.34 65.23 -79.22
N MET O 196 -40.68 65.96 -78.34
CA MET O 196 -41.25 66.20 -77.02
C MET O 196 -40.69 67.48 -76.40
N ILE O 197 -41.59 68.26 -75.80
CA ILE O 197 -41.20 69.41 -75.00
C ILE O 197 -41.43 69.07 -73.54
N TYR O 198 -40.39 69.13 -72.73
CA TYR O 198 -40.56 68.87 -71.29
C TYR O 198 -40.34 70.13 -70.48
N PRO O 199 -41.44 70.72 -70.01
CA PRO O 199 -41.24 71.88 -69.15
C PRO O 199 -40.68 71.49 -67.80
N LEU O 200 -39.75 72.31 -67.27
CA LEU O 200 -39.12 72.12 -65.95
C LEU O 200 -40.17 71.88 -64.89
N ASP O 201 -39.92 70.86 -64.06
CA ASP O 201 -40.73 70.50 -62.89
C ASP O 201 -42.17 70.02 -63.20
N SER O 202 -42.47 69.72 -64.47
CA SER O 202 -43.80 69.26 -64.86
C SER O 202 -44.02 67.77 -64.64
N PHE O 203 -42.96 66.98 -64.81
CA PHE O 203 -43.03 65.53 -64.77
C PHE O 203 -44.14 65.06 -65.68
N SER O 204 -44.21 65.74 -66.82
CA SER O 204 -45.27 65.52 -67.77
C SER O 204 -44.79 65.09 -69.13
N THR O 205 -45.56 64.20 -69.76
CA THR O 205 -45.34 63.76 -71.12
C THR O 205 -46.46 64.30 -72.03
N GLU O 206 -47.10 65.39 -71.60
CA GLU O 206 -48.25 65.94 -72.34
C GLU O 206 -47.88 66.46 -73.72
N GLN O 207 -46.73 67.14 -73.80
CA GLN O 207 -46.29 67.74 -75.05
C GLN O 207 -45.37 66.79 -75.83
N GLN O 208 -45.82 65.56 -75.98
CA GLN O 208 -45.18 64.58 -76.84
C GLN O 208 -46.04 64.32 -78.06
N TYR O 209 -45.40 64.25 -79.22
CA TYR O 209 -46.11 64.24 -80.49
C TYR O 209 -45.45 63.33 -81.53
N ARG O 210 -46.27 62.71 -82.38
CA ARG O 210 -45.75 62.08 -83.60
C ARG O 210 -46.01 63.05 -84.76
N ILE O 211 -44.95 63.47 -85.48
CA ILE O 211 -45.10 64.41 -86.59
C ILE O 211 -45.05 63.67 -87.95
N THR O 212 -46.18 63.59 -88.65
CA THR O 212 -46.21 62.90 -89.94
C THR O 212 -46.00 63.86 -91.10
N GLU O 213 -45.96 63.28 -92.30
CA GLU O 213 -45.81 64.04 -93.53
C GLU O 213 -46.92 65.07 -93.60
N ASP O 214 -48.06 64.74 -93.00
CA ASP O 214 -49.27 65.53 -93.10
C ASP O 214 -49.47 66.55 -92.00
N HIS O 215 -48.59 66.54 -91.00
CA HIS O 215 -48.77 67.42 -89.85
C HIS O 215 -48.79 68.86 -90.34
N PRO O 216 -49.92 69.54 -90.13
CA PRO O 216 -50.18 70.89 -90.67
C PRO O 216 -49.17 71.91 -90.18
N TYR O 217 -48.86 71.95 -88.89
CA TYR O 217 -47.91 72.94 -88.41
C TYR O 217 -46.51 72.71 -88.92
N PHE O 218 -46.09 71.45 -88.98
CA PHE O 218 -44.77 71.14 -89.48
C PHE O 218 -44.69 71.59 -90.94
N MET O 219 -45.76 71.38 -91.70
CA MET O 219 -45.82 71.88 -93.08
C MET O 219 -45.67 73.39 -93.11
N MET O 220 -46.28 74.07 -92.15
CA MET O 220 -46.26 75.51 -92.10
C MET O 220 -44.86 76.09 -91.83
N ILE O 221 -44.15 75.54 -90.85
CA ILE O 221 -42.84 76.07 -90.49
C ILE O 221 -41.80 75.79 -91.57
N ARG O 222 -41.93 74.67 -92.29
CA ARG O 222 -41.01 74.35 -93.40
C ARG O 222 -41.20 75.39 -94.52
N LYS O 223 -42.46 75.69 -94.80
CA LYS O 223 -42.84 76.63 -95.86
C LYS O 223 -42.34 78.04 -95.57
N GLY O 224 -42.50 78.46 -94.32
CA GLY O 224 -42.06 79.77 -93.90
C GLY O 224 -40.55 79.90 -93.99
N TRP O 225 -39.87 78.87 -93.50
CA TRP O 225 -38.43 78.89 -93.43
C TRP O 225 -37.80 78.92 -94.82
N GLY O 226 -38.28 78.07 -95.73
CA GLY O 226 -37.73 77.99 -97.07
C GLY O 226 -37.90 79.30 -97.82
N GLU O 227 -39.10 79.84 -97.75
CA GLU O 227 -39.43 81.11 -98.39
C GLU O 227 -38.72 82.25 -97.68
N GLY O 228 -38.57 82.17 -96.37
CA GLY O 228 -37.88 83.20 -95.64
C GLY O 228 -36.43 83.34 -96.07
N LEU O 229 -35.75 82.20 -96.25
CA LEU O 229 -34.35 82.19 -96.63
C LEU O 229 -34.20 82.73 -98.04
N VAL O 230 -35.08 82.26 -98.93
CA VAL O 230 -35.03 82.67 -100.33
C VAL O 230 -35.15 84.19 -100.47
N SER O 231 -35.90 84.83 -99.58
CA SER O 231 -36.05 86.29 -99.56
C SER O 231 -34.79 87.00 -99.06
N ILE O 232 -34.17 86.47 -98.01
CA ILE O 232 -32.90 87.06 -97.56
C ILE O 232 -31.87 86.93 -98.68
N PHE O 233 -31.86 85.77 -99.31
CA PHE O 233 -30.92 85.51 -100.39
C PHE O 233 -31.14 86.44 -101.55
N ALA O 234 -32.39 86.65 -101.96
CA ALA O 234 -32.61 87.53 -103.12
C ALA O 234 -32.27 88.97 -102.80
N GLN O 235 -32.44 89.36 -101.53
CA GLN O 235 -32.23 90.75 -101.18
C GLN O 235 -30.81 91.05 -100.67
N LEU O 236 -29.92 90.07 -100.73
CA LEU O 236 -28.54 90.31 -100.35
C LEU O 236 -27.93 91.34 -101.30
N PRO O 237 -26.99 92.17 -100.81
CA PRO O 237 -26.27 93.12 -101.67
C PRO O 237 -25.52 92.43 -102.81
N GLY O 238 -25.38 93.09 -103.96
CA GLY O 238 -24.73 92.49 -105.13
C GLY O 238 -23.27 92.09 -104.94
N LEU O 239 -22.86 91.03 -105.66
CA LEU O 239 -21.54 90.43 -105.49
C LEU O 239 -20.39 91.39 -105.78
N LYS O 240 -19.48 91.53 -104.83
CA LYS O 240 -18.33 92.39 -105.06
C LYS O 240 -17.04 91.69 -104.64
N LEU O 241 -16.46 90.90 -105.53
CA LEU O 241 -15.24 90.18 -105.22
C LEU O 241 -13.98 90.96 -105.57
N GLY O 242 -14.14 92.13 -106.18
CA GLY O 242 -13.00 92.89 -106.67
C GLY O 242 -12.41 93.87 -105.67
N THR P 1 -10.82 71.59 -94.31
CA THR P 1 -10.88 71.26 -95.73
C THR P 1 -12.33 71.16 -96.20
N TYR P 2 -12.73 72.11 -97.03
CA TYR P 2 -14.03 72.04 -97.70
C TYR P 2 -13.93 72.72 -99.07
N CYS P 3 -14.28 71.99 -100.12
CA CYS P 3 -14.32 72.54 -101.47
C CYS P 3 -15.67 72.23 -102.14
N VAL P 4 -16.17 73.18 -102.91
CA VAL P 4 -17.41 73.00 -103.64
C VAL P 4 -17.22 73.57 -105.06
N ALA P 5 -17.86 72.93 -106.04
CA ALA P 5 -17.88 73.41 -107.42
C ALA P 5 -19.28 73.34 -107.98
N MET P 6 -19.68 74.36 -108.73
CA MET P 6 -21.03 74.41 -109.30
C MET P 6 -20.98 74.55 -110.80
N ARG P 7 -21.71 73.67 -111.49
CA ARG P 7 -21.81 73.76 -112.93
C ARG P 7 -23.19 74.26 -113.34
N LEU P 8 -23.24 75.48 -113.88
CA LEU P 8 -24.49 76.16 -114.19
C LEU P 8 -24.64 76.39 -115.68
N SER P 9 -25.80 76.86 -116.12
CA SER P 9 -25.97 77.10 -117.55
C SER P 9 -25.00 78.16 -118.13
N SER P 10 -24.69 79.21 -117.36
CA SER P 10 -23.85 80.32 -117.88
C SER P 10 -22.38 80.21 -117.50
N GLY P 11 -22.01 79.22 -116.70
CA GLY P 11 -20.62 79.10 -116.30
C GLY P 11 -20.38 78.21 -115.10
N LEU P 12 -19.18 78.29 -114.53
CA LEU P 12 -18.86 77.49 -113.36
C LEU P 12 -18.44 78.39 -112.20
N ALA P 13 -18.79 77.98 -110.98
CA ALA P 13 -18.30 78.63 -109.78
C ALA P 13 -17.60 77.60 -108.88
N PHE P 14 -16.42 77.99 -108.38
CA PHE P 14 -15.60 77.15 -107.53
C PHE P 14 -15.27 77.88 -106.27
N ALA P 15 -15.27 77.18 -105.14
CA ALA P 15 -14.80 77.77 -103.88
C ALA P 15 -14.13 76.72 -102.99
N SER P 16 -12.96 77.07 -102.43
CA SER P 16 -12.24 76.20 -101.50
C SER P 16 -11.74 77.00 -100.31
N ASP P 17 -11.72 76.35 -99.13
CA ASP P 17 -11.05 76.93 -97.96
C ASP P 17 -9.55 76.57 -98.05
N SER P 18 -8.84 76.75 -96.94
CA SER P 18 -7.40 76.47 -96.92
C SER P 18 -6.89 75.74 -95.64
N ARG P 19 -7.77 75.51 -94.66
CA ARG P 19 -7.34 74.88 -93.43
C ARG P 19 -7.08 73.40 -93.73
N THR P 20 -5.88 72.97 -93.37
CA THR P 20 -5.37 71.65 -93.76
C THR P 20 -4.81 70.89 -92.57
N ASN P 21 -5.07 69.59 -92.54
CA ASN P 21 -4.46 68.76 -91.51
C ASN P 21 -3.24 68.05 -92.10
N ALA P 22 -2.04 68.57 -91.82
CA ALA P 22 -0.83 67.99 -92.40
C ALA P 22 -0.25 66.95 -91.45
N GLY P 23 -0.11 67.37 -90.20
CA GLY P 23 0.42 66.53 -89.14
C GLY P 23 -0.56 66.51 -87.99
N VAL P 24 -0.20 65.76 -86.94
CA VAL P 24 -1.02 65.62 -85.74
C VAL P 24 -1.28 67.01 -85.12
N ASP P 25 -0.21 67.77 -84.96
CA ASP P 25 -0.29 69.11 -84.40
C ASP P 25 0.10 70.16 -85.45
N HIS P 26 -0.01 69.77 -86.72
CA HIS P 26 0.33 70.65 -87.83
C HIS P 26 -0.86 70.93 -88.74
N ILE P 27 -1.71 71.83 -88.26
CA ILE P 27 -2.85 72.34 -88.99
C ILE P 27 -2.49 73.71 -89.56
N SER P 28 -2.41 73.81 -90.89
CA SER P 28 -1.83 74.97 -91.55
C SER P 28 -2.70 75.40 -92.70
N THR P 29 -2.24 76.46 -93.39
CA THR P 29 -2.93 77.05 -94.54
C THR P 29 -2.27 76.56 -95.84
N PHE P 30 -3.07 75.89 -96.69
CA PHE P 30 -2.62 75.38 -97.99
C PHE P 30 -3.69 75.61 -99.07
N ARG P 31 -3.25 75.96 -100.29
N ARG P 31 -3.26 75.99 -100.27
CA ARG P 31 -4.17 76.21 -101.40
CA ARG P 31 -4.21 76.23 -101.35
C ARG P 31 -4.84 74.90 -101.84
C ARG P 31 -4.85 74.91 -101.78
N LYS P 32 -6.15 74.95 -102.05
CA LYS P 32 -6.91 73.76 -102.45
C LYS P 32 -7.62 73.96 -103.78
N LEU P 33 -7.14 74.93 -104.58
CA LEU P 33 -7.67 75.24 -105.91
C LEU P 33 -6.51 75.57 -106.87
N HIS P 34 -6.29 74.72 -107.88
CA HIS P 34 -5.16 74.93 -108.80
C HIS P 34 -5.60 75.01 -110.26
N LEU P 35 -4.85 75.76 -111.06
CA LEU P 35 -5.30 76.09 -112.42
C LEU P 35 -4.41 75.52 -113.50
N PHE P 36 -5.07 74.99 -114.54
CA PHE P 36 -4.46 74.51 -115.77
C PHE P 36 -5.10 75.23 -116.96
N GLN P 37 -4.32 76.11 -117.56
CA GLN P 37 -4.82 77.13 -118.49
C GLN P 37 -4.09 77.08 -119.82
N GLN P 38 -4.85 77.09 -120.90
CA GLN P 38 -4.28 77.32 -122.23
C GLN P 38 -5.08 78.46 -122.82
N PRO P 39 -4.48 79.66 -122.84
CA PRO P 39 -5.22 80.87 -123.21
C PRO P 39 -5.98 80.71 -124.51
N GLY P 40 -7.29 80.95 -124.46
CA GLY P 40 -8.11 80.82 -125.65
C GLY P 40 -8.52 79.42 -126.04
N GLU P 41 -8.11 78.38 -125.29
CA GLU P 41 -8.41 77.00 -125.72
C GLU P 41 -8.97 76.06 -124.63
N ARG P 42 -8.48 76.17 -123.40
CA ARG P 42 -8.99 75.34 -122.30
C ARG P 42 -8.70 75.97 -120.95
N THR P 43 -9.58 75.72 -120.00
CA THR P 43 -9.39 76.18 -118.64
C THR P 43 -9.82 75.09 -117.65
N LEU P 44 -8.89 74.57 -116.85
CA LEU P 44 -9.23 73.49 -115.90
C LEU P 44 -9.00 73.85 -114.46
N VAL P 45 -9.96 73.54 -113.60
CA VAL P 45 -9.80 73.80 -112.17
C VAL P 45 -9.76 72.50 -111.40
N VAL P 46 -8.75 72.34 -110.56
CA VAL P 46 -8.72 71.16 -109.72
C VAL P 46 -8.75 71.57 -108.24
N GLN P 47 -9.69 70.98 -107.50
CA GLN P 47 -9.81 71.22 -106.07
C GLN P 47 -9.45 69.95 -105.30
N SER P 48 -8.74 70.11 -104.18
CA SER P 48 -8.17 68.96 -103.45
C SER P 48 -8.74 68.80 -102.06
N ALA P 49 -8.96 67.55 -101.67
CA ALA P 49 -9.34 67.19 -100.31
C ALA P 49 -8.72 65.84 -100.02
N GLY P 50 -8.56 65.55 -98.73
CA GLY P 50 -7.91 64.34 -98.29
C GLY P 50 -6.46 64.64 -97.97
N ASN P 51 -5.64 63.61 -98.04
CA ASN P 51 -4.23 63.65 -97.68
C ASN P 51 -3.46 64.68 -98.48
N LEU P 52 -2.84 65.62 -97.77
CA LEU P 52 -2.12 66.73 -98.40
C LEU P 52 -0.95 66.26 -99.23
N ALA P 53 -0.20 65.29 -98.68
CA ALA P 53 0.94 64.72 -99.38
C ALA P 53 0.47 64.06 -100.68
N THR P 54 -0.68 63.38 -100.62
CA THR P 54 -1.26 62.75 -101.80
C THR P 54 -1.73 63.76 -102.88
N THR P 55 -2.52 64.75 -102.50
CA THR P 55 -3.01 65.75 -103.47
C THR P 55 -1.88 66.62 -104.02
N GLN P 56 -0.91 66.96 -103.18
CA GLN P 56 0.19 67.79 -103.64
C GLN P 56 1.01 67.07 -104.69
N SER P 57 1.22 65.77 -104.50
CA SER P 57 1.98 64.98 -105.47
C SER P 57 1.24 64.90 -106.81
N ILE P 58 -0.07 64.71 -106.72
CA ILE P 58 -0.91 64.62 -107.91
C ILE P 58 -0.82 65.90 -108.71
N VAL P 59 -1.02 67.03 -108.03
CA VAL P 59 -0.95 68.37 -108.64
C VAL P 59 0.46 68.62 -109.21
N SER P 60 1.50 68.30 -108.44
CA SER P 60 2.88 68.48 -108.89
C SER P 60 3.20 67.63 -110.13
N LEU P 61 2.72 66.40 -110.14
CA LEU P 61 2.94 65.53 -111.28
C LEU P 61 2.22 66.04 -112.55
N LEU P 62 1.00 66.55 -112.39
CA LEU P 62 0.22 67.05 -113.50
C LEU P 62 0.85 68.31 -114.09
N GLN P 63 1.35 69.18 -113.23
CA GLN P 63 1.99 70.41 -113.70
C GLN P 63 3.27 70.08 -114.45
N ARG P 64 4.05 69.14 -113.92
CA ARG P 64 5.29 68.73 -114.58
C ARG P 64 5.03 68.09 -115.96
N ARG P 65 4.00 67.25 -116.06
CA ARG P 65 3.72 66.56 -117.31
C ARG P 65 3.11 67.43 -118.42
N CYS P 66 2.54 68.56 -118.02
CA CYS P 66 2.02 69.52 -118.98
C CYS P 66 3.14 70.10 -119.87
N LEU P 67 4.36 70.07 -119.35
CA LEU P 67 5.55 70.58 -120.04
C LEU P 67 6.17 69.50 -120.93
N ASP P 68 5.63 68.29 -120.86
CA ASP P 68 6.11 67.19 -121.68
C ASP P 68 5.06 66.87 -122.73
N PRO P 69 5.35 67.23 -123.99
CA PRO P 69 4.38 67.08 -125.08
C PRO P 69 4.26 65.65 -125.61
N GLU P 70 5.18 64.77 -125.24
CA GLU P 70 5.15 63.39 -125.73
C GLU P 70 4.44 62.38 -124.81
N GLN P 71 3.87 62.86 -123.71
CA GLN P 71 3.04 62.01 -122.84
C GLN P 71 1.71 62.70 -122.60
N THR P 72 0.69 61.92 -122.24
CA THR P 72 -0.62 62.45 -121.93
C THR P 72 -0.57 63.42 -120.75
N ASN P 73 -1.10 64.62 -120.97
CA ASN P 73 -1.14 65.62 -119.91
C ASN P 73 -2.42 66.43 -120.08
N LEU P 74 -2.69 67.32 -119.14
CA LEU P 74 -3.95 68.02 -119.16
C LEU P 74 -4.02 69.00 -120.33
N MET P 75 -2.88 69.26 -120.98
CA MET P 75 -2.84 70.19 -122.10
C MET P 75 -3.14 69.50 -123.42
N ASN P 76 -2.94 68.20 -123.48
CA ASN P 76 -3.18 67.53 -124.74
C ASN P 76 -4.32 66.49 -124.73
N VAL P 77 -5.04 66.33 -123.63
CA VAL P 77 -6.23 65.46 -123.67
C VAL P 77 -7.33 66.12 -124.50
N ALA P 78 -8.06 65.28 -125.24
CA ALA P 78 -9.14 65.68 -126.17
C ALA P 78 -10.45 66.04 -125.50
N SER P 79 -10.69 65.52 -124.32
CA SER P 79 -11.94 65.80 -123.63
C SER P 79 -11.77 66.01 -122.13
N MET P 80 -12.76 66.61 -121.49
CA MET P 80 -12.75 66.71 -120.03
C MET P 80 -12.86 65.32 -119.41
N TYR P 81 -13.54 64.41 -120.12
CA TYR P 81 -13.68 63.04 -119.66
C TYR P 81 -12.29 62.37 -119.65
N GLU P 82 -11.47 62.62 -120.66
CA GLU P 82 -10.13 62.01 -120.72
C GLU P 82 -9.27 62.59 -119.62
N ALA P 83 -9.53 63.87 -119.33
CA ALA P 83 -8.87 64.57 -118.24
C ALA P 83 -9.21 63.94 -116.90
N ALA P 84 -10.50 63.64 -116.70
CA ALA P 84 -10.96 62.96 -115.49
C ALA P 84 -10.32 61.56 -115.38
N THR P 85 -10.23 60.87 -116.52
CA THR P 85 -9.56 59.58 -116.56
C THR P 85 -8.09 59.74 -116.16
N LEU P 86 -7.47 60.82 -116.64
CA LEU P 86 -6.06 61.10 -116.35
C LEU P 86 -5.86 61.40 -114.87
N LEU P 87 -6.77 62.18 -114.27
CA LEU P 87 -6.66 62.48 -112.85
C LEU P 87 -6.74 61.20 -112.03
N GLY P 88 -7.71 60.35 -112.39
CA GLY P 88 -7.92 59.07 -111.72
C GLY P 88 -6.69 58.18 -111.78
N GLU P 89 -6.02 58.17 -112.94
CA GLU P 89 -4.78 57.42 -113.12
C GLU P 89 -3.65 57.97 -112.26
N THR P 90 -3.58 59.27 -112.11
CA THR P 90 -2.52 59.89 -111.32
C THR P 90 -2.76 59.64 -109.83
N VAL P 91 -4.03 59.71 -109.45
CA VAL P 91 -4.44 59.43 -108.09
C VAL P 91 -3.96 58.02 -107.72
N ARG P 92 -4.23 57.05 -108.60
CA ARG P 92 -3.78 55.68 -108.35
C ARG P 92 -2.25 55.59 -108.30
N GLU P 93 -1.59 56.26 -109.24
CA GLU P 93 -0.15 56.22 -109.27
C GLU P 93 0.46 56.72 -107.94
N VAL P 94 0.00 57.86 -107.45
CA VAL P 94 0.56 58.48 -106.25
C VAL P 94 0.26 57.66 -104.99
N ILE P 95 -0.96 57.14 -104.87
CA ILE P 95 -1.33 56.32 -103.72
C ILE P 95 -0.55 54.99 -103.71
N ASN P 96 -0.36 54.39 -104.87
CA ASN P 96 0.38 53.13 -104.94
C ASN P 96 1.88 53.29 -104.61
N ARG P 97 2.48 54.40 -105.02
CA ARG P 97 3.87 54.69 -104.72
C ARG P 97 4.05 54.92 -103.22
N ASP P 98 3.24 55.85 -102.70
CA ASP P 98 3.31 56.28 -101.30
C ASP P 98 2.85 55.26 -100.24
N SER P 99 1.95 54.36 -100.59
CA SER P 99 1.47 53.41 -99.59
C SER P 99 2.36 52.17 -99.49
N GLY P 100 3.55 52.26 -100.08
CA GLY P 100 4.52 51.19 -100.00
C GLY P 100 4.56 50.32 -101.25
N THR P 108 -6.80 53.92 -96.18
CA THR P 108 -7.46 55.23 -96.35
C THR P 108 -6.56 56.39 -95.88
N ASP P 109 -5.35 56.06 -95.41
CA ASP P 109 -4.42 57.07 -94.91
C ASP P 109 -4.02 58.02 -96.00
N PHE P 110 -3.79 57.46 -97.19
CA PHE P 110 -3.29 58.24 -98.29
C PHE P 110 -4.39 58.67 -99.23
N ASN P 111 -5.63 58.48 -98.81
CA ASN P 111 -6.77 58.77 -99.70
C ASN P 111 -7.01 60.26 -99.90
N CYS P 112 -7.51 60.59 -101.09
CA CYS P 112 -7.90 61.94 -101.41
C CYS P 112 -9.18 61.95 -102.25
N ASN P 113 -9.85 63.09 -102.27
CA ASN P 113 -10.93 63.33 -103.22
C ASN P 113 -10.64 64.56 -104.02
N LEU P 114 -11.01 64.54 -105.30
CA LEU P 114 -10.74 65.67 -106.19
C LEU P 114 -11.99 66.12 -106.96
N LEU P 115 -12.03 67.41 -107.26
CA LEU P 115 -13.00 67.96 -108.19
C LEU P 115 -12.24 68.45 -109.42
N LEU P 116 -12.78 68.19 -110.61
CA LEU P 116 -12.20 68.64 -111.86
C LEU P 116 -13.28 69.39 -112.65
N GLY P 117 -13.06 70.66 -112.95
CA GLY P 117 -14.06 71.44 -113.67
C GLY P 117 -13.46 72.43 -114.63
N GLY P 118 -14.22 72.77 -115.67
CA GLY P 118 -13.76 73.75 -116.63
C GLY P 118 -14.30 73.52 -118.03
N GLN P 119 -13.53 73.95 -119.02
CA GLN P 119 -13.94 73.86 -120.41
C GLN P 119 -12.77 73.70 -121.36
N ILE P 120 -12.95 72.77 -122.28
CA ILE P 120 -12.06 72.63 -123.42
C ILE P 120 -12.81 73.02 -124.69
N LYS P 121 -12.18 73.86 -125.53
CA LYS P 121 -12.76 74.38 -126.76
C LYS P 121 -13.31 73.25 -127.63
N GLY P 122 -14.55 73.36 -128.07
CA GLY P 122 -15.18 72.31 -128.84
C GLY P 122 -16.18 71.49 -128.02
N GLU P 123 -16.25 71.78 -126.72
CA GLU P 123 -17.12 71.05 -125.78
C GLU P 123 -17.79 72.07 -124.81
N GLY P 124 -18.84 71.66 -124.11
CA GLY P 124 -19.48 72.55 -123.15
C GLY P 124 -18.76 72.48 -121.80
N LEU P 125 -19.36 73.05 -120.77
CA LEU P 125 -18.76 72.96 -119.43
C LEU P 125 -18.87 71.55 -118.88
N ARG P 126 -17.81 71.05 -118.26
CA ARG P 126 -17.87 69.75 -117.61
C ARG P 126 -17.25 69.75 -116.24
N LEU P 127 -17.86 69.00 -115.34
CA LEU P 127 -17.46 68.94 -113.94
C LEU P 127 -17.48 67.51 -113.39
N PHE P 128 -16.36 67.09 -112.78
CA PHE P 128 -16.24 65.74 -112.25
C PHE P 128 -15.83 65.70 -110.78
N HIS P 129 -16.25 64.63 -110.11
CA HIS P 129 -15.73 64.29 -108.77
C HIS P 129 -14.88 63.02 -108.89
N ILE P 130 -13.59 63.13 -108.59
CA ILE P 130 -12.71 61.97 -108.69
C ILE P 130 -12.52 61.31 -107.32
N TYR P 131 -12.75 59.99 -107.25
CA TYR P 131 -12.64 59.22 -106.00
C TYR P 131 -11.27 58.56 -105.82
N PRO P 132 -10.93 58.19 -104.57
CA PRO P 132 -9.64 57.56 -104.29
C PRO P 132 -9.36 56.30 -105.12
N GLN P 133 -10.40 55.58 -105.54
CA GLN P 133 -10.19 54.37 -106.35
C GLN P 133 -9.84 54.70 -107.81
N GLY P 134 -9.97 55.97 -108.17
CA GLY P 134 -9.59 56.41 -109.51
C GLY P 134 -10.71 56.51 -110.52
N ASN P 135 -11.90 56.03 -110.14
CA ASN P 135 -13.10 56.25 -110.94
C ASN P 135 -13.75 57.59 -110.54
N PHE P 136 -14.82 57.96 -111.22
CA PHE P 136 -15.39 59.29 -111.09
C PHE P 136 -16.83 59.34 -111.54
N ILE P 137 -17.53 60.41 -111.15
CA ILE P 137 -18.87 60.72 -111.65
C ILE P 137 -18.89 62.12 -112.23
N GLU P 138 -19.87 62.37 -113.10
CA GLU P 138 -19.99 63.64 -113.81
C GLU P 138 -21.28 64.39 -113.37
N ALA P 139 -21.16 65.72 -113.28
CA ALA P 139 -22.25 66.58 -112.85
C ALA P 139 -23.40 66.62 -113.85
N THR P 140 -24.62 66.72 -113.32
CA THR P 140 -25.81 66.80 -114.17
C THR P 140 -26.54 68.11 -113.93
N GLN P 141 -27.61 68.36 -114.68
CA GLN P 141 -28.42 69.57 -114.50
C GLN P 141 -29.28 69.54 -113.26
N ASP P 142 -29.69 68.34 -112.90
CA ASP P 142 -30.52 68.11 -111.73
C ASP P 142 -29.70 68.18 -110.44
N THR P 143 -28.43 67.78 -110.49
CA THR P 143 -27.54 68.01 -109.35
C THR P 143 -26.27 68.72 -109.88
N PRO P 144 -26.34 70.06 -109.94
CA PRO P 144 -25.41 70.96 -110.62
C PRO P 144 -24.17 71.35 -109.79
N TYR P 145 -23.88 70.54 -108.78
CA TYR P 145 -22.71 70.72 -107.94
C TYR P 145 -22.11 69.42 -107.38
N PHE P 146 -20.87 69.53 -106.93
CA PHE P 146 -20.17 68.50 -106.19
C PHE P 146 -19.53 69.13 -104.98
N GLN P 147 -19.44 68.36 -103.90
CA GLN P 147 -18.67 68.79 -102.72
C GLN P 147 -17.67 67.70 -102.33
N ILE P 148 -16.53 68.13 -101.82
CA ILE P 148 -15.55 67.25 -101.19
C ILE P 148 -15.19 67.88 -99.85
N GLY P 149 -14.60 67.06 -98.97
CA GLY P 149 -14.21 67.47 -97.63
C GLY P 149 -15.35 67.47 -96.61
N GLU P 150 -15.22 68.36 -95.62
CA GLU P 150 -16.23 68.47 -94.58
C GLU P 150 -17.40 69.26 -95.18
N SER P 151 -18.33 68.52 -95.78
CA SER P 151 -19.24 69.11 -96.74
C SER P 151 -20.70 69.21 -96.32
N LYS P 152 -21.10 68.45 -95.31
CA LYS P 152 -22.53 68.32 -94.99
C LYS P 152 -23.12 69.60 -94.37
N TYR P 153 -22.33 70.39 -93.65
CA TYR P 153 -22.85 71.62 -93.04
C TYR P 153 -23.32 72.60 -94.09
N GLY P 154 -22.66 72.61 -95.24
CA GLY P 154 -22.91 73.62 -96.24
C GLY P 154 -23.84 73.15 -97.32
N LYS P 155 -24.32 71.91 -97.20
CA LYS P 155 -25.19 71.34 -98.23
C LYS P 155 -26.64 71.87 -98.25
N PRO P 156 -27.28 72.04 -97.07
CA PRO P 156 -28.66 72.50 -97.17
C PRO P 156 -28.86 73.82 -97.91
N ILE P 157 -27.99 74.80 -97.70
CA ILE P 157 -28.24 76.08 -98.34
C ILE P 157 -28.12 75.92 -99.86
N ILE P 158 -27.23 75.04 -100.30
CA ILE P 158 -27.07 74.84 -101.74
C ILE P 158 -28.30 74.20 -102.36
N ASP P 159 -28.82 73.17 -101.69
CA ASP P 159 -30.01 72.50 -102.18
C ASP P 159 -31.17 73.48 -102.19
N ARG P 160 -31.09 74.45 -101.29
CA ARG P 160 -32.19 75.36 -101.12
C ARG P 160 -32.20 76.49 -102.16
N VAL P 161 -31.06 76.99 -102.61
CA VAL P 161 -31.10 78.19 -103.48
C VAL P 161 -30.46 77.99 -104.88
N LEU P 162 -29.65 76.95 -105.03
CA LEU P 162 -28.99 76.73 -106.32
C LEU P 162 -29.79 75.80 -107.23
N SER P 163 -29.89 76.17 -108.50
CA SER P 163 -30.42 75.31 -109.55
C SER P 163 -29.55 75.59 -110.79
N TYR P 164 -29.69 74.78 -111.84
CA TYR P 164 -28.82 74.86 -113.04
C TYR P 164 -28.76 76.21 -113.76
N ASP P 165 -29.85 76.94 -113.68
CA ASP P 165 -29.98 78.19 -114.39
C ASP P 165 -29.68 79.40 -113.50
N THR P 166 -29.26 79.14 -112.27
CA THR P 166 -28.86 80.21 -111.36
C THR P 166 -27.66 80.97 -111.92
N PRO P 167 -27.78 82.31 -111.98
CA PRO P 167 -26.69 83.17 -112.46
C PRO P 167 -25.42 83.05 -111.62
N LEU P 168 -24.28 83.30 -112.27
CA LEU P 168 -22.97 83.10 -111.67
C LEU P 168 -22.78 83.85 -110.34
N ASP P 169 -23.20 85.11 -110.28
CA ASP P 169 -22.99 85.91 -109.07
C ASP P 169 -23.72 85.35 -107.87
N GLN P 170 -24.92 84.81 -108.10
CA GLN P 170 -25.72 84.19 -107.03
C GLN P 170 -25.19 82.83 -106.59
N ALA P 171 -24.68 82.09 -107.55
CA ALA P 171 -24.06 80.83 -107.26
C ALA P 171 -22.85 81.01 -106.34
N MET P 172 -22.05 82.04 -106.61
CA MET P 172 -20.89 82.33 -105.77
C MET P 172 -21.38 82.76 -104.39
N GLN P 173 -22.44 83.56 -104.37
CA GLN P 173 -23.04 83.98 -103.11
C GLN P 173 -23.49 82.78 -102.29
N CYS P 174 -24.13 81.85 -102.99
CA CYS P 174 -24.55 80.60 -102.36
C CYS P 174 -23.34 79.84 -101.79
N ALA P 175 -22.25 79.76 -102.57
CA ALA P 175 -21.01 79.09 -102.11
C ALA P 175 -20.45 79.76 -100.86
N LEU P 176 -20.47 81.09 -100.84
CA LEU P 176 -19.94 81.83 -99.69
C LEU P 176 -20.81 81.63 -98.44
N ILE P 177 -22.12 81.57 -98.61
CA ILE P 177 -22.98 81.31 -97.46
C ILE P 177 -22.73 79.89 -96.98
N SER P 178 -22.61 78.97 -97.93
CA SER P 178 -22.30 77.57 -97.61
C SER P 178 -21.02 77.49 -96.81
N MET P 179 -20.03 78.26 -97.26
CA MET P 179 -18.73 78.35 -96.60
C MET P 179 -18.84 78.97 -95.19
N ASP P 180 -19.66 80.01 -95.03
CA ASP P 180 -19.87 80.62 -93.71
C ASP P 180 -20.47 79.61 -92.67
N SER P 181 -21.52 78.89 -93.06
CA SER P 181 -22.14 77.90 -92.15
C SER P 181 -21.18 76.78 -91.74
N THR P 182 -20.32 76.39 -92.67
CA THR P 182 -19.33 75.36 -92.38
C THR P 182 -18.27 75.90 -91.41
N LEU P 183 -17.73 77.09 -91.71
CA LEU P 183 -16.76 77.73 -90.82
C LEU P 183 -17.27 77.83 -89.39
N ARG P 184 -18.55 78.17 -89.24
CA ARG P 184 -19.16 78.34 -87.94
C ARG P 184 -19.39 77.04 -87.17
N SER P 185 -19.47 75.91 -87.86
CA SER P 185 -19.92 74.66 -87.22
C SER P 185 -18.83 73.58 -87.09
N ASN P 186 -17.73 73.73 -87.82
CA ASN P 186 -16.66 72.76 -87.80
C ASN P 186 -15.28 73.40 -87.96
N LEU P 187 -14.41 73.23 -86.97
CA LEU P 187 -13.15 73.95 -86.95
C LEU P 187 -12.06 73.41 -87.87
N SER P 188 -12.34 72.32 -88.59
CA SER P 188 -11.33 71.82 -89.52
C SER P 188 -11.40 72.66 -90.80
N VAL P 189 -12.43 73.48 -90.91
CA VAL P 189 -12.59 74.34 -92.07
C VAL P 189 -12.24 75.76 -91.64
N GLY P 190 -11.45 76.44 -92.46
CA GLY P 190 -10.93 77.75 -92.08
C GLY P 190 -10.46 78.66 -93.22
N LEU P 191 -10.48 79.96 -92.93
CA LEU P 191 -9.99 80.98 -93.85
C LEU P 191 -8.48 80.88 -93.98
N PRO P 192 -7.91 81.46 -95.06
CA PRO P 192 -8.58 82.14 -96.18
C PRO P 192 -9.27 81.19 -97.14
N LEU P 193 -10.09 81.75 -98.00
CA LEU P 193 -10.74 81.03 -99.07
C LEU P 193 -10.06 81.33 -100.40
N ASP P 194 -10.17 80.41 -101.34
CA ASP P 194 -9.81 80.67 -102.73
C ASP P 194 -11.02 80.38 -103.62
N VAL P 195 -11.45 81.37 -104.38
CA VAL P 195 -12.63 81.21 -105.20
C VAL P 195 -12.38 81.57 -106.66
N MET P 196 -13.25 81.07 -107.55
CA MET P 196 -13.16 81.40 -108.95
C MET P 196 -14.49 81.32 -109.70
N ILE P 197 -14.75 82.33 -110.53
CA ILE P 197 -15.88 82.28 -111.43
C ILE P 197 -15.40 82.08 -112.85
N TYR P 198 -15.92 81.04 -113.50
CA TYR P 198 -15.61 80.83 -114.91
C TYR P 198 -16.84 81.04 -115.78
N PRO P 199 -16.87 82.16 -116.51
CA PRO P 199 -17.99 82.30 -117.45
C PRO P 199 -17.81 81.39 -118.68
N LEU P 200 -18.91 80.80 -119.16
CA LEU P 200 -18.91 79.93 -120.33
C LEU P 200 -18.19 80.52 -121.56
N ASP P 201 -17.33 79.73 -122.20
CA ASP P 201 -16.62 80.07 -123.44
C ASP P 201 -15.59 81.19 -123.31
N SER P 202 -15.30 81.61 -122.08
CA SER P 202 -14.36 82.68 -121.87
C SER P 202 -12.90 82.20 -121.90
N PHE P 203 -12.66 80.97 -121.43
CA PHE P 203 -11.30 80.43 -121.30
C PHE P 203 -10.41 81.37 -120.52
N SER P 204 -10.98 81.97 -119.48
CA SER P 204 -10.31 82.97 -118.65
C SER P 204 -10.17 82.58 -117.16
N THR P 205 -9.02 82.90 -116.57
CA THR P 205 -8.80 82.67 -115.15
C THR P 205 -8.72 84.01 -114.42
N GLU P 206 -9.28 85.04 -115.05
CA GLU P 206 -9.22 86.40 -114.54
C GLU P 206 -10.03 86.60 -113.25
N GLN P 207 -11.19 85.95 -113.14
CA GLN P 207 -12.04 86.11 -111.97
C GLN P 207 -11.65 85.05 -110.93
N GLN P 208 -10.39 85.10 -110.53
CA GLN P 208 -9.86 84.27 -109.46
C GLN P 208 -9.53 85.15 -108.23
N TYR P 209 -9.91 84.71 -107.02
CA TYR P 209 -9.82 85.57 -105.83
C TYR P 209 -9.35 84.86 -104.55
N ARG P 210 -8.59 85.58 -103.72
CA ARG P 210 -8.27 85.15 -102.37
C ARG P 210 -9.15 85.91 -101.39
N ILE P 211 -9.97 85.20 -100.62
CA ILE P 211 -10.85 85.83 -99.64
C ILE P 211 -10.23 85.63 -98.26
N THR P 212 -9.71 86.71 -97.68
CA THR P 212 -9.15 86.69 -96.32
C THR P 212 -10.16 87.15 -95.31
N GLU P 213 -9.79 87.08 -94.03
CA GLU P 213 -10.69 87.50 -92.96
C GLU P 213 -11.06 88.98 -93.09
N ASP P 214 -10.23 89.78 -93.76
CA ASP P 214 -10.47 91.22 -93.88
C ASP P 214 -11.30 91.57 -95.09
N HIS P 215 -11.58 90.58 -95.93
CA HIS P 215 -12.31 90.86 -97.15
C HIS P 215 -13.66 91.49 -96.81
N PRO P 216 -13.85 92.76 -97.21
CA PRO P 216 -15.01 93.58 -96.85
C PRO P 216 -16.34 92.95 -97.25
N TYR P 217 -16.47 92.47 -98.49
CA TYR P 217 -17.74 91.89 -98.93
C TYR P 217 -18.09 90.55 -98.24
N PHE P 218 -17.11 89.68 -98.04
CA PHE P 218 -17.39 88.41 -97.36
C PHE P 218 -17.82 88.72 -95.93
N MET P 219 -17.18 89.69 -95.31
CA MET P 219 -17.59 90.17 -93.99
C MET P 219 -19.05 90.64 -94.04
N MET P 220 -19.40 91.33 -95.11
CA MET P 220 -20.73 91.91 -95.26
C MET P 220 -21.79 90.83 -95.42
N ILE P 221 -21.53 89.86 -96.30
CA ILE P 221 -22.53 88.84 -96.59
C ILE P 221 -22.72 87.93 -95.38
N ARG P 222 -21.66 87.71 -94.60
CA ARG P 222 -21.81 86.87 -93.42
C ARG P 222 -22.72 87.57 -92.43
N LYS P 223 -22.49 88.86 -92.22
CA LYS P 223 -23.29 89.61 -91.27
C LYS P 223 -24.73 89.71 -91.74
N GLY P 224 -24.91 89.96 -93.04
CA GLY P 224 -26.23 90.07 -93.62
C GLY P 224 -27.04 88.80 -93.59
N TRP P 225 -26.40 87.68 -93.90
CA TRP P 225 -27.06 86.39 -93.91
C TRP P 225 -27.50 85.93 -92.50
N GLY P 226 -26.60 86.04 -91.53
CA GLY P 226 -26.90 85.65 -90.16
C GLY P 226 -28.03 86.45 -89.53
N GLU P 227 -27.97 87.77 -89.72
CA GLU P 227 -28.99 88.66 -89.19
C GLU P 227 -30.34 88.45 -89.85
N GLY P 228 -30.32 88.19 -91.15
CA GLY P 228 -31.54 87.89 -91.89
C GLY P 228 -32.11 86.60 -91.34
N LEU P 229 -31.22 85.65 -91.05
CA LEU P 229 -31.64 84.36 -90.56
C LEU P 229 -32.27 84.50 -89.19
N VAL P 230 -31.61 85.24 -88.31
CA VAL P 230 -32.10 85.45 -86.95
C VAL P 230 -33.46 86.14 -86.95
N SER P 231 -33.61 87.04 -87.92
CA SER P 231 -34.83 87.78 -88.12
C SER P 231 -35.98 86.92 -88.65
N ILE P 232 -35.69 86.05 -89.61
CA ILE P 232 -36.68 85.12 -90.15
C ILE P 232 -37.19 84.21 -89.04
N PHE P 233 -36.26 83.76 -88.19
CA PHE P 233 -36.58 82.86 -87.08
C PHE P 233 -37.55 83.50 -86.10
N ALA P 234 -37.31 84.77 -85.78
CA ALA P 234 -38.11 85.52 -84.82
C ALA P 234 -39.54 85.79 -85.31
N GLN P 235 -39.72 85.94 -86.61
CA GLN P 235 -41.03 86.29 -87.14
C GLN P 235 -41.82 85.01 -87.48
N LEU P 236 -41.26 83.86 -87.14
CA LEU P 236 -41.94 82.59 -87.39
C LEU P 236 -43.20 82.50 -86.56
N PRO P 237 -44.24 81.88 -87.12
CA PRO P 237 -45.48 81.64 -86.38
C PRO P 237 -45.22 80.79 -85.14
N GLY P 238 -45.94 81.05 -84.07
CA GLY P 238 -45.77 80.34 -82.82
C GLY P 238 -46.06 78.86 -82.91
N LEU P 239 -45.43 78.08 -82.03
CA LEU P 239 -45.60 76.63 -82.04
C LEU P 239 -47.03 76.20 -81.83
N LYS P 240 -47.54 75.38 -82.74
CA LYS P 240 -48.86 74.77 -82.60
C LYS P 240 -48.72 73.29 -82.93
N LEU P 241 -48.27 72.50 -81.96
CA LEU P 241 -48.07 71.06 -82.19
C LEU P 241 -49.34 70.24 -81.91
N THR Q 1 -7.61 72.21 -75.00
CA THR Q 1 -7.41 71.88 -73.61
C THR Q 1 -6.00 72.27 -73.19
N TYR Q 2 -5.92 73.29 -72.34
CA TYR Q 2 -4.68 73.74 -71.74
C TYR Q 2 -5.03 74.39 -70.41
N CYS Q 3 -4.45 73.91 -69.32
CA CYS Q 3 -4.65 74.55 -68.03
C CYS Q 3 -3.30 74.80 -67.35
N VAL Q 4 -3.20 75.93 -66.65
CA VAL Q 4 -1.98 76.28 -65.93
C VAL Q 4 -2.39 76.77 -64.53
N ALA Q 5 -1.56 76.43 -63.54
CA ALA Q 5 -1.72 76.87 -62.16
C ALA Q 5 -0.38 77.29 -61.57
N MET Q 6 -0.37 78.38 -60.80
CA MET Q 6 0.88 78.90 -60.25
C MET Q 6 0.73 79.06 -58.74
N ARG Q 7 1.70 78.50 -58.00
CA ARG Q 7 1.75 78.63 -56.55
C ARG Q 7 2.86 79.55 -56.14
N LEU Q 8 2.47 80.69 -55.58
CA LEU Q 8 3.42 81.73 -55.23
C LEU Q 8 3.40 82.01 -53.73
N SER Q 9 4.31 82.86 -53.29
CA SER Q 9 4.38 83.23 -51.88
C SER Q 9 3.10 83.93 -51.41
N SER Q 10 2.48 84.73 -52.28
CA SER Q 10 1.28 85.50 -51.93
C SER Q 10 -0.05 84.86 -52.34
N GLY Q 11 0.02 83.76 -53.09
CA GLY Q 11 -1.21 83.13 -53.54
C GLY Q 11 -1.08 82.20 -54.72
N LEU Q 12 -2.22 81.86 -55.29
CA LEU Q 12 -2.28 80.97 -56.43
C LEU Q 12 -2.93 81.69 -57.59
N ALA Q 13 -2.48 81.36 -58.80
CA ALA Q 13 -3.12 81.83 -60.02
C ALA Q 13 -3.54 80.63 -60.90
N PHE Q 14 -4.75 80.70 -61.46
CA PHE Q 14 -5.25 79.62 -62.32
C PHE Q 14 -5.78 80.15 -63.66
N ALA Q 15 -5.52 79.42 -64.74
CA ALA Q 15 -6.16 79.72 -66.02
C ALA Q 15 -6.40 78.44 -66.83
N SER Q 16 -7.62 78.31 -67.35
CA SER Q 16 -7.99 77.19 -68.19
C SER Q 16 -8.69 77.69 -69.46
N ASP Q 17 -8.43 77.04 -70.60
CA ASP Q 17 -9.25 77.31 -71.77
C ASP Q 17 -10.52 76.45 -71.65
N SER Q 18 -11.29 76.35 -72.72
CA SER Q 18 -12.54 75.61 -72.66
C SER Q 18 -12.79 74.76 -73.91
N ARG Q 19 -11.89 74.84 -74.89
CA ARG Q 19 -12.08 74.06 -76.11
C ARG Q 19 -11.80 72.59 -75.82
N THR Q 20 -12.77 71.75 -76.16
CA THR Q 20 -12.73 70.37 -75.77
C THR Q 20 -13.02 69.42 -76.92
N ASN Q 21 -12.26 68.34 -76.98
CA ASN Q 21 -12.52 67.32 -78.00
C ASN Q 21 -13.32 66.12 -77.44
N ALA Q 22 -14.63 66.13 -77.74
CA ALA Q 22 -15.57 65.12 -77.26
C ALA Q 22 -15.74 63.99 -78.27
N GLY Q 23 -15.43 64.28 -79.52
CA GLY Q 23 -15.48 63.32 -80.58
C GLY Q 23 -14.75 63.96 -81.74
N VAL Q 24 -14.51 63.20 -82.80
CA VAL Q 24 -13.80 63.74 -83.96
C VAL Q 24 -14.56 64.92 -84.58
N ASP Q 25 -15.88 64.82 -84.60
CA ASP Q 25 -16.67 65.84 -85.24
C ASP Q 25 -17.39 66.70 -84.21
N HIS Q 26 -17.03 66.53 -82.95
CA HIS Q 26 -17.70 67.28 -81.88
C HIS Q 26 -16.76 67.95 -80.91
N ILE Q 27 -16.17 69.05 -81.37
CA ILE Q 27 -15.32 69.87 -80.54
C ILE Q 27 -16.09 71.08 -80.04
N SER Q 28 -16.30 71.15 -78.73
CA SER Q 28 -17.17 72.16 -78.13
C SER Q 28 -16.58 72.76 -76.86
N THR Q 29 -17.32 73.67 -76.23
CA THR Q 29 -16.88 74.42 -75.04
C THR Q 29 -17.41 73.76 -73.74
N PHE Q 30 -16.49 73.40 -72.86
CA PHE Q 30 -16.80 72.81 -71.55
C PHE Q 30 -15.90 73.45 -70.52
N ARG Q 31 -16.44 73.72 -69.34
CA ARG Q 31 -15.63 74.35 -68.31
C ARG Q 31 -14.59 73.39 -67.77
N LYS Q 32 -13.38 73.89 -67.64
CA LYS Q 32 -12.23 73.10 -67.19
C LYS Q 32 -11.59 73.68 -65.91
N LEU Q 33 -12.39 74.44 -65.16
CA LEU Q 33 -11.98 74.96 -63.85
C LEU Q 33 -13.16 74.84 -62.90
N HIS Q 34 -13.05 73.99 -61.88
CA HIS Q 34 -14.16 73.80 -60.95
C HIS Q 34 -13.76 74.10 -59.51
N LEU Q 35 -14.73 74.59 -58.74
CA LEU Q 35 -14.46 75.13 -57.41
C LEU Q 35 -15.15 74.42 -56.28
N PHE Q 36 -14.41 74.26 -55.19
CA PHE Q 36 -14.94 73.72 -53.96
C PHE Q 36 -14.67 74.70 -52.83
N GLN Q 37 -15.75 75.29 -52.33
CA GLN Q 37 -15.69 76.47 -51.48
C GLN Q 37 -16.37 76.31 -50.13
N GLN Q 38 -15.64 76.67 -49.08
CA GLN Q 38 -16.19 76.83 -47.75
C GLN Q 38 -15.81 78.20 -47.26
N PRO Q 39 -16.78 79.12 -47.27
CA PRO Q 39 -16.50 80.51 -46.92
C PRO Q 39 -15.80 80.60 -45.57
N GLY Q 40 -14.62 81.19 -45.60
CA GLY Q 40 -13.79 81.36 -44.42
C GLY Q 40 -12.96 80.18 -43.99
N GLU Q 41 -13.06 79.05 -44.68
CA GLU Q 41 -12.35 77.87 -44.17
C GLU Q 41 -11.50 77.15 -45.22
N ARG Q 42 -11.99 77.04 -46.43
CA ARG Q 42 -11.23 76.38 -47.47
C ARG Q 42 -11.67 76.83 -48.86
N THR Q 43 -10.72 76.85 -49.78
CA THR Q 43 -10.98 77.15 -51.18
C THR Q 43 -10.19 76.19 -52.06
N LEU Q 44 -10.89 75.34 -52.79
CA LEU Q 44 -10.19 74.38 -53.63
C LEU Q 44 -10.54 74.49 -55.11
N VAL Q 45 -9.51 74.51 -55.95
CA VAL Q 45 -9.69 74.56 -57.40
C VAL Q 45 -9.20 73.27 -58.07
N VAL Q 46 -10.03 72.74 -58.96
CA VAL Q 46 -9.65 71.57 -59.74
C VAL Q 46 -9.68 71.88 -61.24
N GLN Q 47 -8.57 71.62 -61.93
CA GLN Q 47 -8.51 71.83 -63.37
C GLN Q 47 -8.39 70.49 -64.07
N SER Q 48 -9.01 70.39 -65.25
CA SER Q 48 -9.20 69.14 -65.98
C SER Q 48 -8.54 69.11 -67.33
N ALA Q 49 -7.97 67.96 -67.68
CA ALA Q 49 -7.52 67.71 -69.05
C ALA Q 49 -7.66 66.23 -69.35
N GLY Q 50 -7.74 65.88 -70.62
CA GLY Q 50 -7.90 64.49 -71.00
C GLY Q 50 -9.34 64.12 -71.27
N ASN Q 51 -9.66 62.84 -71.12
CA ASN Q 51 -10.99 62.35 -71.46
C ASN Q 51 -12.10 63.09 -70.70
N LEU Q 52 -12.99 63.75 -71.43
CA LEU Q 52 -14.05 64.54 -70.82
C LEU Q 52 -15.03 63.69 -69.98
N ALA Q 53 -15.35 62.48 -70.47
CA ALA Q 53 -16.22 61.55 -69.75
C ALA Q 53 -15.64 61.16 -68.37
N THR Q 54 -14.34 60.93 -68.32
CA THR Q 54 -13.62 60.61 -67.09
C THR Q 54 -13.65 61.77 -66.12
N THR Q 55 -13.26 62.93 -66.65
CA THR Q 55 -13.13 64.18 -65.91
C THR Q 55 -14.46 64.69 -65.34
N GLN Q 56 -15.51 64.67 -66.15
CA GLN Q 56 -16.80 65.16 -65.71
C GLN Q 56 -17.32 64.26 -64.59
N SER Q 57 -17.07 62.97 -64.71
CA SER Q 57 -17.48 62.00 -63.68
C SER Q 57 -16.77 62.22 -62.34
N ILE Q 58 -15.47 62.48 -62.41
CA ILE Q 58 -14.66 62.76 -61.23
C ILE Q 58 -15.18 63.98 -60.49
N VAL Q 59 -15.37 65.09 -61.22
CA VAL Q 59 -15.91 66.30 -60.62
C VAL Q 59 -17.34 66.08 -60.06
N SER Q 60 -18.18 65.37 -60.82
CA SER Q 60 -19.57 65.13 -60.41
C SER Q 60 -19.63 64.28 -59.17
N LEU Q 61 -18.82 63.23 -59.12
CA LEU Q 61 -18.81 62.37 -57.95
C LEU Q 61 -18.35 63.10 -56.72
N LEU Q 62 -17.34 63.94 -56.88
CA LEU Q 62 -16.79 64.71 -55.77
C LEU Q 62 -17.79 65.73 -55.22
N GLN Q 63 -18.52 66.38 -56.12
CA GLN Q 63 -19.52 67.37 -55.74
C GLN Q 63 -20.67 66.67 -55.01
N ARG Q 64 -21.01 65.48 -55.50
CA ARG Q 64 -22.09 64.68 -54.95
C ARG Q 64 -21.78 64.23 -53.52
N ARG Q 65 -20.56 63.79 -53.31
CA ARG Q 65 -20.10 63.28 -52.02
C ARG Q 65 -19.85 64.39 -50.99
N CYS Q 66 -19.74 65.61 -51.48
CA CYS Q 66 -19.61 66.77 -50.60
C CYS Q 66 -20.84 67.08 -49.77
N LEU Q 67 -21.99 66.63 -50.24
CA LEU Q 67 -23.26 66.89 -49.56
C LEU Q 67 -23.51 65.85 -48.49
N ASP Q 68 -22.62 64.87 -48.41
CA ASP Q 68 -22.73 63.80 -47.43
C ASP Q 68 -21.62 63.95 -46.39
N PRO Q 69 -21.97 64.40 -45.16
CA PRO Q 69 -21.00 64.66 -44.09
C PRO Q 69 -20.47 63.39 -43.41
N GLU Q 70 -21.13 62.27 -43.68
CA GLU Q 70 -20.79 60.99 -43.08
C GLU Q 70 -19.85 60.18 -43.95
N GLN Q 71 -19.42 60.77 -45.06
CA GLN Q 71 -18.53 60.12 -46.02
C GLN Q 71 -17.29 61.00 -46.23
N THR Q 72 -16.16 60.38 -46.55
CA THR Q 72 -14.99 61.18 -46.81
C THR Q 72 -15.21 61.99 -48.09
N ASN Q 73 -15.06 63.31 -47.97
CA ASN Q 73 -15.29 64.19 -49.11
C ASN Q 73 -14.40 65.42 -48.99
N LEU Q 74 -14.41 66.29 -50.00
CA LEU Q 74 -13.49 67.44 -50.03
C LEU Q 74 -13.79 68.55 -49.01
N MET Q 75 -14.95 68.50 -48.37
CA MET Q 75 -15.29 69.52 -47.39
C MET Q 75 -14.82 69.15 -45.99
N ASN Q 76 -14.56 67.86 -45.79
CA ASN Q 76 -14.13 67.38 -44.50
C ASN Q 76 -12.73 66.81 -44.48
N VAL Q 77 -12.01 66.87 -45.59
CA VAL Q 77 -10.61 66.47 -45.57
C VAL Q 77 -9.81 67.52 -44.79
N ALA Q 78 -8.89 67.04 -43.96
CA ALA Q 78 -8.14 67.89 -43.05
C ALA Q 78 -7.07 68.72 -43.75
N SER Q 79 -6.50 68.20 -44.83
CA SER Q 79 -5.49 68.94 -45.58
C SER Q 79 -5.59 68.76 -47.09
N MET Q 80 -4.87 69.62 -47.81
CA MET Q 80 -4.78 69.54 -49.25
C MET Q 80 -4.13 68.23 -49.71
N TYR Q 81 -3.24 67.70 -48.89
CA TYR Q 81 -2.62 66.41 -49.21
C TYR Q 81 -3.67 65.33 -49.21
N GLU Q 82 -4.59 65.39 -48.26
CA GLU Q 82 -5.66 64.41 -48.17
C GLU Q 82 -6.62 64.61 -49.35
N ALA Q 83 -6.80 65.86 -49.76
CA ALA Q 83 -7.60 66.16 -50.94
C ALA Q 83 -6.99 65.53 -52.17
N ALA Q 84 -5.67 65.63 -52.30
CA ALA Q 84 -4.95 65.03 -53.43
C ALA Q 84 -5.15 63.52 -53.42
N THR Q 85 -5.11 62.92 -52.23
CA THR Q 85 -5.34 61.49 -52.07
C THR Q 85 -6.74 61.03 -52.51
N LEU Q 86 -7.75 61.80 -52.12
CA LEU Q 86 -9.13 61.47 -52.47
C LEU Q 86 -9.33 61.56 -53.99
N LEU Q 87 -8.74 62.59 -54.58
CA LEU Q 87 -8.80 62.80 -56.03
C LEU Q 87 -8.18 61.63 -56.74
N GLY Q 88 -7.01 61.19 -56.27
CA GLY Q 88 -6.34 60.05 -56.86
C GLY Q 88 -7.20 58.80 -56.81
N GLU Q 89 -7.86 58.59 -55.67
CA GLU Q 89 -8.77 57.45 -55.52
C GLU Q 89 -9.96 57.59 -56.44
N THR Q 90 -10.46 58.82 -56.60
CA THR Q 90 -11.62 59.03 -57.46
C THR Q 90 -11.25 58.85 -58.95
N VAL Q 91 -10.04 59.25 -59.34
CA VAL Q 91 -9.52 59.02 -60.70
C VAL Q 91 -9.49 57.51 -61.00
N ARG Q 92 -8.92 56.74 -60.08
CA ARG Q 92 -8.85 55.29 -60.26
C ARG Q 92 -10.26 54.68 -60.32
N GLU Q 93 -11.16 55.18 -59.46
CA GLU Q 93 -12.52 54.66 -59.41
C GLU Q 93 -13.23 54.82 -60.76
N VAL Q 94 -13.12 56.00 -61.36
CA VAL Q 94 -13.77 56.33 -62.64
C VAL Q 94 -13.13 55.61 -63.84
N ILE Q 95 -11.80 55.58 -63.90
CA ILE Q 95 -11.13 54.91 -65.01
C ILE Q 95 -11.40 53.42 -64.98
N ASN Q 96 -11.35 52.80 -63.81
CA ASN Q 96 -11.62 51.37 -63.70
C ASN Q 96 -13.04 50.97 -64.08
N ARG Q 97 -14.01 51.81 -63.73
CA ARG Q 97 -15.42 51.56 -64.05
C ARG Q 97 -15.66 51.61 -65.56
N ASP Q 98 -15.21 52.70 -66.19
CA ASP Q 98 -15.44 52.92 -67.61
C ASP Q 98 -14.63 51.98 -68.51
N SER Q 99 -13.47 51.52 -68.05
CA SER Q 99 -12.68 50.56 -68.81
C SER Q 99 -12.97 49.09 -68.43
N HIS Q 106 -3.33 48.82 -69.20
CA HIS Q 106 -3.61 48.33 -70.56
C HIS Q 106 -4.03 49.43 -71.55
N GLY Q 107 -4.74 50.46 -71.09
CA GLY Q 107 -5.38 51.41 -71.98
C GLY Q 107 -5.29 52.86 -71.55
N THR Q 108 -5.18 53.79 -72.51
CA THR Q 108 -5.03 55.21 -72.22
C THR Q 108 -6.21 56.06 -72.69
N ASP Q 109 -7.23 55.41 -73.24
CA ASP Q 109 -8.39 56.10 -73.82
C ASP Q 109 -9.14 56.91 -72.77
N PHE Q 110 -9.25 56.37 -71.57
CA PHE Q 110 -10.04 56.97 -70.52
C PHE Q 110 -9.19 57.79 -69.56
N ASN Q 111 -7.96 58.07 -69.95
CA ASN Q 111 -7.01 58.79 -69.09
C ASN Q 111 -7.29 60.26 -68.94
N CYS Q 112 -6.96 60.78 -67.76
CA CYS Q 112 -7.05 62.20 -67.51
C CYS Q 112 -5.89 62.70 -66.63
N ASN Q 113 -5.63 63.99 -66.70
CA ASN Q 113 -4.74 64.67 -65.77
C ASN Q 113 -5.48 65.79 -65.10
N LEU Q 114 -5.19 66.02 -63.82
CA LEU Q 114 -5.82 67.08 -63.05
C LEU Q 114 -4.81 67.97 -62.32
N LEU Q 115 -5.20 69.22 -62.10
CA LEU Q 115 -4.43 70.07 -61.20
C LEU Q 115 -5.32 70.35 -59.99
N LEU Q 116 -4.73 70.31 -58.81
CA LEU Q 116 -5.48 70.57 -57.58
C LEU Q 116 -4.77 71.60 -56.77
N GLY Q 117 -5.43 72.72 -56.51
CA GLY Q 117 -4.81 73.80 -55.80
C GLY Q 117 -5.72 74.49 -54.83
N GLY Q 118 -5.13 75.16 -53.84
CA GLY Q 118 -5.89 75.92 -52.89
C GLY Q 118 -5.30 76.04 -51.50
N GLN Q 119 -6.19 76.28 -50.55
CA GLN Q 119 -5.82 76.45 -49.16
C GLN Q 119 -6.95 75.97 -48.25
N ILE Q 120 -6.58 75.18 -47.25
CA ILE Q 120 -7.48 74.83 -46.17
C ILE Q 120 -6.97 75.49 -44.89
N LYS Q 121 -7.84 76.17 -44.15
CA LYS Q 121 -7.44 76.92 -42.95
C LYS Q 121 -6.62 76.09 -41.97
N GLY Q 122 -5.51 76.66 -41.51
CA GLY Q 122 -4.56 75.98 -40.66
C GLY Q 122 -3.32 75.59 -41.45
N GLU Q 123 -3.38 75.89 -42.75
CA GLU Q 123 -2.33 75.53 -43.72
C GLU Q 123 -2.00 76.58 -44.78
N GLY Q 124 -0.86 76.41 -45.45
CA GLY Q 124 -0.47 77.31 -46.51
C GLY Q 124 -1.05 76.90 -47.86
N LEU Q 125 -0.59 77.57 -48.91
CA LEU Q 125 -1.00 77.26 -50.26
C LEU Q 125 -0.44 75.93 -50.69
N ARG Q 126 -1.27 75.11 -51.33
CA ARG Q 126 -0.77 73.86 -51.91
C ARG Q 126 -1.37 73.60 -53.31
N LEU Q 127 -0.53 73.06 -54.19
CA LEU Q 127 -0.87 72.80 -55.59
C LEU Q 127 -0.33 71.44 -55.98
N PHE Q 128 -1.20 70.58 -56.53
CA PHE Q 128 -0.83 69.21 -56.90
C PHE Q 128 -1.09 68.89 -58.36
N HIS Q 129 -0.32 67.96 -58.89
CA HIS Q 129 -0.61 67.41 -60.20
C HIS Q 129 -1.03 65.97 -60.03
N ILE Q 130 -2.28 65.68 -60.36
CA ILE Q 130 -2.81 64.34 -60.23
C ILE Q 130 -2.69 63.64 -61.57
N TYR Q 131 -2.12 62.43 -61.54
CA TYR Q 131 -1.86 61.62 -62.72
C TYR Q 131 -2.99 60.61 -62.96
N PRO Q 132 -3.04 60.00 -64.16
CA PRO Q 132 -4.04 58.97 -64.44
C PRO Q 132 -3.99 57.75 -63.48
N GLN Q 133 -2.81 57.45 -62.94
CA GLN Q 133 -2.66 56.32 -62.03
C GLN Q 133 -3.16 56.69 -60.65
N GLY Q 134 -3.44 57.96 -60.43
CA GLY Q 134 -3.99 58.34 -59.14
C GLY Q 134 -2.94 58.78 -58.17
N ASN Q 135 -1.65 58.63 -58.50
CA ASN Q 135 -0.63 59.21 -57.63
C ASN Q 135 -0.33 60.66 -58.03
N PHE Q 136 0.52 61.36 -57.28
CA PHE Q 136 0.65 62.80 -57.49
C PHE Q 136 1.95 63.46 -57.02
N ILE Q 137 2.23 64.63 -57.59
CA ILE Q 137 3.34 65.44 -57.10
C ILE Q 137 2.85 66.83 -56.72
N GLU Q 138 3.65 67.47 -55.89
CA GLU Q 138 3.31 68.77 -55.31
C GLU Q 138 4.31 69.85 -55.75
N ALA Q 139 3.80 71.04 -56.04
CA ALA Q 139 4.67 72.15 -56.43
C ALA Q 139 5.47 72.61 -55.24
N THR Q 140 6.71 72.99 -55.49
CA THR Q 140 7.55 73.54 -54.44
C THR Q 140 7.97 74.91 -54.89
N GLN Q 141 8.86 75.53 -54.14
CA GLN Q 141 9.38 76.82 -54.53
C GLN Q 141 10.26 76.69 -55.76
N ASP Q 142 10.87 75.52 -55.93
CA ASP Q 142 11.75 75.30 -57.09
C ASP Q 142 10.94 75.01 -58.34
N THR Q 143 9.80 74.32 -58.19
CA THR Q 143 8.86 74.13 -59.30
C THR Q 143 7.46 74.61 -58.92
N PRO Q 144 7.21 75.92 -59.12
CA PRO Q 144 6.01 76.57 -58.60
C PRO Q 144 4.81 76.61 -59.54
N TYR Q 145 4.85 75.86 -60.64
CA TYR Q 145 3.71 75.82 -61.57
C TYR Q 145 3.56 74.43 -62.20
N PHE Q 146 2.35 74.15 -62.68
CA PHE Q 146 2.06 72.92 -63.43
C PHE Q 146 1.25 73.27 -64.68
N GLN Q 147 1.45 72.50 -65.75
CA GLN Q 147 0.61 72.65 -66.92
C GLN Q 147 0.01 71.29 -67.26
N ILE Q 148 -1.25 71.25 -67.72
CA ILE Q 148 -1.83 70.03 -68.28
C ILE Q 148 -2.44 70.39 -69.63
N GLY Q 149 -2.60 69.40 -70.51
CA GLY Q 149 -3.08 69.63 -71.87
C GLY Q 149 -1.99 70.11 -72.84
N GLU Q 150 -2.38 70.87 -73.87
CA GLU Q 150 -1.41 71.38 -74.85
C GLU Q 150 -0.63 72.58 -74.31
N SER Q 151 0.52 72.27 -73.71
CA SER Q 151 1.21 73.20 -72.83
C SER Q 151 2.57 73.70 -73.29
N LYS Q 152 3.18 73.01 -74.25
CA LYS Q 152 4.57 73.32 -74.61
C LYS Q 152 4.69 74.69 -75.27
N TYR Q 153 3.64 75.09 -76.01
CA TYR Q 153 3.65 76.40 -76.68
C TYR Q 153 3.77 77.55 -75.68
N GLY Q 154 3.15 77.38 -74.51
CA GLY Q 154 3.04 78.42 -73.52
C GLY Q 154 4.05 78.34 -72.39
N LYS Q 155 4.93 77.33 -72.43
CA LYS Q 155 5.93 77.14 -71.39
C LYS Q 155 7.10 78.14 -71.44
N PRO Q 156 7.61 78.47 -72.64
CA PRO Q 156 8.77 79.40 -72.63
C PRO Q 156 8.53 80.70 -71.88
N ILE Q 157 7.36 81.31 -72.04
CA ILE Q 157 7.11 82.57 -71.35
C ILE Q 157 7.04 82.35 -69.84
N ILE Q 158 6.51 81.21 -69.42
CA ILE Q 158 6.46 80.91 -68.00
C ILE Q 158 7.88 80.70 -67.45
N ASP Q 159 8.70 79.96 -68.19
CA ASP Q 159 10.07 79.75 -67.75
C ASP Q 159 10.85 81.07 -67.64
N ARG Q 160 10.49 82.04 -68.48
CA ARG Q 160 11.22 83.31 -68.58
C ARG Q 160 10.91 84.35 -67.50
N VAL Q 161 9.67 84.36 -67.07
CA VAL Q 161 9.14 85.47 -66.31
C VAL Q 161 8.61 85.12 -64.94
N LEU Q 162 8.25 83.86 -64.75
CA LEU Q 162 7.67 83.45 -63.48
C LEU Q 162 8.67 82.83 -62.49
N SER Q 163 8.58 83.26 -61.24
CA SER Q 163 9.29 82.63 -60.12
C SER Q 163 8.37 82.68 -58.91
N TYR Q 164 8.74 81.97 -57.86
CA TYR Q 164 7.92 81.85 -56.65
C TYR Q 164 7.55 83.20 -56.04
N ASP Q 165 8.40 84.21 -56.23
CA ASP Q 165 8.22 85.54 -55.61
C ASP Q 165 7.53 86.52 -56.53
N THR Q 166 7.11 86.07 -57.70
CA THR Q 166 6.30 86.90 -58.58
C THR Q 166 4.98 87.21 -57.86
N PRO Q 167 4.64 88.51 -57.74
CA PRO Q 167 3.37 88.96 -57.18
C PRO Q 167 2.21 88.48 -58.01
N LEU Q 168 1.05 88.31 -57.38
CA LEU Q 168 -0.12 87.67 -58.00
C LEU Q 168 -0.54 88.20 -59.37
N ASP Q 169 -0.61 89.52 -59.52
CA ASP Q 169 -1.13 90.13 -60.75
C ASP Q 169 -0.27 89.82 -61.97
N GLN Q 170 1.03 89.73 -61.75
CA GLN Q 170 1.96 89.46 -62.81
C GLN Q 170 1.88 87.99 -63.24
N ALA Q 171 1.65 87.16 -62.23
CA ALA Q 171 1.51 85.74 -62.44
C ALA Q 171 0.31 85.49 -63.35
N MET Q 172 -0.76 86.24 -63.13
CA MET Q 172 -1.94 86.14 -64.01
C MET Q 172 -1.67 86.72 -65.40
N GLN Q 173 -0.90 87.81 -65.47
CA GLN Q 173 -0.50 88.36 -66.76
C GLN Q 173 0.34 87.34 -67.53
N CYS Q 174 1.26 86.71 -66.82
CA CYS Q 174 2.10 85.66 -67.36
C CYS Q 174 1.27 84.48 -67.87
N ALA Q 175 0.27 84.09 -67.08
CA ALA Q 175 -0.61 83.00 -67.42
C ALA Q 175 -1.35 83.26 -68.74
N LEU Q 176 -1.87 84.47 -68.90
CA LEU Q 176 -2.63 84.89 -70.07
C LEU Q 176 -1.80 84.98 -71.36
N ILE Q 177 -0.55 85.49 -71.27
CA ILE Q 177 0.33 85.55 -72.45
C ILE Q 177 0.64 84.13 -72.89
N SER Q 178 0.83 83.26 -71.91
CA SER Q 178 0.98 81.85 -72.20
C SER Q 178 -0.24 81.34 -72.98
N MET Q 179 -1.45 81.74 -72.56
CA MET Q 179 -2.65 81.37 -73.30
C MET Q 179 -2.66 81.97 -74.70
N ASP Q 180 -2.29 83.24 -74.79
CA ASP Q 180 -2.24 83.91 -76.09
C ASP Q 180 -1.31 83.14 -77.01
N SER Q 181 -0.12 82.81 -76.50
CA SER Q 181 0.86 82.08 -77.30
C SER Q 181 0.31 80.70 -77.72
N THR Q 182 -0.43 80.06 -76.84
CA THR Q 182 -1.02 78.76 -77.15
C THR Q 182 -2.20 78.88 -78.13
N LEU Q 183 -3.09 79.85 -77.87
CA LEU Q 183 -4.23 80.11 -78.76
C LEU Q 183 -3.76 80.37 -80.19
N ARG Q 184 -2.65 81.10 -80.36
CA ARG Q 184 -2.16 81.42 -81.70
C ARG Q 184 -1.55 80.26 -82.46
N SER Q 185 -1.05 79.24 -81.77
CA SER Q 185 -0.23 78.24 -82.45
C SER Q 185 -0.85 76.87 -82.58
N ASN Q 186 -1.91 76.61 -81.82
CA ASN Q 186 -2.58 75.32 -81.82
C ASN Q 186 -4.10 75.45 -81.66
N LEU Q 187 -4.85 74.95 -82.62
CA LEU Q 187 -6.29 75.16 -82.58
C LEU Q 187 -7.05 74.20 -81.67
N SER Q 188 -6.36 73.29 -80.98
CA SER Q 188 -7.08 72.41 -80.06
C SER Q 188 -7.36 73.16 -78.75
N VAL Q 189 -6.73 74.32 -78.60
CA VAL Q 189 -6.95 75.23 -77.48
C VAL Q 189 -7.71 76.45 -77.98
N GLY Q 190 -8.74 76.86 -77.23
CA GLY Q 190 -9.62 77.93 -77.67
C GLY Q 190 -10.38 78.62 -76.57
N LEU Q 191 -10.74 79.88 -76.83
CA LEU Q 191 -11.55 80.67 -75.92
C LEU Q 191 -12.92 80.07 -75.90
N PRO Q 192 -13.72 80.32 -74.84
CA PRO Q 192 -13.41 81.16 -73.67
C PRO Q 192 -12.43 80.57 -72.66
N LEU Q 193 -11.91 81.45 -71.82
CA LEU Q 193 -11.02 81.06 -70.73
C LEU Q 193 -11.78 81.13 -69.42
N ASP Q 194 -11.34 80.35 -68.45
CA ASP Q 194 -11.77 80.50 -67.07
C ASP Q 194 -10.52 80.67 -66.19
N VAL Q 195 -10.45 81.80 -65.49
CA VAL Q 195 -9.28 82.11 -64.66
C VAL Q 195 -9.68 82.48 -63.22
N MET Q 196 -8.73 82.41 -62.29
CA MET Q 196 -8.97 82.81 -60.91
C MET Q 196 -7.70 83.27 -60.17
N ILE Q 197 -7.83 84.32 -59.38
CA ILE Q 197 -6.76 84.75 -58.51
C ILE Q 197 -7.12 84.43 -57.08
N TYR Q 198 -6.28 83.66 -56.40
CA TYR Q 198 -6.53 83.38 -54.98
C TYR Q 198 -5.47 83.97 -54.10
N PRO Q 199 -5.76 85.08 -53.46
CA PRO Q 199 -4.79 85.63 -52.52
C PRO Q 199 -4.72 84.78 -51.25
N LEU Q 200 -3.50 84.64 -50.75
CA LEU Q 200 -3.22 83.88 -49.55
C LEU Q 200 -4.14 84.27 -48.40
N ASP Q 201 -4.67 83.25 -47.72
CA ASP Q 201 -5.50 83.41 -46.51
C ASP Q 201 -6.84 84.10 -46.76
N SER Q 202 -7.20 84.32 -48.02
CA SER Q 202 -8.44 85.03 -48.32
C SER Q 202 -9.67 84.12 -48.29
N PHE Q 203 -9.50 82.85 -48.66
CA PHE Q 203 -10.63 81.93 -48.77
C PHE Q 203 -11.75 82.56 -49.60
N SER Q 204 -11.35 83.27 -50.66
CA SER Q 204 -12.28 83.97 -51.52
C SER Q 204 -12.19 83.51 -52.97
N THR Q 205 -13.36 83.44 -53.60
CA THR Q 205 -13.44 83.11 -55.02
C THR Q 205 -13.90 84.35 -55.79
N GLU Q 206 -13.71 85.52 -55.21
CA GLU Q 206 -14.21 86.77 -55.79
C GLU Q 206 -13.50 87.04 -57.12
N GLN Q 207 -12.22 86.70 -57.18
CA GLN Q 207 -11.48 86.93 -58.42
C GLN Q 207 -11.52 85.72 -59.32
N GLN Q 208 -12.74 85.31 -59.67
CA GLN Q 208 -12.99 84.29 -60.68
C GLN Q 208 -13.58 84.98 -61.90
N TYR Q 209 -13.06 84.67 -63.09
CA TYR Q 209 -13.45 85.42 -64.29
C TYR Q 209 -13.60 84.58 -65.54
N ARG Q 210 -14.59 84.90 -66.36
CA ARG Q 210 -14.67 84.34 -67.71
C ARG Q 210 -14.15 85.32 -68.76
N ILE Q 211 -13.12 84.90 -69.49
CA ILE Q 211 -12.54 85.77 -70.50
C ILE Q 211 -13.04 85.34 -71.87
N THR Q 212 -13.93 86.16 -72.45
CA THR Q 212 -14.44 85.86 -73.78
C THR Q 212 -13.63 86.62 -74.79
N GLU Q 213 -13.91 86.38 -76.06
CA GLU Q 213 -13.26 87.07 -77.16
C GLU Q 213 -13.50 88.62 -77.09
N ASP Q 214 -14.52 89.02 -76.34
CA ASP Q 214 -14.84 90.44 -76.24
C ASP Q 214 -14.15 91.11 -75.08
N HIS Q 215 -13.47 90.33 -74.25
CA HIS Q 215 -12.88 90.87 -73.04
C HIS Q 215 -11.86 91.98 -73.33
N PRO Q 216 -12.15 93.22 -72.91
CA PRO Q 216 -11.31 94.38 -73.23
C PRO Q 216 -9.88 94.23 -72.71
N TYR Q 217 -9.69 93.80 -71.47
CA TYR Q 217 -8.31 93.65 -70.99
C TYR Q 217 -7.53 92.54 -71.70
N PHE Q 218 -8.17 91.41 -71.97
CA PHE Q 218 -7.46 90.33 -72.67
C PHE Q 218 -7.08 90.73 -74.08
N MET Q 219 -7.98 91.41 -74.77
CA MET Q 219 -7.68 91.95 -76.10
C MET Q 219 -6.51 92.92 -76.03
N MET Q 220 -6.54 93.75 -75.01
CA MET Q 220 -5.55 94.81 -74.82
C MET Q 220 -4.17 94.23 -74.58
N ILE Q 221 -4.08 93.21 -73.73
CA ILE Q 221 -2.80 92.59 -73.41
C ILE Q 221 -2.22 91.74 -74.56
N ARG Q 222 -3.08 91.07 -75.34
CA ARG Q 222 -2.63 90.28 -76.48
C ARG Q 222 -2.07 91.24 -77.49
N LYS Q 223 -2.78 92.34 -77.71
CA LYS Q 223 -2.36 93.35 -78.66
C LYS Q 223 -1.09 94.04 -78.18
N GLY Q 224 -1.01 94.35 -76.89
CA GLY Q 224 0.16 95.00 -76.33
C GLY Q 224 1.41 94.13 -76.39
N TRP Q 225 1.23 92.86 -76.07
CA TRP Q 225 2.33 91.91 -76.07
C TRP Q 225 2.87 91.70 -77.49
N GLY Q 226 1.96 91.52 -78.45
CA GLY Q 226 2.31 91.29 -79.84
C GLY Q 226 3.09 92.45 -80.45
N GLU Q 227 2.60 93.66 -80.22
CA GLU Q 227 3.23 94.88 -80.70
C GLU Q 227 4.59 95.09 -80.05
N GLY Q 228 4.71 94.70 -78.79
CA GLY Q 228 6.00 94.75 -78.12
C GLY Q 228 7.03 93.84 -78.78
N LEU Q 229 6.64 92.63 -79.12
CA LEU Q 229 7.59 91.67 -79.66
C LEU Q 229 8.14 92.05 -81.04
N VAL Q 230 7.26 92.49 -81.95
CA VAL Q 230 7.70 92.84 -83.30
C VAL Q 230 8.67 94.01 -83.26
N SER Q 231 8.49 94.94 -82.32
CA SER Q 231 9.39 96.08 -82.23
C SER Q 231 10.74 95.63 -81.67
N ILE Q 232 10.74 94.74 -80.67
CA ILE Q 232 11.99 94.20 -80.14
C ILE Q 232 12.72 93.46 -81.26
N PHE Q 233 11.95 92.69 -82.02
CA PHE Q 233 12.49 91.95 -83.11
C PHE Q 233 13.10 92.87 -84.18
N ALA Q 234 12.39 93.94 -84.51
CA ALA Q 234 12.83 94.87 -85.56
C ALA Q 234 14.10 95.63 -85.20
N GLN Q 235 14.26 95.90 -83.91
CA GLN Q 235 15.38 96.67 -83.42
C GLN Q 235 16.57 95.81 -83.02
N LEU Q 236 16.51 94.51 -83.33
CA LEU Q 236 17.65 93.64 -83.07
C LEU Q 236 18.84 94.08 -83.91
N PRO Q 237 20.05 93.91 -83.36
CA PRO Q 237 21.28 94.22 -84.10
C PRO Q 237 21.36 93.39 -85.38
N GLY Q 238 21.97 93.90 -86.45
CA GLY Q 238 22.03 93.16 -87.70
C GLY Q 238 22.75 91.84 -87.52
N LEU Q 239 22.32 90.84 -88.29
CA LEU Q 239 22.83 89.47 -88.21
C LEU Q 239 24.32 89.43 -88.55
N LYS Q 240 25.12 88.89 -87.63
CA LYS Q 240 26.56 88.80 -87.80
C LYS Q 240 27.03 87.39 -87.41
N LEU Q 241 26.92 86.43 -88.33
CA LEU Q 241 27.23 85.02 -88.05
C LEU Q 241 28.69 84.66 -88.27
N GLY Q 242 29.30 85.34 -89.24
CA GLY Q 242 30.66 85.10 -89.64
C GLY Q 242 31.66 85.93 -88.87
N ARG Q 243 32.82 85.35 -88.60
CA ARG Q 243 33.89 86.04 -87.89
C ARG Q 243 34.87 86.74 -88.85
N THR R 1 16.97 67.32 -80.08
CA THR R 1 16.75 67.28 -81.51
C THR R 1 15.67 68.29 -81.90
N TYR R 2 16.06 69.34 -82.61
CA TYR R 2 15.12 70.31 -83.17
C TYR R 2 15.70 70.92 -84.45
N CYS R 3 14.96 70.81 -85.54
CA CYS R 3 15.39 71.43 -86.79
C CYS R 3 14.26 72.24 -87.40
N VAL R 4 14.60 73.36 -88.01
CA VAL R 4 13.61 74.20 -88.67
C VAL R 4 14.14 74.67 -90.02
N ALA R 5 13.26 74.78 -91.02
CA ALA R 5 13.64 75.31 -92.33
C ALA R 5 12.60 76.30 -92.83
N MET R 6 13.05 77.37 -93.47
CA MET R 6 12.15 78.40 -93.97
C MET R 6 12.40 78.63 -95.45
N ARG R 7 11.33 78.64 -96.25
CA ARG R 7 11.44 78.96 -97.68
C ARG R 7 10.86 80.32 -97.99
N LEU R 8 11.71 81.24 -98.38
CA LEU R 8 11.29 82.61 -98.57
C LEU R 8 11.45 83.03 -100.02
N SER R 9 10.97 84.22 -100.33
CA SER R 9 11.14 84.78 -101.66
C SER R 9 12.62 85.00 -102.00
N SER R 10 13.44 85.38 -101.02
CA SER R 10 14.84 85.70 -101.30
C SER R 10 15.83 84.54 -101.05
N GLY R 11 15.36 83.45 -100.47
CA GLY R 11 16.24 82.34 -100.16
C GLY R 11 15.69 81.41 -99.09
N LEU R 12 16.56 80.56 -98.55
CA LEU R 12 16.17 79.60 -97.52
C LEU R 12 17.03 79.77 -96.27
N ALA R 13 16.42 79.57 -95.11
CA ALA R 13 17.17 79.59 -93.86
C ALA R 13 16.98 78.25 -93.15
N PHE R 14 18.08 77.69 -92.65
CA PHE R 14 18.07 76.39 -91.95
C PHE R 14 18.75 76.49 -90.57
N ALA R 15 18.22 75.82 -89.56
CA ALA R 15 18.90 75.71 -88.26
C ALA R 15 18.59 74.37 -87.56
N SER R 16 19.65 73.70 -87.07
CA SER R 16 19.51 72.45 -86.35
C SER R 16 20.34 72.49 -85.09
N ASP R 17 19.83 71.93 -84.01
CA ASP R 17 20.64 71.74 -82.81
C ASP R 17 21.45 70.46 -83.04
N SER R 18 22.08 69.92 -82.00
CA SER R 18 22.90 68.73 -82.21
C SER R 18 22.71 67.66 -81.13
N ARG R 19 21.93 67.97 -80.10
CA ARG R 19 21.76 67.02 -79.01
C ARG R 19 20.94 65.82 -79.46
N THR R 20 21.52 64.63 -79.28
CA THR R 20 20.96 63.41 -79.83
C THR R 20 20.83 62.32 -78.79
N ASN R 21 19.72 61.58 -78.84
CA ASN R 21 19.53 60.41 -78.01
C ASN R 21 19.90 59.17 -78.80
N ALA R 22 21.08 58.63 -78.51
CA ALA R 22 21.62 57.48 -79.22
C ALA R 22 21.27 56.17 -78.50
N GLY R 23 21.01 56.28 -77.21
CA GLY R 23 20.68 55.15 -76.36
C GLY R 23 20.15 55.72 -75.07
N VAL R 24 19.74 54.87 -74.13
CA VAL R 24 19.20 55.34 -72.86
C VAL R 24 20.19 56.25 -72.14
N ASP R 25 21.41 55.75 -71.92
CA ASP R 25 22.43 56.49 -71.20
C ASP R 25 23.46 57.17 -72.13
N HIS R 26 23.14 57.27 -73.43
CA HIS R 26 24.08 57.85 -74.39
C HIS R 26 23.46 59.00 -75.16
N ILE R 27 23.42 60.16 -74.52
CA ILE R 27 22.94 61.38 -75.15
C ILE R 27 24.16 62.17 -75.57
N SER R 28 24.28 62.38 -76.88
CA SER R 28 25.51 62.88 -77.45
C SER R 28 25.29 63.98 -78.51
N THR R 29 26.38 64.53 -79.02
CA THR R 29 26.32 65.59 -80.02
C THR R 29 26.49 65.02 -81.40
N PHE R 30 25.49 65.24 -82.25
CA PHE R 30 25.58 64.80 -83.63
C PHE R 30 25.05 65.85 -84.57
N ARG R 31 25.73 66.05 -85.69
N ARG R 31 25.76 66.06 -85.67
CA ARG R 31 25.31 67.04 -86.67
CA ARG R 31 25.35 66.96 -86.75
C ARG R 31 24.04 66.54 -87.36
C ARG R 31 24.01 66.51 -87.35
N LYS R 32 23.06 67.43 -87.49
CA LYS R 32 21.76 67.09 -88.05
C LYS R 32 21.46 67.93 -89.30
N LEU R 33 22.51 68.47 -89.92
CA LEU R 33 22.37 69.24 -91.16
C LEU R 33 23.46 68.77 -92.09
N HIS R 34 23.06 68.16 -93.20
CA HIS R 34 24.02 67.63 -94.17
C HIS R 34 23.81 68.23 -95.55
N LEU R 35 24.89 68.34 -96.32
CA LEU R 35 24.87 69.05 -97.59
C LEU R 35 25.22 68.16 -98.78
N PHE R 36 24.51 68.36 -99.89
CA PHE R 36 24.82 67.74 -101.17
C PHE R 36 24.97 68.86 -102.18
N GLN R 37 26.21 69.10 -102.61
CA GLN R 37 26.60 70.32 -103.33
C GLN R 37 27.27 70.10 -104.69
N GLN R 38 26.75 70.81 -105.70
CA GLN R 38 27.35 70.92 -107.01
C GLN R 38 27.50 72.41 -107.33
N PRO R 39 28.73 72.94 -107.19
CA PRO R 39 28.98 74.38 -107.31
C PRO R 39 28.41 74.94 -108.62
N GLY R 40 27.61 75.98 -108.49
CA GLY R 40 27.04 76.62 -109.67
C GLY R 40 25.86 75.85 -110.26
N GLU R 41 25.53 74.68 -109.72
CA GLU R 41 24.48 73.89 -110.35
C GLU R 41 23.38 73.42 -109.36
N ARG R 42 23.72 73.03 -108.13
CA ARG R 42 22.69 72.66 -107.15
C ARG R 42 23.15 72.77 -105.69
N THR R 43 22.20 73.09 -104.81
CA THR R 43 22.45 73.09 -103.37
C THR R 43 21.26 72.44 -102.65
N LEU R 44 21.49 71.26 -102.07
CA LEU R 44 20.45 70.52 -101.36
C LEU R 44 20.82 70.34 -99.89
N VAL R 45 19.92 70.71 -98.98
CA VAL R 45 20.19 70.53 -97.54
C VAL R 45 19.24 69.52 -96.92
N VAL R 46 19.78 68.55 -96.16
CA VAL R 46 18.95 67.55 -95.49
C VAL R 46 19.10 67.68 -93.98
N GLN R 47 17.96 67.80 -93.30
CA GLN R 47 17.96 67.85 -91.84
C GLN R 47 17.29 66.60 -91.24
N SER R 48 17.83 66.14 -90.11
CA SER R 48 17.46 64.85 -89.53
C SER R 48 16.81 64.97 -88.16
N ALA R 49 15.80 64.12 -87.92
CA ALA R 49 15.23 63.94 -86.60
C ALA R 49 14.71 62.51 -86.48
N GLY R 50 14.60 62.02 -85.25
CA GLY R 50 14.15 60.67 -85.02
C GLY R 50 15.35 59.75 -84.83
N ASN R 51 15.14 58.47 -85.08
CA ASN R 51 16.16 57.47 -84.84
C ASN R 51 17.47 57.74 -85.59
N LEU R 52 18.54 57.96 -84.82
CA LEU R 52 19.84 58.32 -85.38
C LEU R 52 20.34 57.21 -86.29
N ALA R 53 20.12 55.97 -85.87
CA ALA R 53 20.58 54.84 -86.68
C ALA R 53 19.90 54.88 -88.05
N THR R 54 18.61 55.22 -88.05
CA THR R 54 17.87 55.34 -89.30
C THR R 54 18.36 56.49 -90.17
N THR R 55 18.42 57.69 -89.58
CA THR R 55 18.81 58.89 -90.32
C THR R 55 20.26 58.83 -90.81
N GLN R 56 21.15 58.28 -89.98
CA GLN R 56 22.56 58.14 -90.36
C GLN R 56 22.64 57.22 -91.57
N SER R 57 21.84 56.16 -91.58
CA SER R 57 21.87 55.25 -92.73
C SER R 57 21.36 55.90 -94.00
N ILE R 58 20.28 56.68 -93.88
CA ILE R 58 19.70 57.37 -95.03
C ILE R 58 20.73 58.34 -95.64
N VAL R 59 21.31 59.19 -94.81
CA VAL R 59 22.31 60.14 -95.28
C VAL R 59 23.58 59.46 -95.81
N SER R 60 24.07 58.44 -95.13
CA SER R 60 25.25 57.72 -95.61
C SER R 60 24.96 56.98 -96.92
N LEU R 61 23.79 56.35 -97.03
CA LEU R 61 23.41 55.69 -98.27
C LEU R 61 23.29 56.70 -99.40
N LEU R 62 22.70 57.86 -99.11
CA LEU R 62 22.53 58.90 -100.12
C LEU R 62 23.85 59.46 -100.62
N GLN R 63 24.82 59.61 -99.72
CA GLN R 63 26.14 60.13 -100.08
C GLN R 63 26.93 59.16 -100.98
N ARG R 64 26.88 57.87 -100.64
CA ARG R 64 27.61 56.82 -101.36
C ARG R 64 27.08 56.61 -102.78
N ARG R 65 25.77 56.71 -102.93
CA ARG R 65 25.14 56.57 -104.23
C ARG R 65 25.37 57.79 -105.13
N CYS R 66 25.78 58.90 -104.55
CA CYS R 66 26.13 60.08 -105.32
C CYS R 66 27.37 59.85 -106.21
N LEU R 67 28.17 58.87 -105.83
CA LEU R 67 29.39 58.54 -106.55
C LEU R 67 29.13 57.57 -107.67
N ASP R 68 27.88 57.12 -107.81
CA ASP R 68 27.51 56.16 -108.85
C ASP R 68 26.58 56.78 -109.90
N PRO R 69 27.11 57.01 -111.11
CA PRO R 69 26.35 57.69 -112.17
C PRO R 69 25.30 56.79 -112.83
N GLU R 70 25.36 55.50 -112.56
CA GLU R 70 24.42 54.53 -113.16
C GLU R 70 23.20 54.35 -112.28
N GLN R 71 23.18 55.09 -111.17
CA GLN R 71 22.08 55.01 -110.23
C GLN R 71 21.51 56.38 -109.98
N THR R 72 20.21 56.45 -109.70
CA THR R 72 19.58 57.72 -109.34
C THR R 72 20.12 58.23 -108.01
N ASN R 73 20.61 59.47 -108.00
CA ASN R 73 21.15 60.06 -106.79
C ASN R 73 20.91 61.56 -106.76
N LEU R 74 21.26 62.20 -105.64
CA LEU R 74 20.96 63.60 -105.42
C LEU R 74 21.74 64.57 -106.32
N MET R 75 22.69 64.05 -107.12
CA MET R 75 23.44 64.88 -108.08
C MET R 75 22.84 64.86 -109.49
N ASN R 76 22.08 63.82 -109.84
CA ASN R 76 21.50 63.70 -111.18
C ASN R 76 19.96 63.74 -111.27
N VAL R 77 19.27 63.92 -110.14
CA VAL R 77 17.82 64.13 -110.20
C VAL R 77 17.60 65.52 -110.78
N ALA R 78 16.62 65.63 -111.67
CA ALA R 78 16.39 66.86 -112.41
C ALA R 78 15.73 67.93 -111.57
N SER R 79 14.91 67.54 -110.60
CA SER R 79 14.26 68.55 -109.79
C SER R 79 14.25 68.20 -108.32
N MET R 80 13.95 69.21 -107.50
CA MET R 80 13.82 69.03 -106.06
C MET R 80 12.65 68.08 -105.76
N TYR R 81 11.65 68.02 -106.64
CA TYR R 81 10.58 67.06 -106.46
C TYR R 81 11.07 65.62 -106.59
N GLU R 82 11.93 65.36 -107.57
CA GLU R 82 12.48 64.01 -107.74
C GLU R 82 13.40 63.66 -106.59
N ALA R 83 14.09 64.66 -106.07
CA ALA R 83 14.95 64.48 -104.91
C ALA R 83 14.10 64.07 -103.72
N ALA R 84 12.93 64.70 -103.55
CA ALA R 84 12.02 64.33 -102.47
C ALA R 84 11.55 62.88 -102.62
N THR R 85 11.26 62.50 -103.85
CA THR R 85 10.82 61.17 -104.19
C THR R 85 11.87 60.14 -103.83
N LEU R 86 13.12 60.50 -104.09
CA LEU R 86 14.27 59.66 -103.84
C LEU R 86 14.46 59.44 -102.34
N LEU R 87 14.30 60.53 -101.61
CA LEU R 87 14.39 60.55 -100.15
C LEU R 87 13.33 59.63 -99.51
N GLY R 88 12.10 59.71 -100.03
CA GLY R 88 11.03 58.88 -99.53
C GLY R 88 11.35 57.40 -99.71
N GLU R 89 11.93 57.06 -100.86
CA GLU R 89 12.31 55.68 -101.15
C GLU R 89 13.37 55.14 -100.22
N THR R 90 14.33 56.01 -99.91
CA THR R 90 15.47 55.63 -99.09
C THR R 90 15.04 55.46 -97.65
N VAL R 91 14.12 56.31 -97.21
CA VAL R 91 13.50 56.19 -95.87
C VAL R 91 12.82 54.83 -95.75
N ARG R 92 12.03 54.43 -96.74
CA ARG R 92 11.36 53.13 -96.70
C ARG R 92 12.36 51.98 -96.74
N GLU R 93 13.41 52.13 -97.53
CA GLU R 93 14.44 51.11 -97.62
C GLU R 93 15.13 50.85 -96.27
N VAL R 94 15.54 51.94 -95.61
CA VAL R 94 16.29 51.83 -94.35
C VAL R 94 15.39 51.30 -93.23
N ILE R 95 14.15 51.77 -93.15
CA ILE R 95 13.23 51.30 -92.11
C ILE R 95 12.84 49.80 -92.27
N ASN R 96 12.62 49.37 -93.52
CA ASN R 96 12.26 47.97 -93.79
C ASN R 96 13.40 47.02 -93.45
N ARG R 97 14.62 47.48 -93.70
CA ARG R 97 15.80 46.68 -93.46
C ARG R 97 16.07 46.45 -91.98
N ASP R 98 16.13 47.55 -91.22
CA ASP R 98 16.49 47.47 -89.80
C ASP R 98 15.42 46.81 -88.89
N SER R 99 14.16 46.90 -89.29
CA SER R 99 13.07 46.27 -88.55
C SER R 99 12.76 44.85 -89.05
N GLY R 107 5.77 48.91 -87.03
CA GLY R 107 6.72 49.27 -85.98
C GLY R 107 7.17 50.71 -86.08
N THR R 108 7.34 51.36 -84.94
CA THR R 108 7.69 52.78 -84.91
C THR R 108 9.02 53.15 -84.22
N ASP R 109 9.74 52.16 -83.70
CA ASP R 109 10.97 52.40 -82.96
C ASP R 109 12.00 53.03 -83.87
N PHE R 110 11.92 52.67 -85.15
CA PHE R 110 12.90 53.07 -86.14
C PHE R 110 12.52 54.26 -86.98
N ASN R 111 11.45 54.96 -86.60
CA ASN R 111 10.90 56.06 -87.42
C ASN R 111 11.73 57.34 -87.37
N CYS R 112 11.76 58.05 -88.49
CA CYS R 112 12.45 59.34 -88.57
C CYS R 112 11.71 60.41 -89.38
N ASN R 113 12.07 61.68 -89.15
CA ASN R 113 11.58 62.77 -90.00
C ASN R 113 12.71 63.62 -90.60
N LEU R 114 12.53 64.05 -91.85
CA LEU R 114 13.55 64.81 -92.56
C LEU R 114 12.97 66.07 -93.20
N LEU R 115 13.82 67.08 -93.34
CA LEU R 115 13.54 68.24 -94.16
C LEU R 115 14.53 68.24 -95.30
N LEU R 116 14.02 68.56 -96.48
CA LEU R 116 14.81 68.66 -97.69
C LEU R 116 14.50 69.94 -98.39
N GLY R 117 15.50 70.82 -98.48
CA GLY R 117 15.32 72.13 -99.06
C GLY R 117 16.53 72.58 -99.85
N GLY R 118 16.28 73.47 -100.81
CA GLY R 118 17.37 74.01 -101.60
C GLY R 118 16.95 74.39 -102.99
N GLN R 119 17.90 74.32 -103.92
CA GLN R 119 17.65 74.70 -105.29
C GLN R 119 18.51 73.92 -106.27
N ILE R 120 17.88 73.46 -107.35
CA ILE R 120 18.60 72.91 -108.52
C ILE R 120 18.47 73.84 -109.72
N LYS R 121 19.58 74.14 -110.38
CA LYS R 121 19.59 75.11 -111.47
C LYS R 121 18.54 74.87 -112.54
N GLY R 122 17.81 75.94 -112.88
CA GLY R 122 16.72 75.86 -113.83
C GLY R 122 15.40 75.91 -113.10
N GLU R 123 15.48 75.93 -111.77
CA GLU R 123 14.30 75.86 -110.90
C GLU R 123 14.39 76.84 -109.74
N GLY R 124 13.26 77.13 -109.09
CA GLY R 124 13.24 78.01 -107.94
C GLY R 124 13.50 77.28 -106.62
N LEU R 125 13.35 78.00 -105.51
CA LEU R 125 13.52 77.38 -104.21
C LEU R 125 12.44 76.36 -103.85
N ARG R 126 12.86 75.19 -103.37
CA ARG R 126 11.90 74.18 -102.95
C ARG R 126 12.30 73.56 -101.60
N LEU R 127 11.29 73.29 -100.78
CA LEU R 127 11.46 72.76 -99.43
C LEU R 127 10.38 71.69 -99.15
N PHE R 128 10.80 70.49 -98.73
CA PHE R 128 9.86 69.38 -98.48
C PHE R 128 10.02 68.84 -97.08
N HIS R 129 8.94 68.30 -96.54
CA HIS R 129 8.99 67.55 -95.29
C HIS R 129 8.71 66.08 -95.56
N ILE R 130 9.68 65.20 -95.27
CA ILE R 130 9.50 63.77 -95.48
C ILE R 130 9.09 62.99 -94.23
N TYR R 131 8.05 62.17 -94.34
CA TYR R 131 7.53 61.39 -93.21
C TYR R 131 8.12 59.98 -93.15
N PRO R 132 7.99 59.29 -91.99
CA PRO R 132 8.46 57.91 -91.84
C PRO R 132 7.93 56.94 -92.92
N GLN R 133 6.76 57.23 -93.48
CA GLN R 133 6.19 56.39 -94.55
C GLN R 133 6.81 56.66 -95.92
N GLY R 134 7.60 57.72 -96.05
CA GLY R 134 8.27 58.02 -97.30
C GLY R 134 7.53 59.02 -98.17
N ASN R 135 6.30 59.37 -97.79
CA ASN R 135 5.62 60.42 -98.53
C ASN R 135 6.03 61.77 -97.96
N PHE R 136 5.54 62.86 -98.53
CA PHE R 136 6.05 64.17 -98.18
C PHE R 136 5.12 65.32 -98.53
N ILE R 137 5.34 66.49 -97.93
CA ILE R 137 4.64 67.70 -98.36
C ILE R 137 5.65 68.80 -98.70
N GLU R 138 5.20 69.79 -99.47
CA GLU R 138 6.09 70.88 -99.91
C GLU R 138 5.66 72.22 -99.32
N ALA R 139 6.62 73.06 -98.94
CA ALA R 139 6.29 74.39 -98.41
C ALA R 139 5.73 75.30 -99.49
N THR R 140 4.77 76.11 -99.11
CA THR R 140 4.15 77.07 -100.03
C THR R 140 4.29 78.47 -99.42
N GLN R 141 3.70 79.48 -100.04
CA GLN R 141 3.76 80.84 -99.48
C GLN R 141 2.86 80.94 -98.24
N ASP R 142 1.86 80.09 -98.20
CA ASP R 142 0.94 80.04 -97.09
C ASP R 142 1.52 79.29 -95.90
N THR R 143 2.32 78.25 -96.17
CA THR R 143 3.04 77.56 -95.10
C THR R 143 4.50 77.49 -95.52
N PRO R 144 5.27 78.53 -95.18
CA PRO R 144 6.63 78.74 -95.69
C PRO R 144 7.72 78.16 -94.81
N TYR R 145 7.36 77.36 -93.81
CA TYR R 145 8.37 76.74 -92.96
C TYR R 145 7.89 75.40 -92.45
N PHE R 146 8.84 74.55 -92.05
CA PHE R 146 8.57 73.25 -91.45
C PHE R 146 9.40 73.09 -90.20
N GLN R 147 8.89 72.37 -89.23
CA GLN R 147 9.66 71.97 -88.06
C GLN R 147 9.73 70.46 -87.87
N ILE R 148 10.86 69.96 -87.39
CA ILE R 148 10.92 68.57 -86.98
C ILE R 148 11.59 68.51 -85.61
N GLY R 149 11.36 67.40 -84.88
CA GLY R 149 11.85 67.27 -83.51
C GLY R 149 10.97 67.94 -82.46
N GLU R 150 11.60 68.40 -81.38
CA GLU R 150 10.87 69.09 -80.33
C GLU R 150 10.59 70.53 -80.73
N SER R 151 9.44 70.75 -81.37
CA SER R 151 9.19 71.95 -82.15
C SER R 151 8.17 72.94 -81.55
N LYS R 152 7.35 72.50 -80.60
CA LYS R 152 6.25 73.36 -80.14
C LYS R 152 6.75 74.57 -79.37
N TYR R 153 7.82 74.41 -78.61
CA TYR R 153 8.35 75.50 -77.81
C TYR R 153 8.77 76.67 -78.72
N GLY R 154 9.24 76.35 -79.91
CA GLY R 154 9.77 77.38 -80.81
C GLY R 154 8.81 77.86 -81.89
N LYS R 155 7.60 77.34 -81.89
CA LYS R 155 6.65 77.68 -82.93
C LYS R 155 6.07 79.09 -82.79
N PRO R 156 5.69 79.51 -81.57
CA PRO R 156 5.05 80.83 -81.49
C PRO R 156 5.83 82.03 -82.10
N ILE R 157 7.15 82.13 -81.93
CA ILE R 157 7.86 83.30 -82.46
C ILE R 157 7.83 83.28 -83.99
N ILE R 158 7.90 82.08 -84.57
CA ILE R 158 7.86 81.97 -86.01
C ILE R 158 6.49 82.43 -86.51
N ASP R 159 5.43 82.01 -85.82
CA ASP R 159 4.10 82.43 -86.22
C ASP R 159 3.97 83.94 -86.08
N ARG R 160 4.69 84.52 -85.11
CA ARG R 160 4.54 85.95 -84.78
C ARG R 160 5.26 86.87 -85.73
N VAL R 161 6.42 86.46 -86.25
CA VAL R 161 7.24 87.36 -87.06
C VAL R 161 7.60 86.86 -88.48
N LEU R 162 7.42 85.58 -88.79
CA LEU R 162 7.84 85.07 -90.11
C LEU R 162 6.73 85.07 -91.18
N SER R 163 7.10 85.52 -92.37
CA SER R 163 6.24 85.46 -93.55
C SER R 163 7.08 85.09 -94.76
N TYR R 164 6.42 84.72 -95.85
CA TYR R 164 7.13 84.36 -97.07
C TYR R 164 8.07 85.50 -97.52
N ASP R 165 7.69 86.75 -97.26
CA ASP R 165 8.45 87.91 -97.74
C ASP R 165 9.42 88.52 -96.70
N THR R 166 9.51 87.89 -95.55
CA THR R 166 10.47 88.26 -94.52
C THR R 166 11.88 88.12 -95.12
N PRO R 167 12.73 89.16 -94.96
CA PRO R 167 14.11 89.08 -95.47
C PRO R 167 14.91 87.94 -94.84
N LEU R 168 15.89 87.44 -95.60
CA LEU R 168 16.68 86.26 -95.25
C LEU R 168 17.31 86.35 -93.85
N ASP R 169 17.96 87.48 -93.57
CA ASP R 169 18.62 87.66 -92.27
C ASP R 169 17.58 87.72 -91.16
N GLN R 170 16.39 88.22 -91.45
CA GLN R 170 15.36 88.30 -90.42
C GLN R 170 14.85 86.90 -90.08
N ALA R 171 14.77 86.04 -91.10
CA ALA R 171 14.32 84.66 -90.93
C ALA R 171 15.31 83.90 -90.04
N MET R 172 16.59 84.09 -90.31
CA MET R 172 17.62 83.44 -89.52
C MET R 172 17.63 83.94 -88.09
N GLN R 173 17.38 85.24 -87.89
CA GLN R 173 17.27 85.79 -86.54
C GLN R 173 16.14 85.06 -85.81
N CYS R 174 15.03 84.89 -86.52
CA CYS R 174 13.84 84.21 -86.03
C CYS R 174 14.15 82.75 -85.69
N ALA R 175 14.91 82.08 -86.56
CA ALA R 175 15.32 80.71 -86.27
C ALA R 175 16.12 80.68 -84.96
N LEU R 176 17.03 81.64 -84.78
CA LEU R 176 17.85 81.62 -83.57
C LEU R 176 17.03 81.91 -82.32
N ILE R 177 16.02 82.77 -82.40
CA ILE R 177 15.16 83.03 -81.24
C ILE R 177 14.35 81.80 -80.85
N SER R 178 13.85 81.10 -81.87
CA SER R 178 13.14 79.84 -81.74
C SER R 178 13.97 78.76 -81.03
N MET R 179 15.24 78.68 -81.40
CA MET R 179 16.18 77.74 -80.78
C MET R 179 16.38 78.04 -79.30
N ASP R 180 16.57 79.32 -79.01
CA ASP R 180 16.79 79.81 -77.66
C ASP R 180 15.62 79.46 -76.73
N SER R 181 14.38 79.72 -77.16
CA SER R 181 13.24 79.39 -76.32
C SER R 181 13.16 77.89 -76.09
N THR R 182 13.52 77.11 -77.10
CA THR R 182 13.46 75.67 -76.98
C THR R 182 14.56 75.12 -76.06
N LEU R 183 15.80 75.57 -76.27
CA LEU R 183 16.95 75.17 -75.45
C LEU R 183 16.67 75.38 -73.97
N ARG R 184 16.04 76.50 -73.65
CA ARG R 184 15.69 76.91 -72.29
C ARG R 184 14.56 76.10 -71.65
N SER R 185 13.72 75.48 -72.49
CA SER R 185 12.47 74.90 -72.00
C SER R 185 12.47 73.36 -72.03
N ASN R 186 13.38 72.78 -72.78
CA ASN R 186 13.45 71.34 -72.88
C ASN R 186 14.88 70.87 -73.05
N LEU R 187 15.31 70.01 -72.14
CA LEU R 187 16.72 69.64 -72.08
C LEU R 187 17.15 68.63 -73.14
N SER R 188 16.21 68.18 -73.97
CA SER R 188 16.56 67.27 -75.05
C SER R 188 17.08 68.05 -76.26
N VAL R 189 16.96 69.37 -76.21
CA VAL R 189 17.48 70.18 -77.28
C VAL R 189 18.76 70.82 -76.74
N GLY R 190 19.82 70.84 -77.54
CA GLY R 190 21.08 71.37 -77.07
C GLY R 190 22.06 71.93 -78.10
N LEU R 191 22.91 72.85 -77.65
CA LEU R 191 23.98 73.39 -78.46
C LEU R 191 25.01 72.28 -78.65
N PRO R 192 25.88 72.37 -79.66
CA PRO R 192 25.99 73.40 -80.69
C PRO R 192 24.91 73.30 -81.73
N LEU R 193 24.78 74.38 -82.50
CA LEU R 193 23.86 74.48 -83.62
C LEU R 193 24.61 74.38 -84.93
N ASP R 194 23.91 73.96 -85.96
CA ASP R 194 24.43 74.12 -87.28
C ASP R 194 23.36 74.86 -88.08
N VAL R 195 23.70 76.03 -88.61
CA VAL R 195 22.76 76.85 -89.36
C VAL R 195 23.31 77.18 -90.75
N MET R 196 22.42 77.58 -91.65
CA MET R 196 22.81 77.96 -93.00
C MET R 196 21.79 78.89 -93.62
N ILE R 197 22.29 79.88 -94.36
CA ILE R 197 21.50 80.75 -95.19
C ILE R 197 21.77 80.40 -96.66
N TYR R 198 20.74 80.09 -97.43
CA TYR R 198 20.94 79.87 -98.86
C TYR R 198 20.23 80.96 -99.65
N PRO R 199 21.02 81.89 -100.20
CA PRO R 199 20.44 82.97 -101.02
C PRO R 199 20.00 82.48 -102.39
N LEU R 200 18.85 82.98 -102.85
CA LEU R 200 18.29 82.62 -104.15
C LEU R 200 19.32 82.67 -105.28
N ASP R 201 19.36 81.59 -106.07
CA ASP R 201 20.18 81.43 -107.27
C ASP R 201 21.70 81.45 -107.05
N SER R 202 22.16 81.42 -105.80
CA SER R 202 23.60 81.49 -105.53
C SER R 202 24.35 80.14 -105.66
N PHE R 203 23.67 79.03 -105.37
CA PHE R 203 24.26 77.68 -105.39
C PHE R 203 25.55 77.66 -104.59
N SER R 204 25.50 78.35 -103.47
CA SER R 204 26.63 78.54 -102.57
C SER R 204 26.38 77.94 -101.20
N THR R 205 27.40 77.33 -100.61
CA THR R 205 27.27 76.82 -99.26
C THR R 205 28.15 77.62 -98.32
N GLU R 206 28.49 78.84 -98.74
CA GLU R 206 29.41 79.67 -97.97
C GLU R 206 28.87 80.18 -96.64
N GLN R 207 27.57 80.46 -96.56
CA GLN R 207 26.99 80.91 -95.29
C GLN R 207 26.46 79.72 -94.47
N GLN R 208 27.35 78.77 -94.19
CA GLN R 208 27.07 77.67 -93.30
C GLN R 208 27.91 77.89 -92.05
N TYR R 209 27.31 77.74 -90.86
CA TYR R 209 27.99 78.11 -89.61
C TYR R 209 27.71 77.15 -88.46
N ARG R 210 28.72 76.91 -87.63
CA ARG R 210 28.49 76.23 -86.38
C ARG R 210 28.46 77.19 -85.22
N ILE R 211 27.34 77.20 -84.50
CA ILE R 211 27.16 78.08 -83.38
C ILE R 211 27.35 77.33 -82.07
N THR R 212 28.44 77.64 -81.37
CA THR R 212 28.67 77.05 -80.07
C THR R 212 28.15 78.00 -79.02
N GLU R 213 28.25 77.55 -77.78
CA GLU R 213 27.92 78.32 -76.61
C GLU R 213 28.74 79.62 -76.53
N ASP R 214 29.90 79.65 -77.19
CA ASP R 214 30.81 80.82 -77.18
C ASP R 214 30.59 81.82 -78.33
N HIS R 215 29.72 81.46 -79.27
CA HIS R 215 29.45 82.32 -80.43
C HIS R 215 28.87 83.65 -79.97
N PRO R 216 29.60 84.76 -80.24
CA PRO R 216 29.28 86.10 -79.75
C PRO R 216 27.92 86.62 -80.21
N TYR R 217 27.56 86.48 -81.49
CA TYR R 217 26.28 87.03 -81.92
C TYR R 217 25.10 86.26 -81.31
N PHE R 218 25.23 84.94 -81.22
CA PHE R 218 24.16 84.15 -80.61
C PHE R 218 24.02 84.55 -79.15
N MET R 219 25.15 84.76 -78.47
CA MET R 219 25.13 85.29 -77.12
C MET R 219 24.44 86.67 -77.08
N MET R 220 24.79 87.52 -78.03
CA MET R 220 24.23 88.86 -78.07
C MET R 220 22.73 88.85 -78.36
N ILE R 221 22.28 88.06 -79.34
CA ILE R 221 20.87 88.07 -79.67
C ILE R 221 20.03 87.43 -78.57
N ARG R 222 20.56 86.41 -77.89
CA ARG R 222 19.83 85.76 -76.80
C ARG R 222 19.64 86.70 -75.62
N LYS R 223 20.71 87.39 -75.26
CA LYS R 223 20.69 88.28 -74.13
C LYS R 223 19.76 89.46 -74.42
N GLY R 224 19.84 89.98 -75.64
CA GLY R 224 18.99 91.07 -76.07
C GLY R 224 17.51 90.70 -76.09
N TRP R 225 17.21 89.52 -76.59
CA TRP R 225 15.83 89.07 -76.69
C TRP R 225 15.24 88.91 -75.29
N GLY R 226 16.00 88.29 -74.40
CA GLY R 226 15.53 88.10 -73.05
C GLY R 226 15.26 89.42 -72.35
N GLU R 227 16.19 90.37 -72.45
CA GLU R 227 15.98 91.68 -71.84
C GLU R 227 14.85 92.44 -72.51
N GLY R 228 14.75 92.34 -73.83
CA GLY R 228 13.68 93.03 -74.53
C GLY R 228 12.35 92.50 -74.02
N LEU R 229 12.28 91.18 -73.85
CA LEU R 229 11.06 90.52 -73.42
C LEU R 229 10.70 90.93 -71.99
N VAL R 230 11.70 90.90 -71.10
CA VAL R 230 11.48 91.26 -69.69
C VAL R 230 11.01 92.71 -69.53
N SER R 231 11.47 93.58 -70.42
CA SER R 231 11.09 95.00 -70.42
C SER R 231 9.61 95.21 -70.82
N ILE R 232 9.16 94.50 -71.85
CA ILE R 232 7.77 94.58 -72.29
C ILE R 232 6.81 94.15 -71.16
N PHE R 233 7.18 93.06 -70.48
CA PHE R 233 6.39 92.53 -69.39
C PHE R 233 6.28 93.53 -68.23
N ALA R 234 7.38 94.19 -67.88
CA ALA R 234 7.39 95.12 -66.75
C ALA R 234 6.54 96.37 -67.02
N GLN R 235 6.44 96.76 -68.29
CA GLN R 235 5.67 97.93 -68.73
C GLN R 235 4.26 97.64 -69.22
N LEU R 236 3.80 96.39 -69.09
CA LEU R 236 2.42 96.09 -69.48
C LEU R 236 1.42 96.83 -68.58
N PRO R 237 0.27 97.22 -69.15
CA PRO R 237 -0.79 97.82 -68.33
C PRO R 237 -1.28 96.84 -67.25
N GLY R 238 -1.71 97.38 -66.10
CA GLY R 238 -2.17 96.58 -64.97
C GLY R 238 -3.38 95.72 -65.29
N LEU R 239 -3.57 94.63 -64.54
CA LEU R 239 -4.68 93.69 -64.74
C LEU R 239 -6.07 94.34 -64.62
N LYS R 240 -6.94 94.14 -65.60
CA LYS R 240 -8.33 94.58 -65.47
C LYS R 240 -9.25 93.41 -65.85
N LEU R 241 -9.35 92.46 -64.94
CA LEU R 241 -10.24 91.33 -65.10
C LEU R 241 -11.55 91.69 -64.41
N GLY R 242 -11.50 92.83 -63.74
CA GLY R 242 -12.59 93.38 -62.95
C GLY R 242 -13.78 93.60 -63.86
N ARG R 243 -14.98 93.40 -63.31
CA ARG R 243 -16.27 93.55 -63.98
C ARG R 243 -16.70 92.20 -64.58
N THR S 1 19.05 63.26 -61.01
CA THR S 1 18.96 62.70 -59.67
C THR S 1 20.25 61.96 -59.31
N TYR S 2 20.99 62.51 -58.35
CA TYR S 2 22.15 61.81 -57.80
C TYR S 2 22.32 62.29 -56.40
N CYS S 3 22.29 61.36 -55.45
CA CYS S 3 22.50 61.70 -54.06
C CYS S 3 23.56 60.79 -53.47
N VAL S 4 24.42 61.36 -52.64
CA VAL S 4 25.47 60.62 -51.95
C VAL S 4 25.55 61.10 -50.50
N ALA S 5 25.80 60.16 -49.60
CA ALA S 5 25.97 60.47 -48.18
C ALA S 5 27.17 59.71 -47.66
N MET S 6 27.92 60.35 -46.78
CA MET S 6 29.14 59.76 -46.23
C MET S 6 29.13 59.76 -44.71
N ARG S 7 29.38 58.60 -44.11
CA ARG S 7 29.51 58.50 -42.66
C ARG S 7 30.99 58.34 -42.30
N LEU S 8 31.54 59.38 -41.67
CA LEU S 8 32.94 59.44 -41.32
C LEU S 8 33.10 59.54 -39.81
N SER S 9 34.33 59.40 -39.33
CA SER S 9 34.62 59.45 -37.90
C SER S 9 34.23 60.80 -37.29
N SER S 10 34.46 61.85 -38.07
CA SER S 10 34.28 63.21 -37.62
C SER S 10 32.92 63.81 -37.91
N GLY S 11 32.08 63.08 -38.64
CA GLY S 11 30.76 63.57 -38.97
C GLY S 11 30.15 62.91 -40.19
N LEU S 12 29.10 63.54 -40.71
CA LEU S 12 28.43 63.11 -41.93
C LEU S 12 28.49 64.25 -42.94
N ALA S 13 28.59 63.87 -44.21
CA ALA S 13 28.50 64.80 -45.32
C ALA S 13 27.38 64.35 -46.26
N PHE S 14 26.57 65.29 -46.72
CA PHE S 14 25.48 64.98 -47.64
C PHE S 14 25.52 65.88 -48.87
N ALA S 15 25.21 65.31 -50.03
CA ALA S 15 25.07 66.09 -51.25
C ALA S 15 24.00 65.47 -52.16
N SER S 16 23.12 66.32 -52.68
CA SER S 16 22.11 65.88 -53.62
C SER S 16 22.03 66.86 -54.79
N ASP S 17 21.79 66.38 -56.01
CA ASP S 17 21.52 67.30 -57.10
C ASP S 17 20.01 67.65 -57.01
N SER S 18 19.44 68.26 -58.04
CA SER S 18 18.03 68.64 -57.98
C SER S 18 17.24 68.36 -59.25
N ARG S 19 17.92 67.93 -60.29
CA ARG S 19 17.20 67.73 -61.53
C ARG S 19 16.35 66.47 -61.40
N THR S 20 15.08 66.59 -61.74
CA THR S 20 14.13 65.50 -61.53
C THR S 20 13.35 65.14 -62.79
N ASN S 21 13.15 63.85 -63.03
CA ASN S 21 12.27 63.47 -64.14
C ASN S 21 10.89 63.17 -63.57
N ALA S 22 9.99 64.14 -63.70
CA ALA S 22 8.65 64.08 -63.14
C ALA S 22 7.64 63.52 -64.14
N GLY S 23 8.02 63.59 -65.41
CA GLY S 23 7.22 63.08 -66.51
C GLY S 23 8.12 63.07 -67.73
N VAL S 24 7.61 62.56 -68.84
CA VAL S 24 8.40 62.48 -70.06
C VAL S 24 8.93 63.83 -70.60
N ASP S 25 8.05 64.82 -70.72
CA ASP S 25 8.45 66.14 -71.22
C ASP S 25 8.57 67.11 -70.06
N HIS S 26 8.64 66.57 -68.85
CA HIS S 26 8.66 67.39 -67.65
C HIS S 26 9.87 67.11 -66.77
N ILE S 27 11.01 67.66 -67.17
CA ILE S 27 12.23 67.54 -66.37
C ILE S 27 12.44 68.87 -65.65
N SER S 28 12.40 68.86 -64.32
CA SER S 28 12.45 70.10 -63.56
C SER S 28 13.29 69.97 -62.28
N THR S 29 13.40 71.06 -61.53
CA THR S 29 14.22 71.10 -60.34
C THR S 29 13.39 70.88 -59.06
N PHE S 30 13.76 69.87 -58.28
CA PHE S 30 13.13 69.54 -57.00
C PHE S 30 14.16 69.24 -55.91
N ARG S 31 13.91 69.70 -54.69
CA ARG S 31 14.85 69.45 -53.60
C ARG S 31 14.85 67.94 -53.26
N LYS S 32 16.05 67.37 -53.10
CA LYS S 32 16.24 65.95 -52.85
C LYS S 32 16.97 65.75 -51.52
N LEU S 33 16.94 66.75 -50.67
CA LEU S 33 17.56 66.69 -49.36
C LEU S 33 16.62 67.37 -48.38
N HIS S 34 16.03 66.60 -47.46
CA HIS S 34 15.09 67.17 -46.50
C HIS S 34 15.54 66.92 -45.09
N LEU S 35 15.12 67.80 -44.19
CA LEU S 35 15.64 67.80 -42.84
C LEU S 35 14.60 67.53 -41.76
N PHE S 36 15.01 66.74 -40.76
CA PHE S 36 14.24 66.52 -39.54
C PHE S 36 15.13 66.86 -38.35
N GLN S 37 14.84 67.99 -37.72
CA GLN S 37 15.75 68.61 -36.76
C GLN S 37 15.11 68.85 -35.40
N GLN S 38 15.81 68.46 -34.34
CA GLN S 38 15.47 68.89 -32.99
C GLN S 38 16.71 69.44 -32.31
N PRO S 39 16.82 70.78 -32.22
CA PRO S 39 18.05 71.44 -31.76
C PRO S 39 18.56 70.87 -30.44
N GLY S 40 19.82 70.43 -30.46
CA GLY S 40 20.44 69.87 -29.27
C GLY S 40 20.06 68.43 -29.01
N GLU S 41 19.20 67.87 -29.83
CA GLU S 41 18.68 66.54 -29.52
C GLU S 41 18.80 65.55 -30.68
N ARG S 42 18.50 65.99 -31.90
CA ARG S 42 18.64 65.10 -33.06
C ARG S 42 18.72 65.88 -34.35
N THR S 43 19.46 65.31 -35.31
CA THR S 43 19.53 65.83 -36.67
C THR S 43 19.44 64.69 -37.66
N LEU S 44 18.36 64.63 -38.42
CA LEU S 44 18.17 63.57 -39.41
C LEU S 44 18.04 64.13 -40.81
N VAL S 45 18.78 63.55 -41.76
CA VAL S 45 18.70 63.97 -43.15
C VAL S 45 18.16 62.83 -44.01
N VAL S 46 17.16 63.13 -44.84
CA VAL S 46 16.59 62.17 -45.76
C VAL S 46 16.85 62.63 -47.19
N GLN S 47 17.44 61.74 -48.00
CA GLN S 47 17.69 62.05 -49.42
C GLN S 47 16.89 61.15 -50.36
N SER S 48 16.40 61.72 -51.46
CA SER S 48 15.44 61.00 -52.30
C SER S 48 15.93 60.67 -53.71
N ALA S 49 15.61 59.47 -54.16
CA ALA S 49 15.81 59.04 -55.54
C ALA S 49 14.65 58.14 -55.97
N GLY S 50 14.40 58.05 -57.28
CA GLY S 50 13.31 57.27 -57.82
C GLY S 50 12.07 58.10 -58.08
N ASN S 51 10.91 57.45 -58.07
CA ASN S 51 9.63 58.10 -58.39
C ASN S 51 9.34 59.29 -57.47
N LEU S 52 9.22 60.47 -58.08
CA LEU S 52 9.05 61.71 -57.33
C LEU S 52 7.74 61.69 -56.54
N ALA S 53 6.68 61.19 -57.17
CA ALA S 53 5.40 61.07 -56.48
C ALA S 53 5.54 60.17 -55.26
N THR S 54 6.31 59.09 -55.40
CA THR S 54 6.52 58.19 -54.28
C THR S 54 7.30 58.87 -53.14
N THR S 55 8.45 59.46 -53.46
CA THR S 55 9.30 60.07 -52.44
C THR S 55 8.66 61.29 -51.77
N GLN S 56 7.95 62.10 -52.54
CA GLN S 56 7.31 63.27 -51.98
C GLN S 56 6.24 62.90 -50.94
N SER S 57 5.51 61.83 -51.21
CA SER S 57 4.46 61.35 -50.30
C SER S 57 5.06 60.82 -49.00
N ILE S 58 6.15 60.09 -49.10
CA ILE S 58 6.85 59.60 -47.92
C ILE S 58 7.31 60.78 -47.09
N VAL S 59 7.97 61.75 -47.72
CA VAL S 59 8.43 62.92 -46.98
C VAL S 59 7.25 63.70 -46.39
N SER S 60 6.17 63.89 -47.15
CA SER S 60 5.02 64.64 -46.64
C SER S 60 4.41 63.93 -45.45
N LEU S 61 4.32 62.60 -45.56
CA LEU S 61 3.79 61.79 -44.46
C LEU S 61 4.66 61.84 -43.21
N LEU S 62 5.98 61.82 -43.38
CA LEU S 62 6.91 61.86 -42.24
C LEU S 62 6.82 63.20 -41.50
N GLN S 63 6.71 64.29 -42.26
CA GLN S 63 6.65 65.63 -41.68
C GLN S 63 5.38 65.89 -40.89
N ARG S 64 4.24 65.48 -41.43
CA ARG S 64 2.99 65.68 -40.71
C ARG S 64 2.89 64.77 -39.51
N ARG S 65 3.38 63.54 -39.62
CA ARG S 65 3.30 62.62 -38.49
C ARG S 65 4.26 63.07 -37.39
N CYS S 66 5.23 63.89 -37.74
CA CYS S 66 6.12 64.52 -36.77
C CYS S 66 5.35 65.46 -35.85
N LEU S 67 4.18 65.90 -36.32
CA LEU S 67 3.33 66.82 -35.56
C LEU S 67 2.34 66.09 -34.62
N ASP S 68 2.33 64.77 -34.69
CA ASP S 68 1.47 63.95 -33.82
C ASP S 68 2.29 63.17 -32.80
N PRO S 69 2.20 63.55 -31.51
CA PRO S 69 2.98 62.88 -30.47
C PRO S 69 2.44 61.50 -30.06
N GLU S 70 1.24 61.15 -30.52
CA GLU S 70 0.65 59.85 -30.16
C GLU S 70 0.93 58.75 -31.19
N GLN S 71 1.71 59.09 -32.20
CA GLN S 71 2.06 58.20 -33.28
C GLN S 71 3.57 58.10 -33.39
N THR S 72 4.08 56.98 -33.87
CA THR S 72 5.51 56.91 -34.13
C THR S 72 5.87 57.88 -35.24
N ASN S 73 6.88 58.71 -34.97
CA ASN S 73 7.36 59.66 -35.96
C ASN S 73 8.87 59.88 -35.80
N LEU S 74 9.48 60.62 -36.72
CA LEU S 74 10.94 60.76 -36.72
C LEU S 74 11.46 61.57 -35.54
N MET S 75 10.55 62.23 -34.83
CA MET S 75 10.94 63.04 -33.69
C MET S 75 10.93 62.27 -32.36
N ASN S 76 10.21 61.15 -32.28
CA ASN S 76 10.15 60.40 -31.03
C ASN S 76 10.76 58.99 -31.10
N VAL S 77 11.34 58.61 -32.24
CA VAL S 77 12.04 57.32 -32.29
C VAL S 77 13.29 57.45 -31.42
N ALA S 78 13.57 56.42 -30.64
CA ALA S 78 14.65 56.44 -29.65
C ALA S 78 16.04 56.34 -30.28
N SER S 79 16.12 55.66 -31.42
CA SER S 79 17.36 55.49 -32.15
C SER S 79 17.23 55.64 -33.65
N MET S 80 18.38 55.76 -34.31
CA MET S 80 18.45 55.83 -35.76
C MET S 80 18.03 54.52 -36.42
N TYR S 81 18.21 53.40 -35.72
CA TYR S 81 17.74 52.14 -36.26
C TYR S 81 16.21 52.15 -36.33
N GLU S 82 15.55 52.69 -35.31
CA GLU S 82 14.08 52.74 -35.32
C GLU S 82 13.56 53.67 -36.40
N ALA S 83 14.35 54.70 -36.70
CA ALA S 83 14.01 55.60 -37.78
C ALA S 83 14.02 54.87 -39.13
N ALA S 84 15.02 54.04 -39.34
CA ALA S 84 15.12 53.29 -40.57
C ALA S 84 13.94 52.35 -40.76
N THR S 85 13.56 51.65 -39.68
CA THR S 85 12.38 50.77 -39.76
C THR S 85 11.12 51.59 -40.04
N LEU S 86 11.02 52.78 -39.44
CA LEU S 86 9.89 53.70 -39.68
C LEU S 86 9.85 54.18 -41.14
N LEU S 87 11.01 54.54 -41.68
CA LEU S 87 11.07 54.95 -43.09
C LEU S 87 10.63 53.80 -43.97
N GLY S 88 11.14 52.60 -43.66
CA GLY S 88 10.79 51.39 -44.39
C GLY S 88 9.29 51.09 -44.37
N GLU S 89 8.65 51.32 -43.22
CA GLU S 89 7.21 51.12 -43.13
C GLU S 89 6.49 52.11 -44.04
N THR S 90 7.00 53.34 -44.07
CA THR S 90 6.36 54.41 -44.83
C THR S 90 6.54 54.19 -46.33
N VAL S 91 7.70 53.68 -46.74
CA VAL S 91 7.96 53.31 -48.14
C VAL S 91 6.98 52.26 -48.65
N ARG S 92 6.81 51.18 -47.89
CA ARG S 92 5.90 50.10 -48.26
C ARG S 92 4.48 50.60 -48.29
N GLU S 93 4.15 51.46 -47.32
CA GLU S 93 2.81 52.03 -47.22
C GLU S 93 2.39 52.79 -48.47
N VAL S 94 3.25 53.70 -48.93
CA VAL S 94 2.97 54.58 -50.06
C VAL S 94 2.95 53.82 -51.39
N ILE S 95 3.90 52.92 -51.59
CA ILE S 95 3.98 52.14 -52.82
C ILE S 95 2.74 51.24 -52.95
N ASN S 96 2.30 50.65 -51.85
CA ASN S 96 1.11 49.81 -51.88
C ASN S 96 -0.16 50.61 -52.22
N ARG S 97 -0.24 51.83 -51.71
CA ARG S 97 -1.37 52.72 -51.97
C ARG S 97 -1.41 53.17 -53.42
N ASP S 98 -0.28 53.67 -53.91
CA ASP S 98 -0.20 54.23 -55.25
C ASP S 98 -0.27 53.20 -56.39
N SER S 99 0.13 51.95 -56.12
CA SER S 99 0.11 50.91 -57.15
C SER S 99 -1.24 50.18 -57.24
N GLY S 107 5.47 45.88 -60.44
CA GLY S 107 5.75 47.16 -61.06
C GLY S 107 6.93 47.84 -60.42
N THR S 108 7.73 48.52 -61.24
CA THR S 108 8.94 49.19 -60.78
C THR S 108 8.71 50.67 -61.00
N ASP S 109 7.54 50.98 -61.54
CA ASP S 109 7.20 52.36 -61.86
C ASP S 109 7.12 53.23 -60.61
N PHE S 110 6.66 52.67 -59.50
CA PHE S 110 6.45 53.47 -58.29
C PHE S 110 7.59 53.35 -57.25
N ASN S 111 8.70 52.74 -57.64
CA ASN S 111 9.83 52.50 -56.73
C ASN S 111 10.66 53.74 -56.45
N CYS S 112 11.26 53.78 -55.27
CA CYS S 112 12.21 54.83 -54.89
C CYS S 112 13.37 54.25 -54.07
N ASN S 113 14.50 54.97 -54.00
CA ASN S 113 15.58 54.63 -53.07
C ASN S 113 15.85 55.79 -52.14
N LEU S 114 16.15 55.50 -50.87
CA LEU S 114 16.36 56.56 -49.88
C LEU S 114 17.64 56.39 -49.10
N LEU S 115 18.19 57.53 -48.68
CA LEU S 115 19.27 57.55 -47.73
C LEU S 115 18.79 58.23 -46.45
N LEU S 116 19.17 57.63 -45.32
CA LEU S 116 18.83 58.17 -44.02
C LEU S 116 20.08 58.26 -43.18
N GLY S 117 20.42 59.49 -42.79
CA GLY S 117 21.63 59.70 -42.02
C GLY S 117 21.49 60.78 -40.96
N GLY S 118 22.32 60.69 -39.93
CA GLY S 118 22.32 61.70 -38.90
C GLY S 118 22.66 61.14 -37.54
N GLN S 119 22.19 61.82 -36.51
CA GLN S 119 22.48 61.47 -35.14
C GLN S 119 21.33 61.81 -34.20
N ILE S 120 20.99 60.85 -33.34
CA ILE S 120 20.08 61.09 -32.22
C ILE S 120 20.88 61.01 -30.94
N LYS S 121 20.70 61.98 -30.05
CA LYS S 121 21.49 62.10 -28.84
C LYS S 121 21.48 60.81 -28.03
N GLY S 122 22.67 60.37 -27.63
CA GLY S 122 22.83 59.11 -26.92
C GLY S 122 23.41 58.00 -27.79
N GLU S 123 23.58 58.30 -29.07
CA GLU S 123 24.06 57.31 -30.02
C GLU S 123 25.10 57.94 -30.97
N GLY S 124 25.85 57.11 -31.67
CA GLY S 124 26.83 57.63 -32.60
C GLY S 124 26.20 57.96 -33.94
N LEU S 125 27.05 58.28 -34.92
CA LEU S 125 26.58 58.54 -36.27
C LEU S 125 26.10 57.24 -36.91
N ARG S 126 24.96 57.31 -37.58
CA ARG S 126 24.41 56.18 -38.30
C ARG S 126 23.87 56.60 -39.67
N LEU S 127 24.05 55.74 -40.66
CA LEU S 127 23.65 56.03 -42.04
C LEU S 127 23.03 54.80 -42.72
N PHE S 128 21.82 54.95 -43.28
CA PHE S 128 21.16 53.79 -43.87
C PHE S 128 20.80 54.01 -45.34
N HIS S 129 20.75 52.91 -46.08
CA HIS S 129 20.20 52.86 -47.43
C HIS S 129 18.91 52.06 -47.39
N ILE S 130 17.80 52.71 -47.72
CA ILE S 130 16.48 52.09 -47.71
C ILE S 130 16.11 51.60 -49.11
N TYR S 131 15.68 50.35 -49.22
CA TYR S 131 15.32 49.82 -50.53
C TYR S 131 13.83 50.01 -50.77
N PRO S 132 13.40 49.92 -52.04
CA PRO S 132 11.97 50.02 -52.36
C PRO S 132 11.13 48.99 -51.61
N GLN S 133 11.73 47.86 -51.24
CA GLN S 133 11.01 46.82 -50.50
C GLN S 133 10.83 47.18 -49.03
N GLY S 134 11.50 48.24 -48.56
CA GLY S 134 11.33 48.70 -47.20
C GLY S 134 12.34 48.19 -46.21
N ASN S 135 13.17 47.25 -46.65
CA ASN S 135 14.29 46.81 -45.83
C ASN S 135 15.46 47.76 -46.08
N PHE S 136 16.56 47.56 -45.38
CA PHE S 136 17.63 48.54 -45.42
C PHE S 136 18.96 47.94 -45.01
N ILE S 137 20.05 48.64 -45.35
CA ILE S 137 21.38 48.28 -44.84
C ILE S 137 22.05 49.48 -44.17
N GLU S 138 23.05 49.21 -43.34
CA GLU S 138 23.69 50.29 -42.59
C GLU S 138 25.16 50.44 -42.96
N ALA S 139 25.60 51.69 -43.05
CA ALA S 139 26.97 52.04 -43.37
C ALA S 139 27.86 51.66 -42.21
N THR S 140 29.04 51.15 -42.55
CA THR S 140 30.03 50.71 -41.60
C THR S 140 31.36 51.42 -41.84
N GLN S 141 32.39 51.06 -41.09
CA GLN S 141 33.69 51.65 -41.35
C GLN S 141 34.28 51.14 -42.66
N ASP S 142 33.92 49.90 -43.04
CA ASP S 142 34.41 49.25 -44.27
C ASP S 142 33.69 49.73 -45.52
N THR S 143 32.39 50.02 -45.37
CA THR S 143 31.63 50.63 -46.45
C THR S 143 30.95 51.89 -45.90
N PRO S 144 31.69 53.02 -45.88
CA PRO S 144 31.27 54.24 -45.17
C PRO S 144 30.45 55.26 -45.97
N TYR S 145 29.97 54.90 -47.15
CA TYR S 145 29.15 55.83 -47.94
C TYR S 145 28.08 55.09 -48.77
N PHE S 146 27.03 55.81 -49.12
CA PHE S 146 26.01 55.27 -50.01
C PHE S 146 25.72 56.24 -51.15
N GLN S 147 25.41 55.69 -52.32
CA GLN S 147 24.96 56.50 -53.43
C GLN S 147 23.58 56.03 -53.91
N ILE S 148 22.74 56.98 -54.31
CA ILE S 148 21.50 56.65 -55.00
C ILE S 148 21.38 57.48 -56.27
N GLY S 149 20.59 56.99 -57.22
CA GLY S 149 20.45 57.64 -58.51
C GLY S 149 21.57 57.28 -59.49
N GLU S 150 21.89 58.20 -60.39
CA GLU S 150 22.93 57.97 -61.38
C GLU S 150 24.33 58.13 -60.78
N SER S 151 24.87 57.02 -60.29
CA SER S 151 25.98 57.04 -59.36
C SER S 151 27.33 56.53 -59.88
N LYS S 152 27.32 55.84 -61.00
CA LYS S 152 28.55 55.18 -61.44
C LYS S 152 29.60 56.18 -61.86
N TYR S 153 29.16 57.29 -62.46
CA TYR S 153 30.10 58.29 -62.93
C TYR S 153 30.88 58.87 -61.76
N GLY S 154 30.23 58.96 -60.61
CA GLY S 154 30.83 59.63 -59.47
C GLY S 154 31.45 58.70 -58.44
N LYS S 155 31.40 57.39 -58.69
CA LYS S 155 31.92 56.44 -57.70
C LYS S 155 33.45 56.35 -57.60
N PRO S 156 34.17 56.24 -58.74
CA PRO S 156 35.62 56.02 -58.68
C PRO S 156 36.40 57.04 -57.85
N ILE S 157 36.05 58.32 -57.90
CA ILE S 157 36.76 59.31 -57.10
C ILE S 157 36.49 59.08 -55.62
N ILE S 158 35.28 58.64 -55.27
CA ILE S 158 35.01 58.35 -53.87
C ILE S 158 35.83 57.16 -53.40
N ASP S 159 35.90 56.11 -54.21
CA ASP S 159 36.63 54.93 -53.79
C ASP S 159 38.12 55.15 -53.59
N ARG S 160 38.72 55.97 -54.44
CA ARG S 160 40.17 56.19 -54.38
C ARG S 160 40.57 57.23 -53.33
N VAL S 161 39.62 58.09 -52.93
CA VAL S 161 39.97 59.23 -52.08
C VAL S 161 39.24 59.27 -50.72
N LEU S 162 38.09 58.62 -50.60
CA LEU S 162 37.33 58.66 -49.34
C LEU S 162 37.61 57.46 -48.42
N SER S 163 37.77 57.74 -47.12
CA SER S 163 37.90 56.71 -46.09
C SER S 163 37.14 57.11 -44.83
N TYR S 164 36.96 56.17 -43.91
CA TYR S 164 36.22 56.43 -42.66
C TYR S 164 36.85 57.58 -41.85
N ASP S 165 38.17 57.76 -41.98
CA ASP S 165 38.91 58.77 -41.21
C ASP S 165 39.16 60.07 -41.98
N THR S 166 38.65 60.16 -43.21
CA THR S 166 38.74 61.39 -43.98
C THR S 166 37.97 62.49 -43.27
N PRO S 167 38.61 63.65 -43.06
CA PRO S 167 37.98 64.83 -42.44
C PRO S 167 36.79 65.33 -43.25
N LEU S 168 35.83 65.98 -42.58
CA LEU S 168 34.59 66.42 -43.23
C LEU S 168 34.77 67.28 -44.47
N ASP S 169 35.66 68.27 -44.43
CA ASP S 169 35.79 69.15 -45.58
C ASP S 169 36.29 68.43 -46.83
N GLN S 170 37.21 67.46 -46.67
CA GLN S 170 37.70 66.74 -47.85
C GLN S 170 36.64 65.79 -48.38
N ALA S 171 35.84 65.22 -47.50
CA ALA S 171 34.75 64.36 -47.94
C ALA S 171 33.75 65.19 -48.74
N MET S 172 33.43 66.38 -48.25
CA MET S 172 32.53 67.24 -48.99
C MET S 172 33.19 67.62 -50.31
N GLN S 173 34.50 67.85 -50.27
CA GLN S 173 35.26 68.09 -51.49
C GLN S 173 35.13 66.90 -52.40
N CYS S 174 35.24 65.71 -51.80
CA CYS S 174 35.10 64.49 -52.56
C CYS S 174 33.72 64.42 -53.20
N ALA S 175 32.70 64.80 -52.46
CA ALA S 175 31.32 64.82 -52.98
C ALA S 175 31.15 65.78 -54.17
N LEU S 176 31.72 66.98 -54.06
CA LEU S 176 31.56 68.00 -55.11
C LEU S 176 32.24 67.56 -56.43
N ILE S 177 33.40 66.92 -56.32
CA ILE S 177 34.11 66.33 -57.46
C ILE S 177 33.34 65.14 -58.05
N SER S 178 32.77 64.32 -57.17
CA SER S 178 31.91 63.24 -57.63
C SER S 178 30.71 63.83 -58.40
N MET S 179 30.13 64.88 -57.85
CA MET S 179 29.02 65.57 -58.50
C MET S 179 29.44 66.19 -59.83
N ASP S 180 30.59 66.84 -59.84
CA ASP S 180 31.10 67.48 -61.06
C ASP S 180 31.26 66.48 -62.21
N SER S 181 31.89 65.34 -61.93
CA SER S 181 32.09 64.31 -62.95
C SER S 181 30.76 63.82 -63.50
N THR S 182 29.74 63.76 -62.64
CA THR S 182 28.42 63.30 -63.05
C THR S 182 27.71 64.32 -63.93
N LEU S 183 27.74 65.58 -63.51
CA LEU S 183 27.17 66.71 -64.25
C LEU S 183 27.71 66.73 -65.66
N ARG S 184 28.99 66.43 -65.75
CA ARG S 184 29.70 66.42 -67.02
C ARG S 184 29.37 65.22 -67.92
N SER S 185 28.88 64.13 -67.35
CA SER S 185 28.75 62.88 -68.11
C SER S 185 27.33 62.43 -68.36
N ASN S 186 26.39 62.97 -67.62
CA ASN S 186 25.02 62.54 -67.76
C ASN S 186 24.06 63.70 -67.55
N LEU S 187 23.21 63.95 -68.54
CA LEU S 187 22.33 65.11 -68.50
C LEU S 187 21.11 64.91 -67.62
N SER S 188 20.97 63.73 -67.01
CA SER S 188 19.84 63.50 -66.12
C SER S 188 20.07 64.06 -64.72
N VAL S 189 21.31 64.45 -64.46
CA VAL S 189 21.74 65.06 -63.20
C VAL S 189 22.01 66.54 -63.45
N GLY S 190 21.59 67.41 -62.55
CA GLY S 190 21.74 68.82 -62.81
C GLY S 190 21.77 69.68 -61.58
N LEU S 191 22.41 70.85 -61.73
CA LEU S 191 22.45 71.91 -60.71
C LEU S 191 21.05 72.55 -60.64
N PRO S 192 20.68 73.13 -59.50
CA PRO S 192 21.41 73.31 -58.24
C PRO S 192 21.65 72.04 -57.45
N LEU S 193 22.56 72.17 -56.48
CA LEU S 193 22.89 71.15 -55.50
C LEU S 193 22.36 71.52 -54.12
N ASP S 194 22.09 70.50 -53.33
CA ASP S 194 21.87 70.71 -51.91
C ASP S 194 22.84 69.83 -51.17
N VAL S 195 23.69 70.48 -50.37
CA VAL S 195 24.72 69.79 -49.61
C VAL S 195 24.64 70.20 -48.14
N MET S 196 25.23 69.38 -47.28
CA MET S 196 25.24 69.68 -45.86
C MET S 196 26.43 69.05 -45.17
N ILE S 197 26.98 69.79 -44.21
CA ILE S 197 27.98 69.24 -43.33
C ILE S 197 27.38 69.09 -41.93
N TYR S 198 27.43 67.86 -41.40
CA TYR S 198 27.03 67.64 -40.01
C TYR S 198 28.21 67.18 -39.17
N PRO S 199 28.75 68.08 -38.32
CA PRO S 199 29.85 67.73 -37.43
C PRO S 199 29.37 66.86 -36.27
N LEU S 200 30.19 65.90 -35.86
CA LEU S 200 29.86 65.00 -34.77
C LEU S 200 29.41 65.75 -33.50
N ASP S 201 28.31 65.26 -32.94
CA ASP S 201 27.72 65.72 -31.68
C ASP S 201 27.20 67.15 -31.74
N SER S 202 27.16 67.75 -32.92
CA SER S 202 26.73 69.15 -33.02
C SER S 202 25.22 69.32 -33.02
N PHE S 203 24.50 68.38 -33.62
CA PHE S 203 23.05 68.50 -33.77
C PHE S 203 22.64 69.85 -34.37
N SER S 204 23.40 70.28 -35.37
CA SER S 204 23.19 71.57 -36.00
C SER S 204 22.87 71.47 -37.49
N THR S 205 22.02 72.38 -37.97
CA THR S 205 21.72 72.47 -39.39
C THR S 205 22.31 73.73 -40.01
N GLU S 206 23.32 74.30 -39.36
CA GLU S 206 23.94 75.54 -39.83
C GLU S 206 24.73 75.37 -41.12
N GLN S 207 25.37 74.20 -41.28
CA GLN S 207 26.13 73.92 -42.49
C GLN S 207 25.31 73.16 -43.52
N GLN S 208 24.17 73.74 -43.87
CA GLN S 208 23.37 73.25 -44.97
C GLN S 208 23.49 74.31 -46.07
N TYR S 209 23.73 73.90 -47.31
CA TYR S 209 23.99 74.88 -48.37
C TYR S 209 23.32 74.56 -49.72
N ARG S 210 22.82 75.61 -50.37
CA ARG S 210 22.33 75.54 -51.74
C ARG S 210 23.37 76.10 -52.70
N ILE S 211 23.83 75.24 -53.61
CA ILE S 211 24.85 75.57 -54.61
C ILE S 211 24.27 75.70 -56.02
N THR S 212 24.28 76.93 -56.52
CA THR S 212 23.82 77.22 -57.87
C THR S 212 25.01 77.27 -58.84
N GLU S 213 24.75 77.46 -60.13
CA GLU S 213 25.84 77.63 -61.08
C GLU S 213 26.71 78.85 -60.75
N ASP S 214 26.16 79.79 -59.99
CA ASP S 214 26.87 81.04 -59.65
C ASP S 214 27.67 80.94 -58.34
N HIS S 215 27.58 79.80 -57.67
CA HIS S 215 28.33 79.59 -56.45
C HIS S 215 29.82 79.66 -56.76
N PRO S 216 30.53 80.64 -56.18
CA PRO S 216 31.94 80.93 -56.49
C PRO S 216 32.91 79.76 -56.24
N TYR S 217 32.78 79.09 -55.10
CA TYR S 217 33.65 77.97 -54.76
C TYR S 217 33.46 76.71 -55.63
N PHE S 218 32.23 76.36 -55.97
CA PHE S 218 31.99 75.18 -56.80
C PHE S 218 32.64 75.42 -58.16
N MET S 219 32.53 76.65 -58.66
CA MET S 219 33.25 77.00 -59.87
C MET S 219 34.75 76.78 -59.72
N MET S 220 35.31 77.18 -58.59
CA MET S 220 36.74 77.03 -58.37
C MET S 220 37.20 75.59 -58.22
N ILE S 221 36.49 74.79 -57.46
CA ILE S 221 36.93 73.43 -57.25
C ILE S 221 36.78 72.70 -58.59
N ARG S 222 35.79 73.09 -59.39
CA ARG S 222 35.62 72.44 -60.69
C ARG S 222 36.76 72.77 -61.62
N LYS S 223 37.10 74.05 -61.70
CA LYS S 223 38.18 74.48 -62.58
C LYS S 223 39.51 73.95 -62.05
N GLY S 224 39.68 73.98 -60.72
CA GLY S 224 40.87 73.47 -60.10
C GLY S 224 41.05 71.98 -60.32
N TRP S 225 39.96 71.21 -60.19
CA TRP S 225 40.08 69.78 -60.39
C TRP S 225 40.41 69.39 -61.84
N GLY S 226 39.67 69.98 -62.79
CA GLY S 226 39.84 69.68 -64.20
C GLY S 226 41.21 70.02 -64.73
N GLU S 227 41.68 71.21 -64.40
CA GLU S 227 42.99 71.65 -64.83
C GLU S 227 44.06 70.78 -64.20
N GLY S 228 43.87 70.42 -62.93
CA GLY S 228 44.82 69.58 -62.24
C GLY S 228 44.91 68.25 -62.96
N LEU S 229 43.77 67.70 -63.37
CA LEU S 229 43.77 66.42 -64.05
C LEU S 229 44.43 66.49 -65.40
N VAL S 230 44.07 67.52 -66.15
CA VAL S 230 44.61 67.70 -67.48
C VAL S 230 46.13 67.84 -67.42
N SER S 231 46.62 68.45 -66.35
CA SER S 231 48.06 68.64 -66.21
C SER S 231 48.78 67.31 -65.96
N ILE S 232 48.19 66.48 -65.11
CA ILE S 232 48.79 65.18 -64.83
C ILE S 232 48.87 64.36 -66.11
N PHE S 233 47.81 64.41 -66.89
CA PHE S 233 47.68 63.62 -68.12
C PHE S 233 48.82 63.93 -69.10
N ALA S 234 49.14 65.21 -69.23
CA ALA S 234 50.20 65.62 -70.13
C ALA S 234 51.56 65.14 -69.60
N GLN S 235 51.67 65.00 -68.28
CA GLN S 235 52.95 64.66 -67.67
C GLN S 235 53.20 63.16 -67.43
N LEU S 236 52.27 62.31 -67.85
CA LEU S 236 52.49 60.87 -67.76
C LEU S 236 53.66 60.44 -68.64
N PRO S 237 54.36 59.35 -68.25
CA PRO S 237 55.42 58.80 -69.10
C PRO S 237 54.89 58.45 -70.49
N GLY S 238 55.73 58.56 -71.51
CA GLY S 238 55.30 58.28 -72.86
C GLY S 238 54.81 56.85 -72.94
N LEU S 239 53.85 56.60 -73.83
CA LEU S 239 53.26 55.27 -73.96
C LEU S 239 54.26 54.20 -74.37
N LYS S 240 54.38 53.15 -73.57
CA LYS S 240 55.24 52.01 -73.87
C LYS S 240 54.55 50.67 -73.65
N LEU S 241 53.82 50.25 -74.67
CA LEU S 241 53.08 49.00 -74.61
C LEU S 241 53.96 47.83 -75.08
N GLY S 242 55.16 48.16 -75.56
CA GLY S 242 56.08 47.17 -76.10
C GLY S 242 57.06 46.59 -75.10
N THR T 1 32.92 42.98 -68.32
CA THR T 1 32.85 43.33 -69.72
C THR T 1 32.78 44.85 -69.92
N TYR T 2 33.86 45.41 -70.48
CA TYR T 2 33.92 46.80 -70.88
C TYR T 2 34.85 46.89 -72.09
N CYS T 3 34.33 47.44 -73.17
CA CYS T 3 35.11 47.67 -74.38
C CYS T 3 34.95 49.09 -74.82
N VAL T 4 36.04 49.68 -75.35
CA VAL T 4 35.99 51.04 -75.83
C VAL T 4 36.74 51.16 -77.15
N ALA T 5 36.22 52.00 -78.05
CA ALA T 5 36.86 52.29 -79.33
C ALA T 5 36.82 53.79 -79.60
N MET T 6 37.91 54.31 -80.17
CA MET T 6 38.05 55.73 -80.44
C MET T 6 38.45 55.95 -81.90
N ARG T 7 37.70 56.82 -82.57
CA ARG T 7 38.04 57.24 -83.92
C ARG T 7 38.59 58.65 -83.91
N LEU T 8 39.88 58.77 -84.22
CA LEU T 8 40.54 60.07 -84.19
C LEU T 8 41.04 60.43 -85.59
N SER T 9 41.53 61.65 -85.77
CA SER T 9 42.06 62.07 -87.07
C SER T 9 43.28 61.24 -87.54
N SER T 10 44.10 60.80 -86.60
CA SER T 10 45.33 60.06 -86.93
C SER T 10 45.20 58.53 -86.87
N GLY T 11 44.06 58.02 -86.40
CA GLY T 11 43.88 56.59 -86.28
C GLY T 11 42.76 56.13 -85.34
N LEU T 12 42.79 54.85 -84.99
CA LEU T 12 41.79 54.27 -84.09
C LEU T 12 42.49 53.69 -82.88
N ALA T 13 41.84 53.74 -81.73
CA ALA T 13 42.38 53.08 -80.56
C ALA T 13 41.34 52.13 -79.98
N PHE T 14 41.72 50.90 -79.61
CA PHE T 14 40.74 49.96 -79.03
C PHE T 14 41.23 49.40 -77.69
N ALA T 15 40.32 49.22 -76.73
CA ALA T 15 40.70 48.55 -75.48
C ALA T 15 39.51 47.71 -74.97
N SER T 16 39.79 46.45 -74.66
CA SER T 16 38.79 45.56 -74.17
C SER T 16 39.31 44.79 -72.96
N ASP T 17 38.44 44.53 -71.99
CA ASP T 17 38.81 43.63 -70.89
C ASP T 17 38.54 42.16 -71.29
N SER T 18 38.54 41.25 -70.31
CA SER T 18 38.33 39.83 -70.61
C SER T 18 37.41 39.13 -69.63
N ARG T 19 37.04 39.82 -68.55
CA ARG T 19 36.19 39.17 -67.56
C ARG T 19 34.82 39.01 -68.14
N THR T 20 34.36 37.77 -68.17
CA THR T 20 33.14 37.41 -68.86
C THR T 20 32.24 36.67 -67.93
N ASN T 21 30.96 37.00 -68.01
CA ASN T 21 29.95 36.29 -67.26
C ASN T 21 29.29 35.31 -68.23
N ALA T 22 29.70 34.04 -68.14
CA ALA T 22 29.23 32.99 -69.04
C ALA T 22 28.05 32.22 -68.49
N GLY T 23 27.94 32.22 -67.17
CA GLY T 23 26.92 31.50 -66.44
C GLY T 23 26.93 32.00 -65.00
N VAL T 24 26.07 31.45 -64.16
CA VAL T 24 25.98 31.87 -62.77
C VAL T 24 27.32 31.81 -62.01
N ASP T 25 27.80 30.59 -61.76
CA ASP T 25 29.05 30.36 -61.02
C ASP T 25 30.24 30.19 -61.95
N HIS T 26 30.08 30.65 -63.20
CA HIS T 26 31.12 30.45 -64.21
C HIS T 26 31.59 31.76 -64.82
N ILE T 27 32.40 32.49 -64.07
CA ILE T 27 33.02 33.72 -64.53
C ILE T 27 34.47 33.46 -64.89
N SER T 28 34.79 33.68 -66.16
CA SER T 28 36.06 33.31 -66.77
C SER T 28 36.59 34.42 -67.68
N THR T 29 37.75 34.15 -68.27
CA THR T 29 38.44 35.10 -69.13
C THR T 29 38.18 34.71 -70.57
N PHE T 30 37.64 35.66 -71.35
CA PHE T 30 37.42 35.47 -72.77
C PHE T 30 37.80 36.74 -73.49
N ARG T 31 38.46 36.58 -74.64
CA ARG T 31 38.91 37.71 -75.44
C ARG T 31 37.72 38.42 -76.07
N LYS T 32 37.73 39.75 -75.99
CA LYS T 32 36.63 40.60 -76.45
C LYS T 32 37.10 41.56 -77.53
N LEU T 33 38.20 41.21 -78.19
CA LEU T 33 38.74 41.97 -79.33
C LEU T 33 39.21 41.00 -80.40
N HIS T 34 38.52 40.97 -81.54
CA HIS T 34 38.88 40.03 -82.60
C HIS T 34 39.19 40.77 -83.90
N LEU T 35 40.08 40.18 -84.70
CA LEU T 35 40.63 40.83 -85.89
C LEU T 35 40.26 40.12 -87.17
N PHE T 36 39.94 40.92 -88.19
CA PHE T 36 39.78 40.41 -89.54
C PHE T 36 40.71 41.23 -90.42
N GLN T 37 41.83 40.62 -90.81
CA GLN T 37 42.97 41.34 -91.39
C GLN T 37 43.43 40.78 -92.71
N GLN T 38 43.56 41.66 -93.70
CA GLN T 38 44.26 41.29 -94.91
C GLN T 38 45.29 42.37 -95.22
N PRO T 39 46.57 42.05 -94.99
CA PRO T 39 47.72 42.97 -95.09
C PRO T 39 47.72 43.77 -96.38
N GLY T 40 47.85 45.08 -96.20
CA GLY T 40 47.87 46.03 -97.31
C GLY T 40 46.51 46.46 -97.85
N GLU T 41 45.42 45.89 -97.35
CA GLU T 41 44.12 46.22 -97.94
C GLU T 41 43.04 46.59 -96.91
N ARG T 42 42.97 45.87 -95.80
CA ARG T 42 41.93 46.15 -94.81
C ARG T 42 42.28 45.65 -93.42
N THR T 43 41.82 46.42 -92.43
CA THR T 43 41.96 46.09 -91.02
C THR T 43 40.66 46.35 -90.28
N LEU T 44 40.02 45.30 -89.80
CA LEU T 44 38.76 45.43 -89.09
C LEU T 44 38.86 44.89 -87.66
N VAL T 45 38.38 45.68 -86.70
CA VAL T 45 38.39 45.26 -85.32
C VAL T 45 36.95 45.12 -84.82
N VAL T 46 36.64 43.98 -84.21
CA VAL T 46 35.33 43.75 -83.60
C VAL T 46 35.46 43.52 -82.11
N GLN T 47 34.67 44.27 -81.32
CA GLN T 47 34.62 44.12 -79.87
C GLN T 47 33.25 43.60 -79.42
N SER T 48 33.23 42.77 -78.38
CA SER T 48 32.02 42.04 -77.91
C SER T 48 31.56 42.42 -76.51
N ALA T 49 30.23 42.51 -76.33
CA ALA T 49 29.64 42.66 -75.02
C ALA T 49 28.30 41.94 -74.95
N GLY T 50 27.89 41.57 -73.76
CA GLY T 50 26.64 40.86 -73.61
C GLY T 50 26.81 39.35 -73.61
N ASN T 51 25.76 38.67 -74.03
CA ASN T 51 25.70 37.22 -74.00
C ASN T 51 26.84 36.59 -74.80
N LEU T 52 27.70 35.87 -74.12
CA LEU T 52 28.89 35.24 -74.71
C LEU T 52 28.55 34.23 -75.81
N ALA T 53 27.51 33.43 -75.60
CA ALA T 53 27.09 32.47 -76.63
C ALA T 53 26.72 33.21 -77.93
N THR T 54 26.05 34.34 -77.80
CA THR T 54 25.64 35.13 -78.97
C THR T 54 26.82 35.71 -79.71
N THR T 55 27.69 36.40 -78.98
CA THR T 55 28.84 37.08 -79.61
C THR T 55 29.84 36.09 -80.20
N GLN T 56 30.07 34.98 -79.50
CA GLN T 56 30.98 33.97 -79.99
C GLN T 56 30.45 33.34 -81.29
N SER T 57 29.15 33.14 -81.37
CA SER T 57 28.54 32.61 -82.60
C SER T 57 28.65 33.61 -83.72
N ILE T 58 28.45 34.88 -83.40
CA ILE T 58 28.60 35.96 -84.38
C ILE T 58 30.03 36.01 -84.91
N VAL T 59 31.01 36.04 -84.03
CA VAL T 59 32.41 36.08 -84.44
C VAL T 59 32.84 34.84 -85.24
N SER T 60 32.40 33.66 -84.80
CA SER T 60 32.75 32.41 -85.48
C SER T 60 32.18 32.31 -86.90
N LEU T 61 30.93 32.74 -87.07
CA LEU T 61 30.25 32.73 -88.38
C LEU T 61 30.92 33.67 -89.37
N LEU T 62 31.31 34.85 -88.90
CA LEU T 62 32.00 35.82 -89.73
C LEU T 62 33.38 35.26 -90.16
N GLN T 63 34.05 34.57 -89.25
CA GLN T 63 35.35 33.97 -89.57
C GLN T 63 35.22 32.84 -90.59
N ARG T 64 34.22 31.97 -90.41
CA ARG T 64 34.00 30.85 -91.31
C ARG T 64 33.54 31.31 -92.71
N ARG T 65 32.70 32.34 -92.75
CA ARG T 65 32.18 32.84 -94.03
C ARG T 65 33.26 33.60 -94.79
N CYS T 66 34.31 34.03 -94.09
CA CYS T 66 35.46 34.62 -94.74
C CYS T 66 36.19 33.59 -95.60
N LEU T 67 36.00 32.29 -95.32
CA LEU T 67 36.64 31.23 -96.14
C LEU T 67 35.79 30.88 -97.35
N ASP T 68 34.60 31.49 -97.45
CA ASP T 68 33.77 31.23 -98.61
C ASP T 68 33.72 32.51 -99.47
N PRO T 69 34.42 32.48 -100.63
CA PRO T 69 34.53 33.68 -101.49
C PRO T 69 33.29 34.01 -102.32
N GLU T 70 32.36 33.06 -102.45
CA GLU T 70 31.15 33.33 -103.23
C GLU T 70 30.04 33.81 -102.32
N GLN T 71 30.40 34.08 -101.08
CA GLN T 71 29.46 34.57 -100.10
C GLN T 71 29.96 35.92 -99.62
N THR T 72 29.04 36.80 -99.26
CA THR T 72 29.44 38.08 -98.69
C THR T 72 30.06 37.89 -97.30
N ASN T 73 31.26 38.43 -97.11
CA ASN T 73 31.97 38.33 -95.84
C ASN T 73 32.78 39.59 -95.60
N LEU T 74 33.43 39.66 -94.44
CA LEU T 74 34.17 40.86 -94.07
C LEU T 74 35.45 41.06 -94.90
N MET T 75 35.83 40.05 -95.67
CA MET T 75 37.00 40.19 -96.53
C MET T 75 36.65 40.74 -97.90
N ASN T 76 35.38 40.64 -98.30
CA ASN T 76 35.01 41.16 -99.62
C ASN T 76 34.02 42.33 -99.61
N VAL T 77 33.63 42.83 -98.44
CA VAL T 77 32.76 44.02 -98.41
C VAL T 77 33.57 45.23 -98.89
N ALA T 78 32.91 46.11 -99.65
CA ALA T 78 33.56 47.26 -100.29
C ALA T 78 33.89 48.44 -99.34
N SER T 79 33.07 48.65 -98.31
CA SER T 79 33.27 49.72 -97.34
C SER T 79 32.97 49.27 -95.92
N MET T 80 33.39 50.05 -94.92
CA MET T 80 33.07 49.75 -93.52
C MET T 80 31.57 49.79 -93.26
N TYR T 81 30.87 50.63 -94.03
CA TYR T 81 29.43 50.71 -93.91
C TYR T 81 28.81 49.36 -94.26
N GLU T 82 29.34 48.71 -95.28
CA GLU T 82 28.82 47.40 -95.65
C GLU T 82 29.19 46.35 -94.62
N ALA T 83 30.34 46.52 -93.98
CA ALA T 83 30.71 45.63 -92.89
C ALA T 83 29.70 45.76 -91.73
N ALA T 84 29.32 47.00 -91.40
CA ALA T 84 28.33 47.25 -90.36
C ALA T 84 26.99 46.62 -90.74
N THR T 85 26.61 46.75 -92.01
CA THR T 85 25.40 46.09 -92.48
C THR T 85 25.47 44.58 -92.31
N LEU T 86 26.61 44.02 -92.67
CA LEU T 86 26.82 42.60 -92.55
C LEU T 86 26.81 42.16 -91.09
N LEU T 87 27.44 42.94 -90.21
CA LEU T 87 27.43 42.60 -88.78
C LEU T 87 26.00 42.56 -88.28
N GLY T 88 25.22 43.57 -88.65
CA GLY T 88 23.83 43.64 -88.21
C GLY T 88 22.98 42.45 -88.58
N GLU T 89 23.14 41.94 -89.79
CA GLU T 89 22.44 40.75 -90.26
C GLU T 89 22.82 39.49 -89.49
N THR T 90 24.09 39.37 -89.13
CA THR T 90 24.56 38.18 -88.44
C THR T 90 24.04 38.16 -86.99
N VAL T 91 24.00 39.34 -86.37
CA VAL T 91 23.45 39.53 -85.04
C VAL T 91 22.01 39.03 -85.01
N ARG T 92 21.22 39.48 -85.97
CA ARG T 92 19.81 39.06 -86.03
C ARG T 92 19.70 37.56 -86.29
N GLU T 93 20.56 37.04 -87.16
CA GLU T 93 20.57 35.61 -87.50
C GLU T 93 20.80 34.76 -86.27
N VAL T 94 21.80 35.12 -85.48
CA VAL T 94 22.17 34.38 -84.28
C VAL T 94 21.15 34.52 -83.14
N ILE T 95 20.67 35.74 -82.92
CA ILE T 95 19.73 35.96 -81.85
C ILE T 95 18.42 35.22 -82.16
N ASN T 96 17.99 35.26 -83.43
CA ASN T 96 16.78 34.56 -83.83
C ASN T 96 16.88 33.04 -83.73
N ARG T 97 18.06 32.51 -84.02
CA ARG T 97 18.31 31.07 -83.96
C ARG T 97 18.25 30.62 -82.52
N ASP T 98 19.00 31.32 -81.66
CA ASP T 98 19.12 30.97 -80.24
C ASP T 98 17.82 31.18 -79.41
N SER T 99 16.92 32.04 -79.89
CA SER T 99 15.66 32.30 -79.20
C SER T 99 14.56 31.30 -79.55
N GLY T 107 12.29 39.43 -75.20
CA GLY T 107 13.32 38.85 -74.37
C GLY T 107 14.71 39.40 -74.69
N THR T 108 15.49 39.62 -73.64
CA THR T 108 16.82 40.25 -73.75
C THR T 108 18.00 39.37 -73.30
N ASP T 109 17.72 38.11 -72.99
CA ASP T 109 18.75 37.22 -72.46
C ASP T 109 19.87 36.96 -73.47
N PHE T 110 19.53 36.97 -74.76
CA PHE T 110 20.50 36.64 -75.80
C PHE T 110 21.10 37.86 -76.49
N ASN T 111 20.90 39.04 -75.91
CA ASN T 111 21.34 40.28 -76.54
C ASN T 111 22.83 40.52 -76.48
N CYS T 112 23.31 41.20 -77.50
CA CYS T 112 24.70 41.63 -77.53
C CYS T 112 24.86 43.05 -78.11
N ASN T 113 25.98 43.67 -77.79
CA ASN T 113 26.36 44.90 -78.44
C ASN T 113 27.74 44.65 -78.97
N LEU T 114 28.06 45.22 -80.13
CA LEU T 114 29.37 45.08 -80.77
C LEU T 114 29.95 46.46 -81.15
N LEU T 115 31.26 46.56 -81.20
CA LEU T 115 31.90 47.72 -81.82
C LEU T 115 32.61 47.22 -83.07
N LEU T 116 32.49 47.97 -84.16
CA LEU T 116 33.19 47.62 -85.39
C LEU T 116 33.89 48.86 -85.88
N GLY T 117 35.22 48.80 -85.96
CA GLY T 117 36.00 49.94 -86.37
C GLY T 117 37.16 49.47 -87.22
N GLY T 118 37.68 50.36 -88.06
CA GLY T 118 38.82 50.03 -88.88
C GLY T 118 38.87 50.77 -90.20
N GLN T 119 39.56 50.18 -91.18
CA GLN T 119 39.74 50.83 -92.46
C GLN T 119 39.83 49.81 -93.57
N ILE T 120 39.12 50.10 -94.66
CA ILE T 120 39.27 49.37 -95.89
C ILE T 120 39.89 50.35 -96.90
N LYS T 121 40.96 49.93 -97.58
CA LYS T 121 41.67 50.82 -98.48
C LYS T 121 40.75 51.47 -99.48
N GLY T 122 40.88 52.78 -99.64
CA GLY T 122 40.00 53.57 -100.49
C GLY T 122 39.06 54.42 -99.66
N GLU T 123 39.12 54.25 -98.34
CA GLU T 123 38.26 54.96 -97.40
C GLU T 123 39.02 55.40 -96.14
N GLY T 124 38.43 56.29 -95.35
CA GLY T 124 39.05 56.72 -94.12
C GLY T 124 38.70 55.80 -92.96
N LEU T 125 39.06 56.24 -91.76
CA LEU T 125 38.74 55.50 -90.54
C LEU T 125 37.25 55.54 -90.31
N ARG T 126 36.67 54.40 -89.97
CA ARG T 126 35.24 54.38 -89.64
C ARG T 126 35.01 53.54 -88.39
N LEU T 127 34.08 53.99 -87.56
CA LEU T 127 33.79 53.33 -86.30
C LEU T 127 32.29 53.23 -86.09
N PHE T 128 31.81 52.00 -85.83
CA PHE T 128 30.38 51.76 -85.65
C PHE T 128 30.06 51.10 -84.33
N HIS T 129 28.86 51.40 -83.84
CA HIS T 129 28.25 50.67 -82.72
C HIS T 129 27.02 49.92 -83.25
N ILE T 130 27.05 48.59 -83.20
CA ILE T 130 25.92 47.75 -83.62
C ILE T 130 25.06 47.34 -82.41
N TYR T 131 23.74 47.54 -82.51
CA TYR T 131 22.79 47.23 -81.44
C TYR T 131 22.23 45.81 -81.63
N PRO T 132 21.63 45.24 -80.57
CA PRO T 132 21.02 43.90 -80.65
C PRO T 132 19.93 43.77 -81.74
N GLN T 133 19.32 44.87 -82.18
CA GLN T 133 18.33 44.84 -83.28
C GLN T 133 19.00 44.71 -84.64
N GLY T 134 20.32 44.90 -84.68
CA GLY T 134 21.06 44.74 -85.92
C GLY T 134 21.28 46.04 -86.66
N ASN T 135 20.63 47.11 -86.19
CA ASN T 135 20.88 48.42 -86.74
C ASN T 135 22.12 48.98 -86.03
N PHE T 136 22.60 50.15 -86.46
CA PHE T 136 23.89 50.65 -85.99
C PHE T 136 24.06 52.18 -86.10
N ILE T 137 25.01 52.73 -85.35
CA ILE T 137 25.35 54.12 -85.49
C ILE T 137 26.84 54.31 -85.76
N GLU T 138 27.20 55.44 -86.35
CA GLU T 138 28.60 55.68 -86.75
C GLU T 138 29.21 56.87 -86.01
N ALA T 139 30.47 56.72 -85.61
CA ALA T 139 31.21 57.77 -84.92
C ALA T 139 31.56 58.89 -85.89
N THR T 140 31.49 60.11 -85.39
CA THR T 140 31.78 61.30 -86.17
C THR T 140 32.82 62.11 -85.40
N GLN T 141 33.10 63.31 -85.89
CA GLN T 141 34.03 64.20 -85.18
C GLN T 141 33.42 64.75 -83.92
N ASP T 142 32.10 64.83 -83.87
CA ASP T 142 31.39 65.35 -82.70
C ASP T 142 31.24 64.31 -81.58
N THR T 143 31.09 63.04 -81.95
CA THR T 143 31.11 61.92 -80.99
C THR T 143 32.09 60.85 -81.45
N PRO T 144 33.37 60.98 -81.05
CA PRO T 144 34.42 60.14 -81.65
C PRO T 144 34.73 58.83 -80.91
N TYR T 145 33.92 58.42 -79.95
CA TYR T 145 34.20 57.16 -79.28
C TYR T 145 32.93 56.40 -78.94
N PHE T 146 33.06 55.09 -78.77
CA PHE T 146 31.95 54.24 -78.34
C PHE T 146 32.37 53.36 -77.17
N GLN T 147 31.45 53.12 -76.23
CA GLN T 147 31.67 52.16 -75.14
C GLN T 147 30.56 51.13 -75.11
N ILE T 148 30.89 49.89 -74.82
CA ILE T 148 29.89 48.88 -74.54
C ILE T 148 30.24 48.16 -73.23
N GLY T 149 29.24 47.52 -72.61
CA GLY T 149 29.43 46.85 -71.33
C GLY T 149 29.37 47.81 -70.16
N GLU T 150 30.11 47.52 -69.08
CA GLU T 150 30.11 48.39 -67.90
C GLU T 150 30.95 49.65 -68.14
N SER T 151 30.30 50.70 -68.61
CA SER T 151 30.99 51.82 -69.23
C SER T 151 30.97 53.13 -68.45
N LYS T 152 30.03 53.26 -67.53
CA LYS T 152 29.82 54.56 -66.91
C LYS T 152 30.96 54.98 -65.99
N TYR T 153 31.61 54.00 -65.34
CA TYR T 153 32.73 54.31 -64.43
C TYR T 153 33.88 54.99 -65.14
N GLY T 154 34.09 54.62 -66.40
CA GLY T 154 35.21 55.06 -67.22
C GLY T 154 34.91 56.17 -68.19
N LYS T 155 33.68 56.69 -68.19
CA LYS T 155 33.29 57.76 -69.10
C LYS T 155 33.86 59.17 -68.76
N PRO T 156 33.80 59.59 -67.47
CA PRO T 156 34.23 60.96 -67.15
C PRO T 156 35.63 61.32 -67.62
N ILE T 157 36.59 60.41 -67.53
CA ILE T 157 37.94 60.76 -67.96
C ILE T 157 37.98 60.97 -69.48
N ILE T 158 37.22 60.18 -70.23
CA ILE T 158 37.22 60.29 -71.68
C ILE T 158 36.66 61.66 -72.08
N ASP T 159 35.60 62.08 -71.39
CA ASP T 159 34.98 63.39 -71.61
C ASP T 159 35.94 64.54 -71.27
N ARG T 160 36.82 64.31 -70.31
CA ARG T 160 37.73 65.34 -69.82
C ARG T 160 38.88 65.58 -70.76
N VAL T 161 39.30 64.50 -71.43
CA VAL T 161 40.54 64.50 -72.18
C VAL T 161 40.47 64.13 -73.67
N LEU T 162 39.44 63.42 -74.11
CA LEU T 162 39.45 62.97 -75.50
C LEU T 162 38.73 63.92 -76.46
N SER T 163 39.35 64.15 -77.61
CA SER T 163 38.73 64.85 -78.73
C SER T 163 39.22 64.24 -80.05
N TYR T 164 38.56 64.56 -81.15
CA TYR T 164 38.91 63.98 -82.45
C TYR T 164 40.38 64.16 -82.84
N ASP T 165 41.01 65.25 -82.42
CA ASP T 165 42.40 65.55 -82.81
C ASP T 165 43.44 65.07 -81.80
N THR T 166 42.99 64.40 -80.74
CA THR T 166 43.88 63.81 -79.75
C THR T 166 44.78 62.78 -80.40
N PRO T 167 46.09 62.87 -80.16
CA PRO T 167 47.05 61.91 -80.72
C PRO T 167 46.83 60.46 -80.27
N LEU T 168 47.20 59.52 -81.12
CA LEU T 168 46.96 58.10 -80.87
C LEU T 168 47.47 57.63 -79.52
N ASP T 169 48.68 58.05 -79.17
CA ASP T 169 49.29 57.62 -77.92
C ASP T 169 48.51 58.15 -76.75
N GLN T 170 47.99 59.36 -76.87
CA GLN T 170 47.23 59.95 -75.78
C GLN T 170 45.88 59.30 -75.66
N ALA T 171 45.31 58.89 -76.78
CA ALA T 171 44.04 58.19 -76.73
C ALA T 171 44.15 56.87 -75.98
N MET T 172 45.22 56.12 -76.23
CA MET T 172 45.43 54.84 -75.54
C MET T 172 45.68 55.05 -74.05
N GLN T 173 46.44 56.09 -73.72
CA GLN T 173 46.66 56.45 -72.34
C GLN T 173 45.31 56.72 -71.69
N CYS T 174 44.46 57.43 -72.42
CA CYS T 174 43.10 57.71 -71.96
C CYS T 174 42.29 56.42 -71.79
N ALA T 175 42.39 55.50 -72.75
CA ALA T 175 41.71 54.21 -72.65
C ALA T 175 42.17 53.41 -71.42
N LEU T 176 43.46 53.38 -71.17
CA LEU T 176 44.00 52.61 -70.04
C LEU T 176 43.60 53.18 -68.68
N ILE T 177 43.52 54.50 -68.57
CA ILE T 177 43.05 55.16 -67.36
C ILE T 177 41.56 54.84 -67.11
N SER T 178 40.78 54.87 -68.19
CA SER T 178 39.36 54.52 -68.18
C SER T 178 39.19 53.08 -67.68
N MET T 179 40.05 52.19 -68.17
CA MET T 179 40.06 50.82 -67.69
C MET T 179 40.44 50.78 -66.22
N ASP T 180 41.45 51.57 -65.84
CA ASP T 180 41.89 51.60 -64.44
C ASP T 180 40.75 51.96 -63.50
N SER T 181 40.01 53.02 -63.79
CA SER T 181 38.90 53.45 -62.93
C SER T 181 37.80 52.42 -62.80
N THR T 182 37.51 51.72 -63.89
CA THR T 182 36.45 50.71 -63.95
C THR T 182 36.82 49.49 -63.14
N LEU T 183 38.05 48.99 -63.34
CA LEU T 183 38.60 47.86 -62.59
C LEU T 183 38.51 48.11 -61.09
N ARG T 184 38.80 49.35 -60.69
CA ARG T 184 38.80 49.76 -59.29
C ARG T 184 37.37 49.83 -58.72
N SER T 185 36.37 50.03 -59.59
CA SER T 185 35.02 50.36 -59.14
C SER T 185 33.96 49.28 -59.37
N ASN T 186 34.26 48.31 -60.24
CA ASN T 186 33.28 47.28 -60.57
C ASN T 186 33.94 45.92 -60.87
N LEU T 187 33.58 44.89 -60.11
CA LEU T 187 34.26 43.59 -60.22
C LEU T 187 33.81 42.75 -61.39
N SER T 188 32.88 43.26 -62.19
CA SER T 188 32.48 42.50 -63.38
C SER T 188 33.45 42.75 -64.54
N VAL T 189 34.34 43.73 -64.37
CA VAL T 189 35.39 44.05 -65.35
C VAL T 189 36.75 43.62 -64.80
N GLY T 190 37.54 42.93 -65.62
CA GLY T 190 38.77 42.34 -65.12
C GLY T 190 39.83 42.07 -66.15
N LEU T 191 41.07 42.05 -65.66
CA LEU T 191 42.25 41.75 -66.47
C LEU T 191 42.29 40.27 -66.90
N PRO T 192 43.04 39.94 -67.96
CA PRO T 192 43.89 40.78 -68.82
C PRO T 192 43.15 41.73 -69.77
N LEU T 193 43.88 42.70 -70.32
CA LEU T 193 43.33 43.61 -71.33
C LEU T 193 43.82 43.20 -72.71
N ASP T 194 43.02 43.48 -73.71
CA ASP T 194 43.47 43.38 -75.09
C ASP T 194 43.25 44.74 -75.74
N VAL T 195 44.34 45.36 -76.16
CA VAL T 195 44.29 46.71 -76.69
C VAL T 195 44.89 46.76 -78.08
N MET T 196 44.57 47.81 -78.84
CA MET T 196 45.18 47.93 -80.14
C MET T 196 45.23 49.40 -80.60
N ILE T 197 46.37 49.77 -81.19
CA ILE T 197 46.50 51.06 -81.84
C ILE T 197 46.59 50.87 -83.35
N TYR T 198 45.68 51.50 -84.08
CA TYR T 198 45.71 51.48 -85.53
C TYR T 198 46.01 52.86 -86.09
N PRO T 199 47.24 53.07 -86.58
CA PRO T 199 47.53 54.33 -87.26
C PRO T 199 46.90 54.40 -88.66
N LEU T 200 46.41 55.58 -89.03
CA LEU T 200 45.78 55.82 -90.33
C LEU T 200 46.60 55.31 -91.53
N ASP T 201 45.93 54.60 -92.44
CA ASP T 201 46.50 54.09 -93.70
C ASP T 201 47.60 53.02 -93.57
N SER T 202 47.80 52.50 -92.36
CA SER T 202 48.83 51.50 -92.10
C SER T 202 48.37 50.08 -92.43
N PHE T 203 47.09 49.82 -92.21
CA PHE T 203 46.53 48.47 -92.37
C PHE T 203 47.36 47.45 -91.63
N SER T 204 47.81 47.82 -90.44
CA SER T 204 48.69 46.98 -89.66
C SER T 204 48.13 46.58 -88.33
N THR T 205 48.38 45.33 -87.95
CA THR T 205 47.97 44.83 -86.64
C THR T 205 49.21 44.60 -85.78
N GLU T 206 50.30 45.30 -86.12
CA GLU T 206 51.56 45.14 -85.40
C GLU T 206 51.45 45.66 -83.96
N GLN T 207 50.64 46.68 -83.75
CA GLN T 207 50.43 47.21 -82.41
C GLN T 207 49.19 46.62 -81.66
N GLN T 208 49.14 45.30 -81.53
CA GLN T 208 48.14 44.64 -80.69
C GLN T 208 48.80 44.02 -79.45
N TYR T 209 48.21 44.25 -78.28
CA TYR T 209 48.88 43.89 -77.04
C TYR T 209 47.93 43.28 -76.03
N ARG T 210 48.43 42.26 -75.32
CA ARG T 210 47.76 41.74 -74.15
C ARG T 210 48.39 42.26 -72.87
N ILE T 211 47.59 42.97 -72.09
CA ILE T 211 48.06 43.55 -70.85
C ILE T 211 47.56 42.76 -69.64
N THR T 212 48.48 42.09 -68.95
CA THR T 212 48.15 41.34 -67.75
C THR T 212 48.42 42.19 -66.51
N GLU T 213 48.09 41.63 -65.36
CA GLU T 213 48.30 42.30 -64.07
C GLU T 213 49.79 42.64 -63.88
N ASP T 214 50.65 41.92 -64.58
CA ASP T 214 52.10 42.07 -64.47
C ASP T 214 52.70 43.05 -65.47
N HIS T 215 51.91 43.61 -66.39
CA HIS T 215 52.43 44.54 -67.40
C HIS T 215 53.03 45.78 -66.76
N PRO T 216 54.34 46.00 -66.97
CA PRO T 216 55.07 47.07 -66.28
C PRO T 216 54.48 48.46 -66.55
N TYR T 217 54.21 48.79 -67.81
CA TYR T 217 53.70 50.11 -68.08
C TYR T 217 52.32 50.35 -67.47
N PHE T 218 51.45 49.35 -67.57
CA PHE T 218 50.10 49.48 -67.03
C PHE T 218 50.13 49.65 -65.53
N MET T 219 51.01 48.92 -64.85
CA MET T 219 51.20 49.15 -63.43
C MET T 219 51.64 50.58 -63.21
N MET T 220 52.57 51.03 -64.06
CA MET T 220 53.18 52.35 -63.94
C MET T 220 52.19 53.47 -64.20
N ILE T 221 51.35 53.31 -65.21
CA ILE T 221 50.38 54.35 -65.54
C ILE T 221 49.32 54.43 -64.44
N ARG T 222 48.98 53.31 -63.81
CA ARG T 222 47.99 53.30 -62.73
C ARG T 222 48.50 53.99 -61.46
N LYS T 223 49.73 53.69 -61.06
CA LYS T 223 50.26 54.27 -59.83
C LYS T 223 50.48 55.77 -60.02
N GLY T 224 50.99 56.14 -61.19
CA GLY T 224 51.25 57.53 -61.48
C GLY T 224 49.99 58.34 -61.48
N TRP T 225 48.96 57.78 -62.09
CA TRP T 225 47.68 58.45 -62.18
C TRP T 225 47.07 58.60 -60.79
N GLY T 226 47.05 57.49 -60.05
CA GLY T 226 46.48 57.45 -58.72
C GLY T 226 47.19 58.39 -57.78
N GLU T 227 48.52 58.36 -57.82
CA GLU T 227 49.35 59.23 -56.99
C GLU T 227 49.19 60.70 -57.41
N GLY T 228 49.11 60.93 -58.71
CA GLY T 228 48.91 62.27 -59.22
C GLY T 228 47.61 62.85 -58.71
N LEU T 229 46.58 62.00 -58.67
CA LEU T 229 45.23 62.44 -58.29
C LEU T 229 45.12 62.88 -56.83
N VAL T 230 45.66 62.06 -55.93
CA VAL T 230 45.64 62.37 -54.51
C VAL T 230 46.42 63.68 -54.26
N SER T 231 47.43 63.92 -55.11
CA SER T 231 48.23 65.13 -55.00
C SER T 231 47.42 66.37 -55.38
N ILE T 232 46.67 66.31 -56.48
CA ILE T 232 45.82 67.44 -56.88
C ILE T 232 44.76 67.69 -55.82
N PHE T 233 44.19 66.61 -55.28
CA PHE T 233 43.14 66.70 -54.28
C PHE T 233 43.65 67.39 -53.00
N ALA T 234 44.86 67.04 -52.59
CA ALA T 234 45.45 67.61 -51.38
C ALA T 234 45.80 69.10 -51.55
N GLN T 235 46.04 69.52 -52.79
CA GLN T 235 46.46 70.88 -53.07
C GLN T 235 45.27 71.81 -53.29
N LEU T 236 44.06 71.25 -53.17
CA LEU T 236 42.83 72.03 -53.27
C LEU T 236 42.63 72.93 -52.04
N PRO T 237 42.05 74.13 -52.25
CA PRO T 237 41.64 75.09 -51.21
C PRO T 237 40.49 74.61 -50.30
N GLY T 238 40.53 75.04 -49.04
CA GLY T 238 39.53 74.69 -48.05
C GLY T 238 38.13 75.16 -48.38
N LEU T 239 37.13 74.48 -47.82
CA LEU T 239 35.73 74.82 -48.10
C LEU T 239 35.30 76.23 -47.76
N LYS T 240 34.72 76.89 -48.75
CA LYS T 240 34.05 78.16 -48.51
C LYS T 240 32.68 78.05 -49.15
N LEU T 241 31.83 77.30 -48.46
CA LEU T 241 30.47 77.07 -48.89
C LEU T 241 29.60 78.16 -48.26
N GLY T 242 30.21 78.93 -47.36
CA GLY T 242 29.53 79.99 -46.63
C GLY T 242 29.66 81.34 -47.33
N THR U 1 30.72 35.86 -50.31
CA THR U 1 30.40 35.54 -48.92
C THR U 1 30.73 34.08 -48.61
N TYR U 2 31.72 33.86 -47.73
CA TYR U 2 32.07 32.53 -47.25
C TYR U 2 32.55 32.61 -45.81
N CYS U 3 31.87 31.87 -44.93
CA CYS U 3 32.24 31.75 -43.52
C CYS U 3 32.35 30.27 -43.12
N VAL U 4 33.31 29.97 -42.26
CA VAL U 4 33.45 28.63 -41.76
C VAL U 4 33.75 28.69 -40.25
N ALA U 5 33.23 27.72 -39.50
CA ALA U 5 33.49 27.65 -38.06
C ALA U 5 33.86 26.22 -37.68
N MET U 6 34.78 26.10 -36.74
CA MET U 6 35.23 24.79 -36.32
C MET U 6 35.15 24.56 -34.81
N ARG U 7 34.54 23.46 -34.43
CA ARG U 7 34.48 23.11 -33.02
C ARG U 7 35.40 21.93 -32.76
N LEU U 8 36.45 22.20 -31.97
CA LEU U 8 37.46 21.20 -31.66
C LEU U 8 37.53 20.93 -30.17
N SER U 9 38.27 19.91 -29.77
CA SER U 9 38.38 19.60 -28.34
C SER U 9 39.03 20.76 -27.58
N SER U 10 39.97 21.43 -28.23
CA SER U 10 40.78 22.44 -27.57
C SER U 10 40.27 23.87 -27.69
N GLY U 11 39.26 24.07 -28.54
CA GLY U 11 38.74 25.40 -28.75
C GLY U 11 37.98 25.48 -30.06
N LEU U 12 37.69 26.71 -30.46
CA LEU U 12 36.99 26.96 -31.69
C LEU U 12 37.82 27.85 -32.58
N ALA U 13 37.73 27.62 -33.88
CA ALA U 13 38.37 28.49 -34.85
C ALA U 13 37.26 29.02 -35.75
N PHE U 14 37.32 30.31 -36.06
CA PHE U 14 36.34 30.93 -36.94
C PHE U 14 37.05 31.65 -38.07
N ALA U 15 36.52 31.60 -39.30
CA ALA U 15 37.02 32.41 -40.39
C ALA U 15 35.91 32.85 -41.36
N SER U 16 35.89 34.16 -41.66
CA SER U 16 34.94 34.77 -42.59
C SER U 16 35.62 35.68 -43.60
N ASP U 17 35.09 35.72 -44.82
CA ASP U 17 35.51 36.74 -45.80
C ASP U 17 34.71 38.04 -45.56
N SER U 18 34.75 38.97 -46.51
CA SER U 18 34.03 40.24 -46.33
C SER U 18 33.31 40.74 -47.57
N ARG U 19 33.47 40.02 -48.69
CA ARG U 19 32.86 40.50 -49.94
C ARG U 19 31.35 40.32 -49.88
N THR U 20 30.61 41.40 -50.15
CA THR U 20 29.15 41.40 -50.01
C THR U 20 28.45 41.86 -51.28
N ASN U 21 27.40 41.16 -51.65
CA ASN U 21 26.60 41.59 -52.79
C ASN U 21 25.35 42.28 -52.22
N ALA U 22 25.33 43.61 -52.28
CA ALA U 22 24.22 44.35 -51.69
C ALA U 22 23.12 44.60 -52.73
N GLY U 23 23.49 45.28 -53.80
CA GLY U 23 22.59 45.52 -54.91
C GLY U 23 23.22 44.84 -56.11
N VAL U 24 22.55 44.87 -57.26
CA VAL U 24 23.09 44.25 -58.46
C VAL U 24 24.47 44.84 -58.82
N ASP U 25 24.58 46.16 -58.80
CA ASP U 25 25.84 46.87 -59.08
C ASP U 25 26.59 47.30 -57.81
N HIS U 26 26.23 46.76 -56.66
CA HIS U 26 26.83 47.19 -55.40
C HIS U 26 27.51 46.08 -54.60
N ILE U 27 28.74 45.73 -55.02
CA ILE U 27 29.54 44.74 -54.30
C ILE U 27 30.62 45.42 -53.47
N SER U 28 30.51 45.32 -52.14
CA SER U 28 31.40 46.03 -51.21
C SER U 28 31.79 45.19 -49.99
N THR U 29 32.57 45.77 -49.09
CA THR U 29 33.12 45.08 -47.92
C THR U 29 32.30 45.37 -46.67
N PHE U 30 31.85 44.30 -46.03
CA PHE U 30 31.08 44.35 -44.78
C PHE U 30 31.56 43.22 -43.86
N ARG U 31 31.65 43.49 -42.55
CA ARG U 31 32.09 42.47 -41.62
C ARG U 31 31.05 41.35 -41.44
N LYS U 32 31.54 40.11 -41.44
CA LYS U 32 30.70 38.92 -41.34
C LYS U 32 31.06 38.08 -40.11
N LEU U 33 31.75 38.71 -39.16
CA LEU U 33 32.10 38.06 -37.91
C LEU U 33 31.89 39.06 -36.80
N HIS U 34 30.88 38.79 -35.98
CA HIS U 34 30.51 39.72 -34.93
C HIS U 34 30.58 39.05 -33.57
N LEU U 35 30.85 39.85 -32.55
CA LEU U 35 31.16 39.36 -31.21
C LEU U 35 30.21 39.79 -30.09
N PHE U 36 29.89 38.86 -29.19
CA PHE U 36 29.18 39.17 -27.95
C PHE U 36 29.96 38.64 -26.78
N GLN U 37 30.56 39.55 -26.03
CA GLN U 37 31.58 39.19 -25.05
C GLN U 37 31.22 39.73 -23.68
N GLN U 38 31.35 38.88 -22.67
CA GLN U 38 31.36 39.33 -21.29
C GLN U 38 32.58 38.69 -20.63
N PRO U 39 33.65 39.47 -20.47
CA PRO U 39 34.98 38.98 -20.06
C PRO U 39 34.96 38.08 -18.83
N GLY U 40 35.56 36.89 -18.96
CA GLY U 40 35.61 35.95 -17.86
C GLY U 40 34.36 35.09 -17.66
N GLU U 41 33.34 35.32 -18.48
CA GLU U 41 32.06 34.64 -18.31
C GLU U 41 31.44 34.04 -19.57
N ARG U 42 31.59 34.74 -20.69
CA ARG U 42 30.94 34.31 -21.93
C ARG U 42 31.57 34.85 -23.23
N THR U 43 31.64 34.00 -24.25
CA THR U 43 32.15 34.39 -25.57
C THR U 43 31.30 33.79 -26.70
N LEU U 44 30.56 34.63 -27.41
CA LEU U 44 29.70 34.18 -28.50
C LEU U 44 30.14 34.85 -29.80
N VAL U 45 30.32 34.06 -30.85
CA VAL U 45 30.70 34.60 -32.14
C VAL U 45 29.56 34.30 -33.10
N VAL U 46 29.12 35.33 -33.82
CA VAL U 46 28.07 35.15 -34.84
C VAL U 46 28.57 35.49 -36.25
N GLN U 47 28.40 34.56 -37.18
CA GLN U 47 28.82 34.80 -38.56
C GLN U 47 27.62 34.90 -39.49
N SER U 48 27.72 35.79 -40.48
CA SER U 48 26.57 36.10 -41.33
C SER U 48 26.81 35.69 -42.77
N ALA U 49 25.76 35.14 -43.37
CA ALA U 49 25.74 34.88 -44.79
C ALA U 49 24.30 35.08 -45.29
N GLY U 50 24.15 35.35 -46.58
CA GLY U 50 22.85 35.60 -47.17
C GLY U 50 22.53 37.08 -47.26
N ASN U 51 21.25 37.39 -47.24
CA ASN U 51 20.80 38.77 -47.39
C ASN U 51 21.39 39.71 -46.33
N LEU U 52 22.15 40.70 -46.79
CA LEU U 52 22.85 41.65 -45.93
C LEU U 52 21.88 42.44 -45.04
N ALA U 53 20.75 42.84 -45.61
CA ALA U 53 19.75 43.60 -44.87
C ALA U 53 19.24 42.77 -43.70
N THR U 54 18.99 41.50 -43.96
CA THR U 54 18.52 40.58 -42.93
C THR U 54 19.56 40.32 -41.83
N THR U 55 20.77 39.95 -42.23
CA THR U 55 21.79 39.62 -41.25
C THR U 55 22.15 40.83 -40.44
N GLN U 56 22.18 42.00 -41.07
CA GLN U 56 22.49 43.23 -40.34
C GLN U 56 21.46 43.61 -39.29
N SER U 57 20.18 43.45 -39.62
CA SER U 57 19.11 43.75 -38.67
C SER U 57 19.16 42.79 -37.48
N ILE U 58 19.40 41.51 -37.77
CA ILE U 58 19.49 40.52 -36.72
C ILE U 58 20.61 40.88 -35.73
N VAL U 59 21.79 41.16 -36.25
CA VAL U 59 22.94 41.54 -35.41
C VAL U 59 22.64 42.83 -34.62
N SER U 60 22.02 43.80 -35.31
CA SER U 60 21.68 45.05 -34.66
C SER U 60 20.66 44.90 -33.52
N LEU U 61 19.64 44.10 -33.77
CA LEU U 61 18.63 43.85 -32.74
C LEU U 61 19.22 43.09 -31.55
N LEU U 62 20.08 42.12 -31.81
CA LEU U 62 20.68 41.34 -30.74
C LEU U 62 21.55 42.20 -29.86
N GLN U 63 22.33 43.09 -30.49
CA GLN U 63 23.24 43.96 -29.74
C GLN U 63 22.48 44.97 -28.88
N ARG U 64 21.43 45.59 -29.40
CA ARG U 64 20.71 46.57 -28.59
C ARG U 64 19.96 45.92 -27.44
N ARG U 65 19.46 44.72 -27.68
CA ARG U 65 18.74 44.01 -26.65
C ARG U 65 19.68 43.49 -25.56
N CYS U 66 20.97 43.40 -25.88
CA CYS U 66 22.00 43.08 -24.90
C CYS U 66 22.12 44.20 -23.87
N LEU U 67 21.64 45.39 -24.24
CA LEU U 67 21.64 46.57 -23.38
C LEU U 67 20.41 46.65 -22.46
N ASP U 68 19.45 45.75 -22.66
CA ASP U 68 18.26 45.74 -21.82
C ASP U 68 18.29 44.48 -20.96
N PRO U 69 18.56 44.64 -19.66
CA PRO U 69 18.72 43.49 -18.76
C PRO U 69 17.40 42.80 -18.40
N GLU U 70 16.27 43.43 -18.70
CA GLU U 70 14.98 42.83 -18.35
C GLU U 70 14.33 42.02 -19.48
N GLN U 71 15.03 41.88 -20.62
CA GLN U 71 14.51 41.04 -21.68
C GLN U 71 15.58 40.02 -22.03
N THR U 72 15.17 38.88 -22.57
CA THR U 72 16.11 37.83 -22.93
C THR U 72 17.08 38.33 -24.00
N ASN U 73 18.37 38.19 -23.73
CA ASN U 73 19.39 38.63 -24.65
C ASN U 73 20.63 37.73 -24.58
N LEU U 74 21.59 37.96 -25.46
CA LEU U 74 22.72 37.05 -25.56
C LEU U 74 23.59 37.12 -24.30
N MET U 75 23.36 38.12 -23.47
CA MET U 75 24.15 38.26 -22.24
C MET U 75 23.55 37.54 -21.03
N ASN U 76 22.25 37.26 -21.04
CA ASN U 76 21.64 36.58 -19.91
C ASN U 76 21.01 35.20 -20.17
N VAL U 77 21.15 34.69 -21.38
CA VAL U 77 20.74 33.31 -21.62
C VAL U 77 21.70 32.39 -20.86
N ALA U 78 21.16 31.31 -20.31
CA ALA U 78 21.93 30.40 -19.48
C ALA U 78 22.88 29.50 -20.28
N SER U 79 22.49 29.15 -21.50
CA SER U 79 23.27 28.23 -22.34
C SER U 79 23.37 28.63 -23.81
N MET U 80 24.29 27.99 -24.53
CA MET U 80 24.43 28.23 -25.96
C MET U 80 23.17 27.75 -26.68
N TYR U 81 22.50 26.72 -26.13
CA TYR U 81 21.25 26.22 -26.71
C TYR U 81 20.15 27.28 -26.64
N GLU U 82 20.10 28.01 -25.52
CA GLU U 82 19.15 29.09 -25.34
C GLU U 82 19.49 30.28 -26.25
N ALA U 83 20.77 30.51 -26.49
CA ALA U 83 21.22 31.54 -27.45
C ALA U 83 20.82 31.22 -28.90
N ALA U 84 20.98 29.97 -29.33
CA ALA U 84 20.59 29.55 -30.67
C ALA U 84 19.09 29.71 -30.83
N THR U 85 18.34 29.35 -29.79
CA THR U 85 16.90 29.52 -29.79
C THR U 85 16.56 30.99 -29.98
N LEU U 86 17.31 31.86 -29.31
CA LEU U 86 17.12 33.29 -29.42
C LEU U 86 17.44 33.78 -30.84
N LEU U 87 18.55 33.32 -31.41
CA LEU U 87 18.91 33.69 -32.77
C LEU U 87 17.82 33.28 -33.74
N GLY U 88 17.32 32.06 -33.57
CA GLY U 88 16.25 31.54 -34.41
C GLY U 88 14.99 32.40 -34.37
N GLU U 89 14.63 32.88 -33.19
CA GLU U 89 13.48 33.77 -33.04
C GLU U 89 13.74 35.08 -33.75
N THR U 90 14.96 35.59 -33.63
CA THR U 90 15.30 36.88 -34.22
C THR U 90 15.34 36.77 -35.75
N VAL U 91 15.82 35.64 -36.25
CA VAL U 91 15.81 35.38 -37.69
C VAL U 91 14.39 35.45 -38.27
N ARG U 92 13.46 34.73 -37.61
CA ARG U 92 12.07 34.68 -38.04
C ARG U 92 11.41 36.06 -37.95
N GLU U 93 11.73 36.77 -36.87
CA GLU U 93 11.20 38.10 -36.67
C GLU U 93 11.59 39.04 -37.81
N VAL U 94 12.89 39.09 -38.13
CA VAL U 94 13.36 40.02 -39.15
C VAL U 94 12.88 39.63 -40.53
N ILE U 95 12.94 38.33 -40.82
CA ILE U 95 12.51 37.89 -42.13
C ILE U 95 11.01 38.15 -42.30
N ASN U 96 10.22 37.90 -41.27
CA ASN U 96 8.77 38.16 -41.37
C ASN U 96 8.47 39.64 -41.53
N ARG U 97 9.23 40.48 -40.85
CA ARG U 97 9.00 41.90 -40.97
C ARG U 97 9.37 42.41 -42.37
N ASP U 98 10.58 42.10 -42.84
CA ASP U 98 11.04 42.65 -44.11
C ASP U 98 10.26 42.11 -45.31
N SER U 99 9.72 40.89 -45.21
CA SER U 99 8.89 40.31 -46.28
C SER U 99 7.41 40.62 -46.05
N GLY U 107 8.94 34.38 -50.30
CA GLY U 107 10.11 34.30 -51.14
C GLY U 107 11.33 33.92 -50.34
N THR U 108 12.47 33.84 -51.00
CA THR U 108 13.73 33.47 -50.36
C THR U 108 14.74 34.60 -50.45
N ASP U 109 14.27 35.72 -50.99
CA ASP U 109 15.11 36.90 -51.26
C ASP U 109 15.68 37.43 -49.97
N PHE U 110 14.91 37.28 -48.89
CA PHE U 110 15.30 37.82 -47.60
C PHE U 110 15.96 36.75 -46.71
N ASN U 111 16.28 35.60 -47.28
CA ASN U 111 16.84 34.49 -46.49
C ASN U 111 18.28 34.73 -46.04
N CYS U 112 18.63 34.20 -44.89
CA CYS U 112 20.00 34.23 -44.40
C CYS U 112 20.37 32.94 -43.68
N ASN U 113 21.67 32.66 -43.59
CA ASN U 113 22.17 31.56 -42.77
C ASN U 113 23.14 32.14 -41.74
N LEU U 114 23.15 31.59 -40.53
CA LEU U 114 24.04 32.07 -39.48
C LEU U 114 24.81 30.94 -38.80
N LEU U 115 26.02 31.26 -38.33
CA LEU U 115 26.73 30.35 -37.45
C LEU U 115 26.88 31.02 -36.06
N LEU U 116 26.67 30.23 -35.00
CA LEU U 116 26.83 30.72 -33.64
C LEU U 116 27.74 29.77 -32.88
N GLY U 117 28.87 30.27 -32.38
CA GLY U 117 29.85 29.45 -31.70
C GLY U 117 30.48 30.18 -30.53
N GLY U 118 30.97 29.43 -29.56
CA GLY U 118 31.65 30.02 -28.43
C GLY U 118 31.42 29.25 -27.14
N GLN U 119 31.49 29.95 -26.02
CA GLN U 119 31.31 29.32 -24.73
C GLN U 119 30.68 30.23 -23.72
N ILE U 120 29.75 29.67 -22.97
CA ILE U 120 29.23 30.32 -21.79
C ILE U 120 29.74 29.54 -20.59
N LYS U 121 30.30 30.24 -19.62
CA LYS U 121 30.92 29.59 -18.47
C LYS U 121 29.98 28.62 -17.75
N GLY U 122 30.49 27.44 -17.46
CA GLY U 122 29.70 26.40 -16.83
C GLY U 122 29.34 25.28 -17.79
N GLU U 123 29.68 25.48 -19.06
CA GLU U 123 29.47 24.46 -20.08
C GLU U 123 30.66 24.50 -21.02
N GLY U 124 30.81 23.48 -21.86
CA GLY U 124 31.91 23.44 -22.79
C GLY U 124 31.60 24.23 -24.05
N LEU U 125 32.42 24.03 -25.07
CA LEU U 125 32.25 24.69 -26.36
C LEU U 125 31.01 24.20 -27.09
N ARG U 126 30.24 25.13 -27.64
CA ARG U 126 29.09 24.75 -28.46
C ARG U 126 29.04 25.60 -29.73
N LEU U 127 28.65 24.96 -30.83
CA LEU U 127 28.62 25.61 -32.14
C LEU U 127 27.36 25.25 -32.88
N PHE U 128 26.65 26.25 -33.38
CA PHE U 128 25.40 26.00 -34.09
C PHE U 128 25.35 26.59 -35.49
N HIS U 129 24.57 25.93 -36.35
CA HIS U 129 24.19 26.47 -37.64
C HIS U 129 22.68 26.82 -37.62
N ILE U 130 22.36 28.11 -37.76
CA ILE U 130 20.98 28.56 -37.80
C ILE U 130 20.47 28.72 -39.25
N TYR U 131 19.29 28.14 -39.51
CA TYR U 131 18.65 28.15 -40.83
C TYR U 131 17.65 29.32 -40.97
N PRO U 132 17.24 29.66 -42.21
CA PRO U 132 16.30 30.78 -42.45
C PRO U 132 14.95 30.61 -41.74
N GLN U 133 14.55 29.36 -41.51
CA GLN U 133 13.29 29.07 -40.85
C GLN U 133 13.39 29.31 -39.33
N GLY U 134 14.60 29.56 -38.85
CA GLY U 134 14.80 29.86 -37.45
C GLY U 134 15.19 28.64 -36.62
N ASN U 135 15.12 27.45 -37.23
CA ASN U 135 15.63 26.27 -36.53
C ASN U 135 17.14 26.12 -36.80
N PHE U 136 17.77 25.12 -36.20
CA PHE U 136 19.22 25.02 -36.17
C PHE U 136 19.76 23.62 -35.91
N ILE U 137 21.02 23.36 -36.23
CA ILE U 137 21.64 22.09 -35.84
C ILE U 137 22.93 22.40 -35.10
N GLU U 138 23.44 21.44 -34.35
CA GLU U 138 24.62 21.63 -33.51
C GLU U 138 25.76 20.74 -33.98
N ALA U 139 26.99 21.27 -33.91
CA ALA U 139 28.18 20.53 -34.27
C ALA U 139 28.49 19.45 -33.23
N THR U 140 28.91 18.29 -33.72
CA THR U 140 29.27 17.20 -32.82
C THR U 140 30.71 16.82 -33.12
N GLN U 141 31.22 15.78 -32.47
CA GLN U 141 32.57 15.32 -32.74
C GLN U 141 32.60 14.71 -34.13
N ASP U 142 31.44 14.22 -34.55
CA ASP U 142 31.27 13.55 -35.84
C ASP U 142 31.18 14.57 -37.00
N THR U 143 30.57 15.71 -36.73
CA THR U 143 30.56 16.83 -37.66
C THR U 143 31.01 18.06 -36.91
N PRO U 144 32.34 18.28 -36.88
CA PRO U 144 32.96 19.28 -36.01
C PRO U 144 33.14 20.67 -36.64
N TYR U 145 32.54 20.88 -37.81
CA TYR U 145 32.59 22.18 -38.46
C TYR U 145 31.32 22.45 -39.26
N PHE U 146 31.08 23.72 -39.52
CA PHE U 146 29.98 24.18 -40.38
C PHE U 146 30.50 25.18 -41.41
N GLN U 147 29.89 25.19 -42.58
CA GLN U 147 30.17 26.20 -43.59
C GLN U 147 28.87 26.91 -43.97
N ILE U 148 28.94 28.21 -44.24
CA ILE U 148 27.83 28.93 -44.89
C ILE U 148 28.37 29.76 -46.04
N GLY U 149 27.48 30.12 -46.96
CA GLY U 149 27.85 30.88 -48.13
C GLY U 149 28.43 30.04 -49.24
N GLU U 150 29.33 30.64 -50.03
CA GLU U 150 29.97 29.96 -51.14
C GLU U 150 31.06 29.04 -50.59
N SER U 151 30.65 27.81 -50.29
CA SER U 151 31.40 26.94 -49.41
C SER U 151 32.02 25.70 -50.04
N LYS U 152 31.57 25.28 -51.21
CA LYS U 152 32.01 24.00 -51.77
C LYS U 152 33.48 23.95 -52.18
N TYR U 153 34.03 25.07 -52.64
CA TYR U 153 35.42 25.10 -53.05
C TYR U 153 36.36 24.79 -51.92
N GLY U 154 36.00 25.19 -50.71
CA GLY U 154 36.91 25.07 -49.59
C GLY U 154 36.66 23.84 -48.75
N LYS U 155 35.71 23.02 -49.18
CA LYS U 155 35.36 21.82 -48.44
C LYS U 155 36.40 20.68 -48.52
N PRO U 156 36.90 20.36 -49.74
CA PRO U 156 37.82 19.22 -49.82
C PRO U 156 39.03 19.30 -48.86
N ILE U 157 39.63 20.48 -48.70
CA ILE U 157 40.78 20.59 -47.81
C ILE U 157 40.43 20.33 -46.33
N ILE U 158 39.26 20.81 -45.91
CA ILE U 158 38.80 20.64 -44.53
C ILE U 158 38.53 19.17 -44.23
N ASP U 159 37.86 18.51 -45.17
CA ASP U 159 37.57 17.09 -45.04
C ASP U 159 38.83 16.27 -45.03
N ARG U 160 39.87 16.77 -45.68
CA ARG U 160 41.10 16.03 -45.81
C ARG U 160 41.94 16.09 -44.52
N VAL U 161 41.90 17.20 -43.79
CA VAL U 161 42.82 17.40 -42.65
C VAL U 161 42.18 17.69 -41.29
N LEU U 162 40.93 18.13 -41.25
CA LEU U 162 40.35 18.52 -39.96
C LEU U 162 39.62 17.39 -39.26
N SER U 163 39.85 17.30 -37.95
CA SER U 163 39.17 16.34 -37.06
C SER U 163 38.82 17.01 -35.74
N TYR U 164 38.00 16.36 -34.93
CA TYR U 164 37.63 16.93 -33.65
C TYR U 164 38.90 17.24 -32.84
N ASP U 165 39.96 16.46 -33.07
CA ASP U 165 41.19 16.54 -32.30
C ASP U 165 42.34 17.36 -32.91
N THR U 166 42.10 18.00 -34.06
CA THR U 166 43.11 18.88 -34.67
C THR U 166 43.47 20.07 -33.78
N PRO U 167 44.77 20.34 -33.60
CA PRO U 167 45.16 21.51 -32.80
C PRO U 167 44.61 22.80 -33.38
N LEU U 168 44.35 23.75 -32.49
CA LEU U 168 43.72 25.03 -32.79
C LEU U 168 44.44 25.75 -33.91
N ASP U 169 45.75 25.77 -33.83
CA ASP U 169 46.54 26.50 -34.80
C ASP U 169 46.42 25.87 -36.17
N GLN U 170 46.39 24.54 -36.22
CA GLN U 170 46.28 23.86 -37.50
C GLN U 170 44.86 23.96 -38.06
N ALA U 171 43.88 24.05 -37.17
CA ALA U 171 42.52 24.24 -37.63
C ALA U 171 42.41 25.58 -38.35
N MET U 172 43.04 26.61 -37.78
CA MET U 172 43.06 27.94 -38.40
C MET U 172 43.85 27.92 -39.71
N GLN U 173 44.96 27.19 -39.73
CA GLN U 173 45.73 27.00 -40.96
C GLN U 173 44.87 26.36 -42.04
N CYS U 174 44.08 25.37 -41.63
CA CYS U 174 43.12 24.69 -42.49
C CYS U 174 42.05 25.65 -43.02
N ALA U 175 41.55 26.52 -42.15
CA ALA U 175 40.56 27.54 -42.54
C ALA U 175 41.14 28.48 -43.60
N LEU U 176 42.39 28.89 -43.41
CA LEU U 176 43.03 29.82 -44.32
C LEU U 176 43.25 29.25 -45.71
N ILE U 177 43.59 27.97 -45.78
CA ILE U 177 43.74 27.30 -47.07
C ILE U 177 42.36 27.15 -47.72
N SER U 178 41.37 26.86 -46.90
CA SER U 178 40.01 26.76 -47.39
C SER U 178 39.62 28.06 -48.08
N MET U 179 39.94 29.18 -47.42
CA MET U 179 39.69 30.50 -47.99
C MET U 179 40.46 30.74 -49.29
N ASP U 180 41.74 30.38 -49.30
CA ASP U 180 42.59 30.58 -50.46
C ASP U 180 42.05 29.94 -51.74
N SER U 181 41.70 28.65 -51.67
CA SER U 181 41.14 27.94 -52.83
C SER U 181 39.83 28.57 -53.30
N THR U 182 39.06 29.11 -52.35
CA THR U 182 37.77 29.73 -52.67
C THR U 182 37.99 31.06 -53.37
N LEU U 183 38.87 31.87 -52.80
CA LEU U 183 39.24 33.14 -53.38
C LEU U 183 39.67 32.96 -54.83
N ARG U 184 40.44 31.91 -55.09
CA ARG U 184 40.98 31.67 -56.42
C ARG U 184 39.97 31.19 -57.45
N SER U 185 38.89 30.58 -56.97
CA SER U 185 37.98 29.88 -57.86
C SER U 185 36.60 30.54 -57.96
N ASN U 186 36.30 31.46 -57.04
CA ASN U 186 35.00 32.14 -57.09
C ASN U 186 35.08 33.60 -56.63
N LEU U 187 34.68 34.52 -57.51
CA LEU U 187 34.85 35.96 -57.26
C LEU U 187 33.83 36.59 -56.31
N SER U 188 32.88 35.80 -55.81
CA SER U 188 31.94 36.33 -54.82
C SER U 188 32.61 36.31 -53.45
N VAL U 189 33.79 35.69 -53.38
CA VAL U 189 34.57 35.65 -52.16
C VAL U 189 35.79 36.56 -52.30
N GLY U 190 36.06 37.35 -51.26
CA GLY U 190 37.14 38.32 -51.32
C GLY U 190 37.66 38.75 -49.96
N LEU U 191 38.94 39.17 -49.96
CA LEU U 191 39.59 39.76 -48.79
C LEU U 191 39.02 41.16 -48.53
N PRO U 192 39.17 41.69 -47.30
CA PRO U 192 39.82 41.11 -46.12
C PRO U 192 39.07 39.98 -45.45
N LEU U 193 39.79 39.26 -44.60
CA LEU U 193 39.21 38.21 -43.79
C LEU U 193 39.14 38.73 -42.37
N ASP U 194 38.17 38.21 -41.62
CA ASP U 194 38.12 38.39 -40.19
C ASP U 194 38.13 36.97 -39.61
N VAL U 195 39.14 36.67 -38.80
CA VAL U 195 39.30 35.34 -38.24
C VAL U 195 39.40 35.42 -36.74
N MET U 196 39.18 34.29 -36.06
CA MET U 196 39.36 34.23 -34.61
C MET U 196 39.64 32.82 -34.10
N ILE U 197 40.56 32.74 -33.15
CA ILE U 197 40.82 31.53 -32.40
C ILE U 197 40.31 31.72 -30.99
N TYR U 198 39.43 30.82 -30.55
CA TYR U 198 38.96 30.83 -29.17
C TYR U 198 39.45 29.61 -28.42
N PRO U 199 40.44 29.80 -27.54
CA PRO U 199 40.96 28.69 -26.72
C PRO U 199 39.92 28.27 -25.70
N LEU U 200 39.82 26.96 -25.46
CA LEU U 200 38.87 26.42 -24.50
C LEU U 200 38.97 27.14 -23.15
N ASP U 201 37.82 27.56 -22.63
CA ASP U 201 37.70 28.20 -21.31
C ASP U 201 38.42 29.56 -21.18
N SER U 202 38.83 30.15 -22.30
CA SER U 202 39.60 31.39 -22.26
C SER U 202 38.74 32.64 -22.05
N PHE U 203 37.54 32.64 -22.63
CA PHE U 203 36.64 33.81 -22.60
C PHE U 203 37.37 35.10 -23.01
N SER U 204 38.26 35.00 -24.00
CA SER U 204 39.03 36.13 -24.49
C SER U 204 38.78 36.32 -25.98
N THR U 205 38.81 37.57 -26.42
CA THR U 205 38.69 37.87 -27.83
C THR U 205 40.01 38.38 -28.38
N GLU U 206 41.08 38.07 -27.64
CA GLU U 206 42.39 38.59 -27.98
C GLU U 206 42.88 38.06 -29.30
N GLN U 207 42.60 36.80 -29.60
CA GLN U 207 43.08 36.23 -30.84
C GLN U 207 42.08 36.40 -31.95
N GLN U 208 41.69 37.65 -32.18
CA GLN U 208 40.86 38.00 -33.32
C GLN U 208 41.64 38.88 -34.30
N TYR U 209 41.58 38.55 -35.59
CA TYR U 209 42.48 39.18 -36.56
C TYR U 209 41.83 39.52 -37.89
N ARG U 210 42.22 40.67 -38.43
CA ARG U 210 41.87 41.03 -39.78
C ARG U 210 43.02 40.76 -40.74
N ILE U 211 42.75 39.93 -41.73
CA ILE U 211 43.72 39.54 -42.73
C ILE U 211 43.45 40.32 -44.00
N THR U 212 44.33 41.26 -44.33
CA THR U 212 44.23 42.03 -45.56
C THR U 212 45.13 41.45 -46.65
N GLU U 213 45.06 42.03 -47.85
CA GLU U 213 45.92 41.63 -48.96
C GLU U 213 47.42 41.83 -48.63
N ASP U 214 47.73 42.71 -47.68
CA ASP U 214 49.11 43.00 -47.28
C ASP U 214 49.63 42.14 -46.12
N HIS U 215 48.76 41.32 -45.52
CA HIS U 215 49.13 40.50 -44.38
C HIS U 215 50.24 39.52 -44.75
N PRO U 216 51.42 39.66 -44.12
CA PRO U 216 52.58 38.84 -44.48
C PRO U 216 52.37 37.33 -44.28
N TYR U 217 51.81 36.88 -43.16
CA TYR U 217 51.69 35.43 -42.97
C TYR U 217 50.71 34.74 -43.96
N PHE U 218 49.57 35.36 -44.25
CA PHE U 218 48.61 34.79 -45.20
C PHE U 218 49.20 34.75 -46.60
N MET U 219 49.90 35.82 -47.00
CA MET U 219 50.61 35.82 -48.27
C MET U 219 51.57 34.66 -48.36
N MET U 220 52.26 34.39 -47.26
CA MET U 220 53.23 33.30 -47.18
C MET U 220 52.57 31.90 -47.21
N ILE U 221 51.50 31.71 -46.44
CA ILE U 221 50.86 30.39 -46.37
C ILE U 221 50.20 30.03 -47.71
N ARG U 222 49.71 31.03 -48.43
CA ARG U 222 49.10 30.82 -49.75
C ARG U 222 50.15 30.39 -50.77
N LYS U 223 51.29 31.06 -50.76
CA LYS U 223 52.37 30.80 -51.70
C LYS U 223 52.98 29.42 -51.47
N GLY U 224 53.17 29.09 -50.19
CA GLY U 224 53.73 27.80 -49.80
C GLY U 224 52.85 26.62 -50.16
N TRP U 225 51.55 26.79 -49.93
CA TRP U 225 50.58 25.76 -50.23
C TRP U 225 50.49 25.50 -51.73
N GLY U 226 50.43 26.58 -52.50
CA GLY U 226 50.35 26.52 -53.95
C GLY U 226 51.57 25.88 -54.55
N GLU U 227 52.75 26.32 -54.10
CA GLU U 227 54.02 25.78 -54.57
C GLU U 227 54.14 24.31 -54.11
N GLY U 228 53.67 24.00 -52.92
CA GLY U 228 53.68 22.64 -52.42
C GLY U 228 52.83 21.70 -53.29
N LEU U 229 51.64 22.16 -53.67
CA LEU U 229 50.71 21.37 -54.48
C LEU U 229 51.33 21.13 -55.86
N VAL U 230 51.92 22.18 -56.41
CA VAL U 230 52.56 22.11 -57.71
C VAL U 230 53.73 21.10 -57.72
N SER U 231 54.43 20.99 -56.60
CA SER U 231 55.55 20.06 -56.54
C SER U 231 55.11 18.60 -56.54
N ILE U 232 54.12 18.31 -55.72
CA ILE U 232 53.56 16.96 -55.62
C ILE U 232 52.99 16.52 -56.95
N PHE U 233 52.34 17.45 -57.63
CA PHE U 233 51.76 17.16 -58.92
C PHE U 233 52.88 16.75 -59.89
N ALA U 234 53.99 17.47 -59.83
CA ALA U 234 55.12 17.21 -60.71
C ALA U 234 55.80 15.88 -60.40
N GLN U 235 55.73 15.48 -59.14
CA GLN U 235 56.43 14.28 -58.67
C GLN U 235 55.54 13.04 -58.75
N LEU U 236 54.35 13.19 -59.30
CA LEU U 236 53.43 12.06 -59.45
C LEU U 236 54.01 11.05 -60.45
N PRO U 237 53.83 9.75 -60.15
CA PRO U 237 54.25 8.67 -61.03
C PRO U 237 53.53 8.77 -62.36
N GLY U 238 54.16 8.31 -63.43
CA GLY U 238 53.56 8.42 -64.75
C GLY U 238 52.24 7.68 -64.85
N LEU U 239 51.37 8.28 -65.66
CA LEU U 239 50.01 7.82 -65.89
C LEU U 239 49.96 6.44 -66.57
N LYS U 240 49.29 5.47 -65.97
CA LYS U 240 49.13 4.16 -66.61
C LYS U 240 47.68 3.68 -66.58
N LEU U 241 46.94 4.15 -67.58
CA LEU U 241 45.54 3.85 -67.77
C LEU U 241 45.42 2.59 -68.64
N GLY U 242 46.57 2.09 -69.09
CA GLY U 242 46.63 0.94 -69.97
C GLY U 242 46.74 -0.38 -69.26
N THR V 1 26.84 12.86 -60.83
CA THR V 1 27.07 13.43 -62.15
C THR V 1 28.11 14.52 -62.09
N TYR V 2 29.29 14.26 -62.66
CA TYR V 2 30.34 15.28 -62.85
C TYR V 2 31.14 14.92 -64.09
N CYS V 3 31.22 15.85 -65.03
CA CYS V 3 32.02 15.66 -66.23
C CYS V 3 32.92 16.86 -66.49
N VAL V 4 34.14 16.59 -66.93
CA VAL V 4 35.04 17.65 -67.23
C VAL V 4 35.71 17.33 -68.56
N ALA V 5 35.94 18.37 -69.36
CA ALA V 5 36.62 18.22 -70.65
C ALA V 5 37.64 19.34 -70.80
N MET V 6 38.80 18.99 -71.35
CA MET V 6 39.91 19.93 -71.49
C MET V 6 40.42 20.01 -72.92
N ARG V 7 40.55 21.22 -73.45
CA ARG V 7 41.14 21.44 -74.78
C ARG V 7 42.53 22.03 -74.62
N LEU V 8 43.54 21.29 -75.05
CA LEU V 8 44.93 21.71 -74.87
C LEU V 8 45.56 21.91 -76.26
N SER V 9 46.77 22.47 -76.32
CA SER V 9 47.42 22.63 -77.63
C SER V 9 47.74 21.26 -78.23
N SER V 10 48.02 20.30 -77.36
CA SER V 10 48.44 18.97 -77.79
C SER V 10 47.30 17.95 -77.90
N GLY V 11 46.10 18.33 -77.48
CA GLY V 11 44.97 17.40 -77.50
C GLY V 11 43.80 17.71 -76.57
N LEU V 12 42.94 16.71 -76.37
CA LEU V 12 41.79 16.83 -75.45
C LEU V 12 41.84 15.74 -74.40
N ALA V 13 41.36 16.05 -73.20
CA ALA V 13 41.19 15.04 -72.14
C ALA V 13 39.74 15.04 -71.66
N PHE V 14 39.16 13.85 -71.45
CA PHE V 14 37.77 13.73 -70.98
C PHE V 14 37.64 12.83 -69.73
N ALA V 15 36.80 13.24 -68.78
CA ALA V 15 36.50 12.40 -67.63
C ALA V 15 35.07 12.59 -67.14
N SER V 16 34.37 11.46 -66.95
CA SER V 16 33.02 11.48 -66.41
C SER V 16 32.81 10.41 -65.33
N ASP V 17 32.03 10.73 -64.31
CA ASP V 17 31.62 9.73 -63.35
C ASP V 17 30.44 8.98 -63.96
N SER V 18 29.74 8.18 -63.15
CA SER V 18 28.62 7.43 -63.67
C SER V 18 27.44 7.43 -62.73
N ARG V 19 27.61 7.97 -61.53
CA ARG V 19 26.53 7.89 -60.55
C ARG V 19 25.43 8.83 -61.02
N THR V 20 24.22 8.28 -61.18
CA THR V 20 23.11 8.99 -61.79
C THR V 20 21.87 8.91 -60.91
N ASN V 21 21.12 10.01 -60.84
CA ASN V 21 19.86 10.02 -60.12
C ASN V 21 18.75 9.82 -61.16
N ALA V 22 18.21 8.59 -61.20
CA ALA V 22 17.20 8.22 -62.20
C ALA V 22 15.83 8.54 -61.61
N GLY V 23 15.78 8.56 -60.29
CA GLY V 23 14.68 9.06 -59.52
C GLY V 23 15.23 9.04 -58.12
N VAL V 24 14.57 9.69 -57.15
CA VAL V 24 15.03 9.56 -55.78
C VAL V 24 14.78 8.10 -55.41
N ASP V 25 15.66 7.52 -54.59
CA ASP V 25 15.62 6.11 -54.19
C ASP V 25 15.95 5.21 -55.37
N HIS V 26 16.35 5.83 -56.47
CA HIS V 26 16.75 5.11 -57.68
C HIS V 26 18.04 5.73 -58.22
N ILE V 27 19.14 5.44 -57.54
CA ILE V 27 20.45 5.90 -57.97
C ILE V 27 21.25 4.75 -58.59
N SER V 28 21.54 4.86 -59.89
CA SER V 28 22.12 3.76 -60.66
C SER V 28 23.31 4.28 -61.44
N THR V 29 23.93 3.35 -62.17
CA THR V 29 25.11 3.63 -62.98
C THR V 29 24.74 3.75 -64.47
N PHE V 30 25.09 4.89 -65.07
CA PHE V 30 24.84 5.15 -66.48
C PHE V 30 26.06 5.82 -67.10
N ARG V 31 26.38 5.44 -68.33
CA ARG V 31 27.50 6.02 -69.03
C ARG V 31 27.24 7.50 -69.36
N LYS V 32 28.23 8.35 -69.09
CA LYS V 32 28.09 9.80 -69.31
C LYS V 32 29.15 10.30 -70.30
N LEU V 33 29.71 9.37 -71.05
CA LEU V 33 30.69 9.71 -72.06
C LEU V 33 30.39 8.85 -73.27
N HIS V 34 29.92 9.47 -74.35
CA HIS V 34 29.57 8.72 -75.55
C HIS V 34 30.38 9.19 -76.74
N LEU V 35 30.62 8.25 -77.66
CA LEU V 35 31.55 8.47 -78.76
C LEU V 35 30.88 8.41 -80.12
N PHE V 36 31.31 9.33 -80.99
CA PHE V 36 30.91 9.35 -82.39
C PHE V 36 32.17 9.37 -83.26
N GLN V 37 32.45 8.23 -83.90
CA GLN V 37 33.78 7.97 -84.49
C GLN V 37 33.73 7.63 -85.99
N GLN V 38 34.60 8.30 -86.75
CA GLN V 38 34.83 7.92 -88.12
C GLN V 38 36.32 7.70 -88.24
N PRO V 39 36.74 6.43 -88.20
CA PRO V 39 38.18 6.13 -88.15
C PRO V 39 38.93 6.87 -89.23
N GLY V 40 39.92 7.68 -88.85
CA GLY V 40 40.67 8.45 -89.82
C GLY V 40 40.04 9.78 -90.24
N GLU V 41 38.86 10.12 -89.72
CA GLU V 41 38.22 11.36 -90.18
C GLU V 41 37.66 12.33 -89.10
N ARG V 42 37.00 11.80 -88.08
CA ARG V 42 36.43 12.60 -86.99
C ARG V 42 36.28 11.76 -85.74
N THR V 43 36.47 12.42 -84.60
CA THR V 43 36.27 11.79 -83.31
C THR V 43 35.53 12.78 -82.43
N LEU V 44 34.28 12.45 -82.11
CA LEU V 44 33.44 13.34 -81.31
C LEU V 44 33.01 12.69 -79.99
N VAL V 45 33.19 13.42 -78.87
CA VAL V 45 32.80 12.93 -77.55
C VAL V 45 31.66 13.78 -76.95
N VAL V 46 30.60 13.14 -76.51
CA VAL V 46 29.53 13.89 -75.89
C VAL V 46 29.39 13.45 -74.44
N GLN V 47 29.43 14.43 -73.53
CA GLN V 47 29.29 14.16 -72.09
C GLN V 47 27.97 14.69 -71.55
N SER V 48 27.37 13.95 -70.62
CA SER V 48 26.00 14.26 -70.18
C SER V 48 25.89 14.67 -68.74
N ALA V 49 25.06 15.68 -68.50
CA ALA V 49 24.67 16.05 -67.15
C ALA V 49 23.23 16.54 -67.16
N GLY V 50 22.57 16.41 -66.02
CA GLY V 50 21.18 16.79 -65.87
C GLY V 50 20.23 15.60 -66.04
N ASN V 51 19.00 15.90 -66.40
CA ASN V 51 17.94 14.90 -66.51
C ASN V 51 18.35 13.79 -67.45
N LEU V 52 18.44 12.57 -66.89
CA LEU V 52 18.87 11.38 -67.63
C LEU V 52 17.96 11.02 -68.78
N ALA V 53 16.64 11.13 -68.56
CA ALA V 53 15.66 10.85 -69.59
C ALA V 53 15.95 11.76 -70.79
N THR V 54 16.28 13.01 -70.51
CA THR V 54 16.61 13.98 -71.53
C THR V 54 17.92 13.67 -72.29
N THR V 55 19.03 13.44 -71.56
CA THR V 55 20.32 13.17 -72.19
C THR V 55 20.33 11.83 -72.96
N GLN V 56 19.66 10.81 -72.44
CA GLN V 56 19.62 9.55 -73.20
C GLN V 56 18.87 9.66 -74.51
N SER V 57 17.80 10.45 -74.52
CA SER V 57 17.04 10.67 -75.74
C SER V 57 17.88 11.40 -76.75
N ILE V 58 18.60 12.42 -76.29
CA ILE V 58 19.46 13.19 -77.18
C ILE V 58 20.53 12.30 -77.83
N VAL V 59 21.26 11.53 -77.02
CA VAL V 59 22.28 10.63 -77.53
C VAL V 59 21.66 9.58 -78.45
N SER V 60 20.52 9.03 -78.04
CA SER V 60 19.87 7.99 -78.82
C SER V 60 19.38 8.53 -80.15
N LEU V 61 18.80 9.73 -80.13
CA LEU V 61 18.32 10.36 -81.36
C LEU V 61 19.51 10.63 -82.29
N LEU V 62 20.60 11.11 -81.72
CA LEU V 62 21.79 11.40 -82.51
C LEU V 62 22.40 10.14 -83.14
N GLN V 63 22.46 9.05 -82.37
CA GLN V 63 23.03 7.80 -82.87
C GLN V 63 22.22 7.20 -84.00
N ARG V 64 20.90 7.20 -83.87
CA ARG V 64 20.06 6.61 -84.90
C ARG V 64 20.15 7.44 -86.16
N ARG V 65 20.20 8.76 -86.00
CA ARG V 65 20.26 9.67 -87.14
C ARG V 65 21.59 9.65 -87.88
N CYS V 66 22.63 9.14 -87.22
CA CYS V 66 23.93 8.95 -87.85
C CYS V 66 23.86 7.95 -88.98
N LEU V 67 22.85 7.09 -88.94
CA LEU V 67 22.69 6.04 -89.92
C LEU V 67 21.93 6.51 -91.16
N ASP V 68 21.42 7.73 -91.11
CA ASP V 68 20.65 8.27 -92.21
C ASP V 68 21.47 9.36 -92.90
N PRO V 69 21.92 9.06 -94.11
CA PRO V 69 22.77 9.99 -94.87
C PRO V 69 21.97 11.14 -95.48
N GLU V 70 20.65 11.05 -95.45
CA GLU V 70 19.84 12.07 -96.10
C GLU V 70 19.46 13.21 -95.18
N GLN V 71 19.91 13.13 -93.94
CA GLN V 71 19.64 14.18 -92.96
C GLN V 71 20.91 14.60 -92.23
N THR V 72 20.91 15.81 -91.68
CA THR V 72 22.05 16.30 -90.92
C THR V 72 22.28 15.39 -89.70
N ASN V 73 23.51 14.92 -89.55
CA ASN V 73 23.86 14.09 -88.41
C ASN V 73 25.31 14.36 -88.05
N LEU V 74 25.79 13.76 -86.96
CA LEU V 74 27.15 14.05 -86.50
C LEU V 74 28.26 13.48 -87.40
N MET V 75 27.89 12.64 -88.37
CA MET V 75 28.89 12.13 -89.32
C MET V 75 29.05 13.04 -90.54
N ASN V 76 28.06 13.87 -90.84
CA ASN V 76 28.14 14.71 -92.02
C ASN V 76 28.22 16.22 -91.80
N VAL V 77 28.24 16.65 -90.53
CA VAL V 77 28.44 18.05 -90.23
C VAL V 77 29.87 18.43 -90.59
N ALA V 78 30.04 19.60 -91.20
CA ALA V 78 31.34 19.99 -91.77
C ALA V 78 32.38 20.40 -90.73
N SER V 79 31.91 21.02 -89.65
CA SER V 79 32.80 21.52 -88.61
C SER V 79 32.23 21.24 -87.21
N MET V 80 33.06 21.36 -86.18
CA MET V 80 32.59 21.15 -84.81
C MET V 80 31.54 22.18 -84.44
N TYR V 81 31.63 23.35 -85.07
CA TYR V 81 30.63 24.38 -84.89
C TYR V 81 29.25 23.92 -85.39
N GLU V 82 29.20 23.24 -86.53
CA GLU V 82 27.90 22.75 -87.04
C GLU V 82 27.39 21.62 -86.15
N ALA V 83 28.32 20.85 -85.60
CA ALA V 83 27.99 19.80 -84.66
C ALA V 83 27.35 20.39 -83.42
N ALA V 84 27.92 21.47 -82.92
CA ALA V 84 27.37 22.14 -81.73
C ALA V 84 25.97 22.67 -81.99
N THR V 85 25.78 23.24 -83.18
CA THR V 85 24.46 23.74 -83.59
C THR V 85 23.43 22.61 -83.64
N LEU V 86 23.87 21.45 -84.16
CA LEU V 86 23.02 20.27 -84.26
C LEU V 86 22.62 19.78 -82.88
N LEU V 87 23.58 19.76 -81.96
CA LEU V 87 23.29 19.40 -80.59
C LEU V 87 22.28 20.36 -79.97
N GLY V 88 22.46 21.64 -80.21
CA GLY V 88 21.56 22.61 -79.65
C GLY V 88 20.15 22.36 -80.12
N GLU V 89 19.98 22.10 -81.41
CA GLU V 89 18.66 21.85 -81.98
C GLU V 89 18.04 20.59 -81.39
N THR V 90 18.86 19.57 -81.18
CA THR V 90 18.37 18.31 -80.64
C THR V 90 17.98 18.48 -79.16
N VAL V 91 18.74 19.29 -78.42
CA VAL V 91 18.41 19.62 -77.03
C VAL V 91 17.02 20.26 -76.91
N ARG V 92 16.76 21.27 -77.73
CA ARG V 92 15.47 21.96 -77.68
C ARG V 92 14.37 21.02 -78.07
N GLU V 93 14.64 20.18 -79.07
CA GLU V 93 13.71 19.17 -79.58
C GLU V 93 13.25 18.18 -78.50
N VAL V 94 14.19 17.66 -77.73
CA VAL V 94 13.81 16.68 -76.74
C VAL V 94 13.05 17.33 -75.60
N ILE V 95 13.54 18.49 -75.15
CA ILE V 95 12.91 19.20 -74.04
C ILE V 95 11.51 19.69 -74.45
N ASN V 96 11.37 20.21 -75.67
CA ASN V 96 10.06 20.66 -76.10
C ASN V 96 9.11 19.47 -76.15
N ARG V 97 9.61 18.31 -76.56
CA ARG V 97 8.77 17.11 -76.61
C ARG V 97 8.39 16.61 -75.19
N ASP V 98 9.39 16.44 -74.33
CA ASP V 98 9.15 15.88 -73.00
C ASP V 98 8.39 16.80 -72.03
N SER V 99 8.48 18.10 -72.22
CA SER V 99 7.78 19.04 -71.34
C SER V 99 6.32 19.27 -71.77
N GLY V 100 5.92 18.61 -72.87
CA GLY V 100 4.54 18.63 -73.35
C GLY V 100 3.95 19.99 -73.66
N THR V 108 12.11 23.58 -65.77
CA THR V 108 13.49 23.37 -65.34
C THR V 108 13.78 21.89 -65.01
N ASP V 109 12.71 21.08 -65.02
CA ASP V 109 12.77 19.64 -64.70
C ASP V 109 13.46 18.79 -65.76
N PHE V 110 13.29 19.18 -67.01
CA PHE V 110 13.79 18.40 -68.14
C PHE V 110 15.13 18.93 -68.66
N ASN V 111 15.77 19.79 -67.88
CA ASN V 111 17.01 20.42 -68.30
C ASN V 111 18.21 19.50 -68.32
N CYS V 112 19.11 19.76 -69.26
CA CYS V 112 20.39 19.06 -69.32
C CYS V 112 21.50 20.00 -69.77
N ASN V 113 22.73 19.63 -69.45
CA ASN V 113 23.90 20.32 -69.98
C ASN V 113 24.80 19.27 -70.65
N LEU V 114 25.45 19.67 -71.73
CA LEU V 114 26.29 18.76 -72.47
C LEU V 114 27.68 19.31 -72.71
N LEU V 115 28.65 18.42 -72.82
CA LEU V 115 29.93 18.79 -73.36
C LEU V 115 30.16 18.06 -74.66
N LEU V 116 30.66 18.80 -75.65
CA LEU V 116 30.97 18.29 -76.97
C LEU V 116 32.39 18.64 -77.34
N GLY V 117 33.20 17.62 -77.59
CA GLY V 117 34.59 17.84 -77.89
C GLY V 117 35.10 16.90 -78.97
N GLY V 118 36.17 17.30 -79.62
CA GLY V 118 36.79 16.43 -80.58
C GLY V 118 37.44 17.15 -81.73
N GLN V 119 37.55 16.45 -82.84
CA GLN V 119 38.17 17.00 -84.03
C GLN V 119 37.57 16.39 -85.28
N ILE V 120 37.27 17.25 -86.25
CA ILE V 120 36.88 16.80 -87.59
C ILE V 120 38.06 17.14 -88.51
N LYS V 121 38.51 16.16 -89.31
CA LYS V 121 39.69 16.36 -90.14
C LYS V 121 39.51 17.57 -91.05
N GLY V 122 40.54 18.40 -91.11
CA GLY V 122 40.49 19.63 -91.86
C GLY V 122 40.33 20.78 -90.90
N GLU V 123 40.17 20.46 -89.63
CA GLU V 123 39.96 21.44 -88.58
C GLU V 123 40.80 21.05 -87.36
N GLY V 124 40.93 21.97 -86.42
CA GLY V 124 41.62 21.70 -85.16
C GLY V 124 40.73 21.11 -84.06
N LEU V 125 41.27 21.04 -82.85
CA LEU V 125 40.52 20.58 -81.70
C LEU V 125 39.49 21.64 -81.34
N ARG V 126 38.26 21.22 -81.11
CA ARG V 126 37.24 22.16 -80.67
C ARG V 126 36.41 21.53 -79.58
N LEU V 127 36.03 22.38 -78.62
CA LEU V 127 35.30 21.98 -77.43
C LEU V 127 34.18 22.98 -77.11
N PHE V 128 32.95 22.47 -76.92
CA PHE V 128 31.79 23.32 -76.66
C PHE V 128 31.04 22.94 -75.38
N HIS V 129 30.40 23.94 -74.80
CA HIS V 129 29.45 23.71 -73.74
C HIS V 129 28.07 24.07 -74.27
N ILE V 130 27.19 23.06 -74.37
CA ILE V 130 25.82 23.25 -74.83
C ILE V 130 24.90 23.44 -73.62
N TYR V 131 24.09 24.50 -73.64
CA TYR V 131 23.16 24.83 -72.54
C TYR V 131 21.74 24.27 -72.81
N PRO V 132 20.89 24.18 -71.76
CA PRO V 132 19.50 23.71 -71.95
C PRO V 132 18.68 24.56 -72.95
N GLN V 133 19.02 25.84 -73.13
CA GLN V 133 18.32 26.67 -74.11
C GLN V 133 18.78 26.29 -75.51
N GLY V 134 19.86 25.52 -75.60
CA GLY V 134 20.34 25.03 -76.89
C GLY V 134 21.43 25.84 -77.55
N ASN V 135 21.72 27.00 -76.98
CA ASN V 135 22.85 27.79 -77.45
C ASN V 135 24.12 27.28 -76.75
N PHE V 136 25.28 27.83 -77.08
CA PHE V 136 26.54 27.25 -76.60
C PHE V 136 27.72 28.24 -76.62
N ILE V 137 28.75 27.93 -75.85
CA ILE V 137 29.98 28.71 -75.89
C ILE V 137 31.14 27.78 -76.18
N GLU V 138 32.27 28.35 -76.63
CA GLU V 138 33.41 27.54 -77.05
C GLU V 138 34.61 27.85 -76.16
N ALA V 139 35.35 26.81 -75.80
CA ALA V 139 36.55 26.99 -75.01
C ALA V 139 37.62 27.62 -75.88
N THR V 140 38.39 28.51 -75.28
CA THR V 140 39.48 29.20 -75.97
C THR V 140 40.77 28.92 -75.21
N GLN V 141 41.85 29.59 -75.58
CA GLN V 141 43.10 29.41 -74.84
C GLN V 141 42.99 29.99 -73.44
N ASP V 142 42.15 31.02 -73.30
CA ASP V 142 41.98 31.65 -71.99
C ASP V 142 41.08 30.84 -71.07
N THR V 143 40.07 30.18 -71.63
CA THR V 143 39.25 29.25 -70.85
C THR V 143 39.28 27.87 -71.52
N PRO V 144 40.29 27.06 -71.18
CA PRO V 144 40.54 25.82 -71.94
C PRO V 144 39.82 24.60 -71.39
N TYR V 145 38.90 24.79 -70.46
CA TYR V 145 38.16 23.66 -69.92
C TYR V 145 36.72 24.03 -69.58
N PHE V 146 35.86 23.01 -69.53
CA PHE V 146 34.48 23.14 -69.08
C PHE V 146 34.16 22.06 -68.06
N GLN V 147 33.31 22.37 -67.08
CA GLN V 147 32.79 21.35 -66.18
C GLN V 147 31.27 21.36 -66.25
N ILE V 148 30.64 20.20 -66.15
CA ILE V 148 29.18 20.15 -65.97
C ILE V 148 28.85 19.25 -64.79
N GLY V 149 27.66 19.47 -64.20
CA GLY V 149 27.24 18.72 -63.02
C GLY V 149 27.79 19.26 -61.71
N GLU V 150 28.05 18.38 -60.74
CA GLU V 150 28.58 18.80 -59.44
C GLU V 150 30.08 19.06 -59.56
N SER V 151 30.40 20.32 -59.82
CA SER V 151 31.70 20.72 -60.36
C SER V 151 32.62 21.56 -59.47
N LYS V 152 32.08 22.13 -58.39
CA LYS V 152 32.85 23.07 -57.59
C LYS V 152 33.96 22.45 -56.72
N TYR V 153 33.72 21.24 -56.21
CA TYR V 153 34.72 20.56 -55.39
C TYR V 153 36.01 20.31 -56.22
N GLY V 154 35.86 20.07 -57.50
CA GLY V 154 36.99 19.69 -58.32
C GLY V 154 37.58 20.86 -59.10
N LYS V 155 37.03 22.05 -58.91
CA LYS V 155 37.51 23.20 -59.67
C LYS V 155 38.87 23.77 -59.22
N PRO V 156 39.11 23.89 -57.89
CA PRO V 156 40.37 24.54 -57.50
C PRO V 156 41.65 23.90 -58.06
N ILE V 157 41.66 22.57 -58.15
CA ILE V 157 42.85 21.86 -58.62
C ILE V 157 43.16 22.14 -60.10
N ILE V 158 42.11 22.30 -60.91
CA ILE V 158 42.26 22.60 -62.34
C ILE V 158 42.81 24.03 -62.58
N ASP V 159 42.28 24.98 -61.81
CA ASP V 159 42.75 26.37 -61.83
C ASP V 159 44.21 26.49 -61.35
N ARG V 160 44.66 25.54 -60.51
CA ARG V 160 46.03 25.60 -59.98
C ARG V 160 47.09 25.04 -60.93
N VAL V 161 46.74 24.00 -61.68
CA VAL V 161 47.76 23.31 -62.49
C VAL V 161 47.45 23.24 -63.99
N LEU V 162 46.21 23.44 -64.40
CA LEU V 162 45.91 23.30 -65.81
C LEU V 162 46.00 24.62 -66.56
N SER V 163 46.65 24.58 -67.71
CA SER V 163 46.64 25.68 -68.67
C SER V 163 46.63 25.05 -70.06
N TYR V 164 46.40 25.88 -71.05
CA TYR V 164 46.31 25.42 -72.43
C TYR V 164 47.49 24.57 -72.92
N ASP V 165 48.68 24.83 -72.39
CA ASP V 165 49.90 24.17 -72.88
C ASP V 165 50.31 22.94 -72.07
N THR V 166 49.48 22.56 -71.10
CA THR V 166 49.71 21.37 -70.27
C THR V 166 49.73 20.11 -71.10
N PRO V 167 50.76 19.26 -70.92
CA PRO V 167 50.77 18.02 -71.69
C PRO V 167 49.59 17.13 -71.33
N LEU V 168 49.16 16.32 -72.31
CA LEU V 168 47.97 15.51 -72.21
C LEU V 168 47.89 14.66 -70.95
N ASP V 169 48.96 13.95 -70.62
CA ASP V 169 48.96 13.04 -69.48
C ASP V 169 48.79 13.75 -68.16
N GLN V 170 49.39 14.93 -68.02
CA GLN V 170 49.19 15.69 -66.78
C GLN V 170 47.79 16.28 -66.72
N ALA V 171 47.24 16.67 -67.86
CA ALA V 171 45.88 17.21 -67.87
C ALA V 171 44.93 16.15 -67.36
N MET V 172 45.16 14.91 -67.80
CA MET V 172 44.36 13.77 -67.33
C MET V 172 44.62 13.47 -65.85
N GLN V 173 45.88 13.61 -65.42
CA GLN V 173 46.20 13.44 -64.01
C GLN V 173 45.39 14.44 -63.19
N CYS V 174 45.34 15.66 -63.71
CA CYS V 174 44.58 16.74 -63.12
C CYS V 174 43.10 16.37 -63.03
N ALA V 175 42.59 15.80 -64.12
CA ALA V 175 41.21 15.39 -64.15
C ALA V 175 40.89 14.42 -63.05
N LEU V 176 41.78 13.44 -62.86
CA LEU V 176 41.55 12.35 -61.91
C LEU V 176 41.55 12.81 -60.46
N ILE V 177 42.45 13.73 -60.12
CA ILE V 177 42.50 14.34 -58.79
C ILE V 177 41.25 15.20 -58.58
N SER V 178 40.84 15.91 -59.63
CA SER V 178 39.60 16.66 -59.58
C SER V 178 38.43 15.71 -59.26
N MET V 179 38.40 14.56 -59.93
CA MET V 179 37.38 13.54 -59.69
C MET V 179 37.49 13.00 -58.26
N ASP V 180 38.73 12.76 -57.84
CA ASP V 180 39.01 12.27 -56.49
C ASP V 180 38.45 13.16 -55.39
N SER V 181 38.70 14.46 -55.49
CA SER V 181 38.22 15.43 -54.51
C SER V 181 36.68 15.53 -54.48
N THR V 182 36.05 15.33 -55.64
CA THR V 182 34.61 15.42 -55.74
C THR V 182 33.97 14.21 -55.05
N LEU V 183 34.49 13.02 -55.36
CA LEU V 183 34.05 11.77 -54.75
C LEU V 183 34.11 11.84 -53.25
N ARG V 184 35.18 12.45 -52.75
CA ARG V 184 35.39 12.51 -51.32
C ARG V 184 34.42 13.45 -50.61
N SER V 185 33.88 14.43 -51.33
CA SER V 185 33.14 15.54 -50.71
C SER V 185 31.64 15.56 -51.02
N ASN V 186 31.22 14.83 -52.04
CA ASN V 186 29.80 14.82 -52.43
C ASN V 186 29.35 13.45 -52.94
N LEU V 187 28.31 12.90 -52.31
CA LEU V 187 27.89 11.52 -52.56
C LEU V 187 27.02 11.31 -53.83
N SER V 188 26.71 12.38 -54.56
CA SER V 188 26.01 12.29 -55.85
C SER V 188 26.97 12.01 -57.00
N VAL V 189 28.27 12.04 -56.71
CA VAL V 189 29.27 11.70 -57.73
C VAL V 189 29.86 10.34 -57.35
N GLY V 190 30.00 9.47 -58.35
CA GLY V 190 30.44 8.11 -58.06
C GLY V 190 31.11 7.29 -59.16
N LEU V 191 31.95 6.38 -58.71
CA LEU V 191 32.64 5.42 -59.55
C LEU V 191 31.65 4.40 -60.11
N PRO V 192 31.98 3.76 -61.26
CA PRO V 192 33.20 3.88 -62.08
C PRO V 192 33.31 5.18 -62.87
N LEU V 193 34.48 5.46 -63.41
CA LEU V 193 34.70 6.61 -64.28
C LEU V 193 34.79 6.14 -65.73
N ASP V 194 34.47 7.03 -66.65
CA ASP V 194 34.78 6.81 -68.05
C ASP V 194 35.61 8.00 -68.54
N VAL V 195 36.82 7.71 -69.00
CA VAL V 195 37.77 8.74 -69.41
C VAL V 195 38.34 8.51 -70.80
N MET V 196 38.85 9.59 -71.41
CA MET V 196 39.51 9.49 -72.72
C MET V 196 40.52 10.61 -72.99
N ILE V 197 41.65 10.22 -73.57
CA ILE V 197 42.63 11.17 -74.07
C ILE V 197 42.60 11.17 -75.59
N TYR V 198 42.45 12.35 -76.19
CA TYR V 198 42.50 12.45 -77.64
C TYR V 198 43.75 13.21 -78.06
N PRO V 199 44.77 12.49 -78.54
CA PRO V 199 45.93 13.22 -79.06
C PRO V 199 45.57 13.90 -80.38
N LEU V 200 46.07 15.11 -80.59
CA LEU V 200 45.80 15.88 -81.80
C LEU V 200 46.09 15.10 -83.10
N ASP V 201 45.12 15.16 -84.01
CA ASP V 201 45.16 14.59 -85.36
C ASP V 201 45.23 13.07 -85.40
N SER V 202 44.97 12.42 -84.27
CA SER V 202 45.04 10.96 -84.20
C SER V 202 43.78 10.31 -84.73
N PHE V 203 42.66 10.96 -84.49
CA PHE V 203 41.34 10.41 -84.83
C PHE V 203 41.14 8.98 -84.31
N SER V 204 41.64 8.72 -83.10
CA SER V 204 41.55 7.40 -82.49
C SER V 204 40.80 7.43 -81.17
N THR V 205 40.10 6.34 -80.89
CA THR V 205 39.41 6.16 -79.62
C THR V 205 40.13 5.12 -78.78
N GLU V 206 41.43 4.92 -79.03
CA GLU V 206 42.18 3.88 -78.32
C GLU V 206 42.40 4.16 -76.83
N GLN V 207 42.59 5.42 -76.48
CA GLN V 207 42.83 5.75 -75.08
C GLN V 207 41.49 6.07 -74.40
N GLN V 208 40.56 5.11 -74.50
CA GLN V 208 39.30 5.17 -73.78
C GLN V 208 39.31 4.10 -72.71
N TYR V 209 39.00 4.50 -71.49
CA TYR V 209 39.14 3.58 -70.39
C TYR V 209 38.01 3.74 -69.41
N ARG V 210 37.57 2.61 -68.87
CA ARG V 210 36.68 2.60 -67.75
C ARG V 210 37.51 2.35 -66.50
N ILE V 211 37.46 3.29 -65.56
CA ILE V 211 38.18 3.19 -64.30
C ILE V 211 37.24 2.80 -63.16
N THR V 212 37.39 1.57 -62.67
CA THR V 212 36.57 1.07 -61.56
C THR V 212 37.29 1.24 -60.23
N GLU V 213 36.63 0.89 -59.14
CA GLU V 213 37.20 0.96 -57.79
C GLU V 213 38.49 0.13 -57.64
N ASP V 214 38.65 -0.86 -58.51
CA ASP V 214 39.78 -1.78 -58.47
C ASP V 214 40.94 -1.33 -59.35
N HIS V 215 40.73 -0.26 -60.11
CA HIS V 215 41.75 0.22 -61.04
C HIS V 215 43.02 0.60 -60.27
N PRO V 216 44.13 -0.11 -60.54
CA PRO V 216 45.36 0.11 -59.77
C PRO V 216 45.93 1.53 -59.87
N TYR V 217 46.04 2.13 -61.05
CA TYR V 217 46.65 3.46 -61.10
C TYR V 217 45.81 4.52 -60.39
N PHE V 218 44.48 4.47 -60.54
CA PHE V 218 43.65 5.45 -59.88
C PHE V 218 43.78 5.28 -58.36
N MET V 219 43.85 4.05 -57.89
CA MET V 219 44.07 3.81 -56.47
C MET V 219 45.39 4.49 -56.05
N MET V 220 46.41 4.34 -56.89
CA MET V 220 47.75 4.85 -56.58
C MET V 220 47.78 6.38 -56.52
N ILE V 221 47.16 7.02 -57.51
CA ILE V 221 47.19 8.48 -57.59
C ILE V 221 46.38 9.16 -56.47
N ARG V 222 45.28 8.53 -56.04
CA ARG V 222 44.46 9.14 -54.99
C ARG V 222 45.23 9.17 -53.67
N LYS V 223 45.84 8.03 -53.37
CA LYS V 223 46.60 7.83 -52.15
C LYS V 223 47.89 8.66 -52.20
N GLY V 224 48.52 8.69 -53.37
CA GLY V 224 49.70 9.50 -53.59
C GLY V 224 49.40 10.98 -53.46
N TRP V 225 48.29 11.43 -54.04
CA TRP V 225 47.89 12.82 -53.92
C TRP V 225 47.53 13.15 -52.48
N GLY V 226 46.77 12.26 -51.85
CA GLY V 226 46.32 12.50 -50.49
C GLY V 226 47.44 12.61 -49.47
N GLU V 227 48.36 11.67 -49.49
CA GLU V 227 49.48 11.68 -48.55
C GLU V 227 50.42 12.84 -48.80
N GLY V 228 50.67 13.14 -50.07
CA GLY V 228 51.50 14.28 -50.42
C GLY V 228 50.89 15.55 -49.88
N LEU V 229 49.56 15.65 -49.98
CA LEU V 229 48.83 16.84 -49.57
C LEU V 229 49.02 17.05 -48.09
N VAL V 230 48.87 15.95 -47.35
CA VAL V 230 49.00 15.91 -45.90
C VAL V 230 50.41 16.29 -45.46
N SER V 231 51.41 15.98 -46.29
CA SER V 231 52.80 16.34 -46.00
C SER V 231 53.05 17.84 -46.10
N ILE V 232 52.50 18.46 -47.14
CA ILE V 232 52.64 19.90 -47.32
C ILE V 232 52.03 20.67 -46.16
N PHE V 233 50.86 20.20 -45.70
CA PHE V 233 50.16 20.86 -44.62
C PHE V 233 50.99 20.81 -43.34
N ALA V 234 51.58 19.65 -43.08
CA ALA V 234 52.38 19.47 -41.87
C ALA V 234 53.66 20.28 -41.91
N GLN V 235 54.16 20.54 -43.12
CA GLN V 235 55.42 21.26 -43.28
C GLN V 235 55.22 22.78 -43.39
N LEU V 236 53.97 23.22 -43.29
CA LEU V 236 53.63 24.64 -43.35
C LEU V 236 54.19 25.38 -42.12
N PRO V 237 54.61 26.64 -42.30
CA PRO V 237 55.06 27.42 -41.14
C PRO V 237 53.95 27.60 -40.08
N GLY V 238 54.32 27.61 -38.81
CA GLY V 238 53.39 27.76 -37.68
C GLY V 238 52.63 29.08 -37.72
N LEU V 239 51.43 29.11 -37.13
CA LEU V 239 50.61 30.30 -37.20
C LEU V 239 51.24 31.55 -36.60
N LYS V 240 51.27 32.63 -37.39
CA LYS V 240 51.72 33.90 -36.86
C LYS V 240 50.76 35.00 -37.30
N LEU V 241 49.66 35.18 -36.58
CA LEU V 241 48.69 36.21 -36.94
C LEU V 241 49.05 37.53 -36.27
N THR W 1 19.67 7.41 -43.47
CA THR W 1 19.10 7.31 -42.14
C THR W 1 18.29 6.02 -42.02
N TYR W 2 18.75 5.11 -41.16
CA TYR W 2 18.04 3.87 -40.83
C TYR W 2 18.33 3.42 -39.41
N CYS W 3 17.28 3.21 -38.61
CA CYS W 3 17.42 2.68 -37.25
C CYS W 3 16.48 1.50 -36.98
N VAL W 4 16.94 0.50 -36.24
CA VAL W 4 16.08 -0.62 -35.90
C VAL W 4 16.28 -0.99 -34.44
N ALA W 5 15.18 -1.37 -33.77
CA ALA W 5 15.23 -1.82 -32.39
C ALA W 5 14.37 -3.05 -32.25
N MET W 6 14.85 -4.00 -31.48
CA MET W 6 14.17 -5.27 -31.31
C MET W 6 13.93 -5.55 -29.84
N ARG W 7 12.70 -5.94 -29.50
CA ARG W 7 12.39 -6.33 -28.13
C ARG W 7 12.23 -7.85 -28.00
N LEU W 8 13.12 -8.48 -27.25
CA LEU W 8 13.09 -9.93 -27.16
C LEU W 8 12.89 -10.36 -25.73
N SER W 9 12.64 -11.65 -25.54
CA SER W 9 12.45 -12.18 -24.20
C SER W 9 13.72 -12.00 -23.34
N SER W 10 14.90 -12.11 -23.96
CA SER W 10 16.16 -12.06 -23.20
C SER W 10 16.76 -10.67 -23.16
N GLY W 11 16.21 -9.74 -23.91
CA GLY W 11 16.77 -8.40 -23.94
C GLY W 11 16.36 -7.60 -25.17
N LEU W 12 17.04 -6.47 -25.39
CA LEU W 12 16.79 -5.60 -26.55
C LEU W 12 18.07 -5.42 -27.35
N ALA W 13 17.94 -5.34 -28.68
CA ALA W 13 19.07 -5.03 -29.55
C ALA W 13 18.74 -3.79 -30.35
N PHE W 14 19.70 -2.87 -30.47
CA PHE W 14 19.51 -1.61 -31.22
C PHE W 14 20.62 -1.42 -32.27
N ALA W 15 20.28 -0.92 -33.46
CA ALA W 15 21.28 -0.54 -34.44
C ALA W 15 20.86 0.66 -35.31
N SER W 16 21.73 1.66 -35.40
CA SER W 16 21.45 2.80 -36.27
C SER W 16 22.69 3.21 -37.06
N ASP W 17 22.47 3.68 -38.28
CA ASP W 17 23.55 4.26 -39.08
C ASP W 17 23.75 5.72 -38.65
N SER W 18 24.51 6.49 -39.43
CA SER W 18 24.81 7.87 -39.05
C SER W 18 24.73 8.88 -40.19
N ARG W 19 24.49 8.43 -41.42
CA ARG W 19 24.44 9.35 -42.55
C ARG W 19 23.22 10.23 -42.47
N THR W 20 23.44 11.54 -42.49
CA THR W 20 22.41 12.51 -42.23
C THR W 20 22.33 13.55 -43.34
N ASN W 21 21.10 13.86 -43.75
CA ASN W 21 20.87 14.87 -44.76
C ASN W 21 20.42 16.19 -44.12
N ALA W 22 21.34 17.16 -44.03
CA ALA W 22 21.04 18.47 -43.43
C ALA W 22 20.64 19.46 -44.53
N GLY W 23 21.06 19.15 -45.75
CA GLY W 23 20.73 19.95 -46.90
C GLY W 23 21.10 19.20 -48.17
N VAL W 24 20.75 19.78 -49.32
CA VAL W 24 21.05 19.18 -50.61
C VAL W 24 22.56 19.01 -50.80
N ASP W 25 23.34 19.98 -50.30
CA ASP W 25 24.79 19.95 -50.46
C ASP W 25 25.50 19.78 -49.12
N HIS W 26 24.74 19.42 -48.10
CA HIS W 26 25.29 19.21 -46.76
C HIS W 26 24.90 17.82 -46.20
N ILE W 27 25.55 16.76 -46.68
CA ILE W 27 25.36 15.43 -46.13
C ILE W 27 26.58 15.06 -45.26
N SER W 28 26.33 14.85 -43.97
CA SER W 28 27.41 14.64 -42.97
C SER W 28 27.07 13.52 -41.98
N THR W 29 27.96 13.30 -41.01
CA THR W 29 27.82 12.21 -40.02
C THR W 29 27.27 12.67 -38.67
N PHE W 30 26.19 12.04 -38.22
CA PHE W 30 25.61 12.34 -36.91
C PHE W 30 25.17 11.09 -36.16
N ARG W 31 25.38 11.11 -34.85
CA ARG W 31 24.97 10.02 -33.99
C ARG W 31 23.43 9.99 -33.95
N LYS W 32 22.85 8.79 -34.10
CA LYS W 32 21.40 8.62 -34.10
C LYS W 32 20.95 7.62 -33.03
N LEU W 33 21.80 7.42 -32.03
CA LEU W 33 21.48 6.54 -30.91
C LEU W 33 21.99 7.22 -29.64
N HIS W 34 21.08 7.62 -28.77
CA HIS W 34 21.46 8.30 -27.55
C HIS W 34 20.94 7.57 -26.32
N LEU W 35 21.67 7.71 -25.22
CA LEU W 35 21.40 6.93 -24.02
C LEU W 35 21.06 7.79 -22.81
N PHE W 36 20.09 7.34 -22.02
CA PHE W 36 19.77 7.94 -20.74
C PHE W 36 19.80 6.86 -19.67
N GLN W 37 20.81 6.89 -18.81
CA GLN W 37 21.10 5.78 -17.89
C GLN W 37 21.19 6.18 -16.40
N GLN W 38 20.56 5.39 -15.55
CA GLN W 38 20.70 5.46 -14.10
C GLN W 38 21.12 4.06 -13.63
N PRO W 39 22.42 3.89 -13.32
CA PRO W 39 23.06 2.58 -13.04
C PRO W 39 22.33 1.72 -12.02
N GLY W 40 21.97 0.51 -12.41
CA GLY W 40 21.26 -0.37 -11.50
C GLY W 40 19.78 -0.06 -11.39
N GLU W 41 19.32 0.99 -12.06
CA GLU W 41 17.94 1.44 -11.90
C GLU W 41 17.17 1.63 -13.24
N ARG W 42 17.79 2.22 -14.26
CA ARG W 42 17.11 2.37 -15.55
C ARG W 42 18.09 2.58 -16.72
N THR W 43 17.71 2.06 -17.89
CA THR W 43 18.48 2.24 -19.13
C THR W 43 17.53 2.53 -20.30
N LEU W 44 17.64 3.73 -20.85
CA LEU W 44 16.76 4.17 -21.93
C LEU W 44 17.57 4.45 -23.20
N VAL W 45 17.11 3.91 -24.32
CA VAL W 45 17.75 4.13 -25.61
C VAL W 45 16.78 4.90 -26.50
N VAL W 46 17.26 5.99 -27.09
CA VAL W 46 16.45 6.78 -28.02
C VAL W 46 17.12 6.84 -29.39
N GLN W 47 16.39 6.49 -30.44
CA GLN W 47 16.92 6.57 -31.81
C GLN W 47 16.17 7.59 -32.65
N SER W 48 16.89 8.30 -33.51
CA SER W 48 16.33 9.46 -34.22
C SER W 48 16.24 9.25 -35.72
N ALA W 49 15.17 9.75 -36.31
CA ALA W 49 15.05 9.77 -37.74
C ALA W 49 14.26 11.00 -38.15
N GLY W 50 14.42 11.41 -39.40
CA GLY W 50 13.74 12.59 -39.91
C GLY W 50 14.59 13.84 -39.77
N ASN W 51 13.93 14.98 -39.69
CA ASN W 51 14.61 16.26 -39.61
C ASN W 51 15.59 16.33 -38.43
N LEU W 52 16.87 16.54 -38.74
CA LEU W 52 17.93 16.53 -37.72
C LEU W 52 17.75 17.61 -36.66
N ALA W 53 17.33 18.81 -37.08
CA ALA W 53 17.11 19.92 -36.17
C ALA W 53 16.06 19.58 -35.11
N THR W 54 15.00 18.91 -35.53
CA THR W 54 13.92 18.52 -34.62
C THR W 54 14.47 17.50 -33.62
N THR W 55 15.07 16.44 -34.14
CA THR W 55 15.55 15.37 -33.26
C THR W 55 16.66 15.86 -32.32
N GLN W 56 17.57 16.70 -32.80
CA GLN W 56 18.63 17.20 -31.92
C GLN W 56 18.06 18.05 -30.80
N SER W 57 17.07 18.87 -31.13
CA SER W 57 16.43 19.69 -30.10
C SER W 57 15.71 18.80 -29.10
N ILE W 58 15.01 17.78 -29.58
CA ILE W 58 14.31 16.86 -28.68
C ILE W 58 15.28 16.19 -27.71
N VAL W 59 16.34 15.59 -28.25
CA VAL W 59 17.36 14.88 -27.47
C VAL W 59 18.04 15.85 -26.49
N SER W 60 18.32 17.07 -26.96
CA SER W 60 18.98 18.08 -26.14
C SER W 60 18.11 18.59 -24.98
N LEU W 61 16.83 18.79 -25.25
CA LEU W 61 15.91 19.23 -24.19
C LEU W 61 15.76 18.16 -23.11
N LEU W 62 15.70 16.89 -23.53
CA LEU W 62 15.53 15.78 -22.60
C LEU W 62 16.74 15.68 -21.70
N GLN W 63 17.92 15.89 -22.30
CA GLN W 63 19.18 15.87 -21.56
C GLN W 63 19.32 17.00 -20.57
N ARG W 64 18.90 18.19 -20.98
CA ARG W 64 18.99 19.36 -20.14
C ARG W 64 17.99 19.20 -18.99
N ARG W 65 16.80 18.66 -19.30
CA ARG W 65 15.73 18.46 -18.29
C ARG W 65 16.01 17.30 -17.32
N CYS W 66 16.93 16.42 -17.71
CA CYS W 66 17.38 15.37 -16.81
C CYS W 66 18.15 15.98 -15.62
N LEU W 67 18.61 17.21 -15.81
CA LEU W 67 19.36 17.94 -14.80
C LEU W 67 18.45 18.75 -13.85
N ASP W 68 17.15 18.78 -14.12
CA ASP W 68 16.22 19.51 -13.27
C ASP W 68 15.32 18.48 -12.57
N PRO W 69 15.52 18.31 -11.26
CA PRO W 69 14.76 17.32 -10.50
C PRO W 69 13.34 17.78 -10.24
N GLU W 70 13.04 19.03 -10.56
CA GLU W 70 11.72 19.60 -10.24
C GLU W 70 10.66 19.43 -11.32
N GLN W 71 11.08 18.85 -12.44
CA GLN W 71 10.18 18.65 -13.58
C GLN W 71 10.26 17.20 -14.06
N THR W 72 9.21 16.74 -14.75
CA THR W 72 9.20 15.39 -15.32
C THR W 72 10.30 15.19 -16.35
N ASN W 73 11.08 14.13 -16.17
CA ASN W 73 12.17 13.82 -17.08
C ASN W 73 12.40 12.32 -17.18
N LEU W 74 13.35 11.96 -18.02
CA LEU W 74 13.63 10.55 -18.30
C LEU W 74 14.26 9.81 -17.11
N MET W 75 14.66 10.55 -16.08
CA MET W 75 15.23 9.99 -14.85
C MET W 75 14.19 9.70 -13.75
N ASN W 76 13.05 10.40 -13.79
CA ASN W 76 12.05 10.23 -12.75
C ASN W 76 10.69 9.67 -13.20
N VAL W 77 10.56 9.30 -14.47
CA VAL W 77 9.35 8.65 -14.92
C VAL W 77 9.24 7.25 -14.29
N ALA W 78 8.03 6.87 -13.91
CA ALA W 78 7.77 5.63 -13.19
C ALA W 78 7.85 4.39 -14.07
N SER W 79 7.51 4.57 -15.34
CA SER W 79 7.47 3.52 -16.34
C SER W 79 7.96 4.00 -17.70
N MET W 80 8.21 3.06 -18.61
CA MET W 80 8.57 3.39 -19.99
C MET W 80 7.38 4.04 -20.71
N TYR W 81 6.17 3.65 -20.32
CA TYR W 81 4.95 4.26 -20.87
C TYR W 81 4.90 5.76 -20.56
N GLU W 82 5.29 6.14 -19.35
CA GLU W 82 5.38 7.55 -18.97
C GLU W 82 6.54 8.21 -19.73
N ALA W 83 7.59 7.44 -19.97
CA ALA W 83 8.73 7.91 -20.77
C ALA W 83 8.29 8.23 -22.19
N ALA W 84 7.50 7.32 -22.76
CA ALA W 84 6.98 7.52 -24.11
C ALA W 84 6.06 8.74 -24.18
N THR W 85 5.20 8.90 -23.17
CA THR W 85 4.29 10.04 -23.15
C THR W 85 5.08 11.33 -23.17
N LEU W 86 6.16 11.34 -22.38
CA LEU W 86 7.02 12.49 -22.28
C LEU W 86 7.71 12.82 -23.60
N LEU W 87 8.24 11.81 -24.28
CA LEU W 87 8.88 12.02 -25.59
C LEU W 87 7.89 12.60 -26.57
N GLY W 88 6.66 12.09 -26.52
CA GLY W 88 5.60 12.57 -27.38
C GLY W 88 5.34 14.05 -27.18
N GLU W 89 5.34 14.47 -25.93
CA GLU W 89 5.14 15.88 -25.60
C GLU W 89 6.26 16.75 -26.13
N THR W 90 7.50 16.26 -26.02
CA THR W 90 8.67 17.02 -26.44
C THR W 90 8.74 17.12 -27.96
N VAL W 91 8.32 16.05 -28.63
CA VAL W 91 8.22 16.07 -30.08
C VAL W 91 7.29 17.16 -30.58
N ARG W 92 6.09 17.25 -29.99
CA ARG W 92 5.12 18.26 -30.40
C ARG W 92 5.62 19.67 -30.08
N GLU W 93 6.24 19.82 -28.90
CA GLU W 93 6.77 21.10 -28.42
C GLU W 93 7.80 21.63 -29.41
N VAL W 94 8.74 20.76 -29.82
CA VAL W 94 9.82 21.16 -30.74
C VAL W 94 9.29 21.47 -32.13
N ILE W 95 8.37 20.65 -32.61
CA ILE W 95 7.79 20.87 -33.94
C ILE W 95 6.98 22.16 -33.99
N ASN W 96 6.17 22.40 -32.97
CA ASN W 96 5.37 23.61 -32.96
C ASN W 96 6.22 24.85 -32.85
N ARG W 97 7.32 24.74 -32.13
CA ARG W 97 8.22 25.88 -32.03
C ARG W 97 8.88 26.19 -33.37
N ASP W 98 9.52 25.20 -33.98
CA ASP W 98 10.28 25.45 -35.21
C ASP W 98 9.43 25.82 -36.44
N SER W 99 8.20 25.32 -36.49
CA SER W 99 7.29 25.61 -37.59
C SER W 99 6.40 26.84 -37.37
N THR W 108 5.55 18.71 -43.28
CA THR W 108 6.30 17.48 -43.01
C THR W 108 7.79 17.80 -42.95
N ASP W 109 8.11 19.07 -43.17
CA ASP W 109 9.50 19.55 -43.23
C ASP W 109 10.19 19.35 -41.88
N PHE W 110 9.44 19.60 -40.81
CA PHE W 110 10.01 19.53 -39.47
C PHE W 110 9.72 18.20 -38.75
N ASN W 111 9.20 17.22 -39.48
CA ASN W 111 8.83 15.92 -38.89
C ASN W 111 9.97 15.01 -38.57
N CYS W 112 9.78 14.24 -37.51
CA CYS W 112 10.73 13.22 -37.07
C CYS W 112 10.00 11.99 -36.58
N ASN W 113 10.73 10.88 -36.51
CA ASN W 113 10.25 9.65 -35.87
C ASN W 113 11.28 9.24 -34.81
N LEU W 114 10.83 8.67 -33.69
CA LEU W 114 11.79 8.21 -32.67
C LEU W 114 11.52 6.77 -32.26
N LEU W 115 12.57 6.08 -31.85
CA LEU W 115 12.39 4.81 -31.19
C LEU W 115 12.83 4.97 -29.73
N LEU W 116 12.04 4.43 -28.82
CA LEU W 116 12.40 4.50 -27.41
C LEU W 116 12.30 3.11 -26.78
N GLY W 117 13.42 2.62 -26.29
CA GLY W 117 13.42 1.30 -25.74
C GLY W 117 14.32 1.20 -24.52
N GLY W 118 14.07 0.20 -23.69
CA GLY W 118 14.89 -0.05 -22.53
C GLY W 118 14.14 -0.67 -21.38
N GLN W 119 14.63 -0.43 -20.17
CA GLN W 119 14.04 -1.01 -18.98
C GLN W 119 14.19 -0.12 -17.78
N ILE W 120 13.10 0.03 -17.05
CA ILE W 120 13.07 0.68 -15.76
C ILE W 120 12.74 -0.33 -14.65
N LYS W 121 13.52 -0.28 -13.57
CA LYS W 121 13.41 -1.23 -12.46
C LYS W 121 12.00 -1.39 -11.94
N GLY W 122 11.59 -2.65 -11.82
CA GLY W 122 10.26 -2.97 -11.37
C GLY W 122 9.39 -3.34 -12.55
N GLU W 123 9.94 -3.21 -13.74
CA GLU W 123 9.18 -3.45 -14.95
C GLU W 123 10.02 -4.28 -15.92
N GLY W 124 9.38 -4.89 -16.91
CA GLY W 124 10.12 -5.65 -17.90
C GLY W 124 10.62 -4.75 -19.03
N LEU W 125 11.10 -5.37 -20.10
CA LEU W 125 11.54 -4.64 -21.26
C LEU W 125 10.35 -4.02 -22.00
N ARG W 126 10.51 -2.77 -22.44
CA ARG W 126 9.50 -2.11 -23.29
C ARG W 126 10.16 -1.34 -24.43
N LEU W 127 9.48 -1.33 -25.58
CA LEU W 127 9.97 -0.69 -26.79
C LEU W 127 8.84 0.08 -27.48
N PHE W 128 9.09 1.37 -27.79
CA PHE W 128 8.07 2.25 -28.39
C PHE W 128 8.49 2.93 -29.70
N HIS W 129 7.51 3.15 -30.56
CA HIS W 129 7.69 3.98 -31.74
C HIS W 129 6.87 5.26 -31.54
N ILE W 130 7.59 6.39 -31.45
CA ILE W 130 6.98 7.69 -31.27
C ILE W 130 6.80 8.32 -32.64
N TYR W 131 5.59 8.80 -32.91
CA TYR W 131 5.27 9.43 -34.19
C TYR W 131 5.42 10.93 -34.11
N PRO W 132 5.49 11.60 -35.27
CA PRO W 132 5.57 13.08 -35.32
C PRO W 132 4.40 13.80 -34.61
N GLN W 133 3.25 13.13 -34.52
CA GLN W 133 2.08 13.71 -33.86
C GLN W 133 2.24 13.62 -32.34
N GLY W 134 3.22 12.83 -31.88
CA GLY W 134 3.47 12.72 -30.46
C GLY W 134 2.80 11.51 -29.78
N ASN W 135 1.91 10.84 -30.50
CA ASN W 135 1.37 9.59 -29.99
C ASN W 135 2.35 8.47 -30.40
N PHE W 136 2.08 7.24 -29.97
CA PHE W 136 3.07 6.17 -30.08
C PHE W 136 2.42 4.79 -30.07
N ILE W 137 3.17 3.79 -30.52
CA ILE W 137 2.71 2.40 -30.38
C ILE W 137 3.79 1.56 -29.64
N GLU W 138 3.40 0.41 -29.08
CA GLU W 138 4.33 -0.39 -28.28
C GLU W 138 4.52 -1.73 -28.97
N ALA W 139 5.75 -2.24 -28.98
CA ALA W 139 6.06 -3.55 -29.58
C ALA W 139 5.54 -4.69 -28.68
N THR W 140 5.03 -5.74 -29.29
CA THR W 140 4.49 -6.89 -28.56
C THR W 140 5.24 -8.16 -28.99
N GLN W 141 4.82 -9.33 -28.54
CA GLN W 141 5.49 -10.55 -28.99
C GLN W 141 5.19 -10.84 -30.47
N ASP W 142 4.05 -10.32 -30.96
CA ASP W 142 3.64 -10.46 -32.37
C ASP W 142 4.35 -9.50 -33.34
N THR W 143 4.65 -8.30 -32.86
CA THR W 143 5.46 -7.33 -33.61
C THR W 143 6.59 -6.86 -32.71
N PRO W 144 7.70 -7.63 -32.66
CA PRO W 144 8.77 -7.48 -31.67
C PRO W 144 9.88 -6.52 -32.02
N TYR W 145 9.71 -5.79 -33.12
CA TYR W 145 10.73 -4.84 -33.54
C TYR W 145 10.11 -3.64 -34.24
N PHE W 146 10.85 -2.53 -34.27
CA PHE W 146 10.49 -1.33 -35.02
C PHE W 146 11.65 -0.84 -35.90
N GLN W 147 11.30 -0.26 -37.06
CA GLN W 147 12.28 0.38 -37.93
C GLN W 147 11.86 1.81 -38.20
N ILE W 148 12.83 2.72 -38.29
CA ILE W 148 12.53 4.07 -38.80
C ILE W 148 13.52 4.43 -39.88
N GLY W 149 13.16 5.40 -40.71
CA GLY W 149 14.00 5.82 -41.81
C GLY W 149 13.91 4.93 -43.04
N GLU W 150 15.01 4.81 -43.77
CA GLU W 150 15.05 3.97 -44.97
C GLU W 150 15.14 2.50 -44.57
N SER W 151 13.96 1.89 -44.40
CA SER W 151 13.81 0.65 -43.66
C SER W 151 13.45 -0.54 -44.52
N LYS W 152 12.98 -0.26 -45.73
CA LYS W 152 12.39 -1.30 -46.54
C LYS W 152 13.38 -2.36 -47.06
N TYR W 153 14.58 -1.92 -47.41
CA TYR W 153 15.60 -2.83 -47.92
C TYR W 153 15.97 -3.88 -46.88
N GLY W 154 15.90 -3.50 -45.60
CA GLY W 154 16.36 -4.36 -44.53
C GLY W 154 15.26 -5.14 -43.83
N LYS W 155 14.03 -5.02 -44.30
CA LYS W 155 12.92 -5.68 -43.63
C LYS W 155 12.84 -7.19 -43.88
N PRO W 156 13.06 -7.66 -45.13
CA PRO W 156 12.87 -9.10 -45.35
C PRO W 156 13.67 -10.05 -44.45
N ILE W 157 14.93 -9.73 -44.12
CA ILE W 157 15.76 -10.61 -43.31
C ILE W 157 15.22 -10.69 -41.87
N ILE W 158 14.71 -9.56 -41.35
CA ILE W 158 14.17 -9.56 -39.99
C ILE W 158 12.92 -10.45 -39.93
N ASP W 159 12.07 -10.29 -40.92
CA ASP W 159 10.86 -11.08 -41.03
C ASP W 159 11.20 -12.55 -41.19
N ARG W 160 12.35 -12.86 -41.76
CA ARG W 160 12.67 -14.26 -42.04
C ARG W 160 13.24 -15.01 -40.83
N VAL W 161 14.05 -14.33 -40.02
CA VAL W 161 14.81 -15.02 -38.97
C VAL W 161 14.51 -14.51 -37.54
N LEU W 162 13.91 -13.33 -37.39
CA LEU W 162 13.66 -12.79 -36.05
C LEU W 162 12.29 -13.18 -35.48
N SER W 163 12.28 -13.60 -34.22
CA SER W 163 11.05 -13.85 -33.45
C SER W 163 11.28 -13.38 -32.03
N TYR W 164 10.20 -13.28 -31.26
CA TYR W 164 10.33 -12.81 -29.88
C TYR W 164 11.34 -13.65 -29.06
N ASP W 165 11.49 -14.92 -29.43
CA ASP W 165 12.36 -15.81 -28.67
C ASP W 165 13.76 -15.95 -29.26
N THR W 166 14.09 -15.22 -30.33
CA THR W 166 15.46 -15.24 -30.85
C THR W 166 16.43 -14.76 -29.78
N PRO W 167 17.54 -15.51 -29.58
CA PRO W 167 18.57 -15.06 -28.63
C PRO W 167 19.20 -13.71 -29.05
N LEU W 168 19.62 -12.95 -28.03
CA LEU W 168 20.13 -11.60 -28.19
C LEU W 168 21.25 -11.51 -29.23
N ASP W 169 22.20 -12.43 -29.19
CA ASP W 169 23.34 -12.35 -30.10
C ASP W 169 22.90 -12.50 -31.56
N GLN W 170 21.94 -13.38 -31.77
CA GLN W 170 21.44 -13.61 -33.11
C GLN W 170 20.57 -12.46 -33.60
N ALA W 171 19.85 -11.80 -32.70
CA ALA W 171 19.06 -10.64 -33.10
C ALA W 171 19.99 -9.54 -33.60
N MET W 172 21.12 -9.34 -32.90
CA MET W 172 22.11 -8.37 -33.33
C MET W 172 22.76 -8.76 -34.67
N GLN W 173 22.99 -10.06 -34.86
CA GLN W 173 23.53 -10.54 -36.14
C GLN W 173 22.52 -10.16 -37.23
N CYS W 174 21.24 -10.36 -36.91
CA CYS W 174 20.17 -10.04 -37.85
C CYS W 174 20.14 -8.55 -38.22
N ALA W 175 20.25 -7.69 -37.22
CA ALA W 175 20.26 -6.25 -37.46
C ALA W 175 21.44 -5.86 -38.36
N LEU W 176 22.62 -6.43 -38.12
CA LEU W 176 23.79 -6.06 -38.87
C LEU W 176 23.66 -6.41 -40.35
N ILE W 177 23.05 -7.56 -40.61
CA ILE W 177 22.78 -8.01 -41.98
C ILE W 177 21.77 -7.07 -42.65
N SER W 178 20.77 -6.68 -41.88
CA SER W 178 19.76 -5.72 -42.31
C SER W 178 20.42 -4.42 -42.77
N MET W 179 21.42 -3.98 -42.00
CA MET W 179 22.18 -2.77 -42.37
C MET W 179 22.92 -2.96 -43.68
N ASP W 180 23.58 -4.12 -43.79
CA ASP W 180 24.40 -4.43 -44.94
C ASP W 180 23.61 -4.32 -46.23
N SER W 181 22.45 -4.96 -46.25
CA SER W 181 21.56 -4.91 -47.41
C SER W 181 21.14 -3.48 -47.70
N THR W 182 20.96 -2.71 -46.63
CA THR W 182 20.51 -1.35 -46.77
C THR W 182 21.64 -0.49 -47.30
N LEU W 183 22.82 -0.65 -46.70
CA LEU W 183 24.00 0.08 -47.16
C LEU W 183 24.28 -0.09 -48.65
N ARG W 184 24.15 -1.33 -49.10
CA ARG W 184 24.45 -1.71 -50.47
C ARG W 184 23.45 -1.18 -51.45
N SER W 185 22.26 -0.87 -50.96
CA SER W 185 21.15 -0.57 -51.85
C SER W 185 20.67 0.89 -51.81
N ASN W 186 21.03 1.64 -50.78
CA ASN W 186 20.55 3.02 -50.66
C ASN W 186 21.55 4.00 -50.02
N LEU W 187 21.91 5.01 -50.78
CA LEU W 187 23.05 5.85 -50.42
C LEU W 187 22.77 6.89 -49.33
N SER W 188 21.53 6.94 -48.85
CA SER W 188 21.18 7.83 -47.74
C SER W 188 21.52 7.19 -46.42
N VAL W 189 21.84 5.90 -46.46
CA VAL W 189 22.23 5.15 -45.27
C VAL W 189 23.72 4.90 -45.40
N GLY W 190 24.47 5.11 -44.31
CA GLY W 190 25.92 5.01 -44.39
C GLY W 190 26.60 4.76 -43.05
N LEU W 191 27.78 4.18 -43.10
CA LEU W 191 28.63 3.98 -41.92
C LEU W 191 29.17 5.34 -41.46
N PRO W 192 29.59 5.44 -40.20
CA PRO W 192 29.62 4.39 -39.18
C PRO W 192 28.25 4.00 -38.65
N LEU W 193 28.19 2.88 -37.96
CA LEU W 193 26.99 2.41 -37.29
C LEU W 193 27.16 2.65 -35.82
N ASP W 194 26.05 2.74 -35.12
CA ASP W 194 26.06 2.66 -33.66
C ASP W 194 25.07 1.55 -33.22
N VAL W 195 25.56 0.58 -32.46
CA VAL W 195 24.70 -0.51 -32.01
C VAL W 195 24.75 -0.66 -30.50
N MET W 196 23.79 -1.37 -29.93
CA MET W 196 23.82 -1.69 -28.51
C MET W 196 23.04 -2.98 -28.22
N ILE W 197 23.60 -3.80 -27.34
CA ILE W 197 22.91 -4.97 -26.80
C ILE W 197 22.56 -4.73 -25.34
N TYR W 198 21.26 -4.84 -25.02
CA TYR W 198 20.79 -4.69 -23.65
C TYR W 198 20.24 -6.01 -23.13
N PRO W 199 20.99 -6.69 -22.26
CA PRO W 199 20.48 -7.92 -21.63
C PRO W 199 19.41 -7.62 -20.59
N LEU W 200 18.38 -8.45 -20.53
CA LEU W 200 17.30 -8.28 -19.56
C LEU W 200 17.84 -8.10 -18.14
N ASP W 201 17.31 -7.11 -17.43
CA ASP W 201 17.61 -6.87 -16.00
C ASP W 201 19.06 -6.50 -15.67
N SER W 202 19.84 -6.17 -16.69
CA SER W 202 21.24 -5.80 -16.51
C SER W 202 21.43 -4.33 -16.14
N PHE W 203 20.56 -3.46 -16.66
CA PHE W 203 20.67 -2.00 -16.49
C PHE W 203 22.07 -1.53 -16.83
N SER W 204 22.62 -2.10 -17.90
CA SER W 204 23.99 -1.86 -18.34
C SER W 204 24.09 -1.25 -19.75
N THR W 205 25.02 -0.33 -19.90
CA THR W 205 25.31 0.26 -21.21
C THR W 205 26.68 -0.18 -21.71
N GLU W 206 27.17 -1.31 -21.20
CA GLU W 206 28.51 -1.81 -21.50
C GLU W 206 28.68 -2.30 -22.96
N GLN W 207 27.64 -2.92 -23.48
CA GLN W 207 27.69 -3.46 -24.83
C GLN W 207 27.21 -2.44 -25.86
N GLN W 208 27.84 -1.27 -25.86
CA GLN W 208 27.58 -0.29 -26.89
C GLN W 208 28.81 -0.13 -27.78
N TYR W 209 28.59 -0.13 -29.10
CA TYR W 209 29.70 -0.15 -30.05
C TYR W 209 29.42 0.77 -31.21
N ARG W 210 30.49 1.42 -31.67
CA ARG W 210 30.56 2.19 -32.92
C ARG W 210 31.23 1.30 -33.97
N ILE W 211 30.53 1.02 -35.07
CA ILE W 211 31.04 0.14 -36.09
C ILE W 211 31.50 0.97 -37.31
N THR W 212 32.81 1.06 -37.58
CA THR W 212 33.27 1.80 -38.75
C THR W 212 33.52 0.86 -39.96
N GLU W 213 33.88 1.44 -41.10
CA GLU W 213 34.17 0.63 -42.29
C GLU W 213 35.30 -0.36 -42.00
N ASP W 214 36.14 -0.06 -41.02
CA ASP W 214 37.31 -0.88 -40.69
C ASP W 214 37.05 -1.96 -39.64
N HIS W 215 35.84 -1.99 -39.09
CA HIS W 215 35.50 -2.95 -38.04
C HIS W 215 35.64 -4.41 -38.48
N PRO W 216 36.55 -5.14 -37.84
CA PRO W 216 36.84 -6.51 -38.31
C PRO W 216 35.63 -7.45 -38.30
N TYR W 217 34.84 -7.52 -37.24
CA TYR W 217 33.69 -8.44 -37.29
C TYR W 217 32.63 -8.07 -38.33
N PHE W 218 32.34 -6.78 -38.48
CA PHE W 218 31.33 -6.36 -39.46
C PHE W 218 31.80 -6.66 -40.87
N MET W 219 33.08 -6.46 -41.13
CA MET W 219 33.65 -6.84 -42.42
C MET W 219 33.46 -8.34 -42.69
N MET W 220 33.68 -9.14 -41.64
CA MET W 220 33.60 -10.60 -41.70
C MET W 220 32.17 -11.10 -41.93
N ILE W 221 31.23 -10.51 -41.20
CA ILE W 221 29.85 -10.92 -41.28
C ILE W 221 29.22 -10.55 -42.63
N ARG W 222 29.64 -9.42 -43.22
CA ARG W 222 29.12 -8.98 -44.53
C ARG W 222 29.57 -9.92 -45.64
N LYS W 223 30.86 -10.22 -45.63
CA LYS W 223 31.45 -11.04 -46.68
C LYS W 223 30.94 -12.48 -46.59
N GLY W 224 30.83 -12.99 -45.36
CA GLY W 224 30.31 -14.32 -45.14
C GLY W 224 28.86 -14.44 -45.60
N TRP W 225 28.04 -13.44 -45.28
CA TRP W 225 26.63 -13.46 -45.68
C TRP W 225 26.51 -13.37 -47.20
N GLY W 226 27.28 -12.46 -47.79
CA GLY W 226 27.28 -12.26 -49.23
C GLY W 226 27.71 -13.53 -49.94
N GLU W 227 28.78 -14.16 -49.46
CA GLU W 227 29.26 -15.43 -49.99
C GLU W 227 28.23 -16.53 -49.75
N GLY W 228 27.59 -16.49 -48.58
CA GLY W 228 26.54 -17.43 -48.24
C GLY W 228 25.33 -17.40 -49.16
N LEU W 229 24.89 -16.20 -49.54
CA LEU W 229 23.74 -16.05 -50.42
C LEU W 229 24.03 -16.56 -51.84
N VAL W 230 25.18 -16.21 -52.42
CA VAL W 230 25.54 -16.66 -53.78
C VAL W 230 25.63 -18.18 -53.90
N SER W 231 26.04 -18.85 -52.82
CA SER W 231 26.09 -20.31 -52.77
C SER W 231 24.69 -20.96 -52.72
N ILE W 232 23.82 -20.40 -51.87
CA ILE W 232 22.44 -20.88 -51.74
C ILE W 232 21.74 -20.69 -53.08
N PHE W 233 22.03 -19.57 -53.74
CA PHE W 233 21.44 -19.28 -55.04
C PHE W 233 21.81 -20.34 -56.08
N ALA W 234 23.07 -20.74 -56.10
CA ALA W 234 23.54 -21.71 -57.09
C ALA W 234 22.96 -23.10 -56.89
N GLN W 235 22.66 -23.43 -55.64
CA GLN W 235 22.22 -24.76 -55.25
C GLN W 235 20.69 -24.91 -55.31
N LEU W 236 20.02 -23.87 -55.81
CA LEU W 236 18.58 -23.88 -56.00
C LEU W 236 18.22 -24.90 -57.09
N PRO W 237 17.03 -25.54 -56.96
CA PRO W 237 16.61 -26.44 -58.04
C PRO W 237 16.52 -25.68 -59.36
N GLY W 238 16.86 -26.33 -60.47
CA GLY W 238 16.85 -25.67 -61.77
C GLY W 238 15.46 -25.27 -62.17
N LEU W 239 15.38 -24.16 -62.90
CA LEU W 239 14.09 -23.59 -63.25
C LEU W 239 13.30 -24.57 -64.10
N LYS W 240 12.11 -24.94 -63.62
CA LYS W 240 11.22 -25.86 -64.32
C LYS W 240 9.76 -25.39 -64.26
N LEU W 241 9.40 -24.50 -65.18
CA LEU W 241 8.07 -23.90 -65.22
C LEU W 241 7.07 -24.74 -66.02
N THR X 1 1.34 -4.18 -55.78
CA THR X 1 1.86 -3.95 -57.13
C THR X 1 3.40 -3.94 -57.19
N TYR X 2 3.99 -4.95 -57.82
CA TYR X 2 5.44 -4.99 -58.05
C TYR X 2 5.75 -5.72 -59.37
N CYS X 3 6.46 -5.05 -60.24
CA CYS X 3 6.87 -5.64 -61.50
C CYS X 3 8.38 -5.40 -61.68
N VAL X 4 9.06 -6.36 -62.26
CA VAL X 4 10.47 -6.21 -62.54
C VAL X 4 10.76 -6.71 -63.97
N ALA X 5 11.70 -6.06 -64.66
CA ALA X 5 12.11 -6.52 -65.98
C ALA X 5 13.62 -6.51 -66.07
N MET X 6 14.19 -7.56 -66.65
CA MET X 6 15.64 -7.67 -66.72
C MET X 6 16.04 -7.84 -68.17
N ARG X 7 16.99 -7.02 -68.59
CA ARG X 7 17.53 -7.08 -69.95
C ARG X 7 18.94 -7.67 -69.92
N LEU X 8 19.06 -8.89 -70.45
CA LEU X 8 20.33 -9.59 -70.42
C LEU X 8 20.84 -9.89 -71.83
N SER X 9 22.10 -10.30 -71.94
CA SER X 9 22.66 -10.62 -73.24
C SER X 9 21.92 -11.78 -73.91
N SER X 10 21.39 -12.73 -73.13
CA SER X 10 20.77 -13.92 -73.71
C SER X 10 19.25 -13.78 -73.92
N GLY X 11 18.67 -12.71 -73.39
CA GLY X 11 17.24 -12.49 -73.48
C GLY X 11 16.69 -11.57 -72.40
N LEU X 12 15.37 -11.58 -72.22
CA LEU X 12 14.70 -10.77 -71.20
C LEU X 12 13.90 -11.60 -70.21
N ALA X 13 13.86 -11.17 -68.95
CA ALA X 13 12.98 -11.83 -68.00
C ALA X 13 12.06 -10.81 -67.34
N PHE X 14 10.78 -11.17 -67.25
CA PHE X 14 9.74 -10.30 -66.67
C PHE X 14 9.02 -11.02 -65.56
N ALA X 15 8.67 -10.28 -64.53
CA ALA X 15 7.81 -10.83 -63.48
C ALA X 15 6.88 -9.72 -62.96
N SER X 16 5.59 -10.03 -62.87
CA SER X 16 4.62 -9.11 -62.30
C SER X 16 3.74 -9.85 -61.31
N ASP X 17 3.41 -9.19 -60.20
CA ASP X 17 2.43 -9.69 -59.28
C ASP X 17 1.04 -9.32 -59.82
N SER X 18 0.00 -9.45 -58.98
CA SER X 18 -1.32 -9.08 -59.47
C SER X 18 -2.17 -8.32 -58.48
N ARG X 19 -1.71 -8.15 -57.24
CA ARG X 19 -2.56 -7.53 -56.23
C ARG X 19 -2.69 -6.03 -56.49
N THR X 20 -3.94 -5.59 -56.60
CA THR X 20 -4.23 -4.24 -57.03
C THR X 20 -5.14 -3.51 -56.08
N ASN X 21 -4.77 -2.28 -55.80
CA ASN X 21 -5.60 -1.45 -54.98
C ASN X 21 -6.38 -0.55 -55.93
N ALA X 22 -7.65 -0.89 -56.15
CA ALA X 22 -8.49 -0.17 -57.12
C ALA X 22 -9.26 0.95 -56.46
N GLY X 23 -9.52 0.78 -55.17
CA GLY X 23 -10.15 1.79 -54.36
C GLY X 23 -10.11 1.29 -52.93
N VAL X 24 -10.49 2.14 -51.98
CA VAL X 24 -10.59 1.69 -50.61
C VAL X 24 -11.63 0.57 -50.57
N ASP X 25 -11.29 -0.52 -49.87
CA ASP X 25 -12.13 -1.72 -49.73
C ASP X 25 -12.30 -2.52 -51.02
N HIS X 26 -11.50 -2.19 -52.03
CA HIS X 26 -11.46 -2.97 -53.25
C HIS X 26 -10.02 -3.32 -53.62
N ILE X 27 -9.42 -4.24 -52.88
CA ILE X 27 -8.09 -4.71 -53.21
C ILE X 27 -8.35 -6.00 -53.96
N SER X 28 -7.98 -6.03 -55.23
CA SER X 28 -8.38 -7.11 -56.11
C SER X 28 -7.22 -7.57 -57.00
N THR X 29 -7.48 -8.60 -57.79
CA THR X 29 -6.47 -9.20 -58.65
C THR X 29 -6.60 -8.72 -60.11
N PHE X 30 -5.54 -8.10 -60.64
CA PHE X 30 -5.50 -7.65 -62.03
C PHE X 30 -4.18 -8.01 -62.68
N ARG X 31 -4.27 -8.45 -63.93
CA ARG X 31 -3.08 -8.84 -64.63
C ARG X 31 -2.29 -7.57 -64.99
N LYS X 32 -0.99 -7.60 -64.69
CA LYS X 32 -0.09 -6.45 -64.84
C LYS X 32 1.06 -6.71 -65.81
N LEU X 33 0.84 -7.65 -66.71
CA LEU X 33 1.80 -7.96 -67.76
C LEU X 33 0.99 -8.16 -69.05
N HIS X 34 1.16 -7.25 -70.00
CA HIS X 34 0.41 -7.27 -71.26
C HIS X 34 1.30 -7.35 -72.49
N LEU X 35 0.81 -7.99 -73.55
CA LEU X 35 1.63 -8.29 -74.71
C LEU X 35 1.20 -7.67 -76.04
N PHE X 36 2.18 -7.25 -76.83
CA PHE X 36 1.93 -6.79 -78.20
C PHE X 36 2.81 -7.62 -79.14
N GLN X 37 2.17 -8.49 -79.90
CA GLN X 37 2.87 -9.57 -80.61
C GLN X 37 2.55 -9.54 -82.08
N GLN X 38 3.58 -9.63 -82.90
CA GLN X 38 3.47 -9.89 -84.33
C GLN X 38 4.39 -11.09 -84.59
N PRO X 39 3.81 -12.27 -84.80
CA PRO X 39 4.60 -13.50 -84.91
C PRO X 39 5.71 -13.39 -85.96
N GLY X 40 6.94 -13.65 -85.52
CA GLY X 40 8.13 -13.58 -86.36
C GLY X 40 8.74 -12.21 -86.57
N GLU X 41 8.13 -11.16 -86.04
CA GLU X 41 8.57 -9.78 -86.33
C GLU X 41 8.79 -8.87 -85.10
N ARG X 42 7.92 -8.94 -84.10
CA ARG X 42 8.10 -8.14 -82.89
C ARG X 42 7.40 -8.71 -81.68
N THR X 43 8.01 -8.55 -80.51
CA THR X 43 7.40 -8.97 -79.25
C THR X 43 7.60 -7.85 -78.24
N LEU X 44 6.50 -7.21 -77.85
CA LEU X 44 6.54 -6.09 -76.91
C LEU X 44 5.78 -6.44 -75.64
N VAL X 45 6.43 -6.21 -74.50
CA VAL X 45 5.85 -6.49 -73.20
C VAL X 45 5.67 -5.19 -72.45
N VAL X 46 4.45 -4.95 -71.94
CA VAL X 46 4.20 -3.75 -71.13
C VAL X 46 3.77 -4.10 -69.72
N GLN X 47 4.47 -3.56 -68.73
CA GLN X 47 4.12 -3.78 -67.32
C GLN X 47 3.60 -2.47 -66.69
N SER X 48 2.58 -2.61 -65.84
CA SER X 48 1.85 -1.49 -65.27
C SER X 48 1.93 -1.40 -63.77
N ALA X 49 2.07 -0.17 -63.29
CA ALA X 49 1.97 0.17 -61.88
C ALA X 49 1.35 1.56 -61.76
N GLY X 50 0.78 1.84 -60.59
CA GLY X 50 0.07 3.08 -60.31
C GLY X 50 -1.44 2.89 -60.47
N ASN X 51 -2.14 3.98 -60.74
CA ASN X 51 -3.59 4.00 -60.87
C ASN X 51 -4.13 3.05 -61.93
N LEU X 52 -4.99 2.13 -61.52
CA LEU X 52 -5.50 1.10 -62.44
C LEU X 52 -6.25 1.71 -63.62
N ALA X 53 -7.08 2.72 -63.35
CA ALA X 53 -7.85 3.35 -64.43
C ALA X 53 -6.91 3.94 -65.50
N THR X 54 -5.82 4.56 -65.05
CA THR X 54 -4.85 5.17 -65.98
C THR X 54 -4.16 4.10 -66.84
N THR X 55 -3.57 3.09 -66.21
CA THR X 55 -2.85 2.10 -66.98
C THR X 55 -3.79 1.30 -67.90
N GLN X 56 -5.00 1.01 -67.44
CA GLN X 56 -5.94 0.24 -68.26
C GLN X 56 -6.33 1.01 -69.52
N SER X 57 -6.50 2.32 -69.37
CA SER X 57 -6.82 3.13 -70.53
C SER X 57 -5.64 3.20 -71.47
N ILE X 58 -4.44 3.35 -70.93
CA ILE X 58 -3.27 3.39 -71.80
C ILE X 58 -3.18 2.09 -72.60
N VAL X 59 -3.24 0.96 -71.89
CA VAL X 59 -3.13 -0.34 -72.57
C VAL X 59 -4.26 -0.56 -73.57
N SER X 60 -5.49 -0.21 -73.19
CA SER X 60 -6.67 -0.36 -74.04
C SER X 60 -6.56 0.51 -75.31
N LEU X 61 -6.10 1.74 -75.12
CA LEU X 61 -5.91 2.68 -76.23
C LEU X 61 -4.86 2.16 -77.20
N LEU X 62 -3.79 1.59 -76.65
CA LEU X 62 -2.72 1.08 -77.48
C LEU X 62 -3.20 -0.09 -78.32
N GLN X 63 -3.99 -0.96 -77.69
CA GLN X 63 -4.50 -2.17 -78.36
C GLN X 63 -5.47 -1.81 -79.47
N ARG X 64 -6.37 -0.87 -79.23
CA ARG X 64 -7.33 -0.54 -80.28
C ARG X 64 -6.61 0.17 -81.42
N ARG X 65 -5.64 1.03 -81.10
CA ARG X 65 -4.97 1.76 -82.16
C ARG X 65 -4.07 0.85 -82.97
N CYS X 66 -3.74 -0.32 -82.40
CA CYS X 66 -3.00 -1.33 -83.17
C CYS X 66 -3.81 -1.81 -84.36
N LEU X 67 -5.14 -1.67 -84.27
CA LEU X 67 -6.06 -2.12 -85.30
C LEU X 67 -6.26 -1.10 -86.40
N ASP X 68 -5.70 0.09 -86.21
CA ASP X 68 -5.81 1.12 -87.22
C ASP X 68 -4.43 1.37 -87.87
N PRO X 69 -4.25 0.88 -89.12
CA PRO X 69 -2.95 0.96 -89.78
C PRO X 69 -2.58 2.36 -90.28
N GLU X 70 -3.54 3.27 -90.29
CA GLU X 70 -3.31 4.61 -90.79
C GLU X 70 -2.89 5.55 -89.67
N GLN X 71 -2.69 4.97 -88.50
CA GLN X 71 -2.32 5.71 -87.30
C GLN X 71 -1.05 5.11 -86.70
N THR X 72 -0.24 5.92 -86.01
CA THR X 72 0.93 5.35 -85.34
C THR X 72 0.53 4.41 -84.20
N ASN X 73 1.07 3.21 -84.22
CA ASN X 73 0.74 2.24 -83.19
C ASN X 73 1.92 1.31 -82.92
N LEU X 74 1.77 0.42 -81.94
CA LEU X 74 2.85 -0.46 -81.54
C LEU X 74 3.17 -1.56 -82.56
N MET X 75 2.33 -1.71 -83.59
CA MET X 75 2.63 -2.70 -84.63
C MET X 75 3.42 -2.12 -85.81
N ASN X 76 3.36 -0.79 -86.01
CA ASN X 76 4.08 -0.17 -87.12
C ASN X 76 5.19 0.82 -86.73
N VAL X 77 5.49 0.95 -85.43
CA VAL X 77 6.65 1.76 -85.03
C VAL X 77 7.92 1.04 -85.48
N ALA X 78 8.88 1.82 -85.94
CA ALA X 78 10.09 1.27 -86.52
C ALA X 78 11.07 0.71 -85.49
N SER X 79 11.14 1.30 -84.32
CA SER X 79 12.06 0.81 -83.31
C SER X 79 11.44 0.87 -81.94
N MET X 80 12.06 0.20 -80.99
CA MET X 80 11.60 0.25 -79.61
C MET X 80 11.67 1.68 -79.06
N TYR X 81 12.58 2.50 -79.57
CA TYR X 81 12.64 3.89 -79.13
C TYR X 81 11.35 4.62 -79.51
N GLU X 82 10.85 4.35 -80.71
CA GLU X 82 9.61 4.97 -81.17
C GLU X 82 8.45 4.44 -80.34
N ALA X 83 8.57 3.18 -79.88
CA ALA X 83 7.58 2.58 -78.97
C ALA X 83 7.54 3.31 -77.63
N ALA X 84 8.69 3.64 -77.07
CA ALA X 84 8.72 4.41 -75.81
C ALA X 84 8.10 5.79 -76.01
N THR X 85 8.44 6.43 -77.13
CA THR X 85 7.88 7.72 -77.46
C THR X 85 6.37 7.60 -77.58
N LEU X 86 5.91 6.51 -78.17
CA LEU X 86 4.46 6.31 -78.31
C LEU X 86 3.75 6.12 -76.96
N LEU X 87 4.36 5.36 -76.06
CA LEU X 87 3.83 5.14 -74.71
C LEU X 87 3.77 6.45 -73.95
N GLY X 88 4.86 7.21 -74.04
CA GLY X 88 4.92 8.49 -73.37
C GLY X 88 3.81 9.45 -73.77
N GLU X 89 3.49 9.50 -75.07
CA GLU X 89 2.41 10.35 -75.55
C GLU X 89 1.06 9.92 -74.97
N THR X 90 0.86 8.60 -74.89
CA THR X 90 -0.39 7.98 -74.45
C THR X 90 -0.59 8.15 -72.94
N VAL X 91 0.50 8.08 -72.19
CA VAL X 91 0.45 8.36 -70.77
C VAL X 91 -0.07 9.78 -70.52
N ARG X 92 0.50 10.77 -71.22
CA ARG X 92 0.07 12.15 -71.06
C ARG X 92 -1.38 12.32 -71.49
N GLU X 93 -1.73 11.69 -72.61
CA GLU X 93 -3.07 11.81 -73.18
C GLU X 93 -4.11 11.37 -72.14
N VAL X 94 -3.85 10.23 -71.50
CA VAL X 94 -4.78 9.66 -70.52
C VAL X 94 -4.85 10.47 -69.23
N ILE X 95 -3.70 10.87 -68.72
CA ILE X 95 -3.63 11.65 -67.48
C ILE X 95 -4.27 13.04 -67.63
N ASN X 96 -4.07 13.67 -68.78
CA ASN X 96 -4.67 14.98 -69.06
C ASN X 96 -6.19 14.88 -69.11
N ARG X 97 -6.68 13.82 -69.75
CA ARG X 97 -8.12 13.60 -69.92
C ARG X 97 -8.81 13.29 -68.60
N ASP X 98 -8.26 12.33 -67.86
CA ASP X 98 -8.87 11.88 -66.60
C ASP X 98 -8.77 12.93 -65.49
N SER X 99 -7.79 13.82 -65.56
CA SER X 99 -7.65 14.90 -64.56
C SER X 99 -8.45 16.17 -64.90
N GLY X 100 -8.67 16.44 -66.19
CA GLY X 100 -9.41 17.60 -66.61
C GLY X 100 -10.79 17.31 -67.18
N GLY X 107 -2.39 17.75 -59.50
CA GLY X 107 -2.87 16.48 -58.98
C GLY X 107 -1.95 15.32 -59.30
N THR X 108 -1.82 14.40 -58.35
CA THR X 108 -0.94 13.24 -58.53
C THR X 108 -1.66 11.88 -58.41
N ASP X 109 -2.97 11.90 -58.20
CA ASP X 109 -3.77 10.68 -57.99
C ASP X 109 -3.78 9.78 -59.21
N PHE X 110 -3.63 10.36 -60.40
CA PHE X 110 -3.81 9.62 -61.63
C PHE X 110 -2.50 9.13 -62.22
N ASN X 111 -1.40 9.24 -61.47
CA ASN X 111 -0.08 8.87 -61.99
C ASN X 111 0.14 7.35 -62.13
N CYS X 112 0.92 6.98 -63.14
CA CYS X 112 1.32 5.59 -63.35
C CYS X 112 2.78 5.48 -63.78
N ASN X 113 3.36 4.30 -63.60
CA ASN X 113 4.68 4.00 -64.15
C ASN X 113 4.60 2.74 -65.00
N LEU X 114 5.35 2.69 -66.10
CA LEU X 114 5.29 1.51 -66.98
C LEU X 114 6.67 1.00 -67.31
N LEU X 115 6.76 -0.29 -67.57
CA LEU X 115 7.97 -0.87 -68.12
C LEU X 115 7.61 -1.34 -69.53
N LEU X 116 8.49 -1.08 -70.48
CA LEU X 116 8.29 -1.50 -71.87
C LEU X 116 9.55 -2.21 -72.34
N GLY X 117 9.41 -3.49 -72.69
CA GLY X 117 10.54 -4.29 -73.06
C GLY X 117 10.21 -5.26 -74.18
N GLY X 118 11.24 -5.64 -74.92
CA GLY X 118 11.06 -6.61 -75.98
C GLY X 118 12.02 -6.45 -77.12
N GLN X 119 11.56 -6.87 -78.29
CA GLN X 119 12.41 -6.86 -79.46
C GLN X 119 11.60 -6.58 -80.71
N ILE X 120 12.14 -5.69 -81.55
CA ILE X 120 11.63 -5.48 -82.89
C ILE X 120 12.68 -5.95 -83.86
N LYS X 121 12.28 -6.80 -84.81
CA LYS X 121 13.22 -7.44 -85.73
C LYS X 121 14.11 -6.41 -86.45
N GLY X 122 15.42 -6.65 -86.45
CA GLY X 122 16.37 -5.71 -87.03
C GLY X 122 17.08 -4.92 -85.96
N GLU X 123 16.69 -5.18 -84.72
CA GLU X 123 17.23 -4.45 -83.58
C GLU X 123 17.48 -5.47 -82.46
N GLY X 124 18.26 -5.11 -81.45
CA GLY X 124 18.48 -6.01 -80.34
C GLY X 124 17.39 -5.89 -79.27
N LEU X 125 17.64 -6.50 -78.10
CA LEU X 125 16.73 -6.36 -76.98
C LEU X 125 16.75 -4.93 -76.47
N ARG X 126 15.57 -4.39 -76.19
CA ARG X 126 15.52 -3.06 -75.59
C ARG X 126 14.51 -3.02 -74.48
N LEU X 127 14.83 -2.24 -73.44
CA LEU X 127 13.99 -2.13 -72.25
C LEU X 127 13.88 -0.70 -71.69
N PHE X 128 12.65 -0.23 -71.51
CA PHE X 128 12.41 1.12 -71.04
C PHE X 128 11.58 1.20 -69.80
N HIS X 129 11.83 2.24 -69.02
CA HIS X 129 11.00 2.64 -67.90
C HIS X 129 10.28 3.94 -68.26
N ILE X 130 8.94 3.88 -68.34
CA ILE X 130 8.13 5.06 -68.66
C ILE X 130 7.60 5.75 -67.39
N TYR X 131 7.81 7.06 -67.29
CA TYR X 131 7.41 7.84 -66.12
C TYR X 131 6.04 8.51 -66.31
N PRO X 132 5.42 8.99 -65.21
CA PRO X 132 4.15 9.73 -65.34
C PRO X 132 4.20 10.95 -66.26
N GLN X 133 5.34 11.60 -66.35
CA GLN X 133 5.48 12.79 -67.21
C GLN X 133 5.53 12.39 -68.66
N GLY X 134 5.68 11.09 -68.91
CA GLY X 134 5.66 10.62 -70.27
C GLY X 134 7.05 10.52 -70.86
N ASN X 135 8.05 11.03 -70.13
CA ASN X 135 9.41 10.80 -70.58
C ASN X 135 9.89 9.43 -70.06
N PHE X 136 11.09 9.01 -70.45
CA PHE X 136 11.53 7.65 -70.20
C PHE X 136 13.04 7.52 -70.16
N ILE X 137 13.52 6.42 -69.56
CA ILE X 137 14.93 6.06 -69.59
C ILE X 137 15.05 4.65 -70.17
N GLU X 138 16.26 4.29 -70.62
CA GLU X 138 16.48 2.99 -71.23
C GLU X 138 17.50 2.19 -70.43
N ALA X 139 17.28 0.88 -70.32
CA ALA X 139 18.23 0.00 -69.66
C ALA X 139 19.50 -0.19 -70.50
N THR X 140 20.63 -0.23 -69.80
CA THR X 140 21.96 -0.43 -70.39
C THR X 140 22.67 -1.63 -69.78
N GLN X 141 23.93 -1.83 -70.15
CA GLN X 141 24.69 -2.91 -69.54
C GLN X 141 25.02 -2.62 -68.09
N ASP X 142 25.11 -1.34 -67.78
CA ASP X 142 25.44 -0.86 -66.42
C ASP X 142 24.23 -0.88 -65.46
N THR X 143 23.05 -0.61 -66.00
CA THR X 143 21.80 -0.72 -65.26
C THR X 143 20.86 -1.61 -66.08
N PRO X 144 20.96 -2.95 -65.87
CA PRO X 144 20.27 -3.90 -66.75
C PRO X 144 18.86 -4.33 -66.32
N TYR X 145 18.31 -3.69 -65.28
CA TYR X 145 16.96 -4.03 -64.84
C TYR X 145 16.22 -2.78 -64.34
N PHE X 146 14.89 -2.87 -64.34
CA PHE X 146 14.00 -1.86 -63.78
C PHE X 146 12.96 -2.52 -62.90
N GLN X 147 12.55 -1.80 -61.86
CA GLN X 147 11.42 -2.22 -61.03
C GLN X 147 10.41 -1.10 -60.98
N ILE X 148 9.13 -1.45 -60.94
CA ILE X 148 8.09 -0.48 -60.62
C ILE X 148 7.24 -1.05 -59.50
N GLY X 149 6.51 -0.17 -58.83
CA GLY X 149 5.71 -0.55 -57.67
C GLY X 149 6.50 -0.57 -56.38
N GLU X 150 6.11 -1.48 -55.47
CA GLU X 150 6.80 -1.63 -54.19
C GLU X 150 8.07 -2.46 -54.41
N SER X 151 9.19 -1.77 -54.61
CA SER X 151 10.35 -2.40 -55.21
C SER X 151 11.54 -2.61 -54.26
N LYS X 152 11.55 -1.91 -53.13
CA LYS X 152 12.70 -1.88 -52.26
C LYS X 152 12.95 -3.21 -51.56
N TYR X 153 11.89 -3.93 -51.25
CA TYR X 153 12.07 -5.21 -50.60
C TYR X 153 12.85 -6.20 -51.47
N GLY X 154 12.61 -6.16 -52.77
CA GLY X 154 13.16 -7.18 -53.65
C GLY X 154 14.40 -6.77 -54.40
N LYS X 155 14.84 -5.54 -54.19
CA LYS X 155 16.00 -5.00 -54.87
C LYS X 155 17.34 -5.55 -54.38
N PRO X 156 17.52 -5.69 -53.06
CA PRO X 156 18.86 -6.15 -52.65
C PRO X 156 19.32 -7.46 -53.28
N ILE X 157 18.45 -8.45 -53.41
CA ILE X 157 18.89 -9.72 -53.96
C ILE X 157 19.27 -9.58 -55.43
N ILE X 158 18.55 -8.75 -56.18
CA ILE X 158 18.85 -8.56 -57.60
C ILE X 158 20.23 -7.94 -57.75
N ASP X 159 20.54 -6.95 -56.91
CA ASP X 159 21.86 -6.33 -56.91
C ASP X 159 22.96 -7.33 -56.59
N ARG X 160 22.62 -8.36 -55.81
CA ARG X 160 23.63 -9.32 -55.36
C ARG X 160 23.91 -10.36 -56.44
N VAL X 161 22.92 -10.72 -57.23
CA VAL X 161 23.07 -11.85 -58.16
C VAL X 161 22.84 -11.53 -59.63
N LEU X 162 22.19 -10.41 -59.92
CA LEU X 162 21.90 -10.14 -61.32
C LEU X 162 23.00 -9.30 -61.97
N SER X 163 23.40 -9.74 -63.14
CA SER X 163 24.35 -9.03 -63.95
C SER X 163 23.93 -9.14 -65.42
N TYR X 164 24.51 -8.31 -66.28
CA TYR X 164 24.12 -8.32 -67.70
C TYR X 164 24.30 -9.68 -68.39
N ASP X 165 25.31 -10.42 -67.96
CA ASP X 165 25.63 -11.70 -68.59
C ASP X 165 25.07 -12.92 -67.82
N THR X 166 24.28 -12.66 -66.78
CA THR X 166 23.60 -13.72 -66.04
C THR X 166 22.73 -14.52 -67.01
N PRO X 167 22.88 -15.85 -67.02
CA PRO X 167 22.01 -16.62 -67.91
C PRO X 167 20.53 -16.46 -67.57
N LEU X 168 19.69 -16.58 -68.62
CA LEU X 168 18.26 -16.29 -68.58
C LEU X 168 17.52 -17.00 -67.43
N ASP X 169 17.81 -18.29 -67.23
CA ASP X 169 17.14 -19.11 -66.23
C ASP X 169 17.43 -18.67 -64.79
N GLN X 170 18.66 -18.26 -64.54
CA GLN X 170 19.05 -17.76 -63.23
C GLN X 170 18.43 -16.36 -63.03
N ALA X 171 18.30 -15.61 -64.12
CA ALA X 171 17.65 -14.31 -64.02
C ALA X 171 16.21 -14.46 -63.55
N MET X 172 15.50 -15.43 -64.12
CA MET X 172 14.12 -15.68 -63.72
C MET X 172 14.07 -16.18 -62.29
N GLN X 173 15.04 -17.00 -61.90
CA GLN X 173 15.11 -17.43 -60.51
C GLN X 173 15.28 -16.22 -59.61
N CYS X 174 16.15 -15.32 -60.03
CA CYS X 174 16.41 -14.10 -59.28
C CYS X 174 15.15 -13.22 -59.13
N ALA X 175 14.36 -13.08 -60.20
CA ALA X 175 13.10 -12.35 -60.16
C ALA X 175 12.14 -12.96 -59.14
N LEU X 176 12.04 -14.27 -59.14
CA LEU X 176 11.12 -15.00 -58.28
C LEU X 176 11.49 -14.81 -56.82
N ILE X 177 12.79 -14.78 -56.53
CA ILE X 177 13.26 -14.54 -55.16
C ILE X 177 12.90 -13.12 -54.70
N SER X 178 13.06 -12.16 -55.61
CA SER X 178 12.69 -10.79 -55.36
C SER X 178 11.22 -10.73 -54.97
N MET X 179 10.40 -11.46 -55.70
CA MET X 179 8.97 -11.49 -55.43
C MET X 179 8.69 -12.10 -54.06
N ASP X 180 9.39 -13.18 -53.78
CA ASP X 180 9.25 -13.93 -52.53
C ASP X 180 9.51 -13.00 -51.36
N SER X 181 10.63 -12.32 -51.41
CA SER X 181 10.97 -11.40 -50.33
C SER X 181 9.94 -10.28 -50.27
N THR X 182 9.40 -9.88 -51.42
CA THR X 182 8.41 -8.81 -51.40
C THR X 182 7.10 -9.30 -50.83
N LEU X 183 6.62 -10.45 -51.31
CA LEU X 183 5.37 -11.04 -50.80
C LEU X 183 5.38 -11.17 -49.29
N ARG X 184 6.51 -11.59 -48.75
CA ARG X 184 6.65 -11.82 -47.30
C ARG X 184 6.67 -10.55 -46.46
N SER X 185 7.03 -9.41 -47.05
CA SER X 185 7.29 -8.23 -46.24
C SER X 185 6.28 -7.10 -46.41
N ASN X 186 5.46 -7.17 -47.45
CA ASN X 186 4.48 -6.13 -47.72
C ASN X 186 3.20 -6.70 -48.30
N LEU X 187 2.06 -6.46 -47.65
CA LEU X 187 0.83 -7.11 -48.06
C LEU X 187 0.14 -6.47 -49.26
N SER X 188 0.71 -5.40 -49.81
CA SER X 188 0.13 -4.81 -51.02
C SER X 188 0.57 -5.59 -52.25
N VAL X 189 1.54 -6.48 -52.09
CA VAL X 189 1.98 -7.32 -53.19
C VAL X 189 1.45 -8.74 -52.97
N GLY X 190 0.94 -9.40 -54.01
CA GLY X 190 0.30 -10.68 -53.81
C GLY X 190 0.25 -11.58 -55.02
N LEU X 191 0.12 -12.89 -54.76
CA LEU X 191 -0.10 -13.88 -55.80
C LEU X 191 -1.53 -13.68 -56.33
N PRO X 192 -1.82 -14.15 -57.55
CA PRO X 192 -0.95 -14.87 -58.49
C PRO X 192 0.12 -14.00 -59.16
N LEU X 193 1.11 -14.65 -59.78
CA LEU X 193 2.12 -13.94 -60.54
C LEU X 193 1.87 -14.20 -62.02
N ASP X 194 2.32 -13.27 -62.85
CA ASP X 194 2.41 -13.50 -64.28
C ASP X 194 3.90 -13.27 -64.65
N VAL X 195 4.57 -14.26 -65.22
CA VAL X 195 5.98 -14.10 -65.56
C VAL X 195 6.19 -14.47 -67.01
N MET X 196 7.31 -14.04 -67.59
CA MET X 196 7.64 -14.40 -68.96
C MET X 196 9.14 -14.44 -69.22
N ILE X 197 9.57 -15.44 -69.99
CA ILE X 197 10.94 -15.48 -70.50
C ILE X 197 10.97 -15.18 -71.99
N TYR X 198 11.72 -14.15 -72.40
CA TYR X 198 11.91 -13.86 -73.82
C TYR X 198 13.36 -14.03 -74.26
N PRO X 199 13.65 -15.14 -74.96
CA PRO X 199 14.99 -15.38 -75.53
C PRO X 199 15.24 -14.48 -76.70
N LEU X 200 16.47 -13.97 -76.79
CA LEU X 200 16.88 -13.12 -77.90
C LEU X 200 16.52 -13.72 -79.25
N ASP X 201 15.94 -12.90 -80.12
CA ASP X 201 15.58 -13.29 -81.50
C ASP X 201 14.45 -14.34 -81.60
N SER X 202 13.77 -14.64 -80.48
CA SER X 202 12.74 -15.69 -80.54
C SER X 202 11.41 -15.16 -81.04
N PHE X 203 11.11 -13.89 -80.74
CA PHE X 203 9.83 -13.30 -81.05
C PHE X 203 8.66 -14.21 -80.64
N SER X 204 8.78 -14.96 -79.54
CA SER X 204 7.67 -15.85 -79.13
C SER X 204 7.18 -15.47 -77.73
N THR X 205 5.88 -15.64 -77.49
CA THR X 205 5.30 -15.40 -76.19
C THR X 205 4.90 -16.70 -75.51
N GLU X 206 5.46 -17.80 -75.96
CA GLU X 206 5.05 -19.11 -75.45
C GLU X 206 5.45 -19.34 -73.99
N GLN X 207 6.54 -18.73 -73.57
CA GLN X 207 7.07 -18.93 -72.22
C GLN X 207 6.49 -17.92 -71.21
N GLN X 208 5.17 -17.87 -71.15
CA GLN X 208 4.44 -17.13 -70.12
C GLN X 208 3.77 -18.08 -69.15
N TYR X 209 3.84 -17.75 -67.87
CA TYR X 209 3.35 -18.64 -66.84
C TYR X 209 2.58 -17.84 -65.81
N ARG X 210 1.46 -18.39 -65.36
CA ARG X 210 0.79 -17.83 -64.21
C ARG X 210 1.13 -18.66 -62.99
N ILE X 211 1.71 -17.99 -62.00
CA ILE X 211 2.15 -18.65 -60.79
C ILE X 211 1.19 -18.38 -59.63
N THR X 212 0.45 -19.41 -59.26
CA THR X 212 -0.50 -19.33 -58.18
C THR X 212 0.13 -19.85 -56.90
N GLU X 213 -0.66 -19.79 -55.85
CA GLU X 213 -0.30 -20.25 -54.54
C GLU X 213 0.08 -21.75 -54.59
N ASP X 214 -0.50 -22.47 -55.54
CA ASP X 214 -0.28 -23.92 -55.69
C ASP X 214 0.82 -24.29 -56.65
N HIS X 215 1.43 -23.29 -57.30
CA HIS X 215 2.46 -23.58 -58.29
C HIS X 215 3.61 -24.36 -57.64
N PRO X 216 3.82 -25.59 -58.13
CA PRO X 216 4.79 -26.52 -57.54
C PRO X 216 6.24 -25.99 -57.57
N TYR X 217 6.72 -25.46 -58.70
CA TYR X 217 8.11 -24.99 -58.70
C TYR X 217 8.33 -23.77 -57.80
N PHE X 218 7.36 -22.86 -57.80
CA PHE X 218 7.47 -21.65 -56.99
C PHE X 218 7.52 -22.02 -55.52
N MET X 219 6.70 -23.00 -55.14
CA MET X 219 6.78 -23.53 -53.78
C MET X 219 8.18 -24.05 -53.49
N MET X 220 8.81 -24.71 -54.47
CA MET X 220 10.14 -25.29 -54.27
C MET X 220 11.24 -24.24 -54.16
N ILE X 221 11.21 -23.23 -55.03
CA ILE X 221 12.27 -22.25 -55.03
C ILE X 221 12.23 -21.44 -53.72
N ARG X 222 11.03 -21.13 -53.26
CA ARG X 222 10.84 -20.37 -52.04
C ARG X 222 11.32 -21.19 -50.85
N LYS X 223 10.97 -22.46 -50.87
CA LYS X 223 11.33 -23.34 -49.78
C LYS X 223 12.84 -23.53 -49.74
N GLY X 224 13.43 -23.74 -50.89
CA GLY X 224 14.87 -23.93 -50.97
C GLY X 224 15.60 -22.67 -50.54
N TRP X 225 15.12 -21.52 -50.99
CA TRP X 225 15.76 -20.27 -50.64
C TRP X 225 15.65 -19.97 -49.16
N GLY X 226 14.46 -20.10 -48.62
CA GLY X 226 14.24 -19.79 -47.23
C GLY X 226 15.07 -20.64 -46.29
N GLU X 227 15.09 -21.93 -46.54
CA GLU X 227 15.87 -22.84 -45.71
C GLU X 227 17.37 -22.55 -45.85
N GLY X 228 17.81 -22.20 -47.05
CA GLY X 228 19.21 -21.88 -47.24
C GLY X 228 19.69 -20.71 -46.41
N LEU X 229 18.89 -19.66 -46.36
CA LEU X 229 19.26 -18.44 -45.64
C LEU X 229 19.35 -18.78 -44.16
N VAL X 230 18.39 -19.55 -43.68
CA VAL X 230 18.37 -19.99 -42.30
C VAL X 230 19.58 -20.87 -41.96
N SER X 231 20.04 -21.70 -42.89
CA SER X 231 21.26 -22.49 -42.66
C SER X 231 22.47 -21.56 -42.66
N ILE X 232 22.50 -20.62 -43.61
CA ILE X 232 23.58 -19.65 -43.69
C ILE X 232 23.63 -18.84 -42.40
N PHE X 233 22.45 -18.48 -41.91
CA PHE X 233 22.34 -17.69 -40.69
C PHE X 233 22.87 -18.42 -39.45
N ALA X 234 22.47 -19.68 -39.28
CA ALA X 234 22.85 -20.46 -38.10
C ALA X 234 24.35 -20.76 -38.06
N GLN X 235 24.96 -20.84 -39.24
CA GLN X 235 26.36 -21.20 -39.34
C GLN X 235 27.28 -19.98 -39.35
N LEU X 236 26.70 -18.81 -39.15
CA LEU X 236 27.51 -17.59 -39.07
C LEU X 236 28.43 -17.64 -37.86
N PRO X 237 29.61 -17.04 -37.98
CA PRO X 237 30.57 -16.93 -36.88
C PRO X 237 29.93 -16.18 -35.71
N GLY X 238 30.36 -16.50 -34.49
CA GLY X 238 29.79 -15.88 -33.30
C GLY X 238 29.96 -14.37 -33.27
N LEU X 239 29.05 -13.69 -32.60
CA LEU X 239 29.08 -12.25 -32.53
C LEU X 239 30.38 -11.79 -31.86
N LYS X 240 31.13 -10.90 -32.52
CA LYS X 240 32.37 -10.34 -31.98
C LYS X 240 32.41 -8.81 -32.11
N LEU X 241 31.70 -8.11 -31.24
CA LEU X 241 31.71 -6.66 -31.37
C LEU X 241 32.82 -5.99 -30.56
N GLY X 242 33.54 -6.79 -29.78
CA GLY X 242 34.59 -6.26 -28.92
C GLY X 242 35.96 -6.25 -29.58
N THR Y 1 -8.59 -5.66 -39.21
CA THR Y 1 -9.24 -5.62 -37.90
C THR Y 1 -10.72 -6.01 -37.89
N TYR Y 2 -11.02 -7.15 -37.27
CA TYR Y 2 -12.41 -7.56 -37.06
C TYR Y 2 -12.53 -8.26 -35.71
N CYS Y 3 -13.47 -7.77 -34.90
CA CYS Y 3 -13.83 -8.34 -33.61
C CYS Y 3 -15.34 -8.49 -33.50
N VAL Y 4 -15.76 -9.61 -32.89
CA VAL Y 4 -17.16 -9.90 -32.61
C VAL Y 4 -17.23 -10.48 -31.19
N ALA Y 5 -18.31 -10.16 -30.49
CA ALA Y 5 -18.60 -10.74 -29.18
C ALA Y 5 -20.09 -11.07 -29.14
N MET Y 6 -20.42 -12.20 -28.51
CA MET Y 6 -21.81 -12.67 -28.43
C MET Y 6 -22.19 -12.91 -26.96
N ARG Y 7 -23.33 -12.36 -26.53
CA ARG Y 7 -23.83 -12.60 -25.19
C ARG Y 7 -25.04 -13.54 -25.22
N LEU Y 8 -24.87 -14.74 -24.70
CA LEU Y 8 -25.95 -15.72 -24.76
C LEU Y 8 -26.41 -16.09 -23.34
N SER Y 9 -27.53 -16.81 -23.22
CA SER Y 9 -28.02 -17.19 -21.90
C SER Y 9 -26.99 -18.05 -21.14
N SER Y 10 -26.22 -18.86 -21.87
CA SER Y 10 -25.24 -19.76 -21.23
C SER Y 10 -23.82 -19.18 -21.14
N GLY Y 11 -23.56 -18.02 -21.74
CA GLY Y 11 -22.23 -17.45 -21.69
C GLY Y 11 -21.89 -16.40 -22.75
N LEU Y 12 -20.60 -16.10 -22.89
CA LEU Y 12 -20.11 -15.12 -23.88
C LEU Y 12 -19.10 -15.75 -24.81
N ALA Y 13 -19.13 -15.39 -26.09
CA ALA Y 13 -18.10 -15.86 -27.01
C ALA Y 13 -17.41 -14.68 -27.67
N PHE Y 14 -16.08 -14.70 -27.76
CA PHE Y 14 -15.29 -13.61 -28.35
C PHE Y 14 -14.35 -14.13 -29.44
N ALA Y 15 -14.20 -13.37 -30.53
CA ALA Y 15 -13.22 -13.66 -31.58
C ALA Y 15 -12.65 -12.35 -32.12
N SER Y 16 -11.33 -12.27 -32.21
CA SER Y 16 -10.65 -11.09 -32.75
C SER Y 16 -9.62 -11.58 -33.74
N ASP Y 17 -9.44 -10.86 -34.83
CA ASP Y 17 -8.35 -11.16 -35.74
C ASP Y 17 -7.11 -10.47 -35.17
N SER Y 18 -6.08 -10.31 -35.99
CA SER Y 18 -4.87 -9.64 -35.50
C SER Y 18 -4.25 -8.69 -36.51
N ARG Y 19 -4.76 -8.65 -37.73
CA ARG Y 19 -4.11 -7.80 -38.74
C ARG Y 19 -4.39 -6.32 -38.46
N THR Y 20 -3.31 -5.57 -38.38
CA THR Y 20 -3.40 -4.20 -37.92
C THR Y 20 -2.80 -3.30 -38.94
N ASN Y 21 -3.48 -2.20 -39.20
CA ASN Y 21 -2.96 -1.18 -40.08
C ASN Y 21 -2.39 -0.12 -39.16
N ALA Y 22 -1.07 -0.17 -38.95
CA ALA Y 22 -0.36 0.69 -37.99
C ALA Y 22 0.25 1.95 -38.57
N GLY Y 23 0.52 1.93 -39.87
CA GLY Y 23 1.14 3.02 -40.58
C GLY Y 23 0.98 2.73 -42.05
N VAL Y 24 1.46 3.63 -42.90
CA VAL Y 24 1.33 3.48 -44.35
C VAL Y 24 1.89 2.16 -44.93
N ASP Y 25 3.14 1.82 -44.60
CA ASP Y 25 3.76 0.60 -45.08
C ASP Y 25 3.91 -0.39 -43.92
N HIS Y 26 3.13 -0.19 -42.86
CA HIS Y 26 3.27 -0.99 -41.65
C HIS Y 26 1.98 -1.73 -41.26
N ILE Y 27 1.72 -2.84 -41.97
CA ILE Y 27 0.59 -3.70 -41.69
C ILE Y 27 1.13 -4.92 -40.96
N SER Y 28 0.78 -5.08 -39.69
CA SER Y 28 1.40 -6.10 -38.87
C SER Y 28 0.40 -6.78 -37.91
N THR Y 29 0.90 -7.71 -37.09
CA THR Y 29 0.08 -8.49 -36.17
C THR Y 29 0.11 -7.90 -34.76
N PHE Y 30 -1.06 -7.58 -34.22
CA PHE Y 30 -1.18 -7.12 -32.83
C PHE Y 30 -2.43 -7.78 -32.20
N ARG Y 31 -2.31 -8.19 -30.95
CA ARG Y 31 -3.42 -8.82 -30.25
C ARG Y 31 -4.54 -7.81 -30.02
N LYS Y 32 -5.77 -8.24 -30.29
CA LYS Y 32 -6.95 -7.38 -30.20
C LYS Y 32 -7.96 -7.97 -29.20
N LEU Y 33 -7.48 -8.82 -28.29
CA LEU Y 33 -8.32 -9.37 -27.24
C LEU Y 33 -7.48 -9.38 -25.96
N HIS Y 34 -7.86 -8.56 -24.99
CA HIS Y 34 -7.11 -8.44 -23.72
C HIS Y 34 -7.96 -8.75 -22.49
N LEU Y 35 -7.30 -9.27 -21.45
CA LEU Y 35 -8.04 -9.81 -20.31
C LEU Y 35 -7.78 -9.11 -18.98
N PHE Y 36 -8.85 -8.92 -18.21
CA PHE Y 36 -8.72 -8.43 -16.84
C PHE Y 36 -9.44 -9.43 -15.97
N GLN Y 37 -8.64 -10.20 -15.22
CA GLN Y 37 -9.05 -11.43 -14.56
C GLN Y 37 -8.79 -11.42 -13.06
N GLN Y 38 -9.82 -11.78 -12.31
CA GLN Y 38 -9.70 -12.01 -10.89
C GLN Y 38 -10.29 -13.39 -10.64
N PRO Y 39 -9.43 -14.38 -10.41
CA PRO Y 39 -9.88 -15.76 -10.28
C PRO Y 39 -10.98 -15.88 -9.24
N GLY Y 40 -12.11 -16.43 -9.64
CA GLY Y 40 -13.23 -16.59 -8.73
C GLY Y 40 -14.10 -15.37 -8.50
N GLU Y 41 -13.74 -14.23 -9.09
CA GLU Y 41 -14.48 -13.00 -8.83
C GLU Y 41 -14.90 -12.21 -10.07
N ARG Y 42 -14.04 -12.13 -11.08
CA ARG Y 42 -14.39 -11.40 -12.31
C ARG Y 42 -13.57 -11.80 -13.52
N THR Y 43 -14.23 -11.73 -14.68
CA THR Y 43 -13.60 -11.97 -15.97
C THR Y 43 -14.06 -10.92 -16.98
N LEU Y 44 -13.17 -10.03 -17.38
CA LEU Y 44 -13.49 -8.93 -18.31
C LEU Y 44 -12.67 -9.03 -19.60
N VAL Y 45 -13.33 -8.94 -20.75
CA VAL Y 45 -12.63 -9.00 -22.05
C VAL Y 45 -12.74 -7.68 -22.77
N VAL Y 46 -11.61 -7.17 -23.25
CA VAL Y 46 -11.62 -5.94 -24.04
C VAL Y 46 -11.08 -6.24 -25.46
N GLN Y 47 -11.89 -5.90 -26.45
CA GLN Y 47 -11.51 -6.08 -27.84
C GLN Y 47 -11.32 -4.71 -28.51
N SER Y 48 -10.34 -4.60 -29.40
CA SER Y 48 -9.91 -3.29 -29.96
C SER Y 48 -10.09 -3.12 -31.47
N ALA Y 49 -10.51 -1.92 -31.89
CA ALA Y 49 -10.55 -1.57 -33.32
C ALA Y 49 -10.22 -0.08 -33.50
N GLY Y 50 -9.79 0.30 -34.68
CA GLY Y 50 -9.43 1.68 -34.95
C GLY Y 50 -7.96 1.93 -34.69
N ASN Y 51 -7.62 3.19 -34.39
CA ASN Y 51 -6.24 3.63 -34.20
C ASN Y 51 -5.55 2.85 -33.10
N LEU Y 52 -4.45 2.19 -33.46
CA LEU Y 52 -3.68 1.33 -32.53
C LEU Y 52 -3.03 2.08 -31.38
N ALA Y 53 -2.47 3.26 -31.66
CA ALA Y 53 -1.82 4.07 -30.65
C ALA Y 53 -2.86 4.39 -29.59
N THR Y 54 -4.06 4.67 -30.07
CA THR Y 54 -5.17 4.99 -29.20
C THR Y 54 -5.59 3.80 -28.36
N THR Y 55 -5.88 2.65 -28.98
CA THR Y 55 -6.40 1.53 -28.19
C THR Y 55 -5.33 0.98 -27.22
N GLN Y 56 -4.07 0.97 -27.66
CA GLN Y 56 -2.96 0.48 -26.85
C GLN Y 56 -2.77 1.30 -25.60
N SER Y 57 -2.94 2.60 -25.73
CA SER Y 57 -2.85 3.50 -24.59
C SER Y 57 -3.99 3.24 -23.63
N ILE Y 58 -5.19 3.01 -24.17
CA ILE Y 58 -6.37 2.75 -23.33
C ILE Y 58 -6.12 1.48 -22.49
N VAL Y 59 -5.74 0.40 -23.15
CA VAL Y 59 -5.47 -0.89 -22.49
C VAL Y 59 -4.29 -0.78 -21.52
N SER Y 60 -3.23 -0.07 -21.91
CA SER Y 60 -2.07 0.12 -21.02
C SER Y 60 -2.42 0.92 -19.76
N LEU Y 61 -3.19 1.99 -19.93
CA LEU Y 61 -3.60 2.81 -18.80
C LEU Y 61 -4.49 2.00 -17.89
N LEU Y 62 -5.39 1.21 -18.48
CA LEU Y 62 -6.30 0.42 -17.66
C LEU Y 62 -5.57 -0.67 -16.88
N GLN Y 63 -4.64 -1.40 -17.50
CA GLN Y 63 -3.91 -2.43 -16.74
C GLN Y 63 -2.95 -1.79 -15.71
N ARG Y 64 -2.35 -0.65 -16.01
CA ARG Y 64 -1.47 0.00 -15.03
C ARG Y 64 -2.23 0.42 -13.77
N ARG Y 65 -3.41 0.99 -13.97
CA ARG Y 65 -4.24 1.48 -12.88
C ARG Y 65 -4.88 0.37 -12.02
N CYS Y 66 -4.94 -0.85 -12.57
CA CYS Y 66 -5.39 -2.01 -11.81
C CYS Y 66 -4.44 -2.32 -10.68
N LEU Y 67 -3.20 -1.81 -10.80
CA LEU Y 67 -2.18 -2.03 -9.79
C LEU Y 67 -2.29 -1.01 -8.67
N ASP Y 68 -3.14 0.00 -8.87
CA ASP Y 68 -3.35 1.04 -7.85
C ASP Y 68 -4.76 0.98 -7.24
N PRO Y 69 -4.87 0.50 -5.99
CA PRO Y 69 -6.13 0.31 -5.28
C PRO Y 69 -6.74 1.62 -4.79
N GLU Y 70 -6.02 2.72 -4.95
CA GLU Y 70 -6.53 3.99 -4.49
C GLU Y 70 -7.34 4.74 -5.52
N GLN Y 71 -7.47 4.16 -6.70
CA GLN Y 71 -8.31 4.76 -7.73
C GLN Y 71 -9.22 3.69 -8.35
N THR Y 72 -10.32 4.13 -8.96
CA THR Y 72 -11.22 3.22 -9.67
C THR Y 72 -10.48 2.55 -10.84
N ASN Y 73 -10.58 1.24 -10.90
CA ASN Y 73 -9.96 0.47 -11.98
C ASN Y 73 -10.83 -0.75 -12.26
N LEU Y 74 -10.45 -1.54 -13.27
CA LEU Y 74 -11.30 -2.67 -13.70
C LEU Y 74 -11.38 -3.80 -12.67
N MET Y 75 -10.50 -3.74 -11.66
CA MET Y 75 -10.52 -4.73 -10.59
C MET Y 75 -11.44 -4.35 -9.42
N ASN Y 76 -11.75 -3.06 -9.26
CA ASN Y 76 -12.62 -2.66 -8.15
C ASN Y 76 -13.96 -2.01 -8.51
N VAL Y 77 -14.29 -1.95 -9.80
CA VAL Y 77 -15.63 -1.51 -10.19
C VAL Y 77 -16.67 -2.58 -9.79
N ALA Y 78 -17.82 -2.11 -9.32
CA ALA Y 78 -18.85 -3.01 -8.78
C ALA Y 78 -19.65 -3.78 -9.84
N SER Y 79 -19.84 -3.18 -11.01
CA SER Y 79 -20.58 -3.86 -12.07
C SER Y 79 -19.94 -3.59 -13.43
N MET Y 80 -20.34 -4.36 -14.43
CA MET Y 80 -19.89 -4.11 -15.80
C MET Y 80 -20.34 -2.73 -16.26
N TYR Y 81 -21.46 -2.25 -15.71
CA TYR Y 81 -21.92 -0.91 -16.07
C TYR Y 81 -20.89 0.12 -15.61
N GLU Y 82 -20.31 -0.07 -14.41
CA GLU Y 82 -19.25 0.87 -14.01
C GLU Y 82 -17.99 0.71 -14.86
N ALA Y 83 -17.71 -0.52 -15.29
CA ALA Y 83 -16.57 -0.75 -16.15
C ALA Y 83 -16.75 0.00 -17.46
N ALA Y 84 -17.94 -0.03 -18.06
CA ALA Y 84 -18.16 0.66 -19.33
C ALA Y 84 -17.96 2.17 -19.17
N THR Y 85 -18.44 2.70 -18.05
CA THR Y 85 -18.27 4.11 -17.70
C THR Y 85 -16.78 4.47 -17.58
N LEU Y 86 -16.01 3.59 -16.94
CA LEU Y 86 -14.57 3.79 -16.79
C LEU Y 86 -13.85 3.75 -18.17
N LEU Y 87 -14.24 2.83 -19.04
CA LEU Y 87 -13.67 2.75 -20.39
C LEU Y 87 -13.88 4.03 -21.22
N GLY Y 88 -15.11 4.56 -21.20
CA GLY Y 88 -15.45 5.76 -21.93
C GLY Y 88 -14.66 6.96 -21.44
N GLU Y 89 -14.51 7.07 -20.12
CA GLU Y 89 -13.72 8.14 -19.53
C GLU Y 89 -12.30 7.97 -20.02
N THR Y 90 -11.83 6.72 -20.09
CA THR Y 90 -10.46 6.47 -20.55
C THR Y 90 -10.31 6.71 -22.04
N VAL Y 91 -11.33 6.35 -22.82
CA VAL Y 91 -11.33 6.61 -24.27
C VAL Y 91 -11.19 8.11 -24.51
N ARG Y 92 -12.00 8.89 -23.80
CA ARG Y 92 -11.94 10.35 -23.94
C ARG Y 92 -10.60 10.89 -23.46
N GLU Y 93 -10.08 10.33 -22.37
CA GLU Y 93 -8.81 10.79 -21.82
C GLU Y 93 -7.68 10.66 -22.86
N VAL Y 94 -7.57 9.50 -23.51
CA VAL Y 94 -6.52 9.27 -24.48
C VAL Y 94 -6.68 10.08 -25.78
N ILE Y 95 -7.89 10.17 -26.31
CA ILE Y 95 -8.11 10.91 -27.55
C ILE Y 95 -7.84 12.42 -27.34
N ASN Y 96 -8.23 12.99 -26.20
CA ASN Y 96 -7.96 14.41 -25.95
C ASN Y 96 -6.47 14.70 -25.86
N ARG Y 97 -5.74 13.79 -25.24
CA ARG Y 97 -4.31 13.95 -25.04
C ARG Y 97 -3.53 13.87 -26.37
N ASP Y 98 -3.78 12.82 -27.14
CA ASP Y 98 -3.08 12.58 -28.41
C ASP Y 98 -3.43 13.55 -29.52
N SER Y 99 -4.64 14.09 -29.48
CA SER Y 99 -5.04 15.07 -30.49
C SER Y 99 -4.62 16.46 -30.03
N GLY Y 100 -4.25 16.57 -28.76
CA GLY Y 100 -3.75 17.81 -28.18
C GLY Y 100 -4.66 19.00 -28.39
N ASP Y 109 -9.87 10.10 -36.65
CA ASP Y 109 -8.43 10.14 -36.93
C ASP Y 109 -7.71 9.30 -35.88
N PHE Y 110 -7.86 9.71 -34.62
CA PHE Y 110 -7.34 9.00 -33.47
C PHE Y 110 -8.44 8.17 -32.85
N ASN Y 111 -9.54 8.02 -33.58
CA ASN Y 111 -10.76 7.37 -33.06
C ASN Y 111 -10.59 5.85 -32.96
N CYS Y 112 -11.26 5.27 -31.98
CA CYS Y 112 -11.30 3.81 -31.79
C CYS Y 112 -12.69 3.33 -31.35
N ASN Y 113 -12.95 2.05 -31.54
CA ASN Y 113 -14.13 1.41 -31.00
C ASN Y 113 -13.73 0.21 -30.17
N LEU Y 114 -14.40 -0.02 -29.05
CA LEU Y 114 -14.05 -1.15 -28.19
C LEU Y 114 -15.25 -2.00 -27.81
N LEU Y 115 -15.01 -3.28 -27.57
CA LEU Y 115 -16.03 -4.17 -26.97
C LEU Y 115 -15.57 -4.54 -25.57
N LEU Y 116 -16.51 -4.51 -24.64
CA LEU Y 116 -16.23 -4.85 -23.27
C LEU Y 116 -17.26 -5.89 -22.88
N GLY Y 117 -16.80 -7.07 -22.46
CA GLY Y 117 -17.71 -8.13 -22.11
C GLY Y 117 -17.22 -8.98 -20.95
N GLY Y 118 -18.15 -9.61 -20.25
CA GLY Y 118 -17.73 -10.47 -19.18
C GLY Y 118 -18.72 -10.60 -18.05
N GLN Y 119 -18.20 -10.95 -16.88
CA GLN Y 119 -19.01 -11.16 -15.70
C GLN Y 119 -18.24 -10.80 -14.46
N ILE Y 120 -18.92 -10.08 -13.56
CA ILE Y 120 -18.46 -9.78 -12.22
C ILE Y 120 -19.38 -10.49 -11.23
N LYS Y 121 -18.80 -11.16 -10.23
CA LYS Y 121 -19.60 -11.94 -9.29
C LYS Y 121 -20.72 -11.13 -8.69
N GLY Y 122 -21.92 -11.71 -8.70
CA GLY Y 122 -23.11 -11.05 -8.20
C GLY Y 122 -24.02 -10.53 -9.28
N GLU Y 123 -23.58 -10.57 -10.53
CA GLU Y 123 -24.44 -10.12 -11.63
C GLU Y 123 -24.25 -11.12 -12.79
N GLY Y 124 -25.11 -11.03 -13.80
CA GLY Y 124 -25.01 -11.90 -14.96
C GLY Y 124 -24.06 -11.38 -16.03
N LEU Y 125 -24.14 -11.99 -17.20
CA LEU Y 125 -23.32 -11.58 -18.33
C LEU Y 125 -23.73 -10.21 -18.81
N ARG Y 126 -22.75 -9.37 -19.10
CA ARG Y 126 -22.99 -8.07 -19.69
C ARG Y 126 -21.98 -7.83 -20.81
N LEU Y 127 -22.44 -7.16 -21.87
CA LEU Y 127 -21.62 -6.86 -23.02
C LEU Y 127 -21.89 -5.43 -23.51
N PHE Y 128 -20.85 -4.62 -23.65
CA PHE Y 128 -20.98 -3.22 -24.08
C PHE Y 128 -20.17 -2.89 -25.33
N HIS Y 129 -20.69 -1.96 -26.13
CA HIS Y 129 -19.95 -1.38 -27.24
C HIS Y 129 -19.63 0.09 -26.91
N ILE Y 130 -18.34 0.39 -26.77
CA ILE Y 130 -17.86 1.72 -26.42
C ILE Y 130 -17.49 2.46 -27.70
N TYR Y 131 -18.01 3.68 -27.85
CA TYR Y 131 -17.79 4.50 -29.02
C TYR Y 131 -16.62 5.45 -28.82
N PRO Y 132 -16.11 6.05 -29.90
CA PRO Y 132 -15.00 7.00 -29.74
C PRO Y 132 -15.31 8.17 -28.80
N GLN Y 133 -16.57 8.58 -28.73
CA GLN Y 133 -16.97 9.68 -27.86
C GLN Y 133 -17.02 9.32 -26.39
N GLY Y 134 -16.95 8.01 -26.08
CA GLY Y 134 -16.94 7.54 -24.70
C GLY Y 134 -18.26 7.08 -24.11
N ASN Y 135 -19.33 7.30 -24.84
CA ASN Y 135 -20.59 6.73 -24.46
C ASN Y 135 -20.63 5.31 -25.03
N PHE Y 136 -21.71 4.58 -24.73
CA PHE Y 136 -21.78 3.16 -25.03
C PHE Y 136 -23.21 2.60 -25.09
N ILE Y 137 -23.37 1.45 -25.74
CA ILE Y 137 -24.64 0.77 -25.72
C ILE Y 137 -24.42 -0.62 -25.18
N GLU Y 138 -25.49 -1.26 -24.73
CA GLU Y 138 -25.39 -2.57 -24.09
C GLU Y 138 -26.16 -3.60 -24.90
N ALA Y 139 -25.60 -4.82 -25.00
CA ALA Y 139 -26.27 -5.91 -25.68
C ALA Y 139 -27.45 -6.44 -24.86
N THR Y 140 -28.52 -6.80 -25.57
CA THR Y 140 -29.73 -7.38 -25.01
C THR Y 140 -30.06 -8.75 -25.69
N GLN Y 141 -31.20 -9.34 -25.36
CA GLN Y 141 -31.60 -10.58 -26.01
C GLN Y 141 -31.99 -10.33 -27.45
N ASP Y 142 -32.44 -9.12 -27.73
CA ASP Y 142 -32.86 -8.74 -29.08
C ASP Y 142 -31.68 -8.42 -29.97
N THR Y 143 -30.67 -7.81 -29.38
CA THR Y 143 -29.41 -7.61 -30.08
C THR Y 143 -28.29 -8.18 -29.21
N PRO Y 144 -28.02 -9.50 -29.37
CA PRO Y 144 -27.12 -10.32 -28.52
C PRO Y 144 -25.67 -10.38 -28.99
N TYR Y 145 -25.25 -9.57 -29.95
CA TYR Y 145 -23.83 -9.55 -30.36
C TYR Y 145 -23.47 -8.12 -30.84
N PHE Y 146 -22.17 -7.80 -30.83
CA PHE Y 146 -21.62 -6.52 -31.38
C PHE Y 146 -20.43 -6.87 -32.25
N GLN Y 147 -20.23 -6.04 -33.27
CA GLN Y 147 -19.05 -6.11 -34.13
C GLN Y 147 -18.31 -4.77 -34.16
N ILE Y 148 -17.00 -4.82 -34.24
CA ILE Y 148 -16.24 -3.61 -34.51
C ILE Y 148 -15.24 -3.95 -35.61
N GLY Y 149 -14.75 -2.94 -36.32
CA GLY Y 149 -13.85 -3.15 -37.44
C GLY Y 149 -14.55 -3.50 -38.76
N GLU Y 150 -13.90 -4.31 -39.60
CA GLU Y 150 -14.50 -4.70 -40.87
C GLU Y 150 -15.49 -5.84 -40.66
N SER Y 151 -16.74 -5.46 -40.48
CA SER Y 151 -17.73 -6.35 -39.89
C SER Y 151 -18.82 -6.83 -40.84
N LYS Y 152 -18.99 -6.12 -41.95
CA LYS Y 152 -20.16 -6.38 -42.79
C LYS Y 152 -20.10 -7.72 -43.52
N TYR Y 153 -18.89 -8.13 -43.86
CA TYR Y 153 -18.71 -9.36 -44.58
C TYR Y 153 -19.18 -10.49 -43.68
N GLY Y 154 -18.98 -10.33 -42.38
CA GLY Y 154 -19.21 -11.43 -41.47
C GLY Y 154 -20.56 -11.36 -40.81
N LYS Y 155 -21.34 -10.36 -41.18
CA LYS Y 155 -22.63 -10.18 -40.55
C LYS Y 155 -23.72 -11.17 -41.00
N PRO Y 156 -23.84 -11.43 -42.30
CA PRO Y 156 -24.97 -12.29 -42.64
C PRO Y 156 -24.99 -13.67 -41.94
N ILE Y 157 -23.86 -14.36 -41.78
CA ILE Y 157 -23.96 -15.69 -41.16
C ILE Y 157 -24.44 -15.54 -39.71
N ILE Y 158 -24.03 -14.48 -39.01
CA ILE Y 158 -24.45 -14.24 -37.62
C ILE Y 158 -25.97 -13.96 -37.54
N ASP Y 159 -26.50 -13.13 -38.44
CA ASP Y 159 -27.95 -12.89 -38.45
C ASP Y 159 -28.68 -14.20 -38.80
N ARG Y 160 -28.05 -15.08 -39.56
CA ARG Y 160 -28.75 -16.30 -40.01
C ARG Y 160 -28.89 -17.40 -38.96
N VAL Y 161 -27.89 -17.57 -38.10
CA VAL Y 161 -27.87 -18.71 -37.16
C VAL Y 161 -27.76 -18.30 -35.70
N LEU Y 162 -27.34 -17.06 -35.43
CA LEU Y 162 -27.12 -16.67 -34.03
C LEU Y 162 -28.37 -16.09 -33.37
N SER Y 163 -28.62 -16.60 -32.17
CA SER Y 163 -29.70 -16.12 -31.34
C SER Y 163 -29.23 -16.11 -29.89
N TYR Y 164 -30.01 -15.47 -29.04
CA TYR Y 164 -29.67 -15.42 -27.62
C TYR Y 164 -29.57 -16.81 -26.95
N ASP Y 165 -30.34 -17.77 -27.43
CA ASP Y 165 -30.41 -19.08 -26.80
C ASP Y 165 -29.46 -20.06 -27.48
N THR Y 166 -28.70 -19.57 -28.45
CA THR Y 166 -27.71 -20.38 -29.11
C THR Y 166 -26.69 -20.83 -28.07
N PRO Y 167 -26.43 -22.14 -28.04
CA PRO Y 167 -25.40 -22.74 -27.18
C PRO Y 167 -24.01 -22.21 -27.51
N LEU Y 168 -23.13 -22.15 -26.51
CA LEU Y 168 -21.79 -21.57 -26.64
C LEU Y 168 -21.02 -22.13 -27.84
N ASP Y 169 -21.04 -23.45 -28.01
CA ASP Y 169 -20.27 -24.11 -29.05
C ASP Y 169 -20.72 -23.72 -30.45
N GLN Y 170 -22.03 -23.58 -30.68
N GLN Y 170 -22.03 -23.59 -30.64
CA GLN Y 170 -22.48 -23.15 -32.00
CA GLN Y 170 -22.54 -23.19 -31.94
C GLN Y 170 -22.15 -21.67 -32.19
C GLN Y 170 -22.27 -21.69 -32.18
N ALA Y 171 -22.22 -20.91 -31.10
CA ALA Y 171 -21.92 -19.48 -31.21
C ALA Y 171 -20.48 -19.29 -31.62
N MET Y 172 -19.58 -20.07 -31.01
CA MET Y 172 -18.19 -19.97 -31.42
C MET Y 172 -17.98 -20.45 -32.87
N GLN Y 173 -18.67 -21.52 -33.24
CA GLN Y 173 -18.62 -22.00 -34.62
C GLN Y 173 -19.07 -20.91 -35.55
N CYS Y 174 -20.14 -20.22 -35.16
CA CYS Y 174 -20.64 -19.12 -35.94
C CYS Y 174 -19.57 -18.00 -36.08
N ALA Y 175 -18.88 -17.62 -35.00
CA ALA Y 175 -17.84 -16.56 -35.10
C ALA Y 175 -16.74 -16.96 -36.07
N LEU Y 176 -16.34 -18.24 -36.04
CA LEU Y 176 -15.28 -18.74 -36.90
C LEU Y 176 -15.69 -18.71 -38.37
N ILE Y 177 -16.94 -19.06 -38.65
CA ILE Y 177 -17.48 -18.98 -40.01
C ILE Y 177 -17.53 -17.53 -40.47
N SER Y 178 -17.91 -16.65 -39.56
CA SER Y 178 -17.90 -15.21 -39.79
C SER Y 178 -16.48 -14.73 -40.13
N MET Y 179 -15.51 -15.21 -39.36
CA MET Y 179 -14.10 -14.84 -39.60
C MET Y 179 -13.61 -15.32 -40.96
N ASP Y 180 -13.98 -16.55 -41.28
CA ASP Y 180 -13.60 -17.15 -42.55
C ASP Y 180 -14.07 -16.29 -43.73
N SER Y 181 -15.34 -15.91 -43.70
CA SER Y 181 -15.91 -15.09 -44.77
C SER Y 181 -15.24 -13.72 -44.87
N THR Y 182 -14.85 -13.17 -43.72
CA THR Y 182 -14.20 -11.87 -43.71
C THR Y 182 -12.79 -11.97 -44.32
N LEU Y 183 -12.01 -12.95 -43.87
CA LEU Y 183 -10.65 -13.24 -44.39
C LEU Y 183 -10.64 -13.48 -45.88
N ARG Y 184 -11.63 -14.22 -46.36
CA ARG Y 184 -11.68 -14.57 -47.76
C ARG Y 184 -12.01 -13.37 -48.60
N SER Y 185 -12.65 -12.36 -48.00
CA SER Y 185 -13.18 -11.26 -48.78
C SER Y 185 -12.51 -9.90 -48.56
N ASN Y 186 -11.74 -9.73 -47.49
CA ASN Y 186 -11.13 -8.42 -47.24
C ASN Y 186 -9.74 -8.60 -46.63
N LEU Y 187 -8.72 -8.05 -47.29
CA LEU Y 187 -7.33 -8.28 -46.94
C LEU Y 187 -6.79 -7.46 -45.76
N SER Y 188 -7.62 -6.61 -45.18
CA SER Y 188 -7.22 -5.84 -43.98
C SER Y 188 -7.47 -6.70 -42.75
N VAL Y 189 -8.16 -7.82 -42.97
CA VAL Y 189 -8.43 -8.79 -41.92
C VAL Y 189 -7.51 -10.02 -42.10
N GLY Y 190 -6.87 -10.48 -41.02
CA GLY Y 190 -5.89 -11.53 -41.14
C GLY Y 190 -5.58 -12.33 -39.90
N LEU Y 191 -5.14 -13.58 -40.12
CA LEU Y 191 -4.71 -14.51 -39.07
C LEU Y 191 -3.40 -14.05 -38.46
N PRO Y 192 -3.10 -14.47 -37.22
CA PRO Y 192 -3.86 -15.37 -36.31
C PRO Y 192 -5.13 -14.76 -35.69
N LEU Y 193 -5.99 -15.63 -35.15
CA LEU Y 193 -7.18 -15.21 -34.43
C LEU Y 193 -6.92 -15.39 -32.95
N ASP Y 194 -7.58 -14.59 -32.14
CA ASP Y 194 -7.59 -14.84 -30.71
C ASP Y 194 -9.06 -14.98 -30.35
N VAL Y 195 -9.42 -16.14 -29.80
CA VAL Y 195 -10.82 -16.34 -29.49
C VAL Y 195 -10.97 -16.75 -28.02
N MET Y 196 -12.19 -16.63 -27.48
CA MET Y 196 -12.40 -17.07 -26.12
C MET Y 196 -13.85 -17.47 -25.86
N ILE Y 197 -14.02 -18.56 -25.10
CA ILE Y 197 -15.31 -18.98 -24.60
C ILE Y 197 -15.42 -18.77 -23.08
N TYR Y 198 -16.43 -17.98 -22.67
CA TYR Y 198 -16.66 -17.77 -21.25
C TYR Y 198 -18.01 -18.38 -20.83
N PRO Y 199 -17.97 -19.55 -20.16
CA PRO Y 199 -19.20 -20.17 -19.65
C PRO Y 199 -19.74 -19.36 -18.48
N LEU Y 200 -21.05 -19.20 -18.41
CA LEU Y 200 -21.71 -18.45 -17.34
C LEU Y 200 -21.23 -18.87 -15.96
N ASP Y 201 -20.89 -17.86 -15.14
CA ASP Y 201 -20.53 -18.07 -13.74
C ASP Y 201 -19.24 -18.86 -13.55
N SER Y 202 -18.47 -19.07 -14.63
CA SER Y 202 -17.24 -19.87 -14.52
C SER Y 202 -16.09 -19.03 -14.00
N PHE Y 203 -16.05 -17.75 -14.36
CA PHE Y 203 -14.93 -16.88 -14.00
C PHE Y 203 -13.60 -17.53 -14.37
N SER Y 204 -13.58 -18.20 -15.51
CA SER Y 204 -12.37 -18.88 -15.93
C SER Y 204 -11.92 -18.33 -17.26
N THR Y 205 -10.61 -18.28 -17.44
CA THR Y 205 -10.03 -17.88 -18.70
C THR Y 205 -9.36 -19.06 -19.41
N GLU Y 206 -9.76 -20.27 -19.10
CA GLU Y 206 -9.13 -21.45 -19.69
C GLU Y 206 -9.37 -21.61 -21.18
N GLN Y 207 -10.55 -21.25 -21.62
CA GLN Y 207 -10.91 -21.42 -23.01
C GLN Y 207 -10.60 -20.18 -23.81
N GLN Y 208 -9.34 -19.74 -23.69
CA GLN Y 208 -8.81 -18.68 -24.51
C GLN Y 208 -7.80 -19.35 -25.45
N TYR Y 209 -7.88 -19.06 -26.75
CA TYR Y 209 -7.11 -19.80 -27.75
C TYR Y 209 -6.53 -18.93 -28.85
N ARG Y 210 -5.33 -19.25 -29.29
CA ARG Y 210 -4.71 -18.63 -30.47
C ARG Y 210 -4.93 -19.58 -31.65
N ILE Y 211 -5.64 -19.08 -32.67
CA ILE Y 211 -5.96 -19.87 -33.86
C ILE Y 211 -5.05 -19.41 -35.02
N THR Y 212 -4.06 -20.23 -35.40
CA THR Y 212 -3.16 -19.86 -36.51
C THR Y 212 -3.56 -20.54 -37.81
N GLU Y 213 -2.84 -20.24 -38.89
CA GLU Y 213 -3.12 -20.93 -40.17
C GLU Y 213 -3.06 -22.45 -40.05
N ASP Y 214 -2.28 -22.92 -39.09
CA ASP Y 214 -2.03 -24.34 -38.92
C ASP Y 214 -3.02 -25.03 -37.99
N HIS Y 215 -3.90 -24.26 -37.35
CA HIS Y 215 -4.88 -24.84 -36.41
C HIS Y 215 -5.79 -25.82 -37.14
N PRO Y 216 -5.68 -27.12 -36.76
CA PRO Y 216 -6.36 -28.23 -37.41
C PRO Y 216 -7.88 -28.07 -37.40
N TYR Y 217 -8.52 -27.71 -36.28
CA TYR Y 217 -10.00 -27.55 -36.31
C TYR Y 217 -10.50 -26.35 -37.18
N PHE Y 218 -9.79 -25.22 -37.17
CA PHE Y 218 -10.17 -24.08 -38.03
C PHE Y 218 -10.00 -24.45 -39.50
N MET Y 219 -8.94 -25.18 -39.84
CA MET Y 219 -8.79 -25.68 -41.21
C MET Y 219 -9.97 -26.55 -41.59
N MET Y 220 -10.37 -27.39 -40.64
CA MET Y 220 -11.44 -28.36 -40.83
C MET Y 220 -12.80 -27.70 -41.02
N ILE Y 221 -13.13 -26.75 -40.15
CA ILE Y 221 -14.43 -26.10 -40.23
C ILE Y 221 -14.51 -25.17 -41.46
N ARG Y 222 -13.40 -24.57 -41.86
CA ARG Y 222 -13.42 -23.70 -43.03
C ARG Y 222 -13.71 -24.54 -44.25
N LYS Y 223 -13.00 -25.65 -44.34
CA LYS Y 223 -13.11 -26.55 -45.46
C LYS Y 223 -14.48 -27.25 -45.43
N GLY Y 224 -14.96 -27.62 -44.25
CA GLY Y 224 -16.28 -28.21 -44.11
C GLY Y 224 -17.40 -27.26 -44.54
N TRP Y 225 -17.29 -26.00 -44.11
CA TRP Y 225 -18.27 -24.98 -44.47
C TRP Y 225 -18.21 -24.64 -45.95
N GLY Y 226 -16.99 -24.49 -46.48
CA GLY Y 226 -16.77 -24.15 -47.87
C GLY Y 226 -17.35 -25.15 -48.85
N GLU Y 227 -17.11 -26.43 -48.59
CA GLU Y 227 -17.63 -27.49 -49.45
C GLU Y 227 -19.16 -27.59 -49.39
N GLY Y 228 -19.71 -27.43 -48.20
CA GLY Y 228 -21.15 -27.47 -48.00
C GLY Y 228 -21.89 -26.36 -48.74
N LEU Y 229 -21.35 -25.14 -48.72
CA LEU Y 229 -22.02 -24.01 -49.37
C LEU Y 229 -22.05 -24.25 -50.85
N VAL Y 230 -20.91 -24.68 -51.38
CA VAL Y 230 -20.78 -25.05 -52.77
C VAL Y 230 -21.67 -26.22 -53.15
N SER Y 231 -21.83 -27.17 -52.21
CA SER Y 231 -22.71 -28.30 -52.47
C SER Y 231 -24.19 -27.84 -52.49
N ILE Y 232 -24.58 -27.00 -51.53
CA ILE Y 232 -25.94 -26.46 -51.50
C ILE Y 232 -26.24 -25.68 -52.79
N PHE Y 233 -25.25 -24.90 -53.24
CA PHE Y 233 -25.36 -24.07 -54.45
C PHE Y 233 -25.62 -24.92 -55.70
N ALA Y 234 -24.88 -26.01 -55.81
CA ALA Y 234 -24.99 -26.90 -56.95
C ALA Y 234 -26.35 -27.60 -56.97
N GLN Y 235 -26.92 -27.82 -55.79
CA GLN Y 235 -28.17 -28.55 -55.69
C GLN Y 235 -29.39 -27.63 -55.75
N LEU Y 236 -29.16 -26.33 -56.00
CA LEU Y 236 -30.27 -25.37 -56.13
C LEU Y 236 -31.15 -25.68 -57.34
N PRO Y 237 -32.46 -25.43 -57.20
CA PRO Y 237 -33.39 -25.57 -58.33
C PRO Y 237 -33.01 -24.65 -59.49
N GLY Y 238 -33.25 -25.10 -60.70
CA GLY Y 238 -32.85 -24.33 -61.87
C GLY Y 238 -33.56 -22.99 -61.89
N LEU Y 239 -32.88 -22.01 -62.47
CA LEU Y 239 -33.35 -20.63 -62.53
C LEU Y 239 -34.68 -20.52 -63.29
N LYS Y 240 -35.69 -19.94 -62.65
CA LYS Y 240 -36.98 -19.76 -63.31
C LYS Y 240 -37.52 -18.34 -63.08
N LEU Y 241 -37.08 -17.39 -63.89
CA LEU Y 241 -37.54 -16.00 -63.79
C LEU Y 241 -38.78 -15.79 -64.68
N THR Z 1 -29.70 0.79 -51.79
CA THR Z 1 -28.91 0.79 -53.02
C THR Z 1 -27.76 -0.24 -53.04
N TYR Z 2 -27.91 -1.26 -53.89
CA TYR Z 2 -26.85 -2.22 -54.14
C TYR Z 2 -26.99 -2.71 -55.56
N CYS Z 3 -25.94 -2.60 -56.36
CA CYS Z 3 -25.98 -3.16 -57.72
C CYS Z 3 -24.75 -4.06 -57.94
N VAL Z 4 -24.95 -5.15 -58.68
CA VAL Z 4 -23.83 -6.01 -59.03
C VAL Z 4 -23.93 -6.31 -60.52
N ALA Z 5 -22.78 -6.39 -61.18
CA ALA Z 5 -22.70 -6.79 -62.58
C ALA Z 5 -21.56 -7.79 -62.76
N MET Z 6 -21.81 -8.80 -63.58
CA MET Z 6 -20.84 -9.87 -63.80
C MET Z 6 -20.57 -10.06 -65.29
N ARG Z 7 -19.28 -10.09 -65.66
CA ARG Z 7 -18.84 -10.39 -67.03
C ARG Z 7 -18.24 -11.79 -67.11
N LEU Z 8 -18.92 -12.70 -67.80
CA LEU Z 8 -18.49 -14.09 -67.89
C LEU Z 8 -18.22 -14.44 -69.35
N SER Z 9 -17.66 -15.63 -69.61
CA SER Z 9 -17.38 -16.02 -71.00
C SER Z 9 -18.63 -16.11 -71.86
N SER Z 10 -19.73 -16.57 -71.26
CA SER Z 10 -20.96 -16.84 -72.00
C SER Z 10 -21.96 -15.69 -72.01
N GLY Z 11 -21.66 -14.62 -71.27
CA GLY Z 11 -22.57 -13.49 -71.20
C GLY Z 11 -22.36 -12.59 -70.00
N LEU Z 12 -23.34 -11.73 -69.73
CA LEU Z 12 -23.31 -10.85 -68.56
C LEU Z 12 -24.53 -11.07 -67.69
N ALA Z 13 -24.38 -10.89 -66.38
CA ALA Z 13 -25.51 -10.91 -65.46
C ALA Z 13 -25.58 -9.60 -64.65
N PHE Z 14 -26.79 -9.03 -64.53
CA PHE Z 14 -26.98 -7.80 -63.75
C PHE Z 14 -28.09 -7.93 -62.71
N ALA Z 15 -27.87 -7.36 -61.53
CA ALA Z 15 -28.94 -7.27 -60.52
C ALA Z 15 -28.79 -5.97 -59.74
N SER Z 16 -29.93 -5.28 -59.58
CA SER Z 16 -30.04 -4.03 -58.80
C SER Z 16 -31.24 -4.08 -57.86
N ASP Z 17 -31.10 -3.52 -56.66
CA ASP Z 17 -32.27 -3.30 -55.83
C ASP Z 17 -32.91 -1.96 -56.28
N SER Z 18 -33.80 -1.40 -55.48
CA SER Z 18 -34.46 -0.16 -55.88
C SER Z 18 -34.66 0.83 -54.73
N ARG Z 19 -34.33 0.43 -53.50
CA ARG Z 19 -34.52 1.29 -52.35
C ARG Z 19 -33.56 2.47 -52.35
N THR Z 20 -34.10 3.68 -52.33
CA THR Z 20 -33.30 4.90 -52.52
C THR Z 20 -33.48 5.88 -51.37
N ASN Z 21 -32.37 6.48 -50.96
CA ASN Z 21 -32.44 7.52 -49.98
C ASN Z 21 -32.39 8.86 -50.72
N ALA Z 22 -33.54 9.52 -50.87
CA ALA Z 22 -33.63 10.76 -51.65
C ALA Z 22 -33.42 12.01 -50.79
N GLY Z 23 -33.75 11.87 -49.52
CA GLY Z 23 -33.55 12.91 -48.54
C GLY Z 23 -33.86 12.22 -47.23
N VAL Z 24 -33.66 12.92 -46.12
CA VAL Z 24 -34.07 12.37 -44.84
C VAL Z 24 -35.59 12.19 -44.93
N ASP Z 25 -36.09 11.11 -44.35
CA ASP Z 25 -37.50 10.74 -44.33
C ASP Z 25 -38.11 10.51 -45.72
N HIS Z 26 -37.28 10.45 -46.76
CA HIS Z 26 -37.78 10.21 -48.11
C HIS Z 26 -37.05 9.04 -48.73
N ILE Z 27 -37.39 7.85 -48.28
CA ILE Z 27 -36.84 6.63 -48.83
C ILE Z 27 -37.88 5.95 -49.71
N SER Z 28 -37.61 5.89 -51.02
CA SER Z 28 -38.59 5.40 -52.00
C SER Z 28 -37.95 4.50 -53.07
N THR Z 29 -38.77 4.01 -54.00
CA THR Z 29 -38.36 3.03 -55.00
C THR Z 29 -37.98 3.68 -56.35
N PHE Z 30 -36.77 3.40 -56.81
CA PHE Z 30 -36.30 3.94 -58.08
C PHE Z 30 -35.54 2.85 -58.83
N ARG Z 31 -35.77 2.79 -60.13
CA ARG Z 31 -35.11 1.79 -60.96
C ARG Z 31 -33.63 2.17 -61.09
N LYS Z 32 -32.77 1.18 -60.90
CA LYS Z 32 -31.34 1.43 -60.88
C LYS Z 32 -30.65 0.65 -62.00
N LEU Z 33 -31.43 0.25 -63.00
CA LEU Z 33 -30.93 -0.47 -64.15
C LEU Z 33 -31.65 0.04 -65.41
N HIS Z 34 -30.90 0.68 -66.30
CA HIS Z 34 -31.47 1.29 -67.51
C HIS Z 34 -30.83 0.74 -68.76
N LEU Z 35 -31.59 0.75 -69.87
CA LEU Z 35 -31.17 0.06 -71.08
C LEU Z 35 -30.98 1.00 -72.25
N PHE Z 36 -29.94 0.74 -73.03
CA PHE Z 36 -29.71 1.45 -74.28
C PHE Z 36 -29.57 0.45 -75.38
N GLN Z 37 -30.59 0.36 -76.22
CA GLN Z 37 -30.63 -0.75 -77.14
C GLN Z 37 -30.84 -0.34 -78.59
N GLN Z 38 -30.03 -0.91 -79.48
CA GLN Z 38 -30.27 -0.87 -80.91
C GLN Z 38 -30.23 -2.34 -81.33
N PRO Z 39 -31.41 -2.95 -81.54
CA PRO Z 39 -31.61 -4.38 -81.76
C PRO Z 39 -30.72 -4.97 -82.86
N GLY Z 40 -29.99 -6.03 -82.53
CA GLY Z 40 -29.10 -6.68 -83.48
C GLY Z 40 -27.75 -6.01 -83.62
N GLU Z 41 -27.53 -4.91 -82.90
CA GLU Z 41 -26.29 -4.16 -83.06
C GLU Z 41 -25.57 -3.80 -81.75
N ARG Z 42 -26.31 -3.37 -80.71
CA ARG Z 42 -25.70 -3.05 -79.42
C ARG Z 42 -26.71 -3.04 -78.27
N THR Z 43 -26.21 -3.46 -77.11
CA THR Z 43 -26.98 -3.48 -75.86
C THR Z 43 -26.15 -2.94 -74.71
N LEU Z 44 -26.56 -1.81 -74.15
CA LEU Z 44 -25.82 -1.25 -73.03
C LEU Z 44 -26.68 -1.18 -71.77
N VAL Z 45 -26.11 -1.65 -70.66
CA VAL Z 45 -26.77 -1.57 -69.37
C VAL Z 45 -25.98 -0.64 -68.45
N VAL Z 46 -26.69 0.31 -67.84
CA VAL Z 46 -26.14 1.27 -66.87
C VAL Z 46 -26.82 1.10 -65.52
N GLN Z 47 -26.02 0.90 -64.47
CA GLN Z 47 -26.56 0.73 -63.13
C GLN Z 47 -26.16 1.89 -62.20
N SER Z 48 -27.05 2.27 -61.31
CA SER Z 48 -26.86 3.52 -60.58
C SER Z 48 -26.72 3.39 -59.05
N ALA Z 49 -25.81 4.18 -58.48
CA ALA Z 49 -25.65 4.30 -57.03
C ALA Z 49 -25.20 5.69 -56.65
N GLY Z 50 -25.42 6.11 -55.41
CA GLY Z 50 -25.03 7.44 -54.99
C GLY Z 50 -26.17 8.44 -55.11
N ASN Z 51 -25.81 9.70 -55.29
CA ASN Z 51 -26.82 10.77 -55.36
C ASN Z 51 -27.80 10.51 -56.51
N LEU Z 52 -29.07 10.36 -56.17
CA LEU Z 52 -30.12 10.07 -57.16
C LEU Z 52 -30.29 11.21 -58.19
N ALA Z 53 -30.21 12.46 -57.73
CA ALA Z 53 -30.31 13.60 -58.65
C ALA Z 53 -29.18 13.55 -59.71
N THR Z 54 -27.99 13.18 -59.28
CA THR Z 54 -26.88 13.07 -60.20
C THR Z 54 -27.09 11.97 -61.24
N THR Z 55 -27.40 10.75 -60.79
CA THR Z 55 -27.55 9.62 -61.72
C THR Z 55 -28.75 9.78 -62.65
N GLN Z 56 -29.85 10.34 -62.13
CA GLN Z 56 -31.02 10.58 -62.95
C GLN Z 56 -30.75 11.60 -64.02
N SER Z 57 -29.98 12.63 -63.68
CA SER Z 57 -29.62 13.64 -64.67
C SER Z 57 -28.73 13.02 -65.72
N ILE Z 58 -27.80 12.18 -65.29
CA ILE Z 58 -26.91 11.49 -66.21
C ILE Z 58 -27.68 10.59 -67.19
N VAL Z 59 -28.58 9.72 -66.68
CA VAL Z 59 -29.39 8.85 -67.54
C VAL Z 59 -30.28 9.67 -68.49
N SER Z 60 -30.89 10.74 -67.97
CA SER Z 60 -31.76 11.59 -68.80
C SER Z 60 -31.01 12.24 -69.95
N LEU Z 61 -29.81 12.75 -69.66
CA LEU Z 61 -28.99 13.38 -70.69
C LEU Z 61 -28.58 12.37 -71.75
N LEU Z 62 -28.20 11.17 -71.32
CA LEU Z 62 -27.75 10.13 -72.25
C LEU Z 62 -28.89 9.71 -73.16
N GLN Z 63 -30.09 9.61 -72.59
CA GLN Z 63 -31.29 9.21 -73.31
C GLN Z 63 -31.63 10.27 -74.36
N ARG Z 64 -31.52 11.53 -73.93
CA ARG Z 64 -31.80 12.71 -74.75
C ARG Z 64 -30.81 12.94 -75.90
N ARG Z 65 -29.54 12.72 -75.62
CA ARG Z 65 -28.52 12.94 -76.63
C ARG Z 65 -28.52 11.81 -77.68
N CYS Z 66 -29.12 10.66 -77.36
CA CYS Z 66 -29.26 9.53 -78.28
C CYS Z 66 -30.17 9.82 -79.46
N LEU Z 67 -31.01 10.83 -79.29
CA LEU Z 67 -31.94 11.25 -80.33
C LEU Z 67 -31.25 12.25 -81.27
N ASP Z 68 -30.02 12.63 -80.92
CA ASP Z 68 -29.24 13.57 -81.72
C ASP Z 68 -28.05 12.89 -82.41
N PRO Z 69 -28.16 12.67 -83.73
CA PRO Z 69 -27.13 11.95 -84.51
C PRO Z 69 -25.88 12.78 -84.86
N GLU Z 70 -25.91 14.08 -84.65
CA GLU Z 70 -24.75 14.92 -84.95
C GLU Z 70 -23.93 15.04 -83.67
N GLN Z 71 -24.36 14.35 -82.63
CA GLN Z 71 -23.68 14.44 -81.36
C GLN Z 71 -23.28 13.05 -80.89
N THR Z 72 -22.17 12.97 -80.17
CA THR Z 72 -21.70 11.72 -79.62
C THR Z 72 -22.69 11.24 -78.58
N ASN Z 73 -23.14 10.00 -78.75
CA ASN Z 73 -24.11 9.38 -77.88
C ASN Z 73 -23.88 7.90 -77.78
N LEU Z 74 -24.68 7.25 -76.93
CA LEU Z 74 -24.52 5.82 -76.68
C LEU Z 74 -24.95 4.96 -77.86
N MET Z 75 -25.64 5.56 -78.84
CA MET Z 75 -26.03 4.80 -80.03
C MET Z 75 -25.00 4.86 -81.15
N ASN Z 76 -24.12 5.86 -81.17
CA ASN Z 76 -23.17 5.92 -82.27
C ASN Z 76 -21.68 5.75 -81.90
N VAL Z 77 -21.38 5.53 -80.61
CA VAL Z 77 -19.99 5.23 -80.25
C VAL Z 77 -19.59 3.83 -80.75
N ALA Z 78 -18.36 3.73 -81.26
CA ALA Z 78 -17.87 2.51 -81.92
C ALA Z 78 -17.56 1.37 -80.97
N SER Z 79 -17.13 1.68 -79.75
CA SER Z 79 -16.77 0.60 -78.82
C SER Z 79 -17.31 0.86 -77.43
N MET Z 80 -17.35 -0.19 -76.62
CA MET Z 80 -17.74 -0.07 -75.23
C MET Z 80 -16.74 0.81 -74.47
N TYR Z 81 -15.48 0.85 -74.94
CA TYR Z 81 -14.51 1.75 -74.32
C TYR Z 81 -14.91 3.21 -74.51
N GLU Z 82 -15.41 3.54 -75.70
CA GLU Z 82 -15.86 4.90 -75.97
C GLU Z 82 -17.15 5.21 -75.20
N ALA Z 83 -18.00 4.21 -75.01
CA ALA Z 83 -19.21 4.38 -74.19
C ALA Z 83 -18.82 4.72 -72.74
N ALA Z 84 -17.80 4.03 -72.23
CA ALA Z 84 -17.30 4.32 -70.89
C ALA Z 84 -16.73 5.75 -70.76
N THR Z 85 -15.96 6.21 -71.77
CA THR Z 85 -15.40 7.56 -71.80
C THR Z 85 -16.51 8.64 -71.82
N LEU Z 86 -17.58 8.38 -72.57
CA LEU Z 86 -18.72 9.29 -72.67
C LEU Z 86 -19.44 9.47 -71.31
N LEU Z 87 -19.66 8.35 -70.62
CA LEU Z 87 -20.28 8.35 -69.29
C LEU Z 87 -19.45 9.14 -68.29
N GLY Z 88 -18.13 8.94 -68.33
CA GLY Z 88 -17.25 9.68 -67.45
C GLY Z 88 -17.36 11.19 -67.68
N GLU Z 89 -17.42 11.61 -68.93
CA GLU Z 89 -17.58 13.03 -69.25
C GLU Z 89 -18.90 13.54 -68.72
N THR Z 90 -19.94 12.71 -68.83
CA THR Z 90 -21.28 13.14 -68.40
C THR Z 90 -21.38 13.22 -66.88
N VAL Z 91 -20.66 12.34 -66.19
CA VAL Z 91 -20.60 12.41 -64.73
C VAL Z 91 -20.06 13.77 -64.32
N ARG Z 92 -18.93 14.13 -64.90
CA ARG Z 92 -18.27 15.36 -64.56
C ARG Z 92 -19.15 16.56 -64.88
N GLU Z 93 -19.84 16.50 -66.02
CA GLU Z 93 -20.66 17.61 -66.44
C GLU Z 93 -21.76 17.90 -65.42
N VAL Z 94 -22.50 16.86 -65.04
CA VAL Z 94 -23.64 16.99 -64.15
C VAL Z 94 -23.18 17.36 -62.75
N ILE Z 95 -22.10 16.72 -62.28
CA ILE Z 95 -21.57 17.03 -60.95
C ILE Z 95 -21.07 18.46 -60.88
N ASN Z 96 -20.39 18.90 -61.93
CA ASN Z 96 -19.89 20.28 -61.93
C ASN Z 96 -21.03 21.29 -62.00
N ARG Z 97 -22.08 20.94 -62.75
CA ARG Z 97 -23.27 21.79 -62.89
C ARG Z 97 -24.00 21.92 -61.55
N ASP Z 98 -24.32 20.79 -60.94
CA ASP Z 98 -25.08 20.80 -59.69
C ASP Z 98 -24.32 21.34 -58.48
N SER Z 99 -23.01 21.13 -58.48
CA SER Z 99 -22.18 21.56 -57.35
C SER Z 99 -21.67 22.99 -57.42
N GLY Z 100 -22.10 23.72 -58.46
CA GLY Z 100 -21.74 25.12 -58.65
C GLY Z 100 -20.49 25.31 -59.48
N GLY Z 107 -15.90 18.88 -52.43
CA GLY Z 107 -17.23 18.41 -52.04
C GLY Z 107 -17.60 17.09 -52.68
N THR Z 108 -18.29 16.23 -51.92
CA THR Z 108 -18.69 14.91 -52.39
C THR Z 108 -20.21 14.64 -52.38
N ASP Z 109 -21.01 15.65 -52.05
CA ASP Z 109 -22.45 15.48 -51.89
C ASP Z 109 -23.17 14.99 -53.15
N PHE Z 110 -22.61 15.37 -54.30
CA PHE Z 110 -23.24 15.12 -55.59
C PHE Z 110 -22.65 13.91 -56.29
N ASN Z 111 -21.87 13.14 -55.55
CA ASN Z 111 -21.17 11.98 -56.10
C ASN Z 111 -22.06 10.78 -56.42
N CYS Z 112 -21.67 10.06 -57.46
CA CYS Z 112 -22.31 8.82 -57.85
C CYS Z 112 -21.28 7.79 -58.32
N ASN Z 113 -21.66 6.51 -58.34
CA ASN Z 113 -20.87 5.46 -59.00
C ASN Z 113 -21.75 4.72 -60.02
N LEU Z 114 -21.16 4.35 -61.15
CA LEU Z 114 -21.93 3.68 -62.18
C LEU Z 114 -21.27 2.40 -62.63
N LEU Z 115 -22.12 1.49 -63.11
CA LEU Z 115 -21.69 0.30 -63.83
C LEU Z 115 -22.17 0.36 -65.29
N LEU Z 116 -21.28 0.01 -66.22
CA LEU Z 116 -21.62 0.00 -67.64
C LEU Z 116 -21.21 -1.34 -68.22
N GLY Z 117 -22.20 -2.07 -68.74
CA GLY Z 117 -21.93 -3.37 -69.30
C GLY Z 117 -22.75 -3.65 -70.54
N GLY Z 118 -22.22 -4.51 -71.39
CA GLY Z 118 -22.89 -4.91 -72.61
C GLY Z 118 -21.96 -5.30 -73.74
N GLN Z 119 -22.47 -5.16 -74.97
CA GLN Z 119 -21.75 -5.54 -76.17
C GLN Z 119 -22.20 -4.68 -77.34
N ILE Z 120 -21.22 -4.26 -78.12
CA ILE Z 120 -21.50 -3.62 -79.38
C ILE Z 120 -21.06 -4.58 -80.47
N LYS Z 121 -21.93 -4.78 -81.47
CA LYS Z 121 -21.65 -5.75 -82.52
C LYS Z 121 -20.28 -5.49 -83.11
N GLY Z 122 -19.50 -6.56 -83.22
CA GLY Z 122 -18.13 -6.44 -83.70
C GLY Z 122 -17.13 -6.51 -82.57
N GLU Z 123 -17.62 -6.57 -81.34
CA GLU Z 123 -16.77 -6.57 -80.16
C GLU Z 123 -17.25 -7.63 -79.18
N GLY Z 124 -16.42 -7.99 -78.21
CA GLY Z 124 -16.87 -8.92 -77.21
C GLY Z 124 -17.58 -8.22 -76.06
N LEU Z 125 -17.89 -8.97 -75.02
CA LEU Z 125 -18.51 -8.41 -73.84
C LEU Z 125 -17.56 -7.51 -73.09
N ARG Z 126 -18.05 -6.35 -72.64
CA ARG Z 126 -17.25 -5.45 -71.81
C ARG Z 126 -18.07 -4.88 -70.62
N LEU Z 127 -17.39 -4.68 -69.50
CA LEU Z 127 -18.04 -4.21 -68.27
C LEU Z 127 -17.15 -3.19 -67.55
N PHE Z 128 -17.69 -2.02 -67.25
CA PHE Z 128 -16.88 -0.97 -66.62
C PHE Z 128 -17.49 -0.49 -65.30
N HIS Z 129 -16.60 -0.02 -64.42
CA HIS Z 129 -17.03 0.72 -63.25
C HIS Z 129 -16.62 2.19 -63.45
N ILE Z 130 -17.61 3.08 -63.53
CA ILE Z 130 -17.33 4.51 -63.67
C ILE Z 130 -17.40 5.18 -62.31
N TYR Z 131 -16.34 5.91 -61.97
CA TYR Z 131 -16.16 6.59 -60.69
C TYR Z 131 -16.65 8.06 -60.72
N PRO Z 132 -16.81 8.70 -59.54
CA PRO Z 132 -17.26 10.11 -59.48
C PRO Z 132 -16.38 11.07 -60.26
N GLN Z 133 -15.08 10.75 -60.37
CA GLN Z 133 -14.15 11.62 -61.08
C GLN Z 133 -14.27 11.47 -62.59
N GLY Z 134 -14.99 10.45 -63.05
CA GLY Z 134 -15.20 10.26 -64.47
C GLY Z 134 -14.21 9.29 -65.12
N ASN Z 135 -13.18 8.87 -64.38
CA ASN Z 135 -12.31 7.82 -64.88
C ASN Z 135 -12.96 6.48 -64.50
N PHE Z 136 -12.37 5.38 -64.96
CA PHE Z 136 -13.07 4.10 -64.87
C PHE Z 136 -12.12 2.90 -64.93
N ILE Z 137 -12.59 1.76 -64.41
CA ILE Z 137 -11.82 0.54 -64.57
C ILE Z 137 -12.68 -0.52 -65.26
N GLU Z 138 -12.01 -1.52 -65.84
CA GLU Z 138 -12.71 -2.50 -66.66
C GLU Z 138 -12.56 -3.90 -66.06
N ALA Z 139 -13.65 -4.69 -66.09
CA ALA Z 139 -13.59 -6.06 -65.56
C ALA Z 139 -12.75 -6.97 -66.48
N THR Z 140 -12.04 -7.90 -65.87
CA THR Z 140 -11.17 -8.85 -66.53
C THR Z 140 -11.54 -10.28 -66.12
N GLN Z 141 -10.73 -11.26 -66.49
CA GLN Z 141 -10.98 -12.62 -66.05
C GLN Z 141 -10.64 -12.87 -64.56
N ASP Z 142 -9.70 -12.10 -64.05
CA ASP Z 142 -9.26 -12.21 -62.66
C ASP Z 142 -10.19 -11.51 -61.66
N THR Z 143 -10.80 -10.42 -62.12
CA THR Z 143 -11.84 -9.69 -61.39
C THR Z 143 -13.05 -9.55 -62.31
N PRO Z 144 -13.91 -10.57 -62.33
CA PRO Z 144 -14.98 -10.65 -63.35
C PRO Z 144 -16.30 -10.02 -62.94
N TYR Z 145 -16.32 -9.30 -61.83
CA TYR Z 145 -17.54 -8.61 -61.39
C TYR Z 145 -17.22 -7.27 -60.74
N PHE Z 146 -18.21 -6.37 -60.72
CA PHE Z 146 -18.13 -5.11 -59.97
C PHE Z 146 -19.38 -4.98 -59.10
N GLN Z 147 -19.24 -4.38 -57.92
CA GLN Z 147 -20.41 -4.02 -57.10
C GLN Z 147 -20.41 -2.53 -56.79
N ILE Z 148 -21.59 -1.94 -56.72
CA ILE Z 148 -21.68 -0.56 -56.21
C ILE Z 148 -22.77 -0.48 -55.14
N GLY Z 149 -22.70 0.56 -54.31
CA GLY Z 149 -23.64 0.70 -53.21
C GLY Z 149 -23.26 -0.13 -51.99
N GLU Z 150 -24.24 -0.58 -51.23
CA GLU Z 150 -23.95 -1.35 -50.03
C GLU Z 150 -23.60 -2.80 -50.43
N SER Z 151 -22.29 -3.04 -50.63
CA SER Z 151 -21.85 -4.20 -51.38
C SER Z 151 -21.13 -5.24 -50.54
N LYS Z 152 -20.71 -4.87 -49.33
CA LYS Z 152 -19.86 -5.77 -48.55
C LYS Z 152 -20.58 -7.00 -48.03
N TYR Z 153 -21.86 -6.88 -47.66
CA TYR Z 153 -22.62 -8.03 -47.13
C TYR Z 153 -22.72 -9.15 -48.16
N GLY Z 154 -22.77 -8.75 -49.44
CA GLY Z 154 -23.04 -9.67 -50.54
C GLY Z 154 -21.80 -10.16 -51.28
N LYS Z 155 -20.63 -9.74 -50.82
CA LYS Z 155 -19.40 -10.12 -51.49
C LYS Z 155 -18.93 -11.58 -51.21
N PRO Z 156 -18.98 -12.06 -49.94
CA PRO Z 156 -18.44 -13.40 -49.66
C PRO Z 156 -19.02 -14.54 -50.51
N ILE Z 157 -20.30 -14.51 -50.79
CA ILE Z 157 -20.88 -15.56 -51.61
C ILE Z 157 -20.38 -15.46 -53.07
N ILE Z 158 -20.19 -14.24 -53.58
CA ILE Z 158 -19.65 -14.09 -54.92
C ILE Z 158 -18.18 -14.57 -55.02
N ASP Z 159 -17.35 -14.20 -54.05
CA ASP Z 159 -15.96 -14.66 -54.10
C ASP Z 159 -15.91 -16.17 -54.01
N ARG Z 160 -16.88 -16.74 -53.31
CA ARG Z 160 -16.83 -18.15 -53.00
C ARG Z 160 -17.23 -19.02 -54.20
N VAL Z 161 -18.16 -18.52 -55.03
CA VAL Z 161 -18.72 -19.40 -56.06
C VAL Z 161 -18.61 -18.87 -57.47
N LEU Z 162 -18.33 -17.59 -57.62
CA LEU Z 162 -18.24 -16.99 -58.97
C LEU Z 162 -16.83 -16.95 -59.56
N SER Z 163 -16.70 -17.36 -60.81
CA SER Z 163 -15.48 -17.19 -61.60
C SER Z 163 -15.87 -16.90 -63.07
N TYR Z 164 -14.90 -16.51 -63.90
CA TYR Z 164 -15.18 -16.13 -65.30
C TYR Z 164 -15.92 -17.19 -66.13
N ASP Z 165 -15.72 -18.47 -65.81
CA ASP Z 165 -16.32 -19.55 -66.61
C ASP Z 165 -17.65 -20.04 -66.05
N THR Z 166 -18.12 -19.42 -64.97
CA THR Z 166 -19.43 -19.73 -64.40
C THR Z 166 -20.51 -19.45 -65.45
N PRO Z 167 -21.38 -20.44 -65.69
CA PRO Z 167 -22.49 -20.32 -66.62
C PRO Z 167 -23.46 -19.20 -66.22
N LEU Z 168 -24.12 -18.66 -67.22
CA LEU Z 168 -24.98 -17.50 -67.05
C LEU Z 168 -26.06 -17.65 -65.98
N ASP Z 169 -26.76 -18.78 -65.98
CA ASP Z 169 -27.86 -18.99 -65.05
C ASP Z 169 -27.38 -19.08 -63.59
N GLN Z 170 -26.20 -19.66 -63.40
CA GLN Z 170 -25.64 -19.76 -62.05
C GLN Z 170 -25.08 -18.41 -61.53
N ALA Z 171 -24.56 -17.57 -62.42
CA ALA Z 171 -24.13 -16.24 -62.00
C ALA Z 171 -25.32 -15.45 -61.46
N MET Z 172 -26.48 -15.58 -62.11
CA MET Z 172 -27.69 -14.91 -61.64
C MET Z 172 -28.15 -15.48 -60.31
N GLN Z 173 -28.04 -16.79 -60.14
CA GLN Z 173 -28.39 -17.39 -58.86
C GLN Z 173 -27.50 -16.81 -57.78
N CYS Z 174 -26.21 -16.68 -58.10
CA CYS Z 174 -25.24 -16.13 -57.16
C CYS Z 174 -25.60 -14.69 -56.82
N ALA Z 175 -25.97 -13.91 -57.83
CA ALA Z 175 -26.41 -12.53 -57.65
C ALA Z 175 -27.63 -12.45 -56.73
N LEU Z 176 -28.59 -13.36 -56.94
CA LEU Z 176 -29.84 -13.37 -56.18
C LEU Z 176 -29.59 -13.68 -54.70
N ILE Z 177 -28.66 -14.60 -54.44
CA ILE Z 177 -28.26 -14.90 -53.06
C ILE Z 177 -27.50 -13.73 -52.42
N SER Z 178 -26.62 -13.08 -53.18
CA SER Z 178 -25.91 -11.89 -52.72
C SER Z 178 -26.93 -10.80 -52.31
N MET Z 179 -27.97 -10.62 -53.11
CA MET Z 179 -29.07 -9.70 -52.76
C MET Z 179 -29.78 -10.13 -51.48
N ASP Z 180 -30.06 -11.42 -51.38
CA ASP Z 180 -30.73 -11.98 -50.22
C ASP Z 180 -29.97 -11.66 -48.95
N SER Z 181 -28.66 -11.92 -48.94
CA SER Z 181 -27.84 -11.67 -47.74
C SER Z 181 -27.83 -10.21 -47.37
N THR Z 182 -27.84 -9.34 -48.39
CA THR Z 182 -27.81 -7.89 -48.18
C THR Z 182 -29.14 -7.38 -47.61
N LEU Z 183 -30.23 -7.84 -48.21
CA LEU Z 183 -31.58 -7.50 -47.74
C LEU Z 183 -31.75 -7.82 -46.26
N ARG Z 184 -31.24 -8.97 -45.84
CA ARG Z 184 -31.36 -9.42 -44.46
C ARG Z 184 -30.54 -8.63 -43.48
N SER Z 185 -29.49 -7.99 -43.99
CA SER Z 185 -28.49 -7.39 -43.11
C SER Z 185 -28.48 -5.86 -43.16
N ASN Z 186 -29.05 -5.26 -44.20
CA ASN Z 186 -28.99 -3.80 -44.30
C ASN Z 186 -30.25 -3.22 -44.92
N LEU Z 187 -30.94 -2.37 -44.15
CA LEU Z 187 -32.26 -1.89 -44.53
C LEU Z 187 -32.23 -0.74 -45.55
N SER Z 188 -31.06 -0.29 -45.94
CA SER Z 188 -30.97 0.72 -47.00
C SER Z 188 -31.10 0.05 -48.37
N VAL Z 189 -31.10 -1.27 -48.36
CA VAL Z 189 -31.24 -2.06 -49.57
C VAL Z 189 -32.64 -2.67 -49.53
N GLY Z 190 -33.37 -2.63 -50.64
CA GLY Z 190 -34.75 -3.10 -50.64
C GLY Z 190 -35.35 -3.53 -51.98
N LEU Z 191 -36.34 -4.41 -51.89
CA LEU Z 191 -37.11 -4.86 -53.04
C LEU Z 191 -37.97 -3.69 -53.54
N PRO Z 192 -38.40 -3.72 -54.81
CA PRO Z 192 -38.18 -4.72 -55.85
C PRO Z 192 -36.75 -4.75 -56.38
N LEU Z 193 -36.44 -5.80 -57.13
CA LEU Z 193 -35.16 -5.90 -57.80
C LEU Z 193 -35.38 -5.68 -59.29
N ASP Z 194 -34.35 -5.20 -59.96
CA ASP Z 194 -34.35 -5.20 -61.41
C ASP Z 194 -33.11 -5.97 -61.82
N VAL Z 195 -33.33 -7.07 -62.55
CA VAL Z 195 -32.24 -7.92 -62.98
C VAL Z 195 -32.29 -8.14 -64.49
N MET Z 196 -31.18 -8.58 -65.06
CA MET Z 196 -31.14 -8.93 -66.48
C MET Z 196 -30.05 -9.96 -66.80
N ILE Z 197 -30.38 -10.89 -67.69
CA ILE Z 197 -29.39 -11.79 -68.23
C ILE Z 197 -29.09 -11.45 -69.69
N TYR Z 198 -27.83 -11.19 -70.01
CA TYR Z 198 -27.45 -10.94 -71.39
C TYR Z 198 -26.53 -12.01 -71.94
N PRO Z 199 -27.07 -12.87 -72.81
CA PRO Z 199 -26.26 -13.87 -73.50
C PRO Z 199 -25.38 -13.27 -74.59
N LEU Z 200 -24.14 -13.77 -74.68
CA LEU Z 200 -23.16 -13.34 -75.68
C LEU Z 200 -23.71 -13.33 -77.09
N ASP Z 201 -23.46 -12.24 -77.81
CA ASP Z 201 -23.81 -12.12 -79.23
C ASP Z 201 -25.32 -12.16 -79.51
N SER Z 202 -26.13 -12.11 -78.45
CA SER Z 202 -27.59 -12.17 -78.61
C SER Z 202 -28.16 -10.78 -78.95
N PHE Z 203 -27.53 -9.72 -78.44
CA PHE Z 203 -27.98 -8.32 -78.59
C PHE Z 203 -29.48 -8.18 -78.25
N SER Z 204 -29.88 -8.92 -77.23
CA SER Z 204 -31.27 -8.96 -76.80
C SER Z 204 -31.40 -8.51 -75.37
N THR Z 205 -32.50 -7.80 -75.08
CA THR Z 205 -32.83 -7.41 -73.73
C THR Z 205 -34.07 -8.15 -73.26
N GLU Z 206 -34.31 -9.32 -73.87
CA GLU Z 206 -35.49 -10.12 -73.64
C GLU Z 206 -35.54 -10.64 -72.21
N GLN Z 207 -34.38 -10.95 -71.66
CA GLN Z 207 -34.29 -11.46 -70.29
C GLN Z 207 -34.06 -10.41 -69.19
N GLN Z 208 -34.90 -9.39 -69.10
CA GLN Z 208 -34.87 -8.47 -67.97
C GLN Z 208 -36.15 -8.66 -67.14
N TYR Z 209 -36.02 -8.67 -65.81
CA TYR Z 209 -37.15 -9.04 -64.98
C TYR Z 209 -37.22 -8.12 -63.78
N ARG Z 210 -38.45 -7.81 -63.40
CA ARG Z 210 -38.74 -7.13 -62.17
C ARG Z 210 -39.13 -8.19 -61.14
N ILE Z 211 -38.33 -8.24 -60.08
CA ILE Z 211 -38.53 -9.17 -58.98
C ILE Z 211 -39.15 -8.45 -57.78
N THR Z 212 -40.42 -8.74 -57.51
CA THR Z 212 -41.12 -8.16 -56.36
C THR Z 212 -41.00 -9.14 -55.23
N GLU Z 213 -41.47 -8.73 -54.05
CA GLU Z 213 -41.50 -9.62 -52.90
C GLU Z 213 -42.38 -10.85 -53.17
N ASP Z 214 -43.24 -10.74 -54.18
CA ASP Z 214 -44.18 -11.82 -54.50
C ASP Z 214 -43.65 -12.83 -55.52
N HIS Z 215 -42.49 -12.54 -56.11
CA HIS Z 215 -41.92 -13.37 -57.16
C HIS Z 215 -41.66 -14.80 -56.58
N PRO Z 216 -42.37 -15.79 -57.13
CA PRO Z 216 -42.32 -17.15 -56.57
C PRO Z 216 -40.90 -17.73 -56.56
N TYR Z 217 -40.14 -17.54 -57.64
CA TYR Z 217 -38.81 -18.14 -57.66
C TYR Z 217 -37.86 -17.53 -56.63
N PHE Z 218 -37.91 -16.21 -56.47
CA PHE Z 218 -37.01 -15.55 -55.52
C PHE Z 218 -37.33 -16.03 -54.09
N MET Z 219 -38.59 -16.21 -53.76
CA MET Z 219 -38.94 -16.79 -52.45
C MET Z 219 -38.36 -18.18 -52.27
N MET Z 220 -38.41 -18.97 -53.34
CA MET Z 220 -37.92 -20.33 -53.36
C MET Z 220 -36.38 -20.37 -53.20
N ILE Z 221 -35.66 -19.52 -53.93
CA ILE Z 221 -34.20 -19.54 -53.84
C ILE Z 221 -33.73 -19.08 -52.46
N ARG Z 222 -34.45 -18.13 -51.85
CA ARG Z 222 -34.11 -17.62 -50.52
C ARG Z 222 -34.32 -18.66 -49.45
N LYS Z 223 -35.46 -19.34 -49.57
CA LYS Z 223 -35.85 -20.36 -48.63
C LYS Z 223 -34.95 -21.60 -48.70
N GLY Z 224 -34.64 -22.02 -49.93
CA GLY Z 224 -33.76 -23.16 -50.14
C GLY Z 224 -32.38 -22.86 -49.62
N TRP Z 225 -31.88 -21.66 -49.88
CA TRP Z 225 -30.55 -21.25 -49.43
C TRP Z 225 -30.45 -21.18 -47.89
N GLY Z 226 -31.44 -20.57 -47.25
CA GLY Z 226 -31.47 -20.44 -45.81
C GLY Z 226 -31.52 -21.78 -45.13
N GLU Z 227 -32.38 -22.65 -45.63
CA GLU Z 227 -32.52 -23.99 -45.09
C GLU Z 227 -31.28 -24.84 -45.32
N GLY Z 228 -30.68 -24.71 -46.49
CA GLY Z 228 -29.45 -25.43 -46.78
C GLY Z 228 -28.35 -25.00 -45.83
N LEU Z 229 -28.29 -23.70 -45.61
CA LEU Z 229 -27.25 -23.09 -44.80
C LEU Z 229 -27.36 -23.57 -43.36
N VAL Z 230 -28.58 -23.56 -42.83
CA VAL Z 230 -28.83 -24.02 -41.47
C VAL Z 230 -28.51 -25.51 -41.34
N SER Z 231 -28.73 -26.26 -42.43
CA SER Z 231 -28.43 -27.69 -42.47
C SER Z 231 -26.92 -27.99 -42.46
N ILE Z 232 -26.16 -27.23 -43.25
CA ILE Z 232 -24.73 -27.39 -43.25
C ILE Z 232 -24.15 -27.03 -41.89
N PHE Z 233 -24.70 -25.98 -41.29
CA PHE Z 233 -24.22 -25.49 -40.00
C PHE Z 233 -24.34 -26.58 -38.94
N ALA Z 234 -25.49 -27.25 -38.93
CA ALA Z 234 -25.76 -28.31 -37.94
C ALA Z 234 -24.91 -29.56 -38.16
N GLN Z 235 -24.47 -29.80 -39.40
CA GLN Z 235 -23.68 -31.01 -39.70
C GLN Z 235 -22.18 -30.80 -39.57
N LEU Z 236 -21.75 -29.60 -39.17
CA LEU Z 236 -20.33 -29.32 -38.98
C LEU Z 236 -19.78 -30.19 -37.84
N PRO Z 237 -18.49 -30.57 -37.92
CA PRO Z 237 -17.95 -31.33 -36.78
C PRO Z 237 -18.02 -30.51 -35.47
N GLY Z 238 -18.24 -31.18 -34.35
CA GLY Z 238 -18.37 -30.51 -33.08
C GLY Z 238 -17.12 -29.72 -32.72
N LEU Z 239 -17.31 -28.65 -31.96
CA LEU Z 239 -16.25 -27.71 -31.62
C LEU Z 239 -15.12 -28.33 -30.81
N LYS Z 240 -13.89 -28.22 -31.33
CA LYS Z 240 -12.67 -28.72 -30.69
C LYS Z 240 -11.53 -27.70 -30.68
N LEU Z 241 -11.50 -26.78 -29.72
CA LEU Z 241 -10.44 -25.78 -29.75
C LEU Z 241 -9.18 -26.23 -29.02
N GLY Z 242 -9.33 -27.23 -28.14
CA GLY Z 242 -8.24 -27.73 -27.32
C GLY Z 242 -7.51 -28.92 -27.92
N THR AA 1 -37.93 3.84 -34.43
CA THR AA 1 -38.37 4.38 -33.15
C THR AA 1 -39.71 5.15 -33.23
N TYR AA 2 -40.74 4.56 -32.64
CA TYR AA 2 -42.01 5.23 -32.43
C TYR AA 2 -42.66 4.68 -31.18
N CYS AA 3 -42.96 5.56 -30.23
CA CYS AA 3 -43.66 5.19 -29.00
C CYS AA 3 -44.83 6.11 -28.76
N VAL AA 4 -45.89 5.53 -28.23
CA VAL AA 4 -47.07 6.28 -27.91
C VAL AA 4 -47.63 5.80 -26.55
N ALA AA 5 -48.17 6.73 -25.78
CA ALA AA 5 -48.78 6.38 -24.52
C ALA AA 5 -50.11 7.09 -24.39
N MET AA 6 -51.10 6.36 -23.86
CA MET AA 6 -52.45 6.89 -23.71
C MET AA 6 -52.95 6.75 -22.27
N ARG AA 7 -53.46 7.85 -21.71
CA ARG AA 7 -54.07 7.90 -20.39
C ARG AA 7 -55.58 8.08 -20.50
N LEU AA 8 -56.33 7.07 -20.11
CA LEU AA 8 -57.76 7.10 -20.28
C LEU AA 8 -58.43 7.04 -18.91
N SER AA 9 -59.74 7.25 -18.86
CA SER AA 9 -60.43 7.21 -17.57
C SER AA 9 -60.27 5.84 -16.93
N SER AA 10 -60.22 4.81 -17.78
CA SER AA 10 -60.17 3.42 -17.33
C SER AA 10 -58.77 2.81 -17.20
N GLY AA 11 -57.74 3.52 -17.66
CA GLY AA 11 -56.39 2.97 -17.58
C GLY AA 11 -55.40 3.60 -18.55
N LEU AA 12 -54.27 2.91 -18.74
CA LEU AA 12 -53.27 3.33 -19.70
C LEU AA 12 -53.03 2.25 -20.74
N ALA AA 13 -52.74 2.71 -21.96
CA ALA AA 13 -52.33 1.83 -23.05
C ALA AA 13 -50.94 2.28 -23.54
N PHE AA 14 -50.04 1.32 -23.77
CA PHE AA 14 -48.69 1.61 -24.27
C PHE AA 14 -48.33 0.78 -25.50
N ALA AA 15 -47.65 1.39 -26.46
CA ALA AA 15 -47.11 0.67 -27.63
C ALA AA 15 -45.80 1.32 -28.06
N SER AA 16 -44.80 0.49 -28.29
CA SER AA 16 -43.47 0.89 -28.74
C SER AA 16 -43.01 -0.01 -29.88
N ASP AA 17 -42.32 0.54 -30.89
CA ASP AA 17 -41.66 -0.31 -31.90
C ASP AA 17 -40.28 -0.68 -31.34
N SER AA 18 -39.41 -1.27 -32.15
CA SER AA 18 -38.10 -1.69 -31.62
C SER AA 18 -36.95 -1.41 -32.58
N ARG AA 19 -37.25 -0.89 -33.77
CA ARG AA 19 -36.20 -0.66 -34.75
C ARG AA 19 -35.36 0.51 -34.24
N THR AA 20 -34.05 0.31 -34.09
CA THR AA 20 -33.18 1.29 -33.44
C THR AA 20 -31.95 1.59 -34.26
N ASN AA 21 -31.59 2.86 -34.28
CA ASN AA 21 -30.39 3.32 -34.96
C ASN AA 21 -29.25 3.49 -33.96
N ALA AA 22 -28.33 2.53 -33.92
CA ALA AA 22 -27.24 2.56 -32.97
C ALA AA 22 -26.05 3.30 -33.56
N GLY AA 23 -25.98 3.29 -34.90
CA GLY AA 23 -24.97 4.01 -35.65
C GLY AA 23 -25.36 3.88 -37.12
N VAL AA 24 -24.63 4.54 -38.01
CA VAL AA 24 -24.88 4.32 -39.44
C VAL AA 24 -24.52 2.85 -39.68
N ASP AA 25 -25.33 2.18 -40.49
CA ASP AA 25 -25.17 0.76 -40.84
C ASP AA 25 -25.46 -0.17 -39.67
N HIS AA 26 -26.04 0.40 -38.61
CA HIS AA 26 -26.43 -0.36 -37.42
C HIS AA 26 -27.87 -0.13 -37.02
N ILE AA 27 -28.76 -0.77 -37.74
CA ILE AA 27 -30.17 -0.75 -37.43
C ILE AA 27 -30.54 -2.09 -36.78
N SER AA 28 -30.91 -2.05 -35.50
CA SER AA 28 -31.07 -3.27 -34.71
C SER AA 28 -32.35 -3.23 -33.91
N THR AA 29 -32.63 -4.31 -33.19
CA THR AA 29 -33.87 -4.39 -32.40
C THR AA 29 -33.56 -4.12 -30.93
N PHE AA 30 -34.15 -3.07 -30.36
CA PHE AA 30 -33.98 -2.83 -28.92
C PHE AA 30 -35.31 -2.46 -28.31
N ARG AA 31 -35.55 -2.98 -27.11
CA ARG AA 31 -36.78 -2.80 -26.37
C ARG AA 31 -36.89 -1.34 -25.98
N LYS AA 32 -38.05 -0.74 -26.24
CA LYS AA 32 -38.25 0.70 -25.97
C LYS AA 32 -39.35 0.88 -24.92
N LEU AA 33 -39.56 -0.18 -24.14
CA LEU AA 33 -40.55 -0.16 -23.08
C LEU AA 33 -40.03 -0.89 -21.84
N HIS AA 34 -39.81 -0.13 -20.77
CA HIS AA 34 -39.27 -0.67 -19.52
C HIS AA 34 -40.19 -0.44 -18.28
N LEU AA 35 -40.11 -1.35 -17.32
CA LEU AA 35 -41.03 -1.36 -16.20
C LEU AA 35 -40.38 -1.17 -14.84
N PHE AA 36 -41.05 -0.38 -14.01
CA PHE AA 36 -40.67 -0.24 -12.62
C PHE AA 36 -41.92 -0.59 -11.81
N GLN AA 37 -41.86 -1.75 -11.17
CA GLN AA 37 -43.03 -2.36 -10.57
C GLN AA 37 -42.78 -2.68 -9.12
N GLN AA 38 -43.72 -2.28 -8.27
CA GLN AA 38 -43.78 -2.74 -6.89
C GLN AA 38 -45.17 -3.32 -6.69
N PRO AA 39 -45.29 -4.66 -6.69
CA PRO AA 39 -46.62 -5.30 -6.67
C PRO AA 39 -47.52 -4.79 -5.53
N GLY AA 40 -48.71 -4.33 -5.91
CA GLY AA 40 -49.70 -3.78 -5.00
C GLY AA 40 -49.55 -2.31 -4.63
N GLU AA 41 -48.48 -1.66 -5.10
CA GLU AA 41 -48.23 -0.28 -4.70
C GLU AA 41 -47.95 0.72 -5.86
N ARG AA 42 -47.23 0.30 -6.91
CA ARG AA 42 -46.97 1.21 -8.04
C ARG AA 42 -46.61 0.51 -9.35
N THR AA 43 -46.97 1.11 -10.47
CA THR AA 43 -46.58 0.62 -11.80
C THR AA 43 -46.14 1.79 -12.66
N LEU AA 44 -44.86 1.83 -12.98
CA LEU AA 44 -44.31 2.93 -13.77
C LEU AA 44 -43.73 2.39 -15.07
N VAL AA 45 -44.12 2.99 -16.17
CA VAL AA 45 -43.66 2.57 -17.48
C VAL AA 45 -42.84 3.64 -18.13
N VAL AA 46 -41.66 3.29 -18.62
CA VAL AA 46 -40.83 4.23 -19.36
C VAL AA 46 -40.60 3.78 -20.79
N GLN AA 47 -40.92 4.69 -21.70
CA GLN AA 47 -40.68 4.47 -23.11
C GLN AA 47 -39.56 5.41 -23.63
N SER AA 48 -38.71 4.89 -24.52
CA SER AA 48 -37.47 5.55 -24.95
C SER AA 48 -37.44 5.93 -26.43
N ALA AA 49 -36.92 7.12 -26.71
CA ALA AA 49 -36.69 7.56 -28.07
C ALA AA 49 -35.43 8.41 -28.12
N GLY AA 50 -34.82 8.51 -29.29
CA GLY AA 50 -33.61 9.29 -29.38
C GLY AA 50 -32.38 8.41 -29.22
N ASN AA 51 -31.31 9.04 -28.77
CA ASN AA 51 -30.03 8.36 -28.64
C ASN AA 51 -30.06 7.12 -27.74
N LEU AA 52 -29.75 5.97 -28.35
CA LEU AA 52 -29.83 4.67 -27.64
C LEU AA 52 -28.88 4.61 -26.45
N ALA AA 53 -27.66 5.13 -26.60
CA ALA AA 53 -26.71 5.16 -25.49
C ALA AA 53 -27.24 5.99 -24.32
N THR AA 54 -27.85 7.14 -24.64
CA THR AA 54 -28.41 8.04 -23.63
C THR AA 54 -29.53 7.39 -22.85
N THR AA 55 -30.53 6.85 -23.56
CA THR AA 55 -31.67 6.20 -22.89
C THR AA 55 -31.29 4.91 -22.14
N GLN AA 56 -30.42 4.08 -22.70
CA GLN AA 56 -30.01 2.87 -22.03
C GLN AA 56 -29.31 3.22 -20.72
N SER AA 57 -28.51 4.29 -20.72
CA SER AA 57 -27.87 4.77 -19.49
C SER AA 57 -28.88 5.33 -18.43
N ILE AA 58 -29.86 6.10 -18.90
CA ILE AA 58 -30.90 6.65 -18.04
C ILE AA 58 -31.69 5.49 -17.40
N VAL AA 59 -32.12 4.52 -18.21
CA VAL AA 59 -32.84 3.35 -17.67
C VAL AA 59 -31.97 2.49 -16.74
N SER AA 60 -30.71 2.29 -17.11
CA SER AA 60 -29.81 1.50 -16.27
C SER AA 60 -29.55 2.18 -14.92
N LEU AA 61 -29.31 3.49 -14.93
CA LEU AA 61 -29.04 4.21 -13.69
C LEU AA 61 -30.27 4.18 -12.76
N LEU AA 62 -31.47 4.35 -13.32
CA LEU AA 62 -32.69 4.33 -12.52
C LEU AA 62 -32.92 2.94 -11.89
N GLN AA 63 -32.67 1.89 -12.67
CA GLN AA 63 -32.85 0.53 -12.17
C GLN AA 63 -31.85 0.28 -11.05
N ARG AA 64 -30.62 0.75 -11.22
CA ARG AA 64 -29.59 0.54 -10.21
C ARG AA 64 -29.91 1.31 -8.94
N ARG AA 65 -30.39 2.53 -9.09
CA ARG AA 65 -30.65 3.36 -7.92
C ARG AA 65 -31.87 2.91 -7.13
N CYS AA 66 -32.71 2.12 -7.78
CA CYS AA 66 -33.86 1.52 -7.10
C CYS AA 66 -33.42 0.57 -5.98
N LEU AA 67 -32.18 0.10 -6.06
CA LEU AA 67 -31.63 -0.78 -5.04
C LEU AA 67 -31.03 -0.02 -3.86
N ASP AA 68 -30.95 1.31 -3.97
CA ASP AA 68 -30.40 2.12 -2.88
C ASP AA 68 -31.49 2.96 -2.22
N PRO AA 69 -31.86 2.58 -0.98
CA PRO AA 69 -32.97 3.25 -0.29
C PRO AA 69 -32.61 4.61 0.30
N GLU AA 70 -31.32 4.92 0.37
CA GLU AA 70 -30.86 6.19 0.94
C GLU AA 70 -30.69 7.28 -0.13
N GLN AA 71 -31.13 6.96 -1.34
CA GLN AA 71 -31.10 7.87 -2.48
C GLN AA 71 -32.51 7.99 -3.08
N THR AA 72 -32.83 9.10 -3.71
CA THR AA 72 -34.08 9.19 -4.42
C THR AA 72 -34.11 8.28 -5.65
N ASN AA 73 -35.16 7.47 -5.75
CA ASN AA 73 -35.33 6.52 -6.85
C ASN AA 73 -36.81 6.35 -7.20
N LEU AA 74 -37.10 5.60 -8.25
CA LEU AA 74 -38.48 5.39 -8.70
C LEU AA 74 -39.32 4.50 -7.78
N MET AA 75 -38.70 3.87 -6.79
CA MET AA 75 -39.47 3.10 -5.82
C MET AA 75 -39.89 3.94 -4.61
N ASN AA 76 -39.19 5.04 -4.31
CA ASN AA 76 -39.56 5.87 -3.15
C ASN AA 76 -40.00 7.31 -3.46
N VAL AA 77 -40.15 7.69 -4.73
CA VAL AA 77 -40.73 9.00 -5.00
C VAL AA 77 -42.22 8.94 -4.60
N ALA AA 78 -42.71 10.02 -4.00
CA ALA AA 78 -44.08 10.10 -3.44
C ALA AA 78 -45.21 10.29 -4.45
N SER AA 79 -44.90 10.88 -5.60
CA SER AA 79 -45.90 11.07 -6.65
C SER AA 79 -45.30 10.86 -8.00
N MET AA 80 -46.17 10.72 -9.00
CA MET AA 80 -45.72 10.65 -10.39
C MET AA 80 -45.04 11.95 -10.81
N TYR AA 81 -45.42 13.07 -10.19
CA TYR AA 81 -44.79 14.35 -10.46
C TYR AA 81 -43.35 14.31 -9.93
N GLU AA 82 -43.14 13.71 -8.77
CA GLU AA 82 -41.78 13.59 -8.23
C GLU AA 82 -40.95 12.62 -9.09
N ALA AA 83 -41.61 11.58 -9.60
CA ALA AA 83 -40.93 10.62 -10.48
C ALA AA 83 -40.48 11.34 -11.74
N ALA AA 84 -41.36 12.15 -12.31
CA ALA AA 84 -41.07 12.88 -13.54
C ALA AA 84 -39.89 13.80 -13.32
N THR AA 85 -39.87 14.47 -12.18
CA THR AA 85 -38.78 15.38 -11.85
C THR AA 85 -37.49 14.58 -11.84
N LEU AA 86 -37.55 13.37 -11.29
CA LEU AA 86 -36.38 12.51 -11.22
C LEU AA 86 -35.85 12.12 -12.61
N LEU AA 87 -36.76 11.77 -13.51
CA LEU AA 87 -36.37 11.39 -14.87
C LEU AA 87 -35.63 12.52 -15.57
N GLY AA 88 -36.16 13.74 -15.42
CA GLY AA 88 -35.54 14.92 -16.02
C GLY AA 88 -34.11 15.17 -15.56
N GLU AA 89 -33.87 15.05 -14.26
CA GLU AA 89 -32.52 15.18 -13.70
C GLU AA 89 -31.60 14.07 -14.24
N THR AA 90 -32.15 12.87 -14.38
CA THR AA 90 -31.39 11.72 -14.83
C THR AA 90 -31.02 11.90 -16.28
N VAL AA 91 -31.94 12.49 -17.04
CA VAL AA 91 -31.72 12.89 -18.43
C VAL AA 91 -30.57 13.89 -18.55
N ARG AA 92 -30.59 14.92 -17.70
CA ARG AA 92 -29.52 15.93 -17.72
C ARG AA 92 -28.18 15.35 -17.32
N GLU AA 93 -28.23 14.50 -16.31
CA GLU AA 93 -27.04 13.86 -15.80
C GLU AA 93 -26.31 13.00 -16.88
N VAL AA 94 -27.06 12.18 -17.60
CA VAL AA 94 -26.47 11.28 -18.59
C VAL AA 94 -26.00 12.09 -19.82
N ILE AA 95 -26.78 13.06 -20.27
CA ILE AA 95 -26.38 13.90 -21.42
C ILE AA 95 -25.12 14.72 -21.08
N ASN AA 96 -25.06 15.27 -19.87
CA ASN AA 96 -23.88 16.02 -19.46
C ASN AA 96 -22.65 15.16 -19.36
N ARG AA 97 -22.82 13.94 -18.87
CA ARG AA 97 -21.68 13.02 -18.76
C ARG AA 97 -21.20 12.62 -20.16
N ASP AA 98 -22.13 12.16 -20.98
CA ASP AA 98 -21.76 11.63 -22.28
C ASP AA 98 -21.28 12.69 -23.29
N SER AA 99 -21.81 13.92 -23.17
CA SER AA 99 -21.39 15.00 -24.09
C SER AA 99 -20.21 15.88 -23.63
N GLY AA 100 -19.68 15.61 -22.44
CA GLY AA 100 -18.54 16.37 -21.94
C GLY AA 100 -17.22 15.81 -22.41
N ASP AA 109 -26.90 14.28 -32.09
CA ASP AA 109 -26.21 14.36 -30.81
C ASP AA 109 -26.76 13.38 -29.75
N PHE AA 110 -26.68 13.81 -28.50
CA PHE AA 110 -27.00 12.95 -27.38
C PHE AA 110 -28.42 13.09 -26.76
N ASN AA 111 -29.33 13.75 -27.46
CA ASN AA 111 -30.68 14.01 -26.94
C ASN AA 111 -31.58 12.80 -26.98
N CYS AA 112 -32.48 12.75 -26.02
CA CYS AA 112 -33.52 11.74 -25.97
C CYS AA 112 -34.84 12.35 -25.50
N ASN AA 113 -35.94 11.66 -25.79
CA ASN AA 113 -37.25 11.97 -25.24
C ASN AA 113 -37.83 10.72 -24.55
N LEU AA 114 -38.54 10.91 -23.44
CA LEU AA 114 -39.11 9.78 -22.71
C LEU AA 114 -40.60 9.95 -22.45
N LEU AA 115 -41.28 8.83 -22.33
CA LEU AA 115 -42.64 8.84 -21.81
C LEU AA 115 -42.61 8.14 -20.47
N LEU AA 116 -43.31 8.73 -19.51
CA LEU AA 116 -43.44 8.19 -18.18
C LEU AA 116 -44.92 8.19 -17.83
N GLY AA 117 -45.46 6.99 -17.64
CA GLY AA 117 -46.86 6.84 -17.35
C GLY AA 117 -47.08 5.70 -16.39
N GLY AA 118 -48.18 5.79 -15.65
CA GLY AA 118 -48.53 4.76 -14.70
C GLY AA 118 -49.33 5.28 -13.52
N GLN AA 119 -49.22 4.57 -12.40
CA GLN AA 119 -49.97 4.92 -11.20
C GLN AA 119 -49.17 4.55 -9.97
N ILE AA 120 -49.18 5.48 -9.02
CA ILE AA 120 -48.66 5.26 -7.69
C ILE AA 120 -49.83 5.23 -6.72
N LYS AA 121 -49.84 4.23 -5.84
CA LYS AA 121 -50.91 4.02 -4.89
C LYS AA 121 -51.18 5.31 -4.15
N GLY AA 122 -52.46 5.71 -4.09
CA GLY AA 122 -52.84 6.96 -3.46
C GLY AA 122 -53.12 8.07 -4.46
N GLU AA 123 -52.88 7.78 -5.72
CA GLU AA 123 -53.05 8.78 -6.77
C GLU AA 123 -53.73 8.14 -7.97
N GLY AA 124 -54.27 8.96 -8.86
CA GLY AA 124 -54.89 8.42 -10.07
C GLY AA 124 -53.80 8.19 -11.11
N LEU AA 125 -54.20 7.92 -12.36
CA LEU AA 125 -53.26 7.73 -13.46
C LEU AA 125 -52.56 9.01 -13.80
N ARG AA 126 -51.25 8.94 -14.07
CA ARG AA 126 -50.51 10.10 -14.58
C ARG AA 126 -49.51 9.73 -15.70
N LEU AA 127 -49.38 10.62 -16.69
CA LEU AA 127 -48.55 10.39 -17.85
C LEU AA 127 -47.77 11.64 -18.23
N PHE AA 128 -46.45 11.50 -18.42
CA PHE AA 128 -45.60 12.65 -18.75
C PHE AA 128 -44.77 12.48 -20.03
N HIS AA 129 -44.45 13.59 -20.67
CA HIS AA 129 -43.49 13.58 -21.76
C HIS AA 129 -42.25 14.30 -21.24
N ILE AA 130 -41.13 13.59 -21.13
CA ILE AA 130 -39.89 14.19 -20.63
C ILE AA 130 -39.06 14.64 -21.82
N TYR AA 131 -38.59 15.89 -21.80
CA TYR AA 131 -37.76 16.48 -22.89
C TYR AA 131 -36.23 16.39 -22.65
N PRO AA 132 -35.41 16.58 -23.71
CA PRO AA 132 -33.95 16.56 -23.58
C PRO AA 132 -33.40 17.52 -22.54
N GLN AA 133 -34.10 18.63 -22.32
CA GLN AA 133 -33.69 19.63 -21.34
C GLN AA 133 -34.09 19.20 -19.92
N GLY AA 134 -34.83 18.10 -19.81
CA GLY AA 134 -35.18 17.60 -18.50
C GLY AA 134 -36.52 18.15 -18.02
N ASN AA 135 -37.07 19.11 -18.76
CA ASN AA 135 -38.39 19.61 -18.41
C ASN AA 135 -39.44 18.67 -18.99
N PHE AA 136 -40.71 18.91 -18.67
CA PHE AA 136 -41.73 17.95 -19.05
C PHE AA 136 -43.15 18.55 -19.07
N ILE AA 137 -44.05 17.85 -19.73
CA ILE AA 137 -45.45 18.23 -19.72
C ILE AA 137 -46.30 17.03 -19.26
N GLU AA 138 -47.52 17.28 -18.79
CA GLU AA 138 -48.41 16.21 -18.33
C GLU AA 138 -49.66 16.13 -19.21
N ALA AA 139 -50.08 14.92 -19.51
CA ALA AA 139 -51.26 14.66 -20.33
C ALA AA 139 -52.54 15.06 -19.59
N THR AA 140 -53.52 15.53 -20.36
CA THR AA 140 -54.78 15.95 -19.79
C THR AA 140 -55.91 15.09 -20.35
N GLN AA 141 -57.12 15.35 -19.94
CA GLN AA 141 -58.25 14.64 -20.49
C GLN AA 141 -58.52 15.10 -21.90
N ASP AA 142 -58.18 16.35 -22.19
CA ASP AA 142 -58.41 16.91 -23.52
C ASP AA 142 -57.32 16.46 -24.51
N THR AA 143 -56.11 16.24 -24.01
CA THR AA 143 -55.03 15.66 -24.81
C THR AA 143 -54.55 14.39 -24.09
N PRO AA 144 -55.24 13.27 -24.33
CA PRO AA 144 -55.11 12.06 -23.51
C PRO AA 144 -54.02 11.08 -23.98
N TYR AA 145 -53.14 11.56 -24.82
CA TYR AA 145 -52.02 10.78 -25.32
C TYR AA 145 -50.78 11.60 -25.55
N PHE AA 146 -49.64 10.91 -25.64
CA PHE AA 146 -48.34 11.44 -26.03
C PHE AA 146 -47.65 10.51 -27.03
N GLN AA 147 -46.85 11.08 -27.92
CA GLN AA 147 -46.03 10.31 -28.84
C GLN AA 147 -44.59 10.76 -28.76
N ILE AA 148 -43.65 9.84 -28.95
CA ILE AA 148 -42.26 10.23 -29.16
C ILE AA 148 -41.68 9.46 -30.36
N GLY AA 149 -40.58 9.96 -30.93
CA GLY AA 149 -40.00 9.36 -32.11
C GLY AA 149 -40.67 9.76 -33.42
N GLU AA 150 -40.68 8.84 -34.38
CA GLU AA 150 -41.31 9.15 -35.65
C GLU AA 150 -42.85 9.04 -35.51
N SER AA 151 -43.49 10.17 -35.21
CA SER AA 151 -44.85 10.16 -34.70
C SER AA 151 -45.97 10.76 -35.57
N LYS AA 152 -45.60 11.55 -36.56
CA LYS AA 152 -46.61 12.32 -37.32
C LYS AA 152 -47.45 11.40 -38.20
N TYR AA 153 -46.84 10.31 -38.65
CA TYR AA 153 -47.58 9.35 -39.48
C TYR AA 153 -48.79 8.76 -38.75
N GLY AA 154 -48.64 8.55 -37.44
CA GLY AA 154 -49.61 7.85 -36.63
C GLY AA 154 -50.52 8.77 -35.85
N LYS AA 155 -50.32 10.08 -36.00
CA LYS AA 155 -51.11 11.07 -35.26
C LYS AA 155 -52.56 11.23 -35.77
N PRO AA 156 -52.77 11.35 -37.10
CA PRO AA 156 -54.16 11.57 -37.50
C PRO AA 156 -55.15 10.52 -37.05
N ILE AA 157 -54.82 9.22 -37.07
CA ILE AA 157 -55.79 8.17 -36.70
C ILE AA 157 -56.16 8.25 -35.22
N ILE AA 158 -55.20 8.64 -34.37
CA ILE AA 158 -55.45 8.75 -32.95
C ILE AA 158 -56.44 9.88 -32.66
N ASP AA 159 -56.25 11.02 -33.30
CA ASP AA 159 -57.14 12.16 -33.08
C ASP AA 159 -58.57 11.88 -33.48
N ARG AA 160 -58.75 11.02 -34.48
CA ARG AA 160 -60.08 10.70 -35.00
C ARG AA 160 -60.92 9.76 -34.12
N VAL AA 161 -60.29 8.82 -33.41
CA VAL AA 161 -61.04 7.78 -32.70
C VAL AA 161 -60.77 7.76 -31.20
N LEU AA 162 -59.68 8.37 -30.77
CA LEU AA 162 -59.34 8.31 -29.36
C LEU AA 162 -59.91 9.50 -28.59
N SER AA 163 -60.49 9.17 -27.44
CA SER AA 163 -61.02 10.11 -26.47
C SER AA 163 -60.68 9.63 -25.06
N TYR AA 164 -60.86 10.50 -24.06
CA TYR AA 164 -60.52 10.13 -22.68
C TYR AA 164 -61.33 8.95 -22.18
N ASP AA 165 -62.54 8.83 -22.70
CA ASP AA 165 -63.50 7.86 -22.17
C ASP AA 165 -63.47 6.58 -22.97
N THR AA 166 -62.56 6.56 -23.94
CA THR AA 166 -62.35 5.39 -24.78
C THR AA 166 -61.87 4.23 -23.92
N PRO AA 167 -62.55 3.09 -24.05
CA PRO AA 167 -62.12 1.86 -23.37
C PRO AA 167 -60.74 1.36 -23.81
N LEU AA 168 -60.07 0.72 -22.86
CA LEU AA 168 -58.71 0.27 -22.97
C LEU AA 168 -58.46 -0.53 -24.24
N ASP AA 169 -59.37 -1.47 -24.55
CA ASP AA 169 -59.24 -2.37 -25.70
C ASP AA 169 -59.25 -1.67 -27.04
N GLN AA 170 -60.13 -0.66 -27.17
CA GLN AA 170 -60.21 0.13 -28.40
C GLN AA 170 -59.02 1.12 -28.49
N ALA AA 171 -58.55 1.62 -27.36
CA ALA AA 171 -57.39 2.49 -27.36
C ALA AA 171 -56.18 1.75 -27.90
N MET AA 172 -56.03 0.50 -27.48
CA MET AA 172 -54.91 -0.32 -27.93
C MET AA 172 -55.08 -0.62 -29.43
N GLN AA 173 -56.31 -0.83 -29.85
CA GLN AA 173 -56.59 -1.02 -31.27
C GLN AA 173 -56.14 0.21 -32.01
N CYS AA 174 -56.45 1.37 -31.44
CA CYS AA 174 -56.04 2.62 -32.05
C CYS AA 174 -54.50 2.68 -32.12
N ALA AA 175 -53.83 2.30 -31.03
CA ALA AA 175 -52.37 2.28 -31.00
C ALA AA 175 -51.80 1.37 -32.09
N LEU AA 176 -52.42 0.21 -32.26
CA LEU AA 176 -51.95 -0.78 -33.23
C LEU AA 176 -52.12 -0.25 -34.67
N ILE AA 177 -53.24 0.42 -34.94
CA ILE AA 177 -53.50 1.01 -36.24
C ILE AA 177 -52.53 2.15 -36.47
N SER AA 178 -52.27 2.87 -35.39
CA SER AA 178 -51.28 3.94 -35.40
C SER AA 178 -49.90 3.38 -35.82
N MET AA 179 -49.48 2.25 -35.25
CA MET AA 179 -48.21 1.62 -35.65
C MET AA 179 -48.15 1.19 -37.09
N ASP AA 180 -49.21 0.53 -37.54
CA ASP AA 180 -49.30 0.04 -38.89
C ASP AA 180 -49.10 1.14 -39.94
N SER AA 181 -49.82 2.26 -39.80
CA SER AA 181 -49.69 3.36 -40.75
C SER AA 181 -48.25 3.91 -40.76
N THR AA 182 -47.62 3.90 -39.59
CA THR AA 182 -46.26 4.39 -39.42
C THR AA 182 -45.29 3.43 -40.09
N LEU AA 183 -45.45 2.14 -39.79
CA LEU AA 183 -44.65 1.05 -40.38
C LEU AA 183 -44.71 1.10 -41.90
N ARG AA 184 -45.88 1.35 -42.46
CA ARG AA 184 -46.05 1.35 -43.91
C ARG AA 184 -45.37 2.57 -44.52
N SER AA 185 -45.16 3.63 -43.75
CA SER AA 185 -44.73 4.89 -44.32
C SER AA 185 -43.30 5.29 -43.95
N ASN AA 186 -42.72 4.68 -42.92
CA ASN AA 186 -41.38 5.07 -42.54
C ASN AA 186 -40.54 3.90 -42.06
N LEU AA 187 -39.40 3.70 -42.73
CA LEU AA 187 -38.59 2.51 -42.54
C LEU AA 187 -37.70 2.61 -41.30
N SER AA 188 -37.73 3.74 -40.61
CA SER AA 188 -37.00 3.83 -39.36
C SER AA 188 -37.84 3.19 -38.24
N VAL AA 189 -39.09 2.89 -38.53
CA VAL AA 189 -39.99 2.25 -37.56
C VAL AA 189 -40.20 0.79 -37.93
N GLY AA 190 -40.12 -0.09 -36.94
CA GLY AA 190 -40.16 -1.51 -37.24
C GLY AA 190 -40.50 -2.49 -36.13
N LEU AA 191 -41.06 -3.62 -36.54
CA LEU AA 191 -41.40 -4.75 -35.68
C LEU AA 191 -40.12 -5.41 -35.17
N PRO AA 192 -40.19 -6.14 -34.03
CA PRO AA 192 -41.36 -6.38 -33.18
C PRO AA 192 -41.81 -5.16 -32.36
N LEU AA 193 -43.00 -5.27 -31.80
CA LEU AA 193 -43.56 -4.25 -30.93
C LEU AA 193 -43.57 -4.74 -29.48
N ASP AA 194 -43.52 -3.80 -28.55
CA ASP AA 194 -43.81 -4.12 -27.15
C ASP AA 194 -44.97 -3.25 -26.70
N VAL AA 195 -46.05 -3.90 -26.26
CA VAL AA 195 -47.26 -3.19 -25.85
C VAL AA 195 -47.65 -3.61 -24.44
N MET AA 196 -48.46 -2.77 -23.79
CA MET AA 196 -48.97 -3.08 -22.44
C MET AA 196 -50.32 -2.41 -22.17
N ILE AA 197 -51.22 -3.14 -21.51
CA ILE AA 197 -52.46 -2.55 -21.02
C ILE AA 197 -52.35 -2.42 -19.50
N TYR AA 198 -52.58 -1.23 -18.95
CA TYR AA 198 -52.62 -1.09 -17.49
C TYR AA 198 -54.01 -0.69 -17.00
N PRO AA 199 -54.75 -1.63 -16.41
CA PRO AA 199 -56.07 -1.32 -15.85
C PRO AA 199 -55.98 -0.50 -14.55
N LEU AA 200 -56.86 0.49 -14.39
CA LEU AA 200 -56.88 1.36 -13.22
C LEU AA 200 -56.85 0.61 -11.90
N ASP AA 201 -55.99 1.05 -10.99
CA ASP AA 201 -55.89 0.52 -9.63
C ASP AA 201 -55.42 -0.93 -9.56
N SER AA 202 -54.96 -1.48 -10.69
CA SER AA 202 -54.56 -2.89 -10.78
C SER AA 202 -53.14 -3.15 -10.29
N PHE AA 203 -52.25 -2.18 -10.53
CA PHE AA 203 -50.83 -2.34 -10.23
C PHE AA 203 -50.27 -3.64 -10.79
N SER AA 204 -50.69 -4.02 -11.99
CA SER AA 204 -50.23 -5.28 -12.61
C SER AA 204 -49.56 -5.06 -13.96
N THR AA 205 -48.56 -5.86 -14.21
CA THR AA 205 -47.87 -5.84 -15.47
C THR AA 205 -48.20 -7.09 -16.26
N GLU AA 206 -49.34 -7.69 -15.93
CA GLU AA 206 -49.79 -8.96 -16.49
C GLU AA 206 -50.05 -8.86 -17.98
N GLN AA 207 -50.61 -7.72 -18.40
CA GLN AA 207 -50.97 -7.49 -19.78
C GLN AA 207 -49.85 -6.81 -20.55
N GLN AA 208 -48.69 -7.46 -20.56
CA GLN AA 208 -47.56 -7.06 -21.36
C GLN AA 208 -47.36 -8.09 -22.50
N TYR AA 209 -47.18 -7.59 -23.72
CA TYR AA 209 -47.15 -8.45 -24.90
C TYR AA 209 -46.07 -8.04 -25.88
N ARG AA 210 -45.38 -9.03 -26.42
CA ARG AA 210 -44.42 -8.81 -27.49
C ARG AA 210 -45.10 -9.15 -28.81
N ILE AA 211 -45.22 -8.16 -29.69
CA ILE AA 211 -45.89 -8.39 -30.97
C ILE AA 211 -44.85 -8.56 -32.07
N THR AA 212 -44.73 -9.77 -32.59
CA THR AA 212 -43.79 -10.05 -33.68
C THR AA 212 -44.51 -10.03 -35.02
N GLU AA 213 -43.75 -10.19 -36.10
CA GLU AA 213 -44.29 -10.25 -37.47
C GLU AA 213 -45.28 -11.40 -37.67
N ASP AA 214 -45.20 -12.42 -36.82
CA ASP AA 214 -46.06 -13.62 -36.91
C ASP AA 214 -47.34 -13.58 -36.06
N HIS AA 215 -47.49 -12.54 -35.23
CA HIS AA 215 -48.63 -12.39 -34.33
C HIS AA 215 -49.96 -12.33 -35.08
N PRO AA 216 -50.81 -13.35 -34.90
CA PRO AA 216 -52.04 -13.52 -35.67
C PRO AA 216 -53.02 -12.34 -35.59
N TYR AA 217 -53.32 -11.83 -34.40
CA TYR AA 217 -54.27 -10.74 -34.31
C TYR AA 217 -53.73 -9.48 -34.98
N PHE AA 218 -52.44 -9.19 -34.80
CA PHE AA 218 -51.90 -8.00 -35.44
C PHE AA 218 -51.96 -8.15 -36.94
N MET AA 219 -51.66 -9.34 -37.48
CA MET AA 219 -51.85 -9.51 -38.92
C MET AA 219 -53.32 -9.26 -39.31
N MET AA 220 -54.25 -9.76 -38.51
CA MET AA 220 -55.67 -9.61 -38.81
C MET AA 220 -56.15 -8.13 -38.75
N ILE AA 221 -55.77 -7.40 -37.71
CA ILE AA 221 -56.23 -6.04 -37.57
C ILE AA 221 -55.61 -5.16 -38.66
N ARG AA 222 -54.39 -5.46 -39.08
CA ARG AA 222 -53.75 -4.69 -40.16
C ARG AA 222 -54.47 -4.89 -41.48
N LYS AA 223 -54.77 -6.16 -41.77
CA LYS AA 223 -55.43 -6.56 -43.00
C LYS AA 223 -56.85 -5.99 -43.06
N GLY AA 224 -57.52 -6.06 -41.91
CA GLY AA 224 -58.88 -5.57 -41.73
C GLY AA 224 -59.00 -4.09 -41.91
N TRP AA 225 -58.04 -3.36 -41.36
CA TRP AA 225 -58.01 -1.91 -41.48
C TRP AA 225 -57.73 -1.53 -42.94
N GLY AA 226 -56.76 -2.21 -43.57
CA GLY AA 226 -56.40 -1.94 -44.95
C GLY AA 226 -57.55 -2.14 -45.92
N GLU AA 227 -58.25 -3.24 -45.77
CA GLU AA 227 -59.43 -3.52 -46.59
C GLU AA 227 -60.55 -2.49 -46.31
N GLY AA 228 -60.70 -2.11 -45.05
CA GLY AA 228 -61.72 -1.14 -44.68
C GLY AA 228 -61.52 0.22 -45.33
N LEU AA 229 -60.29 0.73 -45.32
CA LEU AA 229 -60.00 2.06 -45.87
C LEU AA 229 -60.23 2.05 -47.37
N VAL AA 230 -59.75 0.98 -48.01
CA VAL AA 230 -59.87 0.84 -49.44
C VAL AA 230 -61.35 0.80 -49.86
N SER AA 231 -62.18 0.17 -49.02
CA SER AA 231 -63.60 0.08 -49.31
C SER AA 231 -64.28 1.45 -49.18
N ILE AA 232 -63.95 2.16 -48.10
CA ILE AA 232 -64.47 3.51 -47.84
C ILE AA 232 -64.06 4.47 -48.96
N PHE AA 233 -62.84 4.32 -49.45
CA PHE AA 233 -62.32 5.16 -50.51
C PHE AA 233 -63.20 5.01 -51.74
N ALA AA 234 -63.54 3.76 -52.04
CA ALA AA 234 -64.34 3.43 -53.21
C ALA AA 234 -65.78 3.95 -53.09
N GLN AA 235 -66.26 4.10 -51.86
CA GLN AA 235 -67.64 4.53 -51.67
C GLN AA 235 -67.77 6.03 -51.58
N LEU AA 236 -66.66 6.74 -51.73
CA LEU AA 236 -66.69 8.19 -51.71
C LEU AA 236 -67.46 8.65 -52.94
N PRO AA 237 -68.23 9.76 -52.81
CA PRO AA 237 -68.97 10.38 -53.92
C PRO AA 237 -68.04 10.81 -55.04
N GLY AA 238 -68.51 10.82 -56.29
CA GLY AA 238 -67.67 11.19 -57.42
C GLY AA 238 -67.16 12.60 -57.23
N LEU AA 239 -65.98 12.90 -57.79
CA LEU AA 239 -65.37 14.20 -57.59
C LEU AA 239 -66.28 15.27 -58.21
N LYS AA 240 -66.62 16.27 -57.41
CA LYS AA 240 -67.48 17.39 -57.80
C LYS AA 240 -66.77 18.67 -57.37
N LEU AA 241 -65.78 19.10 -58.14
CA LEU AA 241 -65.04 20.27 -57.73
C LEU AA 241 -65.63 21.56 -58.26
N GLY AA 242 -66.66 21.48 -59.10
CA GLY AA 242 -67.16 22.67 -59.72
C GLY AA 242 -68.20 23.46 -58.95
N THR BA 1 -47.29 24.78 -44.44
CA THR BA 1 -47.16 24.63 -45.88
C THR BA 1 -47.04 23.15 -46.26
N TYR BA 2 -47.97 22.68 -47.08
CA TYR BA 2 -47.96 21.31 -47.60
C TYR BA 2 -48.40 21.32 -49.04
N CYS BA 3 -47.53 20.79 -49.87
CA CYS BA 3 -47.80 20.63 -51.29
C CYS BA 3 -47.50 19.20 -51.72
N VAL BA 4 -48.35 18.70 -52.61
CA VAL BA 4 -48.19 17.38 -53.18
C VAL BA 4 -48.50 17.46 -54.69
N ALA BA 5 -47.79 16.66 -55.47
CA ALA BA 5 -48.05 16.56 -56.90
C ALA BA 5 -47.97 15.11 -57.26
N MET BA 6 -48.86 14.66 -58.17
CA MET BA 6 -48.92 13.24 -58.56
C MET BA 6 -48.84 13.12 -60.06
N ARG BA 7 -47.99 12.22 -60.56
CA ARG BA 7 -47.89 11.95 -61.99
C ARG BA 7 -48.46 10.57 -62.31
N LEU BA 8 -49.58 10.54 -63.02
CA LEU BA 8 -50.27 9.29 -63.28
C LEU BA 8 -50.28 9.04 -64.78
N SER BA 9 -50.74 7.86 -65.16
CA SER BA 9 -50.80 7.52 -66.57
C SER BA 9 -51.74 8.45 -67.32
N SER BA 10 -52.82 8.84 -66.66
CA SER BA 10 -53.89 9.62 -67.28
C SER BA 10 -53.78 11.13 -67.07
N GLY BA 11 -52.82 11.57 -66.26
CA GLY BA 11 -52.63 12.99 -66.03
C GLY BA 11 -51.89 13.30 -64.74
N LEU BA 12 -51.90 14.57 -64.35
CA LEU BA 12 -51.23 15.02 -63.14
C LEU BA 12 -52.24 15.66 -62.20
N ALA BA 13 -52.06 15.45 -60.89
CA ALA BA 13 -52.89 16.11 -59.91
C ALA BA 13 -52.05 16.92 -58.94
N PHE BA 14 -52.47 18.16 -58.67
CA PHE BA 14 -51.73 19.06 -57.77
C PHE BA 14 -52.60 19.61 -56.65
N ALA BA 15 -52.04 19.70 -55.44
CA ALA BA 15 -52.71 20.37 -54.31
C ALA BA 15 -51.73 21.11 -53.37
N SER BA 16 -52.05 22.36 -53.02
CA SER BA 16 -51.27 23.19 -52.10
C SER BA 16 -52.18 23.85 -51.05
N ASP BA 17 -51.68 24.03 -49.83
CA ASP BA 17 -52.38 24.88 -48.88
C ASP BA 17 -51.92 26.33 -49.16
N SER BA 18 -52.25 27.26 -48.28
CA SER BA 18 -51.88 28.65 -48.53
C SER BA 18 -51.33 29.44 -47.31
N ARG BA 19 -51.36 28.82 -46.13
CA ARG BA 19 -50.91 29.48 -44.90
C ARG BA 19 -49.39 29.66 -44.86
N ARG BA 31 -50.00 32.61 -52.51
CA ARG BA 31 -50.25 31.45 -53.35
C ARG BA 31 -48.99 30.59 -53.49
N LYS BA 32 -49.15 29.26 -53.41
CA LYS BA 32 -48.01 28.34 -53.52
C LYS BA 32 -48.18 27.33 -54.65
N LEU BA 33 -49.01 27.70 -55.62
CA LEU BA 33 -49.25 26.92 -56.83
C LEU BA 33 -49.30 27.92 -57.99
N HIS BA 34 -48.32 27.86 -58.89
CA HIS BA 34 -48.21 28.87 -59.94
C HIS BA 34 -48.29 28.26 -61.33
N LEU BA 35 -48.83 29.03 -62.28
CA LEU BA 35 -49.11 28.48 -63.59
C LEU BA 35 -48.32 29.19 -64.67
N PHE BA 36 -47.81 28.38 -65.60
CA PHE BA 36 -47.14 28.87 -66.80
C PHE BA 36 -47.79 28.18 -67.98
N GLN BA 37 -48.60 28.92 -68.71
CA GLN BA 37 -49.52 28.27 -69.63
C GLN BA 37 -49.42 28.82 -71.03
N GLN BA 38 -49.33 27.91 -71.98
CA GLN BA 38 -49.46 28.21 -73.40
C GLN BA 38 -50.52 27.31 -74.02
N PRO BA 39 -51.72 27.88 -74.27
CA PRO BA 39 -52.88 27.13 -74.72
C PRO BA 39 -52.58 26.28 -75.95
N GLY BA 40 -52.81 24.98 -75.80
CA GLY BA 40 -52.54 24.02 -76.85
C GLY BA 40 -51.09 23.54 -76.96
N GLU BA 41 -50.18 24.10 -76.16
CA GLU BA 41 -48.76 23.77 -76.32
C GLU BA 41 -48.01 23.34 -75.05
N ARG BA 42 -48.25 23.99 -73.93
CA ARG BA 42 -47.59 23.59 -72.68
C ARG BA 42 -48.36 24.06 -71.45
N THR BA 43 -48.31 23.26 -70.39
CA THR BA 43 -48.92 23.64 -69.11
C THR BA 43 -47.95 23.30 -68.00
N LEU BA 44 -47.43 24.32 -67.32
CA LEU BA 44 -46.45 24.10 -66.25
C LEU BA 44 -46.93 24.61 -64.87
N VAL BA 45 -46.77 23.76 -63.85
CA VAL BA 45 -47.14 24.10 -62.48
C VAL BA 45 -45.93 24.14 -61.57
N VAL BA 46 -45.77 25.23 -60.82
CA VAL BA 46 -44.69 25.30 -59.85
C VAL BA 46 -45.27 25.45 -58.45
N GLN BA 47 -44.87 24.53 -57.55
CA GLN BA 47 -45.30 24.52 -56.16
C GLN BA 47 -44.15 24.80 -55.20
N SER BA 48 -44.42 25.54 -54.14
CA SER BA 48 -43.39 26.00 -53.20
C SER BA 48 -43.66 25.66 -51.72
N ALA BA 49 -42.59 25.38 -51.01
CA ALA BA 49 -42.61 25.26 -49.57
C ALA BA 49 -41.28 25.76 -49.02
N GLY BA 50 -41.26 26.14 -47.75
CA GLY BA 50 -40.03 26.63 -47.16
C GLY BA 50 -39.92 28.13 -47.15
N ASN BA 51 -38.67 28.62 -47.19
CA ASN BA 51 -38.35 30.04 -47.03
C ASN BA 51 -39.12 30.92 -48.02
N LEU BA 52 -40.01 31.76 -47.50
CA LEU BA 52 -40.92 32.57 -48.31
C LEU BA 52 -40.22 33.64 -49.16
N ALA BA 53 -39.23 34.33 -48.58
CA ALA BA 53 -38.49 35.35 -49.32
C ALA BA 53 -37.75 34.75 -50.52
N THR BA 54 -37.11 33.60 -50.30
CA THR BA 54 -36.39 32.88 -51.35
C THR BA 54 -37.39 32.40 -52.39
N THR BA 55 -38.50 31.86 -51.91
CA THR BA 55 -39.53 31.33 -52.79
C THR BA 55 -40.11 32.45 -53.67
N GLN BA 56 -40.37 33.59 -53.07
CA GLN BA 56 -40.92 34.71 -53.82
C GLN BA 56 -39.87 35.24 -54.80
N SER BA 57 -38.60 35.23 -54.41
CA SER BA 57 -37.54 35.70 -55.30
C SER BA 57 -37.42 34.85 -56.55
N ILE BA 58 -37.43 33.53 -56.36
CA ILE BA 58 -37.32 32.61 -57.47
C ILE BA 58 -38.50 32.70 -58.44
N VAL BA 59 -39.73 32.57 -57.94
CA VAL BA 59 -40.93 32.64 -58.78
C VAL BA 59 -41.06 33.99 -59.51
N SER BA 60 -40.76 35.08 -58.83
CA SER BA 60 -40.86 36.41 -59.46
C SER BA 60 -39.90 36.53 -60.64
N LEU BA 61 -38.70 35.99 -60.45
CA LEU BA 61 -37.69 36.00 -61.49
C LEU BA 61 -38.14 35.18 -62.72
N LEU BA 62 -38.76 34.02 -62.48
CA LEU BA 62 -39.23 33.17 -63.56
C LEU BA 62 -40.38 33.80 -64.38
N GLN BA 63 -41.33 34.44 -63.69
CA GLN BA 63 -42.46 35.10 -64.36
C GLN BA 63 -42.06 36.34 -65.18
N ARG BA 64 -41.13 37.13 -64.65
CA ARG BA 64 -40.68 38.34 -65.34
C ARG BA 64 -39.93 37.95 -66.63
N ARG BA 65 -39.16 36.87 -66.57
CA ARG BA 65 -38.42 36.40 -67.73
C ARG BA 65 -39.29 35.68 -68.78
N CYS BA 66 -40.49 35.26 -68.38
CA CYS BA 66 -41.42 34.70 -69.35
C CYS BA 66 -41.84 35.79 -70.36
N LEU BA 67 -41.68 37.05 -69.97
CA LEU BA 67 -41.96 38.23 -70.81
C LEU BA 67 -40.78 38.65 -71.70
N ASP BA 68 -39.64 37.98 -71.53
CA ASP BA 68 -38.45 38.24 -72.35
C ASP BA 68 -38.17 37.03 -73.26
N PRO BA 69 -38.42 37.19 -74.57
CA PRO BA 69 -38.25 36.09 -75.53
C PRO BA 69 -36.79 35.84 -75.92
N GLU BA 70 -35.89 36.75 -75.54
CA GLU BA 70 -34.49 36.63 -75.91
C GLU BA 70 -33.70 35.88 -74.84
N GLN BA 71 -34.40 35.42 -73.81
CA GLN BA 71 -33.78 34.74 -72.66
C GLN BA 71 -34.45 33.42 -72.41
N THR BA 72 -33.72 32.46 -71.84
CA THR BA 72 -34.30 31.16 -71.51
C THR BA 72 -35.35 31.35 -70.42
N ASN BA 73 -36.55 30.85 -70.68
CA ASN BA 73 -37.66 31.00 -69.73
C ASN BA 73 -38.60 29.82 -69.82
N LEU BA 74 -39.59 29.76 -68.92
CA LEU BA 74 -40.46 28.59 -68.86
C LEU BA 74 -41.40 28.52 -70.06
N MET BA 75 -41.45 29.57 -70.86
CA MET BA 75 -42.27 29.58 -72.07
C MET BA 75 -41.54 29.09 -73.34
N ASN BA 76 -40.21 29.15 -73.37
CA ASN BA 76 -39.48 28.69 -74.56
C ASN BA 76 -38.55 27.47 -74.39
N VAL BA 77 -38.50 26.86 -73.19
CA VAL BA 77 -37.74 25.62 -72.99
C VAL BA 77 -38.41 24.47 -73.73
N ALA BA 78 -37.60 23.61 -74.33
CA ALA BA 78 -38.09 22.52 -75.19
C ALA BA 78 -38.71 21.32 -74.46
N SER BA 79 -38.21 21.02 -73.26
CA SER BA 79 -38.68 19.86 -72.53
C SER BA 79 -38.85 20.18 -71.05
N MET BA 80 -39.51 19.30 -70.30
CA MET BA 80 -39.67 19.49 -68.86
C MET BA 80 -38.32 19.38 -68.16
N TYR BA 81 -37.41 18.61 -68.75
CA TYR BA 81 -36.08 18.46 -68.18
C TYR BA 81 -35.34 19.80 -68.15
N GLU BA 82 -35.46 20.57 -69.23
CA GLU BA 82 -34.84 21.90 -69.33
C GLU BA 82 -35.54 22.90 -68.40
N ALA BA 83 -36.84 22.68 -68.21
CA ALA BA 83 -37.57 23.48 -67.26
C ALA BA 83 -36.95 23.20 -65.92
N ALA BA 84 -36.69 21.93 -65.62
CA ALA BA 84 -36.07 21.62 -64.34
C ALA BA 84 -34.68 22.28 -64.23
N THR BA 85 -33.91 22.21 -65.30
CA THR BA 85 -32.58 22.80 -65.31
C THR BA 85 -32.64 24.31 -65.04
N LEU BA 86 -33.60 24.98 -65.70
CA LEU BA 86 -33.76 26.42 -65.55
C LEU BA 86 -34.09 26.78 -64.11
N LEU BA 87 -34.96 26.01 -63.48
CA LEU BA 87 -35.30 26.23 -62.08
C LEU BA 87 -34.07 26.15 -61.20
N GLY BA 88 -33.26 25.11 -61.44
CA GLY BA 88 -32.02 24.90 -60.69
C GLY BA 88 -31.08 26.07 -60.86
N GLU BA 89 -30.96 26.56 -62.08
CA GLU BA 89 -30.13 27.73 -62.34
C GLU BA 89 -30.67 28.94 -61.58
N THR BA 90 -32.00 29.08 -61.53
CA THR BA 90 -32.59 30.24 -60.85
C THR BA 90 -32.40 30.09 -59.35
N VAL BA 91 -32.48 28.85 -58.86
CA VAL BA 91 -32.20 28.56 -57.46
C VAL BA 91 -30.77 28.98 -57.11
N ARG BA 92 -29.83 28.51 -57.92
CA ARG BA 92 -28.42 28.82 -57.69
C ARG BA 92 -28.15 30.32 -57.84
N GLU BA 93 -28.82 30.92 -58.81
CA GLU BA 93 -28.66 32.34 -59.04
C GLU BA 93 -29.05 33.09 -57.75
N VAL BA 94 -30.17 32.71 -57.12
CA VAL BA 94 -30.61 33.37 -55.90
C VAL BA 94 -29.63 33.09 -54.76
N ILE BA 95 -29.09 31.87 -54.71
CA ILE BA 95 -28.11 31.47 -53.68
C ILE BA 95 -26.82 32.31 -53.75
N ASN BA 96 -26.33 32.53 -54.98
CA ASN BA 96 -25.13 33.35 -55.26
C ASN BA 96 -25.30 34.83 -54.92
N ARG BA 97 -26.54 35.29 -55.03
CA ARG BA 97 -26.92 36.68 -54.78
C ARG BA 97 -26.58 37.16 -53.38
N ASP BA 98 -26.93 36.36 -52.37
CA ASP BA 98 -26.68 36.74 -50.99
C ASP BA 98 -25.18 36.88 -50.72
N ASP BA 109 -33.76 30.09 -43.75
CA ASP BA 109 -32.63 29.17 -43.69
C ASP BA 109 -32.34 28.60 -45.07
N PHE BA 110 -31.84 27.37 -45.14
CA PHE BA 110 -31.44 26.77 -46.41
C PHE BA 110 -32.58 25.97 -47.00
N ASN BA 111 -33.77 26.14 -46.45
CA ASN BA 111 -34.95 25.40 -46.90
C ASN BA 111 -35.83 26.12 -47.94
N CYS BA 112 -35.71 25.67 -49.18
CA CYS BA 112 -36.63 26.06 -50.25
C CYS BA 112 -36.80 24.81 -51.08
N ASN BA 113 -38.03 24.33 -51.19
CA ASN BA 113 -38.31 23.22 -52.08
C ASN BA 113 -39.36 23.58 -53.09
N LEU BA 114 -39.21 23.07 -54.31
CA LEU BA 114 -40.16 23.35 -55.36
C LEU BA 114 -40.65 22.07 -56.01
N LEU BA 115 -41.88 22.10 -56.50
CA LEU BA 115 -42.37 21.03 -57.37
C LEU BA 115 -42.63 21.63 -58.73
N LEU BA 116 -42.24 20.91 -59.77
CA LEU BA 116 -42.46 21.33 -61.13
C LEU BA 116 -43.10 20.21 -61.92
N GLY BA 117 -44.27 20.48 -62.47
CA GLY BA 117 -45.00 19.46 -63.20
C GLY BA 117 -45.73 20.00 -64.40
N GLY BA 118 -46.01 19.11 -65.35
CA GLY BA 118 -46.79 19.48 -66.51
C GLY BA 118 -46.44 18.72 -67.77
N GLN BA 119 -46.73 19.37 -68.89
CA GLN BA 119 -46.50 18.77 -70.19
C GLN BA 119 -46.19 19.85 -71.21
N ILE BA 120 -45.18 19.58 -72.02
CA ILE BA 120 -44.84 20.37 -73.19
C ILE BA 120 -45.12 19.56 -74.44
N LYS BA 121 -45.74 20.16 -75.45
CA LYS BA 121 -46.12 19.45 -76.67
C LYS BA 121 -44.94 18.69 -77.27
N GLY BA 122 -45.18 17.44 -77.63
CA GLY BA 122 -44.16 16.59 -78.20
C GLY BA 122 -43.60 15.59 -77.22
N GLU BA 123 -43.96 15.74 -75.95
CA GLU BA 123 -43.53 14.81 -74.92
C GLU BA 123 -44.67 14.58 -73.92
N GLY BA 124 -44.50 13.58 -73.06
CA GLY BA 124 -45.49 13.28 -72.04
C GLY BA 124 -45.41 14.03 -70.73
N LEU BA 125 -46.16 13.53 -69.75
CA LEU BA 125 -46.19 14.10 -68.42
C LEU BA 125 -44.86 13.91 -67.69
N ARG BA 126 -44.38 14.99 -67.06
CA ARG BA 126 -43.19 14.92 -66.23
C ARG BA 126 -43.38 15.71 -64.92
N LEU BA 127 -42.78 15.21 -63.84
CA LEU BA 127 -42.88 15.82 -62.52
C LEU BA 127 -41.52 15.80 -61.83
N PHE BA 128 -41.06 16.95 -61.32
CA PHE BA 128 -39.76 17.05 -60.64
C PHE BA 128 -39.86 17.65 -59.23
N HIS BA 129 -38.94 17.20 -58.39
CA HIS BA 129 -38.73 17.79 -57.09
C HIS BA 129 -37.38 18.52 -57.13
N ILE BA 130 -37.43 19.85 -56.97
CA ILE BA 130 -36.22 20.66 -56.91
C ILE BA 130 -35.85 20.96 -55.45
N TYR BA 131 -34.59 20.71 -55.11
CA TYR BA 131 -34.06 20.88 -53.74
C TYR BA 131 -33.49 22.27 -53.55
N PRO BA 132 -33.21 22.66 -52.30
CA PRO BA 132 -32.57 23.96 -52.06
C PRO BA 132 -31.23 24.18 -52.76
N GLN BA 133 -30.46 23.11 -53.01
CA GLN BA 133 -29.14 23.24 -53.62
C GLN BA 133 -29.24 23.50 -55.11
N GLY BA 134 -30.45 23.33 -55.65
CA GLY BA 134 -30.68 23.60 -57.05
C GLY BA 134 -30.66 22.38 -57.93
N ASN BA 135 -30.29 21.21 -57.40
CA ASN BA 135 -30.43 19.97 -58.16
C ASN BA 135 -31.82 19.37 -57.93
N PHE BA 136 -32.15 18.28 -58.60
CA PHE BA 136 -33.53 17.82 -58.62
C PHE BA 136 -33.67 16.34 -58.94
N ILE BA 137 -34.84 15.78 -58.63
CA ILE BA 137 -35.15 14.41 -59.04
C ILE BA 137 -36.46 14.33 -59.80
N GLU BA 138 -36.65 13.24 -60.52
CA GLU BA 138 -37.84 13.09 -61.35
C GLU BA 138 -38.71 11.91 -60.86
N ALA BA 139 -40.03 12.08 -60.90
CA ALA BA 139 -40.98 11.03 -60.54
C ALA BA 139 -41.01 9.93 -61.60
N THR BA 140 -41.15 8.69 -61.14
CA THR BA 140 -41.26 7.55 -62.04
C THR BA 140 -42.57 6.79 -61.75
N GLN BA 141 -42.77 5.67 -62.43
CA GLN BA 141 -43.95 4.85 -62.15
C GLN BA 141 -43.82 4.23 -60.76
N ASP BA 142 -42.58 4.09 -60.29
CA ASP BA 142 -42.29 3.52 -58.97
C ASP BA 142 -42.46 4.54 -57.84
N THR BA 143 -42.11 5.80 -58.09
CA THR BA 143 -42.40 6.90 -57.15
C THR BA 143 -43.15 7.99 -57.90
N PRO BA 144 -44.49 7.85 -57.99
CA PRO BA 144 -45.35 8.68 -58.85
C PRO BA 144 -45.87 9.97 -58.16
N TYR BA 145 -45.33 10.33 -57.00
CA TYR BA 145 -45.71 11.56 -56.32
C TYR BA 145 -44.54 12.14 -55.53
N PHE BA 146 -44.61 13.44 -55.23
CA PHE BA 146 -43.66 14.15 -54.37
C PHE BA 146 -44.45 14.98 -53.35
N GLN BA 147 -43.93 15.10 -52.13
CA GLN BA 147 -44.47 16.01 -51.13
C GLN BA 147 -43.41 17.03 -50.65
N ILE BA 148 -43.81 18.27 -50.40
CA ILE BA 148 -42.91 19.20 -49.73
C ILE BA 148 -43.66 19.89 -48.57
N GLY BA 149 -42.91 20.40 -47.59
CA GLY BA 149 -43.51 21.00 -46.41
C GLY BA 149 -43.94 20.01 -45.32
N GLU BA 150 -44.99 20.35 -44.57
CA GLU BA 150 -45.46 19.45 -43.51
C GLU BA 150 -46.25 18.33 -44.16
N SER BA 151 -45.53 17.28 -44.50
CA SER BA 151 -45.97 16.28 -45.46
C SER BA 151 -46.28 14.93 -44.84
N LYS BA 152 -45.80 14.77 -43.61
CA LYS BA 152 -45.81 13.48 -42.97
C LYS BA 152 -47.21 12.98 -42.60
N TYR BA 153 -48.07 13.90 -42.17
CA TYR BA 153 -49.42 13.53 -41.76
C TYR BA 153 -50.24 12.96 -42.92
N GLY BA 154 -49.96 13.43 -44.12
CA GLY BA 154 -50.77 13.10 -45.28
C GLY BA 154 -50.17 11.98 -46.11
N LYS BA 155 -49.04 11.44 -45.66
CA LYS BA 155 -48.37 10.40 -46.43
C LYS BA 155 -49.05 9.04 -46.36
N PRO BA 156 -49.50 8.59 -45.16
CA PRO BA 156 -50.07 7.23 -45.12
C PRO BA 156 -51.24 6.94 -46.09
N ILE BA 157 -52.14 7.89 -46.28
CA ILE BA 157 -53.24 7.64 -47.20
C ILE BA 157 -52.74 7.54 -48.66
N ILE BA 158 -51.76 8.35 -49.03
CA ILE BA 158 -51.22 8.32 -50.40
C ILE BA 158 -50.57 6.98 -50.67
N ASP BA 159 -49.82 6.49 -49.68
CA ASP BA 159 -49.22 5.18 -49.77
C ASP BA 159 -50.28 4.07 -49.88
N ARG BA 160 -51.47 4.29 -49.33
CA ARG BA 160 -52.48 3.23 -49.33
C ARG BA 160 -53.27 3.09 -50.64
N VAL BA 161 -53.56 4.20 -51.32
CA VAL BA 161 -54.48 4.16 -52.45
C VAL BA 161 -53.87 4.64 -53.78
N LEU BA 162 -52.75 5.35 -53.71
CA LEU BA 162 -52.19 5.93 -54.92
C LEU BA 162 -51.15 5.04 -55.63
N SER BA 163 -51.32 4.88 -56.93
CA SER BA 163 -50.32 4.23 -57.79
C SER BA 163 -50.34 4.93 -59.14
N TYR BA 164 -49.38 4.59 -60.00
CA TYR BA 164 -49.24 5.24 -61.31
C TYR BA 164 -50.51 5.16 -62.17
N ASP BA 165 -51.27 4.07 -62.04
CA ASP BA 165 -52.45 3.87 -62.90
C ASP BA 165 -53.77 4.28 -62.24
N THR BA 166 -53.68 4.88 -61.06
CA THR BA 166 -54.86 5.41 -60.38
C THR BA 166 -55.48 6.46 -61.29
N PRO BA 167 -56.81 6.39 -61.49
CA PRO BA 167 -57.51 7.39 -62.29
C PRO BA 167 -57.38 8.77 -61.71
N LEU BA 168 -57.40 9.78 -62.57
CA LEU BA 168 -57.19 11.17 -62.21
C LEU BA 168 -58.08 11.69 -61.06
N ASP BA 169 -59.37 11.42 -61.13
CA ASP BA 169 -60.30 11.93 -60.12
C ASP BA 169 -60.06 11.32 -58.75
N GLN BA 170 -59.67 10.05 -58.75
CA GLN BA 170 -59.42 9.33 -57.50
C GLN BA 170 -58.12 9.80 -56.84
N ALA BA 171 -57.15 10.15 -57.67
CA ALA BA 171 -55.90 10.74 -57.21
C ALA BA 171 -56.15 12.11 -56.56
N MET BA 172 -57.06 12.89 -57.14
CA MET BA 172 -57.42 14.17 -56.53
C MET BA 172 -58.13 13.96 -55.20
N GLN BA 173 -59.00 12.95 -55.14
CA GLN BA 173 -59.66 12.59 -53.89
C GLN BA 173 -58.66 12.20 -52.82
N CYS BA 174 -57.66 11.44 -53.23
CA CYS BA 174 -56.59 11.06 -52.33
C CYS BA 174 -55.84 12.29 -51.84
N ALA BA 175 -55.55 13.22 -52.76
CA ALA BA 175 -54.89 14.49 -52.41
C ALA BA 175 -55.70 15.27 -51.39
N LEU BA 176 -57.01 15.33 -51.59
CA LEU BA 176 -57.89 16.07 -50.69
C LEU BA 176 -57.97 15.43 -49.29
N ILE BA 177 -58.00 14.10 -49.24
CA ILE BA 177 -58.00 13.38 -47.97
C ILE BA 177 -56.66 13.56 -47.27
N SER BA 178 -55.57 13.50 -48.05
CA SER BA 178 -54.25 13.80 -47.53
C SER BA 178 -54.23 15.19 -46.89
N MET BA 179 -54.82 16.18 -47.58
CA MET BA 179 -54.87 17.55 -47.07
C MET BA 179 -55.70 17.58 -45.79
N ASP BA 180 -56.80 16.83 -45.79
CA ASP BA 180 -57.67 16.76 -44.63
C ASP BA 180 -56.95 16.29 -43.36
N SER BA 181 -56.21 15.19 -43.46
CA SER BA 181 -55.48 14.67 -42.30
C SER BA 181 -54.48 15.71 -41.79
N THR BA 182 -53.89 16.46 -42.71
CA THR BA 182 -52.88 17.47 -42.36
C THR BA 182 -53.52 18.68 -41.65
N LEU BA 183 -54.60 19.19 -42.23
CA LEU BA 183 -55.35 20.30 -41.62
C LEU BA 183 -55.76 19.98 -40.20
N ARG BA 184 -56.24 18.77 -39.99
CA ARG BA 184 -56.73 18.34 -38.69
C ARG BA 184 -55.62 18.15 -37.68
N SER BA 185 -54.40 17.95 -38.17
CA SER BA 185 -53.31 17.52 -37.30
C SER BA 185 -52.26 18.58 -37.08
N ASN BA 186 -52.24 19.60 -37.95
CA ASN BA 186 -51.19 20.63 -37.88
C ASN BA 186 -51.65 22.03 -38.31
N LEU BA 187 -51.50 22.99 -37.42
CA LEU BA 187 -52.02 24.34 -37.65
C LEU BA 187 -51.16 25.26 -38.50
N SER BA 188 -49.99 24.79 -38.95
CA SER BA 188 -49.15 25.58 -39.85
C SER BA 188 -49.65 25.42 -41.30
N VAL BA 189 -50.60 24.50 -41.47
CA VAL BA 189 -51.27 24.28 -42.75
C VAL BA 189 -52.69 24.79 -42.64
N GLY BA 190 -53.15 25.55 -43.63
CA GLY BA 190 -54.46 26.14 -43.49
C GLY BA 190 -55.12 26.46 -44.80
N LEU BA 191 -56.45 26.51 -44.75
CA LEU BA 191 -57.27 26.84 -45.91
C LEU BA 191 -57.14 28.30 -46.31
N PRO BA 192 -57.45 28.62 -47.57
CA PRO BA 192 -57.93 27.81 -48.70
C PRO BA 192 -56.88 26.90 -49.34
N LEU BA 193 -57.35 25.96 -50.16
CA LEU BA 193 -56.47 25.09 -50.93
C LEU BA 193 -56.44 25.56 -52.36
N ASP BA 194 -55.36 25.26 -53.04
CA ASP BA 194 -55.33 25.44 -54.48
C ASP BA 194 -55.07 24.07 -55.04
N VAL BA 195 -56.00 23.58 -55.83
CA VAL BA 195 -55.84 22.26 -56.36
C VAL BA 195 -55.99 22.33 -57.85
N MET BA 196 -55.44 21.35 -58.56
CA MET BA 196 -55.61 21.34 -60.01
C MET BA 196 -55.49 19.94 -60.57
N ILE BA 197 -56.37 19.64 -61.52
CA ILE BA 197 -56.27 18.41 -62.28
C ILE BA 197 -55.81 18.72 -63.69
N TYR BA 198 -54.71 18.10 -64.11
CA TYR BA 198 -54.27 18.23 -65.48
C TYR BA 198 -54.34 16.88 -66.20
N PRO BA 199 -55.33 16.72 -67.08
CA PRO BA 199 -55.46 15.52 -67.91
C PRO BA 199 -54.39 15.43 -69.00
N LEU BA 200 -53.90 14.22 -69.27
CA LEU BA 200 -52.87 13.99 -70.28
C LEU BA 200 -53.26 14.60 -71.64
N ASP BA 201 -52.31 15.32 -72.24
CA ASP BA 201 -52.46 15.92 -73.57
C ASP BA 201 -53.52 17.01 -73.69
N SER BA 202 -54.06 17.51 -72.57
CA SER BA 202 -55.10 18.53 -72.65
C SER BA 202 -54.53 19.94 -72.80
N PHE BA 203 -53.39 20.16 -72.16
CA PHE BA 203 -52.80 21.49 -72.07
C PHE BA 203 -53.83 22.51 -71.63
N SER BA 204 -54.69 22.05 -70.72
CA SER BA 204 -55.78 22.88 -70.23
C SER BA 204 -55.64 23.11 -68.74
N THR BA 205 -55.94 24.33 -68.34
CA THR BA 205 -55.94 24.73 -66.93
C THR BA 205 -57.34 25.02 -66.44
N GLU BA 206 -58.34 24.48 -67.13
CA GLU BA 206 -59.70 24.82 -66.83
C GLU BA 206 -60.04 24.26 -65.47
N GLN BA 207 -59.46 23.09 -65.15
CA GLN BA 207 -59.72 22.44 -63.87
C GLN BA 207 -58.77 22.86 -62.75
N GLN BA 208 -58.65 24.16 -62.55
CA GLN BA 208 -57.94 24.71 -61.40
C GLN BA 208 -59.00 25.30 -60.48
N TYR BA 209 -58.88 25.01 -59.18
CA TYR BA 209 -59.94 25.33 -58.21
C TYR BA 209 -59.39 25.86 -56.88
N ARG BA 210 -60.16 26.75 -56.27
CA ARG BA 210 -59.91 27.22 -54.93
C ARG BA 210 -60.89 26.57 -53.94
N ILE BA 211 -60.37 25.85 -52.95
CA ILE BA 211 -61.23 25.21 -51.94
C ILE BA 211 -61.15 25.96 -50.60
N THR BA 212 -62.25 26.65 -50.26
CA THR BA 212 -62.37 27.40 -49.01
C THR BA 212 -63.08 26.60 -47.92
N GLU BA 213 -63.24 27.22 -46.76
CA GLU BA 213 -63.93 26.59 -45.64
C GLU BA 213 -65.31 26.13 -46.06
N ASP BA 214 -65.86 26.82 -47.06
CA ASP BA 214 -67.22 26.63 -47.56
C ASP BA 214 -67.41 25.74 -48.80
N HIS BA 215 -66.34 25.23 -49.40
CA HIS BA 215 -66.46 24.39 -50.58
C HIS BA 215 -67.26 23.12 -50.27
N PRO BA 216 -68.44 22.99 -50.88
CA PRO BA 216 -69.43 21.93 -50.58
C PRO BA 216 -68.88 20.52 -50.78
N TYR BA 217 -68.20 20.26 -51.88
CA TYR BA 217 -67.68 18.92 -52.07
C TYR BA 217 -66.61 18.61 -51.04
N PHE BA 218 -65.81 19.60 -50.68
CA PHE BA 218 -64.76 19.34 -49.71
C PHE BA 218 -65.33 18.96 -48.35
N MET BA 219 -66.36 19.68 -47.91
CA MET BA 219 -67.04 19.32 -46.67
C MET BA 219 -67.59 17.90 -46.75
N MET BA 220 -68.16 17.58 -47.90
CA MET BA 220 -68.80 16.30 -48.13
C MET BA 220 -67.78 15.17 -48.09
N ILE BA 221 -66.65 15.34 -48.79
CA ILE BA 221 -65.62 14.30 -48.81
C ILE BA 221 -64.94 14.13 -47.45
N ARG BA 222 -64.77 15.23 -46.71
CA ARG BA 222 -64.17 15.14 -45.38
C ARG BA 222 -65.09 14.43 -44.42
N LYS BA 223 -66.35 14.81 -44.44
CA LYS BA 223 -67.35 14.26 -43.54
C LYS BA 223 -67.60 12.80 -43.85
N GLY BA 224 -67.66 12.49 -45.15
CA GLY BA 224 -67.84 11.12 -45.60
C GLY BA 224 -66.67 10.24 -45.22
N TRP BA 225 -65.45 10.75 -45.43
CA TRP BA 225 -64.23 10.00 -45.12
C TRP BA 225 -64.13 9.78 -43.60
N GLY BA 226 -64.38 10.83 -42.83
CA GLY BA 226 -64.30 10.73 -41.38
C GLY BA 226 -65.24 9.72 -40.76
N GLU BA 227 -66.52 9.77 -41.17
CA GLU BA 227 -67.54 8.87 -40.66
C GLU BA 227 -67.26 7.42 -41.02
N GLY BA 228 -66.79 7.18 -42.24
CA GLY BA 228 -66.47 5.84 -42.68
C GLY BA 228 -65.39 5.26 -41.79
N LEU BA 229 -64.43 6.09 -41.39
CA LEU BA 229 -63.30 5.61 -40.62
C LEU BA 229 -63.70 5.11 -39.24
N VAL BA 230 -64.48 5.92 -38.52
CA VAL BA 230 -64.94 5.53 -37.18
C VAL BA 230 -65.81 4.28 -37.29
N SER BA 231 -66.52 4.16 -38.42
CA SER BA 231 -67.35 3.01 -38.67
C SER BA 231 -66.50 1.77 -38.91
N ILE BA 232 -65.43 1.88 -39.70
CA ILE BA 232 -64.54 0.74 -39.89
C ILE BA 232 -63.94 0.35 -38.55
N PHE BA 233 -63.57 1.37 -37.78
CA PHE BA 233 -62.96 1.16 -36.47
C PHE BA 233 -63.89 0.44 -35.51
N ALA BA 234 -65.16 0.83 -35.51
CA ALA BA 234 -66.13 0.25 -34.61
C ALA BA 234 -66.41 -1.23 -34.93
N GLN BA 235 -66.22 -1.64 -36.19
CA GLN BA 235 -66.53 -3.01 -36.63
C GLN BA 235 -65.37 -3.97 -36.47
N LEU BA 236 -64.24 -3.47 -36.00
CA LEU BA 236 -63.06 -4.33 -35.87
C LEU BA 236 -63.29 -5.46 -34.88
N PRO BA 237 -62.68 -6.62 -35.16
CA PRO BA 237 -62.71 -7.74 -34.23
C PRO BA 237 -62.10 -7.35 -32.90
N GLY BA 238 -62.63 -7.92 -31.83
CA GLY BA 238 -62.21 -7.58 -30.49
C GLY BA 238 -60.74 -7.85 -30.23
N LEU BA 239 -60.18 -7.04 -29.34
CA LEU BA 239 -58.78 -7.13 -29.06
C LEU BA 239 -58.41 -8.52 -28.57
N LYS BA 240 -57.42 -9.13 -29.20
CA LYS BA 240 -56.95 -10.44 -28.77
C LYS BA 240 -55.43 -10.48 -28.68
N LEU BA 241 -54.90 -10.03 -27.54
CA LEU BA 241 -53.47 -10.04 -27.32
C LEU BA 241 -53.04 -11.36 -26.70
S SO4 CA . -3.50 -41.14 30.24
O1 SO4 CA . -4.32 -40.48 31.25
O2 SO4 CA . -2.13 -41.26 30.76
O3 SO4 CA . -4.01 -42.47 29.94
O4 SO4 CA . -3.51 -40.36 29.01
S SO4 DA . 37.30 7.29 26.96
O1 SO4 DA . 37.28 8.27 28.06
O2 SO4 DA . 37.85 6.03 27.45
O3 SO4 DA . 35.97 7.05 26.39
O4 SO4 DA . 38.14 7.82 25.89
S SO4 EA . 52.55 -5.11 36.30
O1 SO4 EA . 53.10 -4.35 37.43
O2 SO4 EA . 52.85 -6.53 36.52
O3 SO4 EA . 53.17 -4.65 35.07
O4 SO4 EA . 51.10 -4.87 36.22
C1 EDO FA . -9.47 10.59 51.86
O1 EDO FA . -8.85 10.44 53.13
C2 EDO FA . -10.33 9.37 51.55
O2 EDO FA . -10.54 9.27 50.13
CL CL GA . -14.32 -20.67 34.02
C1 EDO HA . 33.73 9.88 63.35
O1 EDO HA . 34.19 10.27 64.65
C2 EDO HA . 33.31 11.14 62.60
O2 EDO HA . 32.47 10.76 61.50
CL CL IA . 46.88 -6.41 58.99
CL CL JA . 14.63 15.66 35.63
S SO4 KA . -21.83 -9.20 51.95
O1 SO4 KA . -20.52 -8.83 51.42
O2 SO4 KA . -21.71 -10.47 52.68
O3 SO4 KA . -22.78 -9.31 50.85
O4 SO4 KA . -22.28 -8.18 52.87
S SO4 LA . -29.74 -8.11 62.86
O1 SO4 LA . -30.53 -7.09 63.57
O2 SO4 LA . -28.46 -8.29 63.54
O3 SO4 LA . -30.49 -9.38 62.86
O4 SO4 LA . -29.50 -7.67 61.48
C1 EDO MA . 30.62 -12.08 91.32
O1 EDO MA . 30.44 -13.28 92.10
C2 EDO MA . 29.50 -11.08 91.60
O2 EDO MA . 29.00 -10.56 90.34
CL CL NA . -18.48 -30.19 103.14
UNK UNX OA . -17.75 -32.41 102.43
N1 AZI PA . 22.23 -45.92 96.37
N2 AZI PA . 22.80 -46.77 95.81
N3 AZI PA . 23.36 -47.62 95.26
C1 EDO QA . -38.71 -81.39 63.74
O1 EDO QA . -38.40 -80.55 62.61
C2 EDO QA . -39.51 -80.54 64.73
O2 EDO QA . -38.91 -80.67 66.02
CL CL RA . -41.94 -51.40 84.10
CL CL SA . -26.23 -65.16 92.51
C1 EDO TA . 12.41 -73.38 73.78
O1 EDO TA . 13.39 -73.89 72.87
C2 EDO TA . 13.01 -73.12 75.15
O2 EDO TA . 12.03 -72.49 75.99
S SO4 UA . 11.27 -57.68 42.47
O1 SO4 UA . 11.59 -56.93 43.68
O2 SO4 UA . 12.20 -58.82 42.34
O3 SO4 UA . 9.89 -58.21 42.53
O4 SO4 UA . 11.40 -56.79 41.32
CL CL VA . -16.29 -84.22 56.60
CL CL WA . -52.42 -64.12 67.42
C1 PEG XA . 0.13 -75.20 38.13
O1 PEG XA . 1.34 -75.29 37.41
C2 PEG XA . 0.29 -74.40 39.41
O2 PEG XA . -0.67 -74.91 40.37
C3 PEG XA . -0.08 -75.21 41.65
C4 PEG XA . -0.98 -76.06 42.48
O4 PEG XA . -1.17 -75.32 43.72
C1 EDO YA . -23.12 73.72 -65.89
O1 EDO YA . -24.48 73.94 -66.27
C2 EDO YA . -22.20 74.73 -66.56
O2 EDO YA . -20.82 74.40 -66.28
S SO4 ZA . 0.87 78.53 -103.28
O1 SO4 ZA . 0.82 78.87 -101.87
O2 SO4 ZA . 2.20 78.89 -103.80
O3 SO4 ZA . 0.59 77.10 -103.44
O4 SO4 ZA . -0.15 79.29 -104.00
S SO4 AB . -21.76 86.25 -85.05
O1 SO4 AB . -21.68 87.41 -84.17
O2 SO4 AB . -21.28 85.05 -84.35
O3 SO4 AB . -23.15 86.07 -85.45
O4 SO4 AB . -20.92 86.44 -86.23
CL CL BB . 7.32 61.38 -115.58
CL CL CB . -21.09 56.62 -53.10
UNK UNX DB . 10.91 73.29 -51.61
UNK UNX EB . 9.22 74.46 -51.03
CL CL FB . 23.53 50.32 -104.06
CL CL GB . 31.74 49.92 -38.03
CL CL HB . 27.31 29.26 -94.22
C1 PEG IB . 34.42 63.30 -90.25
O1 PEG IB . 35.15 62.42 -91.11
C2 PEG IB . 33.12 62.70 -89.77
O2 PEG IB . 32.43 63.61 -88.88
C3 PEG IB . 31.55 64.52 -89.55
C4 PEG IB . 30.42 64.98 -88.70
O4 PEG IB . 30.96 65.96 -87.76
CL CL JB . 12.59 45.92 -28.78
UNK UNX KB . 32.54 47.37 -38.81
S SO4 LB . 14.17 11.17 -87.37
O1 SO4 LB . 14.12 11.34 -85.93
O2 SO4 LB . 15.03 10.02 -87.68
O3 SO4 LB . 14.70 12.39 -88.00
O4 SO4 LB . 12.82 10.91 -87.89
S SO4 MB . 3.09 -8.89 -25.11
O1 SO4 MB . 3.80 -7.66 -25.39
O2 SO4 MB . 4.02 -9.72 -24.32
O3 SO4 MB . 2.63 -9.58 -26.33
O4 SO4 MB . 1.89 -8.58 -24.32
CL CL NB . 12.33 24.25 -19.20
S SO4 OB . -8.71 7.82 -82.03
O1 SO4 OB . -9.10 7.87 -80.62
O2 SO4 OB . -7.91 6.62 -82.28
O3 SO4 OB . -9.90 7.78 -82.89
O4 SO4 OB . -7.92 9.01 -82.36
S SO4 PB . 26.31 0.98 -72.03
O1 SO4 PB . 26.13 1.14 -70.59
O2 SO4 PB . 27.74 1.16 -72.36
O3 SO4 PB . 25.87 -0.36 -72.40
O4 SO4 PB . 25.52 1.98 -72.75
S SO4 QB . 1.91 6.09 -90.65
O1 SO4 QB . 2.56 5.57 -89.45
O2 SO4 QB . 1.96 7.56 -90.62
O3 SO4 QB . 0.52 5.63 -90.70
O4 SO4 QB . 2.66 5.62 -91.83
S SO4 RB . -7.84 -10.78 -68.84
O1 SO4 RB . -8.15 -11.18 -67.47
O2 SO4 RB . -6.94 -9.62 -68.82
O3 SO4 RB . -7.19 -11.89 -69.55
O4 SO4 RB . -9.08 -10.41 -69.54
CL CL SB . -27.11 19.14 -75.44
S SO4 TB . -33.65 -7.39 -22.76
O1 SO4 TB . -33.66 -5.92 -22.70
O2 SO4 TB . -32.52 -7.94 -21.99
O3 SO4 TB . -33.58 -7.82 -24.15
O4 SO4 TB . -34.91 -7.91 -22.24
CL CL UB . -24.70 6.74 -7.81
S SO4 VB . -32.59 39.72 -66.27
O1 SO4 VB . -32.67 40.36 -64.95
O2 SO4 VB . -31.30 39.05 -66.40
O3 SO4 VB . -33.68 38.75 -66.38
O4 SO4 VB . -32.69 40.68 -67.36
S SO4 WB . -39.86 4.07 -64.70
O1 SO4 WB . -40.23 3.67 -63.35
O2 SO4 WB . -38.40 4.06 -64.81
O3 SO4 WB . -40.42 3.12 -65.67
O4 SO4 WB . -40.43 5.39 -65.00
#